data_2MLZ
#
_entry.id   2MLZ
#
loop_
_entity.id
_entity.type
_entity.pdbx_description
1 polymer 'Trigger factor'
2 polymer 'Alkaline phosphatase'
#
loop_
_entity_poly.entity_id
_entity_poly.type
_entity_poly.pdbx_seq_one_letter_code
_entity_poly.pdbx_strand_id
1 'polypeptide(L)'
;MNHKVHHHHHHMQVSVETTQGLGRRVTITIAADSIETAVKSELVNVAKKVRIDGFRKGKVPMNIVAQRYGASVRQDVLGD
LMSRNFIDAIIKEKINPAGAPTYVPGEYKLGEDFTYSVEFEVYPEVELQGLEAIEVEKPIVEVTDADVDGMLDTLRKQQA
TWKEKDGAVEAEDRVTIDFTGSVDGEEFEGGKASDFVLAMGQGRMIPGFEDGIKGHKAGEEFTIDVTFPEEYHAENLKGK
AAKFAINLKKVEERELPELTAEFIKRFGVEDGSVEGLRAEVRKNMERELKSAIRNRVKSQAIEGLVKANDIDVPAALIDS
EIDVLRRQAAQRFGGNEKQALELPRELFEEQAKRRVVVGLLLGEVIRTNELKADEERVKGLIEEMASAYEDPKEVIEFYS
KNKELMDNMRNVALEEQAVEAVLAKAKVTEKETTFNELMNQQA
;
A
2 'polypeptide(L)'
;HMQIGETVDLDEAVQRALEFAKKEGNTLVIVTADHAHASQIVAPDTKAPGLTQALNTKDGAVMVMSYGNSEEDSQEHTGS
QLRIAAYGPHAANVVGLTDQTDLFYTMKAALGLK
;
B
#
# COMPACT_ATOMS: atom_id res chain seq x y z
N MET A 12 -14.45 2.46 43.80
CA MET A 12 -14.66 1.34 42.86
C MET A 12 -13.86 0.12 43.31
N GLN A 13 -14.51 -1.04 43.27
CA GLN A 13 -13.90 -2.33 43.64
C GLN A 13 -13.20 -2.91 42.40
N VAL A 14 -11.87 -2.70 42.29
CA VAL A 14 -11.09 -3.12 41.11
C VAL A 14 -9.80 -3.86 41.52
N SER A 15 -9.28 -4.67 40.60
CA SER A 15 -8.02 -5.38 40.75
C SER A 15 -7.18 -5.15 39.49
N VAL A 16 -6.41 -4.03 39.49
CA VAL A 16 -5.57 -3.66 38.33
C VAL A 16 -4.32 -4.59 38.25
N GLU A 17 -4.53 -5.70 37.55
CA GLU A 17 -3.48 -6.70 37.23
C GLU A 17 -2.90 -6.40 35.84
N THR A 18 -1.91 -7.20 35.43
CA THR A 18 -1.36 -7.18 34.06
C THR A 18 -1.18 -8.63 33.58
N THR A 19 -1.76 -8.95 32.42
CA THR A 19 -1.62 -10.25 31.78
C THR A 19 -0.15 -10.46 31.33
N GLN A 20 0.33 -9.55 30.46
CA GLN A 20 1.71 -9.59 29.94
C GLN A 20 2.06 -8.27 29.24
N GLY A 21 3.10 -7.57 29.76
CA GLY A 21 3.65 -6.37 29.13
C GLY A 21 2.64 -5.23 28.96
N LEU A 22 2.14 -5.10 27.72
CA LEU A 22 1.17 -4.07 27.33
C LEU A 22 -0.24 -4.47 27.79
N GLY A 23 -0.57 -5.76 27.60
CA GLY A 23 -1.88 -6.30 27.96
C GLY A 23 -2.14 -6.26 29.46
N ARG A 24 -2.71 -5.13 29.92
CA ARG A 24 -3.03 -4.88 31.32
C ARG A 24 -4.50 -5.24 31.60
N ARG A 25 -4.70 -6.05 32.65
CA ARG A 25 -6.00 -6.60 33.03
C ARG A 25 -6.57 -5.89 34.27
N VAL A 26 -7.34 -4.82 34.05
CA VAL A 26 -8.05 -4.13 35.15
C VAL A 26 -9.33 -4.93 35.44
N THR A 27 -9.22 -5.93 36.31
CA THR A 27 -10.35 -6.80 36.71
C THR A 27 -11.31 -6.00 37.62
N ILE A 28 -12.26 -5.31 36.98
CA ILE A 28 -13.27 -4.52 37.69
C ILE A 28 -14.38 -5.45 38.19
N THR A 29 -14.69 -5.36 39.48
CA THR A 29 -15.82 -6.04 40.08
C THR A 29 -16.78 -4.98 40.62
N ILE A 30 -17.89 -4.72 39.94
CA ILE A 30 -18.87 -3.70 40.39
C ILE A 30 -19.50 -4.17 41.72
N ALA A 31 -19.49 -3.29 42.73
CA ALA A 31 -20.00 -3.58 44.07
C ALA A 31 -21.49 -3.99 44.03
N ALA A 32 -21.84 -5.04 44.80
CA ALA A 32 -23.18 -5.66 44.83
C ALA A 32 -24.32 -4.64 45.02
N ASP A 33 -24.09 -3.70 45.94
CA ASP A 33 -25.04 -2.61 46.26
C ASP A 33 -25.22 -1.67 45.05
N SER A 34 -24.09 -1.38 44.39
CA SER A 34 -24.04 -0.43 43.27
C SER A 34 -24.75 -0.98 42.03
N ILE A 35 -24.65 -2.32 41.84
CA ILE A 35 -25.34 -3.02 40.73
C ILE A 35 -26.85 -3.01 40.97
N GLU A 36 -27.26 -3.42 42.19
CA GLU A 36 -28.68 -3.54 42.56
C GLU A 36 -29.40 -2.18 42.45
N THR A 37 -28.67 -1.08 42.72
CA THR A 37 -29.16 0.29 42.59
C THR A 37 -29.20 0.73 41.11
N ALA A 38 -28.13 0.42 40.36
CA ALA A 38 -27.97 0.86 38.95
C ALA A 38 -28.98 0.18 38.01
N VAL A 39 -29.19 -1.13 38.21
CA VAL A 39 -30.22 -1.92 37.51
C VAL A 39 -31.60 -1.36 37.81
N LYS A 40 -31.86 -1.11 39.11
CA LYS A 40 -33.13 -0.55 39.62
C LYS A 40 -33.44 0.82 38.98
N SER A 41 -32.39 1.64 38.82
CA SER A 41 -32.48 2.99 38.21
C SER A 41 -32.73 2.87 36.68
N GLU A 42 -32.25 1.76 36.09
CA GLU A 42 -32.42 1.49 34.66
C GLU A 42 -33.83 0.92 34.37
N LEU A 43 -34.40 0.21 35.38
CA LEU A 43 -35.71 -0.45 35.27
C LEU A 43 -36.85 0.58 35.23
N VAL A 44 -36.70 1.68 35.99
CA VAL A 44 -37.66 2.79 35.95
C VAL A 44 -37.54 3.54 34.60
N ASN A 45 -36.32 3.55 34.02
CA ASN A 45 -36.07 4.10 32.67
C ASN A 45 -36.77 3.26 31.60
N VAL A 46 -36.81 1.90 31.79
CA VAL A 46 -37.55 0.98 30.90
C VAL A 46 -39.06 1.30 30.98
N ALA A 47 -39.54 1.54 32.21
CA ALA A 47 -40.94 1.92 32.49
C ALA A 47 -41.29 3.29 31.87
N LYS A 48 -40.30 4.20 31.80
CA LYS A 48 -40.46 5.53 31.18
C LYS A 48 -40.47 5.43 29.65
N LYS A 49 -39.70 4.48 29.12
CA LYS A 49 -39.61 4.19 27.68
C LYS A 49 -40.96 3.66 27.16
N VAL A 50 -41.65 2.86 28.00
CA VAL A 50 -42.99 2.30 27.67
C VAL A 50 -44.12 3.19 28.29
N ARG A 51 -43.71 4.26 29.01
CA ARG A 51 -44.61 5.28 29.63
C ARG A 51 -45.50 4.73 30.78
N ILE A 52 -45.22 3.48 31.24
CA ILE A 52 -45.99 2.81 32.31
C ILE A 52 -45.58 3.31 33.72
N ASP A 53 -44.47 4.08 33.79
CA ASP A 53 -43.96 4.68 35.06
C ASP A 53 -45.02 5.58 35.73
N GLY A 54 -45.78 6.32 34.91
CA GLY A 54 -46.85 7.21 35.40
C GLY A 54 -48.14 6.46 35.68
N PHE A 55 -48.28 5.26 35.07
CA PHE A 55 -49.40 4.34 35.35
C PHE A 55 -49.13 3.51 36.60
N ARG A 56 -47.84 3.40 36.99
CA ARG A 56 -47.44 2.72 38.23
C ARG A 56 -47.89 3.57 39.43
N LYS A 57 -48.91 3.09 40.13
CA LYS A 57 -49.52 3.79 41.28
C LYS A 57 -48.71 3.57 42.57
N GLY A 58 -47.54 2.91 42.45
CA GLY A 58 -46.68 2.60 43.59
C GLY A 58 -47.24 1.51 44.48
N LYS A 59 -48.31 0.82 43.99
CA LYS A 59 -49.02 -0.23 44.73
C LYS A 59 -48.08 -1.43 44.94
N VAL A 60 -47.22 -1.69 43.94
CA VAL A 60 -46.10 -2.65 44.05
C VAL A 60 -44.82 -1.87 44.44
N PRO A 61 -44.15 -2.21 45.59
CA PRO A 61 -42.85 -1.59 45.99
C PRO A 61 -41.72 -1.94 44.99
N MET A 62 -40.65 -1.10 45.00
CA MET A 62 -39.60 -1.14 43.97
C MET A 62 -38.69 -2.37 44.11
N ASN A 63 -38.68 -2.98 45.31
CA ASN A 63 -37.85 -4.18 45.57
C ASN A 63 -38.34 -5.36 44.71
N ILE A 64 -39.68 -5.53 44.64
CA ILE A 64 -40.33 -6.66 43.93
C ILE A 64 -40.08 -6.57 42.40
N VAL A 65 -40.24 -5.36 41.83
CA VAL A 65 -40.06 -5.14 40.38
C VAL A 65 -38.58 -5.24 39.98
N ALA A 66 -37.67 -5.04 40.94
CA ALA A 66 -36.23 -5.15 40.71
C ALA A 66 -35.71 -6.59 40.84
N GLN A 67 -36.21 -7.31 41.85
CA GLN A 67 -35.68 -8.64 42.22
C GLN A 67 -36.29 -9.75 41.33
N ARG A 68 -37.62 -9.68 41.08
CA ARG A 68 -38.37 -10.72 40.36
C ARG A 68 -38.39 -10.41 38.86
N TYR A 69 -38.96 -9.26 38.51
CA TYR A 69 -39.14 -8.83 37.11
C TYR A 69 -37.80 -8.48 36.48
N GLY A 70 -37.01 -7.70 37.22
CA GLY A 70 -35.69 -7.26 36.77
C GLY A 70 -34.59 -8.30 36.96
N ALA A 71 -34.96 -9.57 37.27
CA ALA A 71 -34.01 -10.70 37.37
C ALA A 71 -33.43 -11.05 35.99
N SER A 72 -34.27 -10.87 34.96
CA SER A 72 -33.88 -11.03 33.55
C SER A 72 -33.02 -9.84 33.09
N VAL A 73 -33.54 -8.62 33.33
CA VAL A 73 -32.87 -7.37 32.95
C VAL A 73 -31.78 -7.03 33.97
N ARG A 74 -30.63 -7.71 33.81
CA ARG A 74 -29.46 -7.60 34.71
C ARG A 74 -28.21 -7.43 33.86
N GLN A 75 -27.88 -8.47 33.05
CA GLN A 75 -26.73 -8.45 32.11
C GLN A 75 -26.90 -7.30 31.08
N ASP A 76 -28.18 -7.01 30.80
CA ASP A 76 -28.62 -5.88 29.95
C ASP A 76 -28.03 -4.56 30.45
N VAL A 77 -28.17 -4.33 31.76
CA VAL A 77 -27.70 -3.12 32.43
C VAL A 77 -26.16 -3.19 32.61
N LEU A 78 -25.67 -4.41 32.93
CA LEU A 78 -24.23 -4.68 33.16
C LEU A 78 -23.38 -4.33 31.92
N GLY A 79 -23.95 -4.52 30.72
CA GLY A 79 -23.27 -4.18 29.45
C GLY A 79 -22.83 -2.72 29.38
N ASP A 80 -23.71 -1.85 29.88
CA ASP A 80 -23.47 -0.40 30.00
C ASP A 80 -22.54 -0.11 31.19
N LEU A 81 -22.85 -0.74 32.35
CA LEU A 81 -22.12 -0.53 33.62
C LEU A 81 -20.61 -0.84 33.49
N MET A 82 -20.28 -1.87 32.69
CA MET A 82 -18.89 -2.27 32.40
C MET A 82 -18.12 -1.12 31.74
N SER A 83 -18.81 -0.41 30.84
CA SER A 83 -18.26 0.73 30.09
C SER A 83 -18.15 1.98 30.99
N ARG A 84 -19.05 2.10 31.99
CA ARG A 84 -19.07 3.28 32.91
C ARG A 84 -17.87 3.20 33.86
N ASN A 85 -17.62 1.97 34.36
CA ASN A 85 -16.46 1.68 35.23
C ASN A 85 -15.16 1.70 34.42
N PHE A 86 -15.25 1.40 33.10
CA PHE A 86 -14.08 1.42 32.20
C PHE A 86 -13.56 2.85 32.03
N ILE A 87 -14.45 3.76 31.58
CA ILE A 87 -14.10 5.18 31.35
C ILE A 87 -13.72 5.86 32.68
N ASP A 88 -14.32 5.38 33.78
CA ASP A 88 -14.00 5.83 35.15
C ASP A 88 -12.56 5.44 35.51
N ALA A 89 -12.23 4.15 35.26
CA ALA A 89 -10.93 3.56 35.59
C ALA A 89 -9.79 4.24 34.82
N ILE A 90 -9.89 4.25 33.48
CA ILE A 90 -8.80 4.74 32.59
C ILE A 90 -8.48 6.24 32.83
N ILE A 91 -9.48 7.04 33.26
CA ILE A 91 -9.30 8.49 33.56
C ILE A 91 -8.45 8.67 34.84
N LYS A 92 -8.80 7.95 35.93
CA LYS A 92 -8.07 8.05 37.21
C LYS A 92 -6.71 7.32 37.14
N GLU A 93 -6.62 6.32 36.24
CA GLU A 93 -5.37 5.58 35.97
C GLU A 93 -4.48 6.33 34.96
N LYS A 94 -5.09 7.32 34.25
CA LYS A 94 -4.40 8.15 33.22
C LYS A 94 -3.90 7.33 32.02
N ILE A 95 -4.56 6.19 31.77
CA ILE A 95 -4.25 5.31 30.63
C ILE A 95 -5.11 5.72 29.42
N ASN A 96 -4.47 5.96 28.25
CA ASN A 96 -5.18 6.03 26.97
C ASN A 96 -5.51 4.58 26.55
N PRO A 97 -6.83 4.20 26.43
CA PRO A 97 -7.23 2.81 26.16
C PRO A 97 -6.79 2.29 24.78
N ALA A 98 -5.66 1.56 24.78
CA ALA A 98 -5.18 0.82 23.61
C ALA A 98 -5.78 -0.62 23.66
N GLY A 99 -5.30 -1.50 22.76
CA GLY A 99 -5.93 -2.80 22.53
C GLY A 99 -7.39 -2.67 22.09
N ALA A 100 -8.19 -3.62 22.53
CA ALA A 100 -9.65 -3.57 22.46
C ALA A 100 -10.18 -3.98 23.84
N PRO A 101 -10.99 -3.14 24.55
CA PRO A 101 -11.48 -3.45 25.92
C PRO A 101 -12.23 -4.81 25.96
N THR A 102 -11.58 -5.82 26.54
CA THR A 102 -12.07 -7.20 26.57
C THR A 102 -12.65 -7.50 27.94
N TYR A 103 -13.98 -7.42 28.07
CA TYR A 103 -14.70 -7.68 29.32
C TYR A 103 -14.94 -9.18 29.45
N VAL A 104 -14.04 -9.87 30.15
CA VAL A 104 -14.14 -11.32 30.41
C VAL A 104 -14.97 -11.53 31.69
N PRO A 105 -16.30 -11.85 31.58
CA PRO A 105 -17.21 -11.94 32.73
C PRO A 105 -16.98 -13.23 33.54
N GLY A 106 -16.46 -13.07 34.78
CA GLY A 106 -16.29 -14.18 35.71
C GLY A 106 -17.62 -14.86 36.01
N GLU A 107 -18.53 -14.08 36.62
CA GLU A 107 -19.93 -14.48 36.87
C GLU A 107 -20.72 -13.32 37.51
N TYR A 108 -22.04 -13.50 37.54
CA TYR A 108 -22.98 -12.61 38.24
C TYR A 108 -24.03 -13.46 38.96
N LYS A 109 -24.15 -13.31 40.28
CA LYS A 109 -25.23 -13.90 41.08
C LYS A 109 -26.37 -12.86 41.26
N LEU A 110 -27.52 -13.31 41.78
CA LEU A 110 -28.73 -12.46 41.94
C LEU A 110 -28.45 -11.23 42.83
N GLY A 111 -28.19 -10.08 42.17
CA GLY A 111 -27.97 -8.81 42.86
C GLY A 111 -26.63 -8.69 43.59
N GLU A 112 -25.71 -9.64 43.32
CA GLU A 112 -24.37 -9.70 43.96
C GLU A 112 -23.31 -9.11 43.04
N ASP A 113 -22.04 -9.16 43.48
CA ASP A 113 -20.90 -8.55 42.78
C ASP A 113 -20.65 -9.20 41.41
N PHE A 114 -20.37 -8.36 40.39
CA PHE A 114 -20.10 -8.80 39.00
C PHE A 114 -18.62 -8.61 38.68
N THR A 115 -17.85 -9.70 38.77
CA THR A 115 -16.43 -9.74 38.39
C THR A 115 -16.28 -9.85 36.87
N TYR A 116 -15.43 -8.98 36.28
CA TYR A 116 -15.07 -9.04 34.85
C TYR A 116 -13.66 -8.46 34.65
N SER A 117 -12.80 -9.26 34.02
CA SER A 117 -11.41 -8.91 33.73
C SER A 117 -11.33 -8.06 32.45
N VAL A 118 -11.19 -6.73 32.59
CA VAL A 118 -11.08 -5.80 31.44
C VAL A 118 -9.62 -5.80 30.93
N GLU A 119 -9.37 -6.58 29.88
CA GLU A 119 -8.04 -6.71 29.27
C GLU A 119 -7.93 -5.80 28.04
N PHE A 120 -7.02 -4.84 28.12
CA PHE A 120 -6.67 -3.91 27.05
C PHE A 120 -5.17 -3.61 27.14
N GLU A 121 -4.61 -2.95 26.13
CA GLU A 121 -3.17 -2.64 26.10
C GLU A 121 -2.89 -1.24 26.65
N VAL A 122 -1.64 -1.05 27.11
CA VAL A 122 -1.09 0.25 27.50
C VAL A 122 0.07 0.59 26.55
N TYR A 123 0.48 1.86 26.50
CA TYR A 123 1.59 2.30 25.62
C TYR A 123 2.94 2.15 26.35
N PRO A 124 3.90 1.33 25.80
CA PRO A 124 5.19 1.02 26.47
C PRO A 124 6.25 2.12 26.24
N GLU A 125 7.47 1.88 26.73
CA GLU A 125 8.58 2.84 26.59
C GLU A 125 9.11 2.84 25.14
N VAL A 126 9.20 4.04 24.56
CA VAL A 126 9.67 4.25 23.18
C VAL A 126 11.13 4.77 23.22
N GLU A 127 12.01 4.13 22.44
CA GLU A 127 13.44 4.46 22.39
C GLU A 127 13.84 4.91 20.98
N LEU A 128 14.20 6.20 20.82
CA LEU A 128 14.85 6.71 19.60
C LEU A 128 16.36 6.40 19.65
N GLN A 129 16.88 5.82 18.56
CA GLN A 129 18.28 5.41 18.46
C GLN A 129 18.65 5.15 16.98
N GLY A 130 19.94 5.28 16.67
CA GLY A 130 20.45 5.07 15.31
C GLY A 130 19.91 6.08 14.30
N LEU A 131 19.44 7.25 14.80
CA LEU A 131 18.81 8.30 13.98
C LEU A 131 19.84 8.90 13.01
N GLU A 132 21.05 9.13 13.54
CA GLU A 132 22.18 9.67 12.78
C GLU A 132 22.83 8.55 11.94
N ALA A 133 22.56 7.28 12.29
CA ALA A 133 23.13 6.11 11.60
C ALA A 133 22.42 5.83 10.27
N ILE A 134 21.13 6.22 10.21
CA ILE A 134 20.26 6.01 9.02
C ILE A 134 20.87 6.67 7.77
N GLU A 135 21.06 5.88 6.73
CA GLU A 135 21.56 6.35 5.43
C GLU A 135 20.39 6.49 4.45
N VAL A 136 19.97 7.73 4.22
CA VAL A 136 18.90 8.09 3.27
C VAL A 136 19.55 8.76 2.05
N GLU A 137 18.82 8.81 0.93
CA GLU A 137 19.23 9.56 -0.26
C GLU A 137 18.12 10.56 -0.60
N LYS A 138 18.52 11.78 -0.98
CA LYS A 138 17.62 12.84 -1.43
C LYS A 138 17.92 13.14 -2.91
N PRO A 139 17.25 12.42 -3.86
CA PRO A 139 17.44 12.66 -5.28
C PRO A 139 16.55 13.83 -5.77
N ILE A 140 17.19 15.01 -5.93
CA ILE A 140 16.60 16.18 -6.61
C ILE A 140 16.46 15.84 -8.11
N VAL A 141 15.36 15.16 -8.44
CA VAL A 141 15.07 14.70 -9.79
C VAL A 141 14.12 15.69 -10.48
N GLU A 142 14.39 16.01 -11.75
CA GLU A 142 13.42 16.72 -12.62
C GLU A 142 13.35 16.01 -13.97
N VAL A 143 12.28 16.31 -14.72
CA VAL A 143 12.06 15.76 -16.06
C VAL A 143 12.68 16.73 -17.08
N THR A 144 14.03 16.64 -17.23
CA THR A 144 14.81 17.50 -18.16
C THR A 144 14.36 17.28 -19.62
N ASP A 145 14.82 18.13 -20.55
CA ASP A 145 14.45 18.03 -21.99
C ASP A 145 14.82 16.64 -22.57
N ALA A 146 15.90 16.06 -22.02
CA ALA A 146 16.34 14.69 -22.33
C ALA A 146 15.25 13.67 -21.97
N ASP A 147 14.68 13.83 -20.75
CA ASP A 147 13.65 12.92 -20.21
C ASP A 147 12.30 13.15 -20.93
N VAL A 148 11.98 14.43 -21.17
CA VAL A 148 10.74 14.85 -21.84
C VAL A 148 10.66 14.19 -23.23
N ASP A 149 11.64 14.52 -24.08
CA ASP A 149 11.65 14.05 -25.48
C ASP A 149 12.01 12.58 -25.56
N GLY A 150 12.88 12.11 -24.64
CA GLY A 150 13.30 10.71 -24.61
C GLY A 150 12.16 9.75 -24.28
N MET A 151 11.35 10.11 -23.27
CA MET A 151 10.22 9.30 -22.81
C MET A 151 9.02 9.42 -23.79
N LEU A 152 8.75 10.65 -24.28
CA LEU A 152 7.81 10.88 -25.43
C LEU A 152 8.19 10.01 -26.65
N ASP A 153 9.50 9.89 -26.90
CA ASP A 153 10.05 9.08 -28.01
C ASP A 153 9.79 7.59 -27.77
N THR A 154 9.98 7.16 -26.50
CA THR A 154 9.67 5.78 -26.06
C THR A 154 8.17 5.48 -26.27
N LEU A 155 7.32 6.49 -25.98
CA LEU A 155 5.85 6.40 -26.19
C LEU A 155 5.51 6.24 -27.68
N ARG A 156 6.25 6.98 -28.54
CA ARG A 156 6.14 6.84 -30.01
C ARG A 156 6.57 5.42 -30.44
N LYS A 157 7.63 4.89 -29.82
CA LYS A 157 8.19 3.56 -30.15
C LYS A 157 7.39 2.41 -29.50
N GLN A 158 6.55 2.72 -28.49
CA GLN A 158 5.59 1.76 -27.91
C GLN A 158 4.32 1.70 -28.78
N GLN A 159 3.87 2.88 -29.25
CA GLN A 159 2.69 3.02 -30.12
C GLN A 159 3.13 3.18 -31.59
N ALA A 160 4.21 2.48 -31.94
CA ALA A 160 4.87 2.58 -33.25
C ALA A 160 4.14 1.80 -34.35
N THR A 161 4.15 2.39 -35.56
CA THR A 161 3.60 1.77 -36.77
C THR A 161 4.54 0.65 -37.25
N TRP A 162 3.99 -0.55 -37.50
CA TRP A 162 4.78 -1.73 -37.91
C TRP A 162 5.13 -1.63 -39.40
N LYS A 163 6.40 -1.81 -39.71
CA LYS A 163 6.94 -1.71 -41.08
C LYS A 163 8.10 -2.71 -41.22
N GLU A 164 8.51 -3.03 -42.46
CA GLU A 164 9.75 -3.78 -42.72
C GLU A 164 10.71 -2.92 -43.54
N LYS A 165 11.99 -3.24 -43.45
CA LYS A 165 13.05 -2.63 -44.28
C LYS A 165 14.00 -3.72 -44.77
N ASP A 166 14.67 -3.44 -45.90
CA ASP A 166 15.62 -4.36 -46.53
C ASP A 166 16.98 -4.28 -45.82
N GLY A 167 17.17 -5.22 -44.90
CA GLY A 167 18.46 -5.55 -44.32
C GLY A 167 19.19 -4.43 -43.59
N ALA A 168 18.58 -3.91 -42.51
CA ALA A 168 19.29 -3.01 -41.55
C ALA A 168 18.63 -3.09 -40.17
N VAL A 169 19.27 -3.73 -39.18
CA VAL A 169 18.74 -3.83 -37.80
C VAL A 169 19.56 -2.94 -36.85
N GLU A 170 18.86 -2.23 -35.96
CA GLU A 170 19.46 -1.39 -34.91
C GLU A 170 18.78 -1.71 -33.55
N ALA A 171 19.18 -0.96 -32.51
CA ALA A 171 18.86 -1.25 -31.10
C ALA A 171 17.37 -1.20 -30.75
N GLU A 172 16.59 -0.45 -31.53
CA GLU A 172 15.16 -0.16 -31.21
C GLU A 172 14.24 -0.61 -32.35
N ASP A 173 14.73 -1.48 -33.24
CA ASP A 173 13.94 -1.99 -34.38
C ASP A 173 13.17 -3.27 -34.01
N ARG A 174 12.77 -4.06 -35.03
CA ARG A 174 12.13 -5.36 -34.82
C ARG A 174 12.70 -6.40 -35.79
N VAL A 175 12.65 -7.68 -35.41
CA VAL A 175 13.26 -8.80 -36.16
C VAL A 175 12.36 -10.03 -36.04
N THR A 176 12.43 -10.95 -37.02
CA THR A 176 11.90 -12.32 -36.87
C THR A 176 13.05 -13.30 -37.12
N ILE A 177 13.30 -14.20 -36.16
CA ILE A 177 14.37 -15.20 -36.22
C ILE A 177 13.84 -16.59 -35.84
N ASP A 178 14.60 -17.59 -36.24
CA ASP A 178 14.54 -18.93 -35.66
C ASP A 178 15.97 -19.25 -35.22
N PHE A 179 16.19 -19.51 -33.92
CA PHE A 179 17.54 -19.81 -33.42
C PHE A 179 17.63 -21.27 -32.96
N THR A 180 18.87 -21.76 -32.82
CA THR A 180 19.17 -23.07 -32.24
C THR A 180 20.41 -22.92 -31.35
N GLY A 181 20.13 -22.68 -30.07
CA GLY A 181 21.15 -22.43 -29.07
C GLY A 181 21.52 -23.65 -28.25
N SER A 182 22.68 -23.57 -27.59
CA SER A 182 23.18 -24.61 -26.69
C SER A 182 24.02 -23.93 -25.60
N VAL A 183 23.72 -24.22 -24.34
CA VAL A 183 24.37 -23.60 -23.17
C VAL A 183 25.48 -24.52 -22.65
N ASP A 184 26.75 -24.07 -22.71
CA ASP A 184 27.93 -24.84 -22.23
C ASP A 184 28.22 -26.07 -23.14
N GLY A 185 27.44 -26.22 -24.24
CA GLY A 185 27.56 -27.36 -25.15
C GLY A 185 26.32 -28.26 -25.17
N GLU A 186 25.38 -28.05 -24.21
CA GLU A 186 24.15 -28.86 -24.13
C GLU A 186 23.05 -28.16 -24.90
N GLU A 187 22.34 -28.89 -25.76
CA GLU A 187 21.07 -28.40 -26.29
C GLU A 187 20.07 -28.48 -25.13
N PHE A 188 19.94 -27.34 -24.46
CA PHE A 188 19.21 -27.17 -23.20
C PHE A 188 17.67 -27.24 -23.41
N GLU A 189 16.92 -26.70 -22.42
CA GLU A 189 15.45 -26.60 -22.46
C GLU A 189 14.99 -25.95 -23.76
N GLY A 190 14.48 -26.79 -24.66
CA GLY A 190 14.04 -26.37 -25.98
C GLY A 190 15.12 -26.47 -27.03
N GLY A 191 16.20 -25.68 -26.84
CA GLY A 191 17.28 -25.56 -27.83
C GLY A 191 16.90 -24.56 -28.92
N LYS A 192 15.79 -24.83 -29.63
CA LYS A 192 15.30 -23.95 -30.71
C LYS A 192 14.14 -23.06 -30.26
N ALA A 193 13.95 -21.97 -30.99
CA ALA A 193 12.82 -21.04 -30.85
C ALA A 193 12.50 -20.48 -32.24
N SER A 194 11.55 -21.14 -32.91
CA SER A 194 11.23 -20.89 -34.32
C SER A 194 10.32 -19.65 -34.50
N ASP A 195 10.73 -18.76 -35.44
CA ASP A 195 9.91 -17.63 -35.95
C ASP A 195 9.44 -16.66 -34.86
N PHE A 196 10.26 -16.52 -33.81
CA PHE A 196 10.02 -15.54 -32.75
C PHE A 196 10.27 -14.11 -33.29
N VAL A 197 9.34 -13.20 -33.00
CA VAL A 197 9.38 -11.81 -33.42
C VAL A 197 9.97 -10.96 -32.27
N LEU A 198 11.26 -10.61 -32.39
CA LEU A 198 11.99 -9.82 -31.39
C LEU A 198 11.92 -8.31 -31.70
N ALA A 199 11.00 -7.61 -31.02
CA ALA A 199 11.00 -6.16 -30.97
C ALA A 199 12.15 -5.70 -30.07
N MET A 200 13.25 -5.26 -30.71
CA MET A 200 14.46 -4.80 -30.01
C MET A 200 14.10 -3.60 -29.11
N GLY A 201 14.28 -3.80 -27.79
CA GLY A 201 13.73 -2.90 -26.77
C GLY A 201 12.88 -3.64 -25.73
N GLN A 202 12.64 -4.95 -25.96
CA GLN A 202 11.98 -5.85 -24.98
C GLN A 202 12.97 -6.35 -23.92
N GLY A 203 12.46 -7.18 -22.98
CA GLY A 203 13.27 -7.76 -21.90
C GLY A 203 12.90 -9.20 -21.61
N ARG A 204 12.87 -10.04 -22.66
CA ARG A 204 12.62 -11.50 -22.54
C ARG A 204 13.93 -12.28 -22.90
N MET A 205 15.04 -11.53 -22.95
CA MET A 205 16.38 -12.07 -23.22
C MET A 205 17.42 -11.18 -22.56
N ILE A 206 18.59 -11.77 -22.25
CA ILE A 206 19.69 -11.09 -21.55
C ILE A 206 20.61 -10.31 -22.53
N PRO A 207 21.47 -9.37 -22.02
CA PRO A 207 22.54 -8.74 -22.83
C PRO A 207 23.56 -9.78 -23.35
N GLY A 208 24.19 -9.48 -24.48
CA GLY A 208 24.97 -10.45 -25.24
C GLY A 208 24.15 -11.06 -26.35
N PHE A 209 22.95 -11.56 -25.99
CA PHE A 209 22.00 -12.16 -26.95
C PHE A 209 21.45 -11.08 -27.88
N GLU A 210 20.79 -10.08 -27.25
CA GLU A 210 20.14 -8.98 -27.98
C GLU A 210 21.16 -8.14 -28.78
N ASP A 211 22.38 -8.03 -28.23
CA ASP A 211 23.49 -7.28 -28.84
C ASP A 211 24.00 -7.97 -30.12
N GLY A 212 23.76 -9.29 -30.22
CA GLY A 212 24.11 -10.07 -31.42
C GLY A 212 23.04 -10.00 -32.51
N ILE A 213 21.87 -9.43 -32.17
CA ILE A 213 20.72 -9.30 -33.10
C ILE A 213 20.73 -7.88 -33.73
N LYS A 214 20.90 -6.86 -32.86
CA LYS A 214 20.56 -5.45 -33.15
C LYS A 214 21.67 -4.67 -33.91
N GLY A 215 22.46 -5.36 -34.74
CA GLY A 215 23.54 -4.71 -35.50
C GLY A 215 23.88 -5.49 -36.75
N HIS A 216 22.86 -6.08 -37.39
CA HIS A 216 23.04 -6.97 -38.56
C HIS A 216 21.92 -6.77 -39.61
N LYS A 217 21.87 -7.64 -40.62
CA LYS A 217 20.86 -7.62 -41.71
C LYS A 217 20.38 -9.04 -42.07
N ALA A 218 19.16 -9.17 -42.64
CA ALA A 218 18.56 -10.47 -42.96
C ALA A 218 19.31 -11.16 -44.10
N GLY A 219 19.36 -12.49 -44.05
CA GLY A 219 20.07 -13.31 -45.03
C GLY A 219 21.23 -14.05 -44.41
N GLU A 220 21.95 -13.36 -43.52
CA GLU A 220 23.07 -13.95 -42.79
C GLU A 220 22.54 -14.80 -41.61
N GLU A 221 22.98 -16.05 -41.57
CA GLU A 221 22.67 -16.98 -40.49
C GLU A 221 23.99 -17.33 -39.79
N PHE A 222 24.18 -16.77 -38.59
CA PHE A 222 25.46 -16.82 -37.84
C PHE A 222 25.23 -17.37 -36.45
N THR A 223 26.28 -17.43 -35.64
CA THR A 223 26.17 -17.72 -34.20
C THR A 223 26.65 -16.50 -33.42
N ILE A 224 26.21 -16.41 -32.17
CA ILE A 224 26.66 -15.42 -31.19
C ILE A 224 27.08 -16.15 -29.93
N ASP A 225 28.04 -15.59 -29.20
CA ASP A 225 28.46 -16.09 -27.90
C ASP A 225 27.95 -15.17 -26.80
N VAL A 226 27.11 -15.73 -25.95
CA VAL A 226 26.55 -15.07 -24.76
C VAL A 226 27.04 -15.84 -23.53
N THR A 227 26.94 -15.25 -22.36
CA THR A 227 27.24 -15.90 -21.09
C THR A 227 26.22 -15.41 -20.06
N PHE A 228 25.66 -16.34 -19.28
CA PHE A 228 24.67 -15.99 -18.25
C PHE A 228 25.41 -15.44 -17.01
N PRO A 229 24.98 -14.23 -16.49
CA PRO A 229 25.58 -13.59 -15.29
C PRO A 229 25.71 -14.51 -14.04
N GLU A 230 26.54 -14.07 -13.08
CA GLU A 230 26.68 -14.70 -11.76
C GLU A 230 25.48 -14.34 -10.85
N GLU A 231 24.85 -13.19 -11.17
CA GLU A 231 23.64 -12.70 -10.51
C GLU A 231 22.38 -13.41 -11.09
N TYR A 232 22.53 -14.02 -12.28
CA TYR A 232 21.43 -14.70 -13.00
C TYR A 232 20.89 -15.86 -12.15
N HIS A 233 19.65 -15.71 -11.67
CA HIS A 233 19.05 -16.59 -10.64
C HIS A 233 18.80 -18.05 -11.10
N ALA A 234 18.86 -18.30 -12.43
CA ALA A 234 18.79 -19.67 -12.97
C ALA A 234 20.19 -20.30 -12.88
N GLU A 235 20.37 -21.13 -11.86
CA GLU A 235 21.68 -21.75 -11.53
C GLU A 235 22.14 -22.72 -12.62
N ASN A 236 21.18 -23.38 -13.29
CA ASN A 236 21.47 -24.35 -14.38
C ASN A 236 22.01 -23.65 -15.65
N LEU A 237 21.92 -22.31 -15.69
CA LEU A 237 22.44 -21.48 -16.77
C LEU A 237 23.62 -20.60 -16.27
N LYS A 238 23.57 -20.22 -14.98
CA LYS A 238 24.51 -19.25 -14.36
C LYS A 238 25.99 -19.62 -14.60
N GLY A 239 26.73 -18.69 -15.23
CA GLY A 239 28.16 -18.84 -15.47
C GLY A 239 28.49 -19.49 -16.80
N LYS A 240 27.55 -20.27 -17.36
CA LYS A 240 27.75 -21.01 -18.61
C LYS A 240 27.68 -20.07 -19.83
N ALA A 241 28.52 -20.35 -20.84
CA ALA A 241 28.55 -19.61 -22.11
C ALA A 241 27.64 -20.29 -23.13
N ALA A 242 26.58 -19.59 -23.54
CA ALA A 242 25.56 -20.11 -24.46
C ALA A 242 25.80 -19.61 -25.89
N LYS A 243 26.04 -20.55 -26.81
CA LYS A 243 26.22 -20.28 -28.25
C LYS A 243 24.86 -20.40 -28.95
N PHE A 244 24.41 -19.35 -29.66
CA PHE A 244 23.08 -19.30 -30.29
C PHE A 244 23.22 -19.05 -31.79
N ALA A 245 22.84 -20.04 -32.60
CA ALA A 245 22.83 -19.91 -34.06
C ALA A 245 21.59 -19.11 -34.50
N ILE A 246 21.78 -17.79 -34.65
CA ILE A 246 20.73 -16.84 -35.02
C ILE A 246 20.54 -16.83 -36.55
N ASN A 247 19.30 -17.11 -37.00
CA ASN A 247 18.95 -17.09 -38.44
C ASN A 247 18.07 -15.87 -38.72
N LEU A 248 18.67 -14.79 -39.27
CA LEU A 248 17.92 -13.59 -39.67
C LEU A 248 17.15 -13.85 -40.97
N LYS A 249 15.81 -13.87 -40.87
CA LYS A 249 14.94 -14.08 -42.04
C LYS A 249 14.18 -12.80 -42.39
N LYS A 250 13.81 -12.00 -41.36
CA LYS A 250 13.07 -10.74 -41.54
C LYS A 250 13.75 -9.62 -40.78
N VAL A 251 13.93 -8.48 -41.45
CA VAL A 251 14.28 -7.20 -40.83
C VAL A 251 13.06 -6.30 -40.84
N GLU A 252 12.65 -5.85 -39.67
CA GLU A 252 11.48 -5.00 -39.48
C GLU A 252 11.89 -3.71 -38.76
N GLU A 253 10.97 -2.76 -38.71
CA GLU A 253 11.10 -1.53 -37.93
C GLU A 253 9.78 -1.20 -37.27
N ARG A 254 9.81 -0.93 -35.97
CA ARG A 254 8.71 -0.26 -35.28
C ARG A 254 8.89 1.26 -35.49
N GLU A 255 8.38 1.71 -36.64
CA GLU A 255 8.53 3.09 -37.16
C GLU A 255 7.73 4.09 -36.32
N LEU A 256 8.33 5.29 -36.09
CA LEU A 256 7.68 6.40 -35.36
C LEU A 256 6.35 6.80 -36.06
N PRO A 257 5.21 6.83 -35.30
CA PRO A 257 3.90 7.26 -35.85
C PRO A 257 3.81 8.79 -35.96
N GLU A 258 2.73 9.26 -36.57
CA GLU A 258 2.48 10.70 -36.78
C GLU A 258 1.93 11.32 -35.48
N LEU A 259 2.57 12.40 -35.03
CA LEU A 259 2.13 13.18 -33.86
C LEU A 259 1.10 14.25 -34.33
N THR A 260 0.07 13.75 -35.05
CA THR A 260 -1.03 14.54 -35.64
C THR A 260 -1.74 15.40 -34.59
N ALA A 261 -2.17 16.63 -34.94
CA ALA A 261 -2.82 17.59 -34.01
C ALA A 261 -3.99 16.94 -33.22
N GLU A 262 -4.84 16.19 -33.95
CA GLU A 262 -6.02 15.48 -33.39
C GLU A 262 -5.63 14.29 -32.47
N PHE A 263 -4.37 13.85 -32.53
CA PHE A 263 -3.84 12.76 -31.68
C PHE A 263 -3.10 13.35 -30.45
N ILE A 264 -2.17 14.28 -30.71
CA ILE A 264 -1.31 14.90 -29.68
C ILE A 264 -2.14 15.71 -28.65
N LYS A 265 -3.24 16.32 -29.12
CA LYS A 265 -4.18 17.05 -28.24
C LYS A 265 -4.76 16.11 -27.15
N ARG A 266 -4.88 14.80 -27.48
CA ARG A 266 -5.55 13.80 -26.64
C ARG A 266 -4.69 13.46 -25.39
N PHE A 267 -3.41 13.87 -25.41
CA PHE A 267 -2.49 13.73 -24.27
C PHE A 267 -2.64 14.90 -23.26
N GLY A 268 -3.63 15.78 -23.47
CA GLY A 268 -3.98 16.83 -22.51
C GLY A 268 -3.58 18.23 -22.97
N VAL A 269 -3.37 18.37 -24.27
CA VAL A 269 -3.01 19.64 -24.91
C VAL A 269 -4.27 20.20 -25.61
N GLU A 270 -4.57 21.49 -25.40
CA GLU A 270 -5.81 22.12 -25.94
C GLU A 270 -5.75 22.21 -27.48
N ASP A 271 -4.76 22.97 -27.97
CA ASP A 271 -4.61 23.26 -29.41
C ASP A 271 -3.85 22.14 -30.14
N GLY A 272 -3.08 21.36 -29.36
CA GLY A 272 -2.30 20.24 -29.90
C GLY A 272 -0.90 20.62 -30.35
N SER A 273 -0.31 21.67 -29.74
CA SER A 273 1.08 22.09 -30.02
C SER A 273 2.09 21.10 -29.41
N VAL A 274 3.13 20.74 -30.20
CA VAL A 274 4.23 19.85 -29.76
C VAL A 274 4.88 20.39 -28.49
N GLU A 275 5.17 21.70 -28.51
CA GLU A 275 5.72 22.44 -27.36
C GLU A 275 4.75 22.42 -26.16
N GLY A 276 3.44 22.28 -26.45
CA GLY A 276 2.41 22.16 -25.42
C GLY A 276 2.38 20.76 -24.83
N LEU A 277 2.82 19.75 -25.62
CA LEU A 277 2.90 18.35 -25.17
C LEU A 277 4.11 18.16 -24.28
N ARG A 278 5.23 18.77 -24.69
CA ARG A 278 6.48 18.74 -23.92
C ARG A 278 6.27 19.40 -22.55
N ALA A 279 5.50 20.49 -22.56
CA ALA A 279 5.08 21.21 -21.34
C ALA A 279 4.11 20.38 -20.49
N GLU A 280 3.15 19.71 -21.17
CA GLU A 280 2.11 18.89 -20.52
C GLU A 280 2.73 17.68 -19.81
N VAL A 281 3.66 17.00 -20.48
CA VAL A 281 4.35 15.85 -19.89
C VAL A 281 5.42 16.30 -18.89
N ARG A 282 5.94 17.53 -19.04
CA ARG A 282 6.79 18.16 -18.00
C ARG A 282 6.02 18.18 -16.66
N LYS A 283 4.84 18.85 -16.64
CA LYS A 283 4.01 18.98 -15.41
C LYS A 283 3.43 17.63 -14.93
N ASN A 284 3.02 16.74 -15.86
CA ASN A 284 2.42 15.42 -15.50
C ASN A 284 3.46 14.49 -14.88
N MET A 285 4.59 14.31 -15.60
CA MET A 285 5.68 13.42 -15.16
C MET A 285 6.32 13.96 -13.86
N GLU A 286 6.38 15.31 -13.70
CA GLU A 286 6.87 15.93 -12.43
C GLU A 286 5.87 15.78 -11.28
N ARG A 287 4.57 15.75 -11.60
CA ARG A 287 3.50 15.56 -10.58
C ARG A 287 3.56 14.13 -10.02
N GLU A 288 3.84 13.18 -10.93
CA GLU A 288 4.17 11.79 -10.60
C GLU A 288 5.52 11.73 -9.82
N LEU A 289 6.50 12.47 -10.36
CA LEU A 289 7.91 12.39 -9.95
C LEU A 289 8.15 12.82 -8.51
N LYS A 290 7.78 14.07 -8.17
CA LYS A 290 8.08 14.68 -6.86
C LYS A 290 7.34 13.96 -5.71
N SER A 291 6.15 13.42 -6.03
CA SER A 291 5.38 12.60 -5.09
C SER A 291 6.08 11.24 -4.87
N ALA A 292 6.67 10.70 -5.96
CA ALA A 292 7.48 9.47 -5.90
C ALA A 292 8.87 9.72 -5.24
N ILE A 293 9.40 10.99 -5.33
CA ILE A 293 10.63 11.41 -4.62
C ILE A 293 10.33 11.45 -3.13
N ARG A 294 9.13 11.95 -2.80
CA ARG A 294 8.64 12.01 -1.43
C ARG A 294 8.60 10.59 -0.83
N ASN A 295 7.96 9.66 -1.57
CA ASN A 295 7.88 8.23 -1.18
C ASN A 295 9.27 7.58 -1.06
N ARG A 296 10.19 7.94 -1.98
CA ARG A 296 11.59 7.47 -2.00
C ARG A 296 12.29 7.80 -0.65
N VAL A 297 12.47 9.11 -0.41
CA VAL A 297 13.22 9.65 0.73
C VAL A 297 12.55 9.24 2.07
N LYS A 298 11.19 9.30 2.08
CA LYS A 298 10.39 8.98 3.27
C LYS A 298 10.53 7.50 3.64
N SER A 299 10.43 6.58 2.64
CA SER A 299 10.51 5.13 2.90
C SER A 299 11.92 4.69 3.32
N GLN A 300 12.96 5.38 2.81
CA GLN A 300 14.35 5.18 3.25
C GLN A 300 14.53 5.57 4.74
N ALA A 301 14.00 6.75 5.09
CA ALA A 301 14.03 7.27 6.48
C ALA A 301 13.24 6.34 7.43
N ILE A 302 12.05 5.92 6.96
CA ILE A 302 11.10 5.08 7.68
C ILE A 302 11.67 3.68 7.97
N GLU A 303 12.29 3.06 6.94
CA GLU A 303 12.90 1.73 7.08
C GLU A 303 14.10 1.80 8.01
N GLY A 304 14.92 2.86 7.82
CA GLY A 304 16.05 3.13 8.69
C GLY A 304 15.64 3.27 10.15
N LEU A 305 14.50 3.97 10.38
CA LEU A 305 13.90 4.17 11.71
C LEU A 305 13.52 2.82 12.34
N VAL A 306 12.64 2.05 11.68
CA VAL A 306 12.16 0.74 12.22
C VAL A 306 13.37 -0.18 12.55
N LYS A 307 14.26 -0.33 11.56
CA LYS A 307 15.44 -1.20 11.65
C LYS A 307 16.43 -0.75 12.76
N ALA A 308 16.54 0.58 12.97
CA ALA A 308 17.42 1.16 14.00
C ALA A 308 16.83 1.06 15.41
N ASN A 309 15.49 0.96 15.52
CA ASN A 309 14.78 1.24 16.80
C ASN A 309 14.03 0.01 17.31
N ASP A 310 13.85 -0.05 18.65
CA ASP A 310 13.19 -1.16 19.34
C ASP A 310 11.99 -0.63 20.13
N ILE A 311 10.86 -1.35 20.04
CA ILE A 311 9.64 -1.09 20.84
C ILE A 311 8.65 -2.28 20.68
N ASP A 312 7.91 -2.62 21.75
CA ASP A 312 6.84 -3.64 21.67
C ASP A 312 5.59 -2.93 21.14
N VAL A 313 5.07 -3.42 20.01
CA VAL A 313 4.10 -2.70 19.18
C VAL A 313 2.66 -3.10 19.54
N PRO A 314 1.77 -2.12 19.98
CA PRO A 314 0.36 -2.41 20.36
C PRO A 314 -0.49 -2.90 19.16
N ALA A 315 -1.15 -4.07 19.35
CA ALA A 315 -2.06 -4.70 18.37
C ALA A 315 -3.21 -3.78 17.95
N ALA A 316 -3.54 -2.82 18.83
CA ALA A 316 -4.57 -1.79 18.59
C ALA A 316 -4.29 -1.01 17.31
N LEU A 317 -3.08 -0.43 17.28
CA LEU A 317 -2.63 0.43 16.20
C LEU A 317 -2.38 -0.41 14.94
N ILE A 318 -1.91 -1.67 15.15
CA ILE A 318 -1.72 -2.66 14.06
C ILE A 318 -3.06 -2.95 13.38
N ASP A 319 -4.12 -3.14 14.18
CA ASP A 319 -5.50 -3.36 13.69
C ASP A 319 -6.01 -2.15 12.92
N SER A 320 -5.66 -0.93 13.40
CA SER A 320 -6.02 0.33 12.73
C SER A 320 -5.39 0.44 11.32
N GLU A 321 -4.07 0.20 11.24
CA GLU A 321 -3.32 0.30 9.96
C GLU A 321 -3.75 -0.81 9.00
N ILE A 322 -3.93 -2.05 9.54
CA ILE A 322 -4.48 -3.22 8.78
C ILE A 322 -5.85 -2.85 8.21
N ASP A 323 -6.70 -2.22 9.05
CA ASP A 323 -8.07 -1.83 8.67
C ASP A 323 -8.08 -0.86 7.49
N VAL A 324 -7.22 0.17 7.56
CA VAL A 324 -7.04 1.15 6.46
C VAL A 324 -6.57 0.43 5.16
N LEU A 325 -5.63 -0.54 5.33
CA LEU A 325 -5.10 -1.36 4.22
C LEU A 325 -6.15 -2.36 3.68
N ARG A 326 -7.10 -2.78 4.55
CA ARG A 326 -8.20 -3.70 4.16
C ARG A 326 -9.21 -2.94 3.31
N ARG A 327 -9.51 -1.69 3.72
CA ARG A 327 -10.42 -0.80 2.98
C ARG A 327 -9.81 -0.46 1.61
N GLN A 328 -8.49 -0.16 1.63
CA GLN A 328 -7.70 0.15 0.42
C GLN A 328 -7.66 -1.03 -0.56
N ALA A 329 -7.53 -2.26 -0.01
CA ALA A 329 -7.49 -3.50 -0.80
C ALA A 329 -8.86 -3.75 -1.44
N ALA A 330 -9.90 -3.87 -0.57
CA ALA A 330 -11.29 -4.15 -0.98
C ALA A 330 -11.78 -3.14 -2.03
N GLN A 331 -11.36 -1.86 -1.84
CA GLN A 331 -11.64 -0.73 -2.76
C GLN A 331 -11.29 -1.09 -4.21
N ARG A 332 -10.14 -1.75 -4.39
CA ARG A 332 -9.59 -2.11 -5.72
C ARG A 332 -9.79 -3.60 -6.05
N PHE A 333 -10.24 -4.37 -5.04
CA PHE A 333 -10.52 -5.82 -5.16
C PHE A 333 -12.02 -6.03 -5.49
N GLY A 334 -12.54 -5.23 -6.43
CA GLY A 334 -13.95 -5.31 -6.85
C GLY A 334 -14.87 -4.37 -6.07
N GLY A 335 -14.32 -3.71 -5.03
CA GLY A 335 -15.06 -2.72 -4.25
C GLY A 335 -15.93 -3.34 -3.16
N ASN A 336 -15.42 -4.43 -2.54
CA ASN A 336 -16.13 -5.24 -1.53
C ASN A 336 -16.70 -4.36 -0.39
N GLU A 337 -18.04 -4.22 -0.39
CA GLU A 337 -18.78 -3.20 0.38
C GLU A 337 -18.73 -3.51 1.89
N LYS A 338 -17.69 -2.95 2.57
CA LYS A 338 -17.41 -3.14 4.02
C LYS A 338 -17.17 -4.63 4.40
N GLN A 339 -16.93 -5.48 3.38
CA GLN A 339 -16.47 -6.87 3.56
C GLN A 339 -14.96 -6.85 3.92
N ALA A 340 -14.33 -5.65 3.71
CA ALA A 340 -12.91 -5.36 4.00
C ALA A 340 -12.41 -5.96 5.32
N LEU A 341 -13.25 -5.86 6.37
CA LEU A 341 -12.94 -6.35 7.74
C LEU A 341 -12.50 -7.85 7.72
N GLU A 342 -13.16 -8.65 6.86
CA GLU A 342 -12.93 -10.11 6.72
C GLU A 342 -11.66 -10.45 5.88
N LEU A 343 -11.12 -9.46 5.10
CA LEU A 343 -9.95 -9.70 4.19
C LEU A 343 -8.72 -10.27 4.97
N PRO A 344 -8.00 -11.29 4.38
CA PRO A 344 -6.89 -12.02 5.06
C PRO A 344 -5.82 -11.08 5.72
N ARG A 345 -5.87 -11.06 7.06
CA ARG A 345 -5.06 -10.18 7.92
C ARG A 345 -3.56 -10.27 7.62
N GLU A 346 -3.11 -11.52 7.36
CA GLU A 346 -1.70 -11.84 7.09
C GLU A 346 -1.10 -11.05 5.89
N LEU A 347 -1.96 -10.62 4.93
CA LEU A 347 -1.50 -9.80 3.78
C LEU A 347 -1.06 -8.40 4.24
N PHE A 348 -1.72 -7.92 5.30
CA PHE A 348 -1.59 -6.54 5.80
C PHE A 348 -0.76 -6.49 7.09
N GLU A 349 -0.66 -7.65 7.78
CA GLU A 349 -0.10 -7.78 9.15
C GLU A 349 1.26 -7.07 9.32
N GLU A 350 2.26 -7.53 8.54
CA GLU A 350 3.67 -7.07 8.67
C GLU A 350 3.83 -5.59 8.29
N GLN A 351 3.32 -5.22 7.10
CA GLN A 351 3.44 -3.84 6.56
C GLN A 351 2.70 -2.82 7.45
N ALA A 352 1.57 -3.25 8.04
CA ALA A 352 0.79 -2.40 8.95
C ALA A 352 1.55 -2.17 10.25
N LYS A 353 2.06 -3.28 10.84
CA LYS A 353 2.89 -3.24 12.06
C LYS A 353 4.12 -2.33 11.85
N ARG A 354 4.70 -2.40 10.64
CA ARG A 354 5.76 -1.48 10.20
C ARG A 354 5.25 -0.02 10.23
N ARG A 355 4.01 0.19 9.71
CA ARG A 355 3.39 1.53 9.61
C ARG A 355 3.05 2.10 11.01
N VAL A 356 2.88 1.19 11.99
CA VAL A 356 2.69 1.54 13.40
C VAL A 356 4.01 2.05 13.99
N VAL A 357 5.10 1.27 13.80
CA VAL A 357 6.45 1.65 14.28
C VAL A 357 6.85 3.03 13.71
N VAL A 358 6.46 3.26 12.44
CA VAL A 358 6.55 4.59 11.78
C VAL A 358 5.83 5.67 12.63
N GLY A 359 4.56 5.42 12.96
CA GLY A 359 3.73 6.38 13.72
C GLY A 359 4.24 6.64 15.15
N LEU A 360 4.84 5.61 15.76
CA LEU A 360 5.36 5.68 17.14
C LEU A 360 6.66 6.53 17.17
N LEU A 361 7.59 6.19 16.27
CA LEU A 361 8.91 6.84 16.22
C LEU A 361 8.79 8.28 15.72
N LEU A 362 8.03 8.49 14.62
CA LEU A 362 7.79 9.85 14.06
C LEU A 362 7.02 10.74 15.04
N GLY A 363 6.05 10.15 15.78
CA GLY A 363 5.34 10.86 16.85
C GLY A 363 6.29 11.30 17.98
N GLU A 364 7.22 10.40 18.31
CA GLU A 364 8.28 10.67 19.28
C GLU A 364 9.29 11.71 18.74
N VAL A 365 9.47 11.76 17.41
CA VAL A 365 10.33 12.76 16.74
C VAL A 365 9.63 14.15 16.73
N ILE A 366 8.28 14.15 16.64
CA ILE A 366 7.46 15.38 16.77
C ILE A 366 7.63 15.94 18.20
N ARG A 367 7.61 15.04 19.20
CA ARG A 367 7.81 15.41 20.61
C ARG A 367 9.25 15.99 20.85
N THR A 368 10.26 15.18 20.47
CA THR A 368 11.70 15.47 20.69
C THR A 368 12.12 16.79 19.97
N ASN A 369 11.68 16.93 18.71
CA ASN A 369 11.98 18.13 17.89
C ASN A 369 10.93 19.25 18.09
N GLU A 370 9.96 19.02 19.03
CA GLU A 370 8.85 19.95 19.39
C GLU A 370 8.24 20.68 18.17
N LEU A 371 7.62 19.88 17.30
CA LEU A 371 7.07 20.34 16.03
C LEU A 371 5.54 20.57 16.14
N LYS A 372 5.04 21.47 15.27
CA LYS A 372 3.59 21.71 15.09
C LYS A 372 3.36 21.95 13.58
N ALA A 373 2.21 21.47 13.05
CA ALA A 373 1.90 21.57 11.61
C ALA A 373 1.72 23.02 11.15
N ASP A 374 2.37 23.38 10.03
CA ASP A 374 2.33 24.74 9.45
C ASP A 374 1.22 24.84 8.40
N GLU A 375 0.28 25.80 8.57
CA GLU A 375 -0.93 25.93 7.72
C GLU A 375 -0.57 26.12 6.24
N GLU A 376 0.47 26.93 5.96
CA GLU A 376 0.93 27.19 4.58
C GLU A 376 1.54 25.93 3.93
N ARG A 377 2.09 25.04 4.78
CA ARG A 377 2.70 23.78 4.32
C ARG A 377 1.58 22.82 3.92
N VAL A 378 0.54 22.77 4.79
CA VAL A 378 -0.69 22.01 4.56
C VAL A 378 -1.37 22.50 3.26
N LYS A 379 -1.39 23.84 3.06
CA LYS A 379 -1.96 24.49 1.87
C LYS A 379 -1.25 24.00 0.59
N GLY A 380 0.10 24.03 0.62
CA GLY A 380 0.92 23.55 -0.50
C GLY A 380 0.61 22.10 -0.89
N LEU A 381 0.53 21.24 0.16
CA LEU A 381 0.16 19.82 0.01
C LEU A 381 -1.19 19.66 -0.71
N ILE A 382 -2.20 20.43 -0.24
CA ILE A 382 -3.58 20.40 -0.80
C ILE A 382 -3.59 20.76 -2.28
N GLU A 383 -3.09 21.95 -2.59
CA GLU A 383 -3.20 22.56 -3.92
C GLU A 383 -2.41 21.74 -4.98
N GLU A 384 -1.26 21.17 -4.58
CA GLU A 384 -0.42 20.34 -5.48
C GLU A 384 -0.98 18.92 -5.66
N MET A 385 -1.49 18.32 -4.57
CA MET A 385 -2.15 16.98 -4.62
C MET A 385 -3.41 17.06 -5.50
N ALA A 386 -4.09 18.21 -5.42
CA ALA A 386 -5.31 18.49 -6.16
C ALA A 386 -5.00 18.93 -7.61
N SER A 387 -3.81 19.56 -7.81
CA SER A 387 -3.29 19.94 -9.16
C SER A 387 -3.02 18.71 -10.04
N ALA A 388 -2.97 17.53 -9.39
CA ALA A 388 -2.89 16.22 -10.09
C ALA A 388 -4.22 15.85 -10.77
N TYR A 389 -5.27 16.67 -10.55
CA TYR A 389 -6.63 16.45 -11.09
C TYR A 389 -7.13 17.73 -11.80
N GLU A 390 -8.20 17.59 -12.59
CA GLU A 390 -8.90 18.73 -13.25
C GLU A 390 -10.03 19.26 -12.34
N ASP A 391 -9.98 18.91 -11.05
CA ASP A 391 -10.99 19.29 -10.04
C ASP A 391 -10.33 19.82 -8.71
N PRO A 392 -9.23 20.67 -8.74
CA PRO A 392 -8.55 21.13 -7.49
C PRO A 392 -9.48 21.87 -6.50
N LYS A 393 -10.32 22.76 -7.05
CA LYS A 393 -11.14 23.71 -6.26
C LYS A 393 -11.98 23.00 -5.18
N GLU A 394 -12.71 21.94 -5.59
CA GLU A 394 -13.61 21.18 -4.69
C GLU A 394 -12.81 20.39 -3.63
N VAL A 395 -11.52 20.11 -3.91
CA VAL A 395 -10.62 19.43 -2.97
C VAL A 395 -10.15 20.41 -1.90
N ILE A 396 -9.75 21.60 -2.36
CA ILE A 396 -9.31 22.71 -1.50
C ILE A 396 -10.43 23.11 -0.52
N GLU A 397 -11.67 23.10 -1.04
CA GLU A 397 -12.88 23.34 -0.24
C GLU A 397 -13.16 22.15 0.70
N PHE A 398 -13.00 20.90 0.18
CA PHE A 398 -13.27 19.66 0.95
C PHE A 398 -12.37 19.56 2.21
N TYR A 399 -11.11 20.02 2.10
CA TYR A 399 -10.17 20.02 3.24
C TYR A 399 -10.28 21.32 4.07
N SER A 400 -10.02 22.48 3.45
CA SER A 400 -9.84 23.76 4.17
C SER A 400 -11.15 24.31 4.79
N LYS A 401 -12.32 23.88 4.28
CA LYS A 401 -13.64 24.26 4.87
C LYS A 401 -14.15 23.18 5.83
N ASN A 402 -13.27 22.22 6.18
CA ASN A 402 -13.62 21.13 7.11
C ASN A 402 -12.44 20.93 8.07
N LYS A 403 -12.59 21.42 9.32
CA LYS A 403 -11.52 21.37 10.33
C LYS A 403 -11.12 19.92 10.67
N GLU A 404 -12.08 18.98 10.59
CA GLU A 404 -11.84 17.54 10.84
C GLU A 404 -10.81 16.97 9.84
N LEU A 405 -11.01 17.28 8.54
CA LEU A 405 -10.14 16.78 7.47
C LEU A 405 -8.88 17.67 7.29
N MET A 406 -8.98 18.94 7.72
CA MET A 406 -7.85 19.88 7.71
C MET A 406 -6.84 19.46 8.80
N ASP A 407 -7.39 19.02 9.95
CA ASP A 407 -6.62 18.46 11.09
C ASP A 407 -5.93 17.14 10.69
N ASN A 408 -6.64 16.35 9.86
CA ASN A 408 -6.10 15.11 9.25
C ASN A 408 -4.89 15.46 8.35
N MET A 409 -5.03 16.54 7.58
CA MET A 409 -3.97 16.99 6.67
C MET A 409 -2.86 17.76 7.43
N ARG A 410 -3.17 18.21 8.65
CA ARG A 410 -2.17 18.73 9.60
C ARG A 410 -1.36 17.56 10.18
N ASN A 411 -2.05 16.42 10.40
CA ASN A 411 -1.41 15.17 10.87
C ASN A 411 -0.35 14.71 9.87
N VAL A 412 -0.74 14.58 8.57
CA VAL A 412 0.22 14.13 7.53
C VAL A 412 1.34 15.18 7.32
N ALA A 413 1.00 16.48 7.39
CA ALA A 413 2.00 17.58 7.25
C ALA A 413 3.06 17.50 8.34
N LEU A 414 2.59 17.28 9.58
CA LEU A 414 3.42 17.20 10.78
C LEU A 414 4.24 15.90 10.80
N GLU A 415 3.66 14.84 10.20
CA GLU A 415 4.33 13.55 10.02
C GLU A 415 5.49 13.70 9.03
N GLU A 416 5.28 14.51 7.97
CA GLU A 416 6.32 14.83 6.98
C GLU A 416 7.42 15.72 7.57
N GLN A 417 7.02 16.65 8.48
CA GLN A 417 7.95 17.47 9.27
C GLN A 417 8.81 16.58 10.17
N ALA A 418 8.18 15.54 10.74
CA ALA A 418 8.85 14.54 11.58
C ALA A 418 9.88 13.74 10.78
N VAL A 419 9.52 13.35 9.53
CA VAL A 419 10.46 12.65 8.61
C VAL A 419 11.71 13.53 8.37
N GLU A 420 11.48 14.78 7.91
CA GLU A 420 12.57 15.73 7.58
C GLU A 420 13.36 16.17 8.82
N ALA A 421 12.73 16.07 9.99
CA ALA A 421 13.41 16.24 11.28
C ALA A 421 14.43 15.12 11.52
N VAL A 422 14.09 13.87 11.09
CA VAL A 422 15.02 12.71 11.19
C VAL A 422 16.09 12.85 10.10
N LEU A 423 15.71 13.40 8.93
CA LEU A 423 16.62 13.60 7.79
C LEU A 423 17.75 14.58 8.14
N ALA A 424 17.39 15.65 8.87
CA ALA A 424 18.36 16.64 9.39
C ALA A 424 19.36 16.02 10.39
N LYS A 425 19.04 14.81 10.90
CA LYS A 425 19.90 14.04 11.83
C LYS A 425 20.65 12.93 11.07
N ALA A 426 19.99 12.37 10.04
CA ALA A 426 20.44 11.17 9.32
C ALA A 426 21.45 11.49 8.21
N LYS A 427 22.20 10.46 7.79
CA LYS A 427 23.15 10.52 6.67
C LYS A 427 22.39 10.56 5.33
N VAL A 428 21.88 11.74 4.98
CA VAL A 428 21.12 11.97 3.74
C VAL A 428 22.04 12.54 2.66
N THR A 429 22.32 11.72 1.64
CA THR A 429 23.15 12.12 0.49
C THR A 429 22.26 12.77 -0.61
N GLU A 430 22.33 14.12 -0.68
CA GLU A 430 21.56 14.92 -1.65
C GLU A 430 22.30 14.99 -2.99
N LYS A 431 21.60 14.68 -4.08
CA LYS A 431 22.15 14.71 -5.45
C LYS A 431 21.12 15.31 -6.41
N GLU A 432 21.59 15.90 -7.51
CA GLU A 432 20.72 16.38 -8.61
C GLU A 432 20.88 15.45 -9.82
N THR A 433 19.74 15.02 -10.41
CA THR A 433 19.74 13.97 -11.44
C THR A 433 18.45 14.03 -12.30
N THR A 434 18.42 13.22 -13.38
CA THR A 434 17.31 13.17 -14.35
C THR A 434 16.25 12.11 -13.95
N PHE A 435 15.08 12.15 -14.64
CA PHE A 435 13.93 11.22 -14.43
C PHE A 435 14.33 9.73 -14.54
N ASN A 436 15.41 9.47 -15.32
CA ASN A 436 16.03 8.12 -15.48
C ASN A 436 16.43 7.46 -14.13
N GLU A 437 16.61 8.28 -13.09
CA GLU A 437 16.96 7.81 -11.74
C GLU A 437 15.80 7.07 -11.06
N LEU A 438 14.70 7.81 -10.82
CA LEU A 438 13.76 7.49 -9.73
C LEU A 438 12.93 6.21 -10.00
N MET A 439 11.87 6.30 -10.84
CA MET A 439 11.00 5.14 -11.14
C MET A 439 11.56 4.34 -12.32
N ASN A 440 12.40 5.00 -13.15
CA ASN A 440 12.92 4.44 -14.42
C ASN A 440 14.04 3.39 -14.17
N GLN A 441 14.08 2.81 -12.95
CA GLN A 441 14.93 1.65 -12.63
C GLN A 441 14.24 0.40 -13.21
N GLN A 442 14.45 0.18 -14.51
CA GLN A 442 13.82 -0.91 -15.28
C GLN A 442 14.78 -2.11 -15.35
N ALA A 443 15.43 -2.37 -14.20
CA ALA A 443 16.46 -3.40 -14.06
C ALA A 443 16.53 -3.82 -12.58
N VAL B 8 26.07 -51.77 -23.85
CA VAL B 8 26.40 -50.88 -24.99
C VAL B 8 25.11 -50.27 -25.58
N ASP B 9 24.59 -49.22 -24.91
CA ASP B 9 23.35 -48.51 -25.32
C ASP B 9 23.59 -47.00 -25.15
N LEU B 10 24.64 -46.51 -25.81
CA LEU B 10 25.04 -45.09 -25.75
C LEU B 10 24.09 -44.26 -26.63
N ASP B 11 23.54 -44.92 -27.66
CA ASP B 11 22.63 -44.35 -28.65
C ASP B 11 21.30 -43.87 -28.03
N GLU B 12 20.99 -44.32 -26.80
CA GLU B 12 19.80 -43.88 -26.05
C GLU B 12 20.09 -42.55 -25.31
N ALA B 13 21.29 -42.46 -24.72
CA ALA B 13 21.72 -41.29 -23.94
C ALA B 13 21.98 -40.06 -24.85
N VAL B 14 22.41 -40.33 -26.09
CA VAL B 14 22.74 -39.29 -27.10
C VAL B 14 21.62 -39.15 -28.15
N GLN B 15 20.53 -39.96 -27.99
CA GLN B 15 19.48 -40.27 -29.01
C GLN B 15 19.24 -39.16 -30.05
N ARG B 16 18.70 -38.01 -29.62
CA ARG B 16 18.48 -36.87 -30.50
C ARG B 16 19.61 -35.85 -30.24
N ALA B 17 19.52 -35.08 -29.14
CA ALA B 17 20.67 -34.39 -28.53
C ALA B 17 21.05 -35.12 -27.24
N LEU B 18 20.22 -34.95 -26.20
CA LEU B 18 20.24 -35.78 -24.98
C LEU B 18 19.02 -36.71 -25.03
N GLU B 19 17.83 -36.11 -24.83
CA GLU B 19 16.52 -36.78 -24.98
C GLU B 19 15.91 -36.32 -26.32
N PHE B 20 15.38 -35.08 -26.34
CA PHE B 20 15.03 -34.36 -27.59
C PHE B 20 16.13 -33.33 -27.85
N ALA B 21 16.06 -32.19 -27.15
CA ALA B 21 17.23 -31.38 -26.85
C ALA B 21 17.58 -31.74 -25.41
N LYS B 22 16.85 -31.15 -24.45
CA LYS B 22 16.66 -31.71 -23.11
C LYS B 22 15.21 -32.23 -23.04
N LYS B 23 14.26 -31.33 -22.69
CA LYS B 23 12.84 -31.68 -22.56
C LYS B 23 11.96 -30.44 -22.85
N GLU B 24 10.99 -30.62 -23.78
CA GLU B 24 10.02 -29.60 -24.21
C GLU B 24 10.67 -28.31 -24.75
N GLY B 25 9.85 -27.27 -24.99
CA GLY B 25 10.32 -26.01 -25.59
C GLY B 25 9.69 -24.78 -24.95
N ASN B 26 9.69 -23.65 -25.69
CA ASN B 26 9.22 -22.33 -25.21
C ASN B 26 9.19 -21.32 -26.40
N THR B 27 8.51 -20.17 -26.21
CA THR B 27 8.44 -19.07 -27.19
C THR B 27 9.87 -18.57 -27.59
N LEU B 28 10.68 -18.28 -26.57
CA LEU B 28 12.10 -17.91 -26.73
C LEU B 28 12.85 -18.69 -25.64
N VAL B 29 13.44 -19.83 -26.02
CA VAL B 29 13.93 -20.82 -25.06
C VAL B 29 15.18 -20.34 -24.27
N ILE B 30 14.91 -19.85 -23.05
CA ILE B 30 15.88 -19.73 -21.95
C ILE B 30 15.12 -20.02 -20.65
N VAL B 31 15.83 -20.42 -19.59
CA VAL B 31 15.23 -20.65 -18.27
C VAL B 31 15.05 -19.28 -17.59
N THR B 32 13.79 -18.86 -17.46
CA THR B 32 13.44 -17.52 -16.99
C THR B 32 13.86 -17.31 -15.51
N ALA B 33 15.00 -16.61 -15.33
CA ALA B 33 15.48 -16.17 -14.03
C ALA B 33 14.90 -14.78 -13.72
N ASP B 34 14.65 -14.52 -12.43
CA ASP B 34 14.27 -13.18 -11.97
C ASP B 34 15.52 -12.28 -11.89
N HIS B 35 15.28 -10.98 -11.81
CA HIS B 35 16.30 -9.97 -11.54
C HIS B 35 15.69 -8.95 -10.59
N ALA B 36 15.52 -9.39 -9.34
CA ALA B 36 14.78 -8.66 -8.30
C ALA B 36 15.56 -7.45 -7.73
N HIS B 37 15.63 -6.37 -8.54
CA HIS B 37 16.04 -5.04 -8.07
C HIS B 37 14.87 -4.07 -8.34
N ALA B 38 14.67 -3.75 -9.65
CA ALA B 38 13.60 -2.83 -10.12
C ALA B 38 13.72 -1.44 -9.46
N SER B 39 12.61 -0.66 -9.42
CA SER B 39 12.53 0.59 -8.65
C SER B 39 12.35 0.31 -7.13
N GLN B 40 12.27 -0.99 -6.77
CA GLN B 40 12.18 -1.44 -5.39
C GLN B 40 13.54 -1.25 -4.70
N ILE B 41 13.67 -0.15 -3.95
CA ILE B 41 14.88 0.19 -3.18
C ILE B 41 15.08 -0.81 -2.02
N VAL B 42 16.34 -0.93 -1.56
CA VAL B 42 16.71 -1.85 -0.46
C VAL B 42 16.06 -1.38 0.86
N ALA B 43 14.87 -1.95 1.14
CA ALA B 43 14.06 -1.62 2.32
C ALA B 43 13.31 -2.88 2.84
N PRO B 44 12.45 -3.60 2.00
CA PRO B 44 11.80 -4.84 2.49
C PRO B 44 12.76 -6.06 2.43
N ASP B 45 12.28 -7.23 2.86
CA ASP B 45 13.03 -8.50 2.75
C ASP B 45 12.88 -9.04 1.30
N THR B 46 11.73 -9.73 1.03
CA THR B 46 11.31 -10.20 -0.31
C THR B 46 12.47 -10.92 -1.08
N LYS B 47 13.19 -11.81 -0.36
CA LYS B 47 14.37 -12.53 -0.93
C LYS B 47 13.98 -13.50 -2.06
N ALA B 48 12.73 -13.99 -2.04
CA ALA B 48 12.12 -14.76 -3.14
C ALA B 48 10.77 -14.11 -3.53
N PRO B 49 10.78 -13.10 -4.47
CA PRO B 49 9.54 -12.41 -4.93
C PRO B 49 8.72 -13.26 -5.92
N GLY B 50 9.42 -14.08 -6.72
CA GLY B 50 8.81 -14.75 -7.87
C GLY B 50 8.43 -13.72 -8.94
N LEU B 51 7.13 -13.38 -9.00
CA LEU B 51 6.56 -12.32 -9.86
C LEU B 51 6.81 -12.60 -11.37
N THR B 52 5.74 -12.97 -12.10
CA THR B 52 5.83 -13.33 -13.52
C THR B 52 5.95 -12.06 -14.40
N GLN B 53 7.21 -11.55 -14.49
CA GLN B 53 7.63 -10.43 -15.36
C GLN B 53 7.16 -9.05 -14.82
N ALA B 54 5.82 -8.85 -14.75
CA ALA B 54 5.18 -7.57 -14.37
C ALA B 54 5.40 -6.48 -15.45
N LEU B 55 5.07 -5.22 -15.14
CA LEU B 55 5.21 -4.10 -16.09
C LEU B 55 5.95 -2.94 -15.41
N ASN B 56 7.29 -3.00 -15.49
CA ASN B 56 8.23 -1.95 -15.03
C ASN B 56 8.13 -1.68 -13.51
N THR B 57 7.17 -0.82 -13.12
CA THR B 57 6.95 -0.44 -11.72
C THR B 57 5.54 0.21 -11.57
N LYS B 58 5.33 1.37 -12.24
CA LYS B 58 4.05 2.11 -12.17
C LYS B 58 3.20 1.74 -13.40
N ASP B 59 1.96 1.31 -13.15
CA ASP B 59 1.03 0.84 -14.19
C ASP B 59 -0.40 1.29 -13.84
N GLY B 60 -0.90 0.83 -12.68
CA GLY B 60 -2.23 1.21 -12.19
C GLY B 60 -2.30 2.69 -11.80
N ALA B 61 -3.08 3.48 -12.55
CA ALA B 61 -3.14 4.94 -12.40
C ALA B 61 -4.45 5.49 -12.97
N VAL B 62 -4.63 5.30 -14.30
CA VAL B 62 -5.82 5.82 -15.03
C VAL B 62 -7.02 4.87 -14.89
N MET B 63 -6.77 3.67 -14.35
CA MET B 63 -7.81 2.69 -14.00
C MET B 63 -7.54 2.13 -12.60
N VAL B 64 -8.62 1.89 -11.83
CA VAL B 64 -8.54 1.36 -10.46
C VAL B 64 -8.72 -0.18 -10.45
N MET B 65 -9.22 -0.70 -11.59
CA MET B 65 -9.54 -2.14 -11.80
C MET B 65 -10.73 -2.58 -10.91
N SER B 66 -11.64 -1.64 -10.62
CA SER B 66 -12.79 -1.86 -9.71
C SER B 66 -13.95 -0.90 -10.03
N TYR B 67 -15.16 -1.24 -9.51
CA TYR B 67 -16.43 -0.49 -9.69
C TYR B 67 -16.76 -0.23 -11.17
N GLY B 68 -16.14 0.81 -11.73
CA GLY B 68 -16.33 1.24 -13.10
C GLY B 68 -15.60 2.55 -13.34
N ASN B 69 -14.53 2.76 -12.57
CA ASN B 69 -13.85 4.06 -12.45
C ASN B 69 -12.59 4.09 -13.35
N SER B 70 -12.74 4.70 -14.53
CA SER B 70 -11.63 4.99 -15.46
C SER B 70 -11.95 6.28 -16.25
N GLU B 71 -12.82 6.15 -17.29
CA GLU B 71 -13.30 7.29 -18.10
C GLU B 71 -14.24 8.14 -17.23
N GLU B 72 -14.18 9.48 -17.39
CA GLU B 72 -15.00 10.45 -16.62
C GLU B 72 -16.51 10.16 -16.68
N ASP B 73 -16.93 9.47 -17.76
CA ASP B 73 -18.31 9.00 -17.96
C ASP B 73 -18.79 8.18 -16.75
N SER B 74 -18.01 7.14 -16.42
CA SER B 74 -18.34 6.18 -15.35
C SER B 74 -17.43 6.37 -14.10
N GLN B 75 -16.53 7.39 -14.15
CA GLN B 75 -15.66 7.77 -13.03
C GLN B 75 -16.48 8.49 -11.95
N GLU B 76 -17.49 9.28 -12.40
CA GLU B 76 -18.42 9.97 -11.50
C GLU B 76 -19.33 8.96 -10.76
N HIS B 77 -19.94 9.40 -9.64
CA HIS B 77 -20.65 8.54 -8.66
C HIS B 77 -19.69 7.55 -7.97
N THR B 78 -19.25 6.53 -8.74
CA THR B 78 -18.27 5.54 -8.27
C THR B 78 -16.83 6.10 -8.43
N GLY B 79 -16.58 7.27 -7.80
CA GLY B 79 -15.27 7.91 -7.79
C GLY B 79 -14.37 7.33 -6.72
N SER B 80 -14.09 6.03 -6.85
CA SER B 80 -13.34 5.27 -5.87
C SER B 80 -12.05 4.74 -6.56
N GLN B 81 -10.95 5.47 -6.33
CA GLN B 81 -9.61 5.17 -6.90
C GLN B 81 -8.52 5.75 -5.97
N LEU B 82 -8.90 6.03 -4.70
CA LEU B 82 -8.05 6.69 -3.68
C LEU B 82 -7.70 8.13 -4.08
N ARG B 83 -8.64 8.80 -4.78
CA ARG B 83 -8.55 10.25 -5.12
C ARG B 83 -8.50 11.08 -3.84
N ILE B 84 -7.40 11.87 -3.70
CA ILE B 84 -7.08 12.75 -2.54
C ILE B 84 -7.28 12.02 -1.17
N ALA B 85 -6.15 11.59 -0.56
CA ALA B 85 -6.13 10.63 0.55
C ALA B 85 -6.27 11.28 1.93
N ALA B 86 -6.67 10.45 2.91
CA ALA B 86 -6.90 10.87 4.31
C ALA B 86 -6.73 9.66 5.26
N TYR B 87 -6.25 9.92 6.48
CA TYR B 87 -6.04 8.89 7.53
C TYR B 87 -7.37 8.54 8.22
N GLY B 88 -7.58 7.26 8.49
CA GLY B 88 -8.71 6.77 9.28
C GLY B 88 -8.22 6.06 10.55
N PRO B 89 -7.82 6.83 11.62
CA PRO B 89 -7.16 6.26 12.83
C PRO B 89 -8.11 5.48 13.75
N HIS B 90 -9.43 5.60 13.50
CA HIS B 90 -10.55 5.17 14.40
C HIS B 90 -10.88 6.27 15.42
N ALA B 91 -12.20 6.40 15.72
CA ALA B 91 -12.76 7.32 16.74
C ALA B 91 -12.57 8.80 16.37
N ALA B 92 -12.92 9.71 17.31
CA ALA B 92 -12.94 11.16 17.09
C ALA B 92 -11.55 11.81 17.35
N ASN B 93 -10.50 11.22 16.75
CA ASN B 93 -9.09 11.68 16.81
C ASN B 93 -8.55 11.69 18.27
N VAL B 94 -8.89 12.74 19.03
CA VAL B 94 -8.52 12.90 20.44
C VAL B 94 -9.27 11.86 21.29
N VAL B 95 -10.55 11.59 20.88
CA VAL B 95 -11.52 10.71 21.58
C VAL B 95 -12.10 11.41 22.82
N GLY B 96 -11.18 11.86 23.70
CA GLY B 96 -11.52 12.59 24.91
C GLY B 96 -10.38 12.52 25.88
N LEU B 97 -9.94 11.29 26.16
CA LEU B 97 -8.78 11.01 27.01
C LEU B 97 -7.53 10.96 26.13
N THR B 98 -6.73 12.02 26.19
CA THR B 98 -5.34 12.05 25.69
C THR B 98 -4.40 12.35 26.88
N ASP B 99 -4.95 13.11 27.87
CA ASP B 99 -4.25 13.55 29.10
C ASP B 99 -2.98 14.37 28.77
N GLN B 100 -1.90 13.65 28.51
CA GLN B 100 -0.61 14.22 28.13
C GLN B 100 0.17 13.13 27.40
N THR B 101 -0.07 13.04 26.08
CA THR B 101 0.77 12.23 25.18
C THR B 101 2.14 12.95 24.98
N ASP B 102 2.16 14.23 25.45
CA ASP B 102 3.36 15.07 25.63
C ASP B 102 3.81 15.67 24.27
N LEU B 103 2.94 15.54 23.25
CA LEU B 103 3.13 16.18 21.93
C LEU B 103 2.53 17.59 21.91
N PHE B 104 2.90 18.38 20.89
CA PHE B 104 2.51 19.80 20.76
C PHE B 104 1.32 19.97 19.79
N TYR B 105 0.86 18.84 19.21
CA TYR B 105 -0.35 18.77 18.38
C TYR B 105 -0.74 17.29 18.24
N THR B 106 -2.05 16.98 18.38
CA THR B 106 -2.57 15.60 18.36
C THR B 106 -2.33 14.93 16.99
N MET B 107 -1.27 14.10 16.94
CA MET B 107 -1.03 13.18 15.81
C MET B 107 -1.94 11.96 15.98
N LYS B 108 -2.80 11.72 14.98
CA LYS B 108 -3.72 10.57 14.95
C LYS B 108 -3.51 9.79 13.64
N ALA B 109 -2.41 9.03 13.58
CA ALA B 109 -2.11 8.09 12.47
C ALA B 109 -2.95 6.81 12.66
N ALA B 110 -3.02 6.38 13.93
CA ALA B 110 -3.61 5.11 14.37
C ALA B 110 -4.12 5.27 15.81
N LEU B 111 -5.25 4.61 16.14
CA LEU B 111 -5.88 4.68 17.48
C LEU B 111 -6.76 3.42 17.68
N GLY B 112 -6.66 2.79 18.87
CA GLY B 112 -7.37 1.54 19.16
C GLY B 112 -8.77 1.76 19.73
N LEU B 113 -9.10 0.98 20.79
CA LEU B 113 -10.37 0.99 21.58
C LEU B 113 -11.65 0.56 20.80
N LYS B 114 -11.72 0.81 19.47
CA LYS B 114 -12.90 0.49 18.65
C LYS B 114 -12.47 0.37 17.16
N MET A 12 -17.32 -0.17 44.34
CA MET A 12 -16.50 -0.88 43.31
C MET A 12 -15.07 -1.07 43.81
N GLN A 13 -14.44 -2.17 43.36
CA GLN A 13 -13.03 -2.49 43.63
C GLN A 13 -12.33 -2.75 42.28
N VAL A 14 -11.08 -2.32 42.14
CA VAL A 14 -10.28 -2.52 40.91
C VAL A 14 -8.93 -3.18 41.26
N SER A 15 -8.36 -3.93 40.29
CA SER A 15 -7.10 -4.67 40.47
C SER A 15 -6.31 -4.72 39.16
N VAL A 16 -5.30 -3.84 39.04
CA VAL A 16 -4.44 -3.75 37.84
C VAL A 16 -3.35 -4.85 37.91
N GLU A 17 -3.23 -5.64 36.82
CA GLU A 17 -2.27 -6.75 36.70
C GLU A 17 -1.61 -6.69 35.31
N THR A 18 -0.41 -6.10 35.24
CA THR A 18 0.34 -6.01 33.98
C THR A 18 0.98 -7.39 33.68
N THR A 19 0.27 -8.21 32.89
CA THR A 19 0.62 -9.61 32.63
C THR A 19 1.93 -9.74 31.84
N GLN A 20 2.13 -8.84 30.85
CA GLN A 20 3.39 -8.77 30.07
C GLN A 20 3.39 -7.49 29.20
N GLY A 21 4.17 -6.49 29.65
CA GLY A 21 4.41 -5.25 28.89
C GLY A 21 3.16 -4.41 28.69
N LEU A 22 2.58 -4.52 27.48
CA LEU A 22 1.32 -3.83 27.11
C LEU A 22 0.13 -4.55 27.73
N GLY A 23 0.20 -5.91 27.72
CA GLY A 23 -0.85 -6.76 28.25
C GLY A 23 -1.14 -6.44 29.72
N ARG A 24 -2.26 -5.74 29.95
CA ARG A 24 -2.65 -5.23 31.25
C ARG A 24 -4.13 -5.52 31.51
N ARG A 25 -4.38 -6.25 32.59
CA ARG A 25 -5.71 -6.59 33.09
C ARG A 25 -6.13 -5.56 34.14
N VAL A 26 -7.43 -5.26 34.21
CA VAL A 26 -8.04 -4.54 35.34
C VAL A 26 -9.25 -5.36 35.81
N THR A 27 -9.01 -6.23 36.81
CA THR A 27 -10.05 -7.03 37.45
C THR A 27 -10.90 -6.12 38.35
N ILE A 28 -12.14 -5.86 37.93
CA ILE A 28 -13.07 -5.00 38.68
C ILE A 28 -14.16 -5.85 39.33
N THR A 29 -14.31 -5.73 40.65
CA THR A 29 -15.42 -6.33 41.41
C THR A 29 -16.48 -5.23 41.70
N ILE A 30 -17.58 -5.30 40.95
CA ILE A 30 -18.75 -4.41 41.14
C ILE A 30 -19.58 -4.95 42.31
N ALA A 31 -19.62 -4.18 43.42
CA ALA A 31 -20.31 -4.60 44.65
C ALA A 31 -21.84 -4.70 44.46
N ALA A 32 -22.50 -5.45 45.36
CA ALA A 32 -23.95 -5.74 45.31
C ALA A 32 -24.79 -4.44 45.37
N ASP A 33 -24.33 -3.47 46.17
CA ASP A 33 -24.96 -2.14 46.30
C ASP A 33 -24.85 -1.35 44.98
N SER A 34 -23.72 -1.53 44.28
CA SER A 34 -23.44 -0.85 43.01
C SER A 34 -24.35 -1.39 41.89
N ILE A 35 -24.60 -2.71 41.95
CA ILE A 35 -25.49 -3.42 41.02
C ILE A 35 -26.95 -3.02 41.29
N GLU A 36 -27.32 -2.97 42.57
CA GLU A 36 -28.71 -2.65 42.99
C GLU A 36 -29.11 -1.22 42.58
N THR A 37 -28.19 -0.25 42.74
CA THR A 37 -28.41 1.13 42.29
C THR A 37 -28.74 1.14 40.79
N ALA A 38 -27.94 0.37 40.03
CA ALA A 38 -28.05 0.29 38.58
C ALA A 38 -29.39 -0.33 38.14
N VAL A 39 -29.81 -1.45 38.81
CA VAL A 39 -31.07 -2.17 38.47
C VAL A 39 -32.28 -1.25 38.66
N LYS A 40 -32.40 -0.70 39.87
CA LYS A 40 -33.54 0.14 40.27
C LYS A 40 -33.65 1.41 39.40
N SER A 41 -32.49 2.03 39.11
CA SER A 41 -32.39 3.26 38.29
C SER A 41 -32.50 2.96 36.78
N GLU A 42 -32.41 1.66 36.40
CA GLU A 42 -32.52 1.24 34.99
C GLU A 42 -33.99 0.98 34.62
N LEU A 43 -34.71 0.31 35.53
CA LEU A 43 -36.10 -0.12 35.32
C LEU A 43 -37.09 1.06 35.30
N VAL A 44 -36.70 2.18 35.95
CA VAL A 44 -37.49 3.41 35.91
C VAL A 44 -37.43 4.04 34.49
N ASN A 45 -36.27 3.86 33.82
CA ASN A 45 -36.06 4.33 32.42
C ASN A 45 -36.91 3.49 31.46
N VAL A 46 -36.91 2.16 31.70
CA VAL A 46 -37.72 1.20 30.95
C VAL A 46 -39.22 1.50 31.17
N ALA A 47 -39.58 1.86 32.41
CA ALA A 47 -40.96 2.19 32.81
C ALA A 47 -41.46 3.43 32.07
N LYS A 48 -40.56 4.43 31.88
CA LYS A 48 -40.88 5.68 31.14
C LYS A 48 -41.13 5.39 29.64
N LYS A 49 -40.45 4.37 29.12
CA LYS A 49 -40.53 3.98 27.70
C LYS A 49 -41.84 3.23 27.41
N VAL A 50 -42.19 2.26 28.28
CA VAL A 50 -43.45 1.48 28.15
C VAL A 50 -44.63 2.28 28.77
N ARG A 51 -44.30 3.44 29.40
CA ARG A 51 -45.25 4.40 30.03
C ARG A 51 -45.81 3.87 31.36
N ILE A 52 -45.24 2.74 31.86
CA ILE A 52 -45.63 2.09 33.12
C ILE A 52 -45.33 3.02 34.34
N ASP A 53 -44.40 3.97 34.16
CA ASP A 53 -44.02 4.96 35.22
C ASP A 53 -45.23 5.82 35.64
N GLY A 54 -46.10 6.11 34.65
CA GLY A 54 -47.34 6.87 34.88
C GLY A 54 -48.44 5.99 35.44
N PHE A 55 -48.53 4.74 34.94
CA PHE A 55 -49.51 3.75 35.42
C PHE A 55 -49.17 3.24 36.84
N ARG A 56 -47.91 3.48 37.25
CA ARG A 56 -47.45 3.22 38.61
C ARG A 56 -47.98 4.34 39.53
N LYS A 57 -48.99 4.02 40.33
CA LYS A 57 -49.68 4.99 41.21
C LYS A 57 -48.94 5.16 42.57
N GLY A 58 -47.70 4.64 42.66
CA GLY A 58 -46.87 4.76 43.87
C GLY A 58 -47.01 3.55 44.80
N LYS A 59 -48.25 2.99 44.82
CA LYS A 59 -48.66 1.87 45.72
C LYS A 59 -47.68 0.68 45.64
N VAL A 60 -47.16 0.42 44.42
CA VAL A 60 -46.15 -0.62 44.18
C VAL A 60 -44.75 0.03 44.31
N PRO A 61 -43.96 -0.28 45.37
CA PRO A 61 -42.55 0.18 45.50
C PRO A 61 -41.65 -0.41 44.39
N MET A 62 -40.76 0.44 43.85
CA MET A 62 -39.89 0.07 42.72
C MET A 62 -38.84 -0.99 43.16
N ASN A 63 -38.51 -1.02 44.47
CA ASN A 63 -37.56 -2.01 45.01
C ASN A 63 -38.11 -3.44 44.89
N ILE A 64 -39.44 -3.58 45.03
CA ILE A 64 -40.12 -4.87 44.95
C ILE A 64 -40.04 -5.43 43.52
N VAL A 65 -40.31 -4.59 42.51
CA VAL A 65 -40.25 -5.02 41.09
C VAL A 65 -38.79 -5.18 40.61
N ALA A 66 -37.84 -4.51 41.30
CA ALA A 66 -36.41 -4.55 40.95
C ALA A 66 -35.77 -5.88 41.36
N GLN A 67 -36.06 -6.31 42.59
CA GLN A 67 -35.52 -7.57 43.16
C GLN A 67 -36.19 -8.81 42.55
N ARG A 68 -37.46 -8.65 42.10
CA ARG A 68 -38.25 -9.76 41.54
C ARG A 68 -38.08 -9.83 40.00
N TYR A 69 -38.67 -8.87 39.28
CA TYR A 69 -38.82 -8.94 37.81
C TYR A 69 -37.57 -8.44 37.10
N GLY A 70 -36.91 -7.43 37.69
CA GLY A 70 -35.68 -6.85 37.16
C GLY A 70 -34.47 -7.74 37.35
N ALA A 71 -34.60 -8.77 38.21
CA ALA A 71 -33.54 -9.74 38.52
C ALA A 71 -33.21 -10.66 37.31
N SER A 72 -34.07 -10.62 36.27
CA SER A 72 -33.82 -11.29 34.98
C SER A 72 -32.90 -10.39 34.11
N VAL A 73 -33.19 -9.07 34.11
CA VAL A 73 -32.41 -8.06 33.39
C VAL A 73 -31.05 -7.87 34.08
N ARG A 74 -30.07 -8.69 33.67
CA ARG A 74 -28.69 -8.65 34.20
C ARG A 74 -27.75 -8.01 33.17
N GLN A 75 -27.99 -8.33 31.88
CA GLN A 75 -27.09 -7.96 30.77
C GLN A 75 -26.95 -6.44 30.61
N ASP A 76 -28.09 -5.74 30.65
CA ASP A 76 -28.15 -4.26 30.52
C ASP A 76 -27.45 -3.59 31.71
N VAL A 77 -27.82 -4.05 32.91
CA VAL A 77 -27.31 -3.54 34.18
C VAL A 77 -25.78 -3.66 34.26
N LEU A 78 -25.30 -4.92 34.24
CA LEU A 78 -23.87 -5.26 34.38
C LEU A 78 -23.05 -4.72 33.19
N GLY A 79 -23.64 -4.80 31.97
CA GLY A 79 -22.97 -4.37 30.73
C GLY A 79 -22.59 -2.90 30.73
N ASP A 80 -23.51 -2.06 31.25
CA ASP A 80 -23.30 -0.60 31.36
C ASP A 80 -22.40 -0.29 32.58
N LEU A 81 -22.59 -1.05 33.67
CA LEU A 81 -21.75 -0.99 34.90
C LEU A 81 -20.27 -1.18 34.57
N MET A 82 -19.98 -2.17 33.68
CA MET A 82 -18.59 -2.50 33.26
C MET A 82 -17.91 -1.27 32.64
N SER A 83 -18.67 -0.56 31.80
CA SER A 83 -18.18 0.62 31.08
C SER A 83 -17.95 1.81 32.04
N ARG A 84 -18.91 2.03 32.97
CA ARG A 84 -18.84 3.18 33.91
C ARG A 84 -17.71 3.02 34.93
N ASN A 85 -17.47 1.77 35.36
CA ASN A 85 -16.40 1.43 36.33
C ASN A 85 -15.02 1.56 35.66
N PHE A 86 -14.96 1.15 34.37
CA PHE A 86 -13.72 1.15 33.59
C PHE A 86 -13.25 2.58 33.29
N ILE A 87 -14.18 3.42 32.77
CA ILE A 87 -13.87 4.81 32.35
C ILE A 87 -13.41 5.65 33.55
N ASP A 88 -13.98 5.36 34.74
CA ASP A 88 -13.60 6.03 36.00
C ASP A 88 -12.13 5.72 36.36
N ALA A 89 -11.81 4.43 36.37
CA ALA A 89 -10.48 3.91 36.78
C ALA A 89 -9.35 4.38 35.85
N ILE A 90 -9.63 4.46 34.53
CA ILE A 90 -8.59 4.77 33.52
C ILE A 90 -8.20 6.27 33.53
N ILE A 91 -9.15 7.17 33.85
CA ILE A 91 -8.89 8.63 33.90
C ILE A 91 -7.94 8.97 35.07
N LYS A 92 -8.29 8.47 36.27
CA LYS A 92 -7.57 8.80 37.52
C LYS A 92 -6.20 8.09 37.58
N GLU A 93 -6.20 6.75 37.35
CA GLU A 93 -4.99 5.91 37.48
C GLU A 93 -4.15 5.93 36.19
N LYS A 94 -4.66 6.65 35.16
CA LYS A 94 -3.96 6.86 33.87
C LYS A 94 -3.76 5.53 33.13
N ILE A 95 -4.68 4.57 33.39
CA ILE A 95 -4.66 3.24 32.75
C ILE A 95 -5.06 3.41 31.27
N ASN A 96 -4.05 3.62 30.43
CA ASN A 96 -4.21 3.91 29.01
C ASN A 96 -4.69 2.65 28.24
N PRO A 97 -5.99 2.61 27.80
CA PRO A 97 -6.56 1.41 27.15
C PRO A 97 -6.18 1.31 25.65
N ALA A 98 -5.91 0.07 25.19
CA ALA A 98 -5.51 -0.22 23.80
C ALA A 98 -5.85 -1.66 23.42
N GLY A 99 -5.48 -2.04 22.19
CA GLY A 99 -5.79 -3.36 21.64
C GLY A 99 -7.29 -3.53 21.41
N ALA A 100 -7.88 -4.52 22.09
CA ALA A 100 -9.34 -4.73 22.11
C ALA A 100 -9.71 -5.25 23.52
N PRO A 101 -10.23 -4.35 24.42
CA PRO A 101 -10.55 -4.70 25.84
C PRO A 101 -11.53 -5.88 25.95
N THR A 102 -10.99 -7.03 26.37
CA THR A 102 -11.76 -8.24 26.60
C THR A 102 -12.26 -8.24 28.05
N TYR A 103 -13.55 -7.88 28.23
CA TYR A 103 -14.20 -7.90 29.55
C TYR A 103 -14.56 -9.35 29.89
N VAL A 104 -13.54 -10.14 30.28
CA VAL A 104 -13.68 -11.56 30.62
C VAL A 104 -14.71 -11.70 31.76
N PRO A 105 -15.91 -12.32 31.52
CA PRO A 105 -16.95 -12.48 32.55
C PRO A 105 -16.45 -13.51 33.59
N GLY A 106 -15.81 -13.00 34.66
CA GLY A 106 -15.21 -13.83 35.71
C GLY A 106 -16.24 -14.71 36.39
N GLU A 107 -17.20 -14.05 37.05
CA GLU A 107 -18.31 -14.71 37.76
C GLU A 107 -19.37 -13.66 38.15
N TYR A 108 -20.62 -14.12 38.34
CA TYR A 108 -21.72 -13.27 38.84
C TYR A 108 -22.51 -14.05 39.89
N LYS A 109 -23.04 -13.30 40.88
CA LYS A 109 -23.91 -13.82 41.94
C LYS A 109 -25.21 -12.99 41.93
N LEU A 110 -26.36 -13.67 41.81
CA LEU A 110 -27.68 -13.03 41.65
C LEU A 110 -28.04 -12.16 42.86
N GLY A 111 -27.99 -10.83 42.67
CA GLY A 111 -28.28 -9.84 43.71
C GLY A 111 -27.08 -9.49 44.57
N GLU A 112 -26.01 -10.29 44.45
CA GLU A 112 -24.73 -10.09 45.16
C GLU A 112 -23.67 -9.58 44.15
N ASP A 113 -22.38 -9.61 44.56
CA ASP A 113 -21.26 -9.02 43.82
C ASP A 113 -21.02 -9.66 42.43
N PHE A 114 -20.39 -8.86 41.54
CA PHE A 114 -20.01 -9.25 40.17
C PHE A 114 -18.50 -9.03 40.01
N THR A 115 -17.83 -9.93 39.28
CA THR A 115 -16.39 -9.84 39.03
C THR A 115 -16.10 -10.15 37.55
N TYR A 116 -15.20 -9.37 36.95
CA TYR A 116 -14.79 -9.52 35.55
C TYR A 116 -13.38 -8.94 35.38
N SER A 117 -12.66 -9.41 34.35
CA SER A 117 -11.24 -9.13 34.15
C SER A 117 -11.03 -8.53 32.75
N VAL A 118 -10.93 -7.20 32.69
CA VAL A 118 -10.73 -6.48 31.42
C VAL A 118 -9.27 -6.63 30.99
N GLU A 119 -8.95 -7.58 30.10
CA GLU A 119 -7.59 -7.77 29.55
C GLU A 119 -7.46 -7.04 28.21
N PHE A 120 -6.52 -6.08 28.16
CA PHE A 120 -6.28 -5.21 27.00
C PHE A 120 -4.79 -4.88 26.94
N GLU A 121 -4.43 -3.88 26.11
CA GLU A 121 -3.03 -3.39 25.98
C GLU A 121 -2.95 -1.90 26.34
N VAL A 122 -1.73 -1.33 26.31
CA VAL A 122 -1.52 0.14 26.47
C VAL A 122 -0.83 0.72 25.22
N TYR A 123 -1.03 2.03 24.94
CA TYR A 123 -0.29 2.72 23.86
C TYR A 123 1.09 3.15 24.40
N PRO A 124 2.20 2.46 24.00
CA PRO A 124 3.54 2.69 24.58
C PRO A 124 4.35 3.79 23.85
N GLU A 125 5.20 4.47 24.63
CA GLU A 125 6.14 5.49 24.13
C GLU A 125 7.44 4.80 23.67
N VAL A 126 7.93 5.14 22.47
CA VAL A 126 9.05 4.40 21.83
C VAL A 126 10.42 4.93 22.28
N GLU A 127 11.42 4.02 22.28
CA GLU A 127 12.82 4.36 22.55
C GLU A 127 13.53 4.68 21.22
N LEU A 128 13.58 5.99 20.86
CA LEU A 128 14.32 6.46 19.67
C LEU A 128 15.83 6.21 19.83
N GLN A 129 16.47 5.76 18.74
CA GLN A 129 17.92 5.52 18.68
C GLN A 129 18.36 5.44 17.21
N GLY A 130 19.65 5.75 16.98
CA GLY A 130 20.28 5.61 15.66
C GLY A 130 19.63 6.45 14.58
N LEU A 131 19.09 7.63 14.96
CA LEU A 131 18.39 8.54 14.03
C LEU A 131 19.37 9.15 13.01
N GLU A 132 20.62 9.28 13.45
CA GLU A 132 21.75 9.72 12.62
C GLU A 132 22.18 8.59 11.68
N ALA A 133 22.06 7.35 12.19
CA ALA A 133 22.55 6.14 11.49
C ALA A 133 21.59 5.67 10.37
N ILE A 134 20.41 6.32 10.30
CA ILE A 134 19.43 6.08 9.24
C ILE A 134 19.96 6.65 7.91
N GLU A 135 20.09 5.77 6.91
CA GLU A 135 20.59 6.14 5.58
C GLU A 135 19.41 6.30 4.61
N VAL A 136 19.09 7.56 4.31
CA VAL A 136 18.04 7.96 3.36
C VAL A 136 18.72 8.47 2.08
N GLU A 137 18.00 8.49 0.96
CA GLU A 137 18.49 9.02 -0.32
C GLU A 137 17.53 10.10 -0.80
N LYS A 138 18.07 11.30 -1.09
CA LYS A 138 17.29 12.43 -1.63
C LYS A 138 17.67 12.63 -3.11
N PRO A 139 16.83 12.11 -4.06
CA PRO A 139 17.06 12.29 -5.49
C PRO A 139 16.53 13.66 -5.99
N ILE A 140 17.45 14.64 -6.09
CA ILE A 140 17.20 15.91 -6.79
C ILE A 140 17.04 15.59 -8.29
N VAL A 141 15.79 15.41 -8.71
CA VAL A 141 15.45 15.06 -10.08
C VAL A 141 14.50 16.10 -10.67
N GLU A 142 14.72 16.43 -11.94
CA GLU A 142 13.79 17.22 -12.75
C GLU A 142 13.74 16.60 -14.16
N VAL A 143 12.62 16.80 -14.86
CA VAL A 143 12.42 16.23 -16.21
C VAL A 143 13.13 17.16 -17.21
N THR A 144 14.45 16.95 -17.36
CA THR A 144 15.35 17.77 -18.19
C THR A 144 15.02 17.59 -19.68
N ASP A 145 15.71 18.33 -20.58
CA ASP A 145 15.49 18.25 -22.05
C ASP A 145 15.55 16.81 -22.56
N ALA A 146 16.58 16.08 -22.09
CA ALA A 146 16.82 14.67 -22.45
C ALA A 146 15.65 13.78 -22.00
N ASP A 147 15.13 14.05 -20.79
CA ASP A 147 14.00 13.28 -20.20
C ASP A 147 12.69 13.58 -20.94
N VAL A 148 12.46 14.88 -21.22
CA VAL A 148 11.27 15.38 -21.90
C VAL A 148 11.13 14.67 -23.25
N ASP A 149 12.12 14.87 -24.13
CA ASP A 149 12.06 14.37 -25.50
C ASP A 149 12.30 12.87 -25.57
N GLY A 150 13.12 12.34 -24.62
CA GLY A 150 13.43 10.89 -24.56
C GLY A 150 12.21 10.05 -24.18
N MET A 151 11.46 10.53 -23.17
CA MET A 151 10.28 9.83 -22.64
C MET A 151 9.05 10.05 -23.57
N LEU A 152 8.93 11.26 -24.14
CA LEU A 152 8.00 11.55 -25.29
C LEU A 152 8.27 10.61 -26.47
N ASP A 153 9.56 10.40 -26.74
CA ASP A 153 10.03 9.49 -27.82
C ASP A 153 9.62 8.05 -27.50
N THR A 154 9.74 7.67 -26.21
CA THR A 154 9.32 6.35 -25.71
C THR A 154 7.81 6.13 -25.91
N LEU A 155 6.99 7.14 -25.56
CA LEU A 155 5.52 7.13 -25.74
C LEU A 155 5.15 6.98 -27.23
N ARG A 156 5.85 7.78 -28.05
CA ARG A 156 5.76 7.76 -29.51
C ARG A 156 6.10 6.35 -30.07
N LYS A 157 7.09 5.69 -29.45
CA LYS A 157 7.52 4.33 -29.82
C LYS A 157 6.68 3.23 -29.16
N GLN A 158 5.86 3.60 -28.15
CA GLN A 158 4.80 2.72 -27.60
C GLN A 158 3.54 2.81 -28.48
N GLN A 159 3.40 3.94 -29.23
CA GLN A 159 2.34 4.11 -30.24
C GLN A 159 2.85 3.77 -31.66
N ALA A 160 4.07 3.22 -31.76
CA ALA A 160 4.73 2.92 -33.05
C ALA A 160 4.12 1.68 -33.75
N THR A 161 4.34 1.59 -35.06
CA THR A 161 3.81 0.50 -35.92
C THR A 161 4.99 -0.18 -36.65
N TRP A 162 4.81 -1.46 -37.06
CA TRP A 162 5.90 -2.28 -37.65
C TRP A 162 6.15 -1.90 -39.11
N LYS A 163 7.40 -2.12 -39.55
CA LYS A 163 7.86 -1.83 -40.91
C LYS A 163 9.00 -2.78 -41.28
N GLU A 164 8.71 -3.80 -42.13
CA GLU A 164 9.73 -4.73 -42.64
C GLU A 164 10.78 -3.97 -43.46
N LYS A 165 11.92 -3.65 -42.83
CA LYS A 165 13.00 -2.88 -43.47
C LYS A 165 13.84 -3.76 -44.39
N ASP A 166 14.74 -3.12 -45.17
CA ASP A 166 15.58 -3.82 -46.15
C ASP A 166 16.96 -4.14 -45.55
N GLY A 167 17.09 -5.39 -45.07
CA GLY A 167 18.38 -6.04 -44.82
C GLY A 167 19.34 -5.27 -43.90
N ALA A 168 18.84 -4.90 -42.71
CA ALA A 168 19.67 -4.27 -41.64
C ALA A 168 19.05 -4.56 -40.28
N VAL A 169 19.88 -4.85 -39.24
CA VAL A 169 19.41 -4.98 -37.84
C VAL A 169 20.11 -3.92 -36.98
N GLU A 170 19.31 -3.20 -36.18
CA GLU A 170 19.76 -2.08 -35.33
C GLU A 170 19.22 -2.29 -33.90
N ALA A 171 19.49 -1.30 -33.03
CA ALA A 171 19.26 -1.39 -31.58
C ALA A 171 17.76 -1.40 -31.19
N GLU A 172 16.91 -0.78 -32.03
CA GLU A 172 15.48 -0.55 -31.70
C GLU A 172 14.54 -1.31 -32.64
N ASP A 173 15.08 -2.27 -33.40
CA ASP A 173 14.32 -3.00 -34.44
C ASP A 173 13.44 -4.09 -33.82
N ARG A 174 12.20 -4.18 -34.30
CA ARG A 174 11.27 -5.25 -33.91
C ARG A 174 11.58 -6.45 -34.84
N VAL A 175 12.48 -7.31 -34.39
CA VAL A 175 12.97 -8.46 -35.16
C VAL A 175 12.09 -9.70 -34.86
N THR A 176 11.99 -10.60 -35.85
CA THR A 176 11.47 -11.95 -35.67
C THR A 176 12.48 -12.94 -36.30
N ILE A 177 12.89 -13.93 -35.49
CA ILE A 177 13.90 -14.93 -35.87
C ILE A 177 13.45 -16.33 -35.45
N ASP A 178 14.09 -17.34 -36.02
CA ASP A 178 14.00 -18.72 -35.55
C ASP A 178 15.40 -19.12 -35.09
N PHE A 179 15.54 -19.52 -33.82
CA PHE A 179 16.85 -19.85 -33.25
C PHE A 179 16.83 -21.22 -32.57
N THR A 180 18.03 -21.76 -32.39
CA THR A 180 18.27 -22.97 -31.62
C THR A 180 19.57 -22.75 -30.84
N GLY A 181 19.45 -22.66 -29.51
CA GLY A 181 20.57 -22.38 -28.64
C GLY A 181 21.40 -23.62 -28.35
N SER A 182 22.65 -23.41 -27.92
CA SER A 182 23.60 -24.48 -27.61
C SER A 182 24.55 -24.01 -26.50
N VAL A 183 24.42 -24.59 -25.31
CA VAL A 183 25.24 -24.20 -24.14
C VAL A 183 26.44 -25.11 -24.08
N ASP A 184 27.62 -24.50 -23.85
CA ASP A 184 28.95 -25.15 -23.77
C ASP A 184 29.27 -26.08 -24.98
N GLY A 185 28.54 -25.87 -26.11
CA GLY A 185 28.83 -26.54 -27.38
C GLY A 185 27.72 -27.44 -27.92
N GLU A 186 26.68 -27.75 -27.12
CA GLU A 186 25.61 -28.67 -27.55
C GLU A 186 24.23 -28.06 -27.34
N GLU A 187 23.28 -28.41 -28.23
CA GLU A 187 21.90 -27.95 -28.12
C GLU A 187 21.29 -28.48 -26.82
N PHE A 188 20.99 -27.58 -25.89
CA PHE A 188 20.44 -27.93 -24.58
C PHE A 188 18.98 -28.37 -24.72
N GLU A 189 18.51 -29.17 -23.73
CA GLU A 189 17.16 -29.76 -23.74
C GLU A 189 16.07 -28.67 -23.69
N GLY A 190 15.14 -28.73 -24.66
CA GLY A 190 14.08 -27.74 -24.82
C GLY A 190 14.61 -26.42 -25.34
N GLY A 191 15.76 -26.46 -26.02
CA GLY A 191 16.48 -25.24 -26.43
C GLY A 191 16.25 -24.82 -27.86
N LYS A 192 14.97 -24.79 -28.27
CA LYS A 192 14.55 -24.29 -29.59
C LYS A 192 13.33 -23.39 -29.47
N ALA A 193 13.23 -22.44 -30.40
CA ALA A 193 12.11 -21.50 -30.49
C ALA A 193 12.09 -20.86 -31.88
N SER A 194 11.32 -21.50 -32.79
CA SER A 194 11.09 -21.00 -34.14
C SER A 194 10.08 -19.84 -34.11
N ASP A 195 10.47 -18.71 -34.74
CA ASP A 195 9.62 -17.51 -34.93
C ASP A 195 9.37 -16.74 -33.62
N PHE A 196 10.41 -16.70 -32.76
CA PHE A 196 10.45 -15.80 -31.60
C PHE A 196 10.51 -14.33 -32.07
N VAL A 197 9.76 -13.46 -31.38
CA VAL A 197 9.64 -12.04 -31.70
C VAL A 197 10.47 -11.21 -30.70
N LEU A 198 11.57 -10.62 -31.18
CA LEU A 198 12.43 -9.75 -30.38
C LEU A 198 12.18 -8.25 -30.70
N ALA A 199 11.24 -7.64 -29.97
CA ALA A 199 10.99 -6.17 -30.02
C ALA A 199 12.07 -5.47 -29.18
N MET A 200 13.18 -5.10 -29.86
CA MET A 200 14.37 -4.53 -29.23
C MET A 200 14.16 -3.06 -28.74
N GLY A 201 15.14 -2.57 -27.96
CA GLY A 201 15.12 -1.23 -27.39
C GLY A 201 14.50 -1.17 -25.99
N GLN A 202 14.26 -2.33 -25.39
CA GLN A 202 13.78 -2.44 -23.98
C GLN A 202 14.52 -3.57 -23.25
N GLY A 203 14.50 -3.52 -21.90
CA GLY A 203 15.17 -4.51 -21.06
C GLY A 203 14.58 -5.92 -21.22
N ARG A 204 15.16 -6.68 -22.17
CA ARG A 204 14.69 -8.04 -22.52
C ARG A 204 15.80 -9.07 -22.32
N MET A 205 16.90 -8.91 -23.06
CA MET A 205 17.92 -9.96 -23.22
C MET A 205 19.09 -9.78 -22.29
N ILE A 206 19.68 -10.93 -21.89
CA ILE A 206 20.94 -10.98 -21.15
C ILE A 206 22.08 -10.34 -21.99
N PRO A 207 23.07 -9.64 -21.32
CA PRO A 207 24.17 -8.94 -22.02
C PRO A 207 24.94 -9.87 -22.99
N GLY A 208 24.84 -9.56 -24.29
CA GLY A 208 25.51 -10.32 -25.35
C GLY A 208 24.57 -10.73 -26.46
N PHE A 209 23.31 -11.09 -26.07
CA PHE A 209 22.32 -11.60 -27.02
C PHE A 209 21.86 -10.50 -27.97
N GLU A 210 21.14 -9.49 -27.44
CA GLU A 210 20.60 -8.37 -28.25
C GLU A 210 21.73 -7.51 -28.87
N ASP A 211 22.94 -7.63 -28.31
CA ASP A 211 24.17 -7.03 -28.87
C ASP A 211 24.61 -7.78 -30.14
N GLY A 212 24.49 -9.12 -30.07
CA GLY A 212 24.79 -10.01 -31.20
C GLY A 212 23.75 -9.90 -32.30
N ILE A 213 22.51 -9.50 -31.94
CA ILE A 213 21.40 -9.30 -32.89
C ILE A 213 21.65 -8.03 -33.74
N LYS A 214 21.92 -6.91 -33.04
CA LYS A 214 22.02 -5.55 -33.67
C LYS A 214 23.37 -5.30 -34.38
N GLY A 215 24.18 -6.36 -34.58
CA GLY A 215 25.50 -6.23 -35.17
C GLY A 215 25.57 -6.93 -36.52
N HIS A 216 24.38 -7.15 -37.11
CA HIS A 216 24.19 -7.94 -38.33
C HIS A 216 23.09 -7.33 -39.20
N LYS A 217 22.75 -8.01 -40.32
CA LYS A 217 21.77 -7.51 -41.31
C LYS A 217 21.01 -8.70 -41.94
N ALA A 218 19.71 -8.50 -42.21
CA ALA A 218 18.77 -9.58 -42.61
C ALA A 218 19.19 -10.31 -43.88
N GLY A 219 18.91 -11.63 -43.92
CA GLY A 219 19.28 -12.49 -45.03
C GLY A 219 20.26 -13.57 -44.60
N GLU A 220 21.14 -13.21 -43.65
CA GLU A 220 22.17 -14.13 -43.12
C GLU A 220 21.61 -14.97 -41.95
N GLU A 221 22.02 -16.23 -41.92
CA GLU A 221 21.76 -17.17 -40.81
C GLU A 221 23.12 -17.57 -40.21
N PHE A 222 23.24 -17.38 -38.90
CA PHE A 222 24.53 -17.47 -38.17
C PHE A 222 24.26 -17.95 -36.74
N THR A 223 25.28 -17.83 -35.88
CA THR A 223 25.15 -18.00 -34.44
C THR A 223 25.86 -16.84 -33.74
N ILE A 224 25.38 -16.47 -32.55
CA ILE A 224 26.03 -15.49 -31.68
C ILE A 224 26.51 -16.19 -30.42
N ASP A 225 27.63 -15.71 -29.86
CA ASP A 225 28.14 -16.22 -28.59
C ASP A 225 27.75 -15.26 -27.46
N VAL A 226 26.90 -15.75 -26.55
CA VAL A 226 26.49 -15.04 -25.34
C VAL A 226 27.05 -15.85 -24.14
N THR A 227 27.02 -15.25 -22.96
CA THR A 227 27.34 -15.94 -21.71
C THR A 227 26.30 -15.56 -20.66
N PHE A 228 25.85 -16.57 -19.89
CA PHE A 228 24.90 -16.36 -18.80
C PHE A 228 25.60 -15.66 -17.62
N PRO A 229 25.05 -14.50 -17.14
CA PRO A 229 25.59 -13.75 -15.97
C PRO A 229 25.81 -14.60 -14.69
N GLU A 230 26.52 -14.00 -13.72
CA GLU A 230 26.73 -14.61 -12.39
C GLU A 230 25.48 -14.44 -11.51
N GLU A 231 24.63 -13.47 -11.89
CA GLU A 231 23.32 -13.23 -11.27
C GLU A 231 22.27 -14.24 -11.81
N TYR A 232 22.54 -14.79 -13.01
CA TYR A 232 21.61 -15.66 -13.74
C TYR A 232 21.29 -16.93 -12.90
N HIS A 233 20.00 -17.07 -12.52
CA HIS A 233 19.56 -17.97 -11.44
C HIS A 233 19.71 -19.45 -11.77
N ALA A 234 19.56 -19.82 -13.06
CA ALA A 234 19.84 -21.17 -13.53
C ALA A 234 21.36 -21.36 -13.49
N GLU A 235 21.86 -21.89 -12.35
CA GLU A 235 23.30 -22.05 -12.08
C GLU A 235 23.91 -23.19 -12.91
N ASN A 236 23.03 -24.07 -13.42
CA ASN A 236 23.38 -25.09 -14.43
C ASN A 236 23.79 -24.43 -15.77
N LEU A 237 23.50 -23.11 -15.91
CA LEU A 237 23.82 -22.30 -17.09
C LEU A 237 24.77 -21.12 -16.75
N LYS A 238 24.67 -20.63 -15.49
CA LYS A 238 25.45 -19.49 -14.97
C LYS A 238 26.96 -19.67 -15.22
N GLY A 239 27.57 -18.72 -15.94
CA GLY A 239 29.00 -18.74 -16.24
C GLY A 239 29.33 -19.36 -17.60
N LYS A 240 28.43 -20.23 -18.10
CA LYS A 240 28.62 -20.95 -19.38
C LYS A 240 28.27 -20.03 -20.58
N ALA A 241 28.94 -20.30 -21.72
CA ALA A 241 28.71 -19.57 -22.98
C ALA A 241 27.72 -20.35 -23.86
N ALA A 242 26.61 -19.68 -24.22
CA ALA A 242 25.55 -20.26 -25.05
C ALA A 242 25.54 -19.61 -26.44
N LYS A 243 25.70 -20.44 -27.47
CA LYS A 243 25.65 -20.03 -28.87
C LYS A 243 24.21 -20.23 -29.40
N PHE A 244 23.58 -19.13 -29.83
CA PHE A 244 22.20 -19.14 -30.32
C PHE A 244 22.23 -18.92 -31.83
N ALA A 245 21.72 -19.91 -32.59
CA ALA A 245 21.74 -19.87 -34.06
C ALA A 245 20.66 -18.91 -34.58
N ILE A 246 21.04 -17.63 -34.73
CA ILE A 246 20.11 -16.56 -35.10
C ILE A 246 19.93 -16.51 -36.62
N ASN A 247 18.68 -16.63 -37.07
CA ASN A 247 18.32 -16.73 -38.48
C ASN A 247 17.39 -15.55 -38.85
N LEU A 248 17.98 -14.51 -39.45
CA LEU A 248 17.29 -13.23 -39.72
C LEU A 248 16.34 -13.37 -40.93
N LYS A 249 15.05 -13.56 -40.63
CA LYS A 249 13.98 -13.69 -41.65
C LYS A 249 13.17 -12.38 -41.74
N LYS A 250 12.83 -11.84 -40.56
CA LYS A 250 12.04 -10.61 -40.40
C LYS A 250 12.83 -9.63 -39.56
N VAL A 251 13.02 -8.44 -40.10
CA VAL A 251 13.48 -7.30 -39.32
C VAL A 251 12.51 -6.16 -39.59
N GLU A 252 11.50 -6.10 -38.75
CA GLU A 252 10.54 -5.02 -38.75
C GLU A 252 11.09 -3.90 -37.85
N GLU A 253 10.51 -2.73 -37.98
CA GLU A 253 10.93 -1.55 -37.20
C GLU A 253 9.69 -0.93 -36.59
N ARG A 254 9.72 -0.68 -35.28
CA ARG A 254 8.72 0.15 -34.62
C ARG A 254 8.99 1.63 -34.98
N GLU A 255 8.45 2.01 -36.16
CA GLU A 255 8.63 3.32 -36.78
C GLU A 255 7.75 4.37 -36.10
N LEU A 256 8.27 5.62 -36.03
CA LEU A 256 7.57 6.77 -35.44
C LEU A 256 6.21 7.00 -36.19
N PRO A 257 5.05 6.94 -35.45
CA PRO A 257 3.68 7.06 -36.01
C PRO A 257 3.30 8.48 -36.47
N GLU A 258 1.99 8.69 -36.69
CA GLU A 258 1.37 10.01 -36.85
C GLU A 258 1.87 10.97 -35.73
N LEU A 259 2.19 12.21 -36.10
CA LEU A 259 2.55 13.29 -35.17
C LEU A 259 1.91 14.59 -35.68
N THR A 260 0.70 14.46 -36.22
CA THR A 260 -0.15 15.58 -36.67
C THR A 260 -0.58 16.44 -35.45
N ALA A 261 -1.01 17.70 -35.69
CA ALA A 261 -1.43 18.68 -34.66
C ALA A 261 -2.36 18.06 -33.60
N GLU A 262 -3.35 17.29 -34.06
CA GLU A 262 -4.33 16.63 -33.18
C GLU A 262 -3.70 15.49 -32.34
N PHE A 263 -2.62 14.87 -32.86
CA PHE A 263 -1.92 13.79 -32.15
C PHE A 263 -1.01 14.39 -31.05
N ILE A 264 -0.23 15.41 -31.44
CA ILE A 264 0.77 16.05 -30.55
C ILE A 264 0.06 16.76 -29.37
N LYS A 265 -1.15 17.30 -29.61
CA LYS A 265 -1.96 17.93 -28.54
C LYS A 265 -2.68 16.88 -27.67
N ARG A 266 -2.82 15.64 -28.19
CA ARG A 266 -3.65 14.58 -27.56
C ARG A 266 -3.09 14.15 -26.18
N PHE A 267 -1.78 14.37 -25.99
CA PHE A 267 -1.08 14.06 -24.72
C PHE A 267 -1.61 14.94 -23.56
N GLY A 268 -2.21 16.11 -23.89
CA GLY A 268 -2.82 17.00 -22.88
C GLY A 268 -2.73 18.47 -23.22
N VAL A 269 -2.09 18.80 -24.37
CA VAL A 269 -1.85 20.21 -24.79
C VAL A 269 -3.12 20.76 -25.44
N GLU A 270 -3.51 22.00 -25.09
CA GLU A 270 -4.72 22.64 -25.63
C GLU A 270 -4.49 23.15 -27.08
N ASP A 271 -3.38 23.86 -27.30
CA ASP A 271 -3.08 24.50 -28.62
C ASP A 271 -2.32 23.52 -29.55
N GLY A 272 -1.43 22.71 -28.95
CA GLY A 272 -0.71 21.65 -29.68
C GLY A 272 0.66 22.06 -30.19
N SER A 273 1.26 23.10 -29.59
CA SER A 273 2.64 23.55 -29.94
C SER A 273 3.66 22.51 -29.47
N VAL A 274 4.72 22.28 -30.28
CA VAL A 274 5.82 21.35 -29.94
C VAL A 274 6.41 21.73 -28.56
N GLU A 275 6.73 23.03 -28.44
CA GLU A 275 7.23 23.61 -27.17
C GLU A 275 6.21 23.47 -26.05
N GLY A 276 4.91 23.41 -26.42
CA GLY A 276 3.82 23.26 -25.46
C GLY A 276 3.64 21.82 -25.04
N LEU A 277 4.14 20.88 -25.87
CA LEU A 277 4.14 19.45 -25.53
C LEU A 277 5.27 19.17 -24.55
N ARG A 278 6.42 19.78 -24.83
CA ARG A 278 7.60 19.73 -23.96
C ARG A 278 7.27 20.36 -22.59
N ALA A 279 6.51 21.47 -22.63
CA ALA A 279 6.02 22.17 -21.42
C ALA A 279 4.99 21.32 -20.66
N GLU A 280 4.09 20.69 -21.43
CA GLU A 280 3.01 19.84 -20.92
C GLU A 280 3.59 18.71 -20.08
N VAL A 281 4.48 17.94 -20.70
CA VAL A 281 5.09 16.77 -20.07
C VAL A 281 6.18 17.18 -19.07
N ARG A 282 6.73 18.41 -19.19
CA ARG A 282 7.59 18.98 -18.15
C ARG A 282 6.83 19.01 -16.82
N LYS A 283 5.73 19.80 -16.77
CA LYS A 283 4.94 20.01 -15.53
C LYS A 283 4.24 18.71 -15.07
N ASN A 284 3.75 17.90 -16.04
CA ASN A 284 2.98 16.65 -15.75
C ASN A 284 3.91 15.54 -15.22
N MET A 285 5.03 15.29 -15.93
CA MET A 285 5.99 14.24 -15.53
C MET A 285 6.76 14.66 -14.28
N GLU A 286 6.97 16.00 -14.05
CA GLU A 286 7.54 16.49 -12.76
C GLU A 286 6.53 16.36 -11.60
N ARG A 287 5.23 16.36 -11.94
CA ARG A 287 4.16 16.17 -10.94
C ARG A 287 4.16 14.71 -10.45
N GLU A 288 4.29 13.78 -11.42
CA GLU A 288 4.50 12.34 -11.14
C GLU A 288 5.83 12.10 -10.37
N LEU A 289 6.87 12.79 -10.88
CA LEU A 289 8.26 12.67 -10.40
C LEU A 289 8.41 13.10 -8.94
N LYS A 290 7.89 14.29 -8.60
CA LYS A 290 8.03 14.88 -7.25
C LYS A 290 7.26 14.06 -6.21
N SER A 291 6.16 13.42 -6.66
CA SER A 291 5.39 12.47 -5.84
C SER A 291 6.25 11.23 -5.55
N ALA A 292 6.92 10.72 -6.61
CA ALA A 292 7.82 9.54 -6.51
C ALA A 292 9.09 9.84 -5.66
N ILE A 293 9.59 11.10 -5.74
CA ILE A 293 10.75 11.58 -4.94
C ILE A 293 10.34 11.62 -3.46
N ARG A 294 9.14 12.18 -3.21
CA ARG A 294 8.61 12.33 -1.86
C ARG A 294 8.43 10.95 -1.19
N ASN A 295 7.81 10.01 -1.95
CA ASN A 295 7.62 8.61 -1.48
C ASN A 295 8.97 7.91 -1.27
N ARG A 296 9.95 8.19 -2.16
CA ARG A 296 11.32 7.65 -2.08
C ARG A 296 11.97 8.00 -0.70
N VAL A 297 12.15 9.32 -0.49
CA VAL A 297 12.81 9.88 0.70
C VAL A 297 12.08 9.46 2.00
N LYS A 298 10.74 9.57 1.98
CA LYS A 298 9.89 9.27 3.14
C LYS A 298 9.97 7.78 3.51
N SER A 299 9.88 6.89 2.50
CA SER A 299 9.87 5.42 2.72
C SER A 299 11.23 4.93 3.23
N GLN A 300 12.32 5.60 2.80
CA GLN A 300 13.69 5.28 3.28
C GLN A 300 13.92 5.77 4.73
N ALA A 301 13.30 6.90 5.08
CA ALA A 301 13.27 7.39 6.48
C ALA A 301 12.56 6.35 7.39
N ILE A 302 11.34 5.98 6.97
CA ILE A 302 10.52 4.91 7.60
C ILE A 302 11.31 3.58 7.71
N GLU A 303 12.03 3.25 6.62
CA GLU A 303 12.84 2.02 6.50
C GLU A 303 13.86 1.96 7.66
N GLY A 304 14.72 2.99 7.73
CA GLY A 304 15.78 3.07 8.72
C GLY A 304 15.27 3.25 10.14
N LEU A 305 14.14 3.96 10.27
CA LEU A 305 13.46 4.22 11.56
C LEU A 305 13.07 2.91 12.25
N VAL A 306 12.32 2.06 11.53
CA VAL A 306 11.88 0.75 12.05
C VAL A 306 13.10 -0.16 12.26
N LYS A 307 14.00 -0.16 11.25
CA LYS A 307 15.24 -0.97 11.26
C LYS A 307 16.13 -0.65 12.48
N ALA A 308 16.08 0.62 12.93
CA ALA A 308 16.85 1.11 14.08
C ALA A 308 16.14 0.82 15.41
N ASN A 309 14.79 0.78 15.38
CA ASN A 309 13.98 0.87 16.62
C ASN A 309 12.90 -0.22 16.69
N ASP A 310 12.95 -0.99 17.79
CA ASP A 310 11.97 -2.05 18.11
C ASP A 310 11.04 -1.56 19.24
N ILE A 311 9.78 -2.02 19.23
CA ILE A 311 8.78 -1.72 20.29
C ILE A 311 7.61 -2.71 20.22
N ASP A 312 7.01 -3.01 21.39
CA ASP A 312 5.77 -3.81 21.47
C ASP A 312 4.59 -2.96 21.00
N VAL A 313 3.77 -3.52 20.12
CA VAL A 313 2.78 -2.76 19.34
C VAL A 313 1.34 -3.24 19.63
N PRO A 314 0.38 -2.31 20.03
CA PRO A 314 -1.00 -2.68 20.36
C PRO A 314 -1.86 -2.94 19.08
N ALA A 315 -2.67 -4.02 19.13
CA ALA A 315 -3.49 -4.52 18.00
C ALA A 315 -4.56 -3.52 17.53
N ALA A 316 -4.84 -2.51 18.37
CA ALA A 316 -5.78 -1.42 18.06
C ALA A 316 -5.29 -0.61 16.84
N LEU A 317 -4.03 -0.18 16.94
CA LEU A 317 -3.39 0.70 15.95
C LEU A 317 -3.11 -0.08 14.67
N ILE A 318 -2.70 -1.35 14.86
CA ILE A 318 -2.48 -2.31 13.76
C ILE A 318 -3.78 -2.44 12.96
N ASP A 319 -4.89 -2.68 13.68
CA ASP A 319 -6.24 -2.81 13.07
C ASP A 319 -6.69 -1.50 12.40
N SER A 320 -6.28 -0.34 12.96
CA SER A 320 -6.60 0.98 12.36
C SER A 320 -5.98 1.14 10.95
N GLU A 321 -4.66 0.90 10.84
CA GLU A 321 -3.97 0.96 9.53
C GLU A 321 -4.44 -0.18 8.61
N ILE A 322 -4.73 -1.37 9.20
CA ILE A 322 -5.32 -2.50 8.46
C ILE A 322 -6.70 -2.09 7.92
N ASP A 323 -7.45 -1.31 8.71
CA ASP A 323 -8.83 -0.87 8.39
C ASP A 323 -8.80 0.03 7.15
N VAL A 324 -7.85 0.98 7.16
CA VAL A 324 -7.60 1.87 6.01
C VAL A 324 -7.17 1.04 4.77
N LEU A 325 -6.31 0.01 5.01
CA LEU A 325 -5.84 -0.91 3.95
C LEU A 325 -6.95 -1.91 3.50
N ARG A 326 -7.98 -2.09 4.34
CA ARG A 326 -9.16 -2.94 4.04
C ARG A 326 -10.14 -2.18 3.16
N ARG A 327 -10.24 -0.85 3.37
CA ARG A 327 -11.00 0.06 2.48
C ARG A 327 -10.30 0.13 1.11
N GLN A 328 -8.97 0.32 1.18
CA GLN A 328 -8.07 0.37 0.02
C GLN A 328 -8.19 -0.91 -0.84
N ALA A 329 -8.17 -2.07 -0.16
CA ALA A 329 -8.30 -3.38 -0.82
C ALA A 329 -9.70 -3.56 -1.41
N ALA A 330 -10.73 -3.23 -0.60
CA ALA A 330 -12.14 -3.36 -1.00
C ALA A 330 -12.46 -2.50 -2.24
N GLN A 331 -11.73 -1.37 -2.39
CA GLN A 331 -11.84 -0.49 -3.59
C GLN A 331 -11.46 -1.29 -4.86
N ARG A 332 -10.45 -2.18 -4.72
CA ARG A 332 -9.96 -3.06 -5.82
C ARG A 332 -10.78 -4.37 -5.86
N PHE A 333 -11.38 -4.73 -4.71
CA PHE A 333 -12.05 -6.03 -4.49
C PHE A 333 -13.60 -5.93 -4.64
N GLY A 334 -14.04 -5.00 -5.53
CA GLY A 334 -15.45 -4.95 -5.98
C GLY A 334 -16.39 -4.11 -5.11
N GLY A 335 -15.80 -3.32 -4.21
CA GLY A 335 -16.55 -2.44 -3.30
C GLY A 335 -17.41 -3.22 -2.30
N ASN A 336 -16.73 -3.90 -1.37
CA ASN A 336 -17.37 -4.79 -0.38
C ASN A 336 -18.14 -3.98 0.67
N GLU A 337 -19.49 -4.10 0.64
CA GLU A 337 -20.41 -3.40 1.57
C GLU A 337 -20.20 -3.90 3.01
N LYS A 338 -19.28 -3.21 3.74
CA LYS A 338 -18.94 -3.48 5.17
C LYS A 338 -18.18 -4.81 5.38
N GLN A 339 -18.11 -5.65 4.31
CA GLN A 339 -17.38 -6.92 4.31
C GLN A 339 -15.86 -6.65 4.29
N ALA A 340 -15.49 -5.39 3.96
CA ALA A 340 -14.09 -4.89 4.00
C ALA A 340 -13.43 -5.21 5.35
N LEU A 341 -14.21 -5.09 6.43
CA LEU A 341 -13.75 -5.32 7.82
C LEU A 341 -13.24 -6.77 8.03
N GLU A 342 -13.79 -7.72 7.24
CA GLU A 342 -13.45 -9.15 7.33
C GLU A 342 -12.16 -9.51 6.53
N LEU A 343 -11.73 -8.59 5.61
CA LEU A 343 -10.57 -8.86 4.70
C LEU A 343 -9.31 -9.30 5.49
N PRO A 344 -8.70 -10.48 5.10
CA PRO A 344 -7.67 -11.22 5.91
C PRO A 344 -6.53 -10.33 6.48
N ARG A 345 -6.42 -10.33 7.82
CA ARG A 345 -5.42 -9.53 8.56
C ARG A 345 -3.99 -9.82 8.10
N GLU A 346 -3.70 -11.09 7.78
CA GLU A 346 -2.35 -11.56 7.38
C GLU A 346 -1.86 -10.89 6.06
N LEU A 347 -2.80 -10.29 5.28
CA LEU A 347 -2.44 -9.52 4.05
C LEU A 347 -1.81 -8.17 4.44
N PHE A 348 -2.27 -7.62 5.57
CA PHE A 348 -1.95 -6.25 6.00
C PHE A 348 -1.14 -6.23 7.32
N GLU A 349 -0.97 -7.42 7.93
CA GLU A 349 -0.35 -7.62 9.27
C GLU A 349 0.97 -6.83 9.45
N GLU A 350 2.05 -7.29 8.75
CA GLU A 350 3.41 -6.75 8.90
C GLU A 350 3.46 -5.25 8.55
N GLN A 351 2.93 -4.90 7.36
CA GLN A 351 3.02 -3.52 6.82
C GLN A 351 2.30 -2.49 7.73
N ALA A 352 1.07 -2.83 8.18
CA ALA A 352 0.26 -1.95 9.02
C ALA A 352 0.90 -1.80 10.41
N LYS A 353 1.23 -2.94 11.04
CA LYS A 353 1.94 -3.00 12.33
C LYS A 353 3.26 -2.19 12.29
N ARG A 354 3.91 -2.21 11.11
CA ARG A 354 5.13 -1.45 10.85
C ARG A 354 4.80 0.05 10.75
N ARG A 355 3.61 0.39 10.19
CA ARG A 355 3.14 1.79 10.13
C ARG A 355 2.84 2.32 11.55
N VAL A 356 2.47 1.39 12.45
CA VAL A 356 2.26 1.72 13.87
C VAL A 356 3.59 2.03 14.54
N VAL A 357 4.61 1.15 14.30
CA VAL A 357 5.99 1.39 14.79
C VAL A 357 6.43 2.79 14.37
N VAL A 358 6.22 3.10 13.07
CA VAL A 358 6.45 4.44 12.48
C VAL A 358 5.63 5.53 13.20
N GLY A 359 4.36 5.23 13.51
CA GLY A 359 3.47 6.19 14.21
C GLY A 359 3.94 6.53 15.62
N LEU A 360 4.54 5.55 16.29
CA LEU A 360 5.08 5.71 17.65
C LEU A 360 6.43 6.47 17.59
N LEU A 361 7.23 6.16 16.55
CA LEU A 361 8.55 6.80 16.28
C LEU A 361 8.36 8.29 16.01
N LEU A 362 7.62 8.59 14.94
CA LEU A 362 7.30 9.95 14.50
C LEU A 362 6.49 10.70 15.55
N GLY A 363 5.66 9.96 16.33
CA GLY A 363 4.93 10.54 17.47
C GLY A 363 5.87 11.09 18.54
N GLU A 364 6.89 10.27 18.86
CA GLU A 364 7.95 10.66 19.81
C GLU A 364 8.80 11.81 19.24
N VAL A 365 9.00 11.82 17.90
CA VAL A 365 9.72 12.92 17.22
C VAL A 365 8.91 14.24 17.30
N ILE A 366 7.58 14.14 17.12
CA ILE A 366 6.66 15.29 17.20
C ILE A 366 6.65 15.85 18.62
N ARG A 367 6.70 14.97 19.64
CA ARG A 367 6.73 15.40 21.05
C ARG A 367 8.08 16.06 21.40
N THR A 368 9.18 15.33 21.14
CA THR A 368 10.56 15.76 21.47
C THR A 368 10.94 17.08 20.75
N ASN A 369 10.44 17.25 19.50
CA ASN A 369 10.68 18.48 18.70
C ASN A 369 9.44 19.40 18.72
N GLU A 370 8.44 19.10 19.61
CA GLU A 370 7.16 19.85 19.81
C GLU A 370 6.53 20.43 18.51
N LEU A 371 6.60 19.61 17.43
CA LEU A 371 6.25 20.02 16.05
C LEU A 371 4.75 20.35 15.90
N LYS A 372 4.44 21.49 15.25
CA LYS A 372 3.05 21.91 14.94
C LYS A 372 2.80 21.79 13.43
N ALA A 373 1.59 21.38 13.03
CA ALA A 373 1.23 21.23 11.61
C ALA A 373 1.11 22.62 10.93
N ASP A 374 2.00 22.89 9.96
CA ASP A 374 2.14 24.23 9.34
C ASP A 374 1.16 24.42 8.17
N GLU A 375 0.41 25.53 8.24
CA GLU A 375 -0.72 25.83 7.32
C GLU A 375 -0.31 25.94 5.85
N GLU A 376 0.90 26.49 5.59
CA GLU A 376 1.43 26.60 4.21
C GLU A 376 1.81 25.23 3.66
N ARG A 377 2.15 24.28 4.56
CA ARG A 377 2.47 22.89 4.16
C ARG A 377 1.17 22.17 3.85
N VAL A 378 0.16 22.34 4.73
CA VAL A 378 -1.20 21.80 4.57
C VAL A 378 -1.77 22.19 3.19
N LYS A 379 -1.79 23.50 2.93
CA LYS A 379 -2.32 24.09 1.70
C LYS A 379 -1.46 23.68 0.47
N GLY A 380 -0.13 23.66 0.66
CA GLY A 380 0.81 23.21 -0.38
C GLY A 380 0.59 21.75 -0.83
N LEU A 381 0.31 20.88 0.17
CA LEU A 381 -0.01 19.45 -0.06
C LEU A 381 -1.28 19.34 -0.90
N ILE A 382 -2.34 20.05 -0.45
CA ILE A 382 -3.64 20.12 -1.15
C ILE A 382 -3.46 20.43 -2.65
N GLU A 383 -2.77 21.56 -2.93
CA GLU A 383 -2.53 22.04 -4.29
C GLU A 383 -1.79 20.99 -5.15
N GLU A 384 -0.57 20.62 -4.71
CA GLU A 384 0.35 19.80 -5.53
C GLU A 384 -0.09 18.33 -5.63
N MET A 385 -0.88 17.81 -4.67
CA MET A 385 -1.41 16.44 -4.78
C MET A 385 -2.60 16.43 -5.77
N ALA A 386 -3.54 17.40 -5.61
CA ALA A 386 -4.80 17.42 -6.37
C ALA A 386 -4.55 17.75 -7.86
N SER A 387 -3.51 18.57 -8.11
CA SER A 387 -3.07 18.96 -9.48
C SER A 387 -2.58 17.74 -10.30
N ALA A 388 -2.24 16.63 -9.61
CA ALA A 388 -1.83 15.37 -10.26
C ALA A 388 -3.03 14.67 -10.92
N TYR A 389 -4.23 14.88 -10.33
CA TYR A 389 -5.44 14.14 -10.70
C TYR A 389 -6.32 14.96 -11.67
N GLU A 390 -7.51 14.41 -11.99
CA GLU A 390 -8.38 14.91 -13.09
C GLU A 390 -8.80 16.37 -12.87
N ASP A 391 -9.42 16.62 -11.71
CA ASP A 391 -9.89 17.96 -11.31
C ASP A 391 -9.42 18.26 -9.87
N PRO A 392 -8.54 19.30 -9.67
CA PRO A 392 -8.09 19.70 -8.33
C PRO A 392 -9.21 20.34 -7.47
N LYS A 393 -10.08 21.13 -8.13
CA LYS A 393 -11.01 22.09 -7.46
C LYS A 393 -11.89 21.39 -6.40
N GLU A 394 -12.47 20.25 -6.82
CA GLU A 394 -13.38 19.45 -5.99
C GLU A 394 -12.65 18.83 -4.79
N VAL A 395 -11.32 18.58 -4.94
CA VAL A 395 -10.48 18.00 -3.88
C VAL A 395 -10.14 19.08 -2.83
N ILE A 396 -9.82 20.30 -3.35
CA ILE A 396 -9.66 21.51 -2.50
C ILE A 396 -10.89 21.64 -1.59
N GLU A 397 -12.08 21.51 -2.20
CA GLU A 397 -13.36 21.61 -1.49
C GLU A 397 -13.65 20.36 -0.62
N PHE A 398 -13.19 19.18 -1.08
CA PHE A 398 -13.47 17.88 -0.41
C PHE A 398 -12.69 17.77 0.92
N TYR A 399 -11.58 18.52 1.03
CA TYR A 399 -10.84 18.69 2.29
C TYR A 399 -11.34 19.94 3.06
N SER A 400 -11.29 21.13 2.41
CA SER A 400 -11.54 22.44 3.10
C SER A 400 -12.93 22.50 3.75
N LYS A 401 -13.95 22.03 3.02
CA LYS A 401 -15.36 22.05 3.47
C LYS A 401 -15.72 20.80 4.29
N ASN A 402 -14.73 19.94 4.55
CA ASN A 402 -14.90 18.70 5.32
C ASN A 402 -13.84 18.65 6.42
N LYS A 403 -14.19 19.20 7.59
CA LYS A 403 -13.29 19.33 8.75
C LYS A 403 -12.66 17.99 9.16
N GLU A 404 -13.44 16.90 9.00
CA GLU A 404 -13.03 15.53 9.37
C GLU A 404 -11.73 15.12 8.65
N LEU A 405 -11.67 15.45 7.35
CA LEU A 405 -10.53 15.10 6.47
C LEU A 405 -9.51 16.26 6.39
N MET A 406 -9.99 17.48 6.65
CA MET A 406 -9.16 18.71 6.69
C MET A 406 -8.15 18.59 7.84
N ASP A 407 -8.62 17.98 8.94
CA ASP A 407 -7.79 17.65 10.10
C ASP A 407 -6.71 16.63 9.70
N ASN A 408 -7.12 15.60 8.92
CA ASN A 408 -6.20 14.56 8.40
C ASN A 408 -5.09 15.17 7.54
N MET A 409 -5.41 16.28 6.84
CA MET A 409 -4.39 17.02 6.06
C MET A 409 -3.38 17.74 6.98
N ARG A 410 -3.82 18.18 8.18
CA ARG A 410 -2.89 18.66 9.23
C ARG A 410 -2.03 17.49 9.75
N ASN A 411 -2.66 16.31 9.89
CA ASN A 411 -2.01 15.10 10.45
C ASN A 411 -0.87 14.60 9.54
N VAL A 412 -1.17 14.49 8.22
CA VAL A 412 -0.18 14.04 7.21
C VAL A 412 0.94 15.09 7.06
N ALA A 413 0.57 16.39 7.13
CA ALA A 413 1.53 17.52 7.09
C ALA A 413 2.53 17.40 8.24
N LEU A 414 1.99 17.14 9.44
CA LEU A 414 2.77 17.01 10.67
C LEU A 414 3.64 15.72 10.62
N GLU A 415 3.12 14.67 9.96
CA GLU A 415 3.87 13.42 9.73
C GLU A 415 5.05 13.68 8.77
N GLU A 416 4.83 14.54 7.75
CA GLU A 416 5.88 14.95 6.79
C GLU A 416 7.00 15.69 7.52
N GLN A 417 6.60 16.56 8.46
CA GLN A 417 7.52 17.33 9.32
C GLN A 417 8.29 16.43 10.27
N ALA A 418 7.60 15.41 10.81
CA ALA A 418 8.20 14.42 11.72
C ALA A 418 9.30 13.63 11.00
N VAL A 419 9.00 13.24 9.74
CA VAL A 419 9.97 12.61 8.83
C VAL A 419 11.18 13.54 8.63
N GLU A 420 10.91 14.80 8.21
CA GLU A 420 11.95 15.80 7.90
C GLU A 420 12.82 16.15 9.13
N ALA A 421 12.22 16.03 10.33
CA ALA A 421 12.94 16.25 11.59
C ALA A 421 13.97 15.13 11.82
N VAL A 422 13.65 13.90 11.34
CA VAL A 422 14.58 12.76 11.41
C VAL A 422 15.60 12.87 10.24
N LEU A 423 15.14 13.42 9.10
CA LEU A 423 15.98 13.59 7.89
C LEU A 423 17.16 14.54 8.16
N ALA A 424 16.85 15.65 8.87
CA ALA A 424 17.86 16.66 9.26
C ALA A 424 18.94 16.04 10.17
N LYS A 425 18.58 14.95 10.86
CA LYS A 425 19.46 14.21 11.78
C LYS A 425 20.13 13.02 11.07
N ALA A 426 19.52 12.53 9.96
CA ALA A 426 19.92 11.28 9.27
C ALA A 426 20.93 11.51 8.13
N LYS A 427 21.56 10.40 7.68
CA LYS A 427 22.46 10.36 6.50
C LYS A 427 21.61 10.38 5.21
N VAL A 428 21.10 11.55 4.85
CA VAL A 428 20.28 11.72 3.64
C VAL A 428 21.21 12.11 2.47
N THR A 429 21.67 11.08 1.75
CA THR A 429 22.58 11.24 0.61
C THR A 429 21.84 11.88 -0.59
N GLU A 430 21.98 13.21 -0.67
CA GLU A 430 21.38 14.04 -1.72
C GLU A 430 22.21 13.92 -3.02
N LYS A 431 21.59 13.39 -4.07
CA LYS A 431 22.21 13.23 -5.41
C LYS A 431 21.36 13.97 -6.45
N GLU A 432 21.96 14.33 -7.59
CA GLU A 432 21.24 14.99 -8.70
C GLU A 432 21.22 14.04 -9.91
N THR A 433 20.02 13.63 -10.34
CA THR A 433 19.86 12.66 -11.44
C THR A 433 18.63 13.00 -12.30
N THR A 434 18.42 12.22 -13.38
CA THR A 434 17.40 12.49 -14.41
C THR A 434 16.16 11.57 -14.19
N PHE A 435 15.00 11.99 -14.78
CA PHE A 435 13.70 11.28 -14.70
C PHE A 435 13.80 9.86 -15.29
N ASN A 436 14.68 9.72 -16.29
CA ASN A 436 14.96 8.43 -16.97
C ASN A 436 15.62 7.40 -16.02
N GLU A 437 16.04 7.84 -14.81
CA GLU A 437 16.50 6.93 -13.76
C GLU A 437 15.33 6.58 -12.82
N LEU A 438 14.93 7.55 -11.97
CA LEU A 438 14.17 7.34 -10.70
C LEU A 438 13.11 6.21 -10.74
N MET A 439 12.13 6.34 -11.68
CA MET A 439 11.06 5.33 -11.86
C MET A 439 11.46 4.31 -12.94
N ASN A 440 12.19 4.78 -13.97
CA ASN A 440 12.51 3.97 -15.18
C ASN A 440 13.77 3.10 -14.97
N GLN A 441 13.92 2.52 -13.75
CA GLN A 441 15.11 1.71 -13.37
C GLN A 441 15.04 0.25 -13.91
N GLN A 442 14.18 0.01 -14.93
CA GLN A 442 14.01 -1.31 -15.58
C GLN A 442 15.33 -1.76 -16.24
N ALA A 443 16.03 -0.80 -16.87
CA ALA A 443 17.34 -1.02 -17.47
C ALA A 443 18.42 -0.64 -16.41
N VAL B 8 -7.05 -39.32 -29.57
CA VAL B 8 -6.90 -37.85 -29.45
C VAL B 8 -7.48 -37.36 -28.10
N ASP B 9 -7.18 -36.10 -27.75
CA ASP B 9 -7.68 -35.42 -26.52
C ASP B 9 -8.52 -34.20 -26.97
N LEU B 10 -8.75 -33.21 -26.06
CA LEU B 10 -9.53 -31.97 -26.27
C LEU B 10 -9.41 -31.44 -27.72
N ASP B 11 -8.18 -31.07 -28.14
CA ASP B 11 -7.91 -30.75 -29.56
C ASP B 11 -7.10 -31.89 -30.22
N GLU B 12 -5.75 -31.88 -30.04
CA GLU B 12 -4.85 -32.93 -30.60
C GLU B 12 -4.37 -33.91 -29.53
N ALA B 13 -3.35 -33.48 -28.75
CA ALA B 13 -2.57 -34.38 -27.88
C ALA B 13 -2.91 -34.16 -26.40
N VAL B 14 -2.66 -32.94 -25.87
CA VAL B 14 -3.05 -32.58 -24.47
C VAL B 14 -4.22 -31.56 -24.48
N GLN B 15 -3.90 -30.25 -24.61
CA GLN B 15 -4.92 -29.18 -24.61
C GLN B 15 -5.22 -28.81 -26.06
N ARG B 16 -4.28 -28.11 -26.71
CA ARG B 16 -4.30 -27.89 -28.17
C ARG B 16 -3.30 -28.85 -28.82
N ALA B 17 -2.00 -28.49 -28.85
CA ALA B 17 -0.93 -29.45 -29.21
C ALA B 17 -0.31 -29.94 -27.89
N LEU B 18 0.45 -29.06 -27.21
CA LEU B 18 0.82 -29.28 -25.80
C LEU B 18 -0.16 -28.46 -24.94
N GLU B 19 0.08 -27.14 -24.85
CA GLU B 19 -0.88 -26.20 -24.25
C GLU B 19 -1.57 -25.40 -25.37
N PHE B 20 -0.81 -24.51 -26.03
CA PHE B 20 -1.25 -23.90 -27.32
C PHE B 20 -0.52 -24.62 -28.47
N ALA B 21 0.74 -24.23 -28.72
CA ALA B 21 1.64 -24.95 -29.64
C ALA B 21 2.56 -25.83 -28.78
N LYS B 22 3.57 -25.20 -28.18
CA LYS B 22 4.36 -25.80 -27.12
C LYS B 22 3.96 -25.10 -25.80
N LYS B 23 4.63 -23.96 -25.54
CA LYS B 23 4.44 -23.12 -24.34
C LYS B 23 5.48 -21.99 -24.40
N GLU B 24 5.00 -20.74 -24.17
CA GLU B 24 5.83 -19.52 -24.06
C GLU B 24 6.38 -19.04 -25.43
N GLY B 25 6.44 -17.71 -25.60
CA GLY B 25 6.93 -17.10 -26.84
C GLY B 25 7.40 -15.65 -26.63
N ASN B 26 7.00 -15.04 -25.48
CA ASN B 26 7.48 -13.70 -25.05
C ASN B 26 8.88 -13.82 -24.40
N THR B 27 9.11 -14.97 -23.75
CA THR B 27 10.40 -15.33 -23.13
C THR B 27 11.05 -16.46 -23.96
N LEU B 28 12.39 -16.54 -23.90
CA LEU B 28 13.18 -17.54 -24.63
C LEU B 28 13.31 -18.84 -23.83
N VAL B 29 13.69 -19.89 -24.56
CA VAL B 29 13.94 -21.23 -24.02
C VAL B 29 15.31 -21.32 -23.31
N ILE B 30 15.28 -21.86 -22.08
CA ILE B 30 16.46 -22.27 -21.29
C ILE B 30 16.15 -23.60 -20.57
N VAL B 31 17.21 -24.30 -20.10
CA VAL B 31 17.14 -25.74 -19.68
C VAL B 31 16.04 -25.99 -18.63
N THR B 32 15.05 -26.78 -19.06
CA THR B 32 13.88 -27.15 -18.26
C THR B 32 13.48 -28.59 -18.62
N ALA B 33 13.00 -29.35 -17.62
CA ALA B 33 12.42 -30.69 -17.84
C ALA B 33 11.11 -30.58 -18.64
N ASP B 34 10.85 -31.58 -19.50
CA ASP B 34 9.63 -31.62 -20.35
C ASP B 34 8.35 -31.75 -19.48
N HIS B 35 7.83 -30.56 -19.05
CA HIS B 35 6.70 -30.39 -18.12
C HIS B 35 6.86 -31.28 -16.85
N ALA B 36 6.38 -32.53 -16.94
CA ALA B 36 6.45 -33.53 -15.87
C ALA B 36 6.16 -34.89 -16.51
N HIS B 37 7.23 -35.55 -16.98
CA HIS B 37 7.15 -36.80 -17.76
C HIS B 37 6.46 -37.92 -16.94
N ALA B 38 6.87 -38.02 -15.65
CA ALA B 38 6.29 -38.92 -14.62
C ALA B 38 6.47 -40.43 -14.97
N SER B 39 5.70 -40.89 -15.98
CA SER B 39 5.73 -42.27 -16.47
C SER B 39 7.11 -42.60 -17.06
N GLN B 40 7.93 -43.25 -16.23
CA GLN B 40 9.27 -43.76 -16.57
C GLN B 40 9.69 -44.77 -15.50
N ILE B 41 10.52 -45.77 -15.89
CA ILE B 41 10.96 -46.89 -15.02
C ILE B 41 9.76 -47.78 -14.63
N VAL B 42 9.84 -49.09 -15.01
CA VAL B 42 8.74 -50.09 -14.88
C VAL B 42 7.65 -49.81 -15.93
N ALA B 43 7.14 -48.58 -15.97
CA ALA B 43 6.34 -48.05 -17.08
C ALA B 43 7.29 -47.52 -18.17
N PRO B 44 7.40 -48.21 -19.36
CA PRO B 44 8.32 -47.79 -20.45
C PRO B 44 7.97 -46.41 -21.05
N ASP B 45 6.66 -46.08 -21.03
CA ASP B 45 6.07 -44.85 -21.61
C ASP B 45 6.29 -44.84 -23.14
N THR B 46 5.24 -45.24 -23.89
CA THR B 46 5.31 -45.36 -25.36
C THR B 46 4.18 -44.53 -25.98
N LYS B 47 4.54 -43.38 -26.58
CA LYS B 47 3.58 -42.45 -27.22
C LYS B 47 4.23 -41.71 -28.40
N ALA B 48 3.38 -41.13 -29.25
CA ALA B 48 3.77 -40.28 -30.37
C ALA B 48 3.73 -38.80 -29.92
N PRO B 49 4.88 -38.04 -30.00
CA PRO B 49 4.94 -36.59 -29.64
C PRO B 49 4.03 -35.70 -30.54
N GLY B 50 3.70 -36.22 -31.73
CA GLY B 50 2.78 -35.56 -32.65
C GLY B 50 2.39 -36.51 -33.77
N LEU B 51 2.42 -36.02 -35.03
CA LEU B 51 2.15 -36.83 -36.22
C LEU B 51 3.37 -37.75 -36.46
N THR B 52 4.51 -37.13 -36.83
CA THR B 52 5.80 -37.82 -36.98
C THR B 52 6.92 -36.84 -36.62
N GLN B 53 7.44 -36.97 -35.38
CA GLN B 53 8.54 -36.15 -34.81
C GLN B 53 8.08 -34.67 -34.64
N ALA B 54 8.23 -33.86 -35.71
CA ALA B 54 7.91 -32.42 -35.71
C ALA B 54 8.02 -31.86 -37.14
N LEU B 55 6.96 -31.17 -37.59
CA LEU B 55 6.89 -30.47 -38.90
C LEU B 55 7.27 -31.39 -40.08
N ASN B 56 6.85 -32.67 -39.99
CA ASN B 56 7.06 -33.68 -41.05
C ASN B 56 6.26 -33.30 -42.32
N THR B 57 5.03 -32.79 -42.10
CA THR B 57 4.18 -32.24 -43.15
C THR B 57 4.59 -30.79 -43.45
N LYS B 58 5.83 -30.66 -43.97
CA LYS B 58 6.48 -29.37 -44.18
C LYS B 58 6.02 -28.78 -45.52
N ASP B 59 5.05 -27.85 -45.43
CA ASP B 59 4.61 -27.01 -46.56
C ASP B 59 5.81 -26.19 -47.08
N GLY B 60 6.54 -25.62 -46.12
CA GLY B 60 7.77 -24.88 -46.38
C GLY B 60 8.33 -24.35 -45.08
N ALA B 61 8.98 -23.19 -45.11
CA ALA B 61 9.41 -22.48 -43.89
C ALA B 61 8.17 -21.95 -43.15
N VAL B 62 7.21 -21.42 -43.94
CA VAL B 62 5.90 -20.89 -43.49
C VAL B 62 6.07 -19.56 -42.71
N MET B 63 6.73 -19.63 -41.53
CA MET B 63 7.10 -18.50 -40.65
C MET B 63 5.87 -17.67 -40.18
N VAL B 64 6.14 -16.58 -39.42
CA VAL B 64 5.12 -15.60 -39.04
C VAL B 64 4.57 -14.89 -40.29
N MET B 65 3.32 -14.45 -40.19
CA MET B 65 2.66 -13.67 -41.26
C MET B 65 2.95 -12.16 -41.04
N SER B 66 4.08 -11.86 -40.35
CA SER B 66 4.45 -10.52 -39.87
C SER B 66 3.38 -9.99 -38.88
N TYR B 67 3.35 -8.67 -38.62
CA TYR B 67 2.32 -8.02 -37.78
C TYR B 67 2.44 -8.53 -36.31
N GLY B 68 1.34 -8.51 -35.54
CA GLY B 68 1.33 -8.98 -34.15
C GLY B 68 1.79 -7.87 -33.21
N ASN B 69 0.97 -6.81 -33.16
CA ASN B 69 1.26 -5.57 -32.41
C ASN B 69 1.50 -5.83 -30.90
N SER B 70 2.77 -6.06 -30.55
CA SER B 70 3.24 -6.24 -29.17
C SER B 70 3.36 -4.86 -28.47
N GLU B 71 2.23 -4.40 -27.90
CA GLU B 71 2.15 -3.20 -27.05
C GLU B 71 1.74 -3.59 -25.62
N GLU B 72 2.00 -4.87 -25.28
CA GLU B 72 1.60 -5.47 -24.00
C GLU B 72 2.34 -4.81 -22.80
N ASP B 73 3.56 -4.30 -23.07
CA ASP B 73 4.40 -3.62 -22.05
C ASP B 73 3.89 -2.19 -21.75
N SER B 74 3.03 -1.64 -22.64
CA SER B 74 2.41 -0.31 -22.46
C SER B 74 1.36 -0.35 -21.34
N GLN B 75 0.75 -1.54 -21.14
CA GLN B 75 -0.17 -1.83 -20.01
C GLN B 75 0.62 -1.83 -18.69
N GLU B 76 1.77 -2.55 -18.72
CA GLU B 76 2.68 -2.71 -17.56
C GLU B 76 1.89 -3.40 -16.41
N HIS B 77 1.43 -2.62 -15.41
CA HIS B 77 0.48 -3.03 -14.34
C HIS B 77 0.26 -1.83 -13.40
N THR B 78 1.39 -1.16 -13.07
CA THR B 78 1.51 0.00 -12.15
C THR B 78 0.88 -0.25 -10.75
N GLY B 79 0.95 0.78 -9.87
CA GLY B 79 0.27 0.77 -8.59
C GLY B 79 -0.82 1.82 -8.58
N SER B 80 -2.09 1.38 -8.67
CA SER B 80 -3.26 2.28 -8.75
C SER B 80 -3.39 3.14 -7.47
N GLN B 81 -3.71 4.42 -7.65
CA GLN B 81 -3.99 5.36 -6.53
C GLN B 81 -5.44 5.18 -6.05
N LEU B 82 -5.73 5.76 -4.87
CA LEU B 82 -7.11 5.84 -4.30
C LEU B 82 -7.74 7.20 -4.67
N ARG B 83 -7.15 7.86 -5.71
CA ARG B 83 -7.50 9.21 -6.21
C ARG B 83 -6.94 10.34 -5.32
N ILE B 84 -6.87 10.09 -4.00
CA ILE B 84 -6.16 10.92 -3.01
C ILE B 84 -5.63 10.01 -1.90
N ALA B 85 -4.82 10.59 -0.98
CA ALA B 85 -4.30 9.87 0.19
C ALA B 85 -5.45 9.61 1.17
N ALA B 86 -5.94 10.70 1.80
CA ALA B 86 -7.18 10.72 2.61
C ALA B 86 -7.21 9.71 3.79
N TYR B 87 -6.05 9.10 4.11
CA TYR B 87 -5.95 8.03 5.13
C TYR B 87 -6.16 8.62 6.55
N GLY B 88 -6.68 7.79 7.46
CA GLY B 88 -6.76 8.17 8.89
C GLY B 88 -8.13 8.04 9.58
N PRO B 89 -9.33 8.33 8.93
CA PRO B 89 -10.61 8.48 9.68
C PRO B 89 -11.19 7.12 10.12
N HIS B 90 -10.66 6.61 11.25
CA HIS B 90 -11.14 5.38 11.88
C HIS B 90 -12.01 5.80 13.06
N ALA B 91 -13.35 5.76 12.83
CA ALA B 91 -14.41 6.21 13.78
C ALA B 91 -14.62 7.74 13.72
N ALA B 92 -13.51 8.51 13.74
CA ALA B 92 -13.51 10.00 13.73
C ALA B 92 -12.12 10.53 13.31
N ASN B 93 -11.91 11.87 13.41
CA ASN B 93 -10.59 12.50 13.18
C ASN B 93 -9.64 12.32 14.40
N VAL B 94 -10.14 11.61 15.44
CA VAL B 94 -9.41 11.32 16.68
C VAL B 94 -9.21 12.62 17.49
N VAL B 95 -10.25 12.97 18.26
CA VAL B 95 -10.27 14.13 19.15
C VAL B 95 -9.77 13.72 20.55
N GLY B 96 -8.43 13.72 20.69
CA GLY B 96 -7.79 13.30 21.94
C GLY B 96 -6.40 13.90 22.09
N LEU B 97 -6.38 15.24 22.24
CA LEU B 97 -5.16 16.04 22.45
C LEU B 97 -4.53 15.65 23.81
N THR B 98 -3.62 14.66 23.75
CA THR B 98 -2.86 14.13 24.92
C THR B 98 -3.82 13.70 26.06
N ASP B 99 -4.70 12.72 25.74
CA ASP B 99 -5.83 12.35 26.62
C ASP B 99 -5.41 11.26 27.64
N GLN B 100 -5.27 10.01 27.18
CA GLN B 100 -4.82 8.88 28.04
C GLN B 100 -3.29 8.64 27.93
N THR B 101 -2.64 9.35 27.00
CA THR B 101 -1.16 9.45 26.91
C THR B 101 -0.78 10.64 26.02
N ASP B 102 0.44 11.16 26.21
CA ASP B 102 0.92 12.37 25.52
C ASP B 102 1.97 12.00 24.44
N LEU B 103 1.84 12.63 23.26
CA LEU B 103 2.82 12.54 22.15
C LEU B 103 2.83 13.86 21.34
N PHE B 104 2.36 14.94 22.00
CA PHE B 104 2.09 16.27 21.41
C PHE B 104 1.06 16.12 20.27
N TYR B 105 -0.20 16.51 20.56
CA TYR B 105 -1.33 16.30 19.63
C TYR B 105 -1.57 14.78 19.47
N THR B 106 -2.45 14.37 18.56
CA THR B 106 -2.55 12.98 18.10
C THR B 106 -2.82 13.01 16.58
N MET B 107 -1.77 12.71 15.80
CA MET B 107 -1.80 12.81 14.32
C MET B 107 -2.24 11.47 13.68
N LYS B 108 -2.95 10.62 14.48
CA LYS B 108 -3.45 9.28 14.07
C LYS B 108 -2.29 8.28 13.90
N ALA B 109 -2.62 7.05 13.44
CA ALA B 109 -1.70 5.88 13.37
C ALA B 109 -1.35 5.39 14.79
N ALA B 110 -0.72 6.27 15.57
CA ALA B 110 -0.61 6.14 17.03
C ALA B 110 -1.74 6.97 17.69
N LEU B 111 -2.56 6.31 18.54
CA LEU B 111 -3.65 6.98 19.28
C LEU B 111 -3.15 7.34 20.69
N GLY B 112 -3.80 8.36 21.28
CA GLY B 112 -3.45 8.83 22.63
C GLY B 112 -4.68 9.15 23.47
N LEU B 113 -5.73 8.30 23.33
CA LEU B 113 -7.04 8.53 23.97
C LEU B 113 -7.76 7.22 24.29
N LYS B 114 -8.81 7.33 25.12
CA LYS B 114 -9.79 6.26 25.36
C LYS B 114 -10.83 6.26 24.21
N MET A 12 -16.66 0.29 44.56
CA MET A 12 -16.01 -0.60 43.55
C MET A 12 -14.56 -0.88 43.95
N GLN A 13 -13.92 -1.78 43.20
CA GLN A 13 -12.49 -2.12 43.36
C GLN A 13 -11.93 -2.46 41.98
N VAL A 14 -10.64 -2.14 41.76
CA VAL A 14 -9.91 -2.45 40.52
C VAL A 14 -8.49 -2.96 40.87
N SER A 15 -7.96 -3.85 40.03
CA SER A 15 -6.57 -4.31 40.12
C SER A 15 -5.91 -4.10 38.76
N VAL A 16 -5.11 -3.01 38.66
CA VAL A 16 -4.41 -2.63 37.41
C VAL A 16 -3.18 -3.55 37.18
N GLU A 17 -3.46 -4.77 36.71
CA GLU A 17 -2.46 -5.75 36.29
C GLU A 17 -1.89 -5.35 34.91
N THR A 18 -0.86 -6.08 34.49
CA THR A 18 -0.22 -5.91 33.18
C THR A 18 0.18 -7.29 32.64
N THR A 19 -0.48 -7.72 31.56
CA THR A 19 -0.25 -9.04 30.95
C THR A 19 1.04 -9.03 30.09
N GLN A 20 1.24 -7.92 29.34
CA GLN A 20 2.39 -7.73 28.45
C GLN A 20 2.51 -6.24 28.07
N GLY A 21 3.17 -5.46 28.97
CA GLY A 21 3.52 -4.05 28.69
C GLY A 21 2.31 -3.17 28.41
N LEU A 22 2.01 -3.02 27.11
CA LEU A 22 0.85 -2.26 26.59
C LEU A 22 -0.46 -2.91 27.07
N GLY A 23 -0.56 -4.24 26.87
CA GLY A 23 -1.73 -5.02 27.27
C GLY A 23 -1.86 -5.13 28.78
N ARG A 24 -2.53 -4.13 29.38
CA ARG A 24 -2.73 -4.03 30.83
C ARG A 24 -4.14 -4.50 31.21
N ARG A 25 -4.21 -5.34 32.25
CA ARG A 25 -5.44 -5.98 32.71
C ARG A 25 -5.99 -5.28 33.96
N VAL A 26 -6.82 -4.25 33.78
CA VAL A 26 -7.54 -3.62 34.89
C VAL A 26 -8.79 -4.47 35.21
N THR A 27 -8.61 -5.42 36.14
CA THR A 27 -9.69 -6.30 36.61
C THR A 27 -10.61 -5.53 37.57
N ILE A 28 -11.75 -5.08 37.04
CA ILE A 28 -12.73 -4.27 37.76
C ILE A 28 -13.73 -5.19 38.51
N THR A 29 -13.62 -5.21 39.83
CA THR A 29 -14.63 -5.79 40.71
C THR A 29 -15.73 -4.75 40.99
N ILE A 30 -16.81 -4.80 40.18
CA ILE A 30 -18.01 -3.98 40.39
C ILE A 30 -18.77 -4.55 41.60
N ALA A 31 -18.71 -3.86 42.74
CA ALA A 31 -19.34 -4.32 43.99
C ALA A 31 -20.88 -4.24 43.91
N ALA A 32 -21.54 -5.14 44.65
CA ALA A 32 -23.00 -5.39 44.57
C ALA A 32 -23.87 -4.18 44.96
N ASP A 33 -23.29 -3.18 45.64
CA ASP A 33 -23.99 -1.92 45.99
C ASP A 33 -24.35 -1.12 44.72
N SER A 34 -23.38 -1.04 43.79
CA SER A 34 -23.52 -0.31 42.53
C SER A 34 -24.40 -1.10 41.54
N ILE A 35 -24.26 -2.43 41.56
CA ILE A 35 -25.05 -3.34 40.71
C ILE A 35 -26.55 -3.22 41.07
N GLU A 36 -26.83 -3.33 42.37
CA GLU A 36 -28.20 -3.31 42.92
C GLU A 36 -28.94 -2.01 42.54
N THR A 37 -28.27 -0.88 42.79
CA THR A 37 -28.79 0.46 42.49
C THR A 37 -28.96 0.68 40.97
N ALA A 38 -28.02 0.17 40.16
CA ALA A 38 -28.00 0.40 38.69
C ALA A 38 -29.11 -0.40 37.96
N VAL A 39 -29.32 -1.65 38.39
CA VAL A 39 -30.40 -2.51 37.86
C VAL A 39 -31.76 -1.90 38.22
N LYS A 40 -31.85 -1.41 39.47
CA LYS A 40 -33.04 -0.74 40.03
C LYS A 40 -33.32 0.59 39.29
N SER A 41 -32.24 1.27 38.88
CA SER A 41 -32.31 2.49 38.04
C SER A 41 -32.87 2.14 36.66
N GLU A 42 -32.45 0.97 36.12
CA GLU A 42 -32.88 0.48 34.80
C GLU A 42 -34.33 -0.05 34.85
N LEU A 43 -34.78 -0.50 36.03
CA LEU A 43 -36.17 -0.98 36.23
C LEU A 43 -37.16 0.18 36.22
N VAL A 44 -36.76 1.32 36.84
CA VAL A 44 -37.59 2.55 36.83
C VAL A 44 -37.41 3.29 35.48
N ASN A 45 -36.31 3.00 34.74
CA ASN A 45 -36.16 3.43 33.32
C ASN A 45 -37.25 2.75 32.49
N VAL A 46 -37.26 1.39 32.52
CA VAL A 46 -38.22 0.54 31.77
C VAL A 46 -39.67 0.84 32.19
N ALA A 47 -39.89 1.08 33.49
CA ALA A 47 -41.22 1.42 34.04
C ALA A 47 -41.78 2.69 33.38
N LYS A 48 -40.92 3.71 33.26
CA LYS A 48 -41.30 5.02 32.68
C LYS A 48 -41.27 4.99 31.14
N LYS A 49 -40.43 4.11 30.59
CA LYS A 49 -40.15 4.01 29.14
C LYS A 49 -41.31 3.30 28.40
N VAL A 50 -41.91 2.31 29.08
CA VAL A 50 -43.07 1.55 28.58
C VAL A 50 -44.38 2.10 29.23
N ARG A 51 -44.21 3.20 30.02
CA ARG A 51 -45.31 4.00 30.64
C ARG A 51 -46.11 3.19 31.72
N ILE A 52 -45.47 2.14 32.27
CA ILE A 52 -46.06 1.25 33.31
C ILE A 52 -46.00 1.92 34.72
N ASP A 53 -45.12 2.93 34.86
CA ASP A 53 -44.89 3.62 36.16
C ASP A 53 -46.15 4.36 36.66
N GLY A 54 -46.99 4.82 35.71
CA GLY A 54 -48.27 5.49 36.04
C GLY A 54 -49.28 4.55 36.68
N PHE A 55 -49.11 3.24 36.42
CA PHE A 55 -49.93 2.18 37.04
C PHE A 55 -49.40 1.80 38.43
N ARG A 56 -48.09 2.05 38.67
CA ARG A 56 -47.46 1.85 40.00
C ARG A 56 -47.82 3.05 40.91
N LYS A 57 -48.95 2.95 41.60
CA LYS A 57 -49.47 4.03 42.47
C LYS A 57 -48.98 3.86 43.91
N GLY A 58 -47.64 3.68 44.04
CA GLY A 58 -47.01 3.36 45.34
C GLY A 58 -47.46 2.02 45.92
N LYS A 59 -47.92 1.12 45.04
CA LYS A 59 -48.47 -0.19 45.42
C LYS A 59 -47.34 -1.12 45.87
N VAL A 60 -46.40 -1.34 44.95
CA VAL A 60 -45.28 -2.28 45.14
C VAL A 60 -44.00 -1.51 45.51
N PRO A 61 -43.37 -1.81 46.69
CA PRO A 61 -42.01 -1.33 47.04
C PRO A 61 -40.97 -1.67 45.94
N MET A 62 -40.08 -0.71 45.66
CA MET A 62 -39.13 -0.78 44.53
C MET A 62 -38.03 -1.83 44.77
N ASN A 63 -37.74 -2.14 46.06
CA ASN A 63 -36.73 -3.15 46.43
C ASN A 63 -37.22 -4.57 46.09
N ILE A 64 -38.56 -4.76 46.12
CA ILE A 64 -39.22 -6.03 45.75
C ILE A 64 -39.00 -6.34 44.26
N VAL A 65 -39.33 -5.37 43.38
CA VAL A 65 -39.17 -5.55 41.93
C VAL A 65 -37.69 -5.59 41.51
N ALA A 66 -36.79 -5.13 42.40
CA ALA A 66 -35.35 -5.10 42.15
C ALA A 66 -34.71 -6.50 42.24
N GLN A 67 -34.76 -7.08 43.43
CA GLN A 67 -34.09 -8.37 43.74
C GLN A 67 -34.85 -9.56 43.12
N ARG A 68 -36.19 -9.46 43.06
CA ARG A 68 -37.06 -10.55 42.56
C ARG A 68 -37.22 -10.46 41.03
N TYR A 69 -38.02 -9.48 40.56
CA TYR A 69 -38.41 -9.37 39.14
C TYR A 69 -37.22 -8.89 38.25
N GLY A 70 -36.31 -8.12 38.86
CA GLY A 70 -35.14 -7.58 38.15
C GLY A 70 -33.95 -8.53 38.11
N ALA A 71 -34.17 -9.80 38.53
CA ALA A 71 -33.14 -10.87 38.53
C ALA A 71 -32.70 -11.25 37.10
N SER A 72 -33.58 -10.99 36.12
CA SER A 72 -33.32 -11.21 34.68
C SER A 72 -32.57 -10.02 34.06
N VAL A 73 -32.92 -8.81 34.54
CA VAL A 73 -32.38 -7.53 34.04
C VAL A 73 -30.90 -7.34 34.48
N ARG A 74 -30.48 -8.11 35.52
CA ARG A 74 -29.09 -8.13 36.05
C ARG A 74 -28.05 -8.34 34.92
N GLN A 75 -28.38 -9.27 33.98
CA GLN A 75 -27.54 -9.63 32.81
C GLN A 75 -27.06 -8.39 32.02
N ASP A 76 -28.03 -7.60 31.58
CA ASP A 76 -27.82 -6.51 30.60
C ASP A 76 -27.19 -5.27 31.25
N VAL A 77 -27.55 -5.03 32.52
CA VAL A 77 -27.04 -3.88 33.28
C VAL A 77 -25.53 -4.06 33.57
N LEU A 78 -25.05 -5.33 33.66
CA LEU A 78 -23.61 -5.64 33.80
C LEU A 78 -22.81 -5.02 32.64
N GLY A 79 -23.36 -5.12 31.41
CA GLY A 79 -22.74 -4.56 30.21
C GLY A 79 -22.59 -3.03 30.28
N ASP A 80 -23.68 -2.37 30.71
CA ASP A 80 -23.74 -0.92 30.95
C ASP A 80 -22.74 -0.49 32.06
N LEU A 81 -22.65 -1.34 33.10
CA LEU A 81 -21.74 -1.13 34.24
C LEU A 81 -20.27 -1.21 33.78
N MET A 82 -19.95 -2.18 32.90
CA MET A 82 -18.58 -2.39 32.38
C MET A 82 -18.11 -1.18 31.57
N SER A 83 -19.05 -0.60 30.81
CA SER A 83 -18.80 0.59 29.98
C SER A 83 -18.47 1.81 30.86
N ARG A 84 -19.36 2.09 31.84
CA ARG A 84 -19.28 3.29 32.68
C ARG A 84 -18.15 3.20 33.74
N ASN A 85 -17.84 1.98 34.22
CA ASN A 85 -16.77 1.77 35.24
C ASN A 85 -15.39 1.83 34.58
N PHE A 86 -15.30 1.39 33.31
CA PHE A 86 -14.05 1.43 32.54
C PHE A 86 -13.69 2.89 32.15
N ILE A 87 -14.66 3.61 31.56
CA ILE A 87 -14.44 5.01 31.13
C ILE A 87 -14.18 5.91 32.35
N ASP A 88 -14.82 5.58 33.50
CA ASP A 88 -14.61 6.26 34.78
C ASP A 88 -13.14 6.11 35.23
N ALA A 89 -12.63 4.86 35.11
CA ALA A 89 -11.26 4.50 35.48
C ALA A 89 -10.21 5.24 34.62
N ILE A 90 -10.34 5.16 33.27
CA ILE A 90 -9.29 5.66 32.34
C ILE A 90 -9.12 7.20 32.39
N ILE A 91 -10.17 7.91 32.86
CA ILE A 91 -10.13 9.38 33.04
C ILE A 91 -9.29 9.74 34.29
N LYS A 92 -9.60 9.12 35.44
CA LYS A 92 -8.94 9.44 36.73
C LYS A 92 -7.51 8.87 36.80
N GLU A 93 -7.25 7.79 36.05
CA GLU A 93 -5.91 7.17 35.94
C GLU A 93 -5.11 7.81 34.80
N LYS A 94 -5.83 8.43 33.85
CA LYS A 94 -5.25 9.06 32.62
C LYS A 94 -4.58 8.00 31.71
N ILE A 95 -4.94 6.71 31.90
CA ILE A 95 -4.43 5.60 31.08
C ILE A 95 -5.55 5.17 30.12
N ASN A 96 -5.62 5.85 28.97
CA ASN A 96 -6.62 5.58 27.92
C ASN A 96 -6.14 4.43 27.01
N PRO A 97 -7.07 3.51 26.55
CA PRO A 97 -6.73 2.45 25.57
C PRO A 97 -6.39 3.05 24.18
N ALA A 98 -5.22 2.65 23.62
CA ALA A 98 -4.84 2.95 22.24
C ALA A 98 -5.61 2.01 21.27
N GLY A 99 -6.91 2.28 21.13
CA GLY A 99 -7.79 1.51 20.24
C GLY A 99 -8.95 0.87 21.00
N ALA A 100 -8.83 -0.44 21.33
CA ALA A 100 -9.95 -1.27 21.83
C ALA A 100 -9.62 -1.97 23.17
N PRO A 101 -10.59 -2.01 24.15
CA PRO A 101 -10.47 -2.81 25.39
C PRO A 101 -11.17 -4.19 25.29
N THR A 102 -10.46 -5.26 25.71
CA THR A 102 -11.00 -6.63 25.72
C THR A 102 -11.52 -6.96 27.13
N TYR A 103 -12.85 -6.97 27.30
CA TYR A 103 -13.50 -7.29 28.57
C TYR A 103 -13.61 -8.83 28.71
N VAL A 104 -12.97 -9.38 29.73
CA VAL A 104 -12.95 -10.84 30.01
C VAL A 104 -13.88 -11.12 31.22
N PRO A 105 -15.20 -11.41 31.00
CA PRO A 105 -16.19 -11.55 32.09
C PRO A 105 -16.06 -12.89 32.85
N GLY A 106 -15.79 -12.80 34.17
CA GLY A 106 -15.68 -13.99 35.02
C GLY A 106 -17.02 -14.65 35.24
N GLU A 107 -17.81 -14.08 36.17
CA GLU A 107 -19.20 -14.49 36.43
C GLU A 107 -19.90 -13.48 37.35
N TYR A 108 -21.22 -13.64 37.49
CA TYR A 108 -22.06 -12.86 38.41
C TYR A 108 -23.04 -13.80 39.13
N LYS A 109 -23.18 -13.59 40.44
CA LYS A 109 -24.17 -14.29 41.28
C LYS A 109 -25.15 -13.23 41.81
N LEU A 110 -26.46 -13.57 41.79
CA LEU A 110 -27.54 -12.64 42.21
C LEU A 110 -27.34 -12.13 43.65
N GLY A 111 -27.07 -10.82 43.78
CA GLY A 111 -26.85 -10.18 45.08
C GLY A 111 -25.40 -10.28 45.56
N GLU A 112 -24.47 -10.56 44.63
CA GLU A 112 -23.03 -10.63 44.91
C GLU A 112 -22.26 -9.70 43.94
N ASP A 113 -20.99 -9.45 44.23
CA ASP A 113 -20.13 -8.54 43.48
C ASP A 113 -19.72 -9.16 42.13
N PHE A 114 -19.83 -8.38 41.04
CA PHE A 114 -19.39 -8.80 39.69
C PHE A 114 -17.87 -8.53 39.55
N THR A 115 -17.16 -9.42 38.84
CA THR A 115 -15.71 -9.29 38.60
C THR A 115 -15.38 -9.72 37.16
N TYR A 116 -14.53 -8.91 36.49
CA TYR A 116 -14.10 -9.16 35.09
C TYR A 116 -12.76 -8.44 34.85
N SER A 117 -12.00 -8.93 33.86
CA SER A 117 -10.62 -8.47 33.56
C SER A 117 -10.56 -7.70 32.22
N VAL A 118 -10.36 -6.37 32.27
CA VAL A 118 -10.24 -5.55 31.04
C VAL A 118 -8.78 -5.50 30.58
N GLU A 119 -8.43 -6.35 29.60
CA GLU A 119 -7.10 -6.38 28.99
C GLU A 119 -7.08 -5.47 27.74
N PHE A 120 -6.55 -4.25 27.90
CA PHE A 120 -6.48 -3.24 26.82
C PHE A 120 -5.04 -2.79 26.58
N GLU A 121 -4.75 -2.43 25.33
CA GLU A 121 -3.42 -1.93 24.91
C GLU A 121 -3.35 -0.42 25.16
N VAL A 122 -2.18 0.07 25.62
CA VAL A 122 -1.98 1.51 25.94
C VAL A 122 -1.02 2.16 24.91
N TYR A 123 -0.78 3.47 25.11
CA TYR A 123 0.11 4.28 24.25
C TYR A 123 1.59 3.99 24.60
N PRO A 124 2.38 3.35 23.68
CA PRO A 124 3.80 3.01 23.95
C PRO A 124 4.76 4.21 23.71
N GLU A 125 5.40 4.66 24.80
CA GLU A 125 6.47 5.67 24.77
C GLU A 125 7.74 5.03 24.17
N VAL A 126 7.85 5.13 22.82
CA VAL A 126 8.85 4.39 22.03
C VAL A 126 10.26 4.98 22.18
N GLU A 127 11.24 4.11 22.47
CA GLU A 127 12.66 4.47 22.49
C GLU A 127 13.21 4.51 21.05
N LEU A 128 13.51 5.73 20.58
CA LEU A 128 14.13 5.96 19.26
C LEU A 128 15.57 5.42 19.23
N GLN A 129 16.00 4.95 18.05
CA GLN A 129 17.37 4.48 17.80
C GLN A 129 17.63 4.40 16.29
N GLY A 130 18.91 4.43 15.92
CA GLY A 130 19.35 4.26 14.53
C GLY A 130 18.97 5.42 13.61
N LEU A 131 18.73 6.60 14.22
CA LEU A 131 18.30 7.82 13.52
C LEU A 131 19.41 8.35 12.61
N GLU A 132 20.64 8.39 13.16
CA GLU A 132 21.87 8.70 12.41
C GLU A 132 22.24 7.55 11.46
N ALA A 133 21.83 6.32 11.83
CA ALA A 133 22.17 5.10 11.06
C ALA A 133 21.32 5.01 9.76
N ILE A 134 20.22 5.77 9.70
CA ILE A 134 19.34 5.81 8.50
C ILE A 134 20.10 6.40 7.30
N GLU A 135 20.21 5.60 6.25
CA GLU A 135 20.83 6.00 4.97
C GLU A 135 19.73 6.34 3.98
N VAL A 136 19.57 7.61 3.66
CA VAL A 136 18.62 8.11 2.66
C VAL A 136 19.41 8.63 1.45
N GLU A 137 18.83 8.56 0.25
CA GLU A 137 19.44 9.07 -0.98
C GLU A 137 18.45 10.04 -1.62
N LYS A 138 18.77 11.33 -1.54
CA LYS A 138 17.95 12.43 -2.06
C LYS A 138 18.33 12.68 -3.53
N PRO A 139 17.44 12.35 -4.52
CA PRO A 139 17.71 12.61 -5.93
C PRO A 139 17.14 13.97 -6.40
N ILE A 140 18.03 14.96 -6.58
CA ILE A 140 17.68 16.24 -7.23
C ILE A 140 17.46 15.97 -8.73
N VAL A 141 16.20 15.66 -9.05
CA VAL A 141 15.78 15.34 -10.40
C VAL A 141 14.93 16.48 -10.96
N GLU A 142 15.20 16.85 -12.22
CA GLU A 142 14.29 17.61 -13.07
C GLU A 142 14.05 16.79 -14.33
N VAL A 143 12.90 17.00 -14.99
CA VAL A 143 12.59 16.34 -16.26
C VAL A 143 13.30 17.12 -17.38
N THR A 144 14.61 16.80 -17.60
CA THR A 144 15.50 17.52 -18.56
C THR A 144 14.97 17.37 -20.01
N ASP A 145 15.63 18.03 -20.98
CA ASP A 145 15.24 17.92 -22.42
C ASP A 145 15.26 16.45 -22.90
N ALA A 146 16.29 15.72 -22.44
CA ALA A 146 16.45 14.29 -22.72
C ALA A 146 15.29 13.47 -22.12
N ASP A 147 14.87 13.84 -20.91
CA ASP A 147 13.77 13.15 -20.19
C ASP A 147 12.39 13.49 -20.80
N VAL A 148 12.20 14.77 -21.17
CA VAL A 148 10.96 15.28 -21.77
C VAL A 148 10.68 14.53 -23.06
N ASP A 149 11.61 14.69 -24.00
CA ASP A 149 11.46 14.20 -25.37
C ASP A 149 11.75 12.70 -25.44
N GLY A 150 12.59 12.19 -24.51
CA GLY A 150 12.91 10.76 -24.43
C GLY A 150 11.77 9.91 -23.85
N MET A 151 11.06 10.46 -22.85
CA MET A 151 9.87 9.80 -22.27
C MET A 151 8.70 9.82 -23.28
N LEU A 152 8.43 11.02 -23.88
CA LEU A 152 7.52 11.15 -25.05
C LEU A 152 7.90 10.17 -26.20
N ASP A 153 9.23 10.01 -26.42
CA ASP A 153 9.79 9.10 -27.45
C ASP A 153 9.41 7.64 -27.15
N THR A 154 9.56 7.25 -25.87
CA THR A 154 9.20 5.91 -25.38
C THR A 154 7.69 5.65 -25.53
N LEU A 155 6.86 6.68 -25.24
CA LEU A 155 5.38 6.62 -25.39
C LEU A 155 5.00 6.38 -26.87
N ARG A 156 5.69 7.10 -27.76
CA ARG A 156 5.51 6.96 -29.21
C ARG A 156 6.03 5.59 -29.69
N LYS A 157 7.04 5.03 -28.99
CA LYS A 157 7.57 3.67 -29.26
C LYS A 157 6.69 2.57 -28.63
N GLN A 158 5.81 2.95 -27.69
CA GLN A 158 4.74 2.05 -27.18
C GLN A 158 3.52 2.09 -28.12
N GLN A 159 3.28 3.25 -28.77
CA GLN A 159 2.20 3.42 -29.77
C GLN A 159 2.78 3.43 -31.22
N ALA A 160 3.82 2.63 -31.43
CA ALA A 160 4.68 2.72 -32.64
C ALA A 160 4.09 2.09 -33.91
N THR A 161 4.59 2.58 -35.05
CA THR A 161 4.30 2.04 -36.38
C THR A 161 5.39 1.00 -36.75
N TRP A 162 4.97 -0.20 -37.16
CA TRP A 162 5.90 -1.31 -37.45
C TRP A 162 6.43 -1.18 -38.88
N LYS A 163 7.70 -0.80 -39.00
CA LYS A 163 8.38 -0.55 -40.29
C LYS A 163 9.63 -1.44 -40.41
N GLU A 164 9.74 -2.20 -41.51
CA GLU A 164 10.97 -2.93 -41.85
C GLU A 164 12.02 -1.93 -42.41
N LYS A 165 13.15 -1.80 -41.70
CA LYS A 165 14.30 -0.99 -42.16
C LYS A 165 15.44 -1.89 -42.67
N ASP A 166 16.53 -1.27 -43.13
CA ASP A 166 17.71 -1.96 -43.64
C ASP A 166 18.98 -1.28 -43.09
N GLY A 167 19.99 -2.11 -42.76
CA GLY A 167 21.34 -1.62 -42.48
C GLY A 167 21.84 -1.98 -41.08
N ALA A 168 21.04 -1.68 -40.03
CA ALA A 168 21.48 -1.88 -38.62
C ALA A 168 20.28 -2.08 -37.66
N VAL A 169 20.51 -2.91 -36.61
CA VAL A 169 19.61 -3.07 -35.45
C VAL A 169 20.25 -2.34 -34.23
N GLU A 170 19.41 -1.92 -33.25
CA GLU A 170 19.87 -1.22 -32.02
C GLU A 170 18.91 -1.59 -30.85
N ALA A 171 19.11 -0.96 -29.67
CA ALA A 171 18.55 -1.41 -28.38
C ALA A 171 17.03 -1.15 -28.22
N GLU A 172 16.49 -0.16 -28.93
CA GLU A 172 15.07 0.26 -28.80
C GLU A 172 14.28 -0.08 -30.06
N ASP A 173 14.72 -1.10 -30.80
CA ASP A 173 14.10 -1.50 -32.07
C ASP A 173 13.14 -2.69 -31.93
N ARG A 174 12.80 -3.27 -33.08
CA ARG A 174 11.85 -4.37 -33.20
C ARG A 174 12.46 -5.34 -34.25
N VAL A 175 12.45 -6.64 -33.99
CA VAL A 175 13.17 -7.64 -34.82
C VAL A 175 12.29 -8.88 -34.98
N THR A 176 12.52 -9.66 -36.04
CA THR A 176 12.07 -11.05 -36.15
C THR A 176 13.29 -11.89 -36.56
N ILE A 177 13.54 -12.94 -35.78
CA ILE A 177 14.67 -13.85 -35.96
C ILE A 177 14.18 -15.30 -36.07
N ASP A 178 15.16 -16.17 -36.31
CA ASP A 178 15.02 -17.63 -36.24
C ASP A 178 16.35 -18.15 -35.69
N PHE A 179 16.33 -18.90 -34.57
CA PHE A 179 17.59 -19.36 -33.96
C PHE A 179 17.48 -20.79 -33.42
N THR A 180 18.66 -21.38 -33.24
CA THR A 180 18.84 -22.72 -32.68
C THR A 180 20.08 -22.71 -31.78
N GLY A 181 19.86 -22.94 -30.47
CA GLY A 181 20.91 -22.91 -29.48
C GLY A 181 21.60 -24.26 -29.28
N SER A 182 22.80 -24.22 -28.68
CA SER A 182 23.55 -25.40 -28.24
C SER A 182 24.42 -25.03 -27.04
N VAL A 183 24.33 -25.80 -25.94
CA VAL A 183 25.11 -25.56 -24.71
C VAL A 183 26.19 -26.65 -24.57
N ASP A 184 27.42 -26.22 -24.24
CA ASP A 184 28.54 -27.13 -23.84
C ASP A 184 29.08 -27.97 -25.04
N GLY A 185 28.55 -27.72 -26.26
CA GLY A 185 28.99 -28.44 -27.47
C GLY A 185 27.89 -29.24 -28.14
N GLU A 186 26.69 -29.27 -27.53
CA GLU A 186 25.54 -30.02 -28.06
C GLU A 186 24.25 -29.25 -27.76
N GLU A 187 23.15 -29.66 -28.40
CA GLU A 187 21.81 -29.09 -28.13
C GLU A 187 21.36 -29.35 -26.67
N PHE A 188 20.21 -28.79 -26.31
CA PHE A 188 19.62 -28.89 -24.96
C PHE A 188 18.10 -28.83 -25.06
N GLU A 189 17.42 -29.10 -23.93
CA GLU A 189 15.95 -29.01 -23.84
C GLU A 189 15.50 -27.58 -24.17
N GLY A 190 14.73 -27.46 -25.26
CA GLY A 190 14.50 -26.19 -25.91
C GLY A 190 15.72 -25.82 -26.74
N GLY A 191 15.82 -26.41 -27.95
CA GLY A 191 16.96 -26.19 -28.82
C GLY A 191 16.67 -25.22 -29.97
N LYS A 192 15.37 -24.94 -30.25
CA LYS A 192 14.96 -24.09 -31.40
C LYS A 192 13.79 -23.16 -31.04
N ALA A 193 13.81 -21.98 -31.66
CA ALA A 193 12.75 -20.96 -31.55
C ALA A 193 12.62 -20.28 -32.91
N SER A 194 11.71 -20.81 -33.74
CA SER A 194 11.47 -20.36 -35.10
C SER A 194 10.57 -19.10 -35.12
N ASP A 195 10.91 -18.14 -36.00
CA ASP A 195 10.03 -17.00 -36.36
C ASP A 195 9.70 -16.08 -35.17
N PHE A 196 10.55 -16.10 -34.11
CA PHE A 196 10.33 -15.27 -32.92
C PHE A 196 10.45 -13.77 -33.25
N VAL A 197 9.55 -12.96 -32.67
CA VAL A 197 9.52 -11.50 -32.86
C VAL A 197 9.99 -10.79 -31.58
N LEU A 198 11.18 -10.16 -31.63
CA LEU A 198 11.74 -9.40 -30.50
C LEU A 198 11.39 -7.90 -30.61
N ALA A 199 10.26 -7.52 -30.02
CA ALA A 199 9.91 -6.12 -29.81
C ALA A 199 10.60 -5.66 -28.51
N MET A 200 11.82 -5.09 -28.65
CA MET A 200 12.73 -4.82 -27.52
C MET A 200 12.07 -3.97 -26.41
N GLY A 201 12.17 -4.47 -25.17
CA GLY A 201 11.35 -4.02 -24.04
C GLY A 201 10.63 -5.18 -23.38
N GLN A 202 10.36 -6.25 -24.17
CA GLN A 202 9.82 -7.52 -23.67
C GLN A 202 10.92 -8.30 -22.91
N GLY A 203 10.60 -8.73 -21.69
CA GLY A 203 11.57 -9.41 -20.80
C GLY A 203 11.34 -10.91 -20.72
N ARG A 204 11.68 -11.63 -21.81
CA ARG A 204 11.60 -13.12 -21.86
C ARG A 204 12.94 -13.74 -22.29
N MET A 205 14.05 -12.99 -22.10
CA MET A 205 15.42 -13.46 -22.40
C MET A 205 16.39 -12.97 -21.32
N ILE A 206 17.63 -13.48 -21.38
CA ILE A 206 18.72 -13.08 -20.47
C ILE A 206 19.66 -12.07 -21.18
N PRO A 207 20.44 -11.24 -20.40
CA PRO A 207 21.52 -10.39 -20.96
C PRO A 207 22.59 -11.23 -21.69
N GLY A 208 23.18 -10.64 -22.74
CA GLY A 208 24.11 -11.35 -23.64
C GLY A 208 23.41 -11.82 -24.89
N PHE A 209 22.22 -12.45 -24.71
CA PHE A 209 21.35 -12.86 -25.81
C PHE A 209 20.87 -11.60 -26.56
N GLU A 210 20.33 -10.65 -25.77
CA GLU A 210 19.82 -9.36 -26.28
C GLU A 210 20.90 -8.57 -27.05
N ASP A 211 22.14 -8.57 -26.51
CA ASP A 211 23.30 -7.84 -27.06
C ASP A 211 23.70 -8.40 -28.43
N GLY A 212 23.51 -9.73 -28.58
CA GLY A 212 23.85 -10.44 -29.81
C GLY A 212 22.82 -10.25 -30.92
N ILE A 213 21.64 -9.73 -30.56
CA ILE A 213 20.59 -9.37 -31.52
C ILE A 213 20.78 -7.91 -31.96
N LYS A 214 20.88 -7.03 -30.95
CA LYS A 214 20.78 -5.55 -31.11
C LYS A 214 22.12 -4.90 -31.52
N GLY A 215 23.05 -5.70 -32.10
CA GLY A 215 24.36 -5.20 -32.52
C GLY A 215 24.79 -5.83 -33.83
N HIS A 216 23.79 -6.12 -34.69
CA HIS A 216 23.98 -6.84 -35.96
C HIS A 216 22.96 -6.34 -37.03
N LYS A 217 22.94 -6.98 -38.21
CA LYS A 217 22.10 -6.55 -39.38
C LYS A 217 21.63 -7.78 -40.18
N ALA A 218 20.55 -7.64 -41.00
CA ALA A 218 19.89 -8.80 -41.67
C ALA A 218 20.79 -9.43 -42.73
N GLY A 219 20.58 -10.74 -42.96
CA GLY A 219 21.25 -11.48 -44.02
C GLY A 219 22.37 -12.36 -43.49
N GLU A 220 23.12 -11.82 -42.52
CA GLU A 220 24.17 -12.57 -41.84
C GLU A 220 23.53 -13.53 -40.82
N GLU A 221 23.67 -14.82 -41.08
CA GLU A 221 23.25 -15.89 -40.19
C GLU A 221 24.50 -16.34 -39.42
N PHE A 222 24.58 -15.93 -38.15
CA PHE A 222 25.73 -16.13 -37.28
C PHE A 222 25.31 -16.95 -36.06
N THR A 223 26.20 -17.03 -35.06
CA THR A 223 25.87 -17.55 -33.74
C THR A 223 26.43 -16.58 -32.69
N ILE A 224 25.67 -16.39 -31.61
CA ILE A 224 26.08 -15.54 -30.49
C ILE A 224 26.49 -16.42 -29.32
N ASP A 225 27.55 -16.04 -28.63
CA ASP A 225 27.99 -16.77 -27.45
C ASP A 225 27.55 -16.00 -26.20
N VAL A 226 26.50 -16.51 -25.55
CA VAL A 226 26.00 -16.02 -24.27
C VAL A 226 26.59 -16.92 -23.16
N THR A 227 26.63 -16.41 -21.94
CA THR A 227 27.08 -17.15 -20.77
C THR A 227 26.06 -16.96 -19.65
N PHE A 228 25.62 -18.08 -19.06
CA PHE A 228 24.60 -18.09 -18.02
C PHE A 228 25.21 -17.67 -16.67
N PRO A 229 24.64 -16.61 -15.99
CA PRO A 229 25.09 -16.14 -14.63
C PRO A 229 25.19 -17.24 -13.55
N GLU A 230 25.86 -16.90 -12.44
CA GLU A 230 25.86 -17.74 -11.21
C GLU A 230 24.49 -17.62 -10.52
N GLU A 231 23.83 -16.48 -10.74
CA GLU A 231 22.49 -16.17 -10.24
C GLU A 231 21.39 -16.89 -11.07
N TYR A 232 21.77 -17.35 -12.28
CA TYR A 232 20.87 -18.05 -13.22
C TYR A 232 20.37 -19.38 -12.60
N HIS A 233 19.05 -19.63 -12.70
CA HIS A 233 18.35 -20.68 -11.91
C HIS A 233 18.57 -22.12 -12.43
N ALA A 234 18.52 -22.32 -13.77
CA ALA A 234 18.82 -23.65 -14.36
C ALA A 234 20.31 -23.94 -14.20
N GLU A 235 20.66 -24.75 -13.18
CA GLU A 235 22.05 -24.93 -12.70
C GLU A 235 22.92 -25.75 -13.66
N ASN A 236 22.28 -26.59 -14.50
CA ASN A 236 22.97 -27.32 -15.58
C ASN A 236 23.54 -26.34 -16.64
N LEU A 237 22.92 -25.14 -16.72
CA LEU A 237 23.37 -24.05 -17.61
C LEU A 237 24.30 -23.08 -16.87
N LYS A 238 24.04 -22.88 -15.57
CA LYS A 238 24.77 -21.91 -14.71
C LYS A 238 26.30 -22.08 -14.83
N GLY A 239 26.97 -21.02 -15.33
CA GLY A 239 28.43 -21.03 -15.55
C GLY A 239 28.82 -21.36 -16.99
N LYS A 240 28.02 -22.24 -17.62
CA LYS A 240 28.23 -22.66 -19.02
C LYS A 240 27.85 -21.56 -20.02
N ALA A 241 28.19 -21.81 -21.29
CA ALA A 241 27.93 -20.88 -22.40
C ALA A 241 27.11 -21.58 -23.49
N ALA A 242 26.13 -20.85 -24.05
CA ALA A 242 25.29 -21.34 -25.15
C ALA A 242 25.50 -20.49 -26.39
N LYS A 243 25.71 -21.15 -27.51
CA LYS A 243 25.82 -20.54 -28.82
C LYS A 243 24.46 -20.65 -29.52
N PHE A 244 23.82 -19.51 -29.79
CA PHE A 244 22.49 -19.45 -30.40
C PHE A 244 22.65 -18.93 -31.83
N ALA A 245 22.35 -19.78 -32.82
CA ALA A 245 22.55 -19.44 -34.24
C ALA A 245 21.45 -18.48 -34.72
N ILE A 246 21.73 -17.17 -34.58
CA ILE A 246 20.75 -16.11 -34.87
C ILE A 246 20.72 -15.83 -36.37
N ASN A 247 19.58 -16.09 -36.99
CA ASN A 247 19.34 -15.84 -38.41
C ASN A 247 18.46 -14.59 -38.51
N LEU A 248 19.10 -13.45 -38.83
CA LEU A 248 18.39 -12.17 -38.96
C LEU A 248 17.63 -12.11 -40.30
N LYS A 249 16.36 -12.50 -40.25
CA LYS A 249 15.46 -12.45 -41.41
C LYS A 249 14.83 -11.06 -41.56
N LYS A 250 14.60 -10.37 -40.42
CA LYS A 250 13.95 -9.04 -40.39
C LYS A 250 14.74 -8.07 -39.51
N VAL A 251 15.15 -6.94 -40.10
CA VAL A 251 15.52 -5.74 -39.37
C VAL A 251 14.32 -4.81 -39.47
N GLU A 252 13.57 -4.69 -38.37
CA GLU A 252 12.41 -3.82 -38.30
C GLU A 252 12.71 -2.68 -37.33
N GLU A 253 11.70 -1.86 -37.08
CA GLU A 253 11.79 -0.75 -36.15
C GLU A 253 10.39 -0.43 -35.66
N ARG A 254 10.22 -0.39 -34.33
CA ARG A 254 9.04 0.23 -33.75
C ARG A 254 9.22 1.76 -33.90
N GLU A 255 8.85 2.23 -35.09
CA GLU A 255 9.11 3.59 -35.56
C GLU A 255 8.15 4.59 -34.89
N LEU A 256 8.64 5.81 -34.69
CA LEU A 256 7.84 6.94 -34.18
C LEU A 256 6.65 7.23 -35.13
N PRO A 257 5.37 7.16 -34.63
CA PRO A 257 4.16 7.47 -35.43
C PRO A 257 3.97 8.99 -35.64
N GLU A 258 2.78 9.38 -36.13
CA GLU A 258 2.42 10.80 -36.30
C GLU A 258 2.55 11.58 -34.95
N LEU A 259 2.91 12.88 -35.06
CA LEU A 259 2.96 13.83 -33.91
C LEU A 259 2.60 15.23 -34.46
N THR A 260 1.83 15.23 -35.57
CA THR A 260 1.31 16.45 -36.22
C THR A 260 0.15 17.03 -35.37
N ALA A 261 -0.24 18.30 -35.62
CA ALA A 261 -1.18 19.12 -34.79
C ALA A 261 -2.33 18.32 -34.14
N GLU A 262 -3.06 17.56 -34.99
CA GLU A 262 -4.26 16.80 -34.57
C GLU A 262 -3.94 15.64 -33.60
N PHE A 263 -2.74 15.05 -33.72
CA PHE A 263 -2.28 13.98 -32.81
C PHE A 263 -1.75 14.60 -31.49
N ILE A 264 -0.79 15.52 -31.62
CA ILE A 264 -0.03 16.09 -30.49
C ILE A 264 -0.94 16.91 -29.53
N LYS A 265 -2.03 17.50 -30.06
CA LYS A 265 -3.00 18.23 -29.22
C LYS A 265 -3.76 17.29 -28.25
N ARG A 266 -3.89 16.00 -28.63
CA ARG A 266 -4.70 15.00 -27.90
C ARG A 266 -4.10 14.66 -26.51
N PHE A 267 -2.79 14.95 -26.34
CA PHE A 267 -2.09 14.78 -25.05
C PHE A 267 -2.60 15.79 -23.98
N GLY A 268 -3.15 16.93 -24.43
CA GLY A 268 -3.65 17.98 -23.52
C GLY A 268 -3.50 19.38 -24.10
N VAL A 269 -2.58 19.54 -25.05
CA VAL A 269 -2.24 20.84 -25.68
C VAL A 269 -3.42 21.32 -26.55
N GLU A 270 -3.81 22.61 -26.41
CA GLU A 270 -4.99 23.17 -27.12
C GLU A 270 -4.75 23.21 -28.64
N ASP A 271 -3.72 23.98 -29.05
CA ASP A 271 -3.40 24.21 -30.48
C ASP A 271 -2.60 23.02 -31.07
N GLY A 272 -1.73 22.44 -30.23
CA GLY A 272 -0.89 21.30 -30.60
C GLY A 272 0.53 21.73 -30.99
N SER A 273 1.09 22.75 -30.32
CA SER A 273 2.48 23.20 -30.54
C SER A 273 3.47 22.24 -29.85
N VAL A 274 4.60 21.95 -30.53
CA VAL A 274 5.65 21.01 -30.04
C VAL A 274 6.20 21.47 -28.67
N GLU A 275 6.74 22.70 -28.65
CA GLU A 275 7.21 23.35 -27.41
C GLU A 275 6.07 23.58 -26.39
N GLY A 276 4.79 23.46 -26.86
CA GLY A 276 3.64 23.52 -25.97
C GLY A 276 3.43 22.19 -25.27
N LEU A 277 3.78 21.08 -25.98
CA LEU A 277 3.70 19.73 -25.42
C LEU A 277 4.88 19.50 -24.47
N ARG A 278 6.05 20.04 -24.84
CA ARG A 278 7.27 19.95 -24.01
C ARG A 278 7.04 20.67 -22.68
N ALA A 279 6.35 21.83 -22.76
CA ALA A 279 5.91 22.62 -21.60
C ALA A 279 4.90 21.83 -20.74
N GLU A 280 3.88 21.27 -21.42
CA GLU A 280 2.77 20.52 -20.79
C GLU A 280 3.31 19.31 -19.99
N VAL A 281 4.16 18.51 -20.64
CA VAL A 281 4.73 17.31 -20.03
C VAL A 281 5.85 17.67 -19.03
N ARG A 282 6.49 18.84 -19.21
CA ARG A 282 7.46 19.37 -18.22
C ARG A 282 6.75 19.51 -16.86
N LYS A 283 5.70 20.36 -16.82
CA LYS A 283 4.95 20.65 -15.58
C LYS A 283 4.20 19.41 -15.01
N ASN A 284 3.63 18.55 -15.90
CA ASN A 284 2.89 17.33 -15.47
C ASN A 284 3.83 16.27 -14.88
N MET A 285 4.89 15.93 -15.65
CA MET A 285 5.88 14.92 -15.22
C MET A 285 6.64 15.42 -13.98
N GLU A 286 6.83 16.76 -13.83
CA GLU A 286 7.45 17.37 -12.62
C GLU A 286 6.50 17.37 -11.42
N ARG A 287 5.18 17.47 -11.67
CA ARG A 287 4.15 17.37 -10.60
C ARG A 287 4.19 15.96 -9.98
N GLU A 288 4.29 14.95 -10.88
CA GLU A 288 4.45 13.54 -10.51
C GLU A 288 5.86 13.30 -9.90
N LEU A 289 6.86 13.99 -10.47
CA LEU A 289 8.29 13.87 -10.12
C LEU A 289 8.54 14.23 -8.65
N LYS A 290 7.96 15.38 -8.22
CA LYS A 290 8.09 15.87 -6.83
C LYS A 290 7.53 14.86 -5.83
N SER A 291 6.41 14.24 -6.20
CA SER A 291 5.74 13.22 -5.38
C SER A 291 6.60 11.94 -5.31
N ALA A 292 7.31 11.64 -6.42
CA ALA A 292 8.19 10.45 -6.52
C ALA A 292 9.57 10.66 -5.84
N ILE A 293 10.09 11.91 -5.85
CA ILE A 293 11.32 12.29 -5.10
C ILE A 293 11.00 12.23 -3.61
N ARG A 294 9.82 12.75 -3.26
CA ARG A 294 9.32 12.72 -1.88
C ARG A 294 9.09 11.27 -1.43
N ASN A 295 8.56 10.44 -2.36
CA ASN A 295 8.35 8.99 -2.13
C ASN A 295 9.68 8.31 -1.84
N ARG A 296 10.70 8.63 -2.65
CA ARG A 296 12.07 8.08 -2.54
C ARG A 296 12.67 8.38 -1.14
N VAL A 297 12.83 9.68 -0.86
CA VAL A 297 13.47 10.20 0.37
C VAL A 297 12.72 9.72 1.65
N LYS A 298 11.39 9.86 1.63
CA LYS A 298 10.53 9.54 2.78
C LYS A 298 10.44 8.02 3.02
N SER A 299 10.41 7.21 1.93
CA SER A 299 10.35 5.74 2.06
C SER A 299 11.66 5.19 2.65
N GLN A 300 12.81 5.78 2.25
CA GLN A 300 14.14 5.41 2.78
C GLN A 300 14.30 5.85 4.25
N ALA A 301 13.73 7.02 4.61
CA ALA A 301 13.72 7.52 6.00
C ALA A 301 12.92 6.58 6.91
N ILE A 302 11.68 6.30 6.48
CA ILE A 302 10.75 5.35 7.14
C ILE A 302 11.33 3.92 7.16
N GLU A 303 12.08 3.55 6.10
CA GLU A 303 12.70 2.23 5.98
C GLU A 303 13.74 2.06 7.08
N GLY A 304 14.66 3.03 7.16
CA GLY A 304 15.70 3.06 8.19
C GLY A 304 15.13 3.11 9.60
N LEU A 305 14.04 3.91 9.77
CA LEU A 305 13.32 4.07 11.06
C LEU A 305 12.82 2.71 11.60
N VAL A 306 11.92 2.06 10.84
CA VAL A 306 11.31 0.78 11.27
C VAL A 306 12.40 -0.32 11.40
N LYS A 307 13.31 -0.37 10.40
CA LYS A 307 14.45 -1.32 10.37
C LYS A 307 15.33 -1.19 11.64
N ALA A 308 15.48 0.06 12.12
CA ALA A 308 16.26 0.38 13.33
C ALA A 308 15.47 0.12 14.62
N ASN A 309 14.13 0.23 14.56
CA ASN A 309 13.27 0.28 15.78
C ASN A 309 12.21 -0.84 15.77
N ASP A 310 12.35 -1.78 16.72
CA ASP A 310 11.31 -2.81 17.02
C ASP A 310 10.63 -2.40 18.34
N ILE A 311 9.34 -2.73 18.45
CA ILE A 311 8.48 -2.33 19.59
C ILE A 311 7.20 -3.19 19.62
N ASP A 312 6.60 -3.36 20.82
CA ASP A 312 5.24 -3.93 20.96
C ASP A 312 4.25 -2.88 20.45
N VAL A 313 3.59 -3.19 19.33
CA VAL A 313 2.71 -2.24 18.61
C VAL A 313 1.22 -2.60 18.89
N PRO A 314 0.33 -1.60 19.25
CA PRO A 314 -1.09 -1.88 19.56
C PRO A 314 -1.86 -2.44 18.33
N ALA A 315 -2.23 -3.74 18.42
CA ALA A 315 -2.96 -4.51 17.37
C ALA A 315 -4.27 -3.83 16.92
N ALA A 316 -4.80 -2.97 17.78
CA ALA A 316 -6.00 -2.18 17.51
C ALA A 316 -5.72 -1.05 16.49
N LEU A 317 -4.63 -0.28 16.75
CA LEU A 317 -4.16 0.78 15.83
C LEU A 317 -3.73 0.17 14.48
N ILE A 318 -3.10 -1.02 14.59
CA ILE A 318 -2.73 -1.85 13.44
C ILE A 318 -3.98 -2.22 12.65
N ASP A 319 -5.03 -2.68 13.37
CA ASP A 319 -6.31 -3.11 12.75
C ASP A 319 -7.01 -1.95 12.03
N SER A 320 -6.80 -0.71 12.53
CA SER A 320 -7.29 0.51 11.86
C SER A 320 -6.54 0.78 10.53
N GLU A 321 -5.20 0.65 10.55
CA GLU A 321 -4.39 0.78 9.31
C GLU A 321 -4.63 -0.42 8.35
N ILE A 322 -4.97 -1.58 8.94
CA ILE A 322 -5.42 -2.78 8.22
C ILE A 322 -6.74 -2.46 7.53
N ASP A 323 -7.63 -1.75 8.26
CA ASP A 323 -8.96 -1.33 7.78
C ASP A 323 -8.84 -0.47 6.53
N VAL A 324 -7.84 0.46 6.53
CA VAL A 324 -7.45 1.23 5.32
C VAL A 324 -7.10 0.26 4.17
N LEU A 325 -6.22 -0.73 4.47
CA LEU A 325 -5.78 -1.76 3.50
C LEU A 325 -6.90 -2.78 3.13
N ARG A 326 -7.95 -2.86 3.97
CA ARG A 326 -9.12 -3.74 3.74
C ARG A 326 -10.08 -3.06 2.77
N ARG A 327 -10.14 -1.72 2.83
CA ARG A 327 -10.88 -0.89 1.86
C ARG A 327 -10.16 -0.89 0.50
N GLN A 328 -8.81 -0.83 0.55
CA GLN A 328 -7.94 -0.93 -0.64
C GLN A 328 -8.18 -2.28 -1.36
N ALA A 329 -8.14 -3.37 -0.58
CA ALA A 329 -8.41 -4.73 -1.08
C ALA A 329 -9.84 -4.84 -1.61
N ALA A 330 -10.80 -4.31 -0.81
CA ALA A 330 -12.24 -4.29 -1.12
C ALA A 330 -12.50 -3.66 -2.49
N GLN A 331 -11.72 -2.62 -2.81
CA GLN A 331 -11.80 -1.91 -4.09
C GLN A 331 -11.36 -2.86 -5.25
N ARG A 332 -10.32 -3.68 -4.99
CA ARG A 332 -9.79 -4.66 -5.99
C ARG A 332 -10.67 -5.94 -5.97
N PHE A 333 -11.53 -6.05 -4.94
CA PHE A 333 -12.56 -7.10 -4.78
C PHE A 333 -13.92 -6.63 -5.40
N GLY A 334 -13.85 -5.52 -6.17
CA GLY A 334 -15.00 -4.99 -6.92
C GLY A 334 -15.82 -3.98 -6.13
N GLY A 335 -15.16 -3.28 -5.19
CA GLY A 335 -15.79 -2.23 -4.38
C GLY A 335 -16.75 -2.80 -3.36
N ASN A 336 -16.21 -3.61 -2.42
CA ASN A 336 -16.99 -4.27 -1.34
C ASN A 336 -17.61 -3.20 -0.42
N GLU A 337 -18.80 -3.54 0.12
CA GLU A 337 -19.68 -2.62 0.86
C GLU A 337 -19.69 -2.99 2.36
N LYS A 338 -18.73 -2.40 3.11
CA LYS A 338 -18.66 -2.43 4.59
C LYS A 338 -18.36 -3.84 5.20
N GLN A 339 -18.30 -4.88 4.36
CA GLN A 339 -17.94 -6.26 4.76
C GLN A 339 -16.41 -6.40 4.77
N ALA A 340 -15.71 -5.37 4.22
CA ALA A 340 -14.24 -5.28 4.14
C ALA A 340 -13.57 -5.49 5.51
N LEU A 341 -14.25 -5.05 6.59
CA LEU A 341 -13.82 -5.22 7.99
C LEU A 341 -13.44 -6.70 8.33
N GLU A 342 -14.13 -7.65 7.67
CA GLU A 342 -13.95 -9.10 7.89
C GLU A 342 -12.73 -9.66 7.11
N LEU A 343 -12.28 -8.96 6.03
CA LEU A 343 -11.15 -9.41 5.17
C LEU A 343 -9.90 -9.71 6.04
N PRO A 344 -9.38 -10.99 6.03
CA PRO A 344 -8.33 -11.49 6.97
C PRO A 344 -7.23 -10.46 7.26
N ARG A 345 -7.27 -9.92 8.49
CA ARG A 345 -6.46 -8.78 8.93
C ARG A 345 -4.95 -9.07 8.86
N GLU A 346 -4.58 -10.34 9.08
CA GLU A 346 -3.19 -10.83 9.04
C GLU A 346 -2.55 -10.71 7.63
N LEU A 347 -3.38 -10.56 6.56
CA LEU A 347 -2.86 -10.27 5.20
C LEU A 347 -2.20 -8.87 5.18
N PHE A 348 -2.83 -7.95 5.92
CA PHE A 348 -2.53 -6.51 5.86
C PHE A 348 -1.70 -6.07 7.07
N GLU A 349 -1.73 -6.89 8.15
CA GLU A 349 -1.09 -6.56 9.45
C GLU A 349 0.39 -6.23 9.33
N GLU A 350 1.10 -6.91 8.42
CA GLU A 350 2.56 -6.73 8.25
C GLU A 350 2.92 -5.27 7.85
N GLN A 351 2.20 -4.73 6.85
CA GLN A 351 2.40 -3.34 6.36
C GLN A 351 1.74 -2.32 7.29
N ALA A 352 0.56 -2.67 7.81
CA ALA A 352 -0.25 -1.79 8.68
C ALA A 352 0.50 -1.48 9.98
N LYS A 353 0.90 -2.55 10.69
CA LYS A 353 1.75 -2.50 11.90
C LYS A 353 2.99 -1.64 11.66
N ARG A 354 3.60 -1.83 10.49
CA ARG A 354 4.78 -1.08 10.05
C ARG A 354 4.45 0.43 9.96
N ARG A 355 3.22 0.78 9.48
CA ARG A 355 2.78 2.21 9.41
C ARG A 355 2.46 2.78 10.81
N VAL A 356 2.03 1.91 11.74
CA VAL A 356 1.82 2.32 13.14
C VAL A 356 3.17 2.58 13.82
N VAL A 357 4.20 1.74 13.50
CA VAL A 357 5.58 1.92 13.98
C VAL A 357 6.10 3.29 13.49
N VAL A 358 5.84 3.58 12.21
CA VAL A 358 6.10 4.90 11.60
C VAL A 358 5.42 6.03 12.41
N GLY A 359 4.13 5.82 12.76
CA GLY A 359 3.34 6.80 13.52
C GLY A 359 3.83 7.01 14.97
N LEU A 360 4.40 5.94 15.56
CA LEU A 360 4.94 5.98 16.94
C LEU A 360 6.28 6.74 16.95
N LEU A 361 7.18 6.37 16.02
CA LEU A 361 8.54 6.93 15.90
C LEU A 361 8.47 8.42 15.56
N LEU A 362 7.75 8.73 14.46
CA LEU A 362 7.55 10.11 14.00
C LEU A 362 6.77 10.94 15.02
N GLY A 363 5.81 10.30 15.73
CA GLY A 363 5.06 10.94 16.82
C GLY A 363 5.96 11.35 17.99
N GLU A 364 6.95 10.48 18.29
CA GLU A 364 7.97 10.74 19.32
C GLU A 364 8.95 11.85 18.86
N VAL A 365 9.23 11.89 17.56
CA VAL A 365 10.05 12.95 16.95
C VAL A 365 9.31 14.31 17.02
N ILE A 366 7.97 14.28 16.84
CA ILE A 366 7.10 15.48 16.98
C ILE A 366 7.13 15.98 18.42
N ARG A 367 7.07 15.04 19.37
CA ARG A 367 7.10 15.34 20.81
C ARG A 367 8.42 16.07 21.17
N THR A 368 9.55 15.36 20.97
CA THR A 368 10.90 15.80 21.38
C THR A 368 11.38 17.05 20.59
N ASN A 369 10.97 17.16 19.30
CA ASN A 369 11.31 18.33 18.45
C ASN A 369 10.16 19.39 18.48
N GLU A 370 9.19 19.21 19.40
CA GLU A 370 8.05 20.18 19.68
C GLU A 370 7.35 20.70 18.40
N LEU A 371 7.19 19.81 17.41
CA LEU A 371 6.63 20.13 16.09
C LEU A 371 5.10 20.35 16.16
N LYS A 372 4.60 21.25 15.29
CA LYS A 372 3.16 21.51 15.08
C LYS A 372 2.91 21.74 13.58
N ALA A 373 1.72 21.36 13.07
CA ALA A 373 1.41 21.37 11.62
C ALA A 373 1.44 22.81 11.01
N ASP A 374 2.04 22.94 9.82
CA ASP A 374 2.14 24.23 9.07
C ASP A 374 0.99 24.34 8.06
N GLU A 375 0.20 25.42 8.19
CA GLU A 375 -1.07 25.62 7.45
C GLU A 375 -0.85 25.58 5.93
N GLU A 376 0.18 26.33 5.49
CA GLU A 376 0.51 26.47 4.08
C GLU A 376 1.13 25.18 3.53
N ARG A 377 1.68 24.31 4.42
CA ARG A 377 2.21 23.01 4.00
C ARG A 377 1.05 22.10 3.64
N VAL A 378 0.03 22.08 4.54
CA VAL A 378 -1.21 21.32 4.34
C VAL A 378 -1.86 21.74 3.00
N LYS A 379 -1.94 23.07 2.79
CA LYS A 379 -2.44 23.67 1.52
C LYS A 379 -1.70 23.10 0.30
N GLY A 380 -0.35 23.20 0.32
CA GLY A 380 0.51 22.72 -0.77
C GLY A 380 0.34 21.23 -1.07
N LEU A 381 0.17 20.43 0.00
CA LEU A 381 -0.07 18.98 -0.10
C LEU A 381 -1.38 18.70 -0.87
N ILE A 382 -2.47 19.37 -0.44
CA ILE A 382 -3.82 19.21 -1.07
C ILE A 382 -3.75 19.51 -2.58
N GLU A 383 -3.26 20.72 -2.87
CA GLU A 383 -3.23 21.28 -4.22
C GLU A 383 -2.40 20.42 -5.19
N GLU A 384 -1.17 20.04 -4.79
CA GLU A 384 -0.24 19.25 -5.65
C GLU A 384 -0.67 17.78 -5.77
N MET A 385 -1.14 17.19 -4.66
CA MET A 385 -1.65 15.78 -4.63
C MET A 385 -2.76 15.62 -5.67
N ALA A 386 -3.69 16.57 -5.64
CA ALA A 386 -4.84 16.61 -6.54
C ALA A 386 -4.45 16.99 -7.99
N SER A 387 -3.47 17.93 -8.11
CA SER A 387 -2.95 18.40 -9.43
C SER A 387 -2.13 17.30 -10.14
N ALA A 388 -1.78 16.23 -9.41
CA ALA A 388 -1.15 15.03 -9.98
C ALA A 388 -2.18 14.13 -10.73
N TYR A 389 -3.48 14.48 -10.59
CA TYR A 389 -4.60 13.76 -11.23
C TYR A 389 -5.37 14.69 -12.19
N GLU A 390 -6.41 14.13 -12.84
CA GLU A 390 -7.20 14.82 -13.89
C GLU A 390 -7.95 16.02 -13.31
N ASP A 391 -8.66 15.78 -12.20
CA ASP A 391 -9.49 16.79 -11.53
C ASP A 391 -8.92 17.08 -10.13
N PRO A 392 -8.32 18.29 -9.91
CA PRO A 392 -7.98 18.75 -8.56
C PRO A 392 -9.19 19.34 -7.81
N LYS A 393 -10.14 19.91 -8.57
CA LYS A 393 -11.16 20.85 -8.05
C LYS A 393 -11.98 20.26 -6.91
N GLU A 394 -12.48 19.02 -7.11
CA GLU A 394 -13.30 18.32 -6.09
C GLU A 394 -12.48 18.09 -4.82
N VAL A 395 -11.17 17.78 -4.99
CA VAL A 395 -10.29 17.40 -3.88
C VAL A 395 -10.01 18.62 -2.99
N ILE A 396 -9.67 19.77 -3.64
CA ILE A 396 -9.47 21.04 -2.93
C ILE A 396 -10.76 21.40 -2.18
N GLU A 397 -11.91 21.33 -2.88
CA GLU A 397 -13.23 21.67 -2.31
C GLU A 397 -13.74 20.59 -1.32
N PHE A 398 -13.09 19.41 -1.29
CA PHE A 398 -13.42 18.32 -0.34
C PHE A 398 -12.66 18.47 0.98
N TYR A 399 -11.38 18.86 0.92
CA TYR A 399 -10.51 19.01 2.12
C TYR A 399 -10.66 20.40 2.78
N SER A 400 -10.58 21.45 1.94
CA SER A 400 -10.37 22.87 2.37
C SER A 400 -11.33 23.31 3.50
N LYS A 401 -12.63 23.04 3.31
CA LYS A 401 -13.70 23.47 4.23
C LYS A 401 -14.29 22.28 5.00
N ASN A 402 -13.59 21.14 5.00
CA ASN A 402 -13.93 19.98 5.83
C ASN A 402 -12.84 19.83 6.88
N LYS A 403 -13.04 20.52 8.02
CA LYS A 403 -12.01 20.68 9.07
C LYS A 403 -11.66 19.35 9.74
N GLU A 404 -12.60 18.38 9.67
CA GLU A 404 -12.46 17.04 10.25
C GLU A 404 -11.29 16.30 9.55
N LEU A 405 -11.41 16.17 8.20
CA LEU A 405 -10.38 15.53 7.37
C LEU A 405 -9.15 16.44 7.20
N MET A 406 -9.36 17.77 7.34
CA MET A 406 -8.26 18.76 7.34
C MET A 406 -7.28 18.45 8.48
N ASP A 407 -7.83 18.18 9.69
CA ASP A 407 -7.03 17.76 10.88
C ASP A 407 -6.16 16.54 10.56
N ASN A 408 -6.78 15.50 9.98
CA ASN A 408 -6.09 14.26 9.56
C ASN A 408 -5.01 14.55 8.50
N MET A 409 -5.28 15.55 7.64
CA MET A 409 -4.32 15.97 6.59
C MET A 409 -3.28 16.97 7.14
N ARG A 410 -3.52 17.49 8.36
CA ARG A 410 -2.52 18.24 9.13
C ARG A 410 -1.66 17.25 9.93
N ASN A 411 -2.24 16.06 10.22
CA ASN A 411 -1.53 14.95 10.87
C ASN A 411 -0.50 14.33 9.90
N VAL A 412 -0.87 14.19 8.60
CA VAL A 412 0.11 13.75 7.56
C VAL A 412 1.13 14.88 7.24
N ALA A 413 0.72 16.15 7.40
CA ALA A 413 1.63 17.32 7.23
C ALA A 413 2.67 17.35 8.38
N LEU A 414 2.21 16.97 9.57
CA LEU A 414 3.05 16.92 10.77
C LEU A 414 3.95 15.65 10.74
N GLU A 415 3.42 14.58 10.13
CA GLU A 415 4.18 13.35 9.79
C GLU A 415 5.35 13.70 8.85
N GLU A 416 5.04 14.52 7.82
CA GLU A 416 6.03 15.07 6.86
C GLU A 416 7.17 15.80 7.59
N GLN A 417 6.79 16.77 8.44
CA GLN A 417 7.74 17.57 9.26
C GLN A 417 8.59 16.68 10.18
N ALA A 418 7.95 15.63 10.73
CA ALA A 418 8.60 14.64 11.60
C ALA A 418 9.68 13.86 10.84
N VAL A 419 9.37 13.48 9.57
CA VAL A 419 10.34 12.82 8.67
C VAL A 419 11.56 13.72 8.49
N GLU A 420 11.31 14.99 8.18
CA GLU A 420 12.36 16.02 7.93
C GLU A 420 13.27 16.23 9.16
N ALA A 421 12.65 16.18 10.35
CA ALA A 421 13.36 16.27 11.63
C ALA A 421 14.25 15.02 11.88
N VAL A 422 13.93 13.90 11.20
CA VAL A 422 14.78 12.69 11.21
C VAL A 422 15.82 12.80 10.07
N LEU A 423 15.47 13.51 8.98
CA LEU A 423 16.35 13.70 7.79
C LEU A 423 17.51 14.65 8.12
N ALA A 424 17.27 15.55 9.08
CA ALA A 424 18.32 16.40 9.69
C ALA A 424 19.36 15.55 10.44
N LYS A 425 18.90 14.40 10.94
CA LYS A 425 19.71 13.46 11.75
C LYS A 425 20.30 12.33 10.88
N ALA A 426 19.60 12.00 9.80
CA ALA A 426 19.92 10.85 8.93
C ALA A 426 20.96 11.23 7.87
N LYS A 427 21.69 10.22 7.39
CA LYS A 427 22.71 10.37 6.33
C LYS A 427 22.01 10.42 4.96
N VAL A 428 21.55 11.62 4.59
CA VAL A 428 20.80 11.86 3.35
C VAL A 428 21.77 12.34 2.25
N THR A 429 22.34 11.37 1.50
CA THR A 429 23.27 11.65 0.40
C THR A 429 22.52 12.23 -0.81
N GLU A 430 22.77 13.52 -1.11
CA GLU A 430 22.09 14.24 -2.18
C GLU A 430 22.90 14.13 -3.50
N LYS A 431 22.21 13.81 -4.60
CA LYS A 431 22.83 13.69 -5.93
C LYS A 431 21.90 14.26 -7.01
N GLU A 432 22.48 14.94 -8.01
CA GLU A 432 21.73 15.52 -9.14
C GLU A 432 21.69 14.51 -10.28
N THR A 433 20.49 14.18 -10.76
CA THR A 433 20.27 13.04 -11.69
C THR A 433 18.96 13.22 -12.50
N THR A 434 18.73 12.31 -13.48
CA THR A 434 17.60 12.39 -14.41
C THR A 434 16.39 11.54 -13.96
N PHE A 435 15.29 11.66 -14.74
CA PHE A 435 13.98 10.98 -14.54
C PHE A 435 14.14 9.43 -14.52
N ASN A 436 15.22 8.96 -15.19
CA ASN A 436 15.57 7.54 -15.32
C ASN A 436 15.95 6.90 -13.97
N GLU A 437 16.58 7.69 -13.08
CA GLU A 437 16.97 7.22 -11.73
C GLU A 437 15.74 6.93 -10.84
N LEU A 438 14.71 7.76 -11.01
CA LEU A 438 13.62 7.84 -10.05
C LEU A 438 12.54 6.77 -10.35
N MET A 439 11.69 7.00 -11.38
CA MET A 439 10.59 6.06 -11.73
C MET A 439 10.91 5.27 -13.00
N ASN A 440 11.67 5.87 -13.94
CA ASN A 440 11.98 5.25 -15.25
C ASN A 440 13.22 4.33 -15.15
N GLN A 441 13.23 3.49 -14.09
CA GLN A 441 14.30 2.50 -13.85
C GLN A 441 14.14 1.27 -14.77
N GLN A 442 13.01 1.21 -15.50
CA GLN A 442 12.69 0.17 -16.48
C GLN A 442 13.69 0.16 -17.65
N ALA A 443 14.39 1.29 -17.85
CA ALA A 443 15.51 1.41 -18.80
C ALA A 443 16.78 0.77 -18.19
N VAL B 8 23.30 -51.24 -33.13
CA VAL B 8 22.68 -50.31 -34.10
C VAL B 8 21.83 -49.26 -33.36
N ASP B 9 21.94 -47.99 -33.78
CA ASP B 9 21.01 -46.91 -33.41
C ASP B 9 20.49 -46.30 -34.72
N LEU B 10 19.15 -46.32 -34.90
CA LEU B 10 18.48 -45.83 -36.13
C LEU B 10 18.85 -44.36 -36.45
N ASP B 11 18.54 -43.40 -35.57
CA ASP B 11 19.15 -42.06 -35.63
C ASP B 11 20.12 -41.93 -34.43
N GLU B 12 19.61 -41.48 -33.25
CA GLU B 12 20.21 -41.76 -31.94
C GLU B 12 19.26 -42.68 -31.15
N ALA B 13 18.17 -42.09 -30.61
CA ALA B 13 17.01 -42.83 -30.07
C ALA B 13 15.83 -42.65 -31.05
N VAL B 14 15.20 -41.45 -31.04
CA VAL B 14 14.32 -41.00 -32.14
C VAL B 14 15.08 -39.90 -32.88
N GLN B 15 15.19 -38.72 -32.23
CA GLN B 15 16.13 -37.66 -32.61
C GLN B 15 17.29 -37.68 -31.59
N ARG B 16 17.04 -37.14 -30.39
CA ARG B 16 17.98 -37.27 -29.25
C ARG B 16 17.47 -38.42 -28.37
N ALA B 17 16.39 -38.15 -27.60
CA ALA B 17 15.58 -39.19 -26.94
C ALA B 17 14.30 -39.37 -27.76
N LEU B 18 13.38 -38.38 -27.68
CA LEU B 18 12.21 -38.28 -28.58
C LEU B 18 12.47 -37.11 -29.55
N GLU B 19 12.29 -35.85 -29.08
CA GLU B 19 12.80 -34.66 -29.76
C GLU B 19 14.17 -34.33 -29.14
N PHE B 20 14.20 -33.61 -27.99
CA PHE B 20 15.39 -33.61 -27.12
C PHE B 20 15.11 -34.38 -25.82
N ALA B 21 14.57 -33.67 -24.80
CA ALA B 21 14.38 -34.21 -23.43
C ALA B 21 12.90 -34.54 -23.19
N LYS B 22 12.05 -33.50 -23.14
CA LYS B 22 10.59 -33.64 -23.02
C LYS B 22 9.90 -33.20 -24.33
N LYS B 23 9.68 -31.88 -24.45
CA LYS B 23 8.91 -31.23 -25.52
C LYS B 23 8.68 -29.79 -25.04
N GLU B 24 9.63 -28.91 -25.36
CA GLU B 24 9.64 -27.52 -24.88
C GLU B 24 10.09 -26.57 -26.00
N GLY B 25 9.26 -25.56 -26.26
CA GLY B 25 9.47 -24.59 -27.33
C GLY B 25 8.58 -23.38 -27.15
N ASN B 26 8.63 -22.80 -25.95
CA ASN B 26 7.97 -21.52 -25.58
C ASN B 26 9.03 -20.65 -24.90
N THR B 27 8.90 -19.31 -25.04
CA THR B 27 9.90 -18.31 -24.58
C THR B 27 11.17 -18.43 -25.47
N LEU B 28 12.23 -17.64 -25.23
CA LEU B 28 13.53 -17.88 -25.88
C LEU B 28 14.17 -19.10 -25.25
N VAL B 29 14.42 -20.11 -26.11
CA VAL B 29 14.72 -21.46 -25.68
C VAL B 29 16.03 -21.54 -24.88
N ILE B 30 15.82 -21.57 -23.57
CA ILE B 30 16.79 -21.90 -22.56
C ILE B 30 16.15 -23.03 -21.73
N VAL B 31 16.96 -23.80 -20.98
CA VAL B 31 16.48 -24.95 -20.17
C VAL B 31 15.37 -24.48 -19.19
N THR B 32 14.46 -25.42 -18.88
CA THR B 32 13.27 -25.24 -18.03
C THR B 32 13.56 -24.48 -16.70
N ALA B 33 12.47 -24.19 -15.95
CA ALA B 33 12.50 -23.39 -14.70
C ALA B 33 13.53 -23.90 -13.65
N ASP B 34 13.64 -23.14 -12.55
CA ASP B 34 14.60 -23.39 -11.44
C ASP B 34 14.57 -24.85 -10.95
N HIS B 35 15.65 -25.28 -10.27
CA HIS B 35 15.75 -26.62 -9.65
C HIS B 35 14.52 -26.89 -8.74
N ALA B 36 13.98 -25.84 -8.11
CA ALA B 36 12.62 -25.82 -7.54
C ALA B 36 11.67 -25.39 -8.67
N HIS B 37 11.10 -26.39 -9.40
CA HIS B 37 10.39 -26.19 -10.69
C HIS B 37 9.09 -25.36 -10.53
N ALA B 38 8.43 -25.50 -9.37
CA ALA B 38 7.16 -24.82 -9.08
C ALA B 38 6.88 -24.83 -7.57
N SER B 39 6.83 -23.63 -6.98
CA SER B 39 6.39 -23.43 -5.59
C SER B 39 4.87 -23.72 -5.46
N GLN B 40 4.46 -24.18 -4.28
CA GLN B 40 3.06 -24.55 -4.02
C GLN B 40 2.13 -23.32 -4.09
N ILE B 41 0.98 -23.53 -4.75
CA ILE B 41 -0.03 -22.50 -5.03
C ILE B 41 -1.29 -23.21 -5.57
N VAL B 42 -2.42 -22.48 -5.71
CA VAL B 42 -3.59 -22.96 -6.46
C VAL B 42 -3.18 -23.27 -7.93
N ALA B 43 -2.69 -24.51 -8.12
CA ALA B 43 -2.10 -24.99 -9.39
C ALA B 43 -2.61 -26.42 -9.77
N PRO B 44 -2.62 -27.46 -8.83
CA PRO B 44 -3.18 -28.82 -9.12
C PRO B 44 -4.54 -28.78 -9.85
N ASP B 45 -5.56 -28.19 -9.19
CA ASP B 45 -6.93 -28.11 -9.72
C ASP B 45 -7.79 -27.17 -8.83
N THR B 46 -8.58 -27.74 -7.91
CA THR B 46 -9.45 -27.00 -6.99
C THR B 46 -9.87 -27.97 -5.86
N LYS B 47 -10.94 -27.64 -5.09
CA LYS B 47 -11.47 -28.46 -3.97
C LYS B 47 -10.52 -28.41 -2.76
N ALA B 48 -9.34 -29.04 -2.88
CA ALA B 48 -8.27 -29.01 -1.86
C ALA B 48 -6.90 -28.72 -2.52
N PRO B 49 -6.64 -27.46 -3.03
CA PRO B 49 -5.30 -27.02 -3.45
C PRO B 49 -4.61 -26.08 -2.42
N GLY B 50 -5.23 -25.97 -1.22
CA GLY B 50 -4.84 -24.96 -0.22
C GLY B 50 -5.45 -23.59 -0.50
N LEU B 51 -5.30 -22.66 0.47
CA LEU B 51 -5.75 -21.25 0.31
C LEU B 51 -4.61 -20.35 -0.20
N THR B 52 -3.48 -20.96 -0.62
CA THR B 52 -2.33 -20.26 -1.22
C THR B 52 -2.76 -19.65 -2.58
N GLN B 53 -3.21 -18.37 -2.52
CA GLN B 53 -3.83 -17.62 -3.64
C GLN B 53 -5.18 -18.25 -4.09
N ALA B 54 -5.84 -17.58 -5.04
CA ALA B 54 -7.09 -18.06 -5.65
C ALA B 54 -7.35 -17.27 -6.93
N LEU B 55 -7.31 -17.95 -8.09
CA LEU B 55 -7.62 -17.33 -9.40
C LEU B 55 -9.08 -16.83 -9.40
N ASN B 56 -9.23 -15.49 -9.31
CA ASN B 56 -10.55 -14.82 -9.25
C ASN B 56 -11.35 -15.10 -10.53
N THR B 57 -10.75 -14.73 -11.67
CA THR B 57 -11.30 -14.96 -13.00
C THR B 57 -10.70 -16.25 -13.59
N LYS B 58 -9.40 -16.20 -13.91
CA LYS B 58 -8.68 -17.32 -14.55
C LYS B 58 -7.17 -16.99 -14.60
N ASP B 59 -6.32 -17.99 -14.25
CA ASP B 59 -4.86 -17.80 -14.16
C ASP B 59 -4.21 -17.82 -15.56
N GLY B 60 -4.33 -18.97 -16.23
CA GLY B 60 -3.82 -19.13 -17.60
C GLY B 60 -4.81 -18.58 -18.64
N ALA B 61 -4.93 -17.24 -18.69
CA ALA B 61 -5.85 -16.55 -19.60
C ALA B 61 -5.24 -16.47 -21.03
N VAL B 62 -5.31 -17.64 -21.73
CA VAL B 62 -4.74 -17.87 -23.07
C VAL B 62 -3.19 -17.67 -23.06
N MET B 63 -2.76 -16.40 -23.17
CA MET B 63 -1.33 -16.03 -23.22
C MET B 63 -1.16 -14.54 -22.83
N VAL B 64 -2.24 -13.76 -23.06
CA VAL B 64 -2.27 -12.28 -22.93
C VAL B 64 -1.23 -11.65 -23.90
N MET B 65 -1.59 -11.66 -25.20
CA MET B 65 -0.77 -11.05 -26.26
C MET B 65 -0.83 -9.51 -26.15
N SER B 66 0.27 -8.93 -25.69
CA SER B 66 0.41 -7.49 -25.44
C SER B 66 1.88 -7.10 -25.50
N TYR B 67 2.14 -5.78 -25.54
CA TYR B 67 3.52 -5.24 -25.48
C TYR B 67 3.97 -5.28 -24.00
N GLY B 68 4.60 -6.42 -23.63
CA GLY B 68 4.99 -6.70 -22.23
C GLY B 68 6.28 -6.03 -21.81
N ASN B 69 6.26 -4.68 -21.78
CA ASN B 69 7.36 -3.84 -21.27
C ASN B 69 7.05 -3.37 -19.83
N SER B 70 5.79 -3.60 -19.39
CA SER B 70 5.31 -3.28 -18.04
C SER B 70 4.39 -4.41 -17.53
N GLU B 71 3.90 -4.27 -16.28
CA GLU B 71 3.02 -5.27 -15.61
C GLU B 71 1.57 -5.22 -16.19
N GLU B 72 0.61 -5.81 -15.44
CA GLU B 72 -0.81 -5.87 -15.85
C GLU B 72 -1.44 -4.46 -15.86
N ASP B 73 -1.53 -3.86 -14.66
CA ASP B 73 -1.90 -2.43 -14.50
C ASP B 73 -0.67 -1.66 -13.99
N SER B 74 -0.42 -1.73 -12.67
CA SER B 74 0.78 -1.15 -12.04
C SER B 74 1.70 -2.30 -11.60
N GLN B 75 1.18 -3.15 -10.70
CA GLN B 75 1.79 -4.45 -10.31
C GLN B 75 0.87 -5.58 -10.80
N GLU B 76 -0.35 -5.58 -10.28
CA GLU B 76 -1.41 -6.55 -10.61
C GLU B 76 -2.58 -5.79 -11.27
N HIS B 77 -3.77 -6.42 -11.30
CA HIS B 77 -5.00 -5.79 -11.79
C HIS B 77 -5.47 -4.69 -10.80
N THR B 78 -5.76 -3.49 -11.36
CA THR B 78 -6.20 -2.30 -10.59
C THR B 78 -5.12 -1.86 -9.57
N GLY B 79 -4.19 -1.00 -10.04
CA GLY B 79 -3.06 -0.53 -9.23
C GLY B 79 -3.13 0.98 -9.03
N SER B 80 -3.21 1.70 -10.16
CA SER B 80 -3.34 3.18 -10.18
C SER B 80 -4.81 3.57 -9.89
N GLN B 81 -5.24 3.33 -8.64
CA GLN B 81 -6.58 3.65 -8.16
C GLN B 81 -6.49 4.02 -6.68
N LEU B 82 -5.97 5.23 -6.46
CA LEU B 82 -5.81 5.86 -5.14
C LEU B 82 -5.64 7.37 -5.36
N ARG B 83 -6.78 8.07 -5.39
CA ARG B 83 -6.84 9.50 -5.76
C ARG B 83 -6.29 10.39 -4.64
N ILE B 84 -6.71 10.10 -3.38
CA ILE B 84 -6.33 10.90 -2.19
C ILE B 84 -5.98 9.99 -1.01
N ALA B 85 -5.51 10.59 0.10
CA ALA B 85 -4.95 9.85 1.25
C ALA B 85 -5.55 10.32 2.59
N ALA B 86 -5.68 9.37 3.53
CA ALA B 86 -6.24 9.62 4.87
C ALA B 86 -5.92 8.44 5.83
N TYR B 87 -5.33 8.73 7.00
CA TYR B 87 -5.01 7.72 8.02
C TYR B 87 -6.13 7.66 9.09
N GLY B 88 -6.06 6.61 9.93
CA GLY B 88 -6.93 6.46 11.10
C GLY B 88 -8.43 6.50 10.80
N PRO B 89 -9.01 5.44 10.16
CA PRO B 89 -10.45 5.40 9.78
C PRO B 89 -11.36 5.12 11.00
N HIS B 90 -10.80 4.42 12.02
CA HIS B 90 -11.50 4.08 13.27
C HIS B 90 -11.26 5.21 14.30
N ALA B 91 -11.51 6.45 13.87
CA ALA B 91 -11.27 7.65 14.69
C ALA B 91 -12.50 8.56 14.65
N ALA B 92 -12.87 9.07 15.84
CA ALA B 92 -13.91 10.11 15.99
C ALA B 92 -13.38 11.47 15.47
N ASN B 93 -12.03 11.58 15.41
CA ASN B 93 -11.29 12.76 14.96
C ASN B 93 -11.49 13.91 15.98
N VAL B 94 -12.55 14.74 15.79
CA VAL B 94 -12.90 15.88 16.67
C VAL B 94 -11.69 16.84 16.88
N VAL B 95 -11.61 17.85 16.01
CA VAL B 95 -10.52 18.85 15.99
C VAL B 95 -10.42 19.60 17.34
N GLY B 96 -9.40 19.23 18.13
CA GLY B 96 -9.16 19.82 19.45
C GLY B 96 -7.79 19.41 19.99
N LEU B 97 -7.73 19.21 21.33
CA LEU B 97 -6.52 18.79 22.08
C LEU B 97 -5.39 19.84 21.97
N THR B 98 -5.48 20.89 22.80
CA THR B 98 -4.44 21.92 22.93
C THR B 98 -3.59 21.64 24.19
N ASP B 99 -2.77 20.57 24.12
CA ASP B 99 -1.90 20.16 25.24
C ASP B 99 -0.60 21.00 25.22
N GLN B 100 -0.14 21.40 26.41
CA GLN B 100 1.07 22.22 26.60
C GLN B 100 2.19 21.37 27.24
N THR B 101 1.79 20.34 27.98
CA THR B 101 2.68 19.56 28.85
C THR B 101 3.61 18.64 28.02
N ASP B 102 3.00 17.79 27.18
CA ASP B 102 3.68 16.67 26.52
C ASP B 102 3.61 16.83 24.98
N LEU B 103 2.53 16.30 24.34
CA LEU B 103 2.39 16.31 22.88
C LEU B 103 1.30 17.32 22.49
N PHE B 104 1.75 18.41 21.85
CA PHE B 104 0.92 19.61 21.56
C PHE B 104 -0.19 19.30 20.53
N TYR B 105 0.13 18.40 19.59
CA TYR B 105 -0.78 18.05 18.49
C TYR B 105 -0.61 16.56 18.15
N THR B 106 -1.64 15.76 18.49
CA THR B 106 -1.66 14.31 18.25
C THR B 106 -1.97 14.01 16.76
N MET B 107 -1.71 12.77 16.34
CA MET B 107 -1.91 12.32 14.94
C MET B 107 -2.82 11.09 14.86
N LYS B 108 -3.01 10.62 13.61
CA LYS B 108 -3.69 9.36 13.28
C LYS B 108 -2.66 8.21 13.19
N ALA B 109 -3.12 6.99 12.80
CA ALA B 109 -2.36 5.71 12.89
C ALA B 109 -2.13 5.36 14.37
N ALA B 110 -1.22 6.12 15.01
CA ALA B 110 -1.11 6.20 16.46
C ALA B 110 -2.20 7.18 16.96
N LEU B 111 -3.45 6.66 17.05
CA LEU B 111 -4.67 7.45 17.35
C LEU B 111 -4.60 8.01 18.79
N GLY B 112 -4.05 9.24 18.91
CA GLY B 112 -3.90 9.92 20.20
C GLY B 112 -5.14 10.70 20.58
N LEU B 113 -6.28 9.98 20.69
CA LEU B 113 -7.63 10.53 21.03
C LEU B 113 -8.28 11.29 19.85
N LYS B 114 -7.50 12.12 19.15
CA LYS B 114 -7.94 12.92 18.02
C LYS B 114 -7.43 12.28 16.70
N MET A 12 -16.60 -1.35 44.62
CA MET A 12 -15.78 -1.93 43.53
C MET A 12 -14.36 -2.22 44.01
N GLN A 13 -13.65 -3.10 43.28
CA GLN A 13 -12.27 -3.48 43.58
C GLN A 13 -11.50 -3.64 42.25
N VAL A 14 -10.45 -2.84 42.04
CA VAL A 14 -9.60 -2.93 40.84
C VAL A 14 -8.23 -3.56 41.21
N SER A 15 -7.81 -4.56 40.42
CA SER A 15 -6.58 -5.33 40.67
C SER A 15 -5.91 -5.63 39.32
N VAL A 16 -4.94 -4.76 38.95
CA VAL A 16 -4.21 -4.86 37.68
C VAL A 16 -3.12 -5.96 37.77
N GLU A 17 -3.49 -7.16 37.30
CA GLU A 17 -2.58 -8.29 37.16
C GLU A 17 -1.68 -8.09 35.94
N THR A 18 -0.44 -7.63 36.15
CA THR A 18 0.54 -7.51 35.07
C THR A 18 1.11 -8.91 34.79
N THR A 19 0.39 -9.64 33.92
CA THR A 19 0.71 -11.02 33.56
C THR A 19 2.09 -11.11 32.89
N GLN A 20 2.36 -10.17 31.95
CA GLN A 20 3.68 -10.00 31.34
C GLN A 20 3.71 -8.69 30.52
N GLY A 21 4.25 -7.63 31.14
CA GLY A 21 4.51 -6.36 30.45
C GLY A 21 3.24 -5.64 30.00
N LEU A 22 2.93 -5.82 28.70
CA LEU A 22 1.76 -5.19 28.06
C LEU A 22 0.43 -5.80 28.58
N GLY A 23 0.50 -7.06 29.06
CA GLY A 23 -0.65 -7.77 29.61
C GLY A 23 -1.09 -7.24 30.96
N ARG A 24 -1.82 -6.12 30.95
CA ARG A 24 -2.36 -5.49 32.16
C ARG A 24 -3.85 -5.89 32.30
N ARG A 25 -4.08 -7.00 32.99
CA ARG A 25 -5.41 -7.52 33.27
C ARG A 25 -6.08 -6.69 34.39
N VAL A 26 -6.90 -5.71 33.98
CA VAL A 26 -7.67 -4.87 34.93
C VAL A 26 -8.88 -5.69 35.42
N THR A 27 -8.64 -6.47 36.49
CA THR A 27 -9.66 -7.31 37.13
C THR A 27 -10.51 -6.47 38.09
N ILE A 28 -11.77 -6.25 37.71
CA ILE A 28 -12.70 -5.43 38.50
C ILE A 28 -13.80 -6.32 39.09
N THR A 29 -13.84 -6.38 40.42
CA THR A 29 -14.93 -6.99 41.18
C THR A 29 -16.03 -5.94 41.41
N ILE A 30 -17.13 -6.07 40.65
CA ILE A 30 -18.34 -5.26 40.85
C ILE A 30 -19.07 -5.80 42.10
N ALA A 31 -19.35 -4.89 43.06
CA ALA A 31 -19.97 -5.26 44.34
C ALA A 31 -21.44 -5.71 44.14
N ALA A 32 -21.89 -6.64 44.99
CA ALA A 32 -23.23 -7.24 44.94
C ALA A 32 -24.33 -6.20 45.20
N ASP A 33 -24.04 -5.30 46.14
CA ASP A 33 -24.93 -4.17 46.48
C ASP A 33 -25.00 -3.15 45.35
N SER A 34 -23.89 -3.02 44.59
CA SER A 34 -23.84 -2.16 43.40
C SER A 34 -24.73 -2.73 42.28
N ILE A 35 -24.73 -4.07 42.14
CA ILE A 35 -25.61 -4.80 41.21
C ILE A 35 -27.07 -4.63 41.66
N GLU A 36 -27.29 -4.74 42.99
CA GLU A 36 -28.62 -4.66 43.61
C GLU A 36 -29.27 -3.29 43.36
N THR A 37 -28.46 -2.23 43.49
CA THR A 37 -28.91 -0.85 43.29
C THR A 37 -29.08 -0.52 41.78
N ALA A 38 -28.20 -1.11 40.94
CA ALA A 38 -28.18 -0.83 39.47
C ALA A 38 -29.39 -1.47 38.77
N VAL A 39 -29.67 -2.74 39.10
CA VAL A 39 -30.83 -3.49 38.57
C VAL A 39 -32.14 -2.83 39.03
N LYS A 40 -32.15 -2.36 40.30
CA LYS A 40 -33.30 -1.65 40.89
C LYS A 40 -33.56 -0.29 40.18
N SER A 41 -32.46 0.43 39.89
CA SER A 41 -32.49 1.71 39.14
C SER A 41 -32.86 1.46 37.67
N GLU A 42 -32.70 0.20 37.21
CA GLU A 42 -33.09 -0.22 35.86
C GLU A 42 -34.58 -0.63 35.84
N LEU A 43 -35.09 -1.21 36.94
CA LEU A 43 -36.48 -1.73 37.01
C LEU A 43 -37.51 -0.60 37.12
N VAL A 44 -37.11 0.55 37.69
CA VAL A 44 -37.93 1.77 37.68
C VAL A 44 -38.02 2.34 36.24
N ASN A 45 -36.94 2.10 35.44
CA ASN A 45 -36.93 2.41 33.99
C ASN A 45 -37.88 1.46 33.26
N VAL A 46 -37.74 0.14 33.55
CA VAL A 46 -38.49 -0.95 32.88
C VAL A 46 -40.01 -0.79 33.09
N ALA A 47 -40.40 -0.29 34.29
CA ALA A 47 -41.80 0.03 34.61
C ALA A 47 -42.37 1.04 33.57
N LYS A 48 -41.61 2.11 33.31
CA LYS A 48 -42.04 3.21 32.41
C LYS A 48 -41.84 2.85 30.92
N LYS A 49 -40.85 1.99 30.68
CA LYS A 49 -40.36 1.64 29.33
C LYS A 49 -41.27 0.59 28.67
N VAL A 50 -41.85 -0.30 29.49
CA VAL A 50 -42.86 -1.30 29.03
C VAL A 50 -44.30 -0.75 29.28
N ARG A 51 -44.37 0.50 29.81
CA ARG A 51 -45.63 1.24 30.12
C ARG A 51 -46.40 0.64 31.31
N ILE A 52 -45.73 -0.26 32.06
CA ILE A 52 -46.28 -0.91 33.27
C ILE A 52 -46.61 0.14 34.36
N ASP A 53 -45.94 1.31 34.30
CA ASP A 53 -46.13 2.42 35.27
C ASP A 53 -47.54 3.03 35.17
N GLY A 54 -48.08 3.05 33.93
CA GLY A 54 -49.45 3.51 33.67
C GLY A 54 -50.50 2.52 34.20
N PHE A 55 -50.10 1.25 34.34
CA PHE A 55 -50.93 0.18 34.94
C PHE A 55 -50.63 0.04 36.45
N ARG A 56 -49.43 0.51 36.84
CA ARG A 56 -48.95 0.47 38.23
C ARG A 56 -49.66 1.56 39.04
N LYS A 57 -50.19 1.17 40.20
CA LYS A 57 -50.97 2.07 41.08
C LYS A 57 -50.20 2.41 42.37
N GLY A 58 -48.87 2.16 42.35
CA GLY A 58 -47.94 2.55 43.41
C GLY A 58 -48.08 1.72 44.68
N LYS A 59 -48.54 0.46 44.53
CA LYS A 59 -48.80 -0.44 45.68
C LYS A 59 -47.64 -1.45 45.86
N VAL A 60 -47.08 -1.95 44.74
CA VAL A 60 -46.02 -2.96 44.75
C VAL A 60 -44.70 -2.34 45.26
N PRO A 61 -44.12 -2.83 46.41
CA PRO A 61 -42.80 -2.35 46.93
C PRO A 61 -41.64 -2.68 45.95
N MET A 62 -40.62 -1.81 45.93
CA MET A 62 -39.51 -1.89 44.96
C MET A 62 -38.53 -3.02 45.32
N ASN A 63 -38.41 -3.34 46.62
CA ASN A 63 -37.51 -4.40 47.11
C ASN A 63 -37.96 -5.78 46.60
N ILE A 64 -39.30 -5.99 46.53
CA ILE A 64 -39.90 -7.23 46.01
C ILE A 64 -39.51 -7.45 44.54
N VAL A 65 -39.72 -6.43 43.69
CA VAL A 65 -39.43 -6.56 42.24
C VAL A 65 -37.92 -6.57 41.97
N ALA A 66 -37.14 -5.94 42.86
CA ALA A 66 -35.68 -5.83 42.71
C ALA A 66 -35.01 -7.22 42.75
N GLN A 67 -35.30 -7.97 43.82
CA GLN A 67 -34.68 -9.27 44.08
C GLN A 67 -35.37 -10.41 43.31
N ARG A 68 -36.72 -10.44 43.34
CA ARG A 68 -37.50 -11.59 42.81
C ARG A 68 -37.61 -11.51 41.28
N TYR A 69 -38.26 -10.44 40.78
CA TYR A 69 -38.48 -10.22 39.33
C TYR A 69 -37.14 -9.90 38.63
N GLY A 70 -36.32 -9.11 39.35
CA GLY A 70 -35.05 -8.63 38.84
C GLY A 70 -33.93 -9.65 38.89
N ALA A 71 -34.22 -10.86 39.42
CA ALA A 71 -33.26 -12.00 39.45
C ALA A 71 -32.85 -12.41 38.02
N SER A 72 -33.76 -12.22 37.05
CA SER A 72 -33.50 -12.47 35.63
C SER A 72 -32.71 -11.29 35.00
N VAL A 73 -33.09 -10.07 35.41
CA VAL A 73 -32.60 -8.79 34.84
C VAL A 73 -31.12 -8.51 35.27
N ARG A 74 -30.66 -9.20 36.35
CA ARG A 74 -29.26 -9.10 36.87
C ARG A 74 -28.22 -9.23 35.74
N GLN A 75 -28.45 -10.25 34.88
CA GLN A 75 -27.59 -10.62 33.74
C GLN A 75 -27.34 -9.44 32.80
N ASP A 76 -28.44 -8.82 32.34
CA ASP A 76 -28.44 -7.79 31.29
C ASP A 76 -27.82 -6.48 31.80
N VAL A 77 -27.98 -6.22 33.10
CA VAL A 77 -27.41 -5.04 33.76
C VAL A 77 -25.87 -5.21 33.94
N LEU A 78 -25.38 -6.47 34.05
CA LEU A 78 -23.93 -6.77 34.15
C LEU A 78 -23.17 -6.22 32.93
N GLY A 79 -23.77 -6.32 31.74
CA GLY A 79 -23.18 -5.78 30.50
C GLY A 79 -22.93 -4.27 30.56
N ASP A 80 -23.93 -3.57 31.10
CA ASP A 80 -23.89 -2.11 31.35
C ASP A 80 -22.81 -1.77 32.42
N LEU A 81 -22.76 -2.60 33.47
CA LEU A 81 -21.87 -2.39 34.63
C LEU A 81 -20.39 -2.60 34.26
N MET A 82 -20.10 -3.62 33.43
CA MET A 82 -18.72 -3.93 32.98
C MET A 82 -18.18 -2.82 32.07
N SER A 83 -19.08 -2.27 31.24
CA SER A 83 -18.78 -1.18 30.32
C SER A 83 -18.36 0.10 31.08
N ARG A 84 -19.14 0.45 32.11
CA ARG A 84 -18.97 1.71 32.86
C ARG A 84 -17.88 1.59 33.93
N ASN A 85 -17.96 0.56 34.81
CA ASN A 85 -16.99 0.38 35.93
C ASN A 85 -15.53 0.30 35.43
N PHE A 86 -15.37 -0.09 34.14
CA PHE A 86 -14.07 -0.08 33.47
C PHE A 86 -13.60 1.36 33.17
N ILE A 87 -14.47 2.18 32.51
CA ILE A 87 -14.09 3.56 32.12
C ILE A 87 -13.89 4.46 33.36
N ASP A 88 -14.76 4.29 34.37
CA ASP A 88 -14.66 5.01 35.67
C ASP A 88 -13.31 4.70 36.37
N ALA A 89 -12.83 3.46 36.19
CA ALA A 89 -11.55 3.00 36.75
C ALA A 89 -10.36 3.61 35.99
N ILE A 90 -10.33 3.44 34.66
CA ILE A 90 -9.15 3.78 33.83
C ILE A 90 -8.90 5.30 33.74
N ILE A 91 -9.94 6.13 33.99
CA ILE A 91 -9.79 7.61 33.99
C ILE A 91 -8.92 8.06 35.18
N LYS A 92 -9.23 7.56 36.39
CA LYS A 92 -8.45 7.91 37.62
C LYS A 92 -7.08 7.22 37.61
N GLU A 93 -7.02 5.98 37.10
CA GLU A 93 -5.76 5.21 36.99
C GLU A 93 -4.90 5.70 35.81
N LYS A 94 -5.51 6.52 34.93
CA LYS A 94 -4.86 7.11 33.72
C LYS A 94 -4.38 6.02 32.73
N ILE A 95 -5.09 4.88 32.72
CA ILE A 95 -4.86 3.79 31.77
C ILE A 95 -5.58 4.12 30.45
N ASN A 96 -4.85 4.12 29.34
CA ASN A 96 -5.43 4.27 27.99
C ASN A 96 -5.51 2.88 27.34
N PRO A 97 -6.73 2.25 27.27
CA PRO A 97 -6.90 0.92 26.67
C PRO A 97 -6.90 0.95 25.13
N ALA A 98 -6.39 -0.12 24.52
CA ALA A 98 -6.27 -0.22 23.06
C ALA A 98 -6.23 -1.70 22.62
N GLY A 99 -6.16 -1.89 21.30
CA GLY A 99 -6.12 -3.22 20.69
C GLY A 99 -7.43 -3.97 20.86
N ALA A 100 -7.37 -5.17 21.45
CA ALA A 100 -8.55 -6.00 21.72
C ALA A 100 -8.85 -6.01 23.23
N PRO A 101 -9.85 -5.19 23.72
CA PRO A 101 -10.27 -5.22 25.14
C PRO A 101 -11.16 -6.44 25.42
N THR A 102 -10.60 -7.42 26.15
CA THR A 102 -11.21 -8.74 26.36
C THR A 102 -11.83 -8.81 27.76
N TYR A 103 -13.16 -8.64 27.83
CA TYR A 103 -13.91 -8.69 29.10
C TYR A 103 -14.28 -10.14 29.43
N VAL A 104 -13.30 -10.85 30.00
CA VAL A 104 -13.48 -12.23 30.43
C VAL A 104 -14.25 -12.25 31.77
N PRO A 105 -15.52 -12.78 31.80
CA PRO A 105 -16.30 -12.88 33.05
C PRO A 105 -15.69 -13.96 33.98
N GLY A 106 -14.84 -13.50 34.94
CA GLY A 106 -14.15 -14.37 35.89
C GLY A 106 -15.09 -15.33 36.61
N GLU A 107 -16.18 -14.76 37.18
CA GLU A 107 -17.28 -15.52 37.78
C GLU A 107 -18.42 -14.58 38.22
N TYR A 108 -19.67 -14.99 37.96
CA TYR A 108 -20.87 -14.37 38.55
C TYR A 108 -21.44 -15.31 39.61
N LYS A 109 -21.80 -14.73 40.77
CA LYS A 109 -22.49 -15.45 41.84
C LYS A 109 -23.72 -14.62 42.23
N LEU A 110 -24.93 -15.16 41.99
CA LEU A 110 -26.19 -14.47 42.33
C LEU A 110 -26.30 -14.33 43.87
N GLY A 111 -26.36 -13.07 44.34
CA GLY A 111 -26.41 -12.75 45.77
C GLY A 111 -25.06 -12.31 46.32
N GLU A 112 -23.98 -12.69 45.62
CA GLU A 112 -22.60 -12.28 45.93
C GLU A 112 -22.06 -11.36 44.83
N ASP A 113 -20.80 -10.93 44.99
CA ASP A 113 -20.16 -9.98 44.04
C ASP A 113 -19.91 -10.65 42.68
N PHE A 114 -19.92 -9.83 41.63
CA PHE A 114 -19.50 -10.24 40.28
C PHE A 114 -18.01 -9.86 40.07
N THR A 115 -17.27 -10.68 39.31
CA THR A 115 -15.87 -10.41 38.97
C THR A 115 -15.65 -10.66 37.46
N TYR A 116 -14.97 -9.71 36.81
CA TYR A 116 -14.50 -9.85 35.42
C TYR A 116 -13.08 -9.29 35.29
N SER A 117 -12.46 -9.51 34.14
CA SER A 117 -11.06 -9.15 33.87
C SER A 117 -10.94 -8.61 32.45
N VAL A 118 -10.40 -7.39 32.31
CA VAL A 118 -10.22 -6.74 31.00
C VAL A 118 -8.74 -6.82 30.58
N GLU A 119 -8.45 -7.72 29.64
CA GLU A 119 -7.09 -7.92 29.07
C GLU A 119 -7.02 -7.24 27.69
N PHE A 120 -6.19 -6.20 27.57
CA PHE A 120 -6.08 -5.37 26.35
C PHE A 120 -4.61 -5.02 26.07
N GLU A 121 -4.36 -4.57 24.83
CA GLU A 121 -3.01 -4.17 24.37
C GLU A 121 -2.73 -2.72 24.81
N VAL A 122 -1.74 -2.53 25.71
CA VAL A 122 -1.26 -1.18 26.07
C VAL A 122 -0.11 -0.77 25.13
N TYR A 123 0.33 0.49 25.26
CA TYR A 123 1.38 1.07 24.41
C TYR A 123 2.76 0.82 25.04
N PRO A 124 3.73 0.22 24.28
CA PRO A 124 5.13 0.12 24.73
C PRO A 124 5.81 1.51 24.73
N GLU A 125 6.71 1.71 25.70
CA GLU A 125 7.43 2.98 25.87
C GLU A 125 8.42 3.16 24.69
N VAL A 126 8.01 3.99 23.70
CA VAL A 126 8.77 4.17 22.45
C VAL A 126 10.11 4.92 22.68
N GLU A 127 11.20 4.27 22.26
CA GLU A 127 12.55 4.81 22.28
C GLU A 127 13.07 4.92 20.85
N LEU A 128 13.16 6.16 20.33
CA LEU A 128 13.71 6.43 18.99
C LEU A 128 15.23 6.14 18.97
N GLN A 129 15.66 5.39 17.96
CA GLN A 129 17.04 4.89 17.83
C GLN A 129 17.52 5.06 16.39
N GLY A 130 18.85 5.13 16.22
CA GLY A 130 19.51 5.10 14.90
C GLY A 130 19.12 6.25 13.98
N LEU A 131 18.59 7.36 14.54
CA LEU A 131 18.07 8.50 13.76
C LEU A 131 19.18 9.17 12.94
N GLU A 132 20.38 9.28 13.55
CA GLU A 132 21.58 9.83 12.88
C GLU A 132 22.22 8.80 11.92
N ALA A 133 21.90 7.50 12.15
CA ALA A 133 22.48 6.38 11.37
C ALA A 133 21.70 6.13 10.06
N ILE A 134 20.48 6.70 9.97
CA ILE A 134 19.62 6.60 8.77
C ILE A 134 20.29 7.32 7.59
N GLU A 135 20.49 6.59 6.47
CA GLU A 135 21.13 7.12 5.26
C GLU A 135 20.13 7.13 4.08
N VAL A 136 19.37 8.22 4.04
CA VAL A 136 18.38 8.52 2.99
C VAL A 136 19.09 9.15 1.76
N GLU A 137 18.40 9.19 0.62
CA GLU A 137 18.86 9.91 -0.58
C GLU A 137 17.85 11.00 -0.95
N LYS A 138 18.36 12.14 -1.39
CA LYS A 138 17.56 13.21 -1.99
C LYS A 138 17.98 13.35 -3.47
N PRO A 139 17.25 12.67 -4.42
CA PRO A 139 17.55 12.78 -5.85
C PRO A 139 17.01 14.11 -6.45
N ILE A 140 17.92 15.07 -6.68
CA ILE A 140 17.61 16.32 -7.38
C ILE A 140 17.33 15.99 -8.86
N VAL A 141 16.05 15.77 -9.17
CA VAL A 141 15.60 15.39 -10.50
C VAL A 141 14.64 16.46 -11.05
N GLU A 142 14.90 16.81 -12.30
CA GLU A 142 14.00 17.60 -13.14
C GLU A 142 13.89 16.86 -14.48
N VAL A 143 12.78 17.07 -15.20
CA VAL A 143 12.54 16.37 -16.46
C VAL A 143 13.27 17.15 -17.57
N THR A 144 14.54 16.78 -17.82
CA THR A 144 15.39 17.41 -18.84
C THR A 144 14.87 17.06 -20.25
N ASP A 145 15.47 17.67 -21.30
CA ASP A 145 15.03 17.43 -22.71
C ASP A 145 15.04 15.93 -23.06
N ALA A 146 16.12 15.24 -22.65
CA ALA A 146 16.31 13.79 -22.91
C ALA A 146 15.32 12.93 -22.10
N ASP A 147 14.83 13.45 -20.95
CA ASP A 147 13.84 12.74 -20.10
C ASP A 147 12.41 12.89 -20.70
N VAL A 148 12.07 14.13 -21.12
CA VAL A 148 10.81 14.44 -21.82
C VAL A 148 10.70 13.55 -23.08
N ASP A 149 11.71 13.69 -23.95
CA ASP A 149 11.80 12.96 -25.22
C ASP A 149 11.86 11.45 -24.98
N GLY A 150 12.73 11.03 -24.03
CA GLY A 150 12.93 9.61 -23.74
C GLY A 150 11.65 8.88 -23.33
N MET A 151 10.90 9.48 -22.39
CA MET A 151 9.66 8.88 -21.86
C MET A 151 8.54 8.88 -22.94
N LEU A 152 8.29 10.06 -23.57
CA LEU A 152 7.30 10.20 -24.69
C LEU A 152 7.62 9.24 -25.85
N ASP A 153 8.91 9.06 -26.13
CA ASP A 153 9.43 8.17 -27.19
C ASP A 153 9.13 6.71 -26.86
N THR A 154 9.33 6.36 -25.57
CA THR A 154 8.96 5.04 -25.02
C THR A 154 7.45 4.77 -25.20
N LEU A 155 6.61 5.80 -24.92
CA LEU A 155 5.14 5.71 -25.07
C LEU A 155 4.74 5.43 -26.54
N ARG A 156 5.43 6.13 -27.46
CA ARG A 156 5.28 5.92 -28.92
C ARG A 156 5.75 4.50 -29.30
N LYS A 157 6.79 4.00 -28.62
CA LYS A 157 7.35 2.66 -28.86
C LYS A 157 6.60 1.56 -28.04
N GLN A 158 5.65 1.98 -27.18
CA GLN A 158 4.63 1.07 -26.62
C GLN A 158 3.51 0.86 -27.66
N GLN A 159 3.08 1.97 -28.29
CA GLN A 159 2.07 1.95 -29.38
C GLN A 159 2.75 1.98 -30.77
N ALA A 160 3.89 1.28 -30.88
CA ALA A 160 4.73 1.29 -32.10
C ALA A 160 4.08 0.53 -33.26
N THR A 161 4.24 1.09 -34.46
CA THR A 161 3.78 0.49 -35.72
C THR A 161 4.82 -0.54 -36.20
N TRP A 162 4.35 -1.77 -36.48
CA TRP A 162 5.23 -2.90 -36.82
C TRP A 162 5.51 -2.91 -38.33
N LYS A 163 6.81 -2.94 -38.69
CA LYS A 163 7.24 -2.97 -40.08
C LYS A 163 8.55 -3.75 -40.21
N GLU A 164 8.54 -4.80 -41.05
CA GLU A 164 9.74 -5.60 -41.37
C GLU A 164 10.66 -4.82 -42.33
N LYS A 165 11.98 -4.97 -42.15
CA LYS A 165 13.01 -4.40 -43.04
C LYS A 165 14.13 -5.41 -43.32
N ASP A 166 15.11 -4.97 -44.11
CA ASP A 166 16.30 -5.73 -44.42
C ASP A 166 17.47 -4.75 -44.60
N GLY A 167 18.70 -5.22 -44.36
CA GLY A 167 19.92 -4.45 -44.56
C GLY A 167 20.77 -4.32 -43.30
N ALA A 168 20.16 -3.90 -42.19
CA ALA A 168 20.84 -3.81 -40.88
C ALA A 168 19.83 -3.89 -39.71
N VAL A 169 20.27 -4.49 -38.59
CA VAL A 169 19.58 -4.38 -37.29
C VAL A 169 20.29 -3.29 -36.45
N GLU A 170 19.55 -2.66 -35.53
CA GLU A 170 20.03 -1.53 -34.71
C GLU A 170 19.67 -1.78 -33.23
N ALA A 171 19.86 -0.74 -32.42
CA ALA A 171 19.65 -0.76 -30.96
C ALA A 171 18.18 -1.01 -30.57
N GLU A 172 17.24 -0.39 -31.31
CA GLU A 172 15.81 -0.32 -30.91
C GLU A 172 14.86 -0.84 -32.01
N ASP A 173 15.32 -1.82 -32.79
CA ASP A 173 14.49 -2.49 -33.82
C ASP A 173 13.71 -3.68 -33.24
N ARG A 174 13.19 -4.54 -34.13
CA ARG A 174 12.75 -5.91 -33.79
C ARG A 174 13.54 -6.89 -34.69
N VAL A 175 13.61 -8.18 -34.29
CA VAL A 175 14.33 -9.23 -35.04
C VAL A 175 13.57 -10.55 -34.92
N THR A 176 13.08 -11.11 -36.03
CA THR A 176 12.49 -12.46 -36.01
C THR A 176 13.57 -13.46 -36.43
N ILE A 177 13.94 -14.36 -35.52
CA ILE A 177 14.96 -15.40 -35.76
C ILE A 177 14.41 -16.78 -35.34
N ASP A 178 15.16 -17.81 -35.72
CA ASP A 178 15.08 -19.15 -35.14
C ASP A 178 16.50 -19.55 -34.74
N PHE A 179 16.64 -20.54 -33.84
CA PHE A 179 17.96 -21.00 -33.38
C PHE A 179 17.87 -22.39 -32.76
N THR A 180 19.05 -22.91 -32.43
CA THR A 180 19.25 -24.19 -31.74
C THR A 180 20.63 -24.13 -31.08
N GLY A 181 20.73 -24.50 -29.81
CA GLY A 181 21.99 -24.39 -29.10
C GLY A 181 22.13 -25.35 -27.96
N SER A 182 23.26 -25.24 -27.26
CA SER A 182 23.60 -26.09 -26.12
C SER A 182 24.42 -25.27 -25.11
N VAL A 183 24.02 -25.35 -23.83
CA VAL A 183 24.65 -24.59 -22.74
C VAL A 183 25.74 -25.45 -22.10
N ASP A 184 27.03 -25.15 -22.43
CA ASP A 184 28.23 -25.98 -22.09
C ASP A 184 28.35 -27.21 -23.04
N GLY A 185 27.39 -27.35 -23.98
CA GLY A 185 27.38 -28.48 -24.91
C GLY A 185 26.34 -29.54 -24.56
N GLU A 186 25.45 -29.23 -23.58
CA GLU A 186 24.30 -30.08 -23.24
C GLU A 186 23.01 -29.42 -23.77
N GLU A 187 22.14 -30.25 -24.34
CA GLU A 187 20.88 -29.81 -24.93
C GLU A 187 19.85 -29.57 -23.82
N PHE A 188 19.75 -28.30 -23.39
CA PHE A 188 18.75 -27.81 -22.42
C PHE A 188 17.33 -28.05 -22.96
N GLU A 189 16.34 -28.07 -22.04
CA GLU A 189 14.92 -28.36 -22.35
C GLU A 189 14.40 -27.42 -23.47
N GLY A 190 13.68 -28.01 -24.43
CA GLY A 190 13.28 -27.32 -25.66
C GLY A 190 14.42 -27.26 -26.67
N GLY A 191 15.45 -26.44 -26.35
CA GLY A 191 16.66 -26.31 -27.18
C GLY A 191 16.44 -25.43 -28.41
N LYS A 192 15.65 -25.94 -29.35
CA LYS A 192 15.33 -25.27 -30.60
C LYS A 192 14.12 -24.32 -30.41
N ALA A 193 14.20 -23.12 -30.98
CA ALA A 193 13.06 -22.18 -31.10
C ALA A 193 12.92 -21.74 -32.57
N SER A 194 11.72 -21.33 -32.96
CA SER A 194 11.41 -20.91 -34.33
C SER A 194 10.50 -19.68 -34.35
N ASP A 195 10.93 -18.65 -35.11
CA ASP A 195 10.16 -17.41 -35.36
C ASP A 195 9.88 -16.62 -34.08
N PHE A 196 10.89 -16.60 -33.18
CA PHE A 196 10.89 -15.74 -32.01
C PHE A 196 11.11 -14.27 -32.47
N VAL A 197 10.33 -13.35 -31.89
CA VAL A 197 10.37 -11.91 -32.21
C VAL A 197 11.03 -11.15 -31.05
N LEU A 198 12.14 -10.47 -31.36
CA LEU A 198 12.97 -9.75 -30.38
C LEU A 198 12.90 -8.24 -30.62
N ALA A 199 11.99 -7.55 -29.93
CA ALA A 199 12.00 -6.08 -29.89
C ALA A 199 13.17 -5.62 -29.04
N MET A 200 14.21 -5.13 -29.71
CA MET A 200 15.37 -4.52 -29.09
C MET A 200 15.06 -3.10 -28.62
N GLY A 201 15.95 -2.58 -27.77
CA GLY A 201 15.72 -1.31 -27.05
C GLY A 201 15.13 -1.53 -25.68
N GLN A 202 15.14 -2.81 -25.25
CA GLN A 202 14.68 -3.25 -23.93
C GLN A 202 15.45 -4.55 -23.58
N GLY A 203 15.79 -4.72 -22.29
CA GLY A 203 16.60 -5.86 -21.84
C GLY A 203 15.80 -7.14 -21.71
N ARG A 204 15.61 -7.84 -22.85
CA ARG A 204 14.91 -9.15 -22.87
C ARG A 204 15.88 -10.31 -22.62
N MET A 205 17.18 -10.09 -22.83
CA MET A 205 18.20 -11.15 -22.75
C MET A 205 19.37 -10.72 -21.85
N ILE A 206 20.09 -11.73 -21.32
CA ILE A 206 21.32 -11.51 -20.56
C ILE A 206 22.41 -10.91 -21.49
N PRO A 207 23.24 -9.93 -20.99
CA PRO A 207 24.33 -9.28 -21.78
C PRO A 207 25.25 -10.31 -22.48
N GLY A 208 25.07 -10.44 -23.79
CA GLY A 208 25.80 -11.41 -24.61
C GLY A 208 24.92 -11.94 -25.72
N PHE A 209 23.69 -12.39 -25.37
CA PHE A 209 22.75 -13.01 -26.32
C PHE A 209 22.25 -11.96 -27.32
N GLU A 210 21.50 -10.97 -26.79
CA GLU A 210 20.83 -9.95 -27.61
C GLU A 210 21.84 -9.08 -28.38
N ASP A 211 23.06 -8.95 -27.85
CA ASP A 211 24.17 -8.22 -28.48
C ASP A 211 24.69 -8.97 -29.71
N GLY A 212 24.57 -10.31 -29.66
CA GLY A 212 24.89 -11.19 -30.79
C GLY A 212 23.79 -11.21 -31.84
N ILE A 213 22.65 -10.54 -31.57
CA ILE A 213 21.52 -10.46 -32.50
C ILE A 213 21.48 -9.06 -33.19
N LYS A 214 21.60 -7.99 -32.36
CA LYS A 214 21.36 -6.59 -32.80
C LYS A 214 22.59 -5.91 -33.46
N GLY A 215 23.58 -6.71 -33.87
CA GLY A 215 24.80 -6.20 -34.51
C GLY A 215 25.06 -6.91 -35.83
N HIS A 216 23.95 -7.31 -36.50
CA HIS A 216 23.98 -8.18 -37.70
C HIS A 216 22.85 -7.80 -38.67
N LYS A 217 22.59 -8.66 -39.68
CA LYS A 217 21.50 -8.48 -40.66
C LYS A 217 21.01 -9.84 -41.19
N ALA A 218 19.80 -9.87 -41.77
CA ALA A 218 19.12 -11.12 -42.18
C ALA A 218 19.82 -11.79 -43.36
N GLY A 219 19.92 -13.13 -43.28
CA GLY A 219 20.47 -13.95 -44.37
C GLY A 219 21.69 -14.75 -43.95
N GLU A 220 22.34 -14.28 -42.88
CA GLU A 220 23.50 -14.97 -42.27
C GLU A 220 23.02 -15.90 -41.16
N GLU A 221 23.59 -17.11 -41.12
CA GLU A 221 23.34 -18.10 -40.07
C GLU A 221 24.68 -18.40 -39.37
N PHE A 222 24.77 -18.00 -38.11
CA PHE A 222 26.01 -18.01 -37.30
C PHE A 222 25.72 -18.64 -35.93
N THR A 223 26.75 -18.70 -35.08
CA THR A 223 26.65 -19.21 -33.70
C THR A 223 27.30 -18.20 -32.74
N ILE A 224 26.51 -17.68 -31.79
CA ILE A 224 26.97 -16.72 -30.78
C ILE A 224 27.42 -17.45 -29.50
N ASP A 225 28.30 -16.79 -28.74
CA ASP A 225 28.84 -17.32 -27.48
C ASP A 225 28.38 -16.41 -26.33
N VAL A 226 27.42 -16.90 -25.55
CA VAL A 226 26.92 -16.24 -24.33
C VAL A 226 27.42 -17.04 -23.11
N THR A 227 27.30 -16.48 -21.91
CA THR A 227 27.54 -17.20 -20.65
C THR A 227 26.50 -16.74 -19.62
N PHE A 228 25.89 -17.71 -18.92
CA PHE A 228 24.87 -17.43 -17.91
C PHE A 228 25.48 -16.89 -16.59
N PRO A 229 24.83 -15.86 -15.97
CA PRO A 229 25.19 -15.37 -14.61
C PRO A 229 25.19 -16.46 -13.53
N GLU A 230 25.92 -16.21 -12.43
CA GLU A 230 25.90 -17.10 -11.25
C GLU A 230 24.57 -16.93 -10.50
N GLU A 231 24.00 -15.70 -10.57
CA GLU A 231 22.69 -15.37 -10.00
C GLU A 231 21.54 -16.14 -10.69
N TYR A 232 21.80 -16.56 -11.94
CA TYR A 232 20.84 -17.32 -12.77
C TYR A 232 20.73 -18.77 -12.24
N HIS A 233 20.05 -18.96 -11.09
CA HIS A 233 20.13 -20.20 -10.27
C HIS A 233 19.53 -21.46 -10.93
N ALA A 234 19.07 -21.38 -12.19
CA ALA A 234 18.84 -22.57 -13.03
C ALA A 234 20.23 -23.15 -13.38
N GLU A 235 20.69 -24.11 -12.56
CA GLU A 235 22.10 -24.58 -12.58
C GLU A 235 22.51 -25.24 -13.91
N ASN A 236 21.52 -25.85 -14.60
CA ASN A 236 21.70 -26.48 -15.93
C ASN A 236 22.14 -25.43 -16.98
N LEU A 237 21.83 -24.14 -16.68
CA LEU A 237 22.23 -22.98 -17.48
C LEU A 237 23.42 -22.24 -16.84
N LYS A 238 23.34 -22.08 -15.49
CA LYS A 238 24.18 -21.16 -14.67
C LYS A 238 25.69 -21.39 -14.87
N GLY A 239 26.43 -20.29 -15.13
CA GLY A 239 27.90 -20.32 -15.20
C GLY A 239 28.45 -20.81 -16.52
N LYS A 240 27.61 -21.52 -17.28
CA LYS A 240 28.01 -22.23 -18.49
C LYS A 240 27.89 -21.33 -19.72
N ALA A 241 28.85 -21.49 -20.65
CA ALA A 241 28.87 -20.77 -21.93
C ALA A 241 27.88 -21.41 -22.91
N ALA A 242 26.76 -20.71 -23.13
CA ALA A 242 25.68 -21.16 -24.01
C ALA A 242 25.90 -20.69 -25.45
N LYS A 243 26.08 -21.65 -26.35
CA LYS A 243 26.35 -21.38 -27.77
C LYS A 243 25.10 -21.68 -28.60
N PHE A 244 24.45 -20.60 -29.06
CA PHE A 244 23.19 -20.68 -29.84
C PHE A 244 23.49 -20.40 -31.31
N ALA A 245 23.19 -21.37 -32.16
CA ALA A 245 23.31 -21.24 -33.61
C ALA A 245 22.11 -20.43 -34.14
N ILE A 246 22.32 -19.11 -34.26
CA ILE A 246 21.29 -18.14 -34.67
C ILE A 246 21.13 -18.11 -36.20
N ASN A 247 19.90 -18.31 -36.65
CA ASN A 247 19.53 -18.28 -38.07
C ASN A 247 18.70 -17.00 -38.30
N LEU A 248 19.35 -15.94 -38.81
CA LEU A 248 18.72 -14.64 -38.99
C LEU A 248 17.85 -14.68 -40.25
N LYS A 249 16.53 -14.85 -40.06
CA LYS A 249 15.58 -14.95 -41.18
C LYS A 249 14.97 -13.57 -41.49
N LYS A 250 14.63 -12.79 -40.44
CA LYS A 250 13.97 -11.49 -40.59
C LYS A 250 14.67 -10.43 -39.75
N VAL A 251 14.80 -9.25 -40.34
CA VAL A 251 15.02 -8.00 -39.62
C VAL A 251 13.68 -7.26 -39.62
N GLU A 252 13.35 -6.59 -38.51
CA GLU A 252 12.13 -5.78 -38.42
C GLU A 252 12.48 -4.42 -37.80
N GLU A 253 11.46 -3.61 -37.58
CA GLU A 253 11.59 -2.29 -36.97
C GLU A 253 10.28 -1.90 -36.29
N ARG A 254 10.37 -1.46 -35.02
CA ARG A 254 9.24 -0.85 -34.33
C ARG A 254 9.22 0.65 -34.66
N GLU A 255 8.57 0.96 -35.78
CA GLU A 255 8.44 2.33 -36.32
C GLU A 255 7.58 3.18 -35.36
N LEU A 256 7.96 4.47 -35.19
CA LEU A 256 7.14 5.42 -34.44
C LEU A 256 5.78 5.61 -35.16
N PRO A 257 4.63 5.56 -34.42
CA PRO A 257 3.28 5.69 -35.02
C PRO A 257 3.03 7.11 -35.57
N GLU A 258 1.87 7.29 -36.20
CA GLU A 258 1.44 8.59 -36.72
C GLU A 258 1.14 9.52 -35.55
N LEU A 259 2.18 10.24 -35.09
CA LEU A 259 2.08 11.21 -33.98
C LEU A 259 1.44 12.51 -34.51
N THR A 260 0.15 12.42 -34.83
CA THR A 260 -0.65 13.52 -35.37
C THR A 260 -1.52 14.11 -34.26
N ALA A 261 -2.06 15.31 -34.49
CA ALA A 261 -2.98 16.01 -33.57
C ALA A 261 -4.13 15.08 -33.12
N GLU A 262 -4.64 14.32 -34.12
CA GLU A 262 -5.73 13.34 -33.97
C GLU A 262 -5.35 12.23 -32.96
N PHE A 263 -4.08 11.81 -33.02
CA PHE A 263 -3.54 10.69 -32.24
C PHE A 263 -3.30 11.17 -30.80
N ILE A 264 -2.43 12.18 -30.68
CA ILE A 264 -1.93 12.70 -29.40
C ILE A 264 -3.09 13.19 -28.48
N LYS A 265 -4.10 13.89 -29.06
CA LYS A 265 -5.24 14.41 -28.27
C LYS A 265 -6.13 13.27 -27.72
N ARG A 266 -6.13 12.12 -28.43
CA ARG A 266 -7.04 11.00 -28.17
C ARG A 266 -6.64 10.25 -26.87
N PHE A 267 -5.38 10.46 -26.44
CA PHE A 267 -4.86 9.92 -25.16
C PHE A 267 -5.13 10.89 -23.99
N GLY A 268 -5.66 12.10 -24.30
CA GLY A 268 -6.16 13.03 -23.27
C GLY A 268 -5.69 14.48 -23.42
N VAL A 269 -4.71 14.72 -24.32
CA VAL A 269 -4.08 16.04 -24.49
C VAL A 269 -5.11 17.08 -24.97
N GLU A 270 -5.44 18.05 -24.09
CA GLU A 270 -6.52 19.05 -24.28
C GLU A 270 -6.31 19.90 -25.55
N ASP A 271 -5.09 20.42 -25.67
CA ASP A 271 -4.69 21.30 -26.79
C ASP A 271 -4.46 20.48 -28.08
N GLY A 272 -3.78 19.33 -27.92
CA GLY A 272 -3.59 18.37 -29.02
C GLY A 272 -2.43 18.70 -29.97
N SER A 273 -1.51 19.55 -29.50
CA SER A 273 -0.23 19.85 -30.19
C SER A 273 0.86 20.16 -29.14
N VAL A 274 2.04 20.63 -29.62
CA VAL A 274 3.30 20.70 -28.83
C VAL A 274 3.12 21.39 -27.46
N GLU A 275 2.55 22.62 -27.45
CA GLU A 275 2.32 23.39 -26.22
C GLU A 275 1.39 22.61 -25.24
N GLY A 276 0.47 21.80 -25.80
CA GLY A 276 -0.40 20.94 -25.01
C GLY A 276 0.28 19.68 -24.55
N LEU A 277 1.32 19.27 -25.29
CA LEU A 277 2.14 18.10 -24.94
C LEU A 277 3.10 18.50 -23.81
N ARG A 278 3.45 19.81 -23.77
CA ARG A 278 4.21 20.42 -22.67
C ARG A 278 3.32 20.54 -21.42
N ALA A 279 2.03 20.87 -21.66
CA ALA A 279 1.00 20.87 -20.61
C ALA A 279 0.78 19.45 -20.07
N GLU A 280 0.85 18.46 -20.98
CA GLU A 280 0.65 17.05 -20.63
C GLU A 280 1.85 16.53 -19.82
N VAL A 281 3.09 16.79 -20.28
CA VAL A 281 4.31 16.35 -19.56
C VAL A 281 4.46 17.10 -18.23
N ARG A 282 3.88 18.30 -18.15
CA ARG A 282 3.70 19.03 -16.89
C ARG A 282 2.83 18.19 -15.92
N LYS A 283 1.55 18.00 -16.28
CA LYS A 283 0.53 17.40 -15.39
C LYS A 283 0.72 15.87 -15.23
N ASN A 284 1.66 15.28 -16.00
CA ASN A 284 2.09 13.88 -15.82
C ASN A 284 3.45 13.84 -15.09
N MET A 285 4.53 14.29 -15.77
CA MET A 285 5.91 14.13 -15.28
C MET A 285 6.15 14.96 -14.00
N GLU A 286 5.70 16.25 -13.91
CA GLU A 286 5.91 17.06 -12.65
C GLU A 286 5.15 16.42 -11.48
N ARG A 287 3.86 16.13 -11.75
CA ARG A 287 2.90 15.56 -10.81
C ARG A 287 3.44 14.27 -10.15
N GLU A 288 3.97 13.36 -10.97
CA GLU A 288 4.44 12.06 -10.49
C GLU A 288 5.88 12.15 -9.96
N LEU A 289 6.74 12.96 -10.62
CA LEU A 289 8.18 13.02 -10.32
C LEU A 289 8.45 13.62 -8.95
N LYS A 290 7.95 14.86 -8.71
CA LYS A 290 8.24 15.59 -7.45
C LYS A 290 7.62 14.85 -6.25
N SER A 291 6.48 14.18 -6.53
CA SER A 291 5.80 13.30 -5.57
C SER A 291 6.70 12.08 -5.24
N ALA A 292 7.28 11.48 -6.29
CA ALA A 292 8.11 10.26 -6.17
C ALA A 292 9.49 10.54 -5.52
N ILE A 293 10.03 11.77 -5.76
CA ILE A 293 11.26 12.24 -5.12
C ILE A 293 11.01 12.38 -3.62
N ARG A 294 9.92 13.11 -3.29
CA ARG A 294 9.50 13.37 -1.92
C ARG A 294 9.18 12.05 -1.19
N ASN A 295 8.55 11.11 -1.94
CA ASN A 295 8.16 9.78 -1.41
C ASN A 295 9.36 8.84 -1.33
N ARG A 296 10.41 9.07 -2.13
CA ARG A 296 11.68 8.30 -2.00
C ARG A 296 12.40 8.71 -0.71
N VAL A 297 12.53 10.04 -0.52
CA VAL A 297 13.14 10.62 0.69
C VAL A 297 12.37 10.14 1.96
N LYS A 298 11.05 10.26 1.88
CA LYS A 298 10.12 9.87 2.96
C LYS A 298 10.18 8.36 3.23
N SER A 299 10.14 7.53 2.16
CA SER A 299 10.11 6.06 2.29
C SER A 299 11.42 5.54 2.90
N GLN A 300 12.57 6.13 2.50
CA GLN A 300 13.89 5.77 3.05
C GLN A 300 14.04 6.24 4.51
N ALA A 301 13.38 7.37 4.86
CA ALA A 301 13.36 7.89 6.24
C ALA A 301 12.61 6.91 7.17
N ILE A 302 11.39 6.50 6.75
CA ILE A 302 10.53 5.57 7.51
C ILE A 302 11.15 4.15 7.55
N GLU A 303 11.70 3.73 6.40
CA GLU A 303 12.37 2.42 6.26
C GLU A 303 13.63 2.40 7.15
N GLY A 304 14.28 3.57 7.25
CA GLY A 304 15.42 3.76 8.14
C GLY A 304 15.01 3.66 9.61
N LEU A 305 13.86 4.30 9.96
CA LEU A 305 13.26 4.26 11.31
C LEU A 305 12.99 2.80 11.74
N VAL A 306 12.41 2.02 10.80
CA VAL A 306 12.10 0.60 11.00
C VAL A 306 13.40 -0.20 11.27
N LYS A 307 14.35 -0.13 10.33
CA LYS A 307 15.65 -0.83 10.41
C LYS A 307 16.48 -0.37 11.63
N ALA A 308 16.19 0.84 12.13
CA ALA A 308 16.84 1.43 13.31
C ALA A 308 16.24 0.87 14.61
N ASN A 309 14.90 0.57 14.59
CA ASN A 309 14.19 0.09 15.80
C ASN A 309 12.84 -0.57 15.47
N ASP A 310 12.55 -1.70 16.16
CA ASP A 310 11.23 -2.34 16.16
C ASP A 310 10.34 -1.66 17.20
N ILE A 311 9.05 -1.54 16.90
CA ILE A 311 8.04 -0.96 17.82
C ILE A 311 6.75 -1.80 17.75
N ASP A 312 6.31 -2.31 18.92
CA ASP A 312 5.02 -3.02 19.04
C ASP A 312 3.90 -1.99 19.09
N VAL A 313 2.81 -2.28 18.37
CA VAL A 313 1.67 -1.38 18.27
C VAL A 313 0.36 -2.19 18.48
N PRO A 314 -0.58 -1.71 19.38
CA PRO A 314 -1.95 -2.27 19.48
C PRO A 314 -2.68 -2.33 18.10
N ALA A 315 -3.25 -3.52 17.79
CA ALA A 315 -3.86 -3.82 16.47
C ALA A 315 -5.10 -2.96 16.15
N ALA A 316 -5.60 -2.20 17.15
CA ALA A 316 -6.69 -1.22 16.96
C ALA A 316 -6.28 -0.15 15.92
N LEU A 317 -5.02 0.33 16.03
CA LEU A 317 -4.47 1.38 15.15
C LEU A 317 -4.20 0.84 13.74
N ILE A 318 -3.71 -0.43 13.67
CA ILE A 318 -3.45 -1.12 12.39
C ILE A 318 -4.78 -1.22 11.60
N ASP A 319 -5.82 -1.73 12.29
CA ASP A 319 -7.18 -1.88 11.73
C ASP A 319 -7.79 -0.50 11.36
N SER A 320 -7.52 0.50 12.21
CA SER A 320 -8.03 1.89 12.02
C SER A 320 -7.55 2.48 10.69
N GLU A 321 -6.23 2.39 10.43
CA GLU A 321 -5.62 2.98 9.22
C GLU A 321 -5.85 2.08 7.99
N ILE A 322 -6.02 0.75 8.22
CA ILE A 322 -6.53 -0.18 7.18
C ILE A 322 -7.97 0.25 6.78
N ASP A 323 -8.77 0.75 7.76
CA ASP A 323 -10.16 1.21 7.52
C ASP A 323 -10.19 2.50 6.71
N VAL A 324 -9.24 3.42 7.02
CA VAL A 324 -9.01 4.63 6.20
C VAL A 324 -8.74 4.21 4.73
N LEU A 325 -7.83 3.22 4.57
CA LEU A 325 -7.44 2.69 3.26
C LEU A 325 -8.52 1.80 2.61
N ARG A 326 -9.45 1.25 3.41
CA ARG A 326 -10.60 0.45 2.90
C ARG A 326 -11.65 1.38 2.28
N ARG A 327 -11.87 2.54 2.93
CA ARG A 327 -12.78 3.59 2.40
C ARG A 327 -12.15 4.27 1.17
N GLN A 328 -10.83 4.52 1.25
CA GLN A 328 -10.06 5.17 0.17
C GLN A 328 -9.92 4.22 -1.05
N ALA A 329 -9.90 2.90 -0.79
CA ALA A 329 -9.96 1.88 -1.84
C ALA A 329 -11.33 1.92 -2.50
N ALA A 330 -12.39 1.87 -1.65
CA ALA A 330 -13.80 1.92 -2.08
C ALA A 330 -14.12 3.17 -2.93
N GLN A 331 -13.39 4.27 -2.65
CA GLN A 331 -13.50 5.54 -3.41
C GLN A 331 -13.13 5.35 -4.91
N ARG A 332 -12.10 4.51 -5.18
CA ARG A 332 -11.67 4.19 -6.58
C ARG A 332 -12.31 2.89 -7.09
N PHE A 333 -12.87 2.10 -6.16
CA PHE A 333 -13.65 0.89 -6.48
C PHE A 333 -15.09 1.30 -6.88
N GLY A 334 -15.43 2.57 -6.61
CA GLY A 334 -16.61 3.23 -7.16
C GLY A 334 -17.85 3.10 -6.29
N GLY A 335 -17.65 3.09 -4.97
CA GLY A 335 -18.75 2.94 -4.00
C GLY A 335 -19.44 1.57 -4.07
N ASN A 336 -18.91 0.68 -4.93
CA ASN A 336 -19.46 -0.66 -5.13
C ASN A 336 -19.24 -1.51 -3.87
N GLU A 337 -20.18 -2.44 -3.61
CA GLU A 337 -20.28 -3.23 -2.38
C GLU A 337 -20.85 -2.37 -1.23
N LYS A 338 -20.05 -1.34 -0.78
CA LYS A 338 -20.26 -0.61 0.50
C LYS A 338 -20.11 -1.57 1.71
N GLN A 339 -19.47 -2.71 1.42
CA GLN A 339 -19.10 -3.78 2.35
C GLN A 339 -17.61 -3.63 2.72
N ALA A 340 -17.06 -2.43 2.39
CA ALA A 340 -15.63 -2.07 2.48
C ALA A 340 -15.00 -2.33 3.86
N LEU A 341 -15.82 -2.39 4.93
CA LEU A 341 -15.36 -2.73 6.30
C LEU A 341 -14.66 -4.12 6.33
N GLU A 342 -15.04 -4.99 5.37
CA GLU A 342 -14.50 -6.36 5.25
C GLU A 342 -13.67 -6.51 3.94
N LEU A 343 -13.17 -5.38 3.37
CA LEU A 343 -12.11 -5.45 2.32
C LEU A 343 -10.83 -6.04 2.97
N PRO A 344 -10.21 -7.10 2.35
CA PRO A 344 -9.09 -7.87 2.95
C PRO A 344 -7.97 -6.99 3.56
N ARG A 345 -7.77 -7.14 4.89
CA ARG A 345 -6.75 -6.39 5.66
C ARG A 345 -5.35 -6.60 5.07
N GLU A 346 -5.09 -7.83 4.58
CA GLU A 346 -3.79 -8.22 3.97
C GLU A 346 -3.48 -7.47 2.65
N LEU A 347 -4.48 -6.77 2.07
CA LEU A 347 -4.22 -5.84 0.94
C LEU A 347 -3.46 -4.60 1.44
N PHE A 348 -3.89 -4.13 2.63
CA PHE A 348 -3.48 -2.82 3.17
C PHE A 348 -2.48 -2.99 4.33
N GLU A 349 -2.32 -4.24 4.82
CA GLU A 349 -1.56 -4.59 6.04
C GLU A 349 -0.16 -3.93 6.10
N GLU A 350 0.67 -4.21 5.06
CA GLU A 350 2.04 -3.71 4.94
C GLU A 350 2.10 -2.18 5.07
N GLN A 351 1.38 -1.49 4.16
CA GLN A 351 1.45 -0.03 4.02
C GLN A 351 0.76 0.71 5.18
N ALA A 352 -0.36 0.15 5.69
CA ALA A 352 -1.16 0.76 6.76
C ALA A 352 -0.40 0.70 8.07
N LYS A 353 0.09 -0.52 8.42
CA LYS A 353 0.89 -0.74 9.63
C LYS A 353 2.18 0.10 9.57
N ARG A 354 2.73 0.29 8.36
CA ARG A 354 3.83 1.23 8.10
C ARG A 354 3.39 2.68 8.39
N ARG A 355 2.12 3.04 8.04
CA ARG A 355 1.57 4.39 8.30
C ARG A 355 1.35 4.61 9.79
N VAL A 356 1.10 3.52 10.54
CA VAL A 356 0.94 3.58 12.00
C VAL A 356 2.33 3.72 12.67
N VAL A 357 3.34 3.07 12.07
CA VAL A 357 4.76 3.21 12.47
C VAL A 357 5.24 4.66 12.17
N VAL A 358 4.73 5.25 11.06
CA VAL A 358 4.92 6.68 10.73
C VAL A 358 4.32 7.53 11.86
N GLY A 359 3.03 7.28 12.16
CA GLY A 359 2.28 8.06 13.12
C GLY A 359 2.85 8.01 14.53
N LEU A 360 3.32 6.82 14.93
CA LEU A 360 3.83 6.58 16.29
C LEU A 360 5.26 7.14 16.44
N LEU A 361 6.19 6.71 15.54
CA LEU A 361 7.62 7.12 15.64
C LEU A 361 7.77 8.63 15.36
N LEU A 362 7.17 9.11 14.25
CA LEU A 362 7.20 10.55 13.90
C LEU A 362 6.37 11.37 14.89
N GLY A 363 5.32 10.77 15.49
CA GLY A 363 4.55 11.41 16.57
C GLY A 363 5.41 11.71 17.79
N GLU A 364 6.26 10.74 18.14
CA GLU A 364 7.28 10.90 19.19
C GLU A 364 8.30 11.98 18.77
N VAL A 365 8.70 12.01 17.48
CA VAL A 365 9.58 13.06 16.92
C VAL A 365 8.94 14.48 17.09
N ILE A 366 7.61 14.55 16.94
CA ILE A 366 6.83 15.79 17.09
C ILE A 366 6.88 16.28 18.55
N ARG A 367 6.66 15.36 19.51
CA ARG A 367 6.71 15.71 20.94
C ARG A 367 8.16 16.11 21.36
N THR A 368 9.12 15.22 21.06
CA THR A 368 10.53 15.36 21.44
C THR A 368 11.18 16.65 20.86
N ASN A 369 10.85 16.96 19.59
CA ASN A 369 11.35 18.16 18.89
C ASN A 369 10.32 19.31 18.92
N GLU A 370 9.32 19.21 19.84
CA GLU A 370 8.26 20.26 20.10
C GLU A 370 7.59 20.84 18.82
N LEU A 371 7.50 20.01 17.78
CA LEU A 371 6.97 20.41 16.46
C LEU A 371 5.45 20.75 16.50
N LYS A 372 5.05 21.69 15.63
CA LYS A 372 3.63 22.07 15.40
C LYS A 372 3.35 22.03 13.88
N ALA A 373 2.07 21.90 13.49
CA ALA A 373 1.69 21.97 12.07
C ALA A 373 1.73 23.44 11.59
N ASP A 374 2.90 23.83 11.09
CA ASP A 374 3.19 25.20 10.62
C ASP A 374 2.36 25.51 9.35
N GLU A 375 1.53 26.56 9.42
CA GLU A 375 0.60 26.97 8.33
C GLU A 375 1.34 27.40 7.05
N GLU A 376 2.61 27.84 7.18
CA GLU A 376 3.46 28.14 6.02
C GLU A 376 3.82 26.85 5.28
N ARG A 377 3.99 25.75 6.05
CA ARG A 377 4.35 24.42 5.53
C ARG A 377 3.11 23.74 4.91
N VAL A 378 1.93 23.97 5.54
CA VAL A 378 0.62 23.46 5.05
C VAL A 378 0.29 24.11 3.69
N LYS A 379 0.30 25.46 3.69
CA LYS A 379 0.04 26.29 2.50
C LYS A 379 1.12 26.02 1.43
N GLY A 380 2.37 25.78 1.88
CA GLY A 380 3.48 25.39 1.01
C GLY A 380 3.22 24.09 0.24
N LEU A 381 2.64 23.09 0.97
CA LEU A 381 2.15 21.83 0.37
C LEU A 381 1.11 22.10 -0.71
N ILE A 382 0.12 22.96 -0.37
CA ILE A 382 -0.98 23.31 -1.31
C ILE A 382 -0.43 23.87 -2.63
N GLU A 383 0.57 24.78 -2.51
CA GLU A 383 1.25 25.38 -3.68
C GLU A 383 1.96 24.31 -4.52
N GLU A 384 2.83 23.51 -3.87
CA GLU A 384 3.65 22.48 -4.54
C GLU A 384 2.81 21.40 -5.24
N MET A 385 1.71 21.02 -4.62
CA MET A 385 0.80 19.98 -5.12
C MET A 385 -0.03 20.54 -6.31
N ALA A 386 -0.57 21.77 -6.12
CA ALA A 386 -1.37 22.46 -7.16
C ALA A 386 -0.49 22.99 -8.32
N SER A 387 0.84 23.09 -8.08
CA SER A 387 1.84 23.52 -9.09
C SER A 387 2.08 22.43 -10.16
N ALA A 388 1.38 21.29 -10.04
CA ALA A 388 1.38 20.22 -11.05
C ALA A 388 0.13 20.32 -11.96
N TYR A 389 -0.84 21.17 -11.56
CA TYR A 389 -2.12 21.37 -12.27
C TYR A 389 -2.16 22.77 -12.91
N GLU A 390 -2.99 22.95 -13.94
CA GLU A 390 -3.12 24.22 -14.67
C GLU A 390 -3.79 25.29 -13.77
N ASP A 391 -4.87 24.88 -13.09
CA ASP A 391 -5.70 25.75 -12.24
C ASP A 391 -5.38 25.51 -10.74
N PRO A 392 -4.55 26.41 -10.10
CA PRO A 392 -4.11 26.23 -8.70
C PRO A 392 -4.97 26.93 -7.61
N LYS A 393 -5.43 28.18 -7.85
CA LYS A 393 -5.94 29.07 -6.77
C LYS A 393 -7.28 28.60 -6.19
N GLU A 394 -8.08 27.90 -7.02
CA GLU A 394 -9.33 27.28 -6.53
C GLU A 394 -9.01 26.12 -5.57
N VAL A 395 -7.83 25.49 -5.78
CA VAL A 395 -7.35 24.38 -4.94
C VAL A 395 -6.80 24.95 -3.61
N ILE A 396 -6.11 26.12 -3.68
CA ILE A 396 -5.70 26.89 -2.47
C ILE A 396 -6.96 27.20 -1.62
N GLU A 397 -8.01 27.72 -2.28
CA GLU A 397 -9.31 28.04 -1.63
C GLU A 397 -10.04 26.76 -1.17
N PHE A 398 -9.88 25.67 -1.95
CA PHE A 398 -10.55 24.37 -1.70
C PHE A 398 -10.08 23.76 -0.38
N TYR A 399 -8.78 23.87 -0.08
CA TYR A 399 -8.24 23.43 1.22
C TYR A 399 -8.52 24.48 2.32
N SER A 400 -8.18 25.76 2.06
CA SER A 400 -8.19 26.82 3.09
C SER A 400 -9.59 27.08 3.68
N LYS A 401 -10.62 26.90 2.83
CA LYS A 401 -12.03 27.13 3.23
C LYS A 401 -12.72 25.83 3.68
N ASN A 402 -11.99 24.69 3.66
CA ASN A 402 -12.52 23.37 4.08
C ASN A 402 -11.76 22.94 5.35
N LYS A 403 -12.49 22.76 6.46
CA LYS A 403 -11.89 22.49 7.78
C LYS A 403 -11.14 21.14 7.82
N GLU A 404 -11.88 20.03 7.56
CA GLU A 404 -11.34 18.66 7.64
C GLU A 404 -10.18 18.43 6.67
N LEU A 405 -10.19 19.14 5.53
CA LEU A 405 -9.19 18.98 4.46
C LEU A 405 -7.93 19.83 4.74
N MET A 406 -8.15 21.06 5.28
CA MET A 406 -7.05 21.97 5.71
C MET A 406 -6.26 21.30 6.83
N ASP A 407 -7.02 20.78 7.83
CA ASP A 407 -6.47 20.07 8.98
C ASP A 407 -5.75 18.78 8.54
N ASN A 408 -6.34 18.07 7.54
CA ASN A 408 -5.74 16.85 6.97
C ASN A 408 -4.36 17.18 6.36
N MET A 409 -4.28 18.33 5.68
CA MET A 409 -3.02 18.80 5.07
C MET A 409 -2.07 19.41 6.13
N ARG A 410 -2.62 19.76 7.32
CA ARG A 410 -1.83 20.12 8.50
C ARG A 410 -1.16 18.85 9.07
N ASN A 411 -1.90 17.71 8.99
CA ASN A 411 -1.36 16.39 9.39
C ASN A 411 -0.21 16.01 8.46
N VAL A 412 -0.38 16.27 7.14
CA VAL A 412 0.68 16.06 6.12
C VAL A 412 1.91 16.95 6.40
N ALA A 413 1.65 18.23 6.76
CA ALA A 413 2.70 19.23 7.05
C ALA A 413 3.56 18.80 8.23
N LEU A 414 2.86 18.38 9.29
CA LEU A 414 3.47 17.97 10.57
C LEU A 414 4.21 16.62 10.42
N GLU A 415 3.63 15.73 9.58
CA GLU A 415 4.23 14.44 9.20
C GLU A 415 5.60 14.66 8.53
N GLU A 416 5.58 15.49 7.46
CA GLU A 416 6.76 15.77 6.63
C GLU A 416 7.82 16.57 7.40
N GLN A 417 7.36 17.46 8.29
CA GLN A 417 8.24 18.24 9.17
C GLN A 417 8.93 17.31 10.18
N ALA A 418 8.17 16.30 10.66
CA ALA A 418 8.71 15.25 11.55
C ALA A 418 9.72 14.35 10.82
N VAL A 419 9.47 14.08 9.51
CA VAL A 419 10.44 13.39 8.63
C VAL A 419 11.76 14.20 8.61
N GLU A 420 11.64 15.48 8.23
CA GLU A 420 12.78 16.41 8.07
C GLU A 420 13.50 16.69 9.40
N ALA A 421 12.78 16.53 10.53
CA ALA A 421 13.36 16.62 11.88
C ALA A 421 14.27 15.40 12.18
N VAL A 422 13.94 14.24 11.58
CA VAL A 422 14.79 13.04 11.67
C VAL A 422 15.95 13.19 10.66
N LEU A 423 15.65 13.81 9.50
CA LEU A 423 16.63 13.99 8.40
C LEU A 423 17.72 15.00 8.78
N ALA A 424 17.36 15.98 9.62
CA ALA A 424 18.30 16.97 10.17
C ALA A 424 19.31 16.29 11.12
N LYS A 425 18.89 15.16 11.72
CA LYS A 425 19.76 14.29 12.52
C LYS A 425 20.47 13.27 11.60
N ALA A 426 19.77 12.84 10.55
CA ALA A 426 20.20 11.77 9.63
C ALA A 426 21.09 12.29 8.49
N LYS A 427 21.36 11.40 7.53
CA LYS A 427 22.18 11.69 6.35
C LYS A 427 21.30 11.58 5.10
N VAL A 428 21.15 12.70 4.36
CA VAL A 428 20.46 12.70 3.05
C VAL A 428 21.50 13.00 1.94
N THR A 429 21.94 11.94 1.22
CA THR A 429 22.87 12.07 0.10
C THR A 429 22.14 12.72 -1.10
N GLU A 430 22.20 14.08 -1.11
CA GLU A 430 21.60 14.90 -2.16
C GLU A 430 22.43 14.81 -3.44
N LYS A 431 21.89 14.16 -4.47
CA LYS A 431 22.60 14.00 -5.76
C LYS A 431 21.66 14.32 -6.93
N GLU A 432 22.18 15.04 -7.93
CA GLU A 432 21.45 15.36 -9.17
C GLU A 432 21.42 14.11 -10.08
N THR A 433 20.24 13.76 -10.59
CA THR A 433 20.06 12.56 -11.46
C THR A 433 18.77 12.71 -12.31
N THR A 434 18.57 11.80 -13.28
CA THR A 434 17.49 11.91 -14.29
C THR A 434 16.19 11.21 -13.84
N PHE A 435 15.15 11.32 -14.69
CA PHE A 435 13.82 10.70 -14.48
C PHE A 435 13.93 9.15 -14.49
N ASN A 436 14.99 8.64 -15.14
CA ASN A 436 15.30 7.20 -15.26
C ASN A 436 15.67 6.57 -13.90
N GLU A 437 16.03 7.43 -12.94
CA GLU A 437 16.36 7.03 -11.55
C GLU A 437 15.13 6.39 -10.84
N LEU A 438 13.93 6.93 -11.14
CA LEU A 438 12.70 6.60 -10.40
C LEU A 438 11.80 5.63 -11.20
N MET A 439 11.19 6.13 -12.30
CA MET A 439 10.19 5.32 -13.09
C MET A 439 10.86 4.55 -14.23
N ASN A 440 11.67 5.27 -15.03
CA ASN A 440 12.14 4.79 -16.36
C ASN A 440 13.46 3.98 -16.23
N GLN A 441 13.43 3.03 -15.29
CA GLN A 441 14.59 2.18 -14.91
C GLN A 441 14.93 1.16 -16.02
N GLN A 442 16.10 0.53 -15.90
CA GLN A 442 16.54 -0.54 -16.80
C GLN A 442 15.87 -1.88 -16.43
N ALA A 443 15.25 -1.92 -15.23
CA ALA A 443 14.46 -3.05 -14.73
C ALA A 443 12.97 -2.64 -14.64
N VAL B 8 -11.09 -5.79 -41.56
CA VAL B 8 -11.73 -6.75 -40.65
C VAL B 8 -10.66 -7.43 -39.78
N ASP B 9 -11.02 -7.73 -38.52
CA ASP B 9 -10.16 -8.45 -37.57
C ASP B 9 -10.84 -9.76 -37.16
N LEU B 10 -10.29 -10.43 -36.12
CA LEU B 10 -10.78 -11.72 -35.66
C LEU B 10 -11.78 -11.54 -34.51
N ASP B 11 -11.28 -11.18 -33.29
CA ASP B 11 -12.16 -11.02 -32.11
C ASP B 11 -12.42 -9.53 -31.77
N GLU B 12 -11.47 -8.91 -31.05
CA GLU B 12 -11.64 -7.59 -30.43
C GLU B 12 -10.81 -6.49 -31.13
N ALA B 13 -9.46 -6.54 -30.99
CA ALA B 13 -8.56 -5.54 -31.60
C ALA B 13 -8.06 -6.05 -32.97
N VAL B 14 -7.05 -6.94 -32.94
CA VAL B 14 -6.58 -7.66 -34.12
C VAL B 14 -6.89 -9.17 -33.97
N GLN B 15 -6.05 -9.95 -33.24
CA GLN B 15 -6.33 -11.36 -32.93
C GLN B 15 -6.88 -11.46 -31.49
N ARG B 16 -5.99 -11.47 -30.47
CA ARG B 16 -6.39 -11.42 -29.06
C ARG B 16 -6.11 -10.02 -28.49
N ALA B 17 -4.84 -9.77 -28.07
CA ALA B 17 -4.38 -8.46 -27.63
C ALA B 17 -3.60 -7.85 -28.80
N LEU B 18 -2.40 -8.41 -29.03
CA LEU B 18 -1.63 -8.18 -30.25
C LEU B 18 -1.71 -9.47 -31.09
N GLU B 19 -0.95 -10.50 -30.67
CA GLU B 19 -0.96 -11.82 -31.35
C GLU B 19 -1.78 -12.84 -30.51
N PHE B 20 -1.11 -13.54 -29.58
CA PHE B 20 -1.71 -14.54 -28.72
C PHE B 20 -1.93 -13.95 -27.31
N ALA B 21 -0.83 -13.57 -26.63
CA ALA B 21 -0.88 -13.17 -25.21
C ALA B 21 -0.80 -11.63 -25.03
N LYS B 22 0.43 -11.08 -25.03
CA LYS B 22 0.65 -9.64 -24.71
C LYS B 22 1.10 -8.84 -25.96
N LYS B 23 2.30 -9.16 -26.46
CA LYS B 23 2.93 -8.52 -27.62
C LYS B 23 4.01 -9.45 -28.18
N GLU B 24 3.97 -9.64 -29.52
CA GLU B 24 5.04 -10.31 -30.31
C GLU B 24 5.17 -11.82 -30.01
N GLY B 25 5.72 -12.57 -30.99
CA GLY B 25 5.96 -14.00 -30.83
C GLY B 25 7.16 -14.30 -29.93
N ASN B 26 7.00 -14.01 -28.63
CA ASN B 26 8.06 -14.19 -27.61
C ASN B 26 8.07 -15.62 -27.06
N THR B 27 8.64 -15.79 -25.85
CA THR B 27 8.89 -17.10 -25.22
C THR B 27 10.05 -17.81 -25.95
N LEU B 28 11.21 -17.13 -25.93
CA LEU B 28 12.50 -17.70 -26.35
C LEU B 28 12.87 -18.80 -25.37
N VAL B 29 13.25 -20.00 -25.86
CA VAL B 29 13.48 -21.15 -24.99
C VAL B 29 14.85 -21.04 -24.29
N ILE B 30 14.80 -20.44 -23.11
CA ILE B 30 15.79 -20.47 -22.03
C ILE B 30 14.96 -20.28 -20.74
N VAL B 31 15.29 -20.98 -19.64
CA VAL B 31 14.36 -21.10 -18.50
C VAL B 31 14.31 -19.76 -17.71
N THR B 32 13.33 -18.93 -18.08
CA THR B 32 12.82 -17.73 -17.39
C THR B 32 11.64 -17.20 -18.26
N ALA B 33 10.38 -17.58 -17.96
CA ALA B 33 9.24 -17.21 -18.84
C ALA B 33 8.61 -15.87 -18.40
N ASP B 34 9.22 -14.77 -18.90
CA ASP B 34 8.67 -13.39 -18.94
C ASP B 34 9.79 -12.43 -19.35
N HIS B 35 9.71 -11.85 -20.56
CA HIS B 35 10.67 -10.84 -21.06
C HIS B 35 10.01 -9.94 -22.11
N ALA B 36 9.27 -8.92 -21.63
CA ALA B 36 8.68 -7.86 -22.47
C ALA B 36 8.21 -6.68 -21.60
N HIS B 37 8.82 -5.50 -21.80
CA HIS B 37 8.35 -4.22 -21.20
C HIS B 37 7.91 -3.25 -22.33
N ALA B 38 8.89 -2.56 -22.95
CA ALA B 38 8.66 -1.50 -23.95
C ALA B 38 10.02 -0.92 -24.39
N SER B 39 10.59 -0.02 -23.57
CA SER B 39 11.93 0.56 -23.81
C SER B 39 12.65 0.71 -22.46
N GLN B 40 13.76 -0.03 -22.32
CA GLN B 40 14.63 -0.01 -21.13
C GLN B 40 16.08 0.29 -21.56
N ILE B 41 16.95 0.63 -20.57
CA ILE B 41 18.40 0.86 -20.80
C ILE B 41 18.63 2.08 -21.77
N VAL B 42 17.62 2.98 -21.81
CA VAL B 42 17.67 4.21 -22.64
C VAL B 42 18.67 5.22 -22.02
N ALA B 43 18.79 5.16 -20.68
CA ALA B 43 19.86 5.81 -19.92
C ALA B 43 20.33 4.81 -18.84
N PRO B 44 21.68 4.67 -18.60
CA PRO B 44 22.22 3.73 -17.59
C PRO B 44 21.77 4.08 -16.13
N ASP B 45 21.85 3.07 -15.24
CA ASP B 45 21.53 3.22 -13.81
C ASP B 45 22.53 4.18 -13.13
N THR B 46 22.06 4.86 -12.07
CA THR B 46 22.79 5.92 -11.39
C THR B 46 22.81 5.70 -9.86
N LYS B 47 22.48 4.47 -9.39
CA LYS B 47 22.41 4.17 -7.94
C LYS B 47 22.64 2.67 -7.66
N ALA B 48 21.76 1.81 -8.23
CA ALA B 48 21.71 0.32 -8.13
C ALA B 48 20.63 -0.20 -7.11
N PRO B 49 20.72 0.03 -5.75
CA PRO B 49 19.61 -0.34 -4.82
C PRO B 49 18.54 0.78 -4.74
N GLY B 50 18.25 1.40 -5.90
CA GLY B 50 17.29 2.50 -6.00
C GLY B 50 16.11 2.17 -6.89
N LEU B 51 15.73 0.88 -6.91
CA LEU B 51 14.51 0.44 -7.58
C LEU B 51 13.31 0.85 -6.72
N THR B 52 12.50 1.79 -7.24
CA THR B 52 11.34 2.34 -6.54
C THR B 52 10.27 1.24 -6.33
N GLN B 53 10.42 0.49 -5.20
CA GLN B 53 9.58 -0.66 -4.82
C GLN B 53 9.71 -1.83 -5.83
N ALA B 54 8.88 -2.88 -5.62
CA ALA B 54 8.79 -4.04 -6.53
C ALA B 54 7.36 -4.58 -6.58
N LEU B 55 6.70 -4.61 -5.39
CA LEU B 55 5.28 -5.02 -5.21
C LEU B 55 5.11 -6.54 -5.42
N ASN B 56 5.14 -6.96 -6.69
CA ASN B 56 4.95 -8.36 -7.11
C ASN B 56 5.45 -8.55 -8.55
N THR B 57 5.11 -9.70 -9.15
CA THR B 57 5.35 -9.98 -10.56
C THR B 57 4.06 -10.57 -11.15
N LYS B 58 3.32 -9.73 -11.90
CA LYS B 58 2.00 -10.09 -12.44
C LYS B 58 1.69 -9.20 -13.65
N ASP B 59 1.12 -9.82 -14.73
CA ASP B 59 0.76 -9.10 -15.97
C ASP B 59 -0.40 -8.11 -15.73
N GLY B 60 -1.35 -8.51 -14.88
CA GLY B 60 -2.47 -7.66 -14.49
C GLY B 60 -2.17 -6.75 -13.30
N ALA B 61 -1.02 -7.03 -12.62
CA ALA B 61 -0.55 -6.32 -11.41
C ALA B 61 -1.48 -6.56 -10.20
N VAL B 62 -2.69 -5.97 -10.27
CA VAL B 62 -3.77 -6.16 -9.29
C VAL B 62 -5.11 -6.27 -10.06
N MET B 63 -5.56 -7.52 -10.25
CA MET B 63 -6.85 -7.87 -10.89
C MET B 63 -6.90 -7.44 -12.37
N VAL B 64 -7.28 -6.16 -12.61
CA VAL B 64 -7.38 -5.58 -13.96
C VAL B 64 -7.57 -4.05 -13.82
N MET B 65 -6.90 -3.28 -14.71
CA MET B 65 -7.06 -1.83 -14.78
C MET B 65 -6.60 -1.34 -16.16
N SER B 66 -7.47 -1.57 -17.16
CA SER B 66 -7.30 -1.04 -18.52
C SER B 66 -7.96 0.36 -18.59
N TYR B 67 -9.23 0.42 -18.14
CA TYR B 67 -10.03 1.67 -18.09
C TYR B 67 -10.88 1.68 -16.81
N GLY B 68 -11.24 2.89 -16.36
CA GLY B 68 -12.04 3.09 -15.15
C GLY B 68 -12.61 4.49 -15.11
N ASN B 69 -13.38 4.82 -16.16
CA ASN B 69 -13.96 6.17 -16.35
C ASN B 69 -15.37 6.26 -15.76
N SER B 70 -15.87 7.50 -15.65
CA SER B 70 -17.22 7.79 -15.14
C SER B 70 -18.28 7.43 -16.21
N GLU B 71 -19.03 6.34 -15.94
CA GLU B 71 -20.01 5.79 -16.89
C GLU B 71 -21.30 6.63 -16.90
N GLU B 72 -21.97 6.76 -15.74
CA GLU B 72 -23.23 7.57 -15.62
C GLU B 72 -22.95 8.87 -14.85
N ASP B 73 -22.88 8.83 -13.50
CA ASP B 73 -22.43 9.98 -12.68
C ASP B 73 -20.90 9.84 -12.57
N SER B 74 -20.44 9.01 -11.63
CA SER B 74 -19.14 8.36 -11.72
C SER B 74 -19.38 6.85 -11.92
N GLN B 75 -19.63 6.12 -10.81
CA GLN B 75 -20.09 4.71 -10.84
C GLN B 75 -21.52 4.63 -10.25
N GLU B 76 -21.73 5.39 -9.17
CA GLU B 76 -23.05 5.60 -8.55
C GLU B 76 -23.14 7.02 -7.94
N HIS B 77 -21.99 7.47 -7.42
CA HIS B 77 -21.82 8.82 -6.85
C HIS B 77 -20.41 9.32 -7.24
N THR B 78 -20.17 10.64 -7.15
CA THR B 78 -18.87 11.25 -7.47
C THR B 78 -17.71 10.61 -6.68
N GLY B 79 -17.94 10.39 -5.37
CA GLY B 79 -16.99 9.72 -4.49
C GLY B 79 -17.10 10.25 -3.07
N SER B 80 -15.95 10.51 -2.42
CA SER B 80 -15.88 11.03 -1.04
C SER B 80 -16.02 12.58 -1.01
N GLN B 81 -16.62 13.16 -2.09
CA GLN B 81 -16.94 14.59 -2.24
C GLN B 81 -15.72 15.40 -2.72
N LEU B 82 -14.60 15.29 -1.99
CA LEU B 82 -13.39 16.10 -2.24
C LEU B 82 -12.77 15.76 -3.63
N ARG B 83 -12.40 16.83 -4.37
CA ARG B 83 -11.76 16.73 -5.71
C ARG B 83 -10.43 15.96 -5.65
N ILE B 84 -9.45 16.52 -4.91
CA ILE B 84 -8.07 16.01 -4.86
C ILE B 84 -7.49 16.20 -3.44
N ALA B 85 -6.79 15.15 -2.96
CA ALA B 85 -6.05 15.17 -1.68
C ALA B 85 -5.16 13.92 -1.56
N ALA B 86 -4.41 13.87 -0.45
CA ALA B 86 -3.53 12.75 -0.11
C ALA B 86 -4.28 11.73 0.78
N TYR B 87 -4.63 12.15 2.02
CA TYR B 87 -5.26 11.29 3.04
C TYR B 87 -6.73 11.69 3.29
N GLY B 88 -7.37 10.99 4.25
CA GLY B 88 -8.72 11.30 4.69
C GLY B 88 -8.85 11.12 6.21
N PRO B 89 -9.36 12.13 6.98
CA PRO B 89 -9.55 12.02 8.45
C PRO B 89 -10.53 10.87 8.82
N HIS B 90 -10.05 9.93 9.67
CA HIS B 90 -10.86 8.76 10.11
C HIS B 90 -11.93 9.18 11.15
N ALA B 91 -11.77 10.38 11.72
CA ALA B 91 -12.73 11.02 12.63
C ALA B 91 -12.90 12.49 12.24
N ALA B 92 -14.07 13.07 12.56
CA ALA B 92 -14.35 14.51 12.33
C ALA B 92 -13.42 15.35 13.21
N ASN B 93 -12.68 16.28 12.57
CA ASN B 93 -11.60 17.04 13.22
C ASN B 93 -12.18 18.08 14.19
N VAL B 94 -13.24 18.78 13.72
CA VAL B 94 -14.05 19.73 14.54
C VAL B 94 -13.23 20.98 14.96
N VAL B 95 -12.28 20.78 15.90
CA VAL B 95 -11.27 21.79 16.29
C VAL B 95 -9.90 21.09 16.32
N GLY B 96 -8.92 21.67 15.59
CA GLY B 96 -7.52 21.24 15.67
C GLY B 96 -6.92 21.64 17.02
N LEU B 97 -7.28 20.87 18.05
CA LEU B 97 -6.99 21.18 19.46
C LEU B 97 -5.49 21.00 19.73
N THR B 98 -4.76 22.12 19.59
CA THR B 98 -3.31 22.16 19.75
C THR B 98 -2.95 22.33 21.25
N ASP B 99 -2.90 21.19 21.94
CA ASP B 99 -2.56 21.10 23.37
C ASP B 99 -2.25 19.62 23.68
N GLN B 100 -3.33 18.80 23.73
CA GLN B 100 -3.30 17.33 23.95
C GLN B 100 -2.54 16.94 25.24
N THR B 101 -2.44 17.90 26.20
CA THR B 101 -1.64 17.80 27.45
C THR B 101 -0.12 17.85 27.12
N ASP B 102 0.36 16.83 26.42
CA ASP B 102 1.72 16.78 25.82
C ASP B 102 1.58 16.32 24.35
N LEU B 103 2.58 16.67 23.51
CA LEU B 103 2.52 16.49 22.03
C LEU B 103 1.42 17.44 21.49
N PHE B 104 1.85 18.60 20.96
CA PHE B 104 0.96 19.75 20.61
C PHE B 104 -0.30 19.32 19.83
N TYR B 105 -0.12 18.57 18.74
CA TYR B 105 -1.26 18.11 17.93
C TYR B 105 -1.13 16.61 17.63
N THR B 106 -2.08 15.83 18.17
CA THR B 106 -2.26 14.42 17.86
C THR B 106 -2.75 14.26 16.39
N MET B 107 -1.84 13.85 15.49
CA MET B 107 -2.18 13.56 14.08
C MET B 107 -2.76 12.13 13.97
N LYS B 108 -3.17 11.75 12.73
CA LYS B 108 -3.77 10.43 12.45
C LYS B 108 -2.66 9.36 12.44
N ALA B 109 -3.04 8.12 12.82
CA ALA B 109 -2.12 6.97 13.04
C ALA B 109 -1.22 7.17 14.28
N ALA B 110 -1.49 8.24 15.06
CA ALA B 110 -0.70 8.63 16.24
C ALA B 110 -1.58 8.68 17.49
N LEU B 111 -0.92 8.79 18.66
CA LEU B 111 -1.59 8.81 19.97
C LEU B 111 -1.46 10.19 20.63
N GLY B 112 -2.32 10.40 21.64
CA GLY B 112 -2.38 11.64 22.39
C GLY B 112 -3.75 11.82 23.00
N LEU B 113 -4.30 13.05 22.87
CA LEU B 113 -5.53 13.48 23.56
C LEU B 113 -5.39 13.20 25.09
N LYS B 114 -5.97 12.07 25.55
CA LYS B 114 -5.88 11.60 26.96
C LYS B 114 -6.04 10.07 26.95
N MET A 12 -16.62 -0.41 45.09
CA MET A 12 -15.93 -1.06 43.96
C MET A 12 -14.43 -1.25 44.26
N GLN A 13 -13.74 -1.92 43.34
CA GLN A 13 -12.28 -2.16 43.39
C GLN A 13 -11.78 -2.47 41.98
N VAL A 14 -10.51 -2.12 41.68
CA VAL A 14 -9.87 -2.35 40.37
C VAL A 14 -8.44 -2.95 40.56
N SER A 15 -8.38 -4.26 40.86
CA SER A 15 -7.12 -4.98 41.08
C SER A 15 -6.46 -5.34 39.73
N VAL A 16 -5.60 -4.41 39.25
CA VAL A 16 -4.90 -4.53 37.96
C VAL A 16 -3.65 -5.46 38.07
N GLU A 17 -3.88 -6.74 37.75
CA GLU A 17 -2.84 -7.77 37.68
C GLU A 17 -2.11 -7.68 36.32
N THR A 18 -0.94 -7.02 36.32
CA THR A 18 -0.09 -6.90 35.14
C THR A 18 0.43 -8.29 34.71
N THR A 19 -0.03 -8.77 33.54
CA THR A 19 0.29 -10.09 33.02
C THR A 19 1.73 -10.09 32.44
N GLN A 20 1.99 -9.16 31.51
CA GLN A 20 3.32 -8.93 30.93
C GLN A 20 3.33 -7.61 30.14
N GLY A 21 4.21 -6.68 30.57
CA GLY A 21 4.43 -5.41 29.87
C GLY A 21 3.19 -4.52 29.83
N LEU A 22 2.51 -4.51 28.67
CA LEU A 22 1.32 -3.69 28.43
C LEU A 22 0.04 -4.45 28.83
N GLY A 23 0.13 -5.78 28.85
CA GLY A 23 -0.94 -6.65 29.29
C GLY A 23 -1.33 -6.40 30.74
N ARG A 24 -2.61 -6.08 30.96
CA ARG A 24 -3.15 -5.67 32.27
C ARG A 24 -4.54 -6.29 32.47
N ARG A 25 -4.60 -7.27 33.37
CA ARG A 25 -5.85 -7.89 33.85
C ARG A 25 -6.44 -7.03 34.98
N VAL A 26 -7.18 -5.97 34.60
CA VAL A 26 -7.88 -5.10 35.57
C VAL A 26 -9.13 -5.82 36.08
N THR A 27 -8.96 -6.60 37.15
CA THR A 27 -10.03 -7.34 37.79
C THR A 27 -10.88 -6.37 38.64
N ILE A 28 -12.01 -5.92 38.04
CA ILE A 28 -12.93 -4.97 38.66
C ILE A 28 -13.92 -5.74 39.56
N THR A 29 -13.73 -5.63 40.88
CA THR A 29 -14.69 -6.12 41.87
C THR A 29 -15.78 -5.06 42.07
N ILE A 30 -16.94 -5.25 41.44
CA ILE A 30 -18.11 -4.38 41.61
C ILE A 30 -18.78 -4.70 42.95
N ALA A 31 -19.05 -3.67 43.76
CA ALA A 31 -19.69 -3.82 45.07
C ALA A 31 -21.12 -4.38 44.92
N ALA A 32 -21.49 -5.29 45.86
CA ALA A 32 -22.79 -5.99 45.89
C ALA A 32 -23.98 -5.01 45.83
N ASP A 33 -23.83 -3.90 46.58
CA ASP A 33 -24.82 -2.82 46.64
C ASP A 33 -24.92 -2.06 45.30
N SER A 34 -23.77 -1.84 44.64
CA SER A 34 -23.67 -1.04 43.40
C SER A 34 -24.37 -1.77 42.22
N ILE A 35 -24.33 -3.12 42.27
CA ILE A 35 -25.08 -3.98 41.34
C ILE A 35 -26.58 -3.78 41.57
N GLU A 36 -26.99 -3.96 42.85
CA GLU A 36 -28.40 -3.88 43.29
C GLU A 36 -29.01 -2.48 42.99
N THR A 37 -28.14 -1.45 42.98
CA THR A 37 -28.54 -0.07 42.68
C THR A 37 -28.78 0.10 41.17
N ALA A 38 -27.78 -0.31 40.35
CA ALA A 38 -27.79 -0.11 38.89
C ALA A 38 -28.91 -0.91 38.19
N VAL A 39 -29.17 -2.13 38.70
CA VAL A 39 -30.24 -3.01 38.19
C VAL A 39 -31.61 -2.39 38.53
N LYS A 40 -31.76 -1.92 39.78
CA LYS A 40 -33.02 -1.30 40.27
C LYS A 40 -33.31 0.02 39.53
N SER A 41 -32.24 0.73 39.13
CA SER A 41 -32.32 1.96 38.32
C SER A 41 -32.94 1.65 36.95
N GLU A 42 -32.46 0.54 36.35
CA GLU A 42 -32.98 0.05 35.06
C GLU A 42 -34.45 -0.37 35.20
N LEU A 43 -34.78 -1.06 36.31
CA LEU A 43 -36.12 -1.65 36.56
C LEU A 43 -37.21 -0.58 36.74
N VAL A 44 -36.88 0.54 37.44
CA VAL A 44 -37.82 1.66 37.59
C VAL A 44 -37.96 2.42 36.24
N ASN A 45 -36.90 2.36 35.40
CA ASN A 45 -36.93 2.89 34.02
C ASN A 45 -37.81 2.00 33.11
N VAL A 46 -37.81 0.66 33.34
CA VAL A 46 -38.62 -0.30 32.55
C VAL A 46 -40.12 0.04 32.68
N ALA A 47 -40.50 0.50 33.89
CA ALA A 47 -41.86 0.98 34.17
C ALA A 47 -42.23 2.15 33.23
N LYS A 48 -41.33 3.13 33.12
CA LYS A 48 -41.52 4.35 32.30
C LYS A 48 -41.50 4.02 30.80
N LYS A 49 -40.52 3.16 30.44
CA LYS A 49 -40.11 2.83 29.07
C LYS A 49 -41.17 1.95 28.38
N VAL A 50 -41.81 1.08 29.15
CA VAL A 50 -42.85 0.15 28.65
C VAL A 50 -44.24 0.62 29.14
N ARG A 51 -44.30 1.85 29.71
CA ARG A 51 -45.53 2.53 30.16
C ARG A 51 -46.31 1.72 31.23
N ILE A 52 -45.58 0.85 31.93
CA ILE A 52 -46.10 0.03 33.05
C ILE A 52 -46.32 0.93 34.29
N ASP A 53 -45.60 2.07 34.34
CA ASP A 53 -45.57 3.00 35.49
C ASP A 53 -46.96 3.52 35.88
N GLY A 54 -47.88 3.63 34.88
CA GLY A 54 -49.27 4.05 35.13
C GLY A 54 -50.01 3.00 35.94
N PHE A 55 -49.79 1.72 35.61
CA PHE A 55 -50.36 0.56 36.30
C PHE A 55 -49.59 0.27 37.61
N ARG A 56 -48.32 0.72 37.64
CA ARG A 56 -47.42 0.58 38.79
C ARG A 56 -47.75 1.68 39.83
N LYS A 57 -48.66 1.34 40.74
CA LYS A 57 -49.10 2.21 41.85
C LYS A 57 -48.25 1.96 43.13
N GLY A 58 -47.41 0.91 43.07
CA GLY A 58 -46.49 0.56 44.15
C GLY A 58 -47.13 -0.41 45.15
N LYS A 59 -47.72 -1.50 44.63
CA LYS A 59 -48.35 -2.55 45.46
C LYS A 59 -47.27 -3.46 46.07
N VAL A 60 -46.46 -4.09 45.22
CA VAL A 60 -45.34 -4.95 45.65
C VAL A 60 -44.08 -4.06 45.84
N PRO A 61 -43.45 -4.05 47.07
CA PRO A 61 -42.25 -3.22 47.37
C PRO A 61 -41.12 -3.30 46.31
N MET A 62 -40.38 -2.17 46.16
CA MET A 62 -39.37 -1.98 45.09
C MET A 62 -38.17 -2.95 45.26
N ASN A 63 -37.80 -3.26 46.51
CA ASN A 63 -36.71 -4.23 46.82
C ASN A 63 -37.09 -5.65 46.34
N ILE A 64 -38.37 -6.00 46.49
CA ILE A 64 -38.91 -7.33 46.14
C ILE A 64 -38.98 -7.51 44.60
N VAL A 65 -39.44 -6.46 43.89
CA VAL A 65 -39.52 -6.51 42.41
C VAL A 65 -38.11 -6.44 41.78
N ALA A 66 -37.13 -5.92 42.56
CA ALA A 66 -35.73 -5.80 42.12
C ALA A 66 -35.00 -7.14 42.15
N GLN A 67 -35.16 -7.86 43.27
CA GLN A 67 -34.40 -9.10 43.56
C GLN A 67 -35.00 -10.33 42.86
N ARG A 68 -36.34 -10.33 42.65
CA ARG A 68 -37.07 -11.51 42.11
C ARG A 68 -37.41 -11.32 40.63
N TYR A 69 -38.20 -10.27 40.33
CA TYR A 69 -38.64 -9.98 38.95
C TYR A 69 -37.51 -9.33 38.12
N GLY A 70 -36.50 -8.79 38.83
CA GLY A 70 -35.30 -8.23 38.20
C GLY A 70 -34.11 -9.17 38.28
N ALA A 71 -34.34 -10.43 38.71
CA ALA A 71 -33.29 -11.48 38.81
C ALA A 71 -32.81 -11.90 37.40
N SER A 72 -33.72 -11.81 36.43
CA SER A 72 -33.43 -12.13 35.01
C SER A 72 -32.74 -10.94 34.31
N VAL A 73 -33.12 -9.71 34.73
CA VAL A 73 -32.65 -8.44 34.13
C VAL A 73 -31.18 -8.14 34.53
N ARG A 74 -30.68 -8.85 35.58
CA ARG A 74 -29.28 -8.77 36.05
C ARG A 74 -28.27 -8.91 34.88
N GLN A 75 -28.58 -9.85 33.97
CA GLN A 75 -27.79 -10.13 32.75
C GLN A 75 -27.53 -8.87 31.91
N ASP A 76 -28.62 -8.16 31.57
CA ASP A 76 -28.58 -7.03 30.63
C ASP A 76 -27.98 -5.77 31.26
N VAL A 77 -28.05 -5.68 32.60
CA VAL A 77 -27.43 -4.59 33.35
C VAL A 77 -25.91 -4.85 33.51
N LEU A 78 -25.48 -6.14 33.42
CA LEU A 78 -24.04 -6.51 33.47
C LEU A 78 -23.24 -5.81 32.35
N GLY A 79 -23.89 -5.53 31.20
CA GLY A 79 -23.24 -4.76 30.12
C GLY A 79 -22.82 -3.35 30.55
N ASP A 80 -23.66 -2.71 31.38
CA ASP A 80 -23.37 -1.38 31.98
C ASP A 80 -22.34 -1.54 33.12
N LEU A 81 -22.47 -2.66 33.84
CA LEU A 81 -21.58 -2.99 34.97
C LEU A 81 -20.17 -3.42 34.48
N MET A 82 -20.04 -3.82 33.20
CA MET A 82 -18.75 -4.26 32.63
C MET A 82 -18.17 -3.17 31.73
N SER A 83 -18.86 -2.91 30.60
CA SER A 83 -18.36 -2.03 29.52
C SER A 83 -18.35 -0.54 29.93
N ARG A 84 -19.34 -0.11 30.73
CA ARG A 84 -19.48 1.30 31.15
C ARG A 84 -18.66 1.55 32.44
N ASN A 85 -18.71 0.62 33.44
CA ASN A 85 -17.83 0.69 34.65
C ASN A 85 -16.33 0.65 34.27
N PHE A 86 -16.04 0.04 33.09
CA PHE A 86 -14.68 -0.02 32.51
C PHE A 86 -14.06 1.38 32.37
N ILE A 87 -14.80 2.33 31.75
CA ILE A 87 -14.28 3.68 31.50
C ILE A 87 -14.13 4.45 32.84
N ASP A 88 -15.09 4.24 33.77
CA ASP A 88 -15.04 4.82 35.15
C ASP A 88 -13.83 4.27 35.96
N ALA A 89 -13.35 3.08 35.58
CA ALA A 89 -12.23 2.40 36.24
C ALA A 89 -10.87 2.92 35.73
N ILE A 90 -10.76 3.12 34.41
CA ILE A 90 -9.48 3.38 33.73
C ILE A 90 -9.07 4.88 33.75
N ILE A 91 -10.07 5.80 33.74
CA ILE A 91 -9.83 7.26 33.70
C ILE A 91 -8.96 7.71 34.88
N LYS A 92 -9.35 7.30 36.11
CA LYS A 92 -8.67 7.69 37.36
C LYS A 92 -7.20 7.23 37.36
N GLU A 93 -6.96 6.00 36.85
CA GLU A 93 -5.62 5.39 36.81
C GLU A 93 -4.84 5.78 35.54
N LYS A 94 -5.44 6.70 34.74
CA LYS A 94 -4.83 7.29 33.52
C LYS A 94 -4.57 6.24 32.41
N ILE A 95 -5.25 5.09 32.54
CA ILE A 95 -5.12 3.96 31.62
C ILE A 95 -5.98 4.21 30.36
N ASN A 96 -5.32 4.39 29.21
CA ASN A 96 -5.97 4.46 27.88
C ASN A 96 -5.80 3.09 27.18
N PRO A 97 -6.92 2.34 26.93
CA PRO A 97 -6.86 0.98 26.36
C PRO A 97 -6.50 0.96 24.86
N ALA A 98 -5.89 -0.16 24.44
CA ALA A 98 -5.51 -0.42 23.05
C ALA A 98 -5.88 -1.87 22.72
N GLY A 99 -6.71 -2.05 21.67
CA GLY A 99 -7.26 -3.36 21.30
C GLY A 99 -8.63 -3.60 21.93
N ALA A 100 -8.97 -4.88 22.18
CA ALA A 100 -10.27 -5.28 22.76
C ALA A 100 -10.13 -5.64 24.26
N PRO A 101 -10.97 -5.05 25.17
CA PRO A 101 -10.94 -5.39 26.61
C PRO A 101 -11.74 -6.68 26.90
N THR A 102 -11.01 -7.77 27.19
CA THR A 102 -11.59 -9.11 27.40
C THR A 102 -12.25 -9.21 28.79
N TYR A 103 -13.57 -8.99 28.84
CA TYR A 103 -14.36 -9.11 30.08
C TYR A 103 -14.53 -10.59 30.44
N VAL A 104 -13.64 -11.10 31.30
CA VAL A 104 -13.67 -12.50 31.77
C VAL A 104 -14.52 -12.58 33.05
N PRO A 105 -15.80 -13.05 32.99
CA PRO A 105 -16.67 -13.18 34.17
C PRO A 105 -16.35 -14.50 34.92
N GLY A 106 -15.48 -14.41 35.95
CA GLY A 106 -15.12 -15.57 36.78
C GLY A 106 -16.34 -16.19 37.45
N GLU A 107 -17.18 -15.33 38.04
CA GLU A 107 -18.45 -15.73 38.67
C GLU A 107 -19.32 -14.50 38.97
N TYR A 108 -20.64 -14.69 38.86
CA TYR A 108 -21.66 -13.72 39.26
C TYR A 108 -22.68 -14.43 40.19
N LYS A 109 -23.15 -13.70 41.20
CA LYS A 109 -24.16 -14.18 42.16
C LYS A 109 -25.28 -13.13 42.27
N LEU A 110 -26.47 -13.56 42.72
CA LEU A 110 -27.66 -12.71 42.83
C LEU A 110 -27.40 -11.55 43.82
N GLY A 111 -27.06 -10.37 43.27
CA GLY A 111 -26.83 -9.15 44.06
C GLY A 111 -25.57 -9.19 44.93
N GLU A 112 -24.62 -10.08 44.61
CA GLU A 112 -23.31 -10.19 45.31
C GLU A 112 -22.17 -9.74 44.39
N ASP A 113 -21.05 -9.37 45.04
CA ASP A 113 -19.87 -8.70 44.41
C ASP A 113 -19.39 -9.42 43.12
N PHE A 114 -19.67 -8.77 41.97
CA PHE A 114 -19.30 -9.29 40.64
C PHE A 114 -17.83 -8.98 40.37
N THR A 115 -16.97 -9.97 40.64
CA THR A 115 -15.53 -9.89 40.43
C THR A 115 -15.19 -10.50 39.06
N TYR A 116 -14.87 -9.63 38.08
CA TYR A 116 -14.55 -10.05 36.69
C TYR A 116 -13.23 -9.40 36.24
N SER A 117 -12.45 -10.15 35.46
CA SER A 117 -11.10 -9.79 35.02
C SER A 117 -11.10 -9.21 33.60
N VAL A 118 -10.92 -7.88 33.47
CA VAL A 118 -10.82 -7.21 32.15
C VAL A 118 -9.35 -7.24 31.67
N GLU A 119 -9.05 -8.18 30.76
CA GLU A 119 -7.70 -8.37 30.22
C GLU A 119 -7.54 -7.62 28.88
N PHE A 120 -6.81 -6.50 28.91
CA PHE A 120 -6.52 -5.68 27.72
C PHE A 120 -5.08 -5.15 27.82
N GLU A 121 -4.63 -4.49 26.75
CA GLU A 121 -3.27 -3.91 26.66
C GLU A 121 -3.37 -2.38 26.55
N VAL A 122 -2.24 -1.71 26.78
CA VAL A 122 -2.10 -0.24 26.60
C VAL A 122 -1.00 0.03 25.57
N TYR A 123 -0.72 1.32 25.33
CA TYR A 123 0.34 1.75 24.38
C TYR A 123 1.74 1.48 24.99
N PRO A 124 2.76 1.08 24.16
CA PRO A 124 4.09 0.63 24.65
C PRO A 124 5.13 1.76 24.81
N GLU A 125 6.40 1.33 25.00
CA GLU A 125 7.58 2.19 24.96
C GLU A 125 8.12 2.28 23.53
N VAL A 126 8.83 3.38 23.20
CA VAL A 126 9.57 3.52 21.92
C VAL A 126 10.87 4.30 22.15
N GLU A 127 11.99 3.68 21.77
CA GLU A 127 13.30 4.34 21.72
C GLU A 127 13.83 4.27 20.28
N LEU A 128 14.03 5.44 19.68
CA LEU A 128 14.67 5.54 18.36
C LEU A 128 16.19 5.48 18.53
N GLN A 129 16.90 4.90 17.55
CA GLN A 129 18.38 4.85 17.56
C GLN A 129 18.98 6.10 16.89
N GLY A 130 20.31 6.07 16.68
CA GLY A 130 21.03 7.11 15.95
C GLY A 130 20.51 7.25 14.53
N LEU A 131 19.70 8.30 14.31
CA LEU A 131 19.13 8.66 13.00
C LEU A 131 20.24 9.00 12.00
N GLU A 132 21.39 9.43 12.56
CA GLU A 132 22.59 9.81 11.81
C GLU A 132 23.22 8.61 11.08
N ALA A 133 22.96 7.40 11.61
CA ALA A 133 23.45 6.14 11.04
C ALA A 133 22.67 5.77 9.77
N ILE A 134 21.38 6.17 9.74
CA ILE A 134 20.48 5.91 8.61
C ILE A 134 20.96 6.68 7.36
N GLU A 135 21.27 5.95 6.29
CA GLU A 135 21.74 6.52 5.03
C GLU A 135 20.58 6.54 4.02
N VAL A 136 20.02 7.74 3.83
CA VAL A 136 18.93 8.01 2.87
C VAL A 136 19.56 8.70 1.63
N GLU A 137 18.85 8.74 0.51
CA GLU A 137 19.30 9.44 -0.70
C GLU A 137 18.35 10.61 -0.98
N LYS A 138 18.90 11.69 -1.56
CA LYS A 138 18.13 12.85 -2.00
C LYS A 138 18.47 13.16 -3.48
N PRO A 139 17.72 12.55 -4.46
CA PRO A 139 17.92 12.84 -5.88
C PRO A 139 17.28 14.20 -6.29
N ILE A 140 18.13 15.23 -6.43
CA ILE A 140 17.77 16.52 -7.03
C ILE A 140 17.59 16.34 -8.54
N VAL A 141 16.33 16.34 -8.99
CA VAL A 141 15.98 16.02 -10.38
C VAL A 141 15.02 17.07 -10.95
N GLU A 142 15.16 17.30 -12.25
CA GLU A 142 14.20 18.03 -13.09
C GLU A 142 14.07 17.29 -14.42
N VAL A 143 12.94 17.50 -15.10
CA VAL A 143 12.70 16.90 -16.42
C VAL A 143 13.43 17.78 -17.46
N THR A 144 14.73 17.48 -17.70
CA THR A 144 15.59 18.23 -18.66
C THR A 144 15.07 18.05 -20.10
N ASP A 145 15.67 18.72 -21.08
CA ASP A 145 15.28 18.60 -22.52
C ASP A 145 15.46 17.14 -23.00
N ALA A 146 16.52 16.49 -22.49
CA ALA A 146 16.83 15.08 -22.74
C ALA A 146 15.75 14.17 -22.16
N ASP A 147 15.25 14.54 -20.97
CA ASP A 147 14.24 13.78 -20.25
C ASP A 147 12.85 13.93 -20.88
N VAL A 148 12.48 15.17 -21.27
CA VAL A 148 11.20 15.47 -21.90
C VAL A 148 11.09 14.72 -23.23
N ASP A 149 12.08 14.97 -24.12
CA ASP A 149 12.09 14.43 -25.48
C ASP A 149 12.46 12.94 -25.47
N GLY A 150 13.29 12.51 -24.49
CA GLY A 150 13.71 11.11 -24.35
C GLY A 150 12.60 10.21 -23.82
N MET A 151 11.77 10.73 -22.91
CA MET A 151 10.59 10.03 -22.40
C MET A 151 9.50 9.97 -23.49
N LEU A 152 9.27 11.12 -24.17
CA LEU A 152 8.44 11.18 -25.41
C LEU A 152 8.96 10.22 -26.50
N ASP A 153 10.29 10.05 -26.59
CA ASP A 153 10.97 9.13 -27.54
C ASP A 153 10.60 7.68 -27.21
N THR A 154 10.66 7.35 -25.90
CA THR A 154 10.26 6.02 -25.38
C THR A 154 8.78 5.74 -25.74
N LEU A 155 7.91 6.73 -25.49
CA LEU A 155 6.46 6.65 -25.79
C LEU A 155 6.19 6.45 -27.30
N ARG A 156 6.99 7.18 -28.12
CA ARG A 156 6.92 7.07 -29.59
C ARG A 156 7.40 5.68 -30.06
N LYS A 157 8.41 5.12 -29.37
CA LYS A 157 8.97 3.78 -29.72
C LYS A 157 8.15 2.63 -29.09
N GLN A 158 7.31 2.93 -28.10
CA GLN A 158 6.35 1.94 -27.54
C GLN A 158 5.11 1.87 -28.45
N GLN A 159 4.66 3.05 -28.92
CA GLN A 159 3.51 3.17 -29.83
C GLN A 159 3.97 3.26 -31.29
N ALA A 160 5.17 2.70 -31.57
CA ALA A 160 5.83 2.80 -32.87
C ALA A 160 5.17 1.91 -33.93
N THR A 161 5.24 2.37 -35.19
CA THR A 161 4.76 1.61 -36.34
C THR A 161 5.69 0.40 -36.58
N TRP A 162 5.13 -0.82 -36.52
CA TRP A 162 5.90 -2.05 -36.68
C TRP A 162 6.14 -2.27 -38.19
N LYS A 163 7.37 -2.02 -38.61
CA LYS A 163 7.80 -2.11 -40.02
C LYS A 163 8.89 -3.18 -40.15
N GLU A 164 9.12 -3.69 -41.37
CA GLU A 164 10.24 -4.62 -41.65
C GLU A 164 11.32 -3.90 -42.47
N LYS A 165 12.59 -4.29 -42.24
CA LYS A 165 13.75 -3.86 -43.05
C LYS A 165 14.78 -5.01 -43.17
N ASP A 166 15.88 -4.70 -43.87
CA ASP A 166 17.08 -5.53 -43.92
C ASP A 166 18.28 -4.62 -44.25
N GLY A 167 19.48 -5.10 -43.97
CA GLY A 167 20.72 -4.36 -44.26
C GLY A 167 21.55 -4.17 -42.99
N ALA A 168 20.90 -3.66 -41.93
CA ALA A 168 21.52 -3.51 -40.62
C ALA A 168 20.45 -3.53 -39.51
N VAL A 169 20.72 -4.29 -38.44
CA VAL A 169 19.94 -4.21 -37.19
C VAL A 169 20.57 -3.11 -36.31
N GLU A 170 19.74 -2.28 -35.68
CA GLU A 170 20.18 -1.26 -34.71
C GLU A 170 19.73 -1.70 -33.31
N ALA A 171 20.23 -0.99 -32.30
CA ALA A 171 20.10 -1.36 -30.88
C ALA A 171 18.69 -1.17 -30.31
N GLU A 172 17.86 -0.35 -30.97
CA GLU A 172 16.51 -0.01 -30.46
C GLU A 172 15.39 -0.54 -31.37
N ASP A 173 15.73 -1.50 -32.26
CA ASP A 173 14.75 -2.07 -33.22
C ASP A 173 14.03 -3.29 -32.67
N ARG A 174 13.20 -3.88 -33.53
CA ARG A 174 12.62 -5.21 -33.34
C ARG A 174 13.32 -6.19 -34.31
N VAL A 175 13.43 -7.48 -33.93
CA VAL A 175 14.08 -8.52 -34.76
C VAL A 175 13.33 -9.85 -34.57
N THR A 176 12.68 -10.36 -35.62
CA THR A 176 11.96 -11.63 -35.54
C THR A 176 12.90 -12.74 -36.02
N ILE A 177 13.23 -13.68 -35.13
CA ILE A 177 14.23 -14.72 -35.39
C ILE A 177 13.70 -16.10 -35.03
N ASP A 178 14.40 -17.10 -35.53
CA ASP A 178 14.38 -18.47 -35.01
C ASP A 178 15.71 -18.66 -34.29
N PHE A 179 15.76 -19.57 -33.33
CA PHE A 179 17.05 -20.00 -32.75
C PHE A 179 16.93 -21.41 -32.17
N THR A 180 18.09 -21.96 -31.83
CA THR A 180 18.25 -23.24 -31.16
C THR A 180 19.62 -23.25 -30.47
N GLY A 181 19.65 -23.50 -29.16
CA GLY A 181 20.88 -23.38 -28.38
C GLY A 181 21.21 -24.61 -27.55
N SER A 182 22.36 -24.54 -26.87
CA SER A 182 22.81 -25.55 -25.93
C SER A 182 23.68 -24.90 -24.84
N VAL A 183 23.38 -25.21 -23.58
CA VAL A 183 24.15 -24.74 -22.42
C VAL A 183 25.17 -25.84 -22.06
N ASP A 184 26.47 -25.52 -22.16
CA ASP A 184 27.59 -26.44 -21.87
C ASP A 184 27.78 -27.51 -23.00
N GLY A 185 26.86 -27.52 -23.99
CA GLY A 185 26.85 -28.52 -25.06
C GLY A 185 25.62 -29.42 -25.01
N GLU A 186 24.72 -29.20 -24.02
CA GLU A 186 23.46 -29.95 -23.89
C GLU A 186 22.27 -29.02 -24.15
N GLU A 187 21.26 -29.52 -24.86
CA GLU A 187 20.05 -28.75 -25.20
C GLU A 187 19.18 -28.53 -23.95
N PHE A 188 18.47 -27.40 -23.94
CA PHE A 188 17.68 -26.94 -22.78
C PHE A 188 16.17 -27.10 -23.02
N GLU A 189 15.34 -26.62 -22.04
CA GLU A 189 13.86 -26.66 -22.09
C GLU A 189 13.36 -26.02 -23.40
N GLY A 190 12.71 -26.85 -24.26
CA GLY A 190 12.21 -26.41 -25.56
C GLY A 190 13.28 -26.47 -26.65
N GLY A 191 14.34 -25.65 -26.47
CA GLY A 191 15.46 -25.60 -27.42
C GLY A 191 15.21 -24.61 -28.56
N LYS A 192 14.15 -24.88 -29.34
CA LYS A 192 13.75 -24.06 -30.50
C LYS A 192 12.79 -22.93 -30.09
N ALA A 193 12.87 -21.83 -30.86
CA ALA A 193 11.92 -20.69 -30.77
C ALA A 193 11.72 -20.10 -32.17
N SER A 194 10.67 -20.56 -32.85
CA SER A 194 10.31 -20.07 -34.19
C SER A 194 9.59 -18.72 -34.09
N ASP A 195 10.17 -17.70 -34.74
CA ASP A 195 9.55 -16.38 -34.93
C ASP A 195 9.37 -15.62 -33.61
N PHE A 196 10.39 -15.68 -32.74
CA PHE A 196 10.47 -14.82 -31.55
C PHE A 196 10.77 -13.36 -31.98
N VAL A 197 9.96 -12.42 -31.48
CA VAL A 197 10.06 -10.98 -31.78
C VAL A 197 10.85 -10.28 -30.66
N LEU A 198 12.10 -9.92 -30.93
CA LEU A 198 12.98 -9.22 -29.99
C LEU A 198 12.86 -7.70 -30.17
N ALA A 199 11.93 -7.09 -29.42
CA ALA A 199 11.79 -5.63 -29.34
C ALA A 199 12.83 -5.09 -28.35
N MET A 200 14.03 -4.82 -28.88
CA MET A 200 15.19 -4.38 -28.10
C MET A 200 14.94 -3.03 -27.40
N GLY A 201 15.40 -2.93 -26.14
CA GLY A 201 15.12 -1.78 -25.28
C GLY A 201 14.49 -2.18 -23.94
N GLN A 202 13.78 -3.34 -23.95
CA GLN A 202 13.13 -3.90 -22.74
C GLN A 202 14.09 -4.89 -22.03
N GLY A 203 14.00 -4.97 -20.69
CA GLY A 203 14.88 -5.81 -19.87
C GLY A 203 14.48 -7.29 -19.84
N ARG A 204 14.55 -7.94 -21.01
CA ARG A 204 14.32 -9.40 -21.16
C ARG A 204 15.65 -10.14 -21.37
N MET A 205 16.57 -9.49 -22.11
CA MET A 205 17.87 -10.08 -22.50
C MET A 205 19.00 -9.61 -21.57
N ILE A 206 20.00 -10.48 -21.42
CA ILE A 206 21.23 -10.19 -20.67
C ILE A 206 22.36 -9.80 -21.66
N PRO A 207 23.39 -8.99 -21.20
CA PRO A 207 24.57 -8.66 -22.02
C PRO A 207 25.29 -9.92 -22.57
N GLY A 208 25.30 -10.04 -23.91
CA GLY A 208 25.91 -11.16 -24.62
C GLY A 208 25.01 -11.65 -25.75
N PHE A 209 23.69 -11.72 -25.46
CA PHE A 209 22.69 -12.25 -26.42
C PHE A 209 22.41 -11.22 -27.51
N GLU A 210 21.94 -10.04 -27.07
CA GLU A 210 21.48 -8.96 -27.96
C GLU A 210 22.62 -8.38 -28.82
N ASP A 211 23.86 -8.55 -28.33
CA ASP A 211 25.08 -8.12 -29.03
C ASP A 211 25.26 -8.89 -30.35
N GLY A 212 24.87 -10.19 -30.32
CA GLY A 212 24.91 -11.05 -31.50
C GLY A 212 23.82 -10.72 -32.51
N ILE A 213 22.80 -9.97 -32.06
CA ILE A 213 21.63 -9.63 -32.87
C ILE A 213 21.84 -8.27 -33.59
N LYS A 214 22.29 -7.26 -32.82
CA LYS A 214 22.26 -5.83 -33.25
C LYS A 214 23.49 -5.40 -34.10
N GLY A 215 24.20 -6.37 -34.70
CA GLY A 215 25.40 -6.07 -35.50
C GLY A 215 25.44 -6.89 -36.77
N HIS A 216 24.25 -7.32 -37.22
CA HIS A 216 24.07 -8.26 -38.33
C HIS A 216 22.82 -7.89 -39.15
N LYS A 217 22.43 -8.77 -40.09
CA LYS A 217 21.28 -8.56 -40.99
C LYS A 217 20.69 -9.91 -41.41
N ALA A 218 19.40 -9.90 -41.81
CA ALA A 218 18.61 -11.13 -42.06
C ALA A 218 19.16 -11.91 -43.27
N GLY A 219 19.12 -13.25 -43.14
CA GLY A 219 19.61 -14.17 -44.18
C GLY A 219 20.70 -15.09 -43.65
N GLU A 220 21.49 -14.57 -42.70
CA GLU A 220 22.62 -15.30 -42.10
C GLU A 220 22.17 -16.02 -40.81
N GLU A 221 22.66 -17.25 -40.66
CA GLU A 221 22.38 -18.10 -39.50
C GLU A 221 23.72 -18.47 -38.85
N PHE A 222 24.01 -17.85 -37.70
CA PHE A 222 25.27 -18.01 -36.96
C PHE A 222 24.99 -18.51 -35.55
N THR A 223 26.03 -18.75 -34.77
CA THR A 223 25.93 -19.13 -33.35
C THR A 223 26.67 -18.09 -32.51
N ILE A 224 25.98 -17.56 -31.49
CA ILE A 224 26.57 -16.58 -30.54
C ILE A 224 26.94 -17.28 -29.24
N ASP A 225 27.82 -16.63 -28.47
CA ASP A 225 28.26 -17.11 -27.15
C ASP A 225 27.75 -16.14 -26.07
N VAL A 226 26.81 -16.63 -25.26
CA VAL A 226 26.35 -15.96 -24.03
C VAL A 226 26.79 -16.83 -22.84
N THR A 227 26.84 -16.23 -21.65
CA THR A 227 27.15 -16.93 -20.40
C THR A 227 26.28 -16.31 -19.29
N PHE A 228 25.63 -17.16 -18.47
CA PHE A 228 24.80 -16.69 -17.37
C PHE A 228 25.68 -16.46 -16.12
N PRO A 229 25.43 -15.35 -15.35
CA PRO A 229 26.20 -14.99 -14.12
C PRO A 229 26.42 -16.13 -13.11
N GLU A 230 27.45 -15.95 -12.27
CA GLU A 230 27.67 -16.77 -11.08
C GLU A 230 26.59 -16.46 -10.01
N GLU A 231 26.01 -15.24 -10.11
CA GLU A 231 24.88 -14.80 -9.29
C GLU A 231 23.54 -15.40 -9.79
N TYR A 232 23.51 -15.89 -11.05
CA TYR A 232 22.26 -16.30 -11.72
C TYR A 232 21.54 -17.45 -10.96
N HIS A 233 20.20 -17.35 -10.94
CA HIS A 233 19.29 -18.17 -10.09
C HIS A 233 19.04 -19.62 -10.62
N ALA A 234 19.88 -20.12 -11.52
CA ALA A 234 19.85 -21.51 -11.99
C ALA A 234 21.29 -22.01 -12.05
N GLU A 235 21.63 -23.06 -11.28
CA GLU A 235 23.01 -23.58 -11.16
C GLU A 235 23.53 -24.13 -12.49
N ASN A 236 22.65 -24.83 -13.23
CA ASN A 236 23.00 -25.43 -14.55
C ASN A 236 23.36 -24.34 -15.60
N LEU A 237 22.92 -23.10 -15.33
CA LEU A 237 23.26 -21.90 -16.14
C LEU A 237 24.40 -21.10 -15.51
N LYS A 238 24.47 -21.15 -14.17
CA LYS A 238 25.41 -20.37 -13.35
C LYS A 238 26.87 -20.63 -13.76
N GLY A 239 27.46 -19.64 -14.45
CA GLY A 239 28.84 -19.73 -14.94
C GLY A 239 28.96 -20.40 -16.30
N LYS A 240 27.93 -21.18 -16.69
CA LYS A 240 27.92 -21.95 -17.93
C LYS A 240 27.57 -21.08 -19.14
N ALA A 241 28.19 -21.42 -20.28
CA ALA A 241 27.99 -20.72 -21.55
C ALA A 241 26.82 -21.34 -22.32
N ALA A 242 25.85 -20.50 -22.70
CA ALA A 242 24.71 -20.89 -23.55
C ALA A 242 24.93 -20.35 -24.98
N LYS A 243 25.11 -21.27 -25.92
CA LYS A 243 25.45 -20.95 -27.32
C LYS A 243 24.21 -21.11 -28.20
N PHE A 244 23.60 -19.97 -28.54
CA PHE A 244 22.35 -19.90 -29.30
C PHE A 244 22.65 -19.69 -30.80
N ALA A 245 22.25 -20.66 -31.63
CA ALA A 245 22.34 -20.53 -33.09
C ALA A 245 21.19 -19.65 -33.57
N ILE A 246 21.51 -18.36 -33.77
CA ILE A 246 20.54 -17.33 -34.18
C ILE A 246 20.33 -17.37 -35.69
N ASN A 247 19.10 -17.70 -36.08
CA ASN A 247 18.66 -17.75 -37.48
C ASN A 247 17.92 -16.45 -37.79
N LEU A 248 18.65 -15.43 -38.30
CA LEU A 248 18.06 -14.14 -38.69
C LEU A 248 17.17 -14.35 -39.92
N LYS A 249 15.85 -14.26 -39.73
CA LYS A 249 14.87 -14.39 -40.82
C LYS A 249 14.25 -13.03 -41.15
N LYS A 250 14.00 -12.23 -40.08
CA LYS A 250 13.39 -10.91 -40.17
C LYS A 250 14.16 -9.91 -39.34
N VAL A 251 14.61 -8.86 -39.99
CA VAL A 251 15.02 -7.63 -39.33
C VAL A 251 13.80 -6.70 -39.41
N GLU A 252 13.43 -6.07 -38.31
CA GLU A 252 12.33 -5.11 -38.26
C GLU A 252 12.86 -3.75 -37.81
N GLU A 253 11.95 -2.78 -37.75
CA GLU A 253 12.21 -1.46 -37.21
C GLU A 253 10.91 -0.88 -36.63
N ARG A 254 10.93 -0.63 -35.32
CA ARG A 254 9.84 0.09 -34.64
C ARG A 254 10.09 1.61 -34.79
N GLU A 255 9.60 2.14 -35.91
CA GLU A 255 9.85 3.52 -36.37
C GLU A 255 8.87 4.51 -35.69
N LEU A 256 9.36 5.76 -35.42
CA LEU A 256 8.56 6.84 -34.79
C LEU A 256 7.24 7.07 -35.58
N PRO A 257 6.04 6.96 -34.92
CA PRO A 257 4.72 6.97 -35.62
C PRO A 257 4.28 8.39 -36.02
N GLU A 258 3.01 8.51 -36.45
CA GLU A 258 2.38 9.80 -36.72
C GLU A 258 2.11 10.53 -35.40
N LEU A 259 2.92 11.56 -35.12
CA LEU A 259 2.74 12.45 -33.95
C LEU A 259 1.69 13.57 -34.26
N THR A 260 0.90 13.35 -35.35
CA THR A 260 -0.21 14.23 -35.77
C THR A 260 -1.31 14.34 -34.69
N ALA A 261 -2.31 15.22 -34.99
CA ALA A 261 -3.35 15.69 -34.04
C ALA A 261 -3.92 14.59 -33.14
N GLU A 262 -4.41 13.50 -33.75
CA GLU A 262 -5.12 12.40 -33.03
C GLU A 262 -4.22 11.63 -32.03
N PHE A 263 -2.90 11.69 -32.25
CA PHE A 263 -1.91 11.03 -31.36
C PHE A 263 -1.47 11.99 -30.25
N ILE A 264 -1.05 13.20 -30.64
CA ILE A 264 -0.50 14.19 -29.70
C ILE A 264 -1.60 14.70 -28.71
N LYS A 265 -2.88 14.66 -29.14
CA LYS A 265 -4.02 15.03 -28.26
C LYS A 265 -4.44 13.87 -27.34
N ARG A 266 -3.99 12.63 -27.68
CA ARG A 266 -4.42 11.38 -27.01
C ARG A 266 -4.11 11.42 -25.50
N PHE A 267 -2.99 12.08 -25.18
CA PHE A 267 -2.48 12.23 -23.81
C PHE A 267 -3.45 13.02 -22.92
N GLY A 268 -4.25 13.93 -23.53
CA GLY A 268 -5.22 14.75 -22.81
C GLY A 268 -5.37 16.16 -23.38
N VAL A 269 -4.65 16.46 -24.47
CA VAL A 269 -4.65 17.79 -25.11
C VAL A 269 -6.00 18.02 -25.86
N GLU A 270 -6.40 19.29 -25.95
CA GLU A 270 -7.74 19.72 -26.44
C GLU A 270 -7.89 19.40 -27.95
N ASP A 271 -7.05 20.07 -28.73
CA ASP A 271 -7.02 19.97 -30.20
C ASP A 271 -5.84 19.09 -30.64
N GLY A 272 -4.70 19.26 -29.96
CA GLY A 272 -3.46 18.55 -30.28
C GLY A 272 -2.26 19.47 -30.44
N SER A 273 -2.40 20.75 -30.05
CA SER A 273 -1.29 21.73 -30.13
C SER A 273 -0.13 21.32 -29.20
N VAL A 274 1.13 21.47 -29.70
CA VAL A 274 2.37 21.09 -28.98
C VAL A 274 2.48 21.79 -27.61
N GLU A 275 2.06 23.07 -27.57
CA GLU A 275 1.99 23.87 -26.33
C GLU A 275 1.13 23.15 -25.25
N GLY A 276 0.06 22.45 -25.70
CA GLY A 276 -0.79 21.65 -24.83
C GLY A 276 -0.11 20.36 -24.41
N LEU A 277 0.80 19.85 -25.27
CA LEU A 277 1.56 18.63 -24.98
C LEU A 277 2.63 18.95 -23.91
N ARG A 278 3.16 20.19 -23.93
CA ARG A 278 4.14 20.67 -22.94
C ARG A 278 3.48 20.75 -21.55
N ALA A 279 2.22 21.25 -21.55
CA ALA A 279 1.36 21.26 -20.35
C ALA A 279 1.13 19.83 -19.84
N GLU A 280 0.81 18.94 -20.79
CA GLU A 280 0.48 17.54 -20.52
C GLU A 280 1.70 16.76 -19.97
N VAL A 281 2.90 17.01 -20.54
CA VAL A 281 4.13 16.32 -20.11
C VAL A 281 4.62 16.89 -18.76
N ARG A 282 4.25 18.13 -18.44
CA ARG A 282 4.51 18.68 -17.10
C ARG A 282 3.62 17.98 -16.03
N LYS A 283 2.28 18.09 -16.20
CA LYS A 283 1.28 17.55 -15.24
C LYS A 283 1.38 16.00 -15.09
N ASN A 284 1.93 15.31 -16.12
CA ASN A 284 2.26 13.87 -16.03
C ASN A 284 3.69 13.68 -15.48
N MET A 285 4.72 14.05 -16.28
CA MET A 285 6.13 13.67 -16.01
C MET A 285 6.73 14.43 -14.80
N GLU A 286 6.51 15.77 -14.72
CA GLU A 286 7.10 16.60 -13.63
C GLU A 286 6.43 16.28 -12.28
N ARG A 287 5.09 16.13 -12.32
CA ARG A 287 4.28 15.73 -11.16
C ARG A 287 4.76 14.36 -10.63
N GLU A 288 4.81 13.36 -11.54
CA GLU A 288 5.13 11.96 -11.19
C GLU A 288 6.60 11.82 -10.80
N LEU A 289 7.47 12.69 -11.34
CA LEU A 289 8.89 12.78 -10.99
C LEU A 289 9.05 13.24 -9.55
N LYS A 290 8.46 14.42 -9.24
CA LYS A 290 8.54 15.03 -7.90
C LYS A 290 7.87 14.13 -6.85
N SER A 291 6.84 13.38 -7.30
CA SER A 291 6.17 12.36 -6.51
C SER A 291 7.11 11.16 -6.27
N ALA A 292 7.83 10.75 -7.33
CA ALA A 292 8.78 9.64 -7.26
C ALA A 292 9.94 9.96 -6.29
N ILE A 293 10.42 11.24 -6.34
CA ILE A 293 11.46 11.76 -5.42
C ILE A 293 10.93 11.74 -3.99
N ARG A 294 9.71 12.29 -3.82
CA ARG A 294 9.08 12.49 -2.51
C ARG A 294 8.88 11.15 -1.78
N ASN A 295 8.19 10.23 -2.49
CA ASN A 295 7.88 8.88 -2.00
C ASN A 295 9.17 8.06 -1.82
N ARG A 296 10.19 8.25 -2.69
CA ARG A 296 11.47 7.50 -2.58
C ARG A 296 12.22 7.88 -1.30
N VAL A 297 12.47 9.20 -1.11
CA VAL A 297 13.22 9.72 0.05
C VAL A 297 12.47 9.41 1.37
N LYS A 298 11.13 9.60 1.32
CA LYS A 298 10.23 9.28 2.46
C LYS A 298 10.34 7.80 2.84
N SER A 299 10.21 6.91 1.83
CA SER A 299 10.18 5.45 2.05
C SER A 299 11.56 4.93 2.49
N GLN A 300 12.66 5.58 2.02
CA GLN A 300 14.03 5.23 2.44
C GLN A 300 14.25 5.63 3.91
N ALA A 301 13.69 6.80 4.30
CA ALA A 301 13.77 7.30 5.68
C ALA A 301 13.03 6.36 6.63
N ILE A 302 11.78 6.00 6.25
CA ILE A 302 10.94 5.07 7.04
C ILE A 302 11.54 3.66 7.04
N GLU A 303 12.14 3.24 5.91
CA GLU A 303 12.74 1.90 5.78
C GLU A 303 13.89 1.75 6.77
N GLY A 304 14.76 2.80 6.79
CA GLY A 304 15.89 2.88 7.71
C GLY A 304 15.45 3.01 9.16
N LEU A 305 14.35 3.75 9.39
CA LEU A 305 13.73 3.90 10.73
C LEU A 305 13.29 2.54 11.27
N VAL A 306 12.42 1.81 10.54
CA VAL A 306 11.92 0.47 10.94
C VAL A 306 13.10 -0.49 11.19
N LYS A 307 14.05 -0.48 10.24
CA LYS A 307 15.27 -1.32 10.29
C LYS A 307 16.12 -1.01 11.54
N ALA A 308 16.13 0.27 11.96
CA ALA A 308 16.89 0.72 13.15
C ALA A 308 16.02 0.80 14.41
N ASN A 309 14.68 0.55 14.30
CA ASN A 309 13.73 0.76 15.44
C ASN A 309 12.79 -0.43 15.60
N ASP A 310 12.90 -1.12 16.74
CA ASP A 310 11.95 -2.16 17.15
C ASP A 310 11.02 -1.57 18.21
N ILE A 311 9.71 -1.77 18.02
CA ILE A 311 8.65 -1.25 18.89
C ILE A 311 7.46 -2.22 18.86
N ASP A 312 6.75 -2.37 20.00
CA ASP A 312 5.48 -3.10 20.06
C ASP A 312 4.39 -2.24 19.37
N VAL A 313 3.50 -2.89 18.62
CA VAL A 313 2.54 -2.20 17.74
C VAL A 313 1.09 -2.51 18.21
N PRO A 314 0.39 -1.51 18.88
CA PRO A 314 -0.99 -1.71 19.42
C PRO A 314 -2.03 -2.03 18.32
N ALA A 315 -2.82 -3.11 18.55
CA ALA A 315 -3.78 -3.68 17.57
C ALA A 315 -4.85 -2.67 17.14
N ALA A 316 -5.19 -1.72 18.05
CA ALA A 316 -6.18 -0.66 17.80
C ALA A 316 -5.87 0.15 16.52
N LEU A 317 -4.56 0.41 16.31
CA LEU A 317 -4.06 1.20 15.17
C LEU A 317 -4.07 0.37 13.88
N ILE A 318 -3.88 -0.97 14.01
CA ILE A 318 -4.02 -1.92 12.86
C ILE A 318 -5.46 -1.87 12.34
N ASP A 319 -6.42 -2.00 13.30
CA ASP A 319 -7.86 -1.94 13.01
C ASP A 319 -8.22 -0.59 12.37
N SER A 320 -7.64 0.50 12.91
CA SER A 320 -7.84 1.87 12.39
C SER A 320 -7.45 1.97 10.91
N GLU A 321 -6.16 1.69 10.61
CA GLU A 321 -5.58 1.92 9.26
C GLU A 321 -6.14 0.94 8.21
N ILE A 322 -6.32 -0.34 8.59
CA ILE A 322 -6.97 -1.34 7.71
C ILE A 322 -8.41 -0.89 7.39
N ASP A 323 -9.17 -0.41 8.41
CA ASP A 323 -10.55 0.11 8.22
C ASP A 323 -10.57 1.27 7.20
N VAL A 324 -9.59 2.20 7.33
CA VAL A 324 -9.39 3.33 6.39
C VAL A 324 -9.26 2.81 4.95
N LEU A 325 -8.36 1.83 4.78
CA LEU A 325 -8.00 1.27 3.47
C LEU A 325 -9.14 0.40 2.87
N ARG A 326 -9.96 -0.20 3.75
CA ARG A 326 -11.14 -0.99 3.32
C ARG A 326 -12.23 -0.05 2.81
N ARG A 327 -12.39 1.11 3.47
CA ARG A 327 -13.32 2.18 3.03
C ARG A 327 -12.81 2.88 1.77
N GLN A 328 -11.47 2.96 1.64
CA GLN A 328 -10.78 3.56 0.48
C GLN A 328 -11.06 2.73 -0.80
N ALA A 329 -10.97 1.39 -0.65
CA ALA A 329 -11.28 0.44 -1.73
C ALA A 329 -12.79 0.43 -2.00
N ALA A 330 -13.59 0.37 -0.91
CA ALA A 330 -15.07 0.38 -0.96
C ALA A 330 -15.60 1.65 -1.63
N GLN A 331 -14.84 2.76 -1.51
CA GLN A 331 -15.15 4.03 -2.17
C GLN A 331 -15.11 3.85 -3.71
N ARG A 332 -14.12 3.06 -4.18
CA ARG A 332 -13.95 2.77 -5.61
C ARG A 332 -14.91 1.63 -6.06
N PHE A 333 -15.35 0.84 -5.07
CA PHE A 333 -16.36 -0.24 -5.26
C PHE A 333 -17.80 0.37 -5.25
N GLY A 334 -17.88 1.72 -5.10
CA GLY A 334 -19.15 2.46 -5.21
C GLY A 334 -20.01 2.41 -3.94
N GLY A 335 -19.40 1.94 -2.85
CA GLY A 335 -20.08 1.79 -1.54
C GLY A 335 -21.07 0.63 -1.51
N ASN A 336 -20.95 -0.27 -2.51
CA ASN A 336 -21.86 -1.41 -2.70
C ASN A 336 -21.60 -2.49 -1.61
N GLU A 337 -22.71 -3.11 -1.13
CA GLU A 337 -22.73 -4.20 -0.12
C GLU A 337 -22.48 -3.68 1.33
N LYS A 338 -21.50 -2.75 1.48
CA LYS A 338 -21.01 -2.22 2.77
C LYS A 338 -20.47 -3.35 3.68
N GLN A 339 -20.01 -4.42 3.02
CA GLN A 339 -19.36 -5.58 3.66
C GLN A 339 -17.83 -5.40 3.71
N ALA A 340 -17.39 -4.14 3.44
CA ALA A 340 -15.98 -3.73 3.39
C ALA A 340 -15.19 -4.11 4.67
N LEU A 341 -15.92 -4.25 5.81
CA LEU A 341 -15.37 -4.73 7.11
C LEU A 341 -14.42 -5.95 6.94
N GLU A 342 -14.76 -6.83 5.98
CA GLU A 342 -13.88 -7.90 5.53
C GLU A 342 -13.73 -7.86 3.99
N LEU A 343 -13.00 -6.85 3.52
CA LEU A 343 -12.29 -6.95 2.23
C LEU A 343 -10.97 -7.72 2.48
N PRO A 344 -10.38 -8.41 1.43
CA PRO A 344 -9.13 -9.21 1.59
C PRO A 344 -8.00 -8.43 2.30
N ARG A 345 -7.72 -8.84 3.56
CA ARG A 345 -6.68 -8.26 4.41
C ARG A 345 -5.31 -8.30 3.71
N GLU A 346 -5.13 -9.32 2.84
CA GLU A 346 -3.88 -9.57 2.08
C GLU A 346 -3.48 -8.34 1.23
N LEU A 347 -4.46 -7.46 0.93
CA LEU A 347 -4.24 -6.23 0.16
C LEU A 347 -3.79 -5.07 1.06
N PHE A 348 -4.32 -5.03 2.31
CA PHE A 348 -4.21 -3.85 3.22
C PHE A 348 -3.24 -4.08 4.38
N GLU A 349 -2.86 -5.33 4.61
CA GLU A 349 -2.09 -5.79 5.78
C GLU A 349 -0.78 -4.99 5.96
N GLU A 350 0.10 -5.10 4.94
CA GLU A 350 1.46 -4.55 4.99
C GLU A 350 1.44 -3.01 5.00
N GLN A 351 0.64 -2.41 4.10
CA GLN A 351 0.58 -0.94 3.93
C GLN A 351 -0.03 -0.25 5.16
N ALA A 352 -1.05 -0.88 5.78
CA ALA A 352 -1.66 -0.37 7.03
C ALA A 352 -0.64 -0.39 8.16
N LYS A 353 -0.02 -1.59 8.35
CA LYS A 353 1.04 -1.81 9.34
C LYS A 353 2.17 -0.77 9.18
N ARG A 354 2.51 -0.47 7.91
CA ARG A 354 3.46 0.59 7.55
C ARG A 354 2.97 1.96 8.07
N ARG A 355 1.66 2.29 7.84
CA ARG A 355 1.08 3.60 8.24
C ARG A 355 1.11 3.77 9.77
N VAL A 356 0.91 2.65 10.48
CA VAL A 356 0.97 2.61 11.95
C VAL A 356 2.39 2.92 12.44
N VAL A 357 3.38 2.16 11.91
CA VAL A 357 4.80 2.28 12.31
C VAL A 357 5.37 3.67 11.89
N VAL A 358 4.86 4.24 10.79
CA VAL A 358 5.15 5.63 10.36
C VAL A 358 4.68 6.59 11.46
N GLY A 359 3.41 6.42 11.90
CA GLY A 359 2.80 7.26 12.92
C GLY A 359 3.47 7.17 14.28
N LEU A 360 3.97 5.97 14.63
CA LEU A 360 4.64 5.73 15.92
C LEU A 360 6.04 6.37 15.93
N LEU A 361 6.88 6.01 14.93
CA LEU A 361 8.28 6.46 14.85
C LEU A 361 8.37 7.96 14.57
N LEU A 362 7.67 8.44 13.51
CA LEU A 362 7.63 9.88 13.16
C LEU A 362 6.93 10.69 14.26
N GLY A 363 5.85 10.11 14.84
CA GLY A 363 5.14 10.74 15.96
C GLY A 363 6.04 11.02 17.16
N GLU A 364 6.96 10.07 17.43
CA GLU A 364 8.00 10.25 18.45
C GLU A 364 9.04 11.32 18.02
N VAL A 365 9.44 11.34 16.73
CA VAL A 365 10.35 12.39 16.18
C VAL A 365 9.74 13.81 16.39
N ILE A 366 8.42 13.89 16.19
CA ILE A 366 7.62 15.13 16.33
C ILE A 366 7.56 15.57 17.80
N ARG A 367 7.30 14.61 18.70
CA ARG A 367 7.26 14.86 20.15
C ARG A 367 8.63 15.38 20.67
N THR A 368 9.71 14.60 20.35
CA THR A 368 11.10 14.88 20.76
C THR A 368 11.56 16.28 20.29
N ASN A 369 11.35 16.55 18.99
CA ASN A 369 11.76 17.81 18.34
C ASN A 369 10.64 18.88 18.41
N GLU A 370 9.61 18.66 19.28
CA GLU A 370 8.45 19.60 19.51
C GLU A 370 7.86 20.24 18.21
N LEU A 371 7.84 19.43 17.13
CA LEU A 371 7.40 19.87 15.79
C LEU A 371 5.88 20.20 15.76
N LYS A 372 5.52 21.15 14.89
CA LYS A 372 4.13 21.56 14.64
C LYS A 372 3.87 21.63 13.12
N ALA A 373 2.62 21.38 12.71
CA ALA A 373 2.20 21.51 11.29
C ALA A 373 2.14 22.99 10.90
N ASP A 374 3.14 23.44 10.14
CA ASP A 374 3.25 24.84 9.70
C ASP A 374 2.23 25.15 8.61
N GLU A 375 1.51 26.27 8.76
CA GLU A 375 0.39 26.67 7.87
C GLU A 375 0.86 26.93 6.42
N GLU A 376 2.11 27.40 6.26
CA GLU A 376 2.72 27.63 4.95
C GLU A 376 3.36 26.36 4.38
N ARG A 377 3.49 25.31 5.23
CA ARG A 377 3.91 23.97 4.79
C ARG A 377 2.68 23.25 4.20
N VAL A 378 1.52 23.49 4.86
CA VAL A 378 0.18 23.09 4.37
C VAL A 378 -0.07 23.70 3.00
N LYS A 379 0.00 25.06 2.94
CA LYS A 379 -0.16 25.82 1.68
C LYS A 379 0.90 25.43 0.64
N GLY A 380 2.15 25.20 1.10
CA GLY A 380 3.26 24.76 0.25
C GLY A 380 2.92 23.50 -0.53
N LEU A 381 2.33 22.52 0.17
CA LEU A 381 1.88 21.25 -0.43
C LEU A 381 0.70 21.46 -1.39
N ILE A 382 -0.27 22.31 -0.97
CA ILE A 382 -1.43 22.70 -1.82
C ILE A 382 -0.96 23.21 -3.20
N GLU A 383 0.08 24.05 -3.19
CA GLU A 383 0.64 24.63 -4.43
C GLU A 383 1.37 23.54 -5.25
N GLU A 384 2.34 22.85 -4.60
CA GLU A 384 3.17 21.80 -5.24
C GLU A 384 2.32 20.71 -5.94
N MET A 385 1.18 20.39 -5.33
CA MET A 385 0.22 19.40 -5.85
C MET A 385 -0.67 20.03 -6.95
N ALA A 386 -1.56 20.94 -6.54
CA ALA A 386 -2.70 21.41 -7.35
C ALA A 386 -2.26 22.25 -8.58
N SER A 387 -1.21 23.08 -8.40
CA SER A 387 -0.78 24.06 -9.44
C SER A 387 -0.35 23.38 -10.75
N ALA A 388 0.02 22.08 -10.66
CA ALA A 388 0.46 21.27 -11.82
C ALA A 388 -0.68 21.02 -12.84
N TYR A 389 -1.95 21.17 -12.40
CA TYR A 389 -3.14 20.84 -13.23
C TYR A 389 -3.77 22.11 -13.81
N GLU A 390 -4.69 21.92 -14.78
CA GLU A 390 -5.45 23.03 -15.41
C GLU A 390 -6.62 23.47 -14.52
N ASP A 391 -6.88 22.70 -13.45
CA ASP A 391 -8.04 22.85 -12.57
C ASP A 391 -7.60 22.81 -11.07
N PRO A 392 -6.70 23.76 -10.62
CA PRO A 392 -6.23 23.79 -9.22
C PRO A 392 -7.27 24.41 -8.26
N LYS A 393 -8.12 25.32 -8.80
CA LYS A 393 -9.04 26.17 -8.01
C LYS A 393 -9.94 25.31 -7.12
N GLU A 394 -10.49 24.24 -7.72
CA GLU A 394 -11.38 23.29 -7.05
C GLU A 394 -10.65 22.52 -5.95
N VAL A 395 -9.32 22.28 -6.14
CA VAL A 395 -8.50 21.50 -5.19
C VAL A 395 -8.12 22.38 -3.97
N ILE A 396 -7.85 23.69 -4.24
CA ILE A 396 -7.62 24.70 -3.20
C ILE A 396 -8.88 24.77 -2.32
N GLU A 397 -10.05 24.99 -2.95
CA GLU A 397 -11.34 25.10 -2.25
C GLU A 397 -11.76 23.76 -1.61
N PHE A 398 -11.27 22.65 -2.19
CA PHE A 398 -11.50 21.28 -1.67
C PHE A 398 -10.87 21.14 -0.28
N TYR A 399 -9.65 21.66 -0.12
CA TYR A 399 -8.94 21.68 1.17
C TYR A 399 -9.37 22.88 2.06
N SER A 400 -9.05 24.11 1.62
CA SER A 400 -9.17 25.34 2.44
C SER A 400 -10.58 25.60 3.01
N LYS A 401 -11.62 25.11 2.32
CA LYS A 401 -13.03 25.24 2.76
C LYS A 401 -13.53 23.91 3.36
N ASN A 402 -12.59 23.13 3.91
CA ASN A 402 -12.87 21.82 4.53
C ASN A 402 -11.85 21.60 5.64
N LYS A 403 -12.30 21.74 6.90
CA LYS A 403 -11.45 21.63 8.11
C LYS A 403 -10.70 20.28 8.16
N GLU A 404 -11.40 19.20 7.73
CA GLU A 404 -10.88 17.83 7.82
C GLU A 404 -9.77 17.57 6.79
N LEU A 405 -9.92 18.16 5.58
CA LEU A 405 -8.90 18.07 4.53
C LEU A 405 -7.70 18.99 4.84
N MET A 406 -7.97 20.14 5.50
CA MET A 406 -6.90 21.01 6.02
C MET A 406 -6.09 20.26 7.08
N ASP A 407 -6.79 19.46 7.91
CA ASP A 407 -6.16 18.63 8.94
C ASP A 407 -5.36 17.49 8.30
N ASN A 408 -5.90 16.89 7.19
CA ASN A 408 -5.20 15.85 6.39
C ASN A 408 -3.90 16.42 5.78
N MET A 409 -3.97 17.68 5.33
CA MET A 409 -2.83 18.37 4.72
C MET A 409 -1.86 18.86 5.81
N ARG A 410 -2.37 19.04 7.05
CA ARG A 410 -1.55 19.29 8.24
C ARG A 410 -0.87 17.97 8.70
N ASN A 411 -1.55 16.83 8.48
CA ASN A 411 -1.02 15.49 8.78
C ASN A 411 0.21 15.22 7.92
N VAL A 412 0.06 15.35 6.59
CA VAL A 412 1.17 15.11 5.63
C VAL A 412 2.25 16.20 5.72
N ALA A 413 1.86 17.44 6.08
CA ALA A 413 2.82 18.54 6.34
C ALA A 413 3.78 18.15 7.47
N LEU A 414 3.18 17.75 8.60
CA LEU A 414 3.91 17.36 9.83
C LEU A 414 4.64 16.01 9.65
N GLU A 415 4.06 15.13 8.82
CA GLU A 415 4.59 13.78 8.50
C GLU A 415 5.94 13.90 7.77
N GLU A 416 5.91 14.64 6.64
CA GLU A 416 7.11 14.89 5.83
C GLU A 416 8.11 15.77 6.58
N GLN A 417 7.60 16.69 7.43
CA GLN A 417 8.44 17.55 8.29
C GLN A 417 9.21 16.69 9.31
N ALA A 418 8.53 15.63 9.82
CA ALA A 418 9.12 14.65 10.74
C ALA A 418 10.20 13.82 10.03
N VAL A 419 9.91 13.43 8.77
CA VAL A 419 10.89 12.76 7.88
C VAL A 419 12.13 13.64 7.76
N GLU A 420 11.94 14.92 7.38
CA GLU A 420 13.03 15.91 7.19
C GLU A 420 13.81 16.17 8.49
N ALA A 421 13.12 16.04 9.64
CA ALA A 421 13.76 16.14 10.96
C ALA A 421 14.68 14.93 11.23
N VAL A 422 14.31 13.75 10.65
CA VAL A 422 15.19 12.57 10.66
C VAL A 422 16.35 12.80 9.69
N LEU A 423 16.04 13.44 8.53
CA LEU A 423 16.99 13.64 7.41
C LEU A 423 18.05 14.71 7.73
N ALA A 424 17.67 15.65 8.62
CA ALA A 424 18.57 16.70 9.14
C ALA A 424 19.72 16.05 9.96
N LYS A 425 19.37 14.93 10.59
CA LYS A 425 20.30 14.12 11.39
C LYS A 425 20.92 13.01 10.53
N ALA A 426 20.12 12.47 9.59
CA ALA A 426 20.48 11.30 8.77
C ALA A 426 21.36 11.68 7.58
N LYS A 427 22.13 10.70 7.13
CA LYS A 427 23.04 10.85 5.98
C LYS A 427 22.24 10.81 4.67
N VAL A 428 21.74 11.99 4.26
CA VAL A 428 21.10 12.16 2.94
C VAL A 428 22.18 12.43 1.87
N THR A 429 22.61 11.34 1.21
CA THR A 429 23.53 11.41 0.08
C THR A 429 22.80 12.02 -1.13
N GLU A 430 22.97 13.35 -1.28
CA GLU A 430 22.32 14.12 -2.33
C GLU A 430 23.05 13.94 -3.66
N LYS A 431 22.30 13.81 -4.76
CA LYS A 431 22.87 13.77 -6.12
C LYS A 431 21.93 14.47 -7.10
N GLU A 432 22.51 15.26 -8.00
CA GLU A 432 21.78 15.86 -9.12
C GLU A 432 21.78 14.86 -10.28
N THR A 433 20.59 14.47 -10.76
CA THR A 433 20.43 13.42 -11.78
C THR A 433 19.18 13.68 -12.64
N THR A 434 19.00 12.84 -13.67
CA THR A 434 17.93 12.97 -14.69
C THR A 434 16.63 12.24 -14.28
N PHE A 435 15.51 12.63 -14.92
CA PHE A 435 14.15 12.05 -14.71
C PHE A 435 14.17 10.53 -14.84
N ASN A 436 14.79 10.05 -15.94
CA ASN A 436 14.83 8.61 -16.29
C ASN A 436 15.48 7.74 -15.19
N GLU A 437 16.27 8.36 -14.29
CA GLU A 437 16.94 7.67 -13.16
C GLU A 437 15.94 6.86 -12.29
N LEU A 438 14.84 7.53 -11.90
CA LEU A 438 13.88 7.02 -10.89
C LEU A 438 12.98 5.92 -11.47
N MET A 439 12.74 6.00 -12.78
CA MET A 439 12.01 4.98 -13.54
C MET A 439 12.95 3.78 -13.78
N ASN A 440 14.21 4.10 -14.13
CA ASN A 440 15.26 3.09 -14.40
C ASN A 440 15.88 2.55 -13.10
N GLN A 441 15.09 2.44 -12.01
CA GLN A 441 15.53 1.76 -10.79
C GLN A 441 15.24 0.26 -10.96
N GLN A 442 16.09 -0.42 -11.77
CA GLN A 442 16.03 -1.88 -11.99
C GLN A 442 16.87 -2.62 -10.92
N ALA A 443 17.68 -1.85 -10.17
CA ALA A 443 18.45 -2.36 -9.03
C ALA A 443 17.49 -2.70 -7.86
N VAL B 8 -2.17 -22.61 9.45
CA VAL B 8 -2.03 -21.97 8.13
C VAL B 8 -1.30 -22.95 7.17
N ASP B 9 -2.08 -23.94 6.71
CA ASP B 9 -1.66 -25.01 5.78
C ASP B 9 -2.93 -25.43 5.01
N LEU B 10 -3.14 -24.86 3.81
CA LEU B 10 -4.38 -25.05 3.05
C LEU B 10 -4.39 -26.43 2.34
N ASP B 11 -3.64 -26.56 1.22
CA ASP B 11 -3.63 -27.83 0.45
C ASP B 11 -2.32 -28.61 0.73
N GLU B 12 -1.22 -28.26 0.05
CA GLU B 12 0.03 -29.03 0.15
C GLU B 12 0.91 -28.48 1.29
N ALA B 13 1.56 -27.31 1.06
CA ALA B 13 2.35 -26.62 2.09
C ALA B 13 1.54 -25.41 2.61
N VAL B 14 1.53 -24.29 1.86
CA VAL B 14 0.69 -23.11 2.20
C VAL B 14 -0.47 -23.00 1.17
N GLN B 15 -0.26 -22.41 -0.04
CA GLN B 15 -1.28 -22.46 -1.11
C GLN B 15 -1.12 -23.78 -1.88
N ARG B 16 -0.14 -23.85 -2.82
CA ARG B 16 0.34 -25.13 -3.37
C ARG B 16 1.69 -25.45 -2.69
N ALA B 17 2.79 -24.88 -3.21
CA ALA B 17 4.13 -25.06 -2.61
C ALA B 17 4.50 -23.79 -1.82
N LEU B 18 4.83 -22.69 -2.54
CA LEU B 18 5.06 -21.37 -1.93
C LEU B 18 3.93 -20.38 -2.29
N GLU B 19 3.94 -19.81 -3.52
CA GLU B 19 3.00 -18.71 -3.89
C GLU B 19 1.86 -19.22 -4.79
N PHE B 20 2.14 -19.37 -6.11
CA PHE B 20 1.15 -19.82 -7.11
C PHE B 20 1.31 -21.33 -7.30
N ALA B 21 2.24 -21.75 -8.18
CA ALA B 21 2.82 -23.08 -8.14
C ALA B 21 4.18 -22.92 -7.44
N LYS B 22 5.09 -22.24 -8.15
CA LYS B 22 6.30 -21.67 -7.56
C LYS B 22 6.03 -20.16 -7.38
N LYS B 23 6.15 -19.40 -8.48
CA LYS B 23 5.81 -17.97 -8.55
C LYS B 23 5.60 -17.55 -10.02
N GLU B 24 6.71 -17.41 -10.78
CA GLU B 24 6.69 -17.00 -12.19
C GLU B 24 8.10 -17.13 -12.80
N GLY B 25 8.18 -17.35 -14.12
CA GLY B 25 9.45 -17.44 -14.82
C GLY B 25 9.24 -17.51 -16.33
N ASN B 26 9.39 -16.35 -17.01
CA ASN B 26 9.20 -16.24 -18.48
C ASN B 26 10.06 -15.08 -19.04
N THR B 27 10.63 -15.30 -20.25
CA THR B 27 11.33 -14.26 -21.04
C THR B 27 11.69 -14.83 -22.43
N LEU B 28 12.41 -15.97 -22.43
CA LEU B 28 12.90 -16.64 -23.64
C LEU B 28 12.86 -18.16 -23.36
N VAL B 29 12.86 -19.01 -24.41
CA VAL B 29 12.90 -20.46 -24.22
C VAL B 29 14.36 -20.90 -23.88
N ILE B 30 14.58 -21.06 -22.58
CA ILE B 30 15.86 -21.48 -21.98
C ILE B 30 15.52 -22.24 -20.68
N VAL B 31 16.42 -23.13 -20.21
CA VAL B 31 16.26 -23.78 -18.89
C VAL B 31 16.18 -22.70 -17.80
N THR B 32 14.98 -22.46 -17.25
CA THR B 32 14.75 -21.42 -16.24
C THR B 32 14.09 -22.02 -15.00
N ALA B 33 14.95 -22.39 -14.03
CA ALA B 33 14.56 -22.61 -12.63
C ALA B 33 14.80 -21.30 -11.85
N ASP B 34 14.45 -21.25 -10.56
CA ASP B 34 14.78 -20.08 -9.70
C ASP B 34 15.33 -20.58 -8.37
N HIS B 35 16.49 -19.99 -7.97
CA HIS B 35 17.34 -20.38 -6.80
C HIS B 35 17.63 -21.90 -6.74
N ALA B 36 17.43 -22.60 -7.87
CA ALA B 36 17.44 -24.07 -7.95
C ALA B 36 18.58 -24.54 -8.85
N HIS B 37 18.90 -25.82 -8.71
CA HIS B 37 20.08 -26.44 -9.31
C HIS B 37 19.69 -27.12 -10.64
N ALA B 38 18.73 -28.05 -10.57
CA ALA B 38 18.21 -28.79 -11.74
C ALA B 38 17.09 -28.00 -12.45
N SER B 39 16.74 -28.45 -13.66
CA SER B 39 15.64 -27.87 -14.48
C SER B 39 14.69 -29.00 -14.93
N GLN B 40 13.52 -28.61 -15.50
CA GLN B 40 12.38 -29.49 -15.81
C GLN B 40 11.85 -30.20 -14.54
N ILE B 41 12.54 -31.27 -14.12
CA ILE B 41 12.16 -32.09 -12.97
C ILE B 41 13.30 -32.10 -11.94
N VAL B 42 13.25 -31.13 -11.00
CA VAL B 42 14.02 -31.19 -9.74
C VAL B 42 13.44 -32.36 -8.91
N ALA B 43 12.11 -32.37 -8.85
CA ALA B 43 11.27 -33.35 -8.15
C ALA B 43 9.82 -33.15 -8.67
N PRO B 44 8.88 -34.13 -8.47
CA PRO B 44 7.43 -33.93 -8.74
C PRO B 44 6.80 -32.88 -7.77
N ASP B 45 7.17 -31.61 -7.98
CA ASP B 45 6.77 -30.49 -7.11
C ASP B 45 5.37 -30.01 -7.51
N THR B 46 4.67 -29.34 -6.58
CA THR B 46 3.24 -28.96 -6.67
C THR B 46 2.33 -30.18 -7.01
N LYS B 47 2.80 -31.37 -6.61
CA LYS B 47 2.09 -32.64 -6.75
C LYS B 47 2.44 -33.56 -5.57
N ALA B 48 3.09 -33.00 -4.54
CA ALA B 48 3.80 -33.81 -3.51
C ALA B 48 4.16 -33.01 -2.21
N PRO B 49 4.74 -31.73 -2.28
CA PRO B 49 5.16 -30.92 -1.08
C PRO B 49 4.26 -31.12 0.17
N GLY B 50 4.72 -32.00 1.08
CA GLY B 50 3.91 -32.43 2.23
C GLY B 50 2.90 -33.49 1.83
N LEU B 51 1.65 -33.06 1.57
CA LEU B 51 0.55 -33.92 1.10
C LEU B 51 -0.64 -33.03 0.68
N THR B 52 -1.38 -33.48 -0.35
CA THR B 52 -2.60 -32.80 -0.84
C THR B 52 -3.75 -32.96 0.18
N GLN B 53 -3.82 -31.98 1.09
CA GLN B 53 -4.80 -31.94 2.19
C GLN B 53 -6.18 -31.57 1.66
N ALA B 54 -6.26 -30.40 0.99
CA ALA B 54 -7.52 -29.87 0.41
C ALA B 54 -7.69 -30.37 -1.05
N LEU B 55 -8.65 -29.77 -1.76
CA LEU B 55 -9.00 -30.10 -3.15
C LEU B 55 -8.73 -28.89 -4.08
N ASN B 56 -9.12 -29.00 -5.38
CA ASN B 56 -8.85 -27.96 -6.41
C ASN B 56 -9.29 -26.56 -5.96
N THR B 57 -10.52 -26.50 -5.40
CA THR B 57 -11.18 -25.29 -4.97
C THR B 57 -11.37 -24.30 -6.16
N LYS B 58 -12.46 -24.51 -6.92
CA LYS B 58 -12.77 -23.76 -8.16
C LYS B 58 -13.07 -22.26 -7.90
N ASP B 59 -13.28 -21.92 -6.62
CA ASP B 59 -13.64 -20.56 -6.20
C ASP B 59 -12.53 -19.55 -6.54
N GLY B 60 -11.27 -19.91 -6.17
CA GLY B 60 -10.12 -19.03 -6.43
C GLY B 60 -10.19 -17.76 -5.58
N ALA B 61 -9.96 -17.92 -4.26
CA ALA B 61 -10.07 -16.83 -3.27
C ALA B 61 -8.99 -15.75 -3.47
N VAL B 62 -9.42 -14.47 -3.36
CA VAL B 62 -8.58 -13.26 -3.49
C VAL B 62 -7.99 -13.10 -4.92
N MET B 63 -8.65 -12.28 -5.75
CA MET B 63 -8.15 -11.86 -7.07
C MET B 63 -7.80 -10.37 -7.00
N VAL B 64 -6.52 -10.05 -7.23
CA VAL B 64 -6.02 -8.68 -7.21
C VAL B 64 -6.44 -7.93 -8.50
N MET B 65 -6.65 -6.61 -8.38
CA MET B 65 -7.01 -5.74 -9.51
C MET B 65 -5.74 -5.20 -10.18
N SER B 66 -5.58 -5.50 -11.47
CA SER B 66 -4.42 -5.07 -12.25
C SER B 66 -4.88 -4.67 -13.67
N TYR B 67 -4.27 -3.58 -14.19
CA TYR B 67 -4.48 -3.02 -15.55
C TYR B 67 -5.98 -2.82 -15.94
N GLY B 68 -6.23 -2.54 -17.24
CA GLY B 68 -7.58 -2.29 -17.75
C GLY B 68 -8.04 -0.86 -17.50
N ASN B 69 -9.34 -0.60 -17.82
CA ASN B 69 -10.04 0.69 -17.58
C ASN B 69 -9.49 1.86 -18.43
N SER B 70 -8.51 1.55 -19.32
CA SER B 70 -7.79 2.54 -20.15
C SER B 70 -7.12 3.63 -19.29
N GLU B 71 -6.83 3.30 -18.01
CA GLU B 71 -6.28 4.26 -17.03
C GLU B 71 -5.19 3.57 -16.21
N GLU B 72 -5.62 2.58 -15.38
CA GLU B 72 -4.74 1.73 -14.56
C GLU B 72 -3.98 0.73 -15.44
N ASP B 73 -4.29 0.72 -16.75
CA ASP B 73 -3.77 -0.20 -17.75
C ASP B 73 -2.23 -0.24 -17.77
N SER B 74 -1.62 0.92 -18.09
CA SER B 74 -0.15 1.05 -18.21
C SER B 74 0.54 0.92 -16.83
N GLN B 75 -0.15 1.36 -15.76
CA GLN B 75 0.39 1.32 -14.38
C GLN B 75 0.31 -0.10 -13.76
N GLU B 76 -0.64 -0.91 -14.29
CA GLU B 76 -0.90 -2.31 -13.87
C GLU B 76 -1.28 -2.43 -12.37
N HIS B 77 -0.25 -2.52 -11.51
CA HIS B 77 -0.42 -2.84 -10.06
C HIS B 77 -0.53 -1.55 -9.21
N THR B 78 -1.05 -0.46 -9.81
CA THR B 78 -1.20 0.85 -9.15
C THR B 78 -2.66 1.36 -9.33
N GLY B 79 -3.20 1.98 -8.25
CA GLY B 79 -4.60 2.47 -8.22
C GLY B 79 -4.90 3.56 -9.23
N SER B 80 -3.84 4.36 -9.59
CA SER B 80 -3.88 5.41 -10.62
C SER B 80 -4.98 6.46 -10.34
N GLN B 81 -4.70 7.36 -9.36
CA GLN B 81 -5.69 8.36 -8.89
C GLN B 81 -4.95 9.52 -8.15
N LEU B 82 -3.65 9.70 -8.48
CA LEU B 82 -2.79 10.70 -7.82
C LEU B 82 -2.93 12.08 -8.50
N ARG B 83 -4.05 12.75 -8.19
CA ARG B 83 -4.25 14.18 -8.47
C ARG B 83 -4.23 14.95 -7.15
N ILE B 84 -4.85 14.34 -6.13
CA ILE B 84 -5.04 14.94 -4.80
C ILE B 84 -4.45 14.01 -3.71
N ALA B 85 -3.76 14.62 -2.73
CA ALA B 85 -3.04 13.91 -1.65
C ALA B 85 -3.94 13.68 -0.42
N ALA B 86 -5.26 13.50 -0.69
CA ALA B 86 -6.28 13.33 0.36
C ALA B 86 -6.08 12.00 1.10
N TYR B 87 -5.39 12.06 2.25
CA TYR B 87 -5.27 10.91 3.19
C TYR B 87 -6.64 10.55 3.78
N GLY B 88 -6.86 9.25 4.01
CA GLY B 88 -8.09 8.75 4.64
C GLY B 88 -8.17 9.19 6.10
N PRO B 89 -9.09 10.13 6.46
CA PRO B 89 -9.05 10.82 7.78
C PRO B 89 -9.54 9.93 8.95
N HIS B 90 -10.52 9.04 8.66
CA HIS B 90 -11.13 8.10 9.64
C HIS B 90 -11.93 8.86 10.76
N ALA B 91 -12.05 10.21 10.62
CA ALA B 91 -12.73 11.10 11.59
C ALA B 91 -12.11 11.02 13.01
N ALA B 92 -10.81 10.67 13.09
CA ALA B 92 -10.11 10.40 14.37
C ALA B 92 -10.10 11.62 15.34
N ASN B 93 -10.21 12.82 14.77
CA ASN B 93 -10.25 14.09 15.52
C ASN B 93 -11.67 14.69 15.55
N VAL B 94 -12.55 14.18 14.66
CA VAL B 94 -13.96 14.64 14.55
C VAL B 94 -14.84 13.91 15.59
N VAL B 95 -14.88 12.56 15.50
CA VAL B 95 -15.61 11.73 16.49
C VAL B 95 -14.82 11.67 17.81
N GLY B 96 -13.47 11.63 17.69
CA GLY B 96 -12.57 11.72 18.85
C GLY B 96 -12.59 13.11 19.46
N LEU B 97 -12.23 13.22 20.76
CA LEU B 97 -12.30 14.47 21.52
C LEU B 97 -11.19 15.46 21.04
N THR B 98 -11.49 16.16 19.91
CA THR B 98 -10.59 17.06 19.14
C THR B 98 -9.10 16.63 19.07
N ASP B 99 -8.35 16.83 20.16
CA ASP B 99 -6.91 16.52 20.23
C ASP B 99 -6.67 15.00 20.34
N GLN B 100 -5.40 14.61 20.16
CA GLN B 100 -4.93 13.21 20.30
C GLN B 100 -4.50 12.94 21.76
N THR B 101 -4.46 11.64 22.14
CA THR B 101 -4.31 11.20 23.55
C THR B 101 -2.94 11.56 24.16
N ASP B 102 -1.89 11.71 23.30
CA ASP B 102 -0.55 12.16 23.73
C ASP B 102 0.26 12.64 22.51
N LEU B 103 -0.15 13.78 21.93
CA LEU B 103 0.54 14.40 20.77
C LEU B 103 -0.03 15.79 20.46
N PHE B 104 0.61 16.48 19.49
CA PHE B 104 0.29 17.88 19.12
C PHE B 104 -0.99 18.03 18.26
N TYR B 105 -1.93 17.05 18.34
CA TYR B 105 -3.28 17.12 17.67
C TYR B 105 -3.23 16.82 16.16
N THR B 106 -2.31 17.51 15.47
CA THR B 106 -2.39 17.78 14.02
C THR B 106 -1.85 16.62 13.13
N MET B 107 -1.79 15.41 13.71
CA MET B 107 -1.66 14.14 12.97
C MET B 107 -2.55 13.09 13.66
N LYS B 108 -3.38 12.40 12.87
CA LYS B 108 -4.40 11.47 13.37
C LYS B 108 -3.75 10.11 13.67
N ALA B 109 -3.20 9.49 12.60
CA ALA B 109 -2.59 8.15 12.66
C ALA B 109 -1.27 8.19 13.46
N ALA B 110 -1.42 8.03 14.79
CA ALA B 110 -0.34 8.06 15.79
C ALA B 110 -0.96 7.94 17.19
N LEU B 111 -1.93 8.87 17.44
CA LEU B 111 -2.67 9.02 18.71
C LEU B 111 -1.73 9.52 19.85
N GLY B 112 -0.81 8.66 20.30
CA GLY B 112 0.18 9.04 21.32
C GLY B 112 0.98 7.87 21.84
N LEU B 113 1.84 8.14 22.84
CA LEU B 113 2.66 7.09 23.49
C LEU B 113 1.91 6.47 24.67
N LYS B 114 0.90 7.18 25.17
CA LYS B 114 -0.03 6.69 26.20
C LYS B 114 -1.46 7.14 25.85
N MET A 12 -14.58 0.95 44.08
CA MET A 12 -14.54 -0.17 43.12
C MET A 12 -13.17 -0.87 43.20
N GLN A 13 -13.19 -2.22 43.35
CA GLN A 13 -11.95 -3.03 43.47
C GLN A 13 -11.33 -3.22 42.07
N VAL A 14 -10.33 -2.38 41.75
CA VAL A 14 -9.57 -2.46 40.49
C VAL A 14 -8.13 -2.92 40.77
N SER A 15 -7.66 -3.96 40.07
CA SER A 15 -6.31 -4.51 40.23
C SER A 15 -5.61 -4.63 38.88
N VAL A 16 -4.59 -3.78 38.66
CA VAL A 16 -3.82 -3.73 37.40
C VAL A 16 -2.68 -4.77 37.41
N GLU A 17 -2.65 -5.59 36.36
CA GLU A 17 -1.67 -6.69 36.18
C GLU A 17 -1.00 -6.52 34.82
N THR A 18 0.34 -6.62 34.75
CA THR A 18 1.06 -6.60 33.47
C THR A 18 1.27 -8.05 33.01
N THR A 19 0.39 -8.52 32.10
CA THR A 19 0.32 -9.93 31.70
C THR A 19 1.34 -10.27 30.60
N GLN A 20 1.36 -9.48 29.51
CA GLN A 20 2.26 -9.72 28.38
C GLN A 20 2.59 -8.39 27.67
N GLY A 21 3.69 -7.74 28.13
CA GLY A 21 4.19 -6.50 27.52
C GLY A 21 3.23 -5.33 27.64
N LEU A 22 2.51 -5.05 26.54
CA LEU A 22 1.51 -3.98 26.45
C LEU A 22 0.20 -4.46 27.14
N GLY A 23 -0.06 -5.78 27.02
CA GLY A 23 -1.23 -6.43 27.60
C GLY A 23 -1.29 -6.30 29.13
N ARG A 24 -2.39 -5.72 29.63
CA ARG A 24 -2.64 -5.48 31.07
C ARG A 24 -4.06 -5.89 31.44
N ARG A 25 -4.17 -6.70 32.50
CA ARG A 25 -5.43 -7.17 33.06
C ARG A 25 -5.85 -6.28 34.25
N VAL A 26 -6.78 -5.35 34.01
CA VAL A 26 -7.44 -4.59 35.08
C VAL A 26 -8.70 -5.38 35.52
N THR A 27 -8.54 -6.21 36.56
CA THR A 27 -9.63 -7.00 37.13
C THR A 27 -10.51 -6.10 38.02
N ILE A 28 -11.67 -5.71 37.48
CA ILE A 28 -12.64 -4.85 38.17
C ILE A 28 -13.71 -5.74 38.85
N THR A 29 -13.99 -5.46 40.12
CA THR A 29 -15.03 -6.12 40.89
C THR A 29 -16.09 -5.08 41.25
N ILE A 30 -17.32 -5.30 40.78
CA ILE A 30 -18.47 -4.45 41.09
C ILE A 30 -19.19 -5.05 42.31
N ALA A 31 -19.29 -4.26 43.39
CA ALA A 31 -19.87 -4.71 44.66
C ALA A 31 -21.39 -4.94 44.53
N ALA A 32 -21.93 -5.83 45.40
CA ALA A 32 -23.32 -6.31 45.37
C ALA A 32 -24.37 -5.17 45.35
N ASP A 33 -24.08 -4.12 46.14
CA ASP A 33 -24.96 -2.94 46.25
C ASP A 33 -24.96 -2.11 44.95
N SER A 34 -23.77 -2.00 44.33
CA SER A 34 -23.57 -1.21 43.10
C SER A 34 -24.26 -1.87 41.90
N ILE A 35 -24.31 -3.22 41.93
CA ILE A 35 -25.05 -4.04 40.95
C ILE A 35 -26.55 -3.79 41.11
N GLU A 36 -27.03 -3.98 42.36
CA GLU A 36 -28.46 -3.92 42.71
C GLU A 36 -29.07 -2.54 42.38
N THR A 37 -28.28 -1.47 42.64
CA THR A 37 -28.66 -0.10 42.31
C THR A 37 -28.81 0.06 40.77
N ALA A 38 -27.82 -0.48 40.03
CA ALA A 38 -27.76 -0.36 38.56
C ALA A 38 -28.88 -1.16 37.85
N VAL A 39 -29.27 -2.31 38.44
CA VAL A 39 -30.39 -3.14 37.96
C VAL A 39 -31.71 -2.41 38.20
N LYS A 40 -31.82 -1.80 39.38
CA LYS A 40 -33.00 -1.04 39.81
C LYS A 40 -33.15 0.26 38.99
N SER A 41 -31.99 0.81 38.55
CA SER A 41 -31.93 1.97 37.66
C SER A 41 -32.42 1.57 36.26
N GLU A 42 -32.08 0.34 35.85
CA GLU A 42 -32.49 -0.22 34.56
C GLU A 42 -34.01 -0.50 34.55
N LEU A 43 -34.54 -1.00 35.68
CA LEU A 43 -35.95 -1.38 35.81
C LEU A 43 -36.87 -0.16 35.74
N VAL A 44 -36.42 0.99 36.28
CA VAL A 44 -37.19 2.25 36.22
C VAL A 44 -37.01 2.93 34.84
N ASN A 45 -35.96 2.53 34.07
CA ASN A 45 -35.81 2.92 32.65
C ASN A 45 -36.89 2.22 31.81
N VAL A 46 -37.05 0.90 32.05
CA VAL A 46 -38.07 0.07 31.38
C VAL A 46 -39.48 0.53 31.81
N ALA A 47 -39.60 0.89 33.11
CA ALA A 47 -40.86 1.37 33.70
C ALA A 47 -41.32 2.66 33.02
N LYS A 48 -40.45 3.69 33.00
CA LYS A 48 -40.78 4.99 32.41
C LYS A 48 -40.98 4.91 30.88
N LYS A 49 -40.28 3.96 30.24
CA LYS A 49 -40.37 3.72 28.79
C LYS A 49 -41.79 3.25 28.38
N VAL A 50 -42.33 2.27 29.13
CA VAL A 50 -43.70 1.73 28.90
C VAL A 50 -44.73 2.47 29.80
N ARG A 51 -44.24 3.50 30.54
CA ARG A 51 -45.00 4.37 31.46
C ARG A 51 -45.58 3.58 32.68
N ILE A 52 -45.02 2.37 32.92
CA ILE A 52 -45.37 1.46 34.05
C ILE A 52 -45.25 2.19 35.41
N ASP A 53 -44.31 3.16 35.50
CA ASP A 53 -44.10 3.99 36.71
C ASP A 53 -45.35 4.84 37.04
N GLY A 54 -46.05 5.30 35.98
CA GLY A 54 -47.30 6.03 36.11
C GLY A 54 -48.44 5.12 36.60
N PHE A 55 -48.46 3.87 36.09
CA PHE A 55 -49.43 2.84 36.52
C PHE A 55 -49.07 2.30 37.91
N ARG A 56 -47.79 2.45 38.30
CA ARG A 56 -47.25 2.04 39.61
C ARG A 56 -47.89 2.89 40.72
N LYS A 57 -48.62 2.21 41.60
CA LYS A 57 -49.35 2.84 42.72
C LYS A 57 -48.56 2.73 44.03
N GLY A 58 -47.34 2.15 43.96
CA GLY A 58 -46.49 1.93 45.13
C GLY A 58 -47.05 0.86 46.07
N LYS A 59 -47.71 -0.14 45.48
CA LYS A 59 -48.28 -1.29 46.20
C LYS A 59 -47.17 -2.27 46.58
N VAL A 60 -46.34 -2.63 45.58
CA VAL A 60 -45.21 -3.54 45.78
C VAL A 60 -43.92 -2.70 45.85
N PRO A 61 -43.16 -2.71 47.00
CA PRO A 61 -41.86 -2.00 47.15
C PRO A 61 -40.88 -2.27 45.98
N MET A 62 -40.13 -1.22 45.59
CA MET A 62 -39.22 -1.26 44.44
C MET A 62 -38.06 -2.25 44.68
N ASN A 63 -37.72 -2.51 45.96
CA ASN A 63 -36.69 -3.51 46.33
C ASN A 63 -37.16 -4.95 46.02
N ILE A 64 -38.48 -5.20 46.21
CA ILE A 64 -39.10 -6.51 45.99
C ILE A 64 -39.19 -6.83 44.48
N VAL A 65 -39.67 -5.86 43.66
CA VAL A 65 -39.73 -6.05 42.19
C VAL A 65 -38.32 -6.10 41.56
N ALA A 66 -37.31 -5.55 42.28
CA ALA A 66 -35.91 -5.54 41.83
C ALA A 66 -35.29 -6.94 41.85
N GLN A 67 -35.48 -7.64 42.97
CA GLN A 67 -34.93 -8.99 43.17
C GLN A 67 -35.79 -10.07 42.46
N ARG A 68 -37.07 -9.73 42.14
CA ARG A 68 -37.99 -10.68 41.46
C ARG A 68 -37.97 -10.48 39.93
N TYR A 69 -38.53 -9.35 39.45
CA TYR A 69 -38.68 -9.06 38.00
C TYR A 69 -37.32 -8.69 37.36
N GLY A 70 -36.37 -8.24 38.18
CA GLY A 70 -35.03 -7.88 37.73
C GLY A 70 -34.03 -9.05 37.73
N ALA A 71 -34.55 -10.29 37.86
CA ALA A 71 -33.72 -11.51 37.95
C ALA A 71 -33.06 -11.85 36.60
N SER A 72 -33.84 -11.73 35.52
CA SER A 72 -33.37 -11.94 34.13
C SER A 72 -32.57 -10.71 33.66
N VAL A 73 -33.00 -9.54 34.16
CA VAL A 73 -32.42 -8.23 33.81
C VAL A 73 -30.97 -8.08 34.34
N ARG A 74 -30.59 -8.94 35.33
CA ARG A 74 -29.21 -9.01 35.86
C ARG A 74 -28.18 -9.16 34.71
N GLN A 75 -28.51 -10.05 33.75
CA GLN A 75 -27.67 -10.35 32.56
C GLN A 75 -27.30 -9.05 31.80
N ASP A 76 -28.35 -8.30 31.43
CA ASP A 76 -28.23 -7.07 30.62
C ASP A 76 -27.36 -6.03 31.33
N VAL A 77 -27.67 -5.80 32.61
CA VAL A 77 -27.02 -4.76 33.43
C VAL A 77 -25.53 -5.04 33.61
N LEU A 78 -25.18 -6.30 34.01
CA LEU A 78 -23.78 -6.73 34.23
C LEU A 78 -22.92 -6.52 32.98
N GLY A 79 -23.50 -6.89 31.82
CA GLY A 79 -22.83 -6.74 30.53
C GLY A 79 -22.49 -5.28 30.23
N ASP A 80 -23.48 -4.41 30.44
CA ASP A 80 -23.35 -2.94 30.29
C ASP A 80 -22.30 -2.36 31.28
N LEU A 81 -22.34 -2.88 32.52
CA LEU A 81 -21.47 -2.44 33.63
C LEU A 81 -20.00 -2.75 33.32
N MET A 82 -19.74 -3.79 32.50
CA MET A 82 -18.39 -4.16 32.08
C MET A 82 -17.70 -3.00 31.34
N SER A 83 -18.46 -2.31 30.48
CA SER A 83 -17.94 -1.19 29.67
C SER A 83 -17.92 0.11 30.50
N ARG A 84 -19.05 0.45 31.17
CA ARG A 84 -19.24 1.79 31.80
C ARG A 84 -18.45 1.96 33.11
N ASN A 85 -18.12 0.84 33.80
CA ASN A 85 -17.21 0.88 34.97
C ASN A 85 -15.74 0.92 34.52
N PHE A 86 -15.46 0.40 33.30
CA PHE A 86 -14.09 0.35 32.76
C PHE A 86 -13.66 1.71 32.20
N ILE A 87 -14.58 2.40 31.49
CA ILE A 87 -14.32 3.74 30.92
C ILE A 87 -14.13 4.77 32.06
N ASP A 88 -14.77 4.48 33.22
CA ASP A 88 -14.61 5.27 34.45
C ASP A 88 -13.25 4.93 35.10
N ALA A 89 -12.90 3.63 35.10
CA ALA A 89 -11.67 3.11 35.72
C ALA A 89 -10.41 3.67 35.05
N ILE A 90 -10.35 3.67 33.71
CA ILE A 90 -9.15 4.09 32.93
C ILE A 90 -8.75 5.56 33.20
N ILE A 91 -9.74 6.39 33.59
CA ILE A 91 -9.55 7.82 33.88
C ILE A 91 -8.79 8.01 35.22
N LYS A 92 -9.22 7.28 36.26
CA LYS A 92 -8.60 7.36 37.61
C LYS A 92 -7.26 6.60 37.63
N GLU A 93 -7.16 5.55 36.80
CA GLU A 93 -5.93 4.75 36.63
C GLU A 93 -4.91 5.48 35.76
N LYS A 94 -5.40 6.44 34.93
CA LYS A 94 -4.59 7.21 33.96
C LYS A 94 -3.96 6.30 32.89
N ILE A 95 -4.58 5.14 32.67
CA ILE A 95 -4.15 4.15 31.67
C ILE A 95 -5.13 4.22 30.49
N ASN A 96 -4.73 4.95 29.43
CA ASN A 96 -5.53 5.03 28.19
C ASN A 96 -5.42 3.68 27.44
N PRO A 97 -6.56 2.94 27.26
CA PRO A 97 -6.54 1.58 26.70
C PRO A 97 -6.34 1.56 25.16
N ALA A 98 -5.87 0.41 24.68
CA ALA A 98 -5.67 0.14 23.25
C ALA A 98 -5.98 -1.34 22.98
N GLY A 99 -6.08 -1.68 21.69
CA GLY A 99 -6.38 -3.04 21.25
C GLY A 99 -7.87 -3.33 21.31
N ALA A 100 -8.22 -4.51 21.83
CA ALA A 100 -9.60 -4.90 22.11
C ALA A 100 -9.71 -5.25 23.60
N PRO A 101 -10.19 -4.28 24.47
CA PRO A 101 -10.45 -4.57 25.89
C PRO A 101 -11.46 -5.73 26.04
N THR A 102 -10.95 -6.90 26.44
CA THR A 102 -11.74 -8.13 26.52
C THR A 102 -12.32 -8.28 27.93
N TYR A 103 -13.59 -7.88 28.08
CA TYR A 103 -14.33 -7.93 29.34
C TYR A 103 -14.76 -9.39 29.63
N VAL A 104 -13.84 -10.18 30.21
CA VAL A 104 -14.08 -11.60 30.54
C VAL A 104 -14.75 -11.69 31.93
N PRO A 105 -16.08 -11.99 32.03
CA PRO A 105 -16.76 -12.12 33.34
C PRO A 105 -16.27 -13.37 34.11
N GLY A 106 -15.53 -13.14 35.21
CA GLY A 106 -15.04 -14.21 36.08
C GLY A 106 -16.18 -15.03 36.65
N GLU A 107 -17.09 -14.36 37.38
CA GLU A 107 -18.30 -15.00 37.93
C GLU A 107 -19.30 -13.96 38.45
N TYR A 108 -20.53 -14.44 38.73
CA TYR A 108 -21.59 -13.67 39.39
C TYR A 108 -22.45 -14.61 40.25
N LYS A 109 -22.89 -14.10 41.41
CA LYS A 109 -23.87 -14.77 42.27
C LYS A 109 -25.08 -13.83 42.45
N LEU A 110 -26.29 -14.42 42.53
CA LEU A 110 -27.57 -13.67 42.47
C LEU A 110 -27.69 -12.66 43.65
N GLY A 111 -27.58 -11.37 43.30
CA GLY A 111 -27.67 -10.28 44.28
C GLY A 111 -26.36 -10.00 45.00
N GLU A 112 -25.36 -10.88 44.80
CA GLU A 112 -24.01 -10.76 45.37
C GLU A 112 -23.06 -10.18 44.31
N ASP A 113 -21.74 -10.14 44.62
CA ASP A 113 -20.74 -9.40 43.84
C ASP A 113 -20.50 -10.02 42.43
N PHE A 114 -20.05 -9.15 41.51
CA PHE A 114 -19.68 -9.50 40.13
C PHE A 114 -18.21 -9.16 39.92
N THR A 115 -17.48 -10.00 39.18
CA THR A 115 -16.08 -9.76 38.84
C THR A 115 -15.87 -10.00 37.33
N TYR A 116 -15.05 -9.15 36.69
CA TYR A 116 -14.65 -9.30 35.29
C TYR A 116 -13.22 -8.75 35.11
N SER A 117 -12.40 -9.50 34.37
CA SER A 117 -11.01 -9.15 34.07
C SER A 117 -10.90 -8.63 32.63
N VAL A 118 -10.37 -7.41 32.47
CA VAL A 118 -10.24 -6.75 31.16
C VAL A 118 -8.77 -6.73 30.72
N GLU A 119 -8.42 -7.52 29.68
CA GLU A 119 -7.07 -7.50 29.08
C GLU A 119 -7.08 -6.68 27.78
N PHE A 120 -6.11 -5.76 27.68
CA PHE A 120 -6.00 -4.78 26.59
C PHE A 120 -4.53 -4.35 26.42
N GLU A 121 -4.18 -3.86 25.23
CA GLU A 121 -2.85 -3.28 24.96
C GLU A 121 -2.79 -1.84 25.48
N VAL A 122 -1.58 -1.29 25.60
CA VAL A 122 -1.37 0.14 25.95
C VAL A 122 -0.53 0.81 24.86
N TYR A 123 -0.29 2.12 25.02
CA TYR A 123 0.57 2.92 24.13
C TYR A 123 2.02 2.78 24.61
N PRO A 124 2.90 2.03 23.86
CA PRO A 124 4.25 1.66 24.33
C PRO A 124 5.27 2.82 24.20
N GLU A 125 6.39 2.67 24.90
CA GLU A 125 7.50 3.63 24.85
C GLU A 125 8.34 3.34 23.59
N VAL A 126 7.94 3.98 22.49
CA VAL A 126 8.65 3.93 21.20
C VAL A 126 10.07 4.56 21.35
N GLU A 127 11.08 3.69 21.25
CA GLU A 127 12.48 4.04 21.51
C GLU A 127 13.20 4.40 20.21
N LEU A 128 13.33 5.72 19.94
CA LEU A 128 14.19 6.23 18.85
C LEU A 128 15.65 6.10 19.27
N GLN A 129 16.47 5.49 18.40
CA GLN A 129 17.87 5.16 18.69
C GLN A 129 18.72 5.52 17.46
N GLY A 130 19.58 6.57 17.60
CA GLY A 130 20.49 7.02 16.54
C GLY A 130 19.79 7.32 15.21
N LEU A 131 19.09 8.47 15.13
CA LEU A 131 18.39 8.90 13.90
C LEU A 131 19.39 9.42 12.85
N GLU A 132 20.64 9.63 13.31
CA GLU A 132 21.78 9.99 12.46
C GLU A 132 22.25 8.75 11.68
N ALA A 133 22.03 7.54 12.26
CA ALA A 133 22.42 6.25 11.65
C ALA A 133 21.58 5.89 10.42
N ILE A 134 20.41 6.55 10.29
CA ILE A 134 19.49 6.37 9.15
C ILE A 134 20.13 6.95 7.87
N GLU A 135 20.06 6.20 6.76
CA GLU A 135 20.66 6.61 5.46
C GLU A 135 19.54 6.73 4.41
N VAL A 136 19.27 7.98 4.00
CA VAL A 136 18.21 8.33 3.03
C VAL A 136 18.85 8.92 1.74
N GLU A 137 18.13 8.84 0.62
CA GLU A 137 18.49 9.51 -0.64
C GLU A 137 17.51 10.68 -0.86
N LYS A 138 18.04 11.79 -1.37
CA LYS A 138 17.25 12.94 -1.84
C LYS A 138 17.44 13.03 -3.36
N PRO A 139 16.56 12.34 -4.17
CA PRO A 139 16.65 12.38 -5.64
C PRO A 139 16.26 13.78 -6.18
N ILE A 140 17.26 14.64 -6.42
CA ILE A 140 17.06 15.93 -7.09
C ILE A 140 16.86 15.64 -8.58
N VAL A 141 15.59 15.38 -8.93
CA VAL A 141 15.19 15.04 -10.30
C VAL A 141 14.15 16.05 -10.78
N GLU A 142 14.28 16.39 -12.05
CA GLU A 142 13.33 17.21 -12.81
C GLU A 142 13.12 16.52 -14.15
N VAL A 143 12.08 16.91 -14.88
CA VAL A 143 11.83 16.40 -16.22
C VAL A 143 12.66 17.27 -17.19
N THR A 144 13.94 16.89 -17.37
CA THR A 144 14.92 17.65 -18.18
C THR A 144 14.55 17.58 -19.67
N ASP A 145 15.29 18.29 -20.55
CA ASP A 145 15.09 18.21 -22.02
C ASP A 145 15.26 16.76 -22.50
N ALA A 146 16.31 16.10 -21.98
CA ALA A 146 16.62 14.69 -22.26
C ALA A 146 15.48 13.76 -21.79
N ASP A 147 14.85 14.12 -20.65
CA ASP A 147 13.75 13.33 -20.06
C ASP A 147 12.43 13.54 -20.83
N VAL A 148 12.15 14.79 -21.27
CA VAL A 148 10.91 15.11 -22.01
C VAL A 148 10.93 14.38 -23.36
N ASP A 149 12.04 14.59 -24.12
CA ASP A 149 12.25 13.96 -25.43
C ASP A 149 12.34 12.44 -25.28
N GLY A 150 13.17 11.97 -24.33
CA GLY A 150 13.42 10.54 -24.12
C GLY A 150 12.20 9.74 -23.67
N MET A 151 11.35 10.35 -22.83
CA MET A 151 10.14 9.68 -22.29
C MET A 151 8.99 9.70 -23.31
N LEU A 152 8.72 10.86 -23.97
CA LEU A 152 7.83 10.92 -25.16
C LEU A 152 8.27 9.94 -26.27
N ASP A 153 9.60 9.75 -26.39
CA ASP A 153 10.22 8.78 -27.31
C ASP A 153 9.83 7.35 -26.88
N THR A 154 9.94 7.08 -25.55
CA THR A 154 9.54 5.79 -24.93
C THR A 154 8.03 5.50 -25.16
N LEU A 155 7.20 6.56 -25.10
CA LEU A 155 5.74 6.46 -25.29
C LEU A 155 5.40 6.14 -26.75
N ARG A 156 6.13 6.77 -27.67
CA ARG A 156 6.03 6.48 -29.11
C ARG A 156 6.71 5.13 -29.48
N LYS A 157 7.60 4.62 -28.60
CA LYS A 157 8.14 3.24 -28.75
C LYS A 157 7.22 2.19 -28.11
N GLN A 158 6.37 2.63 -27.17
CA GLN A 158 5.29 1.81 -26.59
C GLN A 158 4.18 1.64 -27.63
N GLN A 159 3.87 2.74 -28.33
CA GLN A 159 2.84 2.78 -29.40
C GLN A 159 3.52 2.83 -30.79
N ALA A 160 4.60 2.02 -30.96
CA ALA A 160 5.44 2.05 -32.16
C ALA A 160 4.80 1.34 -33.37
N THR A 161 4.97 1.96 -34.55
CA THR A 161 4.54 1.41 -35.85
C THR A 161 5.59 0.40 -36.35
N TRP A 162 5.14 -0.83 -36.67
CA TRP A 162 6.04 -1.91 -37.14
C TRP A 162 6.33 -1.71 -38.65
N LYS A 163 7.59 -1.37 -38.96
CA LYS A 163 8.04 -1.08 -40.33
C LYS A 163 9.17 -2.04 -40.73
N GLU A 164 8.93 -2.90 -41.73
CA GLU A 164 9.93 -3.88 -42.21
C GLU A 164 11.03 -3.17 -43.01
N LYS A 165 12.29 -3.28 -42.55
CA LYS A 165 13.48 -2.80 -43.30
C LYS A 165 14.28 -4.00 -43.88
N ASP A 166 15.36 -3.72 -44.64
CA ASP A 166 16.11 -4.74 -45.39
C ASP A 166 17.55 -4.88 -44.86
N GLY A 167 17.74 -5.90 -44.02
CA GLY A 167 19.06 -6.38 -43.60
C GLY A 167 19.94 -5.34 -42.89
N ALA A 168 19.45 -4.78 -41.78
CA ALA A 168 20.26 -3.90 -40.90
C ALA A 168 19.71 -3.93 -39.47
N VAL A 169 20.34 -4.74 -38.57
CA VAL A 169 19.84 -4.93 -37.20
C VAL A 169 20.57 -4.00 -36.21
N GLU A 170 19.78 -3.29 -35.40
CA GLU A 170 20.23 -2.36 -34.34
C GLU A 170 19.32 -2.51 -33.10
N ALA A 171 19.45 -1.55 -32.15
CA ALA A 171 18.64 -1.51 -30.91
C ALA A 171 17.26 -0.84 -31.13
N GLU A 172 16.99 -0.36 -32.35
CA GLU A 172 15.73 0.33 -32.69
C GLU A 172 14.74 -0.62 -33.37
N ASP A 173 15.09 -1.91 -33.39
CA ASP A 173 14.43 -2.91 -34.23
C ASP A 173 13.28 -3.64 -33.55
N ARG A 174 12.65 -4.48 -34.35
CA ARG A 174 11.70 -5.48 -33.91
C ARG A 174 11.96 -6.70 -34.83
N VAL A 175 12.86 -7.57 -34.38
CA VAL A 175 13.43 -8.65 -35.20
C VAL A 175 12.63 -9.95 -35.02
N THR A 176 12.65 -10.80 -36.05
CA THR A 176 12.06 -12.15 -36.02
C THR A 176 13.16 -13.14 -36.46
N ILE A 177 13.53 -14.06 -35.56
CA ILE A 177 14.66 -15.00 -35.75
C ILE A 177 14.25 -16.45 -35.50
N ASP A 178 15.17 -17.36 -35.79
CA ASP A 178 15.14 -18.75 -35.32
C ASP A 178 16.48 -19.05 -34.65
N PHE A 179 16.45 -19.68 -33.47
CA PHE A 179 17.69 -20.06 -32.75
C PHE A 179 17.66 -21.55 -32.38
N THR A 180 18.86 -22.16 -32.31
CA THR A 180 19.07 -23.47 -31.70
C THR A 180 20.30 -23.37 -30.75
N GLY A 181 20.04 -23.51 -29.45
CA GLY A 181 21.06 -23.35 -28.42
C GLY A 181 21.64 -24.66 -27.91
N SER A 182 22.92 -24.62 -27.51
CA SER A 182 23.58 -25.68 -26.74
C SER A 182 24.60 -24.99 -25.81
N VAL A 183 24.40 -25.16 -24.50
CA VAL A 183 25.13 -24.41 -23.45
C VAL A 183 26.41 -25.18 -23.09
N ASP A 184 27.58 -24.55 -23.38
CA ASP A 184 28.93 -25.19 -23.25
C ASP A 184 29.12 -26.34 -24.30
N GLY A 185 28.16 -26.47 -25.24
CA GLY A 185 28.18 -27.52 -26.26
C GLY A 185 27.09 -28.57 -26.09
N GLU A 186 26.49 -28.65 -24.88
CA GLU A 186 25.49 -29.68 -24.56
C GLU A 186 24.09 -29.07 -24.70
N GLU A 187 23.18 -29.82 -25.34
CA GLU A 187 21.81 -29.38 -25.56
C GLU A 187 21.00 -29.54 -24.26
N PHE A 188 21.09 -28.49 -23.43
CA PHE A 188 20.32 -28.30 -22.19
C PHE A 188 18.82 -28.66 -22.40
N GLU A 189 18.09 -27.76 -23.06
CA GLU A 189 16.71 -27.98 -23.51
C GLU A 189 16.72 -28.34 -24.99
N GLY A 190 15.54 -28.71 -25.50
CA GLY A 190 15.24 -28.57 -26.92
C GLY A 190 15.09 -27.09 -27.26
N GLY A 191 16.23 -26.37 -27.25
CA GLY A 191 16.28 -24.91 -27.36
C GLY A 191 16.12 -24.37 -28.78
N LYS A 192 14.99 -24.73 -29.41
CA LYS A 192 14.56 -24.21 -30.71
C LYS A 192 13.38 -23.26 -30.53
N ALA A 193 13.30 -22.28 -31.44
CA ALA A 193 12.17 -21.34 -31.52
C ALA A 193 12.20 -20.64 -32.88
N SER A 194 11.46 -21.20 -33.86
CA SER A 194 11.34 -20.63 -35.21
C SER A 194 10.39 -19.43 -35.19
N ASP A 195 10.84 -18.30 -35.77
CA ASP A 195 10.07 -17.06 -35.90
C ASP A 195 9.78 -16.42 -34.52
N PHE A 196 10.74 -16.60 -33.58
CA PHE A 196 10.74 -15.89 -32.30
C PHE A 196 10.88 -14.37 -32.56
N VAL A 197 10.00 -13.58 -31.95
CA VAL A 197 9.97 -12.13 -32.11
C VAL A 197 10.76 -11.47 -30.97
N LEU A 198 12.00 -11.03 -31.28
CA LEU A 198 12.79 -10.20 -30.38
C LEU A 198 12.57 -8.72 -30.72
N ALA A 199 11.58 -8.12 -30.04
CA ALA A 199 11.33 -6.67 -30.12
C ALA A 199 12.48 -5.92 -29.43
N MET A 200 13.49 -5.54 -30.25
CA MET A 200 14.73 -4.90 -29.76
C MET A 200 14.45 -3.51 -29.19
N GLY A 201 15.33 -3.07 -28.28
CA GLY A 201 15.18 -1.80 -27.58
C GLY A 201 15.00 -1.99 -26.10
N GLN A 202 14.62 -3.21 -25.69
CA GLN A 202 14.51 -3.60 -24.28
C GLN A 202 15.72 -4.46 -23.89
N GLY A 203 16.46 -4.02 -22.85
CA GLY A 203 17.58 -4.76 -22.29
C GLY A 203 17.10 -5.80 -21.29
N ARG A 204 16.28 -6.74 -21.78
CA ARG A 204 15.55 -7.72 -20.95
C ARG A 204 16.29 -9.08 -21.00
N MET A 205 16.95 -9.35 -22.13
CA MET A 205 17.68 -10.61 -22.34
C MET A 205 19.01 -10.62 -21.56
N ILE A 206 19.54 -11.84 -21.36
CA ILE A 206 20.86 -12.06 -20.75
C ILE A 206 21.96 -11.37 -21.60
N PRO A 207 22.89 -10.57 -20.94
CA PRO A 207 23.95 -9.81 -21.64
C PRO A 207 24.82 -10.71 -22.54
N GLY A 208 24.76 -10.47 -23.85
CA GLY A 208 25.44 -11.27 -24.86
C GLY A 208 24.47 -11.74 -25.93
N PHE A 209 23.25 -12.18 -25.52
CA PHE A 209 22.25 -12.76 -26.44
C PHE A 209 21.76 -11.69 -27.40
N GLU A 210 21.08 -10.67 -26.85
CA GLU A 210 20.48 -9.59 -27.65
C GLU A 210 21.57 -8.74 -28.32
N ASP A 211 22.76 -8.70 -27.71
CA ASP A 211 23.94 -7.99 -28.25
C ASP A 211 24.45 -8.68 -29.52
N GLY A 212 24.29 -10.02 -29.56
CA GLY A 212 24.66 -10.82 -30.72
C GLY A 212 23.66 -10.73 -31.86
N ILE A 213 22.49 -10.13 -31.58
CA ILE A 213 21.42 -9.90 -32.57
C ILE A 213 21.61 -8.52 -33.21
N LYS A 214 21.69 -7.49 -32.33
CA LYS A 214 21.67 -6.06 -32.70
C LYS A 214 23.06 -5.53 -33.13
N GLY A 215 23.86 -6.42 -33.73
CA GLY A 215 25.19 -6.06 -34.23
C GLY A 215 25.47 -6.75 -35.55
N HIS A 216 24.39 -7.09 -36.28
CA HIS A 216 24.44 -7.88 -37.53
C HIS A 216 23.34 -7.41 -38.52
N LYS A 217 23.08 -8.20 -39.56
CA LYS A 217 22.08 -7.91 -40.61
C LYS A 217 21.41 -9.20 -41.11
N ALA A 218 20.22 -9.09 -41.72
CA ALA A 218 19.49 -10.29 -42.24
C ALA A 218 20.24 -10.96 -43.40
N GLY A 219 20.13 -12.29 -43.46
CA GLY A 219 20.70 -13.09 -44.55
C GLY A 219 21.74 -14.05 -44.01
N GLU A 220 22.59 -13.53 -43.11
CA GLU A 220 23.61 -14.32 -42.44
C GLU A 220 22.97 -15.16 -41.31
N GLU A 221 23.29 -16.46 -41.30
CA GLU A 221 22.89 -17.40 -40.25
C GLU A 221 24.17 -17.88 -39.54
N PHE A 222 24.34 -17.43 -38.29
CA PHE A 222 25.60 -17.58 -37.50
C PHE A 222 25.29 -18.18 -36.13
N THR A 223 26.29 -18.20 -35.26
CA THR A 223 26.16 -18.64 -33.87
C THR A 223 26.81 -17.60 -32.95
N ILE A 224 26.09 -17.15 -31.92
CA ILE A 224 26.60 -16.18 -30.94
C ILE A 224 27.07 -16.90 -29.68
N ASP A 225 28.07 -16.30 -29.02
CA ASP A 225 28.54 -16.70 -27.69
C ASP A 225 27.92 -15.77 -26.65
N VAL A 226 27.03 -16.34 -25.83
CA VAL A 226 26.47 -15.69 -24.64
C VAL A 226 27.06 -16.40 -23.41
N THR A 227 26.91 -15.81 -22.24
CA THR A 227 27.27 -16.46 -20.97
C THR A 227 26.23 -16.09 -19.91
N PHE A 228 25.69 -17.11 -19.23
CA PHE A 228 24.71 -16.92 -18.15
C PHE A 228 25.43 -16.35 -16.90
N PRO A 229 24.85 -15.29 -16.24
CA PRO A 229 25.38 -14.69 -14.98
C PRO A 229 25.82 -15.71 -13.89
N GLU A 230 26.64 -15.23 -12.94
CA GLU A 230 27.05 -16.02 -11.77
C GLU A 230 25.90 -16.10 -10.75
N GLU A 231 25.05 -15.05 -10.71
CA GLU A 231 23.87 -15.02 -9.86
C GLU A 231 22.79 -16.00 -10.40
N TYR A 232 22.79 -16.17 -11.74
CA TYR A 232 21.77 -16.93 -12.52
C TYR A 232 21.53 -18.32 -11.88
N HIS A 233 20.43 -18.43 -11.12
CA HIS A 233 20.22 -19.49 -10.11
C HIS A 233 20.05 -20.89 -10.71
N ALA A 234 19.80 -20.96 -12.03
CA ALA A 234 19.93 -22.22 -12.79
C ALA A 234 21.43 -22.58 -12.85
N GLU A 235 21.90 -23.40 -11.87
CA GLU A 235 23.32 -23.77 -11.70
C GLU A 235 23.88 -24.44 -12.96
N ASN A 236 23.07 -25.33 -13.54
CA ASN A 236 23.43 -26.10 -14.75
C ASN A 236 23.70 -25.20 -15.99
N LEU A 237 23.27 -23.91 -15.92
CA LEU A 237 23.54 -22.89 -16.96
C LEU A 237 24.59 -21.87 -16.46
N LYS A 238 24.57 -21.63 -15.14
CA LYS A 238 25.38 -20.57 -14.44
C LYS A 238 26.87 -20.66 -14.81
N GLY A 239 27.41 -19.56 -15.37
CA GLY A 239 28.82 -19.44 -15.69
C GLY A 239 29.20 -19.98 -17.07
N LYS A 240 28.38 -20.89 -17.62
CA LYS A 240 28.64 -21.53 -18.92
C LYS A 240 28.36 -20.55 -20.08
N ALA A 241 29.14 -20.71 -21.15
CA ALA A 241 29.02 -19.93 -22.38
C ALA A 241 28.18 -20.72 -23.40
N ALA A 242 26.97 -20.20 -23.68
CA ALA A 242 26.00 -20.86 -24.56
C ALA A 242 26.17 -20.45 -26.02
N LYS A 243 26.16 -21.45 -26.89
CA LYS A 243 26.14 -21.28 -28.35
C LYS A 243 24.68 -21.22 -28.82
N PHE A 244 24.20 -20.04 -29.21
CA PHE A 244 22.85 -19.89 -29.80
C PHE A 244 23.01 -19.57 -31.30
N ALA A 245 22.66 -20.55 -32.15
CA ALA A 245 22.77 -20.39 -33.60
C ALA A 245 21.60 -19.54 -34.14
N ILE A 246 21.87 -18.24 -34.30
CA ILE A 246 20.87 -17.23 -34.68
C ILE A 246 20.73 -17.14 -36.20
N ASN A 247 19.49 -17.23 -36.68
CA ASN A 247 19.14 -17.16 -38.10
C ASN A 247 18.33 -15.88 -38.34
N LEU A 248 18.98 -14.83 -38.87
CA LEU A 248 18.33 -13.53 -39.14
C LEU A 248 17.51 -13.62 -40.44
N LYS A 249 16.22 -13.91 -40.28
CA LYS A 249 15.28 -14.07 -41.41
C LYS A 249 14.51 -12.77 -41.69
N LYS A 250 14.00 -12.12 -40.62
CA LYS A 250 13.22 -10.88 -40.74
C LYS A 250 13.80 -9.80 -39.84
N VAL A 251 13.89 -8.58 -40.40
CA VAL A 251 14.35 -7.37 -39.70
C VAL A 251 13.30 -6.28 -39.90
N GLU A 252 12.50 -6.03 -38.85
CA GLU A 252 11.57 -4.90 -38.81
C GLU A 252 12.16 -3.81 -37.90
N GLU A 253 11.38 -2.75 -37.69
CA GLU A 253 11.78 -1.65 -36.81
C GLU A 253 10.54 -1.15 -36.05
N ARG A 254 10.68 -1.03 -34.71
CA ARG A 254 9.66 -0.35 -33.89
C ARG A 254 9.88 1.18 -34.05
N GLU A 255 9.28 1.70 -35.12
CA GLU A 255 9.42 3.10 -35.55
C GLU A 255 8.48 4.02 -34.75
N LEU A 256 8.97 5.25 -34.46
CA LEU A 256 8.18 6.32 -33.84
C LEU A 256 7.01 6.71 -34.77
N PRO A 257 5.72 6.57 -34.33
CA PRO A 257 4.52 6.96 -35.13
C PRO A 257 4.41 8.48 -35.34
N GLU A 258 3.24 8.91 -35.85
CA GLU A 258 2.90 10.34 -36.02
C GLU A 258 2.85 11.05 -34.66
N LEU A 259 3.21 12.33 -34.67
CA LEU A 259 3.02 13.24 -33.52
C LEU A 259 2.14 14.44 -33.98
N THR A 260 1.47 14.26 -35.14
CA THR A 260 0.62 15.28 -35.79
C THR A 260 -0.64 15.61 -34.95
N ALA A 261 -1.47 16.55 -35.46
CA ALA A 261 -2.57 17.22 -34.72
C ALA A 261 -3.39 16.30 -33.80
N GLU A 262 -4.06 15.30 -34.40
CA GLU A 262 -5.01 14.40 -33.70
C GLU A 262 -4.29 13.35 -32.81
N PHE A 263 -2.96 13.35 -32.81
CA PHE A 263 -2.13 12.54 -31.89
C PHE A 263 -1.65 13.41 -30.71
N ILE A 264 -1.06 14.57 -31.03
CA ILE A 264 -0.50 15.50 -30.01
C ILE A 264 -1.60 16.06 -29.08
N LYS A 265 -2.84 16.19 -29.62
CA LYS A 265 -4.00 16.65 -28.83
C LYS A 265 -4.56 15.54 -27.91
N ARG A 266 -4.20 14.27 -28.22
CA ARG A 266 -4.76 13.08 -27.54
C ARG A 266 -4.28 13.01 -26.07
N PHE A 267 -3.17 13.73 -25.78
CA PHE A 267 -2.60 13.85 -24.43
C PHE A 267 -3.45 14.77 -23.54
N GLY A 268 -4.25 15.67 -24.16
CA GLY A 268 -5.13 16.60 -23.42
C GLY A 268 -5.16 17.99 -24.02
N VAL A 269 -4.03 18.37 -24.66
CA VAL A 269 -3.86 19.70 -25.28
C VAL A 269 -4.63 19.77 -26.62
N GLU A 270 -5.93 20.08 -26.51
CA GLU A 270 -6.89 19.95 -27.63
C GLU A 270 -6.59 20.86 -28.85
N ASP A 271 -5.93 22.02 -28.62
CA ASP A 271 -5.49 22.91 -29.72
C ASP A 271 -4.22 22.34 -30.38
N GLY A 272 -3.39 21.66 -29.56
CA GLY A 272 -2.18 20.97 -30.03
C GLY A 272 -0.91 21.81 -29.88
N SER A 273 -0.93 22.82 -28.98
CA SER A 273 0.22 23.72 -28.74
C SER A 273 1.43 22.93 -28.18
N VAL A 274 2.58 23.03 -28.88
CA VAL A 274 3.84 22.32 -28.53
C VAL A 274 4.29 22.66 -27.10
N GLU A 275 4.43 23.96 -26.82
CA GLU A 275 4.72 24.48 -25.47
C GLU A 275 3.63 24.10 -24.44
N GLY A 276 2.40 23.83 -24.94
CA GLY A 276 1.30 23.38 -24.10
C GLY A 276 1.42 21.89 -23.81
N LEU A 277 2.08 21.16 -24.75
CA LEU A 277 2.34 19.73 -24.60
C LEU A 277 3.47 19.54 -23.60
N ARG A 278 4.45 20.48 -23.61
CA ARG A 278 5.57 20.48 -22.63
C ARG A 278 5.02 20.64 -21.21
N ALA A 279 4.02 21.55 -21.06
CA ALA A 279 3.27 21.75 -19.82
C ALA A 279 2.55 20.45 -19.38
N GLU A 280 1.78 19.88 -20.33
CA GLU A 280 0.98 18.66 -20.13
C GLU A 280 1.86 17.48 -19.67
N VAL A 281 2.90 17.20 -20.45
CA VAL A 281 3.77 16.05 -20.24
C VAL A 281 4.59 16.22 -18.97
N ARG A 282 5.08 17.46 -18.66
CA ARG A 282 5.90 17.66 -17.45
C ARG A 282 5.03 17.42 -16.19
N LYS A 283 3.76 17.94 -16.17
CA LYS A 283 2.89 17.79 -14.97
C LYS A 283 2.36 16.35 -14.83
N ASN A 284 2.27 15.60 -15.96
CA ASN A 284 2.04 14.13 -15.93
C ASN A 284 3.27 13.43 -15.30
N MET A 285 4.46 13.76 -15.85
CA MET A 285 5.72 13.11 -15.51
C MET A 285 6.22 13.54 -14.13
N GLU A 286 5.65 14.63 -13.55
CA GLU A 286 5.93 15.05 -12.15
C GLU A 286 4.95 14.35 -11.20
N ARG A 287 3.69 14.21 -11.62
CA ARG A 287 2.66 13.43 -10.89
C ARG A 287 3.09 11.95 -10.78
N GLU A 288 3.93 11.50 -11.73
CA GLU A 288 4.65 10.22 -11.63
C GLU A 288 5.97 10.37 -10.81
N LEU A 289 6.96 11.05 -11.40
CA LEU A 289 8.35 11.14 -10.91
C LEU A 289 8.47 11.82 -9.54
N LYS A 290 7.93 13.04 -9.42
CA LYS A 290 8.11 13.88 -8.21
C LYS A 290 7.33 13.31 -7.02
N SER A 291 6.23 12.61 -7.32
CA SER A 291 5.49 11.80 -6.35
C SER A 291 6.39 10.65 -5.88
N ALA A 292 7.03 9.96 -6.86
CA ALA A 292 7.97 8.86 -6.59
C ALA A 292 9.21 9.34 -5.81
N ILE A 293 9.60 10.62 -6.01
CA ILE A 293 10.73 11.26 -5.27
C ILE A 293 10.33 11.38 -3.80
N ARG A 294 9.18 12.04 -3.55
CA ARG A 294 8.67 12.28 -2.19
C ARG A 294 8.49 10.93 -1.44
N ASN A 295 7.94 9.92 -2.15
CA ASN A 295 7.72 8.58 -1.60
C ASN A 295 9.06 7.83 -1.38
N ARG A 296 10.08 8.09 -2.24
CA ARG A 296 11.43 7.48 -2.09
C ARG A 296 12.10 7.99 -0.81
N VAL A 297 12.14 9.32 -0.65
CA VAL A 297 12.77 9.99 0.50
C VAL A 297 12.05 9.58 1.81
N LYS A 298 10.69 9.61 1.74
CA LYS A 298 9.83 9.26 2.89
C LYS A 298 9.98 7.78 3.27
N SER A 299 10.06 6.87 2.28
CA SER A 299 10.18 5.42 2.53
C SER A 299 11.50 5.09 3.22
N GLN A 300 12.59 5.72 2.74
CA GLN A 300 13.92 5.54 3.33
C GLN A 300 13.98 6.13 4.76
N ALA A 301 13.25 7.24 4.99
CA ALA A 301 13.14 7.86 6.33
C ALA A 301 12.43 6.93 7.33
N ILE A 302 11.25 6.40 6.93
CA ILE A 302 10.38 5.59 7.81
C ILE A 302 10.97 4.18 8.03
N GLU A 303 11.25 3.47 6.93
CA GLU A 303 11.88 2.14 6.97
C GLU A 303 13.31 2.23 7.53
N GLY A 304 13.96 3.42 7.37
CA GLY A 304 15.23 3.71 8.04
C GLY A 304 15.06 3.83 9.56
N LEU A 305 13.96 4.49 10.01
CA LEU A 305 13.58 4.59 11.44
C LEU A 305 13.44 3.20 12.06
N VAL A 306 12.69 2.31 11.35
CA VAL A 306 12.51 0.90 11.78
C VAL A 306 13.88 0.21 11.90
N LYS A 307 14.65 0.30 10.80
CA LYS A 307 15.95 -0.37 10.65
C LYS A 307 17.02 0.23 11.61
N ALA A 308 16.75 1.44 12.12
CA ALA A 308 17.63 2.13 13.08
C ALA A 308 17.30 1.77 14.54
N ASN A 309 16.04 1.36 14.84
CA ASN A 309 15.60 1.23 16.25
C ASN A 309 14.40 0.29 16.44
N ASP A 310 14.30 -0.26 17.67
CA ASP A 310 13.20 -1.15 18.09
C ASP A 310 11.88 -0.37 18.14
N ILE A 311 10.79 -1.06 17.79
CA ILE A 311 9.44 -0.49 17.81
C ILE A 311 8.43 -1.57 18.26
N ASP A 312 7.77 -1.31 19.40
CA ASP A 312 6.63 -2.12 19.87
C ASP A 312 5.38 -1.65 19.13
N VAL A 313 4.80 -2.58 18.38
CA VAL A 313 3.74 -2.30 17.40
C VAL A 313 2.40 -2.90 17.90
N PRO A 314 1.46 -2.08 18.50
CA PRO A 314 0.17 -2.59 19.02
C PRO A 314 -0.82 -2.92 17.87
N ALA A 315 -1.44 -4.12 17.97
CA ALA A 315 -2.42 -4.64 16.98
C ALA A 315 -3.65 -3.73 16.86
N ALA A 316 -3.85 -2.87 17.88
CA ALA A 316 -4.84 -1.79 17.89
C ALA A 316 -4.85 -1.00 16.59
N LEU A 317 -3.67 -0.49 16.25
CA LEU A 317 -3.48 0.44 15.14
C LEU A 317 -3.44 -0.32 13.80
N ILE A 318 -2.99 -1.62 13.82
CA ILE A 318 -3.03 -2.51 12.63
C ILE A 318 -4.49 -2.67 12.19
N ASP A 319 -5.34 -3.10 13.15
CA ASP A 319 -6.77 -3.34 12.89
C ASP A 319 -7.50 -2.02 12.63
N SER A 320 -7.02 -0.93 13.25
CA SER A 320 -7.57 0.43 13.06
C SER A 320 -7.41 0.88 11.59
N GLU A 321 -6.18 0.82 11.07
CA GLU A 321 -5.84 1.36 9.74
C GLU A 321 -6.25 0.39 8.62
N ILE A 322 -6.21 -0.93 8.90
CA ILE A 322 -6.85 -1.94 8.04
C ILE A 322 -8.36 -1.60 7.93
N ASP A 323 -9.00 -1.33 9.10
CA ASP A 323 -10.46 -0.96 9.17
C ASP A 323 -10.79 0.26 8.31
N VAL A 324 -9.89 1.28 8.37
CA VAL A 324 -9.95 2.46 7.48
C VAL A 324 -10.08 2.00 6.02
N LEU A 325 -9.07 1.22 5.62
CA LEU A 325 -8.91 0.76 4.24
C LEU A 325 -9.96 -0.31 3.84
N ARG A 326 -10.62 -0.93 4.85
CA ARG A 326 -11.71 -1.92 4.63
C ARG A 326 -13.00 -1.18 4.23
N ARG A 327 -13.36 -0.14 5.02
CA ARG A 327 -14.55 0.70 4.75
C ARG A 327 -14.36 1.48 3.42
N GLN A 328 -13.13 2.00 3.25
CA GLN A 328 -12.73 2.77 2.06
C GLN A 328 -12.78 1.88 0.79
N ALA A 329 -12.37 0.60 0.96
CA ALA A 329 -12.45 -0.40 -0.13
C ALA A 329 -13.91 -0.62 -0.52
N ALA A 330 -14.74 -1.05 0.45
CA ALA A 330 -16.17 -1.36 0.22
C ALA A 330 -16.95 -0.18 -0.39
N GLN A 331 -16.55 1.04 -0.01
CA GLN A 331 -17.12 2.30 -0.55
C GLN A 331 -16.80 2.44 -2.05
N ARG A 332 -15.55 2.07 -2.42
CA ARG A 332 -15.04 2.17 -3.82
C ARG A 332 -15.26 0.85 -4.58
N PHE A 333 -15.77 -0.16 -3.87
CA PHE A 333 -16.13 -1.48 -4.42
C PHE A 333 -17.63 -1.52 -4.79
N GLY A 334 -18.29 -0.34 -4.74
CA GLY A 334 -19.69 -0.19 -5.14
C GLY A 334 -20.68 -0.62 -4.06
N GLY A 335 -20.16 -0.84 -2.83
CA GLY A 335 -20.98 -1.33 -1.72
C GLY A 335 -21.27 -2.83 -1.81
N ASN A 336 -20.50 -3.52 -2.67
CA ASN A 336 -20.58 -4.98 -2.85
C ASN A 336 -19.92 -5.68 -1.65
N GLU A 337 -20.39 -6.92 -1.35
CA GLU A 337 -19.93 -7.78 -0.24
C GLU A 337 -20.43 -7.24 1.13
N LYS A 338 -19.87 -6.08 1.57
CA LYS A 338 -20.14 -5.47 2.89
C LYS A 338 -19.64 -6.35 4.07
N GLN A 339 -18.89 -7.39 3.71
CA GLN A 339 -18.16 -8.25 4.64
C GLN A 339 -16.75 -7.67 4.87
N ALA A 340 -16.58 -6.39 4.47
CA ALA A 340 -15.32 -5.65 4.47
C ALA A 340 -14.55 -5.75 5.78
N LEU A 341 -15.28 -5.84 6.92
CA LEU A 341 -14.69 -6.00 8.28
C LEU A 341 -13.71 -7.21 8.35
N GLU A 342 -13.96 -8.23 7.51
CA GLU A 342 -13.15 -9.47 7.40
C GLU A 342 -12.44 -9.56 6.01
N LEU A 343 -12.09 -8.39 5.41
CA LEU A 343 -11.26 -8.36 4.18
C LEU A 343 -9.86 -8.97 4.46
N PRO A 344 -9.35 -9.89 3.57
CA PRO A 344 -8.01 -10.50 3.66
C PRO A 344 -6.90 -9.50 4.05
N ARG A 345 -6.18 -9.81 5.16
CA ARG A 345 -5.16 -8.92 5.75
C ARG A 345 -4.14 -8.48 4.71
N GLU A 346 -3.61 -9.44 3.92
CA GLU A 346 -2.55 -9.19 2.91
C GLU A 346 -2.96 -8.17 1.80
N LEU A 347 -4.25 -7.73 1.76
CA LEU A 347 -4.68 -6.61 0.90
C LEU A 347 -4.14 -5.27 1.45
N PHE A 348 -4.26 -5.10 2.78
CA PHE A 348 -3.99 -3.82 3.47
C PHE A 348 -2.92 -3.94 4.57
N GLU A 349 -2.35 -5.15 4.75
CA GLU A 349 -1.44 -5.47 5.88
C GLU A 349 -0.23 -4.53 5.87
N GLU A 350 0.47 -4.51 4.73
CA GLU A 350 1.70 -3.73 4.53
C GLU A 350 1.45 -2.24 4.83
N GLN A 351 0.54 -1.63 4.06
CA GLN A 351 0.26 -0.18 4.12
C GLN A 351 -0.33 0.29 5.47
N ALA A 352 -1.21 -0.53 6.07
CA ALA A 352 -1.85 -0.19 7.37
C ALA A 352 -0.83 -0.26 8.51
N LYS A 353 -0.13 -1.42 8.60
CA LYS A 353 0.96 -1.64 9.58
C LYS A 353 2.08 -0.59 9.40
N ARG A 354 2.21 -0.09 8.15
CA ARG A 354 3.14 1.00 7.79
C ARG A 354 2.61 2.34 8.35
N ARG A 355 1.26 2.54 8.33
CA ARG A 355 0.63 3.76 8.93
C ARG A 355 0.86 3.76 10.46
N VAL A 356 0.85 2.55 11.06
CA VAL A 356 1.17 2.33 12.50
C VAL A 356 2.61 2.79 12.80
N VAL A 357 3.54 2.23 12.00
CA VAL A 357 4.98 2.52 12.06
C VAL A 357 5.25 4.05 11.98
N VAL A 358 4.59 4.71 11.01
CA VAL A 358 4.66 6.17 10.82
C VAL A 358 4.10 6.92 12.07
N GLY A 359 2.92 6.48 12.53
CA GLY A 359 2.21 7.12 13.65
C GLY A 359 2.99 7.10 14.96
N LEU A 360 3.69 5.98 15.21
CA LEU A 360 4.47 5.77 16.44
C LEU A 360 5.84 6.47 16.35
N LEU A 361 6.63 6.11 15.31
CA LEU A 361 8.01 6.61 15.15
C LEU A 361 8.03 8.13 14.89
N LEU A 362 7.24 8.62 13.91
CA LEU A 362 7.18 10.05 13.59
C LEU A 362 6.44 10.83 14.68
N GLY A 363 5.43 10.20 15.32
CA GLY A 363 4.75 10.81 16.48
C GLY A 363 5.72 11.15 17.60
N GLU A 364 6.65 10.21 17.85
CA GLU A 364 7.74 10.40 18.80
C GLU A 364 8.71 11.50 18.33
N VAL A 365 9.06 11.51 17.01
CA VAL A 365 9.92 12.57 16.40
C VAL A 365 9.30 13.98 16.58
N ILE A 366 7.97 14.07 16.42
CA ILE A 366 7.22 15.34 16.52
C ILE A 366 7.22 15.84 17.98
N ARG A 367 7.04 14.91 18.92
CA ARG A 367 7.15 15.20 20.36
C ARG A 367 8.56 15.74 20.70
N THR A 368 9.60 14.95 20.34
CA THR A 368 11.01 15.24 20.64
C THR A 368 11.48 16.57 20.02
N ASN A 369 11.04 16.85 18.79
CA ASN A 369 11.41 18.06 18.03
C ASN A 369 10.34 19.18 18.17
N GLU A 370 9.34 18.96 19.09
CA GLU A 370 8.21 19.91 19.38
C GLU A 370 7.61 20.60 18.13
N LEU A 371 7.26 19.77 17.13
CA LEU A 371 6.76 20.21 15.83
C LEU A 371 5.24 20.49 15.88
N LYS A 372 4.82 21.53 15.16
CA LYS A 372 3.42 21.82 14.85
C LYS A 372 3.30 22.04 13.33
N ALA A 373 2.13 21.74 12.75
CA ALA A 373 1.89 21.89 11.29
C ALA A 373 2.01 23.36 10.88
N ASP A 374 3.21 23.75 10.41
CA ASP A 374 3.52 25.13 10.04
C ASP A 374 2.74 25.51 8.78
N GLU A 375 2.15 26.73 8.79
CA GLU A 375 1.18 27.17 7.77
C GLU A 375 1.80 27.16 6.36
N GLU A 376 3.10 27.50 6.27
CA GLU A 376 3.84 27.52 5.00
C GLU A 376 3.95 26.10 4.41
N ARG A 377 4.05 25.09 5.31
CA ARG A 377 4.21 23.68 4.90
C ARG A 377 2.84 23.07 4.51
N VAL A 378 1.77 23.49 5.24
CA VAL A 378 0.38 23.15 4.90
C VAL A 378 0.06 23.62 3.45
N LYS A 379 0.24 24.93 3.21
CA LYS A 379 0.01 25.57 1.89
C LYS A 379 0.97 25.01 0.82
N GLY A 380 2.20 24.65 1.26
CA GLY A 380 3.19 23.99 0.41
C GLY A 380 2.64 22.72 -0.21
N LEU A 381 2.13 21.81 0.67
CA LEU A 381 1.48 20.56 0.26
C LEU A 381 0.30 20.83 -0.68
N ILE A 382 -0.55 21.82 -0.31
CA ILE A 382 -1.72 22.24 -1.12
C ILE A 382 -1.31 22.46 -2.58
N GLU A 383 -0.39 23.42 -2.82
CA GLU A 383 -0.04 23.86 -4.18
C GLU A 383 0.77 22.78 -4.96
N GLU A 384 1.68 22.05 -4.27
CA GLU A 384 2.51 20.99 -4.92
C GLU A 384 1.63 19.82 -5.41
N MET A 385 0.73 19.37 -4.53
CA MET A 385 -0.22 18.26 -4.78
C MET A 385 -1.29 18.67 -5.81
N ALA A 386 -1.71 19.94 -5.76
CA ALA A 386 -2.72 20.50 -6.67
C ALA A 386 -2.13 20.77 -8.08
N SER A 387 -0.83 21.09 -8.13
CA SER A 387 -0.09 21.33 -9.40
C SER A 387 0.01 20.03 -10.24
N ALA A 388 -0.24 18.88 -9.59
CA ALA A 388 -0.31 17.58 -10.27
C ALA A 388 -1.61 17.43 -11.09
N TYR A 389 -2.53 18.41 -10.95
CA TYR A 389 -3.81 18.46 -11.69
C TYR A 389 -3.74 19.48 -12.83
N GLU A 390 -4.73 19.39 -13.73
CA GLU A 390 -4.82 20.21 -14.94
C GLU A 390 -5.18 21.67 -14.62
N ASP A 391 -5.93 21.87 -13.51
CA ASP A 391 -6.34 23.18 -13.01
C ASP A 391 -6.59 23.06 -11.49
N PRO A 392 -5.73 23.70 -10.64
CA PRO A 392 -5.73 23.48 -9.17
C PRO A 392 -6.62 24.45 -8.35
N LYS A 393 -7.24 25.44 -9.01
CA LYS A 393 -7.92 26.56 -8.33
C LYS A 393 -9.07 26.09 -7.41
N GLU A 394 -9.80 25.04 -7.86
CA GLU A 394 -10.87 24.40 -7.06
C GLU A 394 -10.26 23.78 -5.80
N VAL A 395 -9.03 23.22 -5.92
CA VAL A 395 -8.33 22.52 -4.83
C VAL A 395 -7.91 23.54 -3.74
N ILE A 396 -7.26 24.64 -4.18
CA ILE A 396 -6.81 25.74 -3.29
C ILE A 396 -8.02 26.32 -2.51
N GLU A 397 -9.09 26.70 -3.27
CA GLU A 397 -10.35 27.23 -2.72
C GLU A 397 -10.93 26.25 -1.69
N PHE A 398 -11.13 25.00 -2.14
CA PHE A 398 -11.75 23.92 -1.36
C PHE A 398 -11.10 23.77 0.01
N TYR A 399 -9.78 23.52 0.04
CA TYR A 399 -9.04 23.37 1.30
C TYR A 399 -9.19 24.61 2.18
N SER A 400 -8.87 25.81 1.63
CA SER A 400 -8.92 27.07 2.41
C SER A 400 -10.35 27.40 2.92
N LYS A 401 -11.39 26.80 2.30
CA LYS A 401 -12.81 27.01 2.68
C LYS A 401 -13.38 25.82 3.49
N ASN A 402 -12.60 24.73 3.60
CA ASN A 402 -13.04 23.50 4.32
C ASN A 402 -12.07 23.20 5.45
N LYS A 403 -12.33 23.83 6.60
CA LYS A 403 -11.57 23.68 7.85
C LYS A 403 -11.55 22.21 8.33
N GLU A 404 -12.66 21.49 8.04
CA GLU A 404 -12.84 20.11 8.49
C GLU A 404 -11.82 19.17 7.81
N LEU A 405 -11.43 19.48 6.54
CA LEU A 405 -10.38 18.72 5.83
C LEU A 405 -9.00 19.37 6.00
N MET A 406 -8.96 20.69 6.36
CA MET A 406 -7.69 21.34 6.75
C MET A 406 -7.10 20.63 7.96
N ASP A 407 -7.98 20.20 8.88
CA ASP A 407 -7.67 19.28 10.00
C ASP A 407 -6.74 18.11 9.55
N ASN A 408 -7.25 17.32 8.58
CA ASN A 408 -6.55 16.14 8.03
C ASN A 408 -5.28 16.56 7.26
N MET A 409 -5.37 17.74 6.60
CA MET A 409 -4.26 18.31 5.83
C MET A 409 -3.13 18.83 6.76
N ARG A 410 -3.50 19.20 8.00
CA ARG A 410 -2.53 19.61 9.03
C ARG A 410 -1.88 18.38 9.65
N ASN A 411 -2.66 17.29 9.79
CA ASN A 411 -2.16 16.00 10.30
C ASN A 411 -1.09 15.43 9.33
N VAL A 412 -1.36 15.47 8.01
CA VAL A 412 -0.40 15.03 6.99
C VAL A 412 0.73 16.08 6.78
N ALA A 413 0.43 17.39 7.02
CA ALA A 413 1.47 18.44 7.00
C ALA A 413 2.52 18.19 8.07
N LEU A 414 2.02 17.76 9.23
CA LEU A 414 2.83 17.45 10.41
C LEU A 414 3.58 16.11 10.19
N GLU A 415 2.92 15.15 9.52
CA GLU A 415 3.51 13.85 9.11
C GLU A 415 4.73 14.07 8.18
N GLU A 416 4.53 14.86 7.12
CA GLU A 416 5.56 15.15 6.11
C GLU A 416 6.71 15.96 6.72
N GLN A 417 6.35 16.94 7.56
CA GLN A 417 7.29 17.78 8.31
C GLN A 417 8.13 16.92 9.29
N ALA A 418 7.47 15.86 9.84
CA ALA A 418 8.13 14.89 10.74
C ALA A 418 9.17 14.06 10.00
N VAL A 419 8.81 13.62 8.76
CA VAL A 419 9.75 12.96 7.85
C VAL A 419 11.00 13.86 7.67
N GLU A 420 10.74 15.12 7.29
CA GLU A 420 11.77 16.14 7.02
C GLU A 420 12.59 16.48 8.28
N ALA A 421 12.00 16.29 9.46
CA ALA A 421 12.70 16.43 10.75
C ALA A 421 13.71 15.28 10.95
N VAL A 422 13.34 14.06 10.48
CA VAL A 422 14.24 12.89 10.52
C VAL A 422 15.36 13.09 9.48
N LEU A 423 15.00 13.70 8.33
CA LEU A 423 15.92 13.99 7.22
C LEU A 423 17.00 15.00 7.64
N ALA A 424 16.57 15.98 8.45
CA ALA A 424 17.46 17.00 9.05
C ALA A 424 18.53 16.37 9.98
N LYS A 425 18.25 15.15 10.46
CA LYS A 425 19.12 14.42 11.41
C LYS A 425 19.87 13.25 10.72
N ALA A 426 19.26 12.69 9.65
CA ALA A 426 19.73 11.46 8.98
C ALA A 426 20.75 11.75 7.87
N LYS A 427 21.53 10.72 7.53
CA LYS A 427 22.49 10.74 6.40
C LYS A 427 21.75 10.78 5.05
N VAL A 428 21.25 11.97 4.68
CA VAL A 428 20.51 12.18 3.43
C VAL A 428 21.46 12.74 2.36
N THR A 429 21.88 11.86 1.44
CA THR A 429 22.73 12.23 0.31
C THR A 429 21.88 12.92 -0.78
N GLU A 430 22.20 14.18 -1.11
CA GLU A 430 21.45 14.95 -2.11
C GLU A 430 21.90 14.51 -3.52
N LYS A 431 21.21 13.47 -4.02
CA LYS A 431 21.59 12.74 -5.25
C LYS A 431 20.81 13.29 -6.46
N GLU A 432 21.49 14.13 -7.24
CA GLU A 432 20.97 14.70 -8.50
C GLU A 432 20.97 13.62 -9.59
N THR A 433 19.83 13.42 -10.27
CA THR A 433 19.67 12.34 -11.27
C THR A 433 18.46 12.61 -12.21
N THR A 434 18.24 11.73 -13.21
CA THR A 434 17.20 11.90 -14.26
C THR A 434 16.00 10.94 -14.04
N PHE A 435 14.91 11.16 -14.83
CA PHE A 435 13.57 10.54 -14.68
C PHE A 435 13.61 9.04 -14.35
N ASN A 436 14.19 8.25 -15.29
CA ASN A 436 14.10 6.77 -15.29
C ASN A 436 14.70 6.11 -14.04
N GLU A 437 15.62 6.80 -13.34
CA GLU A 437 16.34 6.30 -12.13
C GLU A 437 15.40 5.61 -11.11
N LEU A 438 14.28 6.27 -10.82
CA LEU A 438 13.31 5.84 -9.77
C LEU A 438 12.42 4.70 -10.29
N MET A 439 12.14 4.72 -11.60
CA MET A 439 11.38 3.66 -12.29
C MET A 439 12.24 2.38 -12.39
N ASN A 440 13.56 2.56 -12.50
CA ASN A 440 14.55 1.47 -12.74
C ASN A 440 14.84 0.61 -11.48
N GLN A 441 13.94 0.63 -10.48
CA GLN A 441 14.14 -0.11 -9.22
C GLN A 441 13.53 -1.53 -9.34
N GLN A 442 14.13 -2.33 -10.26
CA GLN A 442 13.69 -3.71 -10.56
C GLN A 442 14.46 -4.72 -9.68
N ALA A 443 13.77 -5.20 -8.63
CA ALA A 443 14.27 -6.26 -7.72
C ALA A 443 13.08 -6.84 -6.91
N VAL B 8 11.83 -8.63 13.12
CA VAL B 8 11.73 -7.70 11.98
C VAL B 8 10.92 -8.35 10.83
N ASP B 9 9.71 -7.80 10.62
CA ASP B 9 8.80 -8.20 9.52
C ASP B 9 7.75 -7.10 9.33
N LEU B 10 7.46 -6.74 8.06
CA LEU B 10 6.36 -5.80 7.74
C LEU B 10 5.16 -6.63 7.23
N ASP B 11 5.18 -7.00 5.93
CA ASP B 11 4.14 -7.85 5.31
C ASP B 11 4.57 -9.34 5.42
N GLU B 12 5.54 -9.78 4.58
CA GLU B 12 6.06 -11.17 4.63
C GLU B 12 7.46 -11.19 5.29
N ALA B 13 8.51 -10.80 4.55
CA ALA B 13 9.91 -10.81 5.04
C ALA B 13 10.37 -9.37 5.35
N VAL B 14 10.70 -8.62 4.29
CA VAL B 14 11.11 -7.20 4.40
C VAL B 14 9.89 -6.31 4.06
N GLN B 15 9.59 -6.05 2.76
CA GLN B 15 8.25 -5.58 2.35
C GLN B 15 7.47 -6.77 1.76
N ARG B 16 7.71 -7.17 0.48
CA ARG B 16 6.93 -8.25 -0.14
C ARG B 16 7.70 -9.59 -0.12
N ALA B 17 8.58 -9.86 -1.12
CA ALA B 17 9.14 -11.23 -1.29
C ALA B 17 10.63 -11.33 -0.86
N LEU B 18 11.56 -10.91 -1.76
CA LEU B 18 13.03 -11.16 -1.58
C LEU B 18 13.79 -9.85 -1.24
N GLU B 19 14.07 -9.05 -2.28
CA GLU B 19 14.81 -7.79 -2.16
C GLU B 19 13.79 -6.65 -2.02
N PHE B 20 13.14 -6.27 -3.15
CA PHE B 20 11.96 -5.40 -3.12
C PHE B 20 10.67 -6.23 -3.41
N ALA B 21 10.33 -6.37 -4.70
CA ALA B 21 9.06 -6.99 -5.14
C ALA B 21 9.29 -8.41 -5.71
N LYS B 22 9.70 -8.47 -6.98
CA LYS B 22 9.68 -9.69 -7.80
C LYS B 22 11.08 -10.28 -8.07
N LYS B 23 11.98 -9.44 -8.66
CA LYS B 23 13.20 -9.87 -9.43
C LYS B 23 12.77 -10.41 -10.82
N GLU B 24 13.66 -10.23 -11.82
CA GLU B 24 13.43 -10.56 -13.26
C GLU B 24 12.94 -12.02 -13.53
N GLY B 25 12.47 -12.20 -14.79
CA GLY B 25 11.96 -13.47 -15.30
C GLY B 25 12.22 -13.61 -16.79
N ASN B 26 13.44 -14.09 -17.14
CA ASN B 26 13.89 -14.27 -18.56
C ASN B 26 12.99 -15.27 -19.31
N THR B 27 12.00 -14.74 -20.07
CA THR B 27 11.07 -15.53 -20.88
C THR B 27 11.67 -15.83 -22.28
N LEU B 28 12.46 -16.91 -22.32
CA LEU B 28 13.05 -17.48 -23.55
C LEU B 28 13.12 -19.01 -23.38
N VAL B 29 13.38 -19.79 -24.46
CA VAL B 29 13.61 -21.24 -24.30
C VAL B 29 15.03 -21.46 -23.71
N ILE B 30 15.10 -21.52 -22.37
CA ILE B 30 16.28 -21.92 -21.56
C ILE B 30 15.79 -22.68 -20.32
N VAL B 31 16.69 -23.43 -19.63
CA VAL B 31 16.33 -24.17 -18.39
C VAL B 31 15.76 -23.19 -17.36
N THR B 32 14.69 -23.62 -16.64
CA THR B 32 13.89 -22.77 -15.76
C THR B 32 14.75 -22.09 -14.64
N ALA B 33 15.13 -20.86 -14.96
CA ALA B 33 15.85 -19.93 -14.06
C ALA B 33 14.83 -19.06 -13.32
N ASP B 34 15.37 -18.02 -12.62
CA ASP B 34 14.61 -16.93 -11.99
C ASP B 34 13.44 -16.46 -12.90
N HIS B 35 12.26 -17.03 -12.65
CA HIS B 35 11.00 -16.63 -13.30
C HIS B 35 10.05 -16.20 -12.18
N ALA B 36 10.47 -15.18 -11.43
CA ALA B 36 9.74 -14.67 -10.26
C ALA B 36 8.56 -13.79 -10.70
N HIS B 37 7.51 -14.46 -11.19
CA HIS B 37 6.27 -13.85 -11.71
C HIS B 37 5.16 -13.93 -10.64
N ALA B 38 5.31 -14.92 -9.71
CA ALA B 38 4.38 -15.18 -8.58
C ALA B 38 2.99 -15.65 -9.07
N SER B 39 2.20 -14.71 -9.65
CA SER B 39 0.88 -14.98 -10.28
C SER B 39 -0.19 -15.38 -9.23
N GLN B 40 0.13 -15.14 -7.93
CA GLN B 40 -0.68 -15.60 -6.75
C GLN B 40 -0.76 -17.15 -6.71
N ILE B 41 -1.57 -17.71 -7.62
CA ILE B 41 -1.65 -19.15 -7.86
C ILE B 41 -0.66 -19.50 -8.98
N VAL B 42 0.25 -20.47 -8.71
CA VAL B 42 1.21 -20.97 -9.70
C VAL B 42 0.45 -21.74 -10.82
N ALA B 43 0.13 -21.01 -11.90
CA ALA B 43 -0.66 -21.51 -13.03
C ALA B 43 -0.53 -20.52 -14.21
N PRO B 44 -0.51 -21.01 -15.48
CA PRO B 44 -0.49 -20.12 -16.67
C PRO B 44 -1.81 -19.32 -16.79
N ASP B 45 -1.72 -18.00 -16.55
CA ASP B 45 -2.88 -17.09 -16.62
C ASP B 45 -3.29 -16.84 -18.08
N THR B 46 -4.45 -16.19 -18.29
CA THR B 46 -5.06 -16.05 -19.62
C THR B 46 -5.72 -14.67 -19.78
N LYS B 47 -5.85 -14.21 -21.05
CA LYS B 47 -6.47 -12.93 -21.47
C LYS B 47 -5.60 -11.69 -21.08
N ALA B 48 -4.36 -11.95 -20.59
CA ALA B 48 -3.37 -10.89 -20.28
C ALA B 48 -2.78 -10.23 -21.57
N PRO B 49 -2.51 -10.98 -22.73
CA PRO B 49 -2.11 -10.34 -24.03
C PRO B 49 -3.18 -9.38 -24.60
N GLY B 50 -4.40 -9.40 -24.01
CA GLY B 50 -5.41 -8.38 -24.29
C GLY B 50 -5.10 -7.10 -23.49
N LEU B 51 -4.13 -6.30 -24.00
CA LEU B 51 -3.76 -5.01 -23.38
C LEU B 51 -4.81 -3.93 -23.67
N THR B 52 -5.89 -3.96 -22.87
CA THR B 52 -6.91 -2.92 -22.88
C THR B 52 -6.40 -1.71 -22.06
N GLN B 53 -5.89 -0.67 -22.78
CA GLN B 53 -5.35 0.54 -22.15
C GLN B 53 -6.51 1.47 -21.70
N ALA B 54 -7.23 1.04 -20.65
CA ALA B 54 -8.41 1.75 -20.12
C ALA B 54 -7.98 3.03 -19.36
N LEU B 55 -6.72 3.03 -18.89
CA LEU B 55 -6.12 4.19 -18.19
C LEU B 55 -5.56 5.22 -19.20
N ASN B 56 -5.45 4.83 -20.49
CA ASN B 56 -5.05 5.73 -21.59
C ASN B 56 -6.30 6.10 -22.41
N THR B 57 -6.69 5.20 -23.35
CA THR B 57 -7.83 5.39 -24.26
C THR B 57 -8.10 4.09 -25.08
N LYS B 58 -9.26 4.05 -25.74
CA LYS B 58 -9.62 2.99 -26.68
C LYS B 58 -10.72 3.50 -27.62
N ASP B 59 -10.74 2.99 -28.87
CA ASP B 59 -11.76 3.33 -29.87
C ASP B 59 -13.13 2.78 -29.43
N GLY B 60 -13.17 1.47 -29.05
CA GLY B 60 -14.39 0.78 -28.57
C GLY B 60 -15.58 0.89 -29.55
N ALA B 61 -16.46 1.85 -29.26
CA ALA B 61 -17.54 2.29 -30.17
C ALA B 61 -17.56 3.83 -30.14
N VAL B 62 -17.88 4.47 -31.28
CA VAL B 62 -17.88 5.95 -31.39
C VAL B 62 -19.07 6.51 -30.58
N MET B 63 -18.84 6.65 -29.27
CA MET B 63 -19.82 7.15 -28.31
C MET B 63 -19.52 8.64 -28.06
N VAL B 64 -18.46 8.91 -27.26
CA VAL B 64 -17.97 10.26 -26.89
C VAL B 64 -19.10 11.19 -26.36
N MET B 65 -19.90 11.74 -27.32
CA MET B 65 -21.06 12.63 -27.07
C MET B 65 -20.63 13.98 -26.46
N SER B 66 -21.60 14.89 -26.28
CA SER B 66 -21.37 16.18 -25.61
C SER B 66 -21.20 15.96 -24.10
N TYR B 67 -22.05 15.05 -23.54
CA TYR B 67 -22.05 14.62 -22.11
C TYR B 67 -22.44 15.80 -21.18
N GLY B 68 -21.55 16.78 -21.06
CA GLY B 68 -21.81 18.01 -20.34
C GLY B 68 -20.57 18.89 -20.36
N ASN B 69 -19.76 18.79 -19.29
CA ASN B 69 -18.48 19.52 -19.16
C ASN B 69 -17.81 19.12 -17.83
N SER B 70 -18.56 19.29 -16.74
CA SER B 70 -18.09 19.04 -15.37
C SER B 70 -19.29 18.57 -14.52
N GLU B 71 -19.65 17.29 -14.72
CA GLU B 71 -20.86 16.65 -14.14
C GLU B 71 -20.51 15.32 -13.45
N GLU B 72 -19.37 14.74 -13.83
CA GLU B 72 -18.85 13.47 -13.29
C GLU B 72 -18.51 13.65 -11.80
N ASP B 73 -18.00 14.84 -11.49
CA ASP B 73 -17.61 15.27 -10.15
C ASP B 73 -18.84 15.80 -9.37
N SER B 74 -19.87 16.26 -10.13
CA SER B 74 -21.14 16.75 -9.56
C SER B 74 -21.93 15.60 -8.89
N GLN B 75 -21.60 14.36 -9.30
CA GLN B 75 -22.16 13.12 -8.72
C GLN B 75 -21.72 12.96 -7.24
N GLU B 76 -20.58 13.60 -6.89
CA GLU B 76 -20.22 13.87 -5.49
C GLU B 76 -21.15 15.00 -5.00
N HIS B 77 -20.83 16.25 -5.40
CA HIS B 77 -21.63 17.47 -5.13
C HIS B 77 -21.15 18.60 -6.06
N THR B 78 -21.82 19.77 -5.96
CA THR B 78 -21.45 20.98 -6.70
C THR B 78 -20.13 21.55 -6.14
N GLY B 79 -19.02 21.27 -6.85
CA GLY B 79 -17.67 21.62 -6.38
C GLY B 79 -17.11 20.56 -5.43
N SER B 80 -15.78 20.60 -5.21
CA SER B 80 -15.06 19.64 -4.35
C SER B 80 -15.57 19.70 -2.91
N GLN B 81 -16.01 18.54 -2.38
CA GLN B 81 -16.46 18.39 -0.96
C GLN B 81 -15.53 17.40 -0.23
N LEU B 82 -14.96 16.45 -0.96
CA LEU B 82 -13.86 15.59 -0.47
C LEU B 82 -12.83 15.53 -1.61
N ARG B 83 -13.05 14.62 -2.59
CA ARG B 83 -12.32 14.59 -3.89
C ARG B 83 -10.77 14.56 -3.69
N ILE B 84 -10.01 14.92 -4.75
CA ILE B 84 -8.58 15.30 -4.73
C ILE B 84 -7.65 14.19 -4.14
N ALA B 85 -7.60 14.03 -2.81
CA ALA B 85 -6.73 13.05 -2.14
C ALA B 85 -7.31 12.70 -0.78
N ALA B 86 -6.99 13.55 0.23
CA ALA B 86 -7.48 13.44 1.61
C ALA B 86 -7.12 12.09 2.29
N TYR B 87 -6.18 11.33 1.66
CA TYR B 87 -5.72 9.99 2.13
C TYR B 87 -6.88 8.95 2.21
N GLY B 88 -7.65 9.06 3.28
CA GLY B 88 -8.58 8.06 3.73
C GLY B 88 -8.36 7.89 5.23
N PRO B 89 -9.05 8.70 6.10
CA PRO B 89 -8.96 8.58 7.56
C PRO B 89 -9.98 7.59 8.14
N HIS B 90 -9.93 7.36 9.47
CA HIS B 90 -10.74 6.32 10.14
C HIS B 90 -12.23 6.74 10.18
N ALA B 91 -12.99 6.27 9.15
CA ALA B 91 -14.41 6.63 8.88
C ALA B 91 -14.52 8.13 8.49
N ALA B 92 -14.33 9.01 9.48
CA ALA B 92 -14.21 10.47 9.30
C ALA B 92 -12.76 10.91 9.60
N ASN B 93 -12.48 12.21 9.40
CA ASN B 93 -11.15 12.82 9.68
C ASN B 93 -10.78 12.65 11.17
N VAL B 94 -11.58 13.28 12.04
CA VAL B 94 -11.58 13.01 13.48
C VAL B 94 -12.93 13.46 14.05
N VAL B 95 -13.33 14.69 13.66
CA VAL B 95 -14.57 15.36 14.12
C VAL B 95 -14.62 15.38 15.66
N GLY B 96 -13.79 16.27 16.24
CA GLY B 96 -13.62 16.37 17.68
C GLY B 96 -12.60 15.37 18.21
N LEU B 97 -11.51 15.87 18.83
CA LEU B 97 -10.39 15.04 19.35
C LEU B 97 -10.89 14.14 20.51
N THR B 98 -11.62 14.79 21.45
CA THR B 98 -12.19 14.17 22.68
C THR B 98 -11.16 13.33 23.49
N ASP B 99 -9.88 13.73 23.41
CA ASP B 99 -8.77 13.04 24.07
C ASP B 99 -7.70 14.08 24.40
N GLN B 100 -7.11 13.98 25.61
CA GLN B 100 -6.14 14.96 26.13
C GLN B 100 -4.85 15.00 25.30
N THR B 101 -4.47 13.82 24.75
CA THR B 101 -3.32 13.57 23.83
C THR B 101 -2.08 14.51 24.06
N ASP B 102 -1.00 13.94 24.64
CA ASP B 102 0.18 14.71 25.16
C ASP B 102 0.82 15.62 24.09
N LEU B 103 0.76 15.17 22.83
CA LEU B 103 1.36 15.87 21.67
C LEU B 103 0.29 16.65 20.86
N PHE B 104 -0.68 17.22 21.61
CA PHE B 104 -1.73 18.21 21.17
C PHE B 104 -2.81 17.68 20.19
N TYR B 105 -2.43 16.85 19.21
CA TYR B 105 -3.29 16.39 18.09
C TYR B 105 -2.51 15.40 17.21
N THR B 106 -1.16 15.53 17.24
CA THR B 106 -0.21 14.77 16.43
C THR B 106 -0.62 13.30 16.16
N MET B 107 -0.80 12.99 14.84
CA MET B 107 -1.10 11.64 14.33
C MET B 107 -2.49 11.13 14.81
N LYS B 108 -3.38 10.86 13.85
CA LYS B 108 -4.70 10.24 14.12
C LYS B 108 -4.52 8.78 14.63
N ALA B 109 -3.37 8.17 14.25
CA ALA B 109 -2.98 6.81 14.66
C ALA B 109 -2.04 6.82 15.89
N ALA B 110 -2.01 7.96 16.63
CA ALA B 110 -1.25 8.08 17.88
C ALA B 110 -2.00 9.02 18.86
N LEU B 111 -2.80 8.41 19.75
CA LEU B 111 -3.59 9.13 20.76
C LEU B 111 -2.71 9.40 22.02
N GLY B 112 -3.37 9.79 23.13
CA GLY B 112 -2.71 9.93 24.43
C GLY B 112 -2.41 8.58 25.07
N LEU B 113 -2.01 8.62 26.35
CA LEU B 113 -1.56 7.42 27.10
C LEU B 113 -1.75 7.64 28.61
N LYS B 114 -1.51 8.89 29.04
CA LYS B 114 -1.58 9.29 30.46
C LYS B 114 -1.48 10.84 30.51
N MET A 12 -16.46 0.66 43.73
CA MET A 12 -15.60 0.03 42.69
C MET A 12 -14.47 -0.77 43.36
N GLN A 13 -13.98 -1.81 42.65
CA GLN A 13 -12.86 -2.65 43.11
C GLN A 13 -12.12 -3.19 41.87
N VAL A 14 -10.87 -2.74 41.67
CA VAL A 14 -10.04 -3.15 40.51
C VAL A 14 -8.71 -3.76 41.01
N SER A 15 -8.19 -4.74 40.25
CA SER A 15 -6.93 -5.43 40.58
C SER A 15 -6.09 -5.61 39.29
N VAL A 16 -4.91 -4.96 39.26
CA VAL A 16 -4.05 -4.92 38.06
C VAL A 16 -2.94 -6.01 38.13
N GLU A 17 -2.79 -6.77 37.03
CA GLU A 17 -1.80 -7.87 36.90
C GLU A 17 -1.12 -7.73 35.52
N THR A 18 0.17 -8.15 35.41
CA THR A 18 0.90 -8.14 34.12
C THR A 18 0.77 -9.51 33.44
N THR A 19 0.05 -9.57 32.30
CA THR A 19 -0.21 -10.82 31.57
C THR A 19 1.01 -11.22 30.70
N GLN A 20 1.58 -10.22 29.98
CA GLN A 20 2.78 -10.43 29.15
C GLN A 20 3.35 -9.06 28.72
N GLY A 21 4.34 -8.57 29.51
CA GLY A 21 5.08 -7.34 29.20
C GLY A 21 4.21 -6.09 29.12
N LEU A 22 3.94 -5.66 27.87
CA LEU A 22 3.07 -4.50 27.57
C LEU A 22 1.60 -4.81 27.93
N GLY A 23 1.21 -6.09 27.73
CA GLY A 23 -0.13 -6.58 28.05
C GLY A 23 -0.33 -6.71 29.55
N ARG A 24 -1.50 -6.24 30.03
CA ARG A 24 -1.87 -6.21 31.45
C ARG A 24 -3.34 -6.68 31.62
N ARG A 25 -3.84 -6.64 32.87
CA ARG A 25 -5.16 -7.17 33.23
C ARG A 25 -5.72 -6.37 34.41
N VAL A 26 -6.76 -5.57 34.17
CA VAL A 26 -7.52 -4.92 35.24
C VAL A 26 -8.78 -5.76 35.54
N THR A 27 -8.66 -6.69 36.50
CA THR A 27 -9.78 -7.50 36.97
C THR A 27 -10.70 -6.66 37.88
N ILE A 28 -11.85 -6.28 37.34
CA ILE A 28 -12.84 -5.44 38.05
C ILE A 28 -13.87 -6.35 38.75
N THR A 29 -13.90 -6.29 40.09
CA THR A 29 -14.98 -6.85 40.89
C THR A 29 -16.01 -5.73 41.16
N ILE A 30 -17.05 -5.71 40.31
CA ILE A 30 -18.22 -4.85 40.53
C ILE A 30 -19.04 -5.43 41.69
N ALA A 31 -18.84 -4.87 42.89
CA ALA A 31 -19.48 -5.36 44.11
C ALA A 31 -21.01 -5.11 44.07
N ALA A 32 -21.73 -5.83 44.95
CA ALA A 32 -23.20 -5.92 44.95
C ALA A 32 -23.91 -4.55 45.11
N ASP A 33 -23.20 -3.55 45.67
CA ASP A 33 -23.74 -2.18 45.82
C ASP A 33 -23.95 -1.53 44.45
N SER A 34 -22.97 -1.71 43.56
CA SER A 34 -22.98 -1.14 42.21
C SER A 34 -23.98 -1.89 41.31
N ILE A 35 -24.09 -3.22 41.50
CA ILE A 35 -25.01 -4.07 40.72
C ILE A 35 -26.47 -3.72 41.07
N GLU A 36 -26.81 -3.87 42.36
CA GLU A 36 -28.20 -3.81 42.87
C GLU A 36 -28.85 -2.43 42.60
N THR A 37 -28.07 -1.35 42.83
CA THR A 37 -28.51 0.03 42.59
C THR A 37 -28.78 0.27 41.08
N ALA A 38 -27.90 -0.25 40.21
CA ALA A 38 -27.98 -0.05 38.75
C ALA A 38 -29.15 -0.84 38.12
N VAL A 39 -29.43 -2.04 38.67
CA VAL A 39 -30.59 -2.87 38.29
C VAL A 39 -31.90 -2.15 38.61
N LYS A 40 -31.93 -1.58 39.81
CA LYS A 40 -33.08 -0.87 40.35
C LYS A 40 -33.36 0.41 39.54
N SER A 41 -32.26 1.09 39.15
CA SER A 41 -32.28 2.29 38.29
C SER A 41 -32.63 1.92 36.84
N GLU A 42 -32.41 0.65 36.45
CA GLU A 42 -32.70 0.17 35.09
C GLU A 42 -34.17 -0.25 34.96
N LEU A 43 -34.73 -0.86 36.02
CA LEU A 43 -36.12 -1.36 36.00
C LEU A 43 -37.14 -0.19 35.94
N VAL A 44 -36.74 0.99 36.45
CA VAL A 44 -37.57 2.19 36.34
C VAL A 44 -37.48 2.77 34.90
N ASN A 45 -36.32 2.56 34.23
CA ASN A 45 -36.13 2.92 32.80
C ASN A 45 -37.04 2.04 31.92
N VAL A 46 -37.04 0.72 32.21
CA VAL A 46 -37.87 -0.27 31.51
C VAL A 46 -39.37 -0.01 31.78
N ALA A 47 -39.67 0.41 33.03
CA ALA A 47 -41.05 0.73 33.46
C ALA A 47 -41.58 1.97 32.73
N LYS A 48 -40.72 2.98 32.53
CA LYS A 48 -41.10 4.23 31.82
C LYS A 48 -41.06 4.05 30.30
N LYS A 49 -40.26 3.07 29.84
CA LYS A 49 -40.12 2.73 28.41
C LYS A 49 -41.41 2.05 27.89
N VAL A 50 -41.86 1.03 28.64
CA VAL A 50 -43.09 0.27 28.32
C VAL A 50 -44.33 0.98 28.94
N ARG A 51 -44.06 2.06 29.75
CA ARG A 51 -45.09 2.92 30.38
C ARG A 51 -45.87 2.16 31.51
N ILE A 52 -45.25 1.08 32.03
CA ILE A 52 -45.79 0.28 33.16
C ILE A 52 -45.86 1.11 34.47
N ASP A 53 -44.99 2.14 34.55
CA ASP A 53 -44.90 3.06 35.71
C ASP A 53 -46.24 3.80 35.95
N GLY A 54 -46.94 4.16 34.85
CA GLY A 54 -48.23 4.84 34.92
C GLY A 54 -49.38 3.94 35.36
N PHE A 55 -49.13 2.62 35.40
CA PHE A 55 -50.12 1.60 35.84
C PHE A 55 -49.61 0.84 37.06
N ARG A 56 -48.43 1.23 37.56
CA ARG A 56 -47.76 0.56 38.68
C ARG A 56 -48.42 0.94 40.02
N LYS A 57 -49.37 0.10 40.45
CA LYS A 57 -50.19 0.36 41.64
C LYS A 57 -49.42 0.02 42.93
N GLY A 58 -48.65 1.02 43.41
CA GLY A 58 -48.13 1.17 44.80
C GLY A 58 -47.67 -0.08 45.59
N LYS A 59 -48.58 -1.06 45.75
CA LYS A 59 -48.40 -2.31 46.53
C LYS A 59 -47.02 -2.98 46.32
N VAL A 60 -46.61 -3.13 45.06
CA VAL A 60 -45.34 -3.79 44.71
C VAL A 60 -44.19 -2.74 44.62
N PRO A 61 -43.26 -2.69 45.62
CA PRO A 61 -42.13 -1.73 45.65
C PRO A 61 -40.97 -2.17 44.73
N MET A 62 -40.15 -1.19 44.31
CA MET A 62 -39.09 -1.37 43.30
C MET A 62 -37.91 -2.21 43.86
N ASN A 63 -37.71 -2.17 45.20
CA ASN A 63 -36.64 -2.92 45.87
C ASN A 63 -36.91 -4.44 45.86
N ILE A 64 -38.20 -4.80 45.84
CA ILE A 64 -38.65 -6.19 45.73
C ILE A 64 -38.40 -6.73 44.30
N VAL A 65 -38.88 -6.00 43.28
CA VAL A 65 -38.75 -6.45 41.87
C VAL A 65 -37.29 -6.45 41.38
N ALA A 66 -36.45 -5.60 41.98
CA ALA A 66 -35.03 -5.43 41.59
C ALA A 66 -34.23 -6.73 41.73
N GLN A 67 -34.47 -7.47 42.81
CA GLN A 67 -33.65 -8.64 43.19
C GLN A 67 -34.44 -9.96 43.19
N ARG A 68 -35.76 -9.92 42.92
CA ARG A 68 -36.61 -11.14 42.92
C ARG A 68 -37.19 -11.43 41.50
N TYR A 69 -37.72 -10.39 40.82
CA TYR A 69 -38.52 -10.56 39.58
C TYR A 69 -37.75 -10.19 38.29
N GLY A 70 -36.94 -9.12 38.36
CA GLY A 70 -36.23 -8.59 37.18
C GLY A 70 -34.79 -9.10 37.09
N ALA A 71 -34.61 -10.39 37.42
CA ALA A 71 -33.29 -11.04 37.49
C ALA A 71 -32.68 -11.28 36.10
N SER A 72 -33.54 -11.36 35.07
CA SER A 72 -33.15 -11.53 33.66
C SER A 72 -32.57 -10.21 33.09
N VAL A 73 -33.14 -9.08 33.54
CA VAL A 73 -32.74 -7.72 33.10
C VAL A 73 -31.33 -7.38 33.62
N ARG A 74 -30.94 -8.02 34.75
CA ARG A 74 -29.64 -7.81 35.42
C ARG A 74 -28.46 -8.19 34.49
N GLN A 75 -28.72 -9.04 33.47
CA GLN A 75 -27.76 -9.38 32.40
C GLN A 75 -27.29 -8.12 31.64
N ASP A 76 -28.27 -7.36 31.12
CA ASP A 76 -28.02 -6.12 30.36
C ASP A 76 -27.44 -5.01 31.24
N VAL A 77 -27.77 -5.07 32.54
CA VAL A 77 -27.17 -4.18 33.55
C VAL A 77 -25.66 -4.45 33.67
N LEU A 78 -25.27 -5.75 33.69
CA LEU A 78 -23.85 -6.17 33.77
C LEU A 78 -23.06 -5.69 32.53
N GLY A 79 -23.69 -5.80 31.34
CA GLY A 79 -23.08 -5.35 30.08
C GLY A 79 -22.79 -3.85 30.10
N ASP A 80 -23.76 -3.10 30.63
CA ASP A 80 -23.66 -1.65 30.86
C ASP A 80 -22.57 -1.32 31.90
N LEU A 81 -22.52 -2.13 32.96
CA LEU A 81 -21.58 -1.95 34.08
C LEU A 81 -20.12 -2.21 33.62
N MET A 82 -19.92 -3.17 32.68
CA MET A 82 -18.58 -3.47 32.12
C MET A 82 -18.06 -2.30 31.27
N SER A 83 -18.97 -1.45 30.80
CA SER A 83 -18.63 -0.26 29.99
C SER A 83 -18.31 0.94 30.91
N ARG A 84 -19.26 1.28 31.80
CA ARG A 84 -19.19 2.49 32.67
C ARG A 84 -18.14 2.33 33.79
N ASN A 85 -18.04 1.13 34.41
CA ASN A 85 -17.06 0.87 35.49
C ASN A 85 -15.63 0.77 34.91
N PHE A 86 -15.52 0.36 33.63
CA PHE A 86 -14.22 0.29 32.94
C PHE A 86 -13.67 1.71 32.72
N ILE A 87 -14.49 2.58 32.06
CA ILE A 87 -14.07 3.95 31.74
C ILE A 87 -13.85 4.78 33.02
N ASP A 88 -14.69 4.54 34.05
CA ASP A 88 -14.56 5.17 35.39
C ASP A 88 -13.19 4.83 36.01
N ALA A 89 -12.83 3.54 35.92
CA ALA A 89 -11.57 3.03 36.46
C ALA A 89 -10.35 3.64 35.75
N ILE A 90 -10.31 3.53 34.41
CA ILE A 90 -9.13 3.93 33.61
C ILE A 90 -8.87 5.46 33.64
N ILE A 91 -9.92 6.25 33.93
CA ILE A 91 -9.81 7.72 34.08
C ILE A 91 -9.02 8.09 35.37
N LYS A 92 -9.45 7.53 36.51
CA LYS A 92 -8.85 7.84 37.84
C LYS A 92 -7.48 7.14 38.00
N GLU A 93 -7.33 5.97 37.35
CA GLU A 93 -6.08 5.19 37.36
C GLU A 93 -5.09 5.70 36.30
N LYS A 94 -5.61 6.49 35.32
CA LYS A 94 -4.82 7.09 34.21
C LYS A 94 -4.29 6.01 33.23
N ILE A 95 -4.83 4.78 33.33
CA ILE A 95 -4.43 3.65 32.48
C ILE A 95 -5.09 3.81 31.11
N ASN A 96 -4.30 4.20 30.11
CA ASN A 96 -4.77 4.39 28.73
C ASN A 96 -4.82 3.02 28.02
N PRO A 97 -6.06 2.49 27.72
CA PRO A 97 -6.23 1.12 27.19
C PRO A 97 -5.82 1.00 25.71
N ALA A 98 -5.33 -0.18 25.33
CA ALA A 98 -4.87 -0.48 23.97
C ALA A 98 -5.01 -1.98 23.68
N GLY A 99 -4.59 -2.39 22.48
CA GLY A 99 -4.88 -3.73 21.99
C GLY A 99 -6.37 -3.94 21.80
N ALA A 100 -6.99 -4.64 22.74
CA ALA A 100 -8.44 -4.82 22.80
C ALA A 100 -8.83 -5.10 24.26
N PRO A 101 -9.63 -4.21 24.94
CA PRO A 101 -10.16 -4.50 26.28
C PRO A 101 -11.02 -5.78 26.25
N THR A 102 -10.46 -6.88 26.79
CA THR A 102 -11.08 -8.21 26.73
C THR A 102 -11.72 -8.50 28.09
N TYR A 103 -13.05 -8.31 28.17
CA TYR A 103 -13.83 -8.52 29.40
C TYR A 103 -14.06 -10.03 29.58
N VAL A 104 -13.01 -10.72 30.08
CA VAL A 104 -13.03 -12.16 30.30
C VAL A 104 -14.04 -12.50 31.41
N PRO A 105 -15.21 -13.14 31.07
CA PRO A 105 -16.31 -13.38 32.02
C PRO A 105 -15.89 -14.30 33.18
N GLY A 106 -15.71 -13.70 34.37
CA GLY A 106 -15.37 -14.46 35.57
C GLY A 106 -16.57 -15.21 36.10
N GLU A 107 -17.44 -14.49 36.82
CA GLU A 107 -18.66 -15.04 37.42
C GLU A 107 -19.61 -13.95 37.92
N TYR A 108 -20.91 -14.28 37.91
CA TYR A 108 -21.99 -13.45 38.48
C TYR A 108 -22.94 -14.34 39.29
N LYS A 109 -23.42 -13.80 40.42
CA LYS A 109 -24.45 -14.44 41.27
C LYS A 109 -25.52 -13.39 41.63
N LEU A 110 -26.79 -13.82 41.67
CA LEU A 110 -27.93 -12.94 42.01
C LEU A 110 -27.77 -12.37 43.43
N GLY A 111 -27.43 -11.07 43.50
CA GLY A 111 -27.32 -10.36 44.78
C GLY A 111 -25.89 -10.26 45.31
N GLU A 112 -24.99 -11.12 44.78
CA GLU A 112 -23.56 -11.11 45.13
C GLU A 112 -22.76 -10.34 44.06
N ASP A 113 -21.42 -10.36 44.19
CA ASP A 113 -20.49 -9.59 43.33
C ASP A 113 -20.40 -10.17 41.90
N PHE A 114 -19.92 -9.32 40.98
CA PHE A 114 -19.66 -9.66 39.58
C PHE A 114 -18.17 -9.37 39.27
N THR A 115 -17.39 -10.44 39.15
CA THR A 115 -15.95 -10.36 38.87
C THR A 115 -15.67 -10.76 37.41
N TYR A 116 -14.75 -10.03 36.76
CA TYR A 116 -14.33 -10.28 35.36
C TYR A 116 -12.96 -9.61 35.13
N SER A 117 -12.11 -10.27 34.34
CA SER A 117 -10.73 -9.83 34.10
C SER A 117 -10.62 -9.12 32.74
N VAL A 118 -10.44 -7.79 32.75
CA VAL A 118 -10.29 -7.02 31.50
C VAL A 118 -8.81 -7.01 31.09
N GLU A 119 -8.43 -7.92 30.17
CA GLU A 119 -7.05 -8.05 29.69
C GLU A 119 -6.85 -7.17 28.42
N PHE A 120 -5.86 -6.26 28.48
CA PHE A 120 -5.57 -5.31 27.39
C PHE A 120 -4.14 -4.77 27.53
N GLU A 121 -3.60 -4.29 26.41
CA GLU A 121 -2.26 -3.65 26.34
C GLU A 121 -2.38 -2.15 26.67
N VAL A 122 -1.24 -1.45 26.72
CA VAL A 122 -1.19 0.03 26.82
C VAL A 122 -0.28 0.59 25.71
N TYR A 123 -0.19 1.92 25.60
CA TYR A 123 0.72 2.57 24.63
C TYR A 123 2.10 2.80 25.30
N PRO A 124 3.20 2.18 24.76
CA PRO A 124 4.54 2.25 25.38
C PRO A 124 5.39 3.46 24.93
N GLU A 125 6.53 3.60 25.61
CA GLU A 125 7.61 4.50 25.20
C GLU A 125 8.54 3.76 24.23
N VAL A 126 8.93 4.42 23.12
CA VAL A 126 9.95 3.88 22.20
C VAL A 126 11.22 4.72 22.32
N GLU A 127 12.34 4.04 22.56
CA GLU A 127 13.66 4.64 22.48
C GLU A 127 14.13 4.63 21.03
N LEU A 128 13.88 5.76 20.34
CA LEU A 128 14.41 5.99 18.99
C LEU A 128 15.94 6.03 19.06
N GLN A 129 16.59 5.53 18.02
CA GLN A 129 18.06 5.59 17.92
C GLN A 129 18.49 6.99 17.45
N GLY A 130 19.81 7.24 17.44
CA GLY A 130 20.37 8.44 16.85
C GLY A 130 20.01 8.54 15.37
N LEU A 131 19.12 9.50 15.03
CA LEU A 131 18.56 9.67 13.68
C LEU A 131 19.66 10.10 12.67
N GLU A 132 20.81 10.53 13.21
CA GLU A 132 22.00 10.92 12.45
C GLU A 132 22.66 9.70 11.78
N ALA A 133 22.41 8.50 12.32
CA ALA A 133 22.90 7.23 11.78
C ALA A 133 22.11 6.84 10.50
N ILE A 134 20.83 7.24 10.45
CA ILE A 134 19.95 7.00 9.29
C ILE A 134 20.47 7.78 8.07
N GLU A 135 20.56 7.09 6.92
CA GLU A 135 21.03 7.68 5.65
C GLU A 135 19.85 7.79 4.67
N VAL A 136 19.61 9.01 4.19
CA VAL A 136 18.57 9.33 3.21
C VAL A 136 19.24 10.05 2.00
N GLU A 137 18.55 10.14 0.87
CA GLU A 137 19.02 10.89 -0.31
C GLU A 137 17.98 11.97 -0.66
N LYS A 138 18.48 13.13 -1.12
CA LYS A 138 17.66 14.19 -1.69
C LYS A 138 18.04 14.35 -3.18
N PRO A 139 17.32 13.65 -4.13
CA PRO A 139 17.58 13.77 -5.57
C PRO A 139 16.98 15.08 -6.16
N ILE A 140 17.85 16.11 -6.32
CA ILE A 140 17.53 17.35 -7.06
C ILE A 140 17.50 17.02 -8.55
N VAL A 141 16.28 16.77 -9.06
CA VAL A 141 16.06 16.32 -10.43
C VAL A 141 15.13 17.29 -11.16
N GLU A 142 15.41 17.50 -12.45
CA GLU A 142 14.55 18.26 -13.37
C GLU A 142 14.52 17.55 -14.73
N VAL A 143 13.36 17.61 -15.40
CA VAL A 143 13.17 17.03 -16.73
C VAL A 143 13.72 18.02 -17.78
N THR A 144 15.03 17.89 -18.08
CA THR A 144 15.73 18.73 -19.07
C THR A 144 15.37 18.29 -20.50
N ASP A 145 15.95 18.96 -21.52
CA ASP A 145 15.65 18.68 -22.95
C ASP A 145 15.94 17.22 -23.33
N ALA A 146 17.03 16.68 -22.75
CA ALA A 146 17.42 15.27 -22.93
C ALA A 146 16.34 14.30 -22.39
N ASP A 147 15.77 14.66 -21.24
CA ASP A 147 14.76 13.85 -20.53
C ASP A 147 13.39 13.92 -21.23
N VAL A 148 12.99 15.14 -21.64
CA VAL A 148 11.74 15.41 -22.37
C VAL A 148 11.74 14.63 -23.69
N ASP A 149 12.79 14.89 -24.50
CA ASP A 149 12.98 14.27 -25.83
C ASP A 149 13.11 12.74 -25.73
N GLY A 150 13.94 12.29 -24.76
CA GLY A 150 14.22 10.87 -24.55
C GLY A 150 12.99 10.07 -24.14
N MET A 151 12.24 10.61 -23.15
CA MET A 151 11.04 9.96 -22.60
C MET A 151 9.91 9.90 -23.66
N LEU A 152 9.59 11.06 -24.27
CA LEU A 152 8.62 11.17 -25.40
C LEU A 152 8.98 10.22 -26.55
N ASP A 153 10.29 10.10 -26.84
CA ASP A 153 10.80 9.22 -27.91
C ASP A 153 10.58 7.74 -27.56
N THR A 154 10.80 7.38 -26.28
CA THR A 154 10.55 6.01 -25.78
C THR A 154 9.02 5.71 -25.77
N LEU A 155 8.20 6.77 -25.65
CA LEU A 155 6.74 6.68 -25.82
C LEU A 155 6.38 6.41 -27.29
N ARG A 156 7.13 7.04 -28.24
CA ARG A 156 7.03 6.73 -29.69
C ARG A 156 7.46 5.28 -29.97
N LYS A 157 8.47 4.81 -29.20
CA LYS A 157 8.98 3.43 -29.30
C LYS A 157 7.96 2.42 -28.77
N GLN A 158 7.21 2.83 -27.74
CA GLN A 158 6.10 2.03 -27.19
C GLN A 158 4.93 1.96 -28.21
N GLN A 159 4.67 3.11 -28.85
CA GLN A 159 3.59 3.27 -29.84
C GLN A 159 4.13 3.07 -31.28
N ALA A 160 5.19 2.25 -31.44
CA ALA A 160 5.91 2.09 -32.73
C ALA A 160 5.08 1.31 -33.77
N THR A 161 5.08 1.83 -35.01
CA THR A 161 4.37 1.25 -36.16
C THR A 161 5.22 0.14 -36.81
N TRP A 162 4.57 -0.97 -37.21
CA TRP A 162 5.26 -2.15 -37.75
C TRP A 162 5.61 -1.92 -39.24
N LYS A 163 6.81 -2.35 -39.62
CA LYS A 163 7.35 -2.19 -40.98
C LYS A 163 8.44 -3.28 -41.20
N GLU A 164 8.96 -3.39 -42.43
CA GLU A 164 10.12 -4.25 -42.76
C GLU A 164 11.24 -3.40 -43.38
N LYS A 165 12.46 -3.98 -43.45
CA LYS A 165 13.62 -3.39 -44.16
C LYS A 165 14.63 -4.48 -44.57
N ASP A 166 15.73 -4.07 -45.21
CA ASP A 166 16.85 -4.97 -45.57
C ASP A 166 18.17 -4.18 -45.56
N GLY A 167 19.25 -4.86 -45.17
CA GLY A 167 20.61 -4.32 -45.21
C GLY A 167 21.33 -4.39 -43.86
N ALA A 168 20.70 -3.93 -42.76
CA ALA A 168 21.32 -3.99 -41.41
C ALA A 168 20.25 -4.03 -40.28
N VAL A 169 20.65 -4.62 -39.13
CA VAL A 169 19.82 -4.70 -37.90
C VAL A 169 20.35 -3.66 -36.87
N GLU A 170 19.46 -3.26 -35.93
CA GLU A 170 19.71 -2.30 -34.84
C GLU A 170 19.03 -2.84 -33.56
N ALA A 171 19.06 -2.05 -32.47
CA ALA A 171 18.56 -2.46 -31.13
C ALA A 171 17.05 -2.27 -30.95
N GLU A 172 16.38 -1.62 -31.91
CA GLU A 172 14.93 -1.33 -31.81
C GLU A 172 14.09 -2.25 -32.69
N ASP A 173 14.74 -3.07 -33.51
CA ASP A 173 14.08 -3.77 -34.64
C ASP A 173 13.33 -5.04 -34.22
N ARG A 174 12.69 -5.67 -35.22
CA ARG A 174 12.02 -6.97 -35.08
C ARG A 174 12.73 -7.99 -35.98
N VAL A 175 13.59 -8.78 -35.37
CA VAL A 175 14.52 -9.64 -36.11
C VAL A 175 13.97 -11.08 -36.13
N THR A 176 13.30 -11.45 -37.21
CA THR A 176 12.77 -12.81 -37.38
C THR A 176 13.96 -13.75 -37.67
N ILE A 177 14.25 -14.63 -36.70
CA ILE A 177 15.43 -15.49 -36.71
C ILE A 177 15.05 -16.95 -36.35
N ASP A 178 16.05 -17.80 -36.35
CA ASP A 178 16.02 -19.15 -35.77
C ASP A 178 17.24 -19.31 -34.85
N PHE A 179 17.18 -20.24 -33.89
CA PHE A 179 18.38 -20.70 -33.19
C PHE A 179 18.28 -22.19 -32.85
N THR A 180 19.47 -22.81 -32.80
CA THR A 180 19.69 -24.14 -32.25
C THR A 180 20.80 -23.99 -31.20
N GLY A 181 20.37 -23.83 -29.94
CA GLY A 181 21.27 -23.54 -28.83
C GLY A 181 21.81 -24.74 -28.10
N SER A 182 22.84 -24.48 -27.28
CA SER A 182 23.50 -25.46 -26.41
C SER A 182 24.07 -24.73 -25.19
N VAL A 183 23.99 -25.34 -23.98
CA VAL A 183 24.54 -24.78 -22.73
C VAL A 183 25.63 -25.72 -22.19
N ASP A 184 26.76 -25.13 -21.71
CA ASP A 184 27.91 -25.86 -21.09
C ASP A 184 28.70 -26.69 -22.14
N GLY A 185 28.33 -26.53 -23.44
CA GLY A 185 28.95 -27.28 -24.54
C GLY A 185 28.09 -28.42 -25.06
N GLU A 186 26.90 -28.63 -24.45
CA GLU A 186 25.99 -29.73 -24.79
C GLU A 186 24.60 -29.19 -25.15
N GLU A 187 23.94 -29.87 -26.09
CA GLU A 187 22.63 -29.45 -26.60
C GLU A 187 21.53 -29.81 -25.58
N PHE A 188 20.95 -28.77 -24.96
CA PHE A 188 19.87 -28.94 -23.97
C PHE A 188 18.55 -29.40 -24.63
N GLU A 189 17.60 -29.76 -23.78
CA GLU A 189 16.30 -30.33 -24.18
C GLU A 189 15.43 -29.27 -24.87
N GLY A 190 14.82 -29.68 -26.00
CA GLY A 190 14.11 -28.77 -26.90
C GLY A 190 15.05 -28.18 -27.93
N GLY A 191 15.83 -27.18 -27.51
CA GLY A 191 16.86 -26.54 -28.36
C GLY A 191 16.33 -25.51 -29.35
N LYS A 192 15.32 -25.90 -30.16
CA LYS A 192 14.87 -25.13 -31.33
C LYS A 192 13.83 -24.04 -31.00
N ALA A 193 13.94 -22.95 -31.76
CA ALA A 193 12.95 -21.87 -31.83
C ALA A 193 13.12 -21.20 -33.20
N SER A 194 12.35 -21.68 -34.18
CA SER A 194 12.46 -21.25 -35.58
C SER A 194 11.43 -20.14 -35.90
N ASP A 195 11.84 -19.18 -36.76
CA ASP A 195 10.94 -18.13 -37.33
C ASP A 195 10.43 -17.18 -36.24
N PHE A 196 11.15 -17.12 -35.12
CA PHE A 196 10.81 -16.26 -33.98
C PHE A 196 11.05 -14.78 -34.32
N VAL A 197 10.08 -13.92 -33.98
CA VAL A 197 10.15 -12.47 -34.23
C VAL A 197 10.74 -11.78 -32.98
N LEU A 198 12.02 -11.38 -33.06
CA LEU A 198 12.74 -10.73 -31.97
C LEU A 198 12.43 -9.23 -31.96
N ALA A 199 11.25 -8.89 -31.42
CA ALA A 199 10.90 -7.51 -31.09
C ALA A 199 11.82 -7.05 -29.94
N MET A 200 12.95 -6.45 -30.31
CA MET A 200 14.00 -6.03 -29.37
C MET A 200 13.49 -4.89 -28.47
N GLY A 201 13.93 -4.89 -27.20
CA GLY A 201 13.40 -3.97 -26.18
C GLY A 201 12.33 -4.61 -25.31
N GLN A 202 12.34 -5.96 -25.23
CA GLN A 202 11.42 -6.76 -24.40
C GLN A 202 12.20 -7.57 -23.35
N GLY A 203 11.47 -8.36 -22.54
CA GLY A 203 12.07 -9.22 -21.51
C GLY A 203 12.16 -10.68 -21.92
N ARG A 204 11.83 -10.99 -23.19
CA ARG A 204 11.88 -12.37 -23.74
C ARG A 204 13.32 -12.82 -24.08
N MET A 205 14.32 -11.95 -23.80
CA MET A 205 15.76 -12.25 -24.00
C MET A 205 16.58 -11.80 -22.79
N ILE A 206 17.72 -12.47 -22.62
CA ILE A 206 18.77 -12.09 -21.65
C ILE A 206 19.90 -11.32 -22.38
N PRO A 207 20.65 -10.40 -21.68
CA PRO A 207 21.82 -9.69 -22.25
C PRO A 207 22.87 -10.66 -22.87
N GLY A 208 23.49 -10.22 -23.97
CA GLY A 208 24.45 -11.05 -24.73
C GLY A 208 23.83 -11.65 -25.97
N PHE A 209 22.56 -12.12 -25.84
CA PHE A 209 21.83 -12.76 -26.95
C PHE A 209 21.53 -11.74 -28.05
N GLU A 210 20.72 -10.73 -27.69
CA GLU A 210 20.27 -9.68 -28.62
C GLU A 210 21.46 -8.84 -29.16
N ASP A 211 22.55 -8.81 -28.38
CA ASP A 211 23.81 -8.14 -28.76
C ASP A 211 24.48 -8.88 -29.93
N GLY A 212 24.40 -10.21 -29.91
CA GLY A 212 24.89 -11.06 -30.99
C GLY A 212 24.02 -11.02 -32.24
N ILE A 213 22.84 -10.41 -32.12
CA ILE A 213 21.87 -10.28 -33.23
C ILE A 213 22.03 -8.92 -33.95
N LYS A 214 22.11 -7.84 -33.14
CA LYS A 214 21.99 -6.44 -33.63
C LYS A 214 23.29 -5.85 -34.22
N GLY A 215 24.23 -6.72 -34.59
CA GLY A 215 25.47 -6.30 -35.25
C GLY A 215 25.65 -7.07 -36.55
N HIS A 216 24.51 -7.54 -37.10
CA HIS A 216 24.44 -8.43 -38.27
C HIS A 216 23.28 -8.02 -39.18
N LYS A 217 22.96 -8.87 -40.18
CA LYS A 217 21.87 -8.64 -41.17
C LYS A 217 21.34 -9.97 -41.72
N ALA A 218 20.14 -9.93 -42.34
CA ALA A 218 19.42 -11.13 -42.82
C ALA A 218 20.15 -11.81 -43.99
N GLY A 219 20.30 -13.14 -43.85
CA GLY A 219 20.89 -13.98 -44.89
C GLY A 219 22.02 -14.83 -44.34
N GLU A 220 22.69 -14.31 -43.30
CA GLU A 220 23.88 -14.96 -42.72
C GLU A 220 23.52 -15.84 -41.51
N GLU A 221 24.17 -17.01 -41.45
CA GLU A 221 24.08 -17.98 -40.34
C GLU A 221 25.39 -17.91 -39.52
N PHE A 222 25.26 -17.69 -38.21
CA PHE A 222 26.39 -17.53 -37.28
C PHE A 222 26.05 -18.16 -35.93
N THR A 223 27.05 -18.27 -35.05
CA THR A 223 26.88 -18.77 -33.68
C THR A 223 27.41 -17.72 -32.70
N ILE A 224 26.54 -17.23 -31.82
CA ILE A 224 26.85 -16.16 -30.85
C ILE A 224 27.25 -16.75 -29.50
N ASP A 225 27.93 -15.91 -28.70
CA ASP A 225 28.34 -16.24 -27.33
C ASP A 225 27.45 -15.50 -26.33
N VAL A 226 26.73 -16.28 -25.51
CA VAL A 226 25.95 -15.77 -24.36
C VAL A 226 26.33 -16.60 -23.11
N THR A 227 26.00 -16.11 -21.93
CA THR A 227 26.21 -16.79 -20.66
C THR A 227 25.07 -16.43 -19.72
N PHE A 228 24.46 -17.43 -19.08
CA PHE A 228 23.41 -17.21 -18.07
C PHE A 228 24.02 -16.54 -16.82
N PRO A 229 23.35 -15.49 -16.25
CA PRO A 229 23.80 -14.81 -15.00
C PRO A 229 23.97 -15.77 -13.80
N GLU A 230 24.80 -15.37 -12.83
CA GLU A 230 24.88 -16.06 -11.53
C GLU A 230 23.65 -15.71 -10.66
N GLU A 231 22.99 -14.58 -11.00
CA GLU A 231 21.75 -14.15 -10.37
C GLU A 231 20.53 -14.93 -10.91
N TYR A 232 20.72 -15.61 -12.07
CA TYR A 232 19.66 -16.36 -12.77
C TYR A 232 19.07 -17.50 -11.88
N HIS A 233 17.74 -17.70 -11.99
CA HIS A 233 16.95 -18.57 -11.07
C HIS A 233 17.36 -20.06 -11.17
N ALA A 234 17.50 -20.55 -12.41
CA ALA A 234 17.81 -21.96 -12.66
C ALA A 234 19.33 -22.17 -12.64
N GLU A 235 19.84 -22.75 -11.54
CA GLU A 235 21.27 -23.03 -11.32
C GLU A 235 21.83 -24.05 -12.35
N ASN A 236 20.92 -24.83 -12.97
CA ASN A 236 21.25 -25.77 -14.06
C ASN A 236 21.67 -25.04 -15.37
N LEU A 237 21.46 -23.71 -15.40
CA LEU A 237 21.89 -22.84 -16.52
C LEU A 237 22.85 -21.75 -16.00
N LYS A 238 22.56 -21.27 -14.78
CA LYS A 238 23.28 -20.16 -14.08
C LYS A 238 24.80 -20.41 -14.01
N GLY A 239 25.58 -19.41 -14.45
CA GLY A 239 27.05 -19.48 -14.44
C GLY A 239 27.63 -20.14 -15.69
N LYS A 240 26.80 -20.94 -16.40
CA LYS A 240 27.23 -21.68 -17.59
C LYS A 240 27.09 -20.79 -18.84
N ALA A 241 28.00 -21.00 -19.81
CA ALA A 241 27.91 -20.37 -21.14
C ALA A 241 26.88 -21.08 -22.02
N ALA A 242 26.51 -20.44 -23.13
CA ALA A 242 25.48 -20.94 -24.05
C ALA A 242 25.75 -20.40 -25.46
N LYS A 243 25.96 -21.33 -26.42
CA LYS A 243 26.21 -21.00 -27.84
C LYS A 243 24.91 -21.14 -28.62
N PHE A 244 24.57 -20.17 -29.49
CA PHE A 244 23.30 -20.17 -30.27
C PHE A 244 23.60 -19.97 -31.75
N ALA A 245 23.39 -21.00 -32.55
CA ALA A 245 23.54 -20.93 -34.01
C ALA A 245 22.31 -20.24 -34.62
N ILE A 246 22.43 -18.91 -34.76
CA ILE A 246 21.37 -18.02 -35.24
C ILE A 246 21.30 -18.05 -36.78
N ASN A 247 20.08 -18.26 -37.30
CA ASN A 247 19.80 -18.24 -38.74
C ASN A 247 18.93 -17.01 -39.02
N LEU A 248 19.56 -15.92 -39.46
CA LEU A 248 18.91 -14.63 -39.67
C LEU A 248 18.20 -14.66 -41.04
N LYS A 249 16.86 -14.52 -41.05
CA LYS A 249 16.05 -14.65 -42.29
C LYS A 249 15.37 -13.31 -42.66
N LYS A 250 14.90 -12.55 -41.65
CA LYS A 250 14.17 -11.28 -41.87
C LYS A 250 14.68 -10.20 -40.92
N VAL A 251 14.74 -8.96 -41.42
CA VAL A 251 14.98 -7.75 -40.62
C VAL A 251 13.76 -6.85 -40.76
N GLU A 252 12.83 -6.96 -39.82
CA GLU A 252 11.70 -6.02 -39.74
C GLU A 252 12.13 -4.82 -38.86
N GLU A 253 11.34 -3.76 -38.90
CA GLU A 253 11.57 -2.58 -38.05
C GLU A 253 10.23 -2.05 -37.50
N ARG A 254 10.17 -1.82 -36.19
CA ARG A 254 9.06 -1.06 -35.59
C ARG A 254 9.43 0.44 -35.67
N GLU A 255 9.11 1.04 -36.83
CA GLU A 255 9.44 2.44 -37.15
C GLU A 255 8.68 3.38 -36.20
N LEU A 256 9.38 4.38 -35.66
CA LEU A 256 8.84 5.30 -34.65
C LEU A 256 7.89 6.30 -35.33
N PRO A 257 6.61 6.44 -34.84
CA PRO A 257 5.61 7.35 -35.43
C PRO A 257 5.98 8.83 -35.21
N GLU A 258 5.43 9.68 -36.08
CA GLU A 258 5.63 11.13 -36.04
C GLU A 258 4.90 11.74 -34.84
N LEU A 259 5.32 12.94 -34.44
CA LEU A 259 4.74 13.70 -33.31
C LEU A 259 3.55 14.56 -33.82
N THR A 260 2.87 14.07 -34.88
CA THR A 260 1.73 14.75 -35.54
C THR A 260 0.48 14.75 -34.63
N ALA A 261 -0.54 15.54 -35.06
CA ALA A 261 -1.72 15.94 -34.25
C ALA A 261 -2.28 14.85 -33.32
N GLU A 262 -2.80 13.76 -33.91
CA GLU A 262 -3.50 12.68 -33.18
C GLU A 262 -2.57 11.95 -32.19
N PHE A 263 -1.24 12.01 -32.43
CA PHE A 263 -0.23 11.37 -31.58
C PHE A 263 0.16 12.30 -30.42
N ILE A 264 0.49 13.57 -30.75
CA ILE A 264 0.98 14.55 -29.76
C ILE A 264 -0.11 14.87 -28.71
N LYS A 265 -1.40 14.81 -29.12
CA LYS A 265 -2.54 14.99 -28.18
C LYS A 265 -3.15 13.65 -27.72
N ARG A 266 -2.54 12.50 -28.11
CA ARG A 266 -3.01 11.14 -27.70
C ARG A 266 -2.95 10.98 -26.18
N PHE A 267 -1.98 11.66 -25.56
CA PHE A 267 -1.78 11.65 -24.10
C PHE A 267 -2.95 12.36 -23.37
N GLY A 268 -3.71 13.19 -24.11
CA GLY A 268 -4.86 13.93 -23.58
C GLY A 268 -4.52 15.37 -23.30
N VAL A 269 -3.84 16.00 -24.28
CA VAL A 269 -3.37 17.40 -24.18
C VAL A 269 -4.54 18.41 -24.28
N GLU A 270 -4.38 19.56 -23.60
CA GLU A 270 -5.39 20.66 -23.56
C GLU A 270 -5.75 21.14 -24.98
N ASP A 271 -4.73 21.25 -25.84
CA ASP A 271 -4.88 21.80 -27.20
C ASP A 271 -4.28 20.85 -28.25
N GLY A 272 -3.05 20.38 -28.01
CA GLY A 272 -2.30 19.52 -28.96
C GLY A 272 -1.05 20.17 -29.52
N SER A 273 -0.90 21.51 -29.34
CA SER A 273 0.29 22.25 -29.81
C SER A 273 1.53 21.94 -28.95
N VAL A 274 2.71 22.37 -29.45
CA VAL A 274 4.02 22.13 -28.79
C VAL A 274 4.01 22.63 -27.33
N GLU A 275 3.54 23.89 -27.13
CA GLU A 275 3.42 24.51 -25.79
C GLU A 275 2.46 23.71 -24.87
N GLY A 276 1.47 23.02 -25.50
CA GLY A 276 0.55 22.16 -24.76
C GLY A 276 1.19 20.82 -24.44
N LEU A 277 2.17 20.41 -25.28
CA LEU A 277 2.91 19.17 -25.05
C LEU A 277 3.89 19.38 -23.90
N ARG A 278 4.43 20.61 -23.79
CA ARG A 278 5.26 21.03 -22.66
C ARG A 278 4.44 20.96 -21.34
N ALA A 279 3.15 21.38 -21.45
CA ALA A 279 2.18 21.29 -20.34
C ALA A 279 1.87 19.82 -19.97
N GLU A 280 1.80 18.95 -21.02
CA GLU A 280 1.56 17.51 -20.87
C GLU A 280 2.77 16.83 -20.18
N VAL A 281 3.98 17.13 -20.69
CA VAL A 281 5.27 16.63 -20.16
C VAL A 281 5.46 17.12 -18.73
N ARG A 282 4.97 18.33 -18.45
CA ARG A 282 4.97 18.89 -17.11
C ARG A 282 4.13 18.03 -16.16
N LYS A 283 2.81 17.92 -16.45
CA LYS A 283 1.87 17.22 -15.55
C LYS A 283 2.07 15.69 -15.55
N ASN A 284 2.79 15.15 -16.56
CA ASN A 284 3.24 13.74 -16.54
C ASN A 284 4.61 13.67 -15.85
N MET A 285 5.66 14.04 -16.60
CA MET A 285 7.06 13.82 -16.17
C MET A 285 7.38 14.61 -14.88
N GLU A 286 7.09 15.94 -14.84
CA GLU A 286 7.54 16.82 -13.73
C GLU A 286 6.70 16.62 -12.46
N ARG A 287 5.40 16.33 -12.63
CA ARG A 287 4.48 16.10 -11.50
C ARG A 287 4.76 14.73 -10.87
N GLU A 288 4.94 13.70 -11.74
CA GLU A 288 5.36 12.34 -11.30
C GLU A 288 6.74 12.40 -10.67
N LEU A 289 7.63 13.26 -11.24
CA LEU A 289 9.01 13.39 -10.79
C LEU A 289 9.09 13.91 -9.35
N LYS A 290 8.55 15.13 -9.11
CA LYS A 290 8.63 15.78 -7.80
C LYS A 290 7.85 15.00 -6.73
N SER A 291 6.78 14.30 -7.16
CA SER A 291 6.02 13.39 -6.28
C SER A 291 6.92 12.21 -5.88
N ALA A 292 7.63 11.65 -6.87
CA ALA A 292 8.54 10.51 -6.67
C ALA A 292 9.79 10.90 -5.87
N ILE A 293 10.24 12.17 -6.01
CA ILE A 293 11.38 12.74 -5.25
C ILE A 293 10.98 12.83 -3.79
N ARG A 294 9.82 13.46 -3.54
CA ARG A 294 9.27 13.66 -2.19
C ARG A 294 9.00 12.28 -1.53
N ASN A 295 8.45 11.33 -2.31
CA ASN A 295 8.16 9.97 -1.83
C ASN A 295 9.45 9.17 -1.64
N ARG A 296 10.50 9.46 -2.43
CA ARG A 296 11.82 8.81 -2.29
C ARG A 296 12.44 9.16 -0.93
N VAL A 297 12.60 10.48 -0.71
CA VAL A 297 13.19 11.05 0.52
C VAL A 297 12.39 10.58 1.75
N LYS A 298 11.04 10.67 1.63
CA LYS A 298 10.11 10.25 2.69
C LYS A 298 10.30 8.77 3.03
N SER A 299 10.18 7.89 2.00
CA SER A 299 10.20 6.42 2.19
C SER A 299 11.56 5.92 2.71
N GLN A 300 12.65 6.65 2.37
CA GLN A 300 13.99 6.36 2.90
C GLN A 300 14.05 6.68 4.42
N ALA A 301 13.48 7.84 4.82
CA ALA A 301 13.41 8.23 6.25
C ALA A 301 12.52 7.26 7.05
N ILE A 302 11.38 6.88 6.44
CA ILE A 302 10.40 5.93 7.00
C ILE A 302 11.04 4.55 7.25
N GLU A 303 11.67 4.00 6.20
CA GLU A 303 12.33 2.69 6.23
C GLU A 303 13.49 2.70 7.24
N GLY A 304 14.24 3.81 7.25
CA GLY A 304 15.35 4.01 8.18
C GLY A 304 14.90 3.94 9.63
N LEU A 305 13.79 4.67 9.93
CA LEU A 305 13.18 4.71 11.26
C LEU A 305 12.73 3.32 11.74
N VAL A 306 11.89 2.65 10.93
CA VAL A 306 11.32 1.34 11.30
C VAL A 306 12.44 0.31 11.52
N LYS A 307 13.32 0.19 10.51
CA LYS A 307 14.45 -0.76 10.50
C LYS A 307 15.37 -0.53 11.73
N ALA A 308 15.61 0.75 12.05
CA ALA A 308 16.46 1.14 13.19
C ALA A 308 15.77 0.87 14.55
N ASN A 309 14.43 1.02 14.61
CA ASN A 309 13.71 1.16 15.91
C ASN A 309 12.74 0.00 16.16
N ASP A 310 13.15 -0.95 17.03
CA ASP A 310 12.26 -2.00 17.56
C ASP A 310 11.29 -1.38 18.58
N ILE A 311 10.05 -1.88 18.61
CA ILE A 311 8.99 -1.38 19.52
C ILE A 311 7.82 -2.39 19.57
N ASP A 312 7.39 -2.75 20.81
CA ASP A 312 6.20 -3.57 21.04
C ASP A 312 4.96 -2.68 20.87
N VAL A 313 4.38 -2.71 19.67
CA VAL A 313 3.25 -1.85 19.31
C VAL A 313 1.92 -2.58 19.68
N PRO A 314 0.99 -1.91 20.44
CA PRO A 314 -0.31 -2.51 20.82
C PRO A 314 -1.23 -2.70 19.59
N ALA A 315 -1.87 -3.90 19.49
CA ALA A 315 -2.65 -4.33 18.31
C ALA A 315 -3.90 -3.47 18.02
N ALA A 316 -4.21 -2.50 18.91
CA ALA A 316 -5.30 -1.52 18.74
C ALA A 316 -5.12 -0.74 17.43
N LEU A 317 -3.92 -0.12 17.31
CA LEU A 317 -3.56 0.73 16.17
C LEU A 317 -3.42 -0.10 14.88
N ILE A 318 -2.89 -1.35 15.02
CA ILE A 318 -2.72 -2.28 13.89
C ILE A 318 -4.10 -2.57 13.25
N ASP A 319 -5.03 -3.06 14.09
CA ASP A 319 -6.39 -3.42 13.65
C ASP A 319 -7.20 -2.18 13.23
N SER A 320 -6.86 -1.02 13.83
CA SER A 320 -7.44 0.30 13.48
C SER A 320 -7.15 0.66 12.02
N GLU A 321 -5.86 0.62 11.61
CA GLU A 321 -5.44 1.03 10.26
C GLU A 321 -5.76 -0.06 9.22
N ILE A 322 -5.76 -1.35 9.66
CA ILE A 322 -6.29 -2.47 8.87
C ILE A 322 -7.79 -2.23 8.59
N ASP A 323 -8.51 -1.71 9.61
CA ASP A 323 -9.94 -1.36 9.47
C ASP A 323 -10.12 -0.21 8.48
N VAL A 324 -9.23 0.82 8.52
CA VAL A 324 -9.26 1.94 7.54
C VAL A 324 -9.15 1.41 6.10
N LEU A 325 -8.19 0.50 5.90
CA LEU A 325 -7.94 -0.13 4.58
C LEU A 325 -9.07 -1.12 4.19
N ARG A 326 -9.75 -1.69 5.20
CA ARG A 326 -10.95 -2.53 4.99
C ARG A 326 -12.16 -1.66 4.58
N ARG A 327 -12.28 -0.46 5.18
CA ARG A 327 -13.36 0.50 4.87
C ARG A 327 -13.18 0.99 3.42
N GLN A 328 -11.91 1.27 3.07
CA GLN A 328 -11.50 1.70 1.72
C GLN A 328 -11.92 0.67 0.66
N ALA A 329 -11.58 -0.61 0.91
CA ALA A 329 -11.92 -1.72 0.01
C ALA A 329 -13.45 -1.84 -0.18
N ALA A 330 -14.18 -2.04 0.94
CA ALA A 330 -15.64 -2.22 0.96
C ALA A 330 -16.38 -1.02 0.31
N GLN A 331 -15.80 0.19 0.46
CA GLN A 331 -16.31 1.45 -0.13
C GLN A 331 -16.24 1.40 -1.66
N ARG A 332 -15.13 0.84 -2.20
CA ARG A 332 -14.89 0.78 -3.66
C ARG A 332 -15.52 -0.51 -4.24
N PHE A 333 -15.98 -1.38 -3.33
CA PHE A 333 -16.84 -2.53 -3.65
C PHE A 333 -18.35 -2.11 -3.55
N GLY A 334 -18.59 -0.77 -3.58
CA GLY A 334 -19.95 -0.21 -3.61
C GLY A 334 -20.52 0.11 -2.24
N GLY A 335 -19.65 0.20 -1.21
CA GLY A 335 -20.07 0.46 0.17
C GLY A 335 -20.91 -0.68 0.75
N ASN A 336 -20.44 -1.93 0.49
CA ASN A 336 -21.20 -3.16 0.78
C ASN A 336 -21.47 -3.36 2.30
N GLU A 337 -22.64 -2.85 2.76
CA GLU A 337 -23.29 -3.17 4.06
C GLU A 337 -22.38 -3.00 5.32
N LYS A 338 -21.29 -2.20 5.17
CA LYS A 338 -20.28 -1.98 6.25
C LYS A 338 -19.63 -3.30 6.70
N GLN A 339 -19.54 -4.27 5.75
CA GLN A 339 -18.95 -5.61 5.96
C GLN A 339 -17.41 -5.59 5.92
N ALA A 340 -16.85 -4.38 5.93
CA ALA A 340 -15.42 -4.11 5.99
C ALA A 340 -14.71 -4.92 7.09
N LEU A 341 -15.30 -4.93 8.30
CA LEU A 341 -14.73 -5.63 9.48
C LEU A 341 -14.47 -7.13 9.22
N GLU A 342 -15.33 -7.75 8.37
CA GLU A 342 -15.24 -9.17 8.02
C GLU A 342 -14.07 -9.43 7.04
N LEU A 343 -13.71 -8.42 6.22
CA LEU A 343 -12.65 -8.56 5.19
C LEU A 343 -11.33 -9.06 5.84
N PRO A 344 -10.71 -10.15 5.29
CA PRO A 344 -9.52 -10.82 5.89
C PRO A 344 -8.40 -9.83 6.29
N ARG A 345 -8.11 -9.80 7.60
CA ARG A 345 -7.07 -8.93 8.20
C ARG A 345 -5.71 -9.07 7.49
N GLU A 346 -5.39 -10.30 7.10
CA GLU A 346 -4.10 -10.65 6.45
C GLU A 346 -3.95 -10.03 5.04
N LEU A 347 -5.03 -9.45 4.48
CA LEU A 347 -4.94 -8.66 3.22
C LEU A 347 -4.22 -7.32 3.47
N PHE A 348 -4.35 -6.80 4.70
CA PHE A 348 -3.89 -5.44 5.06
C PHE A 348 -2.90 -5.48 6.24
N GLU A 349 -2.69 -6.69 6.82
CA GLU A 349 -1.81 -6.93 7.98
C GLU A 349 -0.44 -6.22 7.86
N GLU A 350 0.40 -6.68 6.90
CA GLU A 350 1.78 -6.21 6.75
C GLU A 350 1.86 -4.69 6.50
N GLN A 351 1.05 -4.20 5.53
CA GLN A 351 1.12 -2.80 5.07
C GLN A 351 0.65 -1.82 6.17
N ALA A 352 -0.48 -2.14 6.83
CA ALA A 352 -1.04 -1.30 7.89
C ALA A 352 -0.11 -1.29 9.10
N LYS A 353 0.20 -2.50 9.63
CA LYS A 353 1.08 -2.69 10.82
C LYS A 353 2.43 -1.98 10.63
N ARG A 354 2.94 -1.99 9.38
CA ARG A 354 4.12 -1.22 8.99
C ARG A 354 3.86 0.29 9.20
N ARG A 355 2.73 0.79 8.65
CA ARG A 355 2.35 2.24 8.74
C ARG A 355 1.99 2.65 10.17
N VAL A 356 1.68 1.66 11.02
CA VAL A 356 1.40 1.85 12.44
C VAL A 356 2.70 2.07 13.22
N VAL A 357 3.72 1.21 12.93
CA VAL A 357 5.09 1.40 13.48
C VAL A 357 5.61 2.79 13.04
N VAL A 358 5.41 3.12 11.75
CA VAL A 358 5.74 4.43 11.16
C VAL A 358 5.05 5.57 11.92
N GLY A 359 3.75 5.39 12.19
CA GLY A 359 2.94 6.39 12.88
C GLY A 359 3.32 6.59 14.34
N LEU A 360 3.79 5.51 14.98
CA LEU A 360 4.22 5.53 16.39
C LEU A 360 5.59 6.25 16.49
N LEU A 361 6.51 5.93 15.56
CA LEU A 361 7.87 6.50 15.55
C LEU A 361 7.86 7.99 15.16
N LEU A 362 7.09 8.31 14.08
CA LEU A 362 6.89 9.71 13.63
C LEU A 362 6.16 10.52 14.71
N GLY A 363 5.17 9.87 15.38
CA GLY A 363 4.46 10.47 16.51
C GLY A 363 5.38 10.80 17.68
N GLU A 364 6.36 9.89 17.91
CA GLU A 364 7.39 10.08 18.92
C GLU A 364 8.35 11.24 18.53
N VAL A 365 8.65 11.37 17.22
CA VAL A 365 9.46 12.49 16.69
C VAL A 365 8.72 13.84 16.89
N ILE A 366 7.38 13.81 16.64
CA ILE A 366 6.49 14.97 16.82
C ILE A 366 6.45 15.41 18.29
N ARG A 367 6.38 14.41 19.19
CA ARG A 367 6.31 14.66 20.63
C ARG A 367 7.64 15.22 21.16
N THR A 368 8.71 14.44 20.97
CA THR A 368 10.06 14.74 21.48
C THR A 368 10.62 16.08 20.91
N ASN A 369 10.34 16.35 19.61
CA ASN A 369 10.78 17.61 18.95
C ASN A 369 9.71 18.72 19.02
N GLU A 370 8.61 18.48 19.80
CA GLU A 370 7.47 19.42 20.00
C GLU A 370 7.02 20.13 18.70
N LEU A 371 6.85 19.32 17.64
CA LEU A 371 6.42 19.78 16.31
C LEU A 371 4.94 20.23 16.30
N LYS A 372 4.63 21.21 15.45
CA LYS A 372 3.24 21.69 15.22
C LYS A 372 3.01 21.92 13.71
N ALA A 373 1.79 21.62 13.28
CA ALA A 373 1.32 21.86 11.91
C ALA A 373 0.96 23.34 11.73
N ASP A 374 1.76 24.05 10.93
CA ASP A 374 1.66 25.51 10.75
C ASP A 374 0.77 25.85 9.54
N GLU A 375 -0.05 26.91 9.68
CA GLU A 375 -1.04 27.33 8.66
C GLU A 375 -0.38 27.70 7.32
N GLU A 376 0.77 28.38 7.38
CA GLU A 376 1.54 28.78 6.19
C GLU A 376 2.16 27.54 5.52
N ARG A 377 2.39 26.47 6.33
CA ARG A 377 2.95 25.21 5.84
C ARG A 377 1.88 24.43 5.06
N VAL A 378 0.64 24.45 5.61
CA VAL A 378 -0.53 23.86 4.96
C VAL A 378 -0.74 24.54 3.59
N LYS A 379 -0.68 25.89 3.58
CA LYS A 379 -0.71 26.72 2.36
C LYS A 379 0.34 26.24 1.33
N GLY A 380 1.59 26.04 1.81
CA GLY A 380 2.68 25.51 0.99
C GLY A 380 2.32 24.22 0.27
N LEU A 381 1.80 23.24 1.05
CA LEU A 381 1.39 21.92 0.53
C LEU A 381 0.24 22.02 -0.50
N ILE A 382 -0.80 22.81 -0.15
CA ILE A 382 -2.00 23.03 -1.01
C ILE A 382 -1.58 23.51 -2.41
N GLU A 383 -0.77 24.59 -2.43
CA GLU A 383 -0.32 25.22 -3.68
C GLU A 383 0.69 24.32 -4.43
N GLU A 384 1.53 23.59 -3.69
CA GLU A 384 2.51 22.62 -4.26
C GLU A 384 1.83 21.52 -5.09
N MET A 385 0.80 20.89 -4.52
CA MET A 385 0.08 19.80 -5.20
C MET A 385 -0.84 20.36 -6.31
N ALA A 386 -1.55 21.48 -5.99
CA ALA A 386 -2.60 22.03 -6.86
C ALA A 386 -2.03 22.60 -8.16
N SER A 387 -0.89 23.33 -8.04
CA SER A 387 -0.22 24.01 -9.18
C SER A 387 0.21 23.00 -10.26
N ALA A 388 0.42 21.75 -9.83
CA ALA A 388 0.89 20.65 -10.70
C ALA A 388 -0.28 20.05 -11.53
N TYR A 389 -1.54 20.35 -11.15
CA TYR A 389 -2.74 19.88 -11.87
C TYR A 389 -3.19 20.91 -12.92
N GLU A 390 -4.15 20.46 -13.76
CA GLU A 390 -4.67 21.24 -14.90
C GLU A 390 -5.46 22.45 -14.40
N ASP A 391 -6.17 22.26 -13.27
CA ASP A 391 -6.92 23.35 -12.60
C ASP A 391 -6.61 23.34 -11.09
N PRO A 392 -5.72 24.27 -10.63
CA PRO A 392 -5.47 24.46 -9.17
C PRO A 392 -6.64 25.18 -8.46
N LYS A 393 -7.42 25.94 -9.24
CA LYS A 393 -8.44 26.89 -8.75
C LYS A 393 -9.43 26.21 -7.80
N GLU A 394 -9.95 25.06 -8.25
CA GLU A 394 -10.97 24.28 -7.53
C GLU A 394 -10.41 23.72 -6.21
N VAL A 395 -9.08 23.44 -6.21
CA VAL A 395 -8.41 22.83 -5.05
C VAL A 395 -8.27 23.87 -3.94
N ILE A 396 -7.85 25.09 -4.32
CA ILE A 396 -7.75 26.22 -3.39
C ILE A 396 -9.16 26.55 -2.83
N GLU A 397 -10.13 26.78 -3.72
CA GLU A 397 -11.51 27.23 -3.35
C GLU A 397 -12.24 26.19 -2.46
N PHE A 398 -11.98 24.90 -2.70
CA PHE A 398 -12.57 23.81 -1.89
C PHE A 398 -11.87 23.69 -0.52
N TYR A 399 -10.53 23.54 -0.55
CA TYR A 399 -9.74 23.13 0.62
C TYR A 399 -9.60 24.28 1.64
N SER A 400 -9.25 25.50 1.14
CA SER A 400 -8.91 26.67 1.98
C SER A 400 -10.07 27.08 2.91
N LYS A 401 -11.29 26.82 2.45
CA LYS A 401 -12.52 27.17 3.17
C LYS A 401 -12.92 26.07 4.18
N ASN A 402 -12.52 24.81 3.90
CA ASN A 402 -12.96 23.65 4.70
C ASN A 402 -11.84 23.24 5.68
N LYS A 403 -11.95 23.74 6.92
CA LYS A 403 -10.99 23.48 8.01
C LYS A 403 -11.09 22.02 8.52
N GLU A 404 -12.21 21.36 8.23
CA GLU A 404 -12.48 19.97 8.67
C GLU A 404 -11.52 18.99 7.96
N LEU A 405 -11.28 19.22 6.66
CA LEU A 405 -10.34 18.45 5.84
C LEU A 405 -8.94 19.07 5.94
N MET A 406 -8.88 20.41 6.11
CA MET A 406 -7.60 21.15 6.33
C MET A 406 -6.93 20.67 7.63
N ASP A 407 -7.73 20.18 8.59
CA ASP A 407 -7.22 19.56 9.82
C ASP A 407 -6.39 18.32 9.48
N ASN A 408 -6.95 17.45 8.62
CA ASN A 408 -6.25 16.24 8.12
C ASN A 408 -5.05 16.63 7.23
N MET A 409 -5.14 17.81 6.59
CA MET A 409 -4.02 18.39 5.82
C MET A 409 -2.94 18.94 6.76
N ARG A 410 -3.34 19.35 7.97
CA ARG A 410 -2.42 19.73 9.05
C ARG A 410 -1.75 18.46 9.59
N ASN A 411 -2.50 17.35 9.62
CA ASN A 411 -1.98 16.04 10.05
C ASN A 411 -0.89 15.52 9.09
N VAL A 412 -1.10 15.67 7.76
CA VAL A 412 -0.04 15.33 6.77
C VAL A 412 1.08 16.38 6.75
N ALA A 413 0.76 17.65 7.11
CA ALA A 413 1.78 18.70 7.29
C ALA A 413 2.74 18.29 8.41
N LEU A 414 2.14 17.80 9.49
CA LEU A 414 2.83 17.38 10.71
C LEU A 414 3.59 16.04 10.48
N GLU A 415 3.02 15.18 9.61
CA GLU A 415 3.65 13.91 9.17
C GLU A 415 4.91 14.19 8.34
N GLU A 416 4.76 15.04 7.32
CA GLU A 416 5.88 15.45 6.44
C GLU A 416 6.96 16.18 7.24
N GLN A 417 6.53 16.95 8.25
CA GLN A 417 7.44 17.71 9.14
C GLN A 417 8.14 16.77 10.12
N ALA A 418 7.43 15.69 10.52
CA ALA A 418 8.00 14.61 11.35
C ALA A 418 9.13 13.92 10.60
N VAL A 419 8.90 13.66 9.31
CA VAL A 419 9.92 13.15 8.38
C VAL A 419 11.12 14.14 8.33
N GLU A 420 10.83 15.43 8.03
CA GLU A 420 11.86 16.49 7.86
C GLU A 420 12.63 16.80 9.17
N ALA A 421 12.03 16.46 10.32
CA ALA A 421 12.70 16.56 11.63
C ALA A 421 13.75 15.45 11.79
N VAL A 422 13.48 14.28 11.15
CA VAL A 422 14.43 13.16 11.10
C VAL A 422 15.51 13.47 10.05
N LEU A 423 15.08 14.13 8.95
CA LEU A 423 15.96 14.50 7.81
C LEU A 423 16.99 15.57 8.23
N ALA A 424 16.54 16.51 9.07
CA ALA A 424 17.40 17.57 9.64
C ALA A 424 18.57 16.97 10.45
N LYS A 425 18.32 15.79 11.04
CA LYS A 425 19.30 15.06 11.85
C LYS A 425 20.05 13.99 11.02
N ALA A 426 19.38 13.43 9.99
CA ALA A 426 19.89 12.28 9.20
C ALA A 426 20.90 12.72 8.12
N LYS A 427 21.66 11.73 7.61
CA LYS A 427 22.63 11.92 6.52
C LYS A 427 21.89 11.95 5.17
N VAL A 428 21.29 13.12 4.86
CA VAL A 428 20.52 13.33 3.62
C VAL A 428 21.46 13.86 2.53
N THR A 429 22.00 12.92 1.73
CA THR A 429 22.94 13.22 0.65
C THR A 429 22.20 13.85 -0.56
N GLU A 430 22.20 15.19 -0.59
CA GLU A 430 21.63 15.97 -1.70
C GLU A 430 22.54 15.86 -2.94
N LYS A 431 21.99 15.33 -4.05
CA LYS A 431 22.72 15.20 -5.32
C LYS A 431 21.82 15.67 -6.47
N GLU A 432 22.43 16.28 -7.49
CA GLU A 432 21.71 16.77 -8.69
C GLU A 432 21.88 15.76 -9.85
N THR A 433 20.77 15.48 -10.59
CA THR A 433 20.76 14.46 -11.66
C THR A 433 19.54 14.63 -12.60
N THR A 434 19.47 13.80 -13.65
CA THR A 434 18.39 13.83 -14.66
C THR A 434 17.25 12.85 -14.30
N PHE A 435 16.16 12.91 -15.10
CA PHE A 435 14.90 12.10 -14.92
C PHE A 435 15.18 10.58 -14.97
N ASN A 436 16.35 10.23 -15.55
CA ASN A 436 16.85 8.83 -15.69
C ASN A 436 17.18 8.16 -14.33
N GLU A 437 17.11 8.92 -13.23
CA GLU A 437 17.42 8.44 -11.87
C GLU A 437 16.29 7.53 -11.30
N LEU A 438 15.04 8.05 -11.27
CA LEU A 438 13.96 7.45 -10.44
C LEU A 438 13.15 6.38 -11.21
N MET A 439 12.32 6.83 -12.18
CA MET A 439 11.28 5.98 -12.82
C MET A 439 11.67 5.58 -14.27
N ASN A 440 12.97 5.40 -14.52
CA ASN A 440 13.52 5.12 -15.88
C ASN A 440 13.40 3.61 -16.26
N GLN A 441 12.22 3.03 -15.99
CA GLN A 441 11.82 1.68 -16.45
C GLN A 441 10.41 1.79 -17.01
N GLN A 442 10.32 2.17 -18.30
CA GLN A 442 9.03 2.28 -19.03
C GLN A 442 8.41 0.89 -19.23
N ALA A 443 9.29 -0.12 -19.38
CA ALA A 443 8.93 -1.55 -19.31
C ALA A 443 9.32 -2.06 -17.89
N VAL B 8 15.07 -37.27 -63.20
CA VAL B 8 14.32 -36.08 -62.79
C VAL B 8 14.17 -36.08 -61.25
N ASP B 9 13.84 -34.92 -60.65
CA ASP B 9 13.65 -34.79 -59.18
C ASP B 9 12.23 -35.23 -58.75
N LEU B 10 11.85 -34.88 -57.48
CA LEU B 10 10.50 -35.16 -56.92
C LEU B 10 9.42 -34.53 -57.83
N ASP B 11 9.25 -33.19 -57.75
CA ASP B 11 8.47 -32.45 -58.76
C ASP B 11 9.45 -31.69 -59.69
N GLU B 12 9.81 -30.43 -59.34
CA GLU B 12 11.00 -29.76 -59.88
C GLU B 12 12.00 -29.51 -58.72
N ALA B 13 11.77 -28.39 -57.99
CA ALA B 13 12.62 -27.95 -56.86
C ALA B 13 11.87 -28.02 -55.51
N VAL B 14 10.63 -28.57 -55.55
CA VAL B 14 9.57 -28.48 -54.49
C VAL B 14 10.07 -28.31 -53.01
N GLN B 15 11.08 -29.08 -52.60
CA GLN B 15 11.51 -29.20 -51.17
C GLN B 15 12.73 -28.29 -50.82
N ARG B 16 13.19 -27.49 -51.80
CA ARG B 16 14.58 -26.97 -51.90
C ARG B 16 15.20 -26.47 -50.55
N ALA B 17 14.76 -25.31 -50.01
CA ALA B 17 15.43 -24.66 -48.86
C ALA B 17 14.61 -24.77 -47.56
N LEU B 18 13.57 -23.92 -47.45
CA LEU B 18 12.94 -23.55 -46.15
C LEU B 18 11.51 -24.10 -45.97
N GLU B 19 11.04 -24.86 -46.96
CA GLU B 19 9.59 -25.21 -47.13
C GLU B 19 8.93 -25.88 -45.89
N PHE B 20 9.71 -26.67 -45.13
CA PHE B 20 9.19 -27.35 -43.93
C PHE B 20 9.67 -26.65 -42.63
N ALA B 21 10.99 -26.74 -42.37
CA ALA B 21 11.57 -26.57 -41.02
C ALA B 21 11.80 -25.11 -40.60
N LYS B 22 11.49 -24.14 -41.48
CA LYS B 22 11.79 -22.72 -41.21
C LYS B 22 10.92 -22.15 -40.09
N LYS B 23 9.72 -22.71 -39.93
CA LYS B 23 8.66 -22.16 -39.05
C LYS B 23 8.60 -22.87 -37.69
N GLU B 24 8.17 -22.12 -36.66
CA GLU B 24 7.84 -22.65 -35.33
C GLU B 24 6.98 -21.59 -34.59
N GLY B 25 7.62 -20.47 -34.19
CA GLY B 25 6.91 -19.34 -33.55
C GLY B 25 7.67 -18.76 -32.35
N ASN B 26 6.90 -18.35 -31.32
CA ASN B 26 7.40 -17.76 -30.05
C ASN B 26 7.98 -18.89 -29.11
N THR B 27 8.27 -18.54 -27.84
CA THR B 27 8.70 -19.44 -26.75
C THR B 27 10.14 -19.94 -26.99
N LEU B 28 11.11 -19.15 -26.51
CA LEU B 28 12.55 -19.40 -26.69
C LEU B 28 13.00 -20.50 -25.76
N VAL B 29 13.28 -21.68 -26.32
CA VAL B 29 13.76 -22.80 -25.51
C VAL B 29 15.22 -22.55 -25.14
N ILE B 30 15.45 -22.04 -23.91
CA ILE B 30 16.75 -22.15 -23.24
C ILE B 30 16.49 -22.53 -21.77
N VAL B 31 16.32 -23.83 -21.54
CA VAL B 31 16.22 -24.40 -20.19
C VAL B 31 16.65 -25.88 -20.18
N THR B 32 16.91 -26.43 -18.99
CA THR B 32 16.91 -27.87 -18.74
C THR B 32 15.44 -28.33 -18.62
N ALA B 33 14.87 -28.82 -19.74
CA ALA B 33 13.41 -28.94 -19.94
C ALA B 33 12.88 -30.34 -19.56
N ASP B 34 12.19 -30.43 -18.39
CA ASP B 34 11.45 -31.64 -17.98
C ASP B 34 10.35 -31.22 -16.99
N HIS B 35 9.11 -31.06 -17.52
CA HIS B 35 7.89 -30.65 -16.74
C HIS B 35 8.07 -29.23 -16.15
N ALA B 36 8.79 -29.15 -15.02
CA ALA B 36 9.16 -27.91 -14.32
C ALA B 36 10.40 -28.21 -13.47
N HIS B 37 11.09 -27.17 -12.96
CA HIS B 37 12.27 -27.37 -12.08
C HIS B 37 11.83 -28.00 -10.74
N ALA B 38 10.58 -27.73 -10.33
CA ALA B 38 9.97 -28.34 -9.13
C ALA B 38 9.81 -29.86 -9.29
N SER B 39 9.64 -30.30 -10.56
CA SER B 39 9.54 -31.72 -10.98
C SER B 39 8.20 -32.36 -10.53
N GLN B 40 8.08 -32.62 -9.21
CA GLN B 40 6.89 -33.26 -8.61
C GLN B 40 5.68 -32.31 -8.61
N ILE B 41 5.94 -31.01 -8.33
CA ILE B 41 4.94 -29.92 -8.28
C ILE B 41 4.11 -29.94 -6.96
N VAL B 42 3.62 -31.13 -6.56
CA VAL B 42 2.94 -31.33 -5.26
C VAL B 42 3.16 -32.77 -4.76
N ALA B 43 2.56 -33.76 -5.46
CA ALA B 43 2.73 -35.21 -5.22
C ALA B 43 1.82 -36.00 -6.21
N PRO B 44 0.44 -35.79 -6.26
CA PRO B 44 -0.41 -36.45 -7.25
C PRO B 44 -0.46 -35.67 -8.60
N ASP B 45 -0.24 -36.39 -9.71
CA ASP B 45 -0.38 -35.84 -11.08
C ASP B 45 -1.82 -36.08 -11.57
N THR B 46 -2.14 -35.60 -12.78
CA THR B 46 -3.46 -35.79 -13.40
C THR B 46 -3.59 -37.22 -13.96
N LYS B 47 -3.74 -38.19 -13.05
CA LYS B 47 -3.86 -39.63 -13.36
C LYS B 47 -5.21 -39.90 -14.03
N ALA B 48 -6.24 -39.19 -13.55
CA ALA B 48 -7.58 -39.18 -14.13
C ALA B 48 -7.63 -38.21 -15.34
N PRO B 49 -8.35 -38.57 -16.46
CA PRO B 49 -8.51 -37.68 -17.63
C PRO B 49 -9.45 -36.50 -17.32
N GLY B 50 -8.88 -35.46 -16.71
CA GLY B 50 -9.60 -34.23 -16.37
C GLY B 50 -8.63 -33.11 -16.03
N LEU B 51 -7.60 -32.97 -16.87
CA LEU B 51 -6.55 -31.95 -16.73
C LEU B 51 -7.21 -30.55 -16.90
N THR B 52 -7.37 -29.84 -15.76
CA THR B 52 -7.96 -28.47 -15.65
C THR B 52 -9.37 -28.36 -16.30
N GLN B 53 -9.94 -27.12 -16.31
CA GLN B 53 -11.21 -26.76 -16.99
C GLN B 53 -12.43 -27.28 -16.17
N ALA B 54 -12.49 -28.63 -15.98
CA ALA B 54 -13.44 -29.29 -15.07
C ALA B 54 -14.90 -29.15 -15.55
N LEU B 55 -15.07 -29.20 -16.90
CA LEU B 55 -16.37 -29.02 -17.62
C LEU B 55 -17.14 -27.76 -17.19
N ASN B 56 -16.40 -26.74 -16.68
CA ASN B 56 -16.96 -25.50 -16.11
C ASN B 56 -17.89 -25.86 -14.92
N THR B 57 -17.28 -26.11 -13.74
CA THR B 57 -17.99 -26.55 -12.53
C THR B 57 -18.82 -25.39 -11.92
N LYS B 58 -20.16 -25.44 -12.17
CA LYS B 58 -21.21 -24.59 -11.53
C LYS B 58 -20.93 -23.08 -11.61
N ASP B 59 -19.99 -22.63 -10.75
CA ASP B 59 -19.57 -21.23 -10.61
C ASP B 59 -18.97 -20.72 -11.92
N GLY B 60 -17.98 -21.47 -12.44
CA GLY B 60 -17.26 -21.11 -13.67
C GLY B 60 -16.17 -20.07 -13.42
N ALA B 61 -16.57 -18.92 -12.84
CA ALA B 61 -15.68 -17.81 -12.49
C ALA B 61 -16.26 -17.08 -11.27
N VAL B 62 -15.42 -16.85 -10.24
CA VAL B 62 -15.80 -16.08 -9.04
C VAL B 62 -15.74 -14.58 -9.38
N MET B 63 -16.92 -14.05 -9.80
CA MET B 63 -17.10 -12.67 -10.33
C MET B 63 -16.56 -12.55 -11.76
N VAL B 64 -17.37 -11.98 -12.68
CA VAL B 64 -17.00 -11.84 -14.11
C VAL B 64 -15.84 -10.84 -14.30
N MET B 65 -15.84 -9.76 -13.48
CA MET B 65 -14.75 -8.76 -13.47
C MET B 65 -14.84 -7.87 -12.22
N SER B 66 -16.08 -7.44 -11.86
CA SER B 66 -16.34 -6.41 -10.81
C SER B 66 -15.66 -5.06 -11.18
N TYR B 67 -15.78 -4.04 -10.30
CA TYR B 67 -14.97 -2.78 -10.33
C TYR B 67 -15.29 -1.87 -11.56
N GLY B 68 -14.99 -2.35 -12.78
CA GLY B 68 -15.38 -1.70 -14.03
C GLY B 68 -16.87 -1.36 -14.10
N ASN B 69 -17.16 -0.07 -14.35
CA ASN B 69 -18.52 0.54 -14.40
C ASN B 69 -19.10 0.81 -13.00
N SER B 70 -18.64 0.06 -11.98
CA SER B 70 -19.03 0.28 -10.57
C SER B 70 -18.42 1.60 -10.09
N GLU B 71 -17.09 1.73 -10.25
CA GLU B 71 -16.32 2.89 -9.74
C GLU B 71 -16.65 4.19 -10.49
N GLU B 72 -16.87 4.10 -11.81
CA GLU B 72 -17.14 5.28 -12.64
C GLU B 72 -18.60 5.74 -12.46
N ASP B 73 -19.53 4.77 -12.50
CA ASP B 73 -20.98 5.04 -12.57
C ASP B 73 -21.73 4.57 -11.30
N SER B 74 -21.78 3.26 -11.08
CA SER B 74 -22.84 2.59 -10.32
C SER B 74 -22.78 2.80 -8.79
N GLN B 75 -21.59 3.03 -8.21
CA GLN B 75 -21.43 3.14 -6.74
C GLN B 75 -21.77 4.57 -6.27
N GLU B 76 -21.66 5.55 -7.22
CA GLU B 76 -21.90 7.00 -7.02
C GLU B 76 -20.73 7.67 -6.27
N HIS B 77 -20.43 7.17 -5.07
CA HIS B 77 -19.44 7.75 -4.17
C HIS B 77 -18.02 7.40 -4.66
N THR B 78 -17.41 8.35 -5.39
CA THR B 78 -16.09 8.17 -6.06
C THR B 78 -15.01 7.71 -5.06
N GLY B 79 -14.58 6.44 -5.20
CA GLY B 79 -13.51 5.87 -4.36
C GLY B 79 -12.13 6.18 -4.92
N SER B 80 -12.08 6.39 -6.24
CA SER B 80 -10.85 6.74 -6.96
C SER B 80 -10.73 8.28 -7.02
N GLN B 81 -10.39 8.87 -5.87
CA GLN B 81 -10.11 10.31 -5.74
C GLN B 81 -8.60 10.51 -5.85
N LEU B 82 -8.00 9.97 -6.95
CA LEU B 82 -6.55 9.98 -7.16
C LEU B 82 -6.13 11.36 -7.71
N ARG B 83 -6.11 12.33 -6.78
CA ARG B 83 -5.65 13.70 -6.99
C ARG B 83 -5.65 14.39 -5.61
N ILE B 84 -4.71 15.34 -5.44
CA ILE B 84 -4.45 16.11 -4.20
C ILE B 84 -4.17 15.22 -2.97
N ALA B 85 -3.83 15.84 -1.84
CA ALA B 85 -3.61 15.14 -0.56
C ALA B 85 -4.79 15.44 0.37
N ALA B 86 -5.59 14.42 0.65
CA ALA B 86 -6.79 14.55 1.49
C ALA B 86 -7.04 13.21 2.20
N TYR B 87 -6.61 13.12 3.47
CA TYR B 87 -6.66 11.89 4.28
C TYR B 87 -8.07 11.67 4.86
N GLY B 88 -8.57 10.43 4.69
CA GLY B 88 -9.78 9.95 5.37
C GLY B 88 -9.39 9.07 6.55
N PRO B 89 -9.29 9.64 7.80
CA PRO B 89 -8.71 8.93 8.95
C PRO B 89 -9.73 8.01 9.68
N HIS B 90 -9.23 7.26 10.69
CA HIS B 90 -10.07 6.37 11.50
C HIS B 90 -10.74 7.19 12.61
N ALA B 91 -11.87 7.83 12.23
CA ALA B 91 -12.66 8.71 13.13
C ALA B 91 -11.78 9.90 13.60
N ALA B 92 -11.97 10.35 14.87
CA ALA B 92 -11.23 11.49 15.46
C ALA B 92 -11.57 12.82 14.76
N ASN B 93 -10.75 13.89 15.01
CA ASN B 93 -11.01 15.29 14.54
C ASN B 93 -12.21 15.89 15.30
N VAL B 94 -13.43 15.36 15.04
CA VAL B 94 -14.66 15.73 15.77
C VAL B 94 -14.52 15.35 17.26
N VAL B 95 -13.87 14.21 17.52
CA VAL B 95 -13.53 13.74 18.88
C VAL B 95 -12.00 13.53 18.99
N GLY B 96 -11.36 14.26 19.89
CA GLY B 96 -9.92 14.14 20.12
C GLY B 96 -9.54 14.64 21.50
N LEU B 97 -9.86 15.93 21.72
CA LEU B 97 -9.74 16.62 23.03
C LEU B 97 -8.26 16.71 23.46
N THR B 98 -7.77 15.62 24.10
CA THR B 98 -6.41 15.51 24.65
C THR B 98 -6.15 16.59 25.75
N ASP B 99 -6.80 16.40 26.90
CA ASP B 99 -6.68 17.31 28.07
C ASP B 99 -5.31 17.14 28.74
N GLN B 100 -4.87 15.88 28.78
CA GLN B 100 -3.58 15.49 29.40
C GLN B 100 -2.39 16.03 28.58
N THR B 101 -1.36 16.52 29.32
CA THR B 101 -0.14 17.05 28.73
C THR B 101 0.87 15.90 28.49
N ASP B 102 0.87 15.40 27.25
CA ASP B 102 1.85 14.40 26.78
C ASP B 102 2.27 14.80 25.37
N LEU B 103 1.28 14.82 24.46
CA LEU B 103 1.40 15.43 23.13
C LEU B 103 0.07 16.15 22.82
N PHE B 104 0.17 17.49 22.63
CA PHE B 104 -0.97 18.45 22.59
C PHE B 104 -2.16 18.02 21.69
N TYR B 105 -1.85 17.33 20.57
CA TYR B 105 -2.86 16.93 19.56
C TYR B 105 -2.63 15.49 19.09
N THR B 106 -1.53 15.28 18.34
CA THR B 106 -1.18 14.01 17.66
C THR B 106 -2.14 13.73 16.46
N MET B 107 -1.56 13.30 15.32
CA MET B 107 -2.33 12.90 14.13
C MET B 107 -2.95 11.50 14.35
N LYS B 108 -3.92 11.12 13.49
CA LYS B 108 -4.62 9.82 13.58
C LYS B 108 -3.68 8.68 13.11
N ALA B 109 -2.94 8.13 14.08
CA ALA B 109 -1.95 7.04 13.90
C ALA B 109 -1.47 6.59 15.28
N ALA B 110 -1.39 7.57 16.19
CA ALA B 110 -1.11 7.38 17.63
C ALA B 110 -2.04 8.29 18.45
N LEU B 111 -1.98 8.17 19.78
CA LEU B 111 -2.77 9.01 20.71
C LEU B 111 -1.90 10.11 21.34
N GLY B 112 -2.57 11.14 21.91
CA GLY B 112 -1.90 12.24 22.63
C GLY B 112 -1.55 11.90 24.08
N LEU B 113 -1.45 10.59 24.37
CA LEU B 113 -1.06 10.04 25.67
C LEU B 113 -0.63 8.58 25.50
N LYS B 114 0.22 8.12 26.42
CA LYS B 114 0.75 6.75 26.44
C LYS B 114 0.08 5.95 27.58
N MET A 12 -16.64 1.14 42.57
CA MET A 12 -15.52 0.52 41.82
C MET A 12 -14.57 -0.21 42.79
N GLN A 13 -13.81 -1.19 42.24
CA GLN A 13 -12.80 -1.95 42.99
C GLN A 13 -11.96 -2.74 41.98
N VAL A 14 -10.79 -2.19 41.60
CA VAL A 14 -9.98 -2.69 40.48
C VAL A 14 -8.65 -3.32 40.96
N SER A 15 -8.12 -4.27 40.18
CA SER A 15 -6.84 -4.95 40.45
C SER A 15 -6.05 -5.08 39.14
N VAL A 16 -5.18 -4.07 38.85
CA VAL A 16 -4.35 -4.05 37.63
C VAL A 16 -3.17 -5.05 37.77
N GLU A 17 -3.44 -6.30 37.35
CA GLU A 17 -2.46 -7.39 37.36
C GLU A 17 -1.79 -7.48 35.98
N THR A 18 -0.63 -6.78 35.87
CA THR A 18 0.21 -6.80 34.66
C THR A 18 0.83 -8.21 34.47
N THR A 19 0.15 -9.03 33.67
CA THR A 19 0.51 -10.44 33.45
C THR A 19 1.74 -10.57 32.52
N GLN A 20 1.60 -10.19 31.23
CA GLN A 20 2.68 -10.29 30.24
C GLN A 20 2.53 -9.21 29.16
N GLY A 21 3.58 -8.37 29.02
CA GLY A 21 3.69 -7.36 27.97
C GLY A 21 2.60 -6.30 28.01
N LEU A 22 1.64 -6.43 27.09
CA LEU A 22 0.51 -5.49 26.96
C LEU A 22 -0.54 -5.78 28.04
N GLY A 23 -0.67 -7.08 28.39
CA GLY A 23 -1.69 -7.59 29.29
C GLY A 23 -1.61 -7.00 30.69
N ARG A 24 -2.43 -5.99 30.94
CA ARG A 24 -2.70 -5.43 32.28
C ARG A 24 -4.14 -5.75 32.63
N ARG A 25 -4.32 -6.95 33.20
CA ARG A 25 -5.62 -7.51 33.55
C ARG A 25 -6.21 -6.79 34.77
N VAL A 26 -6.99 -5.73 34.49
CA VAL A 26 -7.69 -4.96 35.51
C VAL A 26 -8.96 -5.73 35.93
N THR A 27 -8.78 -6.62 36.93
CA THR A 27 -9.88 -7.41 37.51
C THR A 27 -10.73 -6.52 38.42
N ILE A 28 -11.93 -6.16 37.93
CA ILE A 28 -12.85 -5.23 38.61
C ILE A 28 -13.97 -6.02 39.31
N THR A 29 -14.04 -5.89 40.63
CA THR A 29 -15.21 -6.31 41.41
C THR A 29 -16.21 -5.13 41.50
N ILE A 30 -17.30 -5.22 40.73
CA ILE A 30 -18.43 -4.29 40.82
C ILE A 30 -19.31 -4.74 42.01
N ALA A 31 -19.29 -3.98 43.10
CA ALA A 31 -20.00 -4.34 44.35
C ALA A 31 -21.53 -4.21 44.20
N ALA A 32 -22.25 -4.89 45.10
CA ALA A 32 -23.71 -5.04 45.07
C ALA A 32 -24.47 -3.70 45.19
N ASP A 33 -23.80 -2.68 45.77
CA ASP A 33 -24.40 -1.33 45.92
C ASP A 33 -24.59 -0.69 44.54
N SER A 34 -23.58 -0.87 43.67
CA SER A 34 -23.56 -0.29 42.33
C SER A 34 -24.57 -0.99 41.42
N ILE A 35 -24.67 -2.33 41.59
CA ILE A 35 -25.54 -3.19 40.76
C ILE A 35 -27.03 -2.95 41.09
N GLU A 36 -27.37 -3.01 42.39
CA GLU A 36 -28.76 -2.88 42.87
C GLU A 36 -29.35 -1.50 42.51
N THR A 37 -28.50 -0.46 42.63
CA THR A 37 -28.87 0.91 42.23
C THR A 37 -29.08 1.00 40.70
N ALA A 38 -28.16 0.39 39.93
CA ALA A 38 -28.14 0.52 38.46
C ALA A 38 -29.33 -0.21 37.78
N VAL A 39 -29.69 -1.41 38.29
CA VAL A 39 -30.86 -2.19 37.79
C VAL A 39 -32.15 -1.37 37.98
N LYS A 40 -32.27 -0.77 39.18
CA LYS A 40 -33.44 0.03 39.59
C LYS A 40 -33.54 1.34 38.76
N SER A 41 -32.37 1.94 38.52
CA SER A 41 -32.23 3.19 37.72
C SER A 41 -32.42 2.92 36.22
N GLU A 42 -32.33 1.64 35.83
CA GLU A 42 -32.51 1.23 34.43
C GLU A 42 -33.99 0.95 34.14
N LEU A 43 -34.67 0.31 35.11
CA LEU A 43 -36.08 -0.13 34.96
C LEU A 43 -37.08 1.02 35.03
N VAL A 44 -36.67 2.15 35.62
CA VAL A 44 -37.51 3.37 35.64
C VAL A 44 -37.67 3.93 34.20
N ASN A 45 -36.62 3.73 33.37
CA ASN A 45 -36.63 4.10 31.93
C ASN A 45 -37.61 3.20 31.16
N VAL A 46 -37.53 1.89 31.45
CA VAL A 46 -38.34 0.85 30.79
C VAL A 46 -39.83 1.01 31.17
N ALA A 47 -40.08 1.34 32.45
CA ALA A 47 -41.43 1.50 33.01
C ALA A 47 -42.18 2.65 32.30
N LYS A 48 -41.48 3.79 32.15
CA LYS A 48 -42.04 5.00 31.51
C LYS A 48 -42.31 4.78 30.01
N LYS A 49 -41.33 4.14 29.32
CA LYS A 49 -41.41 3.90 27.87
C LYS A 49 -42.61 3.00 27.52
N VAL A 50 -42.70 1.86 28.22
CA VAL A 50 -43.76 0.84 28.01
C VAL A 50 -45.10 1.29 28.67
N ARG A 51 -45.05 2.42 29.41
CA ARG A 51 -46.20 3.10 30.04
C ARG A 51 -46.68 2.36 31.33
N ILE A 52 -45.87 1.39 31.80
CA ILE A 52 -46.12 0.64 33.06
C ILE A 52 -46.13 1.60 34.27
N ASP A 53 -45.30 2.65 34.18
CA ASP A 53 -45.20 3.74 35.18
C ASP A 53 -46.57 4.40 35.38
N GLY A 54 -47.30 4.60 34.25
CA GLY A 54 -48.63 5.20 34.25
C GLY A 54 -49.66 4.38 35.04
N PHE A 55 -49.52 3.03 34.98
CA PHE A 55 -50.38 2.11 35.74
C PHE A 55 -49.94 2.02 37.22
N ARG A 56 -48.63 2.19 37.45
CA ARG A 56 -48.03 2.05 38.78
C ARG A 56 -48.34 3.29 39.66
N LYS A 57 -49.07 3.05 40.76
CA LYS A 57 -49.31 4.06 41.83
C LYS A 57 -48.49 3.71 43.08
N GLY A 58 -47.42 2.90 42.87
CA GLY A 58 -46.53 2.44 43.94
C GLY A 58 -47.20 1.48 44.89
N LYS A 59 -47.89 0.46 44.32
CA LYS A 59 -48.59 -0.58 45.10
C LYS A 59 -47.60 -1.38 45.95
N VAL A 60 -46.63 -2.04 45.27
CA VAL A 60 -45.55 -2.79 45.91
C VAL A 60 -44.26 -1.94 45.81
N PRO A 61 -43.51 -1.69 46.94
CA PRO A 61 -42.27 -0.84 46.97
C PRO A 61 -41.25 -1.13 45.83
N MET A 62 -40.53 -0.06 45.40
CA MET A 62 -39.62 -0.07 44.23
C MET A 62 -38.42 -1.02 44.44
N ASN A 63 -37.90 -1.08 45.68
CA ASN A 63 -36.79 -1.96 46.05
C ASN A 63 -37.12 -3.45 45.79
N ILE A 64 -38.38 -3.81 46.06
CA ILE A 64 -38.90 -5.17 45.90
C ILE A 64 -39.10 -5.50 44.40
N VAL A 65 -39.86 -4.65 43.68
CA VAL A 65 -40.26 -4.91 42.29
C VAL A 65 -39.05 -4.85 41.32
N ALA A 66 -38.08 -3.96 41.59
CA ALA A 66 -36.95 -3.69 40.67
C ALA A 66 -36.04 -4.92 40.51
N GLN A 67 -35.61 -5.49 41.63
CA GLN A 67 -34.71 -6.66 41.63
C GLN A 67 -35.40 -7.95 41.12
N ARG A 68 -36.76 -7.96 41.15
CA ARG A 68 -37.57 -9.10 40.68
C ARG A 68 -37.79 -9.04 39.15
N TYR A 69 -38.41 -7.93 38.67
CA TYR A 69 -38.66 -7.71 37.21
C TYR A 69 -37.36 -7.52 36.41
N GLY A 70 -36.29 -7.09 37.12
CA GLY A 70 -34.98 -6.85 36.49
C GLY A 70 -34.04 -8.04 36.55
N ALA A 71 -34.60 -9.25 36.73
CA ALA A 71 -33.83 -10.50 36.80
C ALA A 71 -33.19 -10.81 35.42
N SER A 72 -33.98 -10.70 34.35
CA SER A 72 -33.51 -10.88 32.96
C SER A 72 -32.59 -9.72 32.53
N VAL A 73 -32.89 -8.52 33.08
CA VAL A 73 -32.26 -7.26 32.68
C VAL A 73 -30.83 -7.10 33.29
N ARG A 74 -30.42 -8.04 34.18
CA ARG A 74 -29.08 -8.00 34.84
C ARG A 74 -27.94 -7.94 33.80
N GLN A 75 -28.10 -8.68 32.67
CA GLN A 75 -27.14 -8.69 31.55
C GLN A 75 -26.93 -7.27 30.97
N ASP A 76 -28.06 -6.57 30.72
CA ASP A 76 -28.06 -5.21 30.14
C ASP A 76 -27.34 -4.22 31.07
N VAL A 77 -27.64 -4.36 32.36
CA VAL A 77 -27.10 -3.51 33.43
C VAL A 77 -25.58 -3.73 33.59
N LEU A 78 -25.15 -5.02 33.58
CA LEU A 78 -23.73 -5.39 33.73
C LEU A 78 -22.92 -4.92 32.51
N GLY A 79 -23.53 -5.00 31.31
CA GLY A 79 -22.92 -4.49 30.07
C GLY A 79 -22.58 -3.02 30.17
N ASP A 80 -23.54 -2.24 30.72
CA ASP A 80 -23.36 -0.81 31.01
C ASP A 80 -22.25 -0.60 32.06
N LEU A 81 -22.34 -1.37 33.16
CA LEU A 81 -21.44 -1.26 34.33
C LEU A 81 -19.97 -1.58 33.99
N MET A 82 -19.74 -2.49 33.01
CA MET A 82 -18.38 -2.86 32.57
C MET A 82 -17.66 -1.64 31.98
N SER A 83 -18.41 -0.86 31.19
CA SER A 83 -17.89 0.37 30.55
C SER A 83 -17.71 1.49 31.60
N ARG A 84 -18.64 1.57 32.59
CA ARG A 84 -18.61 2.58 33.67
C ARG A 84 -17.32 2.45 34.49
N ASN A 85 -17.06 1.22 34.96
CA ASN A 85 -15.93 0.90 35.86
C ASN A 85 -14.60 0.88 35.10
N PHE A 86 -14.63 0.58 33.78
CA PHE A 86 -13.41 0.57 32.94
C PHE A 86 -12.84 1.98 32.75
N ILE A 87 -13.69 2.89 32.20
CA ILE A 87 -13.27 4.28 31.89
C ILE A 87 -12.86 5.02 33.19
N ASP A 88 -13.64 4.78 34.25
CA ASP A 88 -13.44 5.40 35.57
C ASP A 88 -12.08 4.96 36.18
N ALA A 89 -11.76 3.67 36.00
CA ALA A 89 -10.51 3.07 36.49
C ALA A 89 -9.28 3.70 35.80
N ILE A 90 -9.20 3.54 34.46
CA ILE A 90 -7.98 3.88 33.67
C ILE A 90 -7.60 5.38 33.76
N ILE A 91 -8.59 6.25 34.07
CA ILE A 91 -8.38 7.69 34.29
C ILE A 91 -7.60 7.93 35.60
N LYS A 92 -8.15 7.45 36.74
CA LYS A 92 -7.58 7.73 38.08
C LYS A 92 -6.35 6.87 38.38
N GLU A 93 -6.24 5.72 37.70
CA GLU A 93 -5.07 4.82 37.81
C GLU A 93 -3.96 5.24 36.84
N LYS A 94 -4.32 6.07 35.84
CA LYS A 94 -3.40 6.55 34.77
C LYS A 94 -2.85 5.37 33.94
N ILE A 95 -3.68 4.34 33.76
CA ILE A 95 -3.39 3.22 32.86
C ILE A 95 -3.67 3.69 31.42
N ASN A 96 -2.60 3.92 30.66
CA ASN A 96 -2.67 4.28 29.24
C ASN A 96 -2.95 3.00 28.41
N PRO A 97 -4.22 2.79 27.94
CA PRO A 97 -4.64 1.54 27.28
C PRO A 97 -4.55 1.63 25.74
N ALA A 98 -4.97 0.55 25.07
CA ALA A 98 -4.99 0.44 23.60
C ALA A 98 -5.78 -0.81 23.19
N GLY A 99 -6.13 -0.88 21.90
CA GLY A 99 -6.82 -2.03 21.33
C GLY A 99 -8.29 -2.11 21.74
N ALA A 100 -8.84 -3.34 21.69
CA ALA A 100 -10.21 -3.64 22.09
C ALA A 100 -10.23 -4.11 23.56
N PRO A 101 -10.90 -3.36 24.51
CA PRO A 101 -11.02 -3.78 25.93
C PRO A 101 -11.79 -5.13 26.04
N THR A 102 -11.04 -6.19 26.36
CA THR A 102 -11.57 -7.56 26.44
C THR A 102 -12.13 -7.82 27.85
N TYR A 103 -13.45 -7.61 27.99
CA TYR A 103 -14.17 -7.86 29.25
C TYR A 103 -14.44 -9.36 29.39
N VAL A 104 -13.52 -10.06 30.04
CA VAL A 104 -13.65 -11.48 30.36
C VAL A 104 -14.70 -11.64 31.49
N PRO A 105 -15.93 -12.19 31.21
CA PRO A 105 -16.98 -12.33 32.23
C PRO A 105 -16.60 -13.41 33.27
N GLY A 106 -16.08 -12.95 34.42
CA GLY A 106 -15.60 -13.81 35.50
C GLY A 106 -16.73 -14.65 36.11
N GLU A 107 -17.61 -13.97 36.86
CA GLU A 107 -18.72 -14.60 37.56
C GLU A 107 -19.68 -13.52 38.11
N TYR A 108 -20.99 -13.72 37.90
CA TYR A 108 -22.04 -12.87 38.49
C TYR A 108 -22.77 -13.64 39.59
N LYS A 109 -22.77 -13.06 40.79
CA LYS A 109 -23.56 -13.56 41.91
C LYS A 109 -24.85 -12.71 41.97
N LEU A 110 -26.01 -13.40 42.05
CA LEU A 110 -27.35 -12.80 41.90
C LEU A 110 -27.62 -11.71 42.97
N GLY A 111 -27.48 -10.43 42.56
CA GLY A 111 -27.71 -9.28 43.46
C GLY A 111 -26.61 -9.08 44.49
N GLU A 112 -25.47 -9.75 44.26
CA GLU A 112 -24.27 -9.68 45.12
C GLU A 112 -23.13 -9.07 44.29
N ASP A 113 -21.87 -9.23 44.76
CA ASP A 113 -20.69 -8.64 44.13
C ASP A 113 -20.32 -9.38 42.82
N PHE A 114 -20.42 -8.65 41.69
CA PHE A 114 -19.96 -9.11 40.37
C PHE A 114 -18.43 -8.94 40.27
N THR A 115 -17.74 -9.93 39.70
CA THR A 115 -16.29 -9.87 39.46
C THR A 115 -15.98 -10.33 38.02
N TYR A 116 -15.16 -9.55 37.30
CA TYR A 116 -14.72 -9.86 35.93
C TYR A 116 -13.31 -9.28 35.72
N SER A 117 -12.67 -9.66 34.61
CA SER A 117 -11.26 -9.29 34.33
C SER A 117 -11.17 -8.61 32.96
N VAL A 118 -10.69 -7.35 32.94
CA VAL A 118 -10.52 -6.59 31.68
C VAL A 118 -9.05 -6.67 31.22
N GLU A 119 -8.80 -7.46 30.17
CA GLU A 119 -7.48 -7.57 29.53
C GLU A 119 -7.49 -6.71 28.26
N PHE A 120 -6.44 -5.91 28.06
CA PHE A 120 -6.33 -4.97 26.92
C PHE A 120 -4.86 -4.70 26.61
N GLU A 121 -4.60 -4.10 25.45
CA GLU A 121 -3.26 -3.69 25.04
C GLU A 121 -2.92 -2.31 25.62
N VAL A 122 -1.65 -1.91 25.49
CA VAL A 122 -1.17 -0.55 25.88
C VAL A 122 -0.24 -0.02 24.79
N TYR A 123 -0.11 1.32 24.69
CA TYR A 123 0.92 1.95 23.84
C TYR A 123 2.27 1.90 24.61
N PRO A 124 3.26 1.06 24.15
CA PRO A 124 4.56 0.89 24.84
C PRO A 124 5.52 2.08 24.62
N GLU A 125 6.75 1.95 25.11
CA GLU A 125 7.76 3.01 25.07
C GLU A 125 8.38 3.13 23.67
N VAL A 126 7.97 4.17 22.92
CA VAL A 126 8.59 4.51 21.63
C VAL A 126 9.94 5.21 21.90
N GLU A 127 11.01 4.46 21.72
CA GLU A 127 12.38 4.90 22.05
C GLU A 127 13.11 5.30 20.79
N LEU A 128 13.20 6.62 20.54
CA LEU A 128 14.03 7.17 19.46
C LEU A 128 15.47 7.30 19.96
N GLN A 129 16.42 6.97 19.08
CA GLN A 129 17.86 7.18 19.34
C GLN A 129 18.33 8.42 18.55
N GLY A 130 19.66 8.60 18.44
CA GLY A 130 20.23 9.68 17.65
C GLY A 130 19.83 9.57 16.19
N LEU A 131 18.96 10.50 15.73
CA LEU A 131 18.46 10.54 14.33
C LEU A 131 19.61 10.86 13.34
N GLU A 132 20.74 11.34 13.90
CA GLU A 132 22.02 11.57 13.20
C GLU A 132 22.56 10.26 12.57
N ALA A 133 22.28 9.12 13.24
CA ALA A 133 22.74 7.78 12.80
C ALA A 133 22.08 7.34 11.49
N ILE A 134 20.81 7.77 11.31
CA ILE A 134 19.97 7.37 10.16
C ILE A 134 20.55 7.90 8.84
N GLU A 135 20.67 7.02 7.84
CA GLU A 135 21.19 7.37 6.51
C GLU A 135 20.05 7.34 5.48
N VAL A 136 19.77 8.52 4.93
CA VAL A 136 18.73 8.75 3.91
C VAL A 136 19.39 9.31 2.64
N GLU A 137 18.73 9.19 1.46
CA GLU A 137 19.20 9.84 0.21
C GLU A 137 18.20 10.92 -0.20
N LYS A 138 18.71 11.96 -0.86
CA LYS A 138 17.90 12.97 -1.55
C LYS A 138 18.35 13.03 -3.01
N PRO A 139 17.53 12.48 -3.96
CA PRO A 139 17.82 12.59 -5.39
C PRO A 139 17.53 14.02 -5.88
N ILE A 140 18.59 14.85 -6.00
CA ILE A 140 18.53 16.16 -6.66
C ILE A 140 18.27 15.91 -8.16
N VAL A 141 16.99 16.02 -8.58
CA VAL A 141 16.56 15.64 -9.94
C VAL A 141 15.68 16.74 -10.56
N GLU A 142 15.83 16.89 -11.87
CA GLU A 142 14.96 17.66 -12.74
C GLU A 142 14.84 16.90 -14.08
N VAL A 143 13.70 17.07 -14.76
CA VAL A 143 13.45 16.40 -16.04
C VAL A 143 14.16 17.22 -17.14
N THR A 144 15.45 16.89 -17.37
CA THR A 144 16.30 17.58 -18.36
C THR A 144 15.84 17.24 -19.78
N ASP A 145 16.40 17.92 -20.80
CA ASP A 145 16.03 17.68 -22.22
C ASP A 145 16.29 16.20 -22.62
N ALA A 146 17.33 15.59 -22.02
CA ALA A 146 17.63 14.15 -22.16
C ALA A 146 16.41 13.31 -21.69
N ASP A 147 15.89 13.67 -20.51
CA ASP A 147 14.76 12.97 -19.88
C ASP A 147 13.44 13.20 -20.64
N VAL A 148 13.19 14.46 -21.08
CA VAL A 148 11.96 14.85 -21.78
C VAL A 148 11.88 14.14 -23.13
N ASP A 149 12.95 14.30 -23.94
CA ASP A 149 13.05 13.71 -25.28
C ASP A 149 13.04 12.17 -25.20
N GLY A 150 13.82 11.62 -24.24
CA GLY A 150 13.94 10.16 -24.06
C GLY A 150 12.62 9.50 -23.64
N MET A 151 11.89 10.16 -22.74
CA MET A 151 10.59 9.69 -22.23
C MET A 151 9.53 9.72 -23.35
N LEU A 152 9.31 10.91 -23.96
CA LEU A 152 8.38 11.10 -25.11
C LEU A 152 8.72 10.16 -26.31
N ASP A 153 10.03 9.89 -26.47
CA ASP A 153 10.56 8.94 -27.47
C ASP A 153 10.06 7.52 -27.18
N THR A 154 10.26 7.09 -25.92
CA THR A 154 9.81 5.76 -25.43
C THR A 154 8.26 5.67 -25.39
N LEU A 155 7.57 6.82 -25.28
CA LEU A 155 6.09 6.88 -25.30
C LEU A 155 5.56 6.61 -26.72
N ARG A 156 6.16 7.27 -27.73
CA ARG A 156 5.81 7.01 -29.13
C ARG A 156 6.41 5.67 -29.64
N LYS A 157 7.43 5.15 -28.95
CA LYS A 157 7.93 3.76 -29.21
C LYS A 157 7.02 2.74 -28.52
N GLN A 158 6.30 3.18 -27.47
CA GLN A 158 5.22 2.38 -26.86
C GLN A 158 4.00 2.36 -27.80
N GLN A 159 3.77 3.48 -28.51
CA GLN A 159 2.76 3.59 -29.58
C GLN A 159 3.37 3.15 -30.94
N ALA A 160 4.15 2.05 -30.91
CA ALA A 160 5.02 1.58 -32.02
C ALA A 160 4.29 1.35 -33.35
N THR A 161 4.69 2.12 -34.39
CA THR A 161 4.28 1.90 -35.77
C THR A 161 5.13 0.75 -36.36
N TRP A 162 4.49 -0.38 -36.70
CA TRP A 162 5.19 -1.58 -37.18
C TRP A 162 5.52 -1.41 -38.68
N LYS A 163 6.81 -1.27 -38.98
CA LYS A 163 7.31 -0.96 -40.34
C LYS A 163 8.59 -1.74 -40.65
N GLU A 164 8.53 -2.66 -41.63
CA GLU A 164 9.72 -3.38 -42.13
C GLU A 164 10.73 -2.40 -42.74
N LYS A 165 12.01 -2.53 -42.35
CA LYS A 165 13.13 -1.74 -42.91
C LYS A 165 14.02 -2.64 -43.79
N ASP A 166 14.97 -1.99 -44.49
CA ASP A 166 15.89 -2.69 -45.38
C ASP A 166 17.10 -3.21 -44.58
N GLY A 167 16.95 -4.46 -44.12
CA GLY A 167 18.06 -5.35 -43.71
C GLY A 167 18.80 -5.03 -42.39
N ALA A 168 19.36 -3.83 -42.25
CA ALA A 168 20.29 -3.49 -41.13
C ALA A 168 19.55 -3.49 -39.78
N VAL A 169 20.14 -4.15 -38.76
CA VAL A 169 19.55 -4.22 -37.40
C VAL A 169 20.17 -3.13 -36.50
N GLU A 170 19.30 -2.46 -35.73
CA GLU A 170 19.67 -1.47 -34.70
C GLU A 170 19.14 -1.95 -33.33
N ALA A 171 19.55 -1.24 -32.27
CA ALA A 171 19.17 -1.55 -30.88
C ALA A 171 17.69 -1.26 -30.59
N GLU A 172 17.13 -0.26 -31.30
CA GLU A 172 15.75 0.21 -31.07
C GLU A 172 14.75 -0.45 -32.03
N ASP A 173 15.17 -1.53 -32.70
CA ASP A 173 14.37 -2.18 -33.77
C ASP A 173 13.35 -3.18 -33.22
N ARG A 174 12.60 -3.76 -34.16
CA ARG A 174 11.60 -4.79 -33.87
C ARG A 174 11.85 -5.93 -34.89
N VAL A 175 12.67 -6.90 -34.50
CA VAL A 175 13.15 -7.99 -35.37
C VAL A 175 12.17 -9.19 -35.32
N THR A 176 12.19 -10.04 -36.35
CA THR A 176 11.54 -11.37 -36.34
C THR A 176 12.55 -12.39 -36.90
N ILE A 177 12.65 -13.52 -36.22
CA ILE A 177 13.67 -14.54 -36.46
C ILE A 177 13.11 -15.93 -36.14
N ASP A 178 13.88 -16.93 -36.53
CA ASP A 178 13.84 -18.27 -35.92
C ASP A 178 15.08 -18.39 -35.04
N PHE A 179 15.04 -19.24 -34.01
CA PHE A 179 16.26 -19.62 -33.29
C PHE A 179 16.14 -21.03 -32.71
N THR A 180 17.29 -21.57 -32.31
CA THR A 180 17.39 -22.82 -31.58
C THR A 180 18.52 -22.71 -30.54
N GLY A 181 18.10 -22.51 -29.27
CA GLY A 181 19.02 -22.38 -28.14
C GLY A 181 19.37 -23.72 -27.51
N SER A 182 20.64 -23.89 -27.12
CA SER A 182 21.12 -25.05 -26.35
C SER A 182 22.31 -24.60 -25.49
N VAL A 183 22.13 -24.68 -24.16
CA VAL A 183 23.04 -24.08 -23.17
C VAL A 183 24.17 -25.04 -22.85
N ASP A 184 25.41 -24.64 -23.21
CA ASP A 184 26.65 -25.47 -23.08
C ASP A 184 26.66 -26.62 -24.12
N GLY A 185 25.58 -26.71 -24.92
CA GLY A 185 25.39 -27.81 -25.87
C GLY A 185 24.47 -28.92 -25.34
N GLU A 186 23.48 -28.55 -24.49
CA GLU A 186 22.44 -29.48 -24.00
C GLU A 186 21.04 -28.86 -24.15
N GLU A 187 20.04 -29.75 -24.35
CA GLU A 187 18.64 -29.35 -24.53
C GLU A 187 17.93 -29.30 -23.17
N PHE A 188 18.14 -28.18 -22.49
CA PHE A 188 17.36 -27.73 -21.32
C PHE A 188 15.84 -27.73 -21.63
N GLU A 189 15.41 -26.81 -22.48
CA GLU A 189 14.08 -26.78 -23.09
C GLU A 189 14.17 -27.36 -24.53
N GLY A 190 13.00 -27.48 -25.21
CA GLY A 190 12.88 -28.16 -26.51
C GLY A 190 13.71 -27.61 -27.70
N GLY A 191 14.59 -26.62 -27.43
CA GLY A 191 15.61 -26.16 -28.38
C GLY A 191 15.13 -25.03 -29.28
N LYS A 192 14.08 -25.27 -30.10
CA LYS A 192 13.67 -24.32 -31.17
C LYS A 192 12.54 -23.38 -30.76
N ALA A 193 12.43 -22.28 -31.52
CA ALA A 193 11.38 -21.26 -31.38
C ALA A 193 11.14 -20.58 -32.73
N SER A 194 10.15 -21.11 -33.47
CA SER A 194 9.76 -20.62 -34.80
C SER A 194 9.09 -19.23 -34.75
N ASP A 195 9.65 -18.29 -35.52
CA ASP A 195 9.05 -16.97 -35.81
C ASP A 195 8.87 -16.12 -34.54
N PHE A 196 9.90 -16.17 -33.67
CA PHE A 196 9.98 -15.28 -32.51
C PHE A 196 10.19 -13.83 -32.99
N VAL A 197 9.39 -12.93 -32.43
CA VAL A 197 9.36 -11.50 -32.77
C VAL A 197 10.01 -10.72 -31.61
N LEU A 198 11.26 -10.25 -31.83
CA LEU A 198 12.04 -9.52 -30.81
C LEU A 198 11.82 -8.00 -30.92
N ALA A 199 10.94 -7.47 -30.07
CA ALA A 199 10.76 -6.01 -29.90
C ALA A 199 11.89 -5.49 -28.99
N MET A 200 13.07 -5.23 -29.60
CA MET A 200 14.29 -4.83 -28.87
C MET A 200 14.04 -3.57 -28.03
N GLY A 201 14.49 -3.59 -26.77
CA GLY A 201 14.12 -2.58 -25.76
C GLY A 201 13.56 -3.22 -24.51
N GLN A 202 12.93 -4.40 -24.68
CA GLN A 202 12.47 -5.24 -23.58
C GLN A 202 13.69 -5.87 -22.85
N GLY A 203 13.90 -5.48 -21.58
CA GLY A 203 15.02 -5.99 -20.77
C GLY A 203 14.67 -7.28 -20.03
N ARG A 204 13.99 -8.20 -20.74
CA ARG A 204 13.62 -9.54 -20.21
C ARG A 204 14.80 -10.51 -20.48
N MET A 205 15.49 -10.27 -21.62
CA MET A 205 16.75 -10.96 -21.96
C MET A 205 17.93 -10.23 -21.30
N ILE A 206 19.01 -10.98 -21.06
CA ILE A 206 20.26 -10.44 -20.51
C ILE A 206 21.18 -9.89 -21.64
N PRO A 207 22.22 -9.05 -21.29
CA PRO A 207 23.30 -8.69 -22.24
C PRO A 207 23.98 -9.94 -22.87
N GLY A 208 24.38 -9.80 -24.13
CA GLY A 208 24.92 -10.90 -24.91
C GLY A 208 23.99 -11.28 -26.04
N PHE A 209 22.70 -11.54 -25.68
CA PHE A 209 21.65 -11.91 -26.66
C PHE A 209 21.39 -10.72 -27.58
N GLU A 210 21.07 -9.58 -26.94
CA GLU A 210 20.77 -8.30 -27.61
C GLU A 210 21.89 -7.86 -28.57
N ASP A 211 23.16 -8.06 -28.14
CA ASP A 211 24.36 -7.64 -28.90
C ASP A 211 24.54 -8.51 -30.15
N GLY A 212 24.12 -9.78 -30.03
CA GLY A 212 24.17 -10.74 -31.13
C GLY A 212 23.16 -10.44 -32.23
N ILE A 213 22.16 -9.63 -31.90
CA ILE A 213 21.10 -9.21 -32.83
C ILE A 213 21.48 -7.88 -33.52
N LYS A 214 21.79 -6.87 -32.68
CA LYS A 214 21.96 -5.45 -33.13
C LYS A 214 23.34 -5.17 -33.77
N GLY A 215 24.10 -6.22 -34.13
CA GLY A 215 25.43 -6.05 -34.73
C GLY A 215 25.49 -6.73 -36.08
N HIS A 216 24.31 -6.97 -36.68
CA HIS A 216 24.16 -7.76 -37.91
C HIS A 216 23.07 -7.16 -38.84
N LYS A 217 22.71 -7.89 -39.91
CA LYS A 217 21.68 -7.49 -40.89
C LYS A 217 20.99 -8.74 -41.47
N ALA A 218 19.74 -8.59 -41.94
CA ALA A 218 18.87 -9.72 -42.37
C ALA A 218 19.47 -10.52 -43.54
N GLY A 219 19.17 -11.82 -43.56
CA GLY A 219 19.67 -12.75 -44.58
C GLY A 219 20.61 -13.77 -43.98
N GLU A 220 21.57 -13.28 -43.18
CA GLU A 220 22.57 -14.14 -42.51
C GLU A 220 21.93 -14.91 -41.35
N GLU A 221 22.21 -16.21 -41.29
CA GLU A 221 21.72 -17.13 -40.27
C GLU A 221 22.93 -17.76 -39.55
N PHE A 222 23.16 -17.29 -38.33
CA PHE A 222 24.39 -17.55 -37.55
C PHE A 222 24.04 -18.18 -36.19
N THR A 223 25.02 -18.26 -35.28
CA THR A 223 24.84 -18.71 -33.91
C THR A 223 25.61 -17.79 -32.96
N ILE A 224 24.90 -17.24 -31.95
CA ILE A 224 25.50 -16.41 -30.90
C ILE A 224 25.63 -17.24 -29.62
N ASP A 225 26.59 -16.85 -28.77
CA ASP A 225 26.84 -17.45 -27.46
C ASP A 225 26.58 -16.39 -26.38
N VAL A 226 25.44 -16.52 -25.70
CA VAL A 226 25.09 -15.70 -24.52
C VAL A 226 25.56 -16.47 -23.28
N THR A 227 25.86 -15.80 -22.17
CA THR A 227 26.44 -16.45 -20.98
C THR A 227 25.75 -15.93 -19.72
N PHE A 228 25.14 -16.83 -18.93
CA PHE A 228 24.33 -16.43 -17.77
C PHE A 228 25.18 -16.40 -16.48
N PRO A 229 25.01 -15.33 -15.61
CA PRO A 229 25.80 -15.09 -14.36
C PRO A 229 25.84 -16.23 -13.32
N GLU A 230 26.72 -16.03 -12.32
CA GLU A 230 26.80 -16.87 -11.11
C GLU A 230 25.70 -16.49 -10.10
N GLU A 231 25.26 -15.21 -10.17
CA GLU A 231 24.13 -14.70 -9.41
C GLU A 231 22.81 -15.31 -9.92
N TYR A 232 22.82 -15.72 -11.21
CA TYR A 232 21.67 -16.36 -11.86
C TYR A 232 21.47 -17.76 -11.21
N HIS A 233 20.41 -17.88 -10.39
CA HIS A 233 20.19 -19.04 -9.49
C HIS A 233 19.84 -20.35 -10.24
N ALA A 234 19.40 -20.21 -11.50
CA ALA A 234 19.15 -21.35 -12.38
C ALA A 234 20.50 -21.93 -12.86
N GLU A 235 20.91 -23.05 -12.24
CA GLU A 235 22.23 -23.67 -12.45
C GLU A 235 22.39 -24.24 -13.87
N ASN A 236 21.25 -24.58 -14.50
CA ASN A 236 21.19 -25.06 -15.89
C ASN A 236 21.66 -23.98 -16.90
N LEU A 237 21.69 -22.69 -16.46
CA LEU A 237 22.24 -21.58 -17.27
C LEU A 237 23.50 -20.98 -16.61
N LYS A 238 23.55 -21.05 -15.27
CA LYS A 238 24.58 -20.42 -14.42
C LYS A 238 26.00 -20.86 -14.82
N GLY A 239 26.81 -19.88 -15.27
CA GLY A 239 28.19 -20.12 -15.73
C GLY A 239 28.27 -20.64 -17.17
N LYS A 240 27.16 -21.18 -17.67
CA LYS A 240 27.10 -21.83 -18.99
C LYS A 240 26.80 -20.80 -20.09
N ALA A 241 27.18 -21.14 -21.33
CA ALA A 241 26.97 -20.30 -22.51
C ALA A 241 25.90 -20.90 -23.44
N ALA A 242 24.75 -20.21 -23.54
CA ALA A 242 23.61 -20.63 -24.37
C ALA A 242 23.82 -20.25 -25.84
N LYS A 243 23.96 -21.29 -26.69
CA LYS A 243 24.13 -21.12 -28.14
C LYS A 243 22.76 -20.96 -28.82
N PHE A 244 22.36 -19.71 -29.07
CA PHE A 244 21.13 -19.38 -29.82
C PHE A 244 21.48 -19.20 -31.29
N ALA A 245 21.07 -20.14 -32.14
CA ALA A 245 21.27 -20.05 -33.59
C ALA A 245 20.24 -19.08 -34.20
N ILE A 246 20.62 -17.80 -34.31
CA ILE A 246 19.72 -16.72 -34.74
C ILE A 246 19.64 -16.67 -36.28
N ASN A 247 18.40 -16.72 -36.79
CA ASN A 247 18.11 -16.74 -38.23
C ASN A 247 17.41 -15.43 -38.62
N LEU A 248 18.19 -14.40 -39.03
CA LEU A 248 17.63 -13.10 -39.42
C LEU A 248 16.84 -13.23 -40.73
N LYS A 249 15.50 -13.14 -40.62
CA LYS A 249 14.59 -13.17 -41.78
C LYS A 249 13.94 -11.78 -41.98
N LYS A 250 13.57 -11.15 -40.85
CA LYS A 250 12.86 -9.87 -40.82
C LYS A 250 13.54 -8.93 -39.85
N VAL A 251 13.69 -7.68 -40.28
CA VAL A 251 14.11 -6.57 -39.43
C VAL A 251 13.11 -5.44 -39.67
N GLU A 252 12.36 -5.09 -38.64
CA GLU A 252 11.40 -3.97 -38.67
C GLU A 252 11.90 -2.86 -37.76
N GLU A 253 11.08 -1.84 -37.62
CA GLU A 253 11.30 -0.72 -36.71
C GLU A 253 9.99 -0.44 -35.97
N ARG A 254 10.09 -0.33 -34.64
CA ARG A 254 9.02 0.26 -33.83
C ARG A 254 9.14 1.79 -33.96
N GLU A 255 8.55 2.27 -35.06
CA GLU A 255 8.66 3.67 -35.52
C GLU A 255 7.83 4.62 -34.64
N LEU A 256 8.34 5.85 -34.49
CA LEU A 256 7.61 6.96 -33.85
C LEU A 256 6.40 7.35 -34.75
N PRO A 257 5.12 7.16 -34.27
CA PRO A 257 3.91 7.59 -35.02
C PRO A 257 3.92 9.10 -35.28
N GLU A 258 3.27 9.50 -36.39
CA GLU A 258 3.14 10.91 -36.78
C GLU A 258 2.54 11.72 -35.63
N LEU A 259 3.39 12.54 -34.98
CA LEU A 259 2.96 13.43 -33.89
C LEU A 259 2.24 14.64 -34.51
N THR A 260 1.02 14.38 -34.99
CA THR A 260 0.15 15.39 -35.63
C THR A 260 -0.73 16.02 -34.56
N ALA A 261 -1.41 17.13 -34.92
CA ALA A 261 -2.24 17.95 -34.01
C ALA A 261 -3.21 17.09 -33.17
N GLU A 262 -3.87 16.14 -33.85
CA GLU A 262 -4.90 15.26 -33.26
C GLU A 262 -4.29 14.16 -32.34
N PHE A 263 -2.99 13.86 -32.53
CA PHE A 263 -2.28 12.87 -31.71
C PHE A 263 -1.74 13.55 -30.43
N ILE A 264 -1.05 14.68 -30.61
CA ILE A 264 -0.43 15.44 -29.49
C ILE A 264 -1.52 16.06 -28.56
N LYS A 265 -2.73 16.37 -29.11
CA LYS A 265 -3.85 16.85 -28.26
C LYS A 265 -4.58 15.71 -27.51
N ARG A 266 -4.30 14.43 -27.91
CA ARG A 266 -5.03 13.24 -27.39
C ARG A 266 -4.88 13.11 -25.85
N PHE A 267 -3.77 13.67 -25.33
CA PHE A 267 -3.44 13.67 -23.90
C PHE A 267 -4.41 14.57 -23.09
N GLY A 268 -4.89 15.67 -23.71
CA GLY A 268 -5.76 16.64 -23.04
C GLY A 268 -5.50 18.08 -23.47
N VAL A 269 -4.65 18.26 -24.49
CA VAL A 269 -4.24 19.57 -25.01
C VAL A 269 -5.36 20.15 -25.93
N GLU A 270 -5.36 21.49 -26.10
CA GLU A 270 -6.41 22.24 -26.84
C GLU A 270 -6.51 21.79 -28.31
N ASP A 271 -5.52 22.18 -29.13
CA ASP A 271 -5.45 21.81 -30.57
C ASP A 271 -4.16 21.05 -30.87
N GLY A 272 -3.41 20.72 -29.81
CA GLY A 272 -2.10 20.11 -29.93
C GLY A 272 -0.97 21.13 -29.82
N SER A 273 -1.21 22.13 -28.95
CA SER A 273 -0.24 23.18 -28.65
C SER A 273 1.02 22.59 -27.98
N VAL A 274 2.20 22.99 -28.48
CA VAL A 274 3.50 22.61 -27.87
C VAL A 274 3.54 22.99 -26.38
N GLU A 275 3.11 24.24 -26.09
CA GLU A 275 2.98 24.76 -24.71
C GLU A 275 2.06 23.86 -23.85
N GLY A 276 1.04 23.23 -24.50
CA GLY A 276 0.10 22.35 -23.83
C GLY A 276 0.70 20.97 -23.61
N LEU A 277 1.69 20.61 -24.47
CA LEU A 277 2.43 19.36 -24.32
C LEU A 277 3.46 19.52 -23.19
N ARG A 278 4.00 20.74 -23.06
CA ARG A 278 4.93 21.11 -21.97
C ARG A 278 4.18 21.10 -20.63
N ALA A 279 2.93 21.58 -20.67
CA ALA A 279 2.00 21.55 -19.55
C ALA A 279 1.72 20.10 -19.13
N GLU A 280 1.40 19.27 -20.15
CA GLU A 280 1.04 17.85 -19.97
C GLU A 280 2.22 17.05 -19.39
N VAL A 281 3.42 17.22 -19.99
CA VAL A 281 4.62 16.50 -19.56
C VAL A 281 5.07 17.00 -18.19
N ARG A 282 4.77 18.26 -17.84
CA ARG A 282 5.03 18.74 -16.47
C ARG A 282 4.13 17.99 -15.47
N LYS A 283 2.81 17.97 -15.74
CA LYS A 283 1.81 17.42 -14.80
C LYS A 283 1.82 15.88 -14.73
N ASN A 284 2.45 15.19 -15.72
CA ASN A 284 2.66 13.72 -15.68
C ASN A 284 4.05 13.36 -15.12
N MET A 285 5.12 14.02 -15.63
CA MET A 285 6.51 13.68 -15.26
C MET A 285 6.85 14.14 -13.84
N GLU A 286 6.18 15.19 -13.31
CA GLU A 286 6.31 15.57 -11.88
C GLU A 286 5.43 14.65 -11.00
N ARG A 287 4.28 14.21 -11.54
CA ARG A 287 3.39 13.22 -10.87
C ARG A 287 4.17 11.92 -10.61
N GLU A 288 5.00 11.54 -11.59
CA GLU A 288 5.88 10.38 -11.48
C GLU A 288 7.08 10.72 -10.59
N LEU A 289 7.87 11.73 -11.01
CA LEU A 289 9.19 12.04 -10.44
C LEU A 289 9.11 12.64 -9.03
N LYS A 290 8.41 13.78 -8.88
CA LYS A 290 8.41 14.56 -7.60
C LYS A 290 7.78 13.72 -6.47
N SER A 291 6.81 12.87 -6.84
CA SER A 291 6.19 11.89 -5.94
C SER A 291 7.21 10.79 -5.59
N ALA A 292 7.92 10.27 -6.62
CA ALA A 292 8.95 9.23 -6.44
C ALA A 292 10.14 9.75 -5.60
N ILE A 293 10.45 11.07 -5.69
CA ILE A 293 11.54 11.71 -4.93
C ILE A 293 11.13 11.77 -3.46
N ARG A 294 9.92 12.33 -3.22
CA ARG A 294 9.37 12.45 -1.87
C ARG A 294 9.26 11.07 -1.20
N ASN A 295 8.82 10.06 -1.98
CA ASN A 295 8.60 8.69 -1.49
C ASN A 295 9.94 7.96 -1.31
N ARG A 296 10.96 8.31 -2.12
CA ARG A 296 12.33 7.76 -1.99
C ARG A 296 12.92 8.19 -0.64
N VAL A 297 13.01 9.52 -0.45
CA VAL A 297 13.58 10.14 0.76
C VAL A 297 12.80 9.69 2.03
N LYS A 298 11.46 9.68 1.90
CA LYS A 298 10.56 9.34 3.02
C LYS A 298 10.65 7.85 3.38
N SER A 299 10.74 6.95 2.38
CA SER A 299 10.83 5.48 2.62
C SER A 299 12.14 5.14 3.35
N GLN A 300 13.24 5.80 2.92
CA GLN A 300 14.56 5.64 3.55
C GLN A 300 14.58 6.24 4.98
N ALA A 301 13.83 7.35 5.18
CA ALA A 301 13.72 8.01 6.48
C ALA A 301 13.02 7.10 7.49
N ILE A 302 11.86 6.55 7.08
CA ILE A 302 11.03 5.66 7.91
C ILE A 302 11.77 4.35 8.21
N GLU A 303 12.22 3.66 7.15
CA GLU A 303 12.87 2.34 7.27
C GLU A 303 14.18 2.47 8.10
N GLY A 304 14.90 3.59 7.86
CA GLY A 304 16.11 3.90 8.63
C GLY A 304 15.81 4.21 10.09
N LEU A 305 14.66 4.86 10.34
CA LEU A 305 14.18 5.21 11.71
C LEU A 305 13.84 3.92 12.50
N VAL A 306 13.18 2.96 11.82
CA VAL A 306 12.85 1.63 12.40
C VAL A 306 14.16 0.91 12.74
N LYS A 307 15.02 0.81 11.72
CA LYS A 307 16.33 0.12 11.80
C LYS A 307 17.26 0.78 12.85
N ALA A 308 17.07 2.09 13.08
CA ALA A 308 17.86 2.86 14.07
C ALA A 308 17.47 2.55 15.53
N ASN A 309 16.21 2.13 15.78
CA ASN A 309 15.69 2.04 17.18
C ASN A 309 14.45 1.14 17.30
N ASP A 310 14.30 0.53 18.50
CA ASP A 310 13.19 -0.39 18.82
C ASP A 310 11.84 0.34 18.80
N ILE A 311 10.82 -0.37 18.32
CA ILE A 311 9.44 0.14 18.23
C ILE A 311 8.43 -1.01 18.43
N ASP A 312 7.67 -0.91 19.53
CA ASP A 312 6.59 -1.86 19.87
C ASP A 312 5.24 -1.18 19.63
N VAL A 313 4.34 -1.87 18.91
CA VAL A 313 3.04 -1.32 18.47
C VAL A 313 1.90 -2.33 18.80
N PRO A 314 0.77 -1.87 19.44
CA PRO A 314 -0.46 -2.70 19.63
C PRO A 314 -1.00 -3.27 18.29
N ALA A 315 -1.25 -4.59 18.26
CA ALA A 315 -1.65 -5.35 17.05
C ALA A 315 -3.01 -4.89 16.48
N ALA A 316 -3.87 -4.31 17.35
CA ALA A 316 -5.18 -3.76 16.94
C ALA A 316 -5.03 -2.60 15.95
N LEU A 317 -3.93 -1.83 16.10
CA LEU A 317 -3.63 -0.68 15.23
C LEU A 317 -3.26 -1.20 13.82
N ILE A 318 -2.43 -2.27 13.79
CA ILE A 318 -2.02 -2.94 12.54
C ILE A 318 -3.28 -3.45 11.81
N ASP A 319 -4.16 -4.17 12.54
CA ASP A 319 -5.42 -4.74 12.00
C ASP A 319 -6.39 -3.64 11.53
N SER A 320 -6.40 -2.50 12.26
CA SER A 320 -7.24 -1.34 11.92
C SER A 320 -6.82 -0.75 10.56
N GLU A 321 -5.49 -0.62 10.35
CA GLU A 321 -4.94 -0.07 9.10
C GLU A 321 -4.94 -1.09 7.97
N ILE A 322 -4.88 -2.38 8.32
CA ILE A 322 -5.10 -3.49 7.39
C ILE A 322 -6.57 -3.44 6.92
N ASP A 323 -7.48 -3.08 7.84
CA ASP A 323 -8.93 -2.92 7.55
C ASP A 323 -9.14 -1.78 6.53
N VAL A 324 -8.44 -0.64 6.73
CA VAL A 324 -8.42 0.48 5.74
C VAL A 324 -8.00 -0.05 4.35
N LEU A 325 -6.85 -0.75 4.34
CA LEU A 325 -6.24 -1.29 3.11
C LEU A 325 -7.05 -2.45 2.51
N ARG A 326 -7.89 -3.12 3.33
CA ARG A 326 -8.79 -4.21 2.90
C ARG A 326 -10.00 -3.63 2.15
N ARG A 327 -10.55 -2.53 2.69
CA ARG A 327 -11.66 -1.78 2.03
C ARG A 327 -11.16 -1.13 0.72
N GLN A 328 -9.92 -0.59 0.77
CA GLN A 328 -9.27 0.07 -0.37
C GLN A 328 -8.94 -0.95 -1.47
N ALA A 329 -8.52 -2.17 -1.05
CA ALA A 329 -8.26 -3.28 -1.98
C ALA A 329 -9.56 -3.70 -2.67
N ALA A 330 -10.61 -3.90 -1.85
CA ALA A 330 -11.96 -4.26 -2.32
C ALA A 330 -12.50 -3.23 -3.32
N GLN A 331 -12.15 -1.94 -3.11
CA GLN A 331 -12.49 -0.83 -4.03
C GLN A 331 -11.76 -0.99 -5.39
N ARG A 332 -10.50 -1.48 -5.33
CA ARG A 332 -9.64 -1.71 -6.53
C ARG A 332 -10.03 -3.03 -7.22
N PHE A 333 -10.80 -3.84 -6.47
CA PHE A 333 -11.40 -5.09 -6.95
C PHE A 333 -12.85 -4.82 -7.51
N GLY A 334 -13.19 -3.52 -7.67
CA GLY A 334 -14.46 -3.09 -8.28
C GLY A 334 -15.64 -3.04 -7.31
N GLY A 335 -15.36 -3.21 -6.01
CA GLY A 335 -16.38 -3.26 -4.95
C GLY A 335 -17.01 -4.65 -4.80
N ASN A 336 -16.37 -5.66 -5.41
CA ASN A 336 -16.90 -7.04 -5.49
C ASN A 336 -16.67 -7.81 -4.16
N GLU A 337 -17.51 -8.86 -3.95
CA GLU A 337 -17.48 -9.81 -2.80
C GLU A 337 -18.12 -9.23 -1.53
N LYS A 338 -17.63 -8.04 -1.11
CA LYS A 338 -17.98 -7.41 0.18
C LYS A 338 -17.50 -8.29 1.36
N GLN A 339 -16.46 -9.10 1.07
CA GLN A 339 -15.79 -9.99 2.04
C GLN A 339 -14.45 -9.35 2.49
N ALA A 340 -14.32 -8.02 2.23
CA ALA A 340 -13.08 -7.22 2.42
C ALA A 340 -12.40 -7.46 3.79
N LEU A 341 -13.20 -7.54 4.88
CA LEU A 341 -12.69 -7.74 6.26
C LEU A 341 -11.89 -9.06 6.39
N GLU A 342 -12.22 -10.07 5.54
CA GLU A 342 -11.56 -11.39 5.55
C GLU A 342 -10.32 -11.43 4.62
N LEU A 343 -10.08 -10.37 3.79
CA LEU A 343 -8.89 -10.31 2.88
C LEU A 343 -7.59 -10.52 3.69
N PRO A 344 -6.68 -11.46 3.22
CA PRO A 344 -5.49 -11.92 3.99
C PRO A 344 -4.66 -10.76 4.58
N ARG A 345 -4.61 -10.73 5.95
CA ARG A 345 -3.84 -9.72 6.72
C ARG A 345 -2.38 -9.63 6.23
N GLU A 346 -1.80 -10.79 5.89
CA GLU A 346 -0.41 -10.91 5.37
C GLU A 346 -0.15 -10.00 4.14
N LEU A 347 -1.18 -9.78 3.28
CA LEU A 347 -1.06 -8.90 2.08
C LEU A 347 -0.77 -7.45 2.51
N PHE A 348 -1.28 -7.09 3.70
CA PHE A 348 -1.24 -5.72 4.22
C PHE A 348 -0.40 -5.64 5.51
N GLU A 349 0.11 -6.80 5.99
CA GLU A 349 0.84 -6.92 7.27
C GLU A 349 2.06 -5.98 7.31
N GLU A 350 3.01 -6.22 6.39
CA GLU A 350 4.30 -5.52 6.38
C GLU A 350 4.12 -4.00 6.18
N GLN A 351 3.29 -3.63 5.19
CA GLN A 351 3.06 -2.22 4.82
C GLN A 351 2.30 -1.47 5.93
N ALA A 352 1.14 -2.02 6.40
CA ALA A 352 0.29 -1.35 7.41
C ALA A 352 1.04 -1.20 8.73
N LYS A 353 1.77 -2.26 9.14
CA LYS A 353 2.59 -2.25 10.36
C LYS A 353 3.64 -1.12 10.27
N ARG A 354 4.28 -0.98 9.09
CA ARG A 354 5.18 0.16 8.80
C ARG A 354 4.43 1.50 8.87
N ARG A 355 3.14 1.54 8.44
CA ARG A 355 2.34 2.80 8.42
C ARG A 355 2.01 3.25 9.85
N VAL A 356 1.81 2.29 10.78
CA VAL A 356 1.54 2.61 12.20
C VAL A 356 2.84 3.01 12.91
N VAL A 357 3.93 2.27 12.59
CA VAL A 357 5.29 2.57 13.08
C VAL A 357 5.73 3.99 12.64
N VAL A 358 5.29 4.41 11.41
CA VAL A 358 5.41 5.80 10.92
C VAL A 358 4.84 6.76 11.97
N GLY A 359 3.59 6.50 12.37
CA GLY A 359 2.86 7.39 13.27
C GLY A 359 3.44 7.45 14.69
N LEU A 360 3.93 6.31 15.22
CA LEU A 360 4.52 6.29 16.59
C LEU A 360 5.90 6.99 16.62
N LEU A 361 6.79 6.63 15.67
CA LEU A 361 8.16 7.21 15.60
C LEU A 361 8.08 8.72 15.31
N LEU A 362 7.34 9.08 14.24
CA LEU A 362 7.17 10.48 13.81
C LEU A 362 6.29 11.29 14.80
N GLY A 363 5.34 10.61 15.46
CA GLY A 363 4.54 11.24 16.53
C GLY A 363 5.41 11.66 17.71
N GLU A 364 6.39 10.81 18.03
CA GLU A 364 7.42 11.14 19.02
C GLU A 364 8.33 12.27 18.49
N VAL A 365 8.66 12.27 17.18
CA VAL A 365 9.44 13.37 16.54
C VAL A 365 8.68 14.73 16.65
N ILE A 366 7.34 14.67 16.53
CA ILE A 366 6.45 15.84 16.70
C ILE A 366 6.56 16.40 18.12
N ARG A 367 6.38 15.51 19.12
CA ARG A 367 6.45 15.90 20.54
C ARG A 367 7.85 16.44 20.90
N THR A 368 8.88 15.63 20.66
CA THR A 368 10.30 15.94 20.95
C THR A 368 10.76 17.27 20.30
N ASN A 369 10.45 17.45 19.00
CA ASN A 369 10.84 18.66 18.25
C ASN A 369 9.74 19.75 18.29
N GLU A 370 8.77 19.62 19.24
CA GLU A 370 7.67 20.61 19.51
C GLU A 370 6.99 21.17 18.24
N LEU A 371 6.76 20.26 17.28
CA LEU A 371 6.25 20.59 15.94
C LEU A 371 4.74 20.94 15.97
N LYS A 372 4.32 21.81 15.02
CA LYS A 372 2.91 22.20 14.81
C LYS A 372 2.56 22.08 13.32
N ALA A 373 1.29 21.73 13.01
CA ALA A 373 0.83 21.53 11.62
C ALA A 373 0.79 22.86 10.86
N ASP A 374 1.89 23.16 10.17
CA ASP A 374 2.12 24.45 9.50
C ASP A 374 1.19 24.59 8.28
N GLU A 375 0.44 25.71 8.23
CA GLU A 375 -0.61 25.97 7.22
C GLU A 375 -0.04 26.09 5.80
N GLU A 376 1.18 26.61 5.67
CA GLU A 376 1.88 26.70 4.37
C GLU A 376 2.36 25.30 3.93
N ARG A 377 2.54 24.38 4.90
CA ARG A 377 2.93 22.98 4.63
C ARG A 377 1.69 22.17 4.21
N VAL A 378 0.52 22.54 4.80
CA VAL A 378 -0.80 21.99 4.41
C VAL A 378 -1.08 22.34 2.95
N LYS A 379 -1.00 23.65 2.63
CA LYS A 379 -1.19 24.16 1.26
C LYS A 379 -0.07 23.66 0.33
N GLY A 380 1.13 23.41 0.91
CA GLY A 380 2.24 22.79 0.18
C GLY A 380 1.82 21.45 -0.43
N LEU A 381 1.29 20.56 0.45
CA LEU A 381 0.73 19.25 0.06
C LEU A 381 -0.38 19.44 -1.00
N ILE A 382 -1.40 20.24 -0.62
CA ILE A 382 -2.61 20.49 -1.43
C ILE A 382 -2.27 20.89 -2.87
N GLU A 383 -1.43 21.91 -3.02
CA GLU A 383 -1.12 22.52 -4.33
C GLU A 383 -0.19 21.60 -5.15
N GLU A 384 0.82 20.99 -4.50
CA GLU A 384 1.77 20.11 -5.21
C GLU A 384 1.13 18.78 -5.65
N MET A 385 0.04 18.34 -4.98
CA MET A 385 -0.69 17.12 -5.39
C MET A 385 -1.90 17.44 -6.30
N ALA A 386 -2.57 18.60 -6.09
CA ALA A 386 -3.86 18.92 -6.78
C ALA A 386 -3.65 19.73 -8.08
N SER A 387 -2.71 20.71 -8.05
CA SER A 387 -2.50 21.64 -9.19
C SER A 387 -1.87 20.93 -10.41
N ALA A 388 -1.36 19.70 -10.19
CA ALA A 388 -0.83 18.84 -11.27
C ALA A 388 -1.95 17.99 -11.93
N TYR A 389 -3.21 18.12 -11.45
CA TYR A 389 -4.40 17.48 -12.08
C TYR A 389 -5.08 18.46 -13.05
N GLU A 390 -6.23 18.02 -13.60
CA GLU A 390 -7.01 18.74 -14.62
C GLU A 390 -7.72 19.95 -13.98
N ASP A 391 -8.46 19.68 -12.89
CA ASP A 391 -9.12 20.74 -12.08
C ASP A 391 -8.63 20.63 -10.63
N PRO A 392 -7.76 21.58 -10.17
CA PRO A 392 -7.39 21.70 -8.74
C PRO A 392 -8.38 22.55 -7.91
N LYS A 393 -9.12 23.44 -8.59
CA LYS A 393 -9.83 24.57 -7.94
C LYS A 393 -10.81 24.09 -6.84
N GLU A 394 -11.64 23.10 -7.21
CA GLU A 394 -12.67 22.53 -6.32
C GLU A 394 -12.04 21.59 -5.26
N VAL A 395 -10.78 21.17 -5.51
CA VAL A 395 -10.03 20.31 -4.58
C VAL A 395 -9.52 21.18 -3.41
N ILE A 396 -8.87 22.32 -3.75
CA ILE A 396 -8.46 23.37 -2.77
C ILE A 396 -9.69 23.77 -1.93
N GLU A 397 -10.81 24.08 -2.63
CA GLU A 397 -12.08 24.46 -1.99
C GLU A 397 -12.66 23.33 -1.12
N PHE A 398 -12.48 22.06 -1.54
CA PHE A 398 -12.94 20.89 -0.77
C PHE A 398 -12.30 20.88 0.63
N TYR A 399 -10.95 20.88 0.66
CA TYR A 399 -10.19 20.79 1.92
C TYR A 399 -10.43 22.03 2.81
N SER A 400 -10.24 23.23 2.23
CA SER A 400 -10.28 24.51 2.99
C SER A 400 -11.61 24.72 3.74
N LYS A 401 -12.73 24.24 3.16
CA LYS A 401 -14.08 24.43 3.72
C LYS A 401 -14.57 23.21 4.53
N ASN A 402 -13.78 22.11 4.55
CA ASN A 402 -14.16 20.87 5.29
C ASN A 402 -13.10 20.58 6.35
N LYS A 403 -13.32 21.13 7.57
CA LYS A 403 -12.39 21.06 8.71
C LYS A 403 -12.02 19.61 9.10
N GLU A 404 -12.94 18.66 8.86
CA GLU A 404 -12.76 17.24 9.20
C GLU A 404 -11.51 16.66 8.48
N LEU A 405 -11.54 16.74 7.15
CA LEU A 405 -10.52 16.14 6.28
C LEU A 405 -9.35 17.14 6.08
N MET A 406 -9.62 18.43 6.35
CA MET A 406 -8.59 19.48 6.37
C MET A 406 -7.62 19.23 7.53
N ASP A 407 -8.21 18.88 8.70
CA ASP A 407 -7.46 18.51 9.93
C ASP A 407 -6.62 17.25 9.69
N ASN A 408 -7.21 16.28 8.96
CA ASN A 408 -6.49 15.05 8.51
C ASN A 408 -5.26 15.44 7.65
N MET A 409 -5.47 16.40 6.73
CA MET A 409 -4.41 16.92 5.82
C MET A 409 -3.40 17.81 6.59
N ARG A 410 -3.83 18.39 7.72
CA ARG A 410 -2.96 19.14 8.64
C ARG A 410 -2.11 18.17 9.47
N ASN A 411 -2.70 17.01 9.82
CA ASN A 411 -2.02 15.95 10.59
C ASN A 411 -0.93 15.30 9.73
N VAL A 412 -1.21 15.10 8.42
CA VAL A 412 -0.19 14.60 7.48
C VAL A 412 0.77 15.73 7.04
N ALA A 413 0.36 17.01 7.14
CA ALA A 413 1.30 18.15 6.98
C ALA A 413 2.38 18.07 8.08
N LEU A 414 1.90 17.74 9.28
CA LEU A 414 2.71 17.58 10.48
C LEU A 414 3.54 16.27 10.45
N GLU A 415 2.96 15.20 9.87
CA GLU A 415 3.61 13.89 9.69
C GLU A 415 4.79 14.00 8.68
N GLU A 416 4.51 14.64 7.54
CA GLU A 416 5.51 15.02 6.51
C GLU A 416 6.63 15.90 7.11
N GLN A 417 6.21 16.90 7.89
CA GLN A 417 7.11 17.82 8.61
C GLN A 417 7.97 17.04 9.63
N ALA A 418 7.37 16.01 10.25
CA ALA A 418 8.06 15.13 11.21
C ALA A 418 9.15 14.30 10.50
N VAL A 419 8.86 13.83 9.26
CA VAL A 419 9.87 13.19 8.38
C VAL A 419 11.05 14.17 8.20
N GLU A 420 10.72 15.40 7.76
CA GLU A 420 11.71 16.47 7.48
C GLU A 420 12.50 16.90 8.72
N ALA A 421 11.90 16.73 9.91
CA ALA A 421 12.57 16.98 11.19
C ALA A 421 13.59 15.87 11.53
N VAL A 422 13.34 14.65 11.01
CA VAL A 422 14.31 13.54 11.09
C VAL A 422 15.42 13.80 10.07
N LEU A 423 15.03 14.32 8.89
CA LEU A 423 15.94 14.58 7.74
C LEU A 423 16.94 15.70 8.07
N ALA A 424 16.46 16.69 8.83
CA ALA A 424 17.29 17.82 9.32
C ALA A 424 18.41 17.33 10.26
N LYS A 425 18.23 16.13 10.84
CA LYS A 425 19.17 15.50 11.78
C LYS A 425 19.95 14.35 11.12
N ALA A 426 19.32 13.69 10.14
CA ALA A 426 19.85 12.46 9.50
C ALA A 426 20.85 12.78 8.40
N LYS A 427 21.69 11.79 8.07
CA LYS A 427 22.66 11.87 6.96
C LYS A 427 21.93 11.72 5.62
N VAL A 428 21.37 12.83 5.13
CA VAL A 428 20.64 12.85 3.87
C VAL A 428 21.61 13.18 2.73
N THR A 429 22.16 12.12 2.12
CA THR A 429 23.12 12.21 1.03
C THR A 429 22.42 12.72 -0.26
N GLU A 430 22.52 14.05 -0.46
CA GLU A 430 21.98 14.74 -1.63
C GLU A 430 22.85 14.46 -2.86
N LYS A 431 22.37 13.59 -3.78
CA LYS A 431 23.12 13.29 -5.01
C LYS A 431 22.34 13.80 -6.23
N GLU A 432 23.08 14.38 -7.18
CA GLU A 432 22.53 14.89 -8.45
C GLU A 432 22.37 13.73 -9.43
N THR A 433 21.19 13.62 -10.05
CA THR A 433 20.88 12.57 -11.03
C THR A 433 19.63 12.95 -11.87
N THR A 434 19.36 12.18 -12.94
CA THR A 434 18.30 12.46 -13.91
C THR A 434 16.99 11.72 -13.56
N PHE A 435 15.90 12.04 -14.29
CA PHE A 435 14.54 11.45 -14.12
C PHE A 435 14.61 9.91 -14.15
N ASN A 436 15.33 9.39 -15.15
CA ASN A 436 15.48 7.94 -15.43
C ASN A 436 15.99 7.13 -14.21
N GLU A 437 16.69 7.79 -13.26
CA GLU A 437 17.25 7.14 -12.05
C GLU A 437 16.19 6.36 -11.25
N LEU A 438 15.11 7.07 -10.88
CA LEU A 438 14.13 6.59 -9.89
C LEU A 438 13.21 5.51 -10.48
N MET A 439 12.97 5.59 -11.79
CA MET A 439 12.12 4.61 -12.51
C MET A 439 12.93 3.35 -12.82
N ASN A 440 14.18 3.53 -13.25
CA ASN A 440 15.08 2.41 -13.64
C ASN A 440 15.81 1.84 -12.39
N GLN A 441 15.08 1.71 -11.26
CA GLN A 441 15.61 1.08 -10.02
C GLN A 441 15.29 -0.42 -10.03
N GLN A 442 15.99 -1.17 -10.90
CA GLN A 442 15.88 -2.65 -10.98
C GLN A 442 16.71 -3.28 -9.87
N ALA A 443 18.01 -2.92 -9.82
CA ALA A 443 18.95 -3.35 -8.77
C ALA A 443 20.05 -2.27 -8.61
N VAL B 8 0.17 -44.18 -21.70
CA VAL B 8 1.21 -43.20 -21.34
C VAL B 8 0.77 -42.46 -20.06
N ASP B 9 1.36 -42.88 -18.95
CA ASP B 9 1.17 -42.29 -17.62
C ASP B 9 2.56 -42.28 -16.97
N LEU B 10 3.17 -41.09 -16.85
CA LEU B 10 4.57 -40.98 -16.44
C LEU B 10 4.70 -41.26 -14.93
N ASP B 11 4.42 -40.27 -14.05
CA ASP B 11 4.59 -40.45 -12.60
C ASP B 11 3.23 -40.62 -11.91
N GLU B 12 2.58 -39.50 -11.54
CA GLU B 12 1.38 -39.51 -10.67
C GLU B 12 0.09 -39.24 -11.47
N ALA B 13 -0.07 -38.01 -11.99
CA ALA B 13 -1.25 -37.64 -12.81
C ALA B 13 -0.88 -37.79 -14.30
N VAL B 14 -0.13 -36.81 -14.83
CA VAL B 14 0.57 -36.94 -16.13
C VAL B 14 2.06 -37.06 -15.81
N GLN B 15 2.74 -35.93 -15.56
CA GLN B 15 4.10 -35.91 -14.98
C GLN B 15 3.95 -35.61 -13.46
N ARG B 16 3.73 -34.33 -13.08
CA ARG B 16 3.34 -33.99 -11.69
C ARG B 16 1.82 -33.68 -11.61
N ALA B 17 1.40 -32.43 -11.92
CA ALA B 17 0.04 -31.96 -11.57
C ALA B 17 -0.89 -31.89 -12.81
N LEU B 18 -0.71 -30.88 -13.67
CA LEU B 18 -1.61 -30.64 -14.82
C LEU B 18 -1.11 -31.43 -16.03
N GLU B 19 -0.07 -30.91 -16.71
CA GLU B 19 0.72 -31.69 -17.68
C GLU B 19 2.04 -32.05 -17.02
N PHE B 20 2.93 -31.04 -16.82
CA PHE B 20 4.21 -31.27 -16.13
C PHE B 20 4.10 -30.80 -14.68
N ALA B 21 4.46 -29.54 -14.37
CA ALA B 21 4.44 -29.04 -12.98
C ALA B 21 3.22 -28.13 -12.75
N LYS B 22 3.35 -26.85 -13.13
CA LYS B 22 2.35 -25.80 -12.86
C LYS B 22 1.59 -25.43 -14.15
N LYS B 23 2.32 -25.53 -15.26
CA LYS B 23 1.91 -25.07 -16.59
C LYS B 23 1.92 -23.53 -16.68
N GLU B 24 3.13 -23.01 -16.94
CA GLU B 24 3.40 -21.60 -17.19
C GLU B 24 4.86 -21.47 -17.68
N GLY B 25 5.08 -20.59 -18.67
CA GLY B 25 6.42 -20.37 -19.23
C GLY B 25 6.40 -19.74 -20.62
N ASN B 26 7.56 -19.21 -21.05
CA ASN B 26 7.72 -18.55 -22.37
C ASN B 26 7.91 -19.59 -23.50
N THR B 27 7.53 -19.20 -24.73
CA THR B 27 7.68 -20.04 -25.95
C THR B 27 9.11 -19.98 -26.50
N LEU B 28 9.87 -18.98 -26.04
CA LEU B 28 11.31 -18.86 -26.30
C LEU B 28 12.02 -19.95 -25.51
N VAL B 29 12.97 -20.65 -26.14
CA VAL B 29 13.73 -21.66 -25.44
C VAL B 29 14.88 -20.99 -24.66
N ILE B 30 14.50 -20.66 -23.45
CA ILE B 30 15.31 -20.18 -22.34
C ILE B 30 14.55 -20.61 -21.05
N VAL B 31 15.13 -20.42 -19.84
CA VAL B 31 14.89 -21.27 -18.63
C VAL B 31 13.44 -21.74 -18.37
N THR B 32 13.43 -22.69 -17.45
CA THR B 32 12.42 -23.71 -17.23
C THR B 32 10.97 -23.26 -17.48
N ALA B 33 10.49 -23.61 -18.67
CA ALA B 33 9.07 -23.82 -18.93
C ALA B 33 8.77 -25.29 -18.55
N ASP B 34 7.54 -25.74 -18.75
CA ASP B 34 7.10 -27.07 -18.30
C ASP B 34 7.63 -28.19 -19.21
N HIS B 35 8.83 -28.66 -18.83
CA HIS B 35 9.48 -29.89 -19.31
C HIS B 35 10.32 -30.44 -18.15
N ALA B 36 11.11 -29.54 -17.56
CA ALA B 36 11.95 -29.80 -16.38
C ALA B 36 12.16 -28.48 -15.63
N HIS B 37 11.62 -28.36 -14.40
CA HIS B 37 11.76 -27.12 -13.59
C HIS B 37 12.88 -27.23 -12.54
N ALA B 38 12.56 -27.86 -11.39
CA ALA B 38 13.34 -27.75 -10.14
C ALA B 38 13.56 -26.26 -9.77
N SER B 39 14.72 -25.67 -10.21
CA SER B 39 15.02 -24.21 -10.10
C SER B 39 14.91 -23.65 -8.65
N GLN B 40 15.01 -24.55 -7.64
CA GLN B 40 14.78 -24.25 -6.20
C GLN B 40 13.29 -23.91 -5.96
N ILE B 41 12.89 -22.72 -6.43
CA ILE B 41 11.51 -22.21 -6.37
C ILE B 41 10.99 -21.89 -7.80
N VAL B 42 9.77 -21.32 -7.90
CA VAL B 42 9.07 -21.11 -9.21
C VAL B 42 9.48 -19.74 -9.87
N ALA B 43 10.78 -19.44 -9.82
CA ALA B 43 11.36 -18.19 -10.36
C ALA B 43 12.89 -18.36 -10.54
N PRO B 44 13.55 -17.57 -11.45
CA PRO B 44 15.04 -17.52 -11.54
C PRO B 44 15.68 -16.79 -10.32
N ASP B 45 14.84 -16.03 -9.59
CA ASP B 45 15.25 -15.24 -8.41
C ASP B 45 14.00 -14.79 -7.64
N THR B 46 14.14 -14.56 -6.31
CA THR B 46 13.01 -14.18 -5.44
C THR B 46 13.45 -13.17 -4.34
N LYS B 47 14.23 -12.14 -4.74
CA LYS B 47 14.55 -10.99 -3.85
C LYS B 47 13.27 -10.23 -3.46
N ALA B 48 12.40 -10.05 -4.46
CA ALA B 48 11.06 -9.50 -4.27
C ALA B 48 10.04 -10.61 -4.57
N PRO B 49 9.40 -11.22 -3.51
CA PRO B 49 8.33 -12.25 -3.70
C PRO B 49 6.99 -11.66 -4.20
N GLY B 50 6.93 -10.31 -4.26
CA GLY B 50 5.70 -9.60 -4.61
C GLY B 50 4.84 -9.39 -3.38
N LEU B 51 4.08 -10.44 -3.00
CA LEU B 51 3.25 -10.51 -1.78
C LEU B 51 2.16 -9.39 -1.82
N THR B 52 2.58 -8.17 -1.42
CA THR B 52 1.74 -6.97 -1.44
C THR B 52 1.55 -6.45 -2.88
N GLN B 53 2.65 -6.51 -3.67
CA GLN B 53 2.66 -6.04 -5.06
C GLN B 53 1.90 -7.03 -5.97
N ALA B 54 0.66 -6.66 -6.34
CA ALA B 54 -0.16 -7.39 -7.31
C ALA B 54 0.16 -6.88 -8.73
N LEU B 55 0.77 -7.74 -9.55
CA LEU B 55 1.14 -7.39 -10.94
C LEU B 55 -0.08 -7.43 -11.86
N ASN B 56 -0.98 -8.41 -11.61
CA ASN B 56 -2.20 -8.62 -12.41
C ASN B 56 -3.18 -7.45 -12.21
N THR B 57 -3.08 -6.44 -13.10
CA THR B 57 -3.96 -5.28 -13.12
C THR B 57 -5.30 -5.68 -13.76
N LYS B 58 -6.16 -6.27 -12.92
CA LYS B 58 -7.47 -6.78 -13.31
C LYS B 58 -8.34 -6.80 -12.06
N ASP B 59 -7.90 -7.62 -11.09
CA ASP B 59 -8.49 -7.74 -9.77
C ASP B 59 -7.67 -6.93 -8.77
N GLY B 60 -6.33 -7.04 -8.90
CA GLY B 60 -5.38 -6.23 -8.15
C GLY B 60 -4.91 -5.07 -9.00
N ALA B 61 -5.88 -4.22 -9.40
CA ALA B 61 -5.64 -3.06 -10.28
C ALA B 61 -4.65 -2.08 -9.63
N VAL B 62 -3.43 -1.99 -10.20
CA VAL B 62 -2.32 -1.17 -9.65
C VAL B 62 -2.69 0.34 -9.68
N MET B 63 -3.25 0.80 -8.55
CA MET B 63 -3.76 2.17 -8.35
C MET B 63 -4.87 2.53 -9.39
N VAL B 64 -4.43 2.96 -10.60
CA VAL B 64 -5.26 3.43 -11.74
C VAL B 64 -6.54 4.19 -11.29
N MET B 65 -7.70 3.48 -11.15
CA MET B 65 -9.04 4.01 -10.74
C MET B 65 -9.69 5.02 -11.74
N SER B 66 -8.86 5.88 -12.42
CA SER B 66 -9.31 6.82 -13.48
C SER B 66 -10.34 7.84 -12.92
N TYR B 67 -11.11 8.49 -13.79
CA TYR B 67 -12.25 9.34 -13.41
C TYR B 67 -13.56 8.76 -13.98
N GLY B 68 -14.66 8.98 -13.26
CA GLY B 68 -16.00 8.55 -13.70
C GLY B 68 -16.98 8.53 -12.55
N ASN B 69 -17.94 7.59 -12.58
CA ASN B 69 -18.83 7.32 -11.45
C ASN B 69 -19.23 5.82 -11.48
N SER B 70 -20.51 5.49 -11.82
CA SER B 70 -21.11 4.11 -11.84
C SER B 70 -20.71 3.22 -10.63
N GLU B 71 -19.45 2.75 -10.61
CA GLU B 71 -18.87 1.94 -9.50
C GLU B 71 -18.89 2.71 -8.17
N GLU B 72 -18.84 4.06 -8.28
CA GLU B 72 -18.88 5.01 -7.16
C GLU B 72 -20.16 4.84 -6.31
N ASP B 73 -21.25 4.31 -6.92
CA ASP B 73 -22.56 4.04 -6.24
C ASP B 73 -22.40 3.24 -4.90
N SER B 74 -21.27 2.52 -4.76
CA SER B 74 -20.87 1.87 -3.50
C SER B 74 -20.73 2.90 -2.34
N GLN B 75 -19.99 4.00 -2.61
CA GLN B 75 -19.75 5.10 -1.64
C GLN B 75 -20.85 6.21 -1.77
N GLU B 76 -21.62 6.13 -2.88
CA GLU B 76 -22.92 6.83 -3.08
C GLU B 76 -22.82 8.31 -3.47
N HIS B 77 -21.78 9.05 -3.01
CA HIS B 77 -21.74 10.54 -3.15
C HIS B 77 -20.34 11.12 -2.88
N THR B 78 -19.29 10.34 -3.17
CA THR B 78 -17.90 10.76 -2.98
C THR B 78 -17.07 10.37 -4.22
N GLY B 79 -16.91 11.31 -5.16
CA GLY B 79 -16.15 11.06 -6.40
C GLY B 79 -14.63 11.18 -6.22
N SER B 80 -14.10 10.66 -5.10
CA SER B 80 -12.68 10.71 -4.77
C SER B 80 -11.90 9.71 -5.65
N GLN B 81 -11.44 10.20 -6.82
CA GLN B 81 -10.73 9.41 -7.83
C GLN B 81 -9.50 10.21 -8.30
N LEU B 82 -8.29 9.64 -8.04
CA LEU B 82 -6.98 10.29 -8.33
C LEU B 82 -6.82 11.59 -7.53
N ARG B 83 -7.52 12.66 -7.96
CA ARG B 83 -7.63 13.90 -7.18
C ARG B 83 -8.48 13.66 -5.92
N ILE B 84 -8.31 14.56 -4.93
CA ILE B 84 -8.73 14.32 -3.54
C ILE B 84 -7.92 13.13 -2.99
N ALA B 85 -6.63 13.40 -2.69
CA ALA B 85 -5.69 12.40 -2.15
C ALA B 85 -6.17 11.88 -0.80
N ALA B 86 -6.57 12.86 0.05
CA ALA B 86 -7.12 12.66 1.40
C ALA B 86 -6.03 12.11 2.33
N TYR B 87 -5.74 10.79 2.20
CA TYR B 87 -4.58 10.10 2.83
C TYR B 87 -4.49 10.34 4.35
N GLY B 88 -5.06 9.39 5.11
CA GLY B 88 -5.03 9.41 6.56
C GLY B 88 -5.28 8.04 7.15
N PRO B 89 -5.42 7.92 8.51
CA PRO B 89 -5.68 6.64 9.17
C PRO B 89 -7.15 6.16 9.02
N HIS B 90 -7.52 5.13 9.79
CA HIS B 90 -8.87 4.55 9.78
C HIS B 90 -9.91 5.61 10.23
N ALA B 91 -10.91 5.85 9.34
CA ALA B 91 -11.98 6.86 9.51
C ALA B 91 -11.46 8.31 9.41
N ALA B 92 -10.16 8.47 9.01
CA ALA B 92 -9.46 9.77 8.84
C ALA B 92 -9.12 10.46 10.20
N ASN B 93 -10.12 10.56 11.09
CA ASN B 93 -10.00 11.25 12.39
C ASN B 93 -10.59 10.35 13.50
N VAL B 94 -10.26 10.68 14.76
CA VAL B 94 -10.70 9.96 15.97
C VAL B 94 -11.89 10.71 16.64
N VAL B 95 -12.80 9.95 17.32
CA VAL B 95 -14.02 10.53 17.96
C VAL B 95 -13.64 11.53 19.10
N GLY B 96 -12.57 11.18 19.83
CA GLY B 96 -12.01 12.03 20.89
C GLY B 96 -10.60 12.44 20.57
N LEU B 97 -10.26 13.71 20.81
CA LEU B 97 -8.95 14.30 20.44
C LEU B 97 -7.81 13.94 21.45
N THR B 98 -7.78 12.65 21.88
CA THR B 98 -6.75 12.07 22.78
C THR B 98 -6.89 12.57 24.25
N ASP B 99 -7.90 13.46 24.49
CA ASP B 99 -8.12 14.19 25.78
C ASP B 99 -6.93 15.13 26.06
N GLN B 100 -5.82 14.53 26.47
CA GLN B 100 -4.54 15.21 26.66
C GLN B 100 -3.68 15.00 25.41
N THR B 101 -3.66 16.02 24.54
CA THR B 101 -2.80 16.03 23.33
C THR B 101 -1.36 16.42 23.73
N ASP B 102 -0.69 15.48 24.41
CA ASP B 102 0.66 15.66 25.01
C ASP B 102 1.74 15.83 23.91
N LEU B 103 1.38 15.43 22.67
CA LEU B 103 2.24 15.60 21.48
C LEU B 103 1.94 16.94 20.76
N PHE B 104 1.61 17.97 21.60
CA PHE B 104 1.35 19.37 21.18
C PHE B 104 0.08 19.48 20.32
N TYR B 105 0.21 19.23 19.02
CA TYR B 105 -0.92 19.31 18.08
C TYR B 105 -1.58 17.93 17.96
N THR B 106 -2.93 17.90 18.00
CA THR B 106 -3.72 16.66 17.92
C THR B 106 -3.42 15.90 16.61
N MET B 107 -2.55 14.89 16.73
CA MET B 107 -2.12 14.04 15.60
C MET B 107 -2.30 12.57 16.00
N LYS B 108 -3.28 11.91 15.36
CA LYS B 108 -3.52 10.48 15.51
C LYS B 108 -2.52 9.73 14.60
N ALA B 109 -1.69 8.86 15.23
CA ALA B 109 -0.54 8.19 14.62
C ALA B 109 -0.91 7.48 13.29
N ALA B 110 -1.62 6.36 13.43
CA ALA B 110 -2.21 5.60 12.32
C ALA B 110 -3.13 4.56 12.94
N LEU B 111 -4.34 5.02 13.30
CA LEU B 111 -5.37 4.20 13.93
C LEU B 111 -6.73 4.88 13.79
N GLY B 112 -7.78 4.09 14.01
CA GLY B 112 -9.15 4.58 14.03
C GLY B 112 -10.07 3.53 14.62
N LEU B 113 -9.78 3.20 15.89
CA LEU B 113 -10.55 2.23 16.67
C LEU B 113 -12.00 2.75 16.80
N LYS B 114 -12.12 4.03 17.17
CA LYS B 114 -13.40 4.73 17.33
C LYS B 114 -13.14 6.26 17.23
N MET A 12 -14.06 1.18 45.17
CA MET A 12 -14.10 0.23 44.03
C MET A 12 -12.85 -0.66 44.06
N GLN A 13 -13.05 -1.99 44.09
CA GLN A 13 -11.96 -2.98 44.09
C GLN A 13 -11.46 -3.20 42.65
N VAL A 14 -10.26 -2.68 42.35
CA VAL A 14 -9.62 -2.84 41.02
C VAL A 14 -8.25 -3.54 41.19
N SER A 15 -7.92 -4.44 40.24
CA SER A 15 -6.70 -5.28 40.31
C SER A 15 -6.08 -5.39 38.92
N VAL A 16 -5.14 -4.48 38.60
CA VAL A 16 -4.48 -4.45 37.28
C VAL A 16 -3.33 -5.48 37.21
N GLU A 17 -3.61 -6.61 36.55
CA GLU A 17 -2.64 -7.70 36.34
C GLU A 17 -1.92 -7.49 34.99
N THR A 18 -0.65 -7.09 35.04
CA THR A 18 0.17 -6.93 33.85
C THR A 18 0.54 -8.33 33.27
N THR A 19 -0.32 -8.81 32.36
CA THR A 19 -0.19 -10.12 31.71
C THR A 19 1.08 -10.18 30.84
N GLN A 20 1.24 -9.18 29.96
CA GLN A 20 2.41 -9.08 29.07
C GLN A 20 2.63 -7.62 28.64
N GLY A 21 3.35 -6.86 29.51
CA GLY A 21 3.71 -5.47 29.21
C GLY A 21 2.51 -4.55 29.08
N LEU A 22 2.10 -4.29 27.82
CA LEU A 22 0.90 -3.50 27.49
C LEU A 22 -0.38 -4.23 27.91
N GLY A 23 -0.36 -5.57 27.74
CA GLY A 23 -1.47 -6.44 28.11
C GLY A 23 -1.78 -6.41 29.60
N ARG A 24 -2.77 -5.58 29.98
CA ARG A 24 -3.26 -5.44 31.36
C ARG A 24 -4.64 -6.08 31.49
N ARG A 25 -4.88 -6.70 32.65
CA ARG A 25 -6.15 -7.36 33.00
C ARG A 25 -6.71 -6.68 34.25
N VAL A 26 -7.50 -5.61 34.05
CA VAL A 26 -8.12 -4.85 35.15
C VAL A 26 -9.33 -5.63 35.69
N THR A 27 -9.04 -6.46 36.70
CA THR A 27 -10.03 -7.27 37.41
C THR A 27 -10.77 -6.42 38.47
N ILE A 28 -12.02 -6.06 38.16
CA ILE A 28 -12.86 -5.20 39.02
C ILE A 28 -13.95 -6.04 39.70
N THR A 29 -14.03 -5.92 41.03
CA THR A 29 -15.10 -6.48 41.84
C THR A 29 -16.10 -5.35 42.19
N ILE A 30 -17.31 -5.43 41.63
CA ILE A 30 -18.41 -4.51 41.96
C ILE A 30 -19.20 -5.09 43.15
N ALA A 31 -19.45 -4.25 44.19
CA ALA A 31 -20.15 -4.66 45.42
C ALA A 31 -21.61 -5.08 45.10
N ALA A 32 -22.08 -6.17 45.75
CA ALA A 32 -23.39 -6.81 45.48
C ALA A 32 -24.56 -5.85 45.66
N ASP A 33 -24.45 -5.00 46.70
CA ASP A 33 -25.44 -3.96 46.98
C ASP A 33 -25.46 -2.91 45.85
N SER A 34 -24.26 -2.56 45.34
CA SER A 34 -24.09 -1.56 44.27
C SER A 34 -24.58 -2.10 42.91
N ILE A 35 -24.56 -3.44 42.74
CA ILE A 35 -25.03 -4.14 41.54
C ILE A 35 -26.56 -4.05 41.47
N GLU A 36 -27.24 -4.43 42.57
CA GLU A 36 -28.71 -4.45 42.62
C GLU A 36 -29.30 -3.03 42.72
N THR A 37 -28.50 -2.07 43.24
CA THR A 37 -28.82 -0.62 43.18
C THR A 37 -28.74 -0.13 41.73
N ALA A 38 -27.74 -0.63 40.98
CA ALA A 38 -27.57 -0.32 39.55
C ALA A 38 -28.73 -0.87 38.72
N VAL A 39 -29.17 -2.12 39.04
CA VAL A 39 -30.36 -2.74 38.41
C VAL A 39 -31.61 -1.89 38.69
N LYS A 40 -31.73 -1.46 39.94
CA LYS A 40 -32.86 -0.66 40.45
C LYS A 40 -32.93 0.72 39.75
N SER A 41 -31.74 1.27 39.45
CA SER A 41 -31.57 2.59 38.81
C SER A 41 -31.46 2.45 37.27
N GLU A 42 -31.49 1.21 36.77
CA GLU A 42 -31.44 0.92 35.31
C GLU A 42 -32.85 0.64 34.80
N LEU A 43 -33.64 -0.09 35.61
CA LEU A 43 -34.99 -0.53 35.23
C LEU A 43 -36.03 0.56 35.45
N VAL A 44 -35.64 1.67 36.11
CA VAL A 44 -36.47 2.89 36.16
C VAL A 44 -36.41 3.60 34.78
N ASN A 45 -35.26 3.45 34.09
CA ASN A 45 -35.04 3.98 32.72
C ASN A 45 -35.84 3.14 31.71
N VAL A 46 -35.78 1.81 31.91
CA VAL A 46 -36.53 0.83 31.11
C VAL A 46 -38.06 1.02 31.33
N ALA A 47 -38.44 1.34 32.58
CA ALA A 47 -39.84 1.61 32.95
C ALA A 47 -40.38 2.84 32.19
N LYS A 48 -39.58 3.92 32.15
CA LYS A 48 -39.97 5.17 31.49
C LYS A 48 -40.01 5.00 29.95
N LYS A 49 -39.08 4.19 29.43
CA LYS A 49 -38.97 3.88 27.99
C LYS A 49 -40.25 3.16 27.48
N VAL A 50 -40.60 2.07 28.17
CA VAL A 50 -41.75 1.20 27.80
C VAL A 50 -43.08 1.74 28.43
N ARG A 51 -42.97 2.89 29.14
CA ARG A 51 -44.09 3.67 29.75
C ARG A 51 -44.67 2.99 31.00
N ILE A 52 -43.97 1.93 31.49
CA ILE A 52 -44.34 1.15 32.70
C ILE A 52 -44.41 2.06 33.96
N ASP A 53 -43.64 3.16 33.94
CA ASP A 53 -43.60 4.16 35.05
C ASP A 53 -44.97 4.84 35.22
N GLY A 54 -45.70 5.01 34.09
CA GLY A 54 -47.06 5.57 34.09
C GLY A 54 -48.07 4.60 34.67
N PHE A 55 -47.82 3.29 34.45
CA PHE A 55 -48.67 2.20 35.00
C PHE A 55 -48.25 1.88 36.46
N ARG A 56 -47.03 2.31 36.84
CA ARG A 56 -46.53 2.20 38.21
C ARG A 56 -47.29 3.18 39.11
N LYS A 57 -48.16 2.62 39.96
CA LYS A 57 -48.98 3.39 40.92
C LYS A 57 -48.25 3.55 42.27
N GLY A 58 -47.05 2.93 42.39
CA GLY A 58 -46.18 3.10 43.57
C GLY A 58 -46.47 2.14 44.69
N LYS A 59 -47.57 1.36 44.56
CA LYS A 59 -48.03 0.42 45.61
C LYS A 59 -47.01 -0.71 45.81
N VAL A 60 -46.58 -1.32 44.70
CA VAL A 60 -45.53 -2.34 44.69
C VAL A 60 -44.16 -1.63 44.73
N PRO A 61 -43.28 -1.90 45.75
CA PRO A 61 -41.90 -1.35 45.80
C PRO A 61 -41.07 -1.74 44.55
N MET A 62 -40.41 -0.73 43.94
CA MET A 62 -39.64 -0.87 42.68
C MET A 62 -38.45 -1.84 42.85
N ASN A 63 -37.87 -1.85 44.07
CA ASN A 63 -36.73 -2.72 44.41
C ASN A 63 -37.01 -4.21 44.20
N ILE A 64 -38.25 -4.63 44.53
CA ILE A 64 -38.72 -6.03 44.37
C ILE A 64 -38.75 -6.42 42.88
N VAL A 65 -39.42 -5.59 42.07
CA VAL A 65 -39.58 -5.88 40.63
C VAL A 65 -38.27 -5.70 39.85
N ALA A 66 -37.31 -4.94 40.45
CA ALA A 66 -35.98 -4.73 39.85
C ALA A 66 -35.11 -6.00 39.98
N GLN A 67 -34.91 -6.44 41.23
CA GLN A 67 -33.99 -7.56 41.54
C GLN A 67 -34.58 -8.93 41.11
N ARG A 68 -35.92 -9.07 41.23
CA ARG A 68 -36.62 -10.35 40.96
C ARG A 68 -37.18 -10.38 39.53
N TYR A 69 -38.22 -9.57 39.28
CA TYR A 69 -39.02 -9.63 38.02
C TYR A 69 -38.25 -9.09 36.82
N GLY A 70 -37.20 -8.30 37.08
CA GLY A 70 -36.30 -7.82 36.06
C GLY A 70 -35.15 -8.78 35.77
N ALA A 71 -35.35 -10.08 36.09
CA ALA A 71 -34.38 -11.17 35.81
C ALA A 71 -34.16 -11.37 34.31
N SER A 72 -35.13 -10.92 33.49
CA SER A 72 -35.00 -10.86 32.03
C SER A 72 -33.87 -9.90 31.60
N VAL A 73 -33.67 -8.84 32.41
CA VAL A 73 -32.65 -7.81 32.16
C VAL A 73 -31.46 -8.00 33.14
N ARG A 74 -30.59 -8.97 32.83
CA ARG A 74 -29.33 -9.20 33.58
C ARG A 74 -28.14 -8.77 32.72
N GLN A 75 -28.14 -9.23 31.44
CA GLN A 75 -27.09 -8.94 30.44
C GLN A 75 -26.89 -7.42 30.25
N ASP A 76 -28.03 -6.72 30.13
CA ASP A 76 -28.06 -5.28 29.83
C ASP A 76 -27.44 -4.47 30.98
N VAL A 77 -27.62 -4.95 32.22
CA VAL A 77 -27.07 -4.29 33.40
C VAL A 77 -25.58 -4.64 33.56
N LEU A 78 -25.28 -5.95 33.77
CA LEU A 78 -23.91 -6.45 34.06
C LEU A 78 -22.90 -6.09 32.95
N GLY A 79 -23.31 -6.27 31.68
CA GLY A 79 -22.47 -5.95 30.52
C GLY A 79 -22.14 -4.47 30.43
N ASP A 80 -23.13 -3.63 30.78
CA ASP A 80 -22.99 -2.17 30.85
C ASP A 80 -22.13 -1.74 32.06
N LEU A 81 -22.23 -2.50 33.16
CA LEU A 81 -21.45 -2.25 34.38
C LEU A 81 -19.96 -2.57 34.15
N MET A 82 -19.69 -3.58 33.28
CA MET A 82 -18.32 -3.93 32.87
C MET A 82 -17.67 -2.76 32.11
N SER A 83 -18.49 -2.07 31.30
CA SER A 83 -18.04 -0.96 30.47
C SER A 83 -17.81 0.31 31.33
N ARG A 84 -18.85 0.73 32.09
CA ARG A 84 -18.84 1.99 32.85
C ARG A 84 -17.83 1.97 34.02
N ASN A 85 -17.68 0.82 34.70
CA ASN A 85 -16.71 0.68 35.82
C ASN A 85 -15.26 0.55 35.27
N PHE A 86 -15.10 -0.02 34.05
CA PHE A 86 -13.79 -0.12 33.37
C PHE A 86 -13.25 1.27 33.04
N ILE A 87 -14.07 2.08 32.32
CA ILE A 87 -13.67 3.42 31.87
C ILE A 87 -13.41 4.35 33.07
N ASP A 88 -14.20 4.15 34.15
CA ASP A 88 -14.08 4.91 35.40
C ASP A 88 -12.71 4.65 36.05
N ALA A 89 -12.37 3.34 36.13
CA ALA A 89 -11.12 2.87 36.73
C ALA A 89 -9.88 3.43 36.00
N ILE A 90 -9.81 3.17 34.68
CA ILE A 90 -8.62 3.47 33.88
C ILE A 90 -8.30 4.99 33.78
N ILE A 91 -9.35 5.85 33.81
CA ILE A 91 -9.19 7.33 33.79
C ILE A 91 -8.49 7.81 35.08
N LYS A 92 -8.98 7.36 36.25
CA LYS A 92 -8.44 7.79 37.55
C LYS A 92 -7.06 7.16 37.81
N GLU A 93 -6.82 5.96 37.26
CA GLU A 93 -5.53 5.24 37.38
C GLU A 93 -4.55 5.65 36.26
N LYS A 94 -4.97 6.61 35.38
CA LYS A 94 -4.14 7.21 34.30
C LYS A 94 -3.75 6.20 33.19
N ILE A 95 -4.42 5.04 33.19
CA ILE A 95 -4.23 4.00 32.16
C ILE A 95 -5.17 4.29 30.97
N ASN A 96 -4.63 4.45 29.76
CA ASN A 96 -5.43 4.75 28.56
C ASN A 96 -5.26 3.59 27.54
N PRO A 97 -6.37 2.85 27.19
CA PRO A 97 -6.30 1.65 26.32
C PRO A 97 -6.01 1.98 24.84
N ALA A 98 -5.39 1.00 24.17
CA ALA A 98 -5.11 1.01 22.75
C ALA A 98 -5.11 -0.45 22.28
N GLY A 99 -6.22 -1.13 22.61
CA GLY A 99 -6.47 -2.50 22.19
C GLY A 99 -7.94 -2.83 22.34
N ALA A 100 -8.49 -3.67 21.44
CA ALA A 100 -9.89 -4.14 21.51
C ALA A 100 -10.14 -4.86 22.87
N PRO A 101 -10.91 -4.23 23.82
CA PRO A 101 -10.98 -4.71 25.21
C PRO A 101 -11.74 -6.05 25.32
N THR A 102 -11.00 -7.11 25.62
CA THR A 102 -11.56 -8.44 25.92
C THR A 102 -12.31 -8.41 27.27
N TYR A 103 -13.62 -8.14 27.20
CA TYR A 103 -14.50 -8.18 28.38
C TYR A 103 -14.74 -9.64 28.76
N VAL A 104 -14.07 -10.07 29.84
CA VAL A 104 -14.29 -11.37 30.47
C VAL A 104 -15.47 -11.23 31.45
N PRO A 105 -16.70 -11.74 31.10
CA PRO A 105 -17.86 -11.67 31.99
C PRO A 105 -17.66 -12.62 33.19
N GLY A 106 -17.34 -12.03 34.35
CA GLY A 106 -17.07 -12.80 35.56
C GLY A 106 -18.30 -13.43 36.17
N GLU A 107 -18.11 -14.20 37.24
CA GLU A 107 -19.20 -14.85 37.96
C GLU A 107 -19.89 -13.85 38.90
N TYR A 108 -21.18 -13.60 38.62
CA TYR A 108 -22.07 -12.91 39.54
C TYR A 108 -22.96 -13.96 40.22
N LYS A 109 -22.58 -14.34 41.44
CA LYS A 109 -23.41 -15.19 42.28
C LYS A 109 -24.51 -14.31 42.89
N LEU A 110 -25.76 -14.81 42.90
CA LEU A 110 -26.90 -14.09 43.45
C LEU A 110 -26.75 -13.96 44.98
N GLY A 111 -26.44 -12.74 45.44
CA GLY A 111 -26.16 -12.47 46.86
C GLY A 111 -24.66 -12.36 47.16
N GLU A 112 -23.85 -12.29 46.09
CA GLU A 112 -22.39 -12.03 46.14
C GLU A 112 -22.02 -10.99 45.07
N ASP A 113 -20.73 -10.65 44.99
CA ASP A 113 -20.21 -9.58 44.12
C ASP A 113 -20.03 -10.09 42.66
N PHE A 114 -19.69 -9.14 41.76
CA PHE A 114 -19.42 -9.42 40.34
C PHE A 114 -17.94 -9.11 40.04
N THR A 115 -17.10 -10.15 40.16
CA THR A 115 -15.67 -10.07 39.90
C THR A 115 -15.39 -10.45 38.43
N TYR A 116 -15.28 -9.43 37.57
CA TYR A 116 -14.97 -9.61 36.13
C TYR A 116 -13.55 -9.11 35.83
N SER A 117 -13.12 -9.25 34.58
CA SER A 117 -11.82 -8.77 34.10
C SER A 117 -11.99 -8.16 32.70
N VAL A 118 -11.15 -7.17 32.38
CA VAL A 118 -11.05 -6.63 31.00
C VAL A 118 -9.57 -6.59 30.58
N GLU A 119 -9.23 -7.36 29.53
CA GLU A 119 -7.86 -7.48 28.98
C GLU A 119 -7.73 -6.56 27.77
N PHE A 120 -6.60 -5.85 27.68
CA PHE A 120 -6.36 -4.81 26.65
C PHE A 120 -4.88 -4.41 26.62
N GLU A 121 -4.46 -3.71 25.57
CA GLU A 121 -3.12 -3.08 25.49
C GLU A 121 -3.25 -1.57 25.74
N VAL A 122 -2.12 -0.86 25.81
CA VAL A 122 -2.06 0.61 25.98
C VAL A 122 -1.16 1.21 24.87
N TYR A 123 -0.75 2.49 25.01
CA TYR A 123 0.12 3.17 24.02
C TYR A 123 1.60 2.91 24.34
N PRO A 124 2.35 2.18 23.44
CA PRO A 124 3.78 1.87 23.66
C PRO A 124 4.68 3.08 23.34
N GLU A 125 5.31 3.64 24.38
CA GLU A 125 6.28 4.72 24.26
C GLU A 125 7.57 4.19 23.59
N VAL A 126 7.65 4.39 22.26
CA VAL A 126 8.75 3.90 21.41
C VAL A 126 10.02 4.75 21.61
N GLU A 127 11.16 4.07 21.75
CA GLU A 127 12.48 4.70 21.84
C GLU A 127 13.12 4.71 20.45
N LEU A 128 13.24 5.92 19.85
CA LEU A 128 13.97 6.12 18.60
C LEU A 128 15.47 6.05 18.88
N GLN A 129 16.19 5.22 18.11
CA GLN A 129 17.59 4.85 18.38
C GLN A 129 18.45 5.17 17.15
N GLY A 130 19.34 6.18 17.31
CA GLY A 130 20.29 6.57 16.27
C GLY A 130 19.62 7.05 15.00
N LEU A 131 18.93 8.21 15.07
CA LEU A 131 18.32 8.86 13.89
C LEU A 131 19.41 9.35 12.92
N GLU A 132 20.60 9.60 13.47
CA GLU A 132 21.79 9.98 12.71
C GLU A 132 22.35 8.77 11.93
N ALA A 133 22.24 7.58 12.54
CA ALA A 133 22.77 6.32 11.99
C ALA A 133 21.99 5.88 10.73
N ILE A 134 20.74 6.37 10.61
CA ILE A 134 19.85 6.08 9.47
C ILE A 134 20.43 6.72 8.19
N GLU A 135 20.57 5.91 7.12
CA GLU A 135 21.15 6.34 5.83
C GLU A 135 20.04 6.42 4.76
N VAL A 136 19.70 7.65 4.35
CA VAL A 136 18.70 7.96 3.32
C VAL A 136 19.41 8.72 2.17
N GLU A 137 18.78 8.83 0.99
CA GLU A 137 19.30 9.67 -0.11
C GLU A 137 18.35 10.86 -0.31
N LYS A 138 18.90 11.99 -0.75
CA LYS A 138 18.12 13.15 -1.19
C LYS A 138 18.41 13.38 -2.68
N PRO A 139 17.67 12.68 -3.61
CA PRO A 139 17.85 12.85 -5.06
C PRO A 139 17.09 14.11 -5.56
N ILE A 140 17.85 15.19 -5.79
CA ILE A 140 17.33 16.41 -6.44
C ILE A 140 17.17 16.10 -7.95
N VAL A 141 15.99 15.56 -8.30
CA VAL A 141 15.69 15.08 -9.66
C VAL A 141 14.70 16.04 -10.34
N GLU A 142 14.83 16.14 -11.67
CA GLU A 142 13.97 16.98 -12.52
C GLU A 142 13.95 16.40 -13.94
N VAL A 143 12.97 16.86 -14.75
CA VAL A 143 12.77 16.38 -16.13
C VAL A 143 13.47 17.34 -17.10
N THR A 144 14.77 17.08 -17.37
CA THR A 144 15.61 17.86 -18.30
C THR A 144 15.26 17.50 -19.76
N ASP A 145 16.01 18.09 -20.74
CA ASP A 145 15.72 17.92 -22.20
C ASP A 145 15.68 16.44 -22.60
N ALA A 146 16.77 15.71 -22.28
CA ALA A 146 16.91 14.29 -22.62
C ALA A 146 15.81 13.43 -21.96
N ASP A 147 15.28 13.91 -20.83
CA ASP A 147 14.24 13.21 -20.06
C ASP A 147 12.86 13.42 -20.70
N VAL A 148 12.55 14.67 -21.09
CA VAL A 148 11.27 15.02 -21.75
C VAL A 148 11.17 14.28 -23.10
N ASP A 149 12.22 14.49 -23.93
CA ASP A 149 12.33 13.88 -25.27
C ASP A 149 12.38 12.36 -25.16
N GLY A 150 13.23 11.84 -24.25
CA GLY A 150 13.44 10.40 -24.09
C GLY A 150 12.19 9.66 -23.63
N MET A 151 11.47 10.24 -22.66
CA MET A 151 10.24 9.66 -22.10
C MET A 151 9.09 9.67 -23.14
N LEU A 152 8.83 10.85 -23.77
CA LEU A 152 7.84 10.97 -24.89
C LEU A 152 8.16 9.99 -26.04
N ASP A 153 9.47 9.82 -26.31
CA ASP A 153 9.96 8.91 -27.35
C ASP A 153 9.69 7.44 -26.95
N THR A 154 9.87 7.12 -25.65
CA THR A 154 9.54 5.79 -25.09
C THR A 154 8.03 5.51 -25.26
N LEU A 155 7.20 6.54 -25.04
CA LEU A 155 5.74 6.47 -25.23
C LEU A 155 5.41 6.20 -26.71
N ARG A 156 6.19 6.82 -27.62
CA ARG A 156 6.11 6.56 -29.06
C ARG A 156 6.53 5.10 -29.39
N LYS A 157 7.50 4.55 -28.64
CA LYS A 157 7.93 3.12 -28.81
C LYS A 157 6.80 2.16 -28.37
N GLN A 158 6.06 2.56 -27.31
CA GLN A 158 4.91 1.80 -26.80
C GLN A 158 3.73 1.86 -27.78
N GLN A 159 3.59 3.01 -28.48
CA GLN A 159 2.53 3.25 -29.49
C GLN A 159 3.08 3.14 -30.93
N ALA A 160 4.12 2.30 -31.13
CA ALA A 160 4.87 2.22 -32.41
C ALA A 160 4.24 1.23 -33.41
N THR A 161 4.43 1.54 -34.71
CA THR A 161 3.85 0.79 -35.85
C THR A 161 4.87 -0.24 -36.40
N TRP A 162 4.41 -1.48 -36.68
CA TRP A 162 5.29 -2.59 -37.11
C TRP A 162 5.59 -2.49 -38.63
N LYS A 163 6.85 -2.20 -38.97
CA LYS A 163 7.27 -1.96 -40.36
C LYS A 163 8.46 -2.89 -40.70
N GLU A 164 8.23 -3.85 -41.62
CA GLU A 164 9.29 -4.74 -42.14
C GLU A 164 10.34 -3.94 -42.94
N LYS A 165 11.59 -4.00 -42.48
CA LYS A 165 12.78 -3.49 -43.21
C LYS A 165 13.82 -4.61 -43.36
N ASP A 166 14.95 -4.28 -44.00
CA ASP A 166 16.13 -5.14 -44.09
C ASP A 166 17.32 -4.30 -44.57
N GLY A 167 18.52 -4.74 -44.20
CA GLY A 167 19.76 -4.06 -44.56
C GLY A 167 20.57 -3.70 -43.33
N ALA A 168 19.89 -3.27 -42.26
CA ALA A 168 20.54 -3.00 -40.96
C ALA A 168 19.53 -3.19 -39.80
N VAL A 169 19.88 -4.07 -38.85
CA VAL A 169 19.15 -4.23 -37.59
C VAL A 169 19.67 -3.20 -36.58
N GLU A 170 18.75 -2.49 -35.92
CA GLU A 170 19.07 -1.45 -34.93
C GLU A 170 18.42 -1.79 -33.58
N ALA A 171 18.59 -0.89 -32.59
CA ALA A 171 18.03 -1.06 -31.23
C ALA A 171 16.53 -0.65 -31.17
N GLU A 172 16.04 -0.04 -32.26
CA GLU A 172 14.64 0.41 -32.38
C GLU A 172 13.79 -0.60 -33.15
N ASP A 173 14.28 -1.84 -33.22
CA ASP A 173 13.67 -2.90 -34.01
C ASP A 173 12.72 -3.76 -33.19
N ARG A 174 11.83 -4.41 -33.93
CA ARG A 174 11.03 -5.51 -33.45
C ARG A 174 11.40 -6.70 -34.34
N VAL A 175 12.38 -7.48 -33.92
CA VAL A 175 12.95 -8.60 -34.70
C VAL A 175 12.21 -9.91 -34.39
N THR A 176 12.13 -10.80 -35.39
CA THR A 176 11.64 -12.18 -35.25
C THR A 176 12.71 -13.14 -35.78
N ILE A 177 13.18 -14.06 -34.92
CA ILE A 177 14.32 -14.93 -35.21
C ILE A 177 14.00 -16.41 -34.95
N ASP A 178 14.94 -17.27 -35.30
CA ASP A 178 15.06 -18.61 -34.76
C ASP A 178 16.42 -18.68 -34.07
N PHE A 179 16.44 -18.88 -32.74
CA PHE A 179 17.71 -19.09 -32.01
C PHE A 179 17.80 -20.56 -31.59
N THR A 180 19.00 -21.11 -31.68
CA THR A 180 19.34 -22.46 -31.21
C THR A 180 20.69 -22.38 -30.50
N GLY A 181 20.68 -22.63 -29.18
CA GLY A 181 21.87 -22.50 -28.35
C GLY A 181 22.51 -23.84 -28.03
N SER A 182 23.81 -23.81 -27.74
CA SER A 182 24.56 -24.95 -27.19
C SER A 182 25.49 -24.46 -26.08
N VAL A 183 25.08 -24.72 -24.83
CA VAL A 183 25.78 -24.24 -23.63
C VAL A 183 27.02 -25.10 -23.40
N ASP A 184 28.20 -24.46 -23.56
CA ASP A 184 29.52 -25.10 -23.38
C ASP A 184 29.73 -26.21 -24.45
N GLY A 185 29.02 -26.04 -25.60
CA GLY A 185 29.19 -26.90 -26.77
C GLY A 185 28.36 -28.17 -26.76
N GLU A 186 27.26 -28.21 -25.96
CA GLU A 186 26.33 -29.36 -25.94
C GLU A 186 24.88 -28.87 -26.14
N GLU A 187 24.06 -29.76 -26.74
CA GLU A 187 22.60 -29.59 -26.80
C GLU A 187 22.03 -30.02 -25.43
N PHE A 188 22.12 -29.06 -24.51
CA PHE A 188 21.71 -29.18 -23.11
C PHE A 188 20.19 -29.52 -22.95
N GLU A 189 19.35 -28.50 -22.92
CA GLU A 189 17.89 -28.60 -22.77
C GLU A 189 17.22 -28.44 -24.14
N GLY A 190 15.89 -28.57 -24.17
CA GLY A 190 15.08 -28.14 -25.33
C GLY A 190 14.94 -26.61 -25.37
N GLY A 191 16.10 -25.92 -25.46
CA GLY A 191 16.18 -24.48 -25.39
C GLY A 191 16.27 -23.83 -26.76
N LYS A 192 15.11 -23.64 -27.40
CA LYS A 192 15.00 -22.98 -28.73
C LYS A 192 13.67 -22.25 -28.81
N ALA A 193 13.55 -21.36 -29.81
CA ALA A 193 12.33 -20.60 -30.06
C ALA A 193 12.30 -20.15 -31.52
N SER A 194 11.63 -20.97 -32.36
CA SER A 194 11.31 -20.65 -33.74
C SER A 194 10.29 -19.50 -33.78
N ASP A 195 10.60 -18.45 -34.57
CA ASP A 195 9.76 -17.23 -34.68
C ASP A 195 9.70 -16.46 -33.34
N PHE A 196 10.82 -16.51 -32.56
CA PHE A 196 10.96 -15.73 -31.32
C PHE A 196 10.88 -14.23 -31.64
N VAL A 197 10.00 -13.52 -30.92
CA VAL A 197 9.75 -12.10 -31.13
C VAL A 197 10.58 -11.26 -30.14
N LEU A 198 11.76 -10.79 -30.60
CA LEU A 198 12.58 -9.82 -29.87
C LEU A 198 12.14 -8.38 -30.21
N ALA A 199 11.19 -7.85 -29.44
CA ALA A 199 10.83 -6.44 -29.49
C ALA A 199 11.83 -5.66 -28.62
N MET A 200 12.95 -5.21 -29.23
CA MET A 200 14.07 -4.57 -28.50
C MET A 200 13.60 -3.33 -27.71
N GLY A 201 14.10 -3.19 -26.48
CA GLY A 201 13.64 -2.16 -25.54
C GLY A 201 13.17 -2.75 -24.22
N GLN A 202 12.68 -4.00 -24.27
CA GLN A 202 12.25 -4.76 -23.07
C GLN A 202 13.35 -5.74 -22.62
N GLY A 203 13.31 -6.15 -21.33
CA GLY A 203 14.33 -7.01 -20.73
C GLY A 203 14.03 -8.50 -20.88
N ARG A 204 14.05 -8.99 -22.13
CA ARG A 204 13.89 -10.44 -22.46
C ARG A 204 15.23 -11.05 -22.91
N MET A 205 16.32 -10.29 -22.74
CA MET A 205 17.67 -10.70 -23.14
C MET A 205 18.66 -10.50 -21.99
N ILE A 206 19.69 -11.36 -21.96
CA ILE A 206 20.88 -11.20 -21.12
C ILE A 206 21.99 -10.51 -21.96
N PRO A 207 22.80 -9.57 -21.34
CA PRO A 207 23.88 -8.82 -22.07
C PRO A 207 24.84 -9.75 -22.83
N GLY A 208 24.93 -9.54 -24.16
CA GLY A 208 25.74 -10.39 -25.05
C GLY A 208 24.93 -10.94 -26.20
N PHE A 209 23.64 -11.23 -25.94
CA PHE A 209 22.74 -11.87 -26.90
C PHE A 209 22.26 -10.84 -27.94
N GLU A 210 21.63 -9.76 -27.44
CA GLU A 210 21.00 -8.73 -28.28
C GLU A 210 22.05 -7.93 -29.08
N ASP A 211 23.32 -7.96 -28.63
CA ASP A 211 24.47 -7.42 -29.40
C ASP A 211 24.59 -8.10 -30.76
N GLY A 212 24.38 -9.42 -30.76
CA GLY A 212 24.46 -10.23 -31.97
C GLY A 212 23.36 -9.93 -32.96
N ILE A 213 22.20 -9.53 -32.44
CA ILE A 213 21.02 -9.21 -33.26
C ILE A 213 21.20 -7.83 -33.93
N LYS A 214 21.51 -6.81 -33.10
CA LYS A 214 21.47 -5.37 -33.51
C LYS A 214 22.72 -4.92 -34.30
N GLY A 215 23.47 -5.87 -34.90
CA GLY A 215 24.69 -5.56 -35.65
C GLY A 215 24.82 -6.42 -36.89
N HIS A 216 23.66 -6.79 -37.47
CA HIS A 216 23.57 -7.67 -38.66
C HIS A 216 22.35 -7.25 -39.53
N LYS A 217 21.88 -8.14 -40.42
CA LYS A 217 20.62 -7.95 -41.20
C LYS A 217 19.97 -9.30 -41.50
N ALA A 218 18.70 -9.31 -41.98
CA ALA A 218 17.98 -10.56 -42.29
C ALA A 218 18.66 -11.32 -43.44
N GLY A 219 18.57 -12.65 -43.40
CA GLY A 219 19.09 -13.53 -44.45
C GLY A 219 20.36 -14.24 -44.01
N GLU A 220 21.28 -13.47 -43.42
CA GLU A 220 22.59 -13.97 -42.96
C GLU A 220 22.46 -14.65 -41.59
N GLU A 221 22.87 -15.91 -41.53
CA GLU A 221 22.87 -16.73 -40.31
C GLU A 221 24.27 -16.77 -39.70
N PHE A 222 24.35 -16.61 -38.38
CA PHE A 222 25.60 -16.51 -37.63
C PHE A 222 25.43 -17.20 -36.27
N THR A 223 26.53 -17.32 -35.53
CA THR A 223 26.53 -17.90 -34.19
C THR A 223 27.27 -16.95 -33.24
N ILE A 224 26.53 -16.43 -32.26
CA ILE A 224 27.04 -15.53 -31.24
C ILE A 224 27.49 -16.32 -30.01
N ASP A 225 28.15 -15.64 -29.08
CA ASP A 225 28.61 -16.23 -27.82
C ASP A 225 28.18 -15.35 -26.66
N VAL A 226 27.47 -15.96 -25.70
CA VAL A 226 26.98 -15.31 -24.47
C VAL A 226 27.34 -16.22 -23.29
N THR A 227 27.28 -15.70 -22.07
CA THR A 227 27.53 -16.46 -20.83
C THR A 227 26.39 -16.21 -19.84
N PHE A 228 25.96 -17.27 -19.13
CA PHE A 228 24.98 -17.17 -18.05
C PHE A 228 25.67 -16.76 -16.72
N PRO A 229 24.99 -15.90 -15.87
CA PRO A 229 25.47 -15.52 -14.51
C PRO A 229 25.95 -16.69 -13.61
N GLU A 230 26.83 -16.36 -12.65
CA GLU A 230 27.29 -17.27 -11.59
C GLU A 230 26.14 -17.55 -10.59
N GLU A 231 25.21 -16.58 -10.51
CA GLU A 231 24.05 -16.65 -9.64
C GLU A 231 22.85 -17.29 -10.36
N TYR A 232 22.94 -17.44 -11.71
CA TYR A 232 21.82 -17.91 -12.56
C TYR A 232 21.28 -19.27 -12.07
N HIS A 233 19.94 -19.40 -12.13
CA HIS A 233 19.17 -20.51 -11.57
C HIS A 233 19.76 -21.90 -11.91
N ALA A 234 19.71 -22.26 -13.20
CA ALA A 234 20.16 -23.58 -13.68
C ALA A 234 21.70 -23.66 -13.67
N GLU A 235 22.25 -24.70 -13.01
CA GLU A 235 23.70 -24.86 -12.79
C GLU A 235 24.42 -25.30 -14.07
N ASN A 236 23.71 -26.09 -14.92
CA ASN A 236 24.23 -26.55 -16.22
C ASN A 236 24.46 -25.37 -17.19
N LEU A 237 23.87 -24.22 -16.87
CA LEU A 237 24.02 -22.96 -17.61
C LEU A 237 25.03 -22.03 -16.92
N LYS A 238 24.94 -22.04 -15.57
CA LYS A 238 25.69 -21.15 -14.65
C LYS A 238 27.19 -21.05 -14.99
N GLY A 239 27.62 -19.85 -15.42
CA GLY A 239 29.03 -19.56 -15.68
C GLY A 239 29.51 -19.95 -17.08
N LYS A 240 28.74 -20.83 -17.76
CA LYS A 240 29.13 -21.40 -19.06
C LYS A 240 28.76 -20.48 -20.23
N ALA A 241 29.51 -20.63 -21.34
CA ALA A 241 29.36 -19.85 -22.56
C ALA A 241 28.55 -20.62 -23.61
N ALA A 242 27.33 -20.13 -23.88
CA ALA A 242 26.40 -20.71 -24.84
C ALA A 242 26.60 -20.13 -26.24
N LYS A 243 26.60 -21.00 -27.25
CA LYS A 243 26.77 -20.63 -28.66
C LYS A 243 25.39 -20.63 -29.35
N PHE A 244 24.80 -19.44 -29.53
CA PHE A 244 23.45 -19.29 -30.12
C PHE A 244 23.54 -19.00 -31.62
N ALA A 245 23.20 -19.99 -32.45
CA ALA A 245 23.08 -19.83 -33.89
C ALA A 245 21.76 -19.12 -34.21
N ILE A 246 21.88 -17.82 -34.52
CA ILE A 246 20.75 -16.96 -34.85
C ILE A 246 20.46 -17.04 -36.35
N ASN A 247 19.17 -17.18 -36.69
CA ASN A 247 18.67 -17.10 -38.07
C ASN A 247 17.74 -15.88 -38.17
N LEU A 248 18.27 -14.77 -38.70
CA LEU A 248 17.48 -13.56 -38.94
C LEU A 248 16.56 -13.79 -40.15
N LYS A 249 15.25 -13.89 -39.90
CA LYS A 249 14.25 -14.11 -40.97
C LYS A 249 13.41 -12.84 -41.17
N LYS A 250 13.19 -12.11 -40.07
CA LYS A 250 12.39 -10.88 -40.04
C LYS A 250 13.14 -9.81 -39.26
N VAL A 251 13.38 -8.68 -39.94
CA VAL A 251 13.88 -7.45 -39.34
C VAL A 251 12.76 -6.41 -39.48
N GLU A 252 11.85 -6.36 -38.52
CA GLU A 252 10.85 -5.29 -38.47
C GLU A 252 11.38 -4.19 -37.56
N GLU A 253 10.69 -3.07 -37.59
CA GLU A 253 11.02 -1.89 -36.83
C GLU A 253 9.73 -1.39 -36.20
N ARG A 254 9.71 -1.27 -34.87
CA ARG A 254 8.66 -0.56 -34.17
C ARG A 254 8.91 0.95 -34.40
N GLU A 255 8.41 1.41 -35.55
CA GLU A 255 8.60 2.78 -36.04
C GLU A 255 7.88 3.79 -35.14
N LEU A 256 8.65 4.80 -34.69
CA LEU A 256 8.13 5.94 -33.91
C LEU A 256 7.03 6.66 -34.71
N PRO A 257 5.74 6.66 -34.23
CA PRO A 257 4.59 7.20 -34.99
C PRO A 257 4.56 8.74 -34.99
N GLU A 258 3.50 9.29 -35.60
CA GLU A 258 3.27 10.73 -35.71
C GLU A 258 3.14 11.38 -34.32
N LEU A 259 3.68 12.59 -34.19
CA LEU A 259 3.46 13.48 -33.02
C LEU A 259 2.53 14.63 -33.47
N THR A 260 1.75 14.38 -34.55
CA THR A 260 0.75 15.30 -35.09
C THR A 260 -0.47 15.43 -34.16
N ALA A 261 -1.42 16.33 -34.57
CA ALA A 261 -2.53 16.85 -33.73
C ALA A 261 -3.17 15.80 -32.79
N GLU A 262 -3.72 14.71 -33.37
CA GLU A 262 -4.51 13.71 -32.63
C GLU A 262 -3.68 12.91 -31.61
N PHE A 263 -2.35 12.85 -31.81
CA PHE A 263 -1.42 12.12 -30.91
C PHE A 263 -0.95 13.06 -29.79
N ILE A 264 -0.47 14.25 -30.18
CA ILE A 264 0.08 15.25 -29.23
C ILE A 264 -1.00 15.78 -28.26
N LYS A 265 -2.28 15.78 -28.69
CA LYS A 265 -3.41 16.13 -27.81
C LYS A 265 -3.82 14.97 -26.89
N ARG A 266 -3.48 13.71 -27.29
CA ARG A 266 -3.97 12.46 -26.64
C ARG A 266 -3.50 12.36 -25.17
N PHE A 267 -2.42 13.09 -24.87
CA PHE A 267 -1.84 13.21 -23.51
C PHE A 267 -2.82 13.93 -22.56
N GLY A 268 -3.48 14.99 -23.08
CA GLY A 268 -4.45 15.78 -22.30
C GLY A 268 -4.53 17.25 -22.73
N VAL A 269 -4.20 17.53 -24.00
CA VAL A 269 -4.25 18.92 -24.54
C VAL A 269 -5.53 19.08 -25.40
N GLU A 270 -6.15 20.27 -25.35
CA GLU A 270 -7.42 20.56 -26.04
C GLU A 270 -7.23 20.60 -27.56
N ASP A 271 -6.32 21.48 -28.04
CA ASP A 271 -6.05 21.64 -29.48
C ASP A 271 -4.90 20.71 -29.91
N GLY A 272 -3.89 20.57 -29.04
CA GLY A 272 -2.71 19.75 -29.31
C GLY A 272 -1.50 20.58 -29.73
N SER A 273 -1.37 21.81 -29.21
CA SER A 273 -0.18 22.66 -29.42
C SER A 273 0.96 22.20 -28.50
N VAL A 274 2.20 22.30 -29.01
CA VAL A 274 3.43 21.87 -28.29
C VAL A 274 3.57 22.60 -26.95
N GLU A 275 3.27 23.92 -26.95
CA GLU A 275 3.21 24.76 -25.73
C GLU A 275 2.24 24.15 -24.67
N GLY A 276 1.15 23.50 -25.14
CA GLY A 276 0.20 22.83 -24.25
C GLY A 276 0.72 21.46 -23.84
N LEU A 277 1.61 20.87 -24.67
CA LEU A 277 2.24 19.58 -24.39
C LEU A 277 3.34 19.78 -23.34
N ARG A 278 3.95 20.97 -23.30
CA ARG A 278 4.96 21.32 -22.28
C ARG A 278 4.30 21.38 -20.90
N ALA A 279 3.12 22.06 -20.88
CA ALA A 279 2.25 22.12 -19.72
C ALA A 279 1.85 20.70 -19.27
N GLU A 280 1.44 19.87 -20.26
CA GLU A 280 0.92 18.52 -20.03
C GLU A 280 2.01 17.57 -19.50
N VAL A 281 3.20 17.60 -20.12
CA VAL A 281 4.33 16.73 -19.71
C VAL A 281 4.93 17.20 -18.39
N ARG A 282 4.72 18.48 -18.03
CA ARG A 282 5.04 18.95 -16.68
C ARG A 282 4.08 18.30 -15.65
N LYS A 283 2.75 18.44 -15.89
CA LYS A 283 1.70 17.93 -14.98
C LYS A 283 1.51 16.39 -15.10
N ASN A 284 2.25 15.73 -16.02
CA ASN A 284 2.37 14.25 -16.06
C ASN A 284 3.68 13.80 -15.39
N MET A 285 4.82 14.28 -15.93
CA MET A 285 6.15 13.78 -15.55
C MET A 285 6.60 14.28 -14.16
N GLU A 286 6.28 15.53 -13.77
CA GLU A 286 6.56 15.98 -12.37
C GLU A 286 5.60 15.30 -11.39
N ARG A 287 4.33 15.13 -11.84
CA ARG A 287 3.27 14.45 -11.07
C ARG A 287 3.70 13.01 -10.69
N GLU A 288 4.36 12.33 -11.63
CA GLU A 288 4.90 10.98 -11.41
C GLU A 288 6.25 11.05 -10.65
N LEU A 289 7.22 11.73 -11.27
CA LEU A 289 8.63 11.77 -10.84
C LEU A 289 8.81 12.45 -9.48
N LYS A 290 8.42 13.73 -9.35
CA LYS A 290 8.69 14.53 -8.12
C LYS A 290 7.97 13.91 -6.90
N SER A 291 6.79 13.30 -7.16
CA SER A 291 6.05 12.51 -6.16
C SER A 291 6.81 11.21 -5.84
N ALA A 292 7.41 10.59 -6.88
CA ALA A 292 8.21 9.35 -6.73
C ALA A 292 9.43 9.61 -5.82
N ILE A 293 10.11 10.78 -6.00
CA ILE A 293 11.21 11.22 -5.12
C ILE A 293 10.70 11.39 -3.69
N ARG A 294 9.59 12.16 -3.54
CA ARG A 294 9.04 12.50 -2.22
C ARG A 294 8.68 11.22 -1.42
N ASN A 295 7.91 10.33 -2.05
CA ASN A 295 7.46 9.05 -1.46
C ASN A 295 8.65 8.07 -1.29
N ARG A 296 9.69 8.16 -2.16
CA ARG A 296 10.92 7.34 -2.04
C ARG A 296 11.65 7.69 -0.74
N VAL A 297 12.01 8.97 -0.58
CA VAL A 297 12.78 9.47 0.58
C VAL A 297 11.96 9.29 1.89
N LYS A 298 10.63 9.47 1.77
CA LYS A 298 9.68 9.27 2.89
C LYS A 298 9.67 7.80 3.35
N SER A 299 9.55 6.87 2.37
CA SER A 299 9.54 5.43 2.66
C SER A 299 10.89 4.94 3.17
N GLN A 300 12.00 5.58 2.72
CA GLN A 300 13.37 5.28 3.20
C GLN A 300 13.55 5.76 4.64
N ALA A 301 12.92 6.90 4.98
CA ALA A 301 12.96 7.46 6.35
C ALA A 301 12.26 6.51 7.32
N ILE A 302 11.01 6.12 6.98
CA ILE A 302 10.19 5.19 7.80
C ILE A 302 10.87 3.81 7.92
N GLU A 303 11.26 3.25 6.77
CA GLU A 303 11.87 1.91 6.68
C GLU A 303 13.21 1.91 7.45
N GLY A 304 13.92 3.05 7.38
CA GLY A 304 15.15 3.27 8.13
C GLY A 304 14.92 3.30 9.65
N LEU A 305 13.81 3.95 10.06
CA LEU A 305 13.37 4.02 11.47
C LEU A 305 13.08 2.62 12.05
N VAL A 306 12.34 1.79 11.26
CA VAL A 306 12.02 0.39 11.64
C VAL A 306 13.32 -0.45 11.73
N LYS A 307 14.14 -0.32 10.68
CA LYS A 307 15.40 -1.06 10.54
C LYS A 307 16.42 -0.63 11.62
N ALA A 308 16.24 0.61 12.13
CA ALA A 308 17.05 1.17 13.22
C ALA A 308 16.66 0.61 14.61
N ASN A 309 15.35 0.27 14.79
CA ASN A 309 14.81 -0.05 16.14
C ASN A 309 13.45 -0.77 16.08
N ASP A 310 13.20 -1.63 17.07
CA ASP A 310 11.93 -2.36 17.20
C ASP A 310 10.80 -1.41 17.60
N ILE A 311 9.64 -1.57 16.95
CA ILE A 311 8.44 -0.78 17.21
C ILE A 311 7.30 -1.72 17.69
N ASP A 312 6.86 -1.53 18.94
CA ASP A 312 5.68 -2.22 19.47
C ASP A 312 4.43 -1.49 18.95
N VAL A 313 3.39 -2.27 18.61
CA VAL A 313 2.24 -1.80 17.82
C VAL A 313 0.92 -2.12 18.58
N PRO A 314 0.13 -1.08 19.03
CA PRO A 314 -1.10 -1.28 19.84
C PRO A 314 -2.33 -1.70 18.98
N ALA A 315 -3.14 -2.63 19.53
CA ALA A 315 -4.18 -3.37 18.79
C ALA A 315 -5.32 -2.50 18.25
N ALA A 316 -5.68 -1.41 18.97
CA ALA A 316 -6.85 -0.55 18.60
C ALA A 316 -6.67 0.05 17.20
N LEU A 317 -5.40 0.22 16.81
CA LEU A 317 -5.04 0.85 15.54
C LEU A 317 -4.99 -0.21 14.41
N ILE A 318 -4.65 -1.47 14.76
CA ILE A 318 -4.83 -2.63 13.84
C ILE A 318 -6.32 -2.72 13.48
N ASP A 319 -7.16 -2.73 14.56
CA ASP A 319 -8.63 -2.78 14.46
C ASP A 319 -9.14 -1.66 13.57
N SER A 320 -8.79 -0.41 13.92
CA SER A 320 -9.30 0.80 13.26
C SER A 320 -8.91 0.84 11.77
N GLU A 321 -7.59 0.75 11.47
CA GLU A 321 -7.09 0.92 10.09
C GLU A 321 -7.55 -0.23 9.16
N ILE A 322 -7.45 -1.49 9.65
CA ILE A 322 -7.90 -2.67 8.87
C ILE A 322 -9.43 -2.60 8.67
N ASP A 323 -10.17 -2.13 9.70
CA ASP A 323 -11.64 -1.91 9.64
C ASP A 323 -12.01 -0.95 8.50
N VAL A 324 -11.26 0.18 8.40
CA VAL A 324 -11.42 1.16 7.30
C VAL A 324 -11.26 0.48 5.94
N LEU A 325 -10.14 -0.24 5.80
CA LEU A 325 -9.77 -0.91 4.54
C LEU A 325 -10.70 -2.12 4.23
N ARG A 326 -11.37 -2.68 5.26
CA ARG A 326 -12.35 -3.78 5.10
C ARG A 326 -13.73 -3.21 4.72
N ARG A 327 -14.04 -1.96 5.14
CA ARG A 327 -15.26 -1.25 4.71
C ARG A 327 -15.13 -0.87 3.22
N GLN A 328 -13.92 -0.38 2.86
CA GLN A 328 -13.55 -0.05 1.48
C GLN A 328 -13.69 -1.28 0.57
N ALA A 329 -13.06 -2.40 1.01
CA ALA A 329 -13.07 -3.67 0.28
C ALA A 329 -14.50 -4.22 0.12
N ALA A 330 -15.20 -4.37 1.27
CA ALA A 330 -16.56 -4.93 1.32
C ALA A 330 -17.54 -4.11 0.45
N GLN A 331 -17.37 -2.77 0.43
CA GLN A 331 -18.18 -1.86 -0.42
C GLN A 331 -18.03 -2.22 -1.91
N ARG A 332 -16.81 -2.63 -2.31
CA ARG A 332 -16.47 -3.00 -3.70
C ARG A 332 -16.79 -4.49 -3.97
N PHE A 333 -16.89 -5.26 -2.87
CA PHE A 333 -17.27 -6.69 -2.87
C PHE A 333 -18.81 -6.85 -2.83
N GLY A 334 -19.52 -5.71 -2.68
CA GLY A 334 -20.98 -5.67 -2.57
C GLY A 334 -21.48 -5.72 -1.12
N GLY A 335 -20.61 -6.11 -0.19
CA GLY A 335 -20.95 -6.19 1.23
C GLY A 335 -21.71 -7.45 1.60
N ASN A 336 -21.65 -8.46 0.71
CA ASN A 336 -22.24 -9.79 0.97
C ASN A 336 -21.41 -10.52 2.06
N GLU A 337 -22.03 -11.53 2.70
CA GLU A 337 -21.46 -12.37 3.79
C GLU A 337 -21.45 -11.59 5.14
N LYS A 338 -20.80 -10.40 5.12
CA LYS A 338 -20.68 -9.48 6.29
C LYS A 338 -19.83 -10.12 7.40
N GLN A 339 -19.03 -11.11 6.97
CA GLN A 339 -18.06 -11.84 7.81
C GLN A 339 -16.65 -11.26 7.62
N ALA A 340 -16.60 -10.03 7.04
CA ALA A 340 -15.39 -9.32 6.59
C ALA A 340 -14.26 -9.24 7.65
N LEU A 341 -14.60 -9.42 8.94
CA LEU A 341 -13.61 -9.55 10.05
C LEU A 341 -12.52 -10.61 9.72
N GLU A 342 -12.97 -11.66 9.01
CA GLU A 342 -12.17 -12.81 8.55
C GLU A 342 -11.12 -12.41 7.46
N LEU A 343 -11.42 -11.36 6.64
CA LEU A 343 -10.60 -10.97 5.44
C LEU A 343 -9.07 -11.01 5.72
N PRO A 344 -8.28 -11.82 4.92
CA PRO A 344 -6.80 -12.05 5.10
C PRO A 344 -5.98 -10.78 5.44
N ARG A 345 -5.18 -10.87 6.53
CA ARG A 345 -4.37 -9.77 7.08
C ARG A 345 -3.46 -9.14 6.01
N GLU A 346 -2.75 -9.99 5.28
CA GLU A 346 -1.81 -9.58 4.20
C GLU A 346 -2.45 -8.66 3.13
N LEU A 347 -3.81 -8.64 3.03
CA LEU A 347 -4.52 -7.72 2.10
C LEU A 347 -4.50 -6.27 2.63
N PHE A 348 -4.65 -6.12 3.96
CA PHE A 348 -4.90 -4.81 4.62
C PHE A 348 -3.81 -4.43 5.62
N GLU A 349 -3.48 -5.34 6.56
CA GLU A 349 -2.45 -5.14 7.61
C GLU A 349 -1.10 -4.58 7.06
N GLU A 350 -0.68 -5.08 5.88
CA GLU A 350 0.59 -4.71 5.21
C GLU A 350 0.74 -3.18 5.04
N GLN A 351 -0.41 -2.51 4.78
CA GLN A 351 -0.49 -1.05 4.62
C GLN A 351 -1.09 -0.38 5.88
N ALA A 352 -1.98 -1.11 6.58
CA ALA A 352 -2.75 -0.58 7.74
C ALA A 352 -1.88 -0.51 8.99
N LYS A 353 -1.37 -1.67 9.41
CA LYS A 353 -0.45 -1.78 10.56
C LYS A 353 0.85 -0.99 10.27
N ARG A 354 1.16 -0.81 8.97
CA ARG A 354 2.25 0.07 8.54
C ARG A 354 1.87 1.55 8.74
N ARG A 355 0.56 1.94 8.54
CA ARG A 355 0.08 3.32 8.89
C ARG A 355 0.35 3.59 10.38
N VAL A 356 0.06 2.55 11.20
CA VAL A 356 0.26 2.59 12.64
C VAL A 356 1.76 2.80 12.98
N VAL A 357 2.64 1.98 12.34
CA VAL A 357 4.11 2.06 12.54
C VAL A 357 4.65 3.46 12.14
N VAL A 358 4.25 3.95 10.94
CA VAL A 358 4.55 5.32 10.46
C VAL A 358 4.12 6.36 11.51
N GLY A 359 2.92 6.14 12.09
CA GLY A 359 2.32 7.07 13.03
C GLY A 359 3.02 7.13 14.38
N LEU A 360 3.48 5.97 14.86
CA LEU A 360 4.17 5.85 16.15
C LEU A 360 5.58 6.46 16.07
N LEU A 361 6.30 6.09 14.99
CA LEU A 361 7.66 6.58 14.73
C LEU A 361 7.66 8.11 14.54
N LEU A 362 6.86 8.60 13.55
CA LEU A 362 6.77 10.04 13.23
C LEU A 362 6.13 10.84 14.37
N GLY A 363 5.16 10.23 15.09
CA GLY A 363 4.56 10.86 16.28
C GLY A 363 5.58 11.14 17.36
N GLU A 364 6.49 10.16 17.56
CA GLU A 364 7.61 10.32 18.46
C GLU A 364 8.60 11.39 17.92
N VAL A 365 8.80 11.43 16.59
CA VAL A 365 9.66 12.47 15.95
C VAL A 365 9.07 13.89 16.18
N ILE A 366 7.72 13.99 16.15
CA ILE A 366 7.00 15.27 16.41
C ILE A 366 7.25 15.73 17.85
N ARG A 367 7.17 14.79 18.82
CA ARG A 367 7.44 15.09 20.24
C ARG A 367 8.93 15.46 20.47
N THR A 368 9.83 14.54 20.06
CA THR A 368 11.30 14.67 20.21
C THR A 368 11.84 15.98 19.59
N ASN A 369 11.33 16.34 18.40
CA ASN A 369 11.77 17.52 17.64
C ASN A 369 10.78 18.70 17.80
N GLU A 370 9.85 18.61 18.81
CA GLU A 370 8.90 19.70 19.23
C GLU A 370 8.13 20.37 18.06
N LEU A 371 7.82 19.57 17.03
CA LEU A 371 7.24 20.03 15.76
C LEU A 371 5.75 20.45 15.90
N LYS A 372 5.29 21.30 14.95
CA LYS A 372 3.88 21.76 14.87
C LYS A 372 3.48 21.96 13.38
N ALA A 373 2.17 21.81 13.09
CA ALA A 373 1.61 21.98 11.74
C ALA A 373 1.41 23.48 11.45
N ASP A 374 2.20 24.03 10.51
CA ASP A 374 2.28 25.48 10.26
C ASP A 374 1.59 25.86 8.94
N GLU A 375 0.82 26.96 8.95
CA GLU A 375 -0.01 27.38 7.82
C GLU A 375 0.81 27.77 6.58
N GLU A 376 2.03 28.30 6.77
CA GLU A 376 2.95 28.60 5.66
C GLU A 376 3.40 27.28 4.98
N ARG A 377 3.51 26.21 5.80
CA ARG A 377 3.91 24.87 5.33
C ARG A 377 2.75 24.26 4.52
N VAL A 378 1.51 24.39 5.06
CA VAL A 378 0.28 23.92 4.40
C VAL A 378 0.17 24.56 3.00
N LYS A 379 0.10 25.92 2.96
CA LYS A 379 -0.05 26.71 1.72
C LYS A 379 1.09 26.45 0.72
N GLY A 380 2.33 26.25 1.28
CA GLY A 380 3.50 25.88 0.48
C GLY A 380 3.24 24.62 -0.35
N LEU A 381 2.86 23.53 0.37
CA LEU A 381 2.52 22.22 -0.24
C LEU A 381 1.41 22.37 -1.28
N ILE A 382 0.37 23.18 -0.93
CA ILE A 382 -0.80 23.46 -1.81
C ILE A 382 -0.32 23.93 -3.19
N GLU A 383 0.43 25.06 -3.21
CA GLU A 383 0.87 25.70 -4.47
C GLU A 383 1.84 24.80 -5.28
N GLU A 384 2.79 24.16 -4.57
CA GLU A 384 3.82 23.28 -5.19
C GLU A 384 3.17 22.11 -5.95
N MET A 385 2.17 21.46 -5.33
CA MET A 385 1.44 20.35 -5.99
C MET A 385 0.44 20.91 -7.03
N ALA A 386 -0.19 22.07 -6.71
CA ALA A 386 -1.29 22.65 -7.53
C ALA A 386 -0.79 23.15 -8.88
N SER A 387 0.50 23.52 -8.93
CA SER A 387 1.18 23.90 -10.17
C SER A 387 1.30 22.68 -11.14
N ALA A 388 1.16 21.46 -10.57
CA ALA A 388 1.13 20.19 -11.34
C ALA A 388 -0.33 19.73 -11.63
N TYR A 389 -1.34 20.54 -11.22
CA TYR A 389 -2.77 20.30 -11.58
C TYR A 389 -3.09 21.00 -12.91
N GLU A 390 -4.35 20.81 -13.36
CA GLU A 390 -4.87 21.45 -14.58
C GLU A 390 -5.05 22.96 -14.34
N ASP A 391 -5.68 23.28 -13.19
CA ASP A 391 -5.84 24.67 -12.70
C ASP A 391 -5.54 24.71 -11.18
N PRO A 392 -4.54 25.55 -10.74
CA PRO A 392 -4.22 25.71 -9.31
C PRO A 392 -5.30 26.46 -8.48
N LYS A 393 -5.88 27.53 -9.07
CA LYS A 393 -6.73 28.51 -8.33
C LYS A 393 -7.88 27.85 -7.54
N GLU A 394 -8.62 26.95 -8.22
CA GLU A 394 -9.77 26.26 -7.61
C GLU A 394 -9.32 25.31 -6.49
N VAL A 395 -8.06 24.86 -6.56
CA VAL A 395 -7.46 23.93 -5.57
C VAL A 395 -7.11 24.70 -4.30
N ILE A 396 -6.47 25.88 -4.47
CA ILE A 396 -6.16 26.81 -3.36
C ILE A 396 -7.45 27.15 -2.58
N GLU A 397 -8.52 27.49 -3.33
CA GLU A 397 -9.84 27.83 -2.75
C GLU A 397 -10.54 26.59 -2.12
N PHE A 398 -10.43 25.42 -2.79
CA PHE A 398 -11.08 24.17 -2.36
C PHE A 398 -10.55 23.70 -0.99
N TYR A 399 -9.25 23.91 -0.78
CA TYR A 399 -8.60 23.65 0.51
C TYR A 399 -8.99 24.71 1.54
N SER A 400 -8.62 25.99 1.28
CA SER A 400 -8.70 27.09 2.27
C SER A 400 -10.15 27.31 2.82
N LYS A 401 -11.16 27.04 1.97
CA LYS A 401 -12.59 27.23 2.32
C LYS A 401 -13.22 25.92 2.86
N ASN A 402 -12.38 24.97 3.26
CA ASN A 402 -12.81 23.65 3.77
C ASN A 402 -11.93 23.27 4.97
N LYS A 403 -12.50 23.37 6.19
CA LYS A 403 -11.74 23.19 7.44
C LYS A 403 -11.22 21.74 7.58
N GLU A 404 -12.08 20.75 7.21
CA GLU A 404 -11.74 19.31 7.26
C GLU A 404 -10.54 19.01 6.34
N LEU A 405 -10.54 19.62 5.15
CA LEU A 405 -9.50 19.42 4.14
C LEU A 405 -8.19 20.11 4.57
N MET A 406 -8.30 21.32 5.18
CA MET A 406 -7.15 22.04 5.76
C MET A 406 -6.59 21.28 6.98
N ASP A 407 -7.48 20.56 7.68
CA ASP A 407 -7.14 19.77 8.88
C ASP A 407 -6.34 18.52 8.49
N ASN A 408 -6.75 17.91 7.35
CA ASN A 408 -6.02 16.79 6.73
C ASN A 408 -4.76 17.31 5.99
N MET A 409 -4.74 18.60 5.63
CA MET A 409 -3.55 19.22 4.99
C MET A 409 -2.55 19.74 6.04
N ARG A 410 -3.02 19.98 7.28
CA ARG A 410 -2.16 20.23 8.44
C ARG A 410 -1.56 18.89 8.90
N ASN A 411 -2.39 17.83 8.80
CA ASN A 411 -1.97 16.43 8.95
C ASN A 411 -0.76 16.14 8.02
N VAL A 412 -0.93 16.28 6.69
CA VAL A 412 0.17 15.98 5.73
C VAL A 412 1.33 17.00 5.88
N ALA A 413 1.03 18.23 6.34
CA ALA A 413 2.03 19.27 6.60
C ALA A 413 3.06 18.78 7.63
N LEU A 414 2.54 18.41 8.80
CA LEU A 414 3.35 18.00 9.95
C LEU A 414 3.86 16.56 9.80
N GLU A 415 3.16 15.74 8.98
CA GLU A 415 3.58 14.35 8.68
C GLU A 415 4.85 14.37 7.81
N GLU A 416 4.80 15.14 6.71
CA GLU A 416 5.93 15.33 5.79
C GLU A 416 7.10 16.04 6.48
N GLN A 417 6.76 16.99 7.38
CA GLN A 417 7.75 17.72 8.19
C GLN A 417 8.39 16.79 9.25
N ALA A 418 7.60 15.83 9.78
CA ALA A 418 8.10 14.81 10.72
C ALA A 418 9.12 13.90 10.04
N VAL A 419 8.84 13.55 8.77
CA VAL A 419 9.79 12.84 7.90
C VAL A 419 11.09 13.68 7.76
N GLU A 420 10.92 14.96 7.36
CA GLU A 420 12.04 15.91 7.15
C GLU A 420 12.86 16.16 8.41
N ALA A 421 12.24 15.97 9.60
CA ALA A 421 12.93 16.06 10.88
C ALA A 421 13.83 14.84 11.14
N VAL A 422 13.44 13.66 10.58
CA VAL A 422 14.29 12.46 10.61
C VAL A 422 15.46 12.70 9.63
N LEU A 423 15.12 13.25 8.46
CA LEU A 423 16.06 13.47 7.34
C LEU A 423 17.16 14.48 7.70
N ALA A 424 16.76 15.55 8.41
CA ALA A 424 17.67 16.61 8.87
C ALA A 424 18.70 16.08 9.89
N LYS A 425 18.35 14.96 10.55
CA LYS A 425 19.21 14.29 11.52
C LYS A 425 19.95 13.09 10.89
N ALA A 426 19.34 12.50 9.84
CA ALA A 426 19.84 11.30 9.17
C ALA A 426 20.82 11.64 8.05
N LYS A 427 21.67 10.66 7.69
CA LYS A 427 22.64 10.78 6.60
C LYS A 427 21.91 10.83 5.25
N VAL A 428 21.43 12.02 4.87
CA VAL A 428 20.78 12.25 3.57
C VAL A 428 21.82 12.74 2.55
N THR A 429 22.41 11.77 1.85
CA THR A 429 23.39 12.03 0.79
C THR A 429 22.68 12.65 -0.44
N GLU A 430 22.71 13.99 -0.49
CA GLU A 430 22.07 14.78 -1.56
C GLU A 430 22.90 14.69 -2.85
N LYS A 431 22.22 14.41 -3.97
CA LYS A 431 22.83 14.50 -5.31
C LYS A 431 21.77 14.94 -6.32
N GLU A 432 22.20 15.72 -7.33
CA GLU A 432 21.34 16.13 -8.45
C GLU A 432 21.46 15.11 -9.58
N THR A 433 20.31 14.73 -10.17
CA THR A 433 20.24 13.66 -11.19
C THR A 433 18.94 13.78 -12.02
N THR A 434 18.81 12.95 -13.06
CA THR A 434 17.75 13.04 -14.08
C THR A 434 16.63 12.00 -13.83
N PHE A 435 15.55 12.07 -14.66
CA PHE A 435 14.37 11.14 -14.63
C PHE A 435 14.81 9.65 -14.69
N ASN A 436 15.97 9.42 -15.33
CA ASN A 436 16.57 8.08 -15.52
C ASN A 436 17.00 7.41 -14.19
N GLU A 437 17.07 8.23 -13.12
CA GLU A 437 17.41 7.78 -11.76
C GLU A 437 16.41 6.75 -11.23
N LEU A 438 15.10 6.92 -11.56
CA LEU A 438 14.04 6.06 -11.01
C LEU A 438 13.46 5.12 -12.09
N MET A 439 12.59 5.67 -12.98
CA MET A 439 11.82 4.85 -13.95
C MET A 439 12.71 4.23 -15.03
N ASN A 440 13.56 5.06 -15.66
CA ASN A 440 14.41 4.64 -16.80
C ASN A 440 15.71 3.94 -16.35
N GLN A 441 15.57 2.97 -15.41
CA GLN A 441 16.64 2.02 -15.07
C GLN A 441 16.32 0.67 -15.74
N GLN A 442 16.57 0.62 -17.07
CA GLN A 442 16.46 -0.62 -17.86
C GLN A 442 17.82 -1.32 -17.94
N ALA A 443 18.88 -0.51 -18.06
CA ALA A 443 20.27 -0.98 -18.22
C ALA A 443 21.25 0.17 -17.89
N VAL B 8 21.72 -25.60 10.16
CA VAL B 8 22.83 -24.65 9.94
C VAL B 8 22.85 -24.18 8.47
N ASP B 9 22.72 -22.85 8.28
CA ASP B 9 22.85 -22.21 6.97
C ASP B 9 24.31 -22.34 6.48
N LEU B 10 24.50 -22.98 5.31
CA LEU B 10 25.83 -23.53 4.92
C LEU B 10 26.64 -22.56 4.04
N ASP B 11 26.23 -22.33 2.76
CA ASP B 11 27.08 -21.60 1.78
C ASP B 11 26.97 -20.10 2.03
N GLU B 12 25.90 -19.46 1.53
CA GLU B 12 25.45 -18.14 2.02
C GLU B 12 24.19 -18.35 2.90
N ALA B 13 23.01 -18.65 2.30
CA ALA B 13 21.78 -18.89 3.10
C ALA B 13 21.43 -20.39 3.10
N VAL B 14 20.70 -20.87 2.08
CA VAL B 14 20.36 -22.30 1.96
C VAL B 14 21.13 -22.91 0.77
N GLN B 15 20.67 -22.66 -0.48
CA GLN B 15 21.43 -22.98 -1.68
C GLN B 15 22.18 -21.70 -2.11
N ARG B 16 21.48 -20.75 -2.76
CA ARG B 16 21.95 -19.37 -2.91
C ARG B 16 21.14 -18.48 -1.94
N ALA B 17 19.92 -18.01 -2.33
CA ALA B 17 19.11 -17.15 -1.44
C ALA B 17 17.92 -17.90 -0.82
N LEU B 18 16.81 -18.11 -1.58
CA LEU B 18 15.61 -18.82 -1.05
C LEU B 18 15.39 -20.20 -1.72
N GLU B 19 15.23 -20.27 -3.06
CA GLU B 19 14.93 -21.54 -3.76
C GLU B 19 16.23 -22.07 -4.42
N PHE B 20 16.57 -21.55 -5.62
CA PHE B 20 17.93 -21.65 -6.16
C PHE B 20 18.59 -20.30 -5.86
N ALA B 21 18.43 -19.31 -6.78
CA ALA B 21 18.84 -17.92 -6.52
C ALA B 21 17.62 -17.20 -5.94
N LYS B 22 16.74 -16.70 -6.82
CA LYS B 22 15.40 -16.25 -6.43
C LYS B 22 14.43 -17.30 -6.97
N LYS B 23 14.04 -17.11 -8.25
CA LYS B 23 13.13 -18.00 -8.99
C LYS B 23 12.91 -17.33 -10.37
N GLU B 24 13.89 -17.55 -11.25
CA GLU B 24 14.03 -16.81 -12.52
C GLU B 24 12.97 -17.28 -13.53
N GLY B 25 13.11 -18.51 -14.02
CA GLY B 25 12.16 -19.11 -14.97
C GLY B 25 12.29 -18.56 -16.37
N ASN B 26 11.56 -17.46 -16.65
CA ASN B 26 11.42 -16.91 -18.01
C ASN B 26 12.36 -15.70 -18.22
N THR B 27 13.02 -15.70 -19.38
CA THR B 27 13.73 -14.55 -19.95
C THR B 27 13.55 -14.67 -21.49
N LEU B 28 14.26 -15.63 -22.07
CA LEU B 28 13.96 -16.27 -23.35
C LEU B 28 14.34 -17.75 -23.18
N VAL B 29 13.63 -18.69 -23.85
CA VAL B 29 13.72 -20.13 -23.47
C VAL B 29 15.06 -20.81 -23.87
N ILE B 30 16.01 -20.77 -22.91
CA ILE B 30 17.14 -21.71 -22.79
C ILE B 30 17.39 -21.85 -21.29
N VAL B 31 16.69 -22.80 -20.65
CA VAL B 31 16.87 -23.08 -19.21
C VAL B 31 16.52 -24.54 -18.89
N THR B 32 17.11 -25.08 -17.81
CA THR B 32 16.56 -26.27 -17.14
C THR B 32 15.18 -25.88 -16.58
N ALA B 33 14.14 -26.69 -16.91
CA ALA B 33 12.71 -26.37 -16.70
C ALA B 33 12.43 -25.69 -15.35
N ASP B 34 12.05 -24.41 -15.40
CA ASP B 34 11.86 -23.56 -14.21
C ASP B 34 10.76 -22.53 -14.47
N HIS B 35 10.01 -22.20 -13.40
CA HIS B 35 8.90 -21.22 -13.44
C HIS B 35 8.73 -20.58 -12.05
N ALA B 36 8.51 -19.25 -12.05
CA ALA B 36 8.27 -18.45 -10.82
C ALA B 36 6.82 -18.63 -10.31
N HIS B 37 6.67 -18.53 -8.97
CA HIS B 37 5.35 -18.56 -8.30
C HIS B 37 4.79 -17.13 -8.13
N ALA B 38 5.52 -16.13 -8.67
CA ALA B 38 5.20 -14.69 -8.52
C ALA B 38 3.75 -14.40 -8.97
N SER B 39 2.90 -14.11 -7.96
CA SER B 39 1.45 -13.82 -8.12
C SER B 39 0.63 -15.08 -8.53
N GLN B 40 -0.70 -14.89 -8.67
CA GLN B 40 -1.69 -15.95 -8.91
C GLN B 40 -1.74 -16.93 -7.71
N ILE B 41 -0.85 -17.99 -7.72
CA ILE B 41 -0.82 -19.13 -6.76
C ILE B 41 -2.22 -19.55 -6.22
N VAL B 42 -2.74 -18.86 -5.17
CA VAL B 42 -4.13 -19.03 -4.68
C VAL B 42 -5.11 -18.64 -5.83
N ALA B 43 -5.78 -19.68 -6.39
CA ALA B 43 -6.50 -19.61 -7.68
C ALA B 43 -5.48 -19.31 -8.81
N PRO B 44 -4.90 -20.38 -9.47
CA PRO B 44 -3.84 -20.25 -10.52
C PRO B 44 -4.22 -19.27 -11.67
N ASP B 45 -5.53 -19.11 -11.87
CA ASP B 45 -6.09 -18.14 -12.83
C ASP B 45 -7.10 -17.26 -12.06
N THR B 46 -8.29 -17.81 -11.84
CA THR B 46 -9.38 -17.17 -11.07
C THR B 46 -10.30 -18.29 -10.56
N LYS B 47 -10.54 -19.27 -11.48
CA LYS B 47 -11.38 -20.47 -11.25
C LYS B 47 -12.85 -20.07 -10.98
N ALA B 48 -13.65 -21.04 -10.52
CA ALA B 48 -15.05 -20.80 -10.10
C ALA B 48 -15.07 -20.08 -8.74
N PRO B 49 -15.54 -18.79 -8.66
CA PRO B 49 -15.66 -18.05 -7.38
C PRO B 49 -16.58 -18.75 -6.36
N GLY B 50 -16.26 -18.58 -5.06
CA GLY B 50 -16.98 -19.24 -3.96
C GLY B 50 -18.43 -18.79 -3.82
N LEU B 51 -18.75 -17.60 -4.37
CA LEU B 51 -20.13 -17.06 -4.42
C LEU B 51 -20.75 -17.33 -5.82
N THR B 52 -20.27 -18.41 -6.49
CA THR B 52 -20.57 -18.78 -7.91
C THR B 52 -20.00 -17.74 -8.91
N GLN B 53 -20.45 -16.48 -8.82
CA GLN B 53 -19.92 -15.33 -9.58
C GLN B 53 -19.38 -14.27 -8.59
N ALA B 54 -19.10 -13.06 -9.11
CA ALA B 54 -18.71 -11.88 -8.29
C ALA B 54 -19.93 -11.29 -7.53
N LEU B 55 -21.16 -11.67 -8.00
CA LEU B 55 -22.46 -11.31 -7.39
C LEU B 55 -22.81 -9.81 -7.63
N ASN B 56 -24.11 -9.47 -7.52
CA ASN B 56 -24.59 -8.07 -7.62
C ASN B 56 -24.02 -7.22 -6.45
N THR B 57 -24.60 -7.43 -5.25
CA THR B 57 -24.29 -6.63 -4.05
C THR B 57 -24.75 -7.41 -2.79
N LYS B 58 -26.07 -7.66 -2.75
CA LYS B 58 -26.77 -8.29 -1.62
C LYS B 58 -26.78 -7.35 -0.39
N ASP B 59 -27.88 -6.60 -0.29
CA ASP B 59 -28.18 -5.60 0.76
C ASP B 59 -28.07 -6.19 2.20
N GLY B 60 -28.87 -7.24 2.50
CA GLY B 60 -28.92 -7.82 3.84
C GLY B 60 -29.65 -9.15 3.85
N ALA B 61 -30.97 -9.11 3.53
CA ALA B 61 -31.89 -10.28 3.62
C ALA B 61 -31.94 -10.85 5.07
N VAL B 62 -32.18 -12.18 5.20
CA VAL B 62 -32.24 -12.97 6.46
C VAL B 62 -33.09 -12.32 7.61
N MET B 63 -32.55 -11.31 8.31
CA MET B 63 -33.19 -10.68 9.47
C MET B 63 -32.61 -9.27 9.63
N VAL B 64 -33.44 -8.26 9.27
CA VAL B 64 -33.15 -6.80 9.33
C VAL B 64 -31.93 -6.39 8.45
N MET B 65 -31.65 -5.06 8.38
CA MET B 65 -30.49 -4.46 7.67
C MET B 65 -30.57 -4.72 6.14
N SER B 66 -31.81 -4.76 5.63
CA SER B 66 -32.10 -4.96 4.21
C SER B 66 -31.83 -3.67 3.39
N TYR B 67 -31.47 -2.58 4.09
CA TYR B 67 -30.95 -1.35 3.48
C TYR B 67 -29.44 -1.31 3.75
N GLY B 68 -28.64 -1.29 2.67
CA GLY B 68 -27.17 -1.32 2.78
C GLY B 68 -26.60 0.00 3.29
N ASN B 69 -27.23 1.12 2.88
CA ASN B 69 -26.81 2.52 3.20
C ASN B 69 -25.37 2.80 2.67
N SER B 70 -24.93 2.00 1.68
CA SER B 70 -23.55 2.03 1.17
C SER B 70 -23.33 3.22 0.20
N GLU B 71 -22.05 3.42 -0.21
CA GLU B 71 -21.59 4.57 -1.04
C GLU B 71 -21.75 5.93 -0.30
N GLU B 72 -22.11 5.88 1.01
CA GLU B 72 -22.47 7.05 1.83
C GLU B 72 -21.22 7.91 2.09
N ASP B 73 -20.06 7.24 2.18
CA ASP B 73 -18.73 7.87 2.34
C ASP B 73 -18.47 8.87 1.20
N SER B 74 -18.89 8.48 -0.01
CA SER B 74 -18.55 9.17 -1.27
C SER B 74 -19.71 10.06 -1.78
N GLN B 75 -20.91 9.98 -1.13
CA GLN B 75 -22.09 10.78 -1.55
C GLN B 75 -21.76 12.28 -1.56
N GLU B 76 -21.31 12.80 -0.41
CA GLU B 76 -20.92 14.21 -0.27
C GLU B 76 -19.46 14.38 -0.72
N HIS B 77 -19.26 15.07 -1.86
CA HIS B 77 -17.93 15.25 -2.50
C HIS B 77 -17.18 16.48 -1.93
N THR B 78 -17.13 16.56 -0.58
CA THR B 78 -16.41 17.62 0.15
C THR B 78 -14.88 17.50 -0.05
N GLY B 79 -14.43 16.27 -0.36
CA GLY B 79 -13.04 15.98 -0.70
C GLY B 79 -12.93 15.04 -1.89
N SER B 80 -11.68 14.70 -2.26
CA SER B 80 -11.34 13.81 -3.39
C SER B 80 -11.84 14.38 -4.75
N GLN B 81 -13.08 14.03 -5.15
CA GLN B 81 -13.64 14.34 -6.50
C GLN B 81 -12.78 13.66 -7.61
N LEU B 82 -12.29 12.43 -7.30
CA LEU B 82 -11.39 11.62 -8.17
C LEU B 82 -10.02 12.30 -8.42
N ARG B 83 -9.68 13.26 -7.56
CA ARG B 83 -8.44 14.04 -7.62
C ARG B 83 -8.07 14.50 -6.19
N ILE B 84 -7.23 15.55 -6.05
CA ILE B 84 -6.97 16.24 -4.75
C ILE B 84 -6.20 15.34 -3.74
N ALA B 85 -4.93 15.71 -3.48
CA ALA B 85 -4.03 14.97 -2.56
C ALA B 85 -4.49 15.20 -1.11
N ALA B 86 -5.33 14.29 -0.61
CA ALA B 86 -6.04 14.46 0.67
C ALA B 86 -6.17 13.15 1.43
N TYR B 87 -6.55 13.28 2.71
CA TYR B 87 -6.87 12.17 3.61
C TYR B 87 -8.31 12.31 4.11
N GLY B 88 -8.80 11.25 4.76
CA GLY B 88 -10.10 11.26 5.41
C GLY B 88 -9.98 10.85 6.88
N PRO B 89 -10.94 11.25 7.75
CA PRO B 89 -10.97 10.80 9.16
C PRO B 89 -11.77 9.49 9.37
N HIS B 90 -11.44 8.77 10.45
CA HIS B 90 -12.22 7.62 10.95
C HIS B 90 -12.29 7.74 12.48
N ALA B 91 -13.15 8.68 12.93
CA ALA B 91 -13.37 9.01 14.37
C ALA B 91 -12.08 9.57 15.03
N ALA B 92 -11.15 10.10 14.19
CA ALA B 92 -9.85 10.61 14.66
C ALA B 92 -9.95 12.06 15.15
N ASN B 93 -10.84 12.85 14.49
CA ASN B 93 -11.03 14.29 14.79
C ASN B 93 -11.76 14.50 16.15
N VAL B 94 -12.02 13.40 16.90
CA VAL B 94 -12.48 13.45 18.30
C VAL B 94 -11.40 14.11 19.20
N VAL B 95 -10.14 14.12 18.70
CA VAL B 95 -8.99 14.82 19.33
C VAL B 95 -9.24 16.34 19.39
N GLY B 96 -9.91 16.89 18.35
CA GLY B 96 -10.18 18.32 18.23
C GLY B 96 -8.95 19.09 17.77
N LEU B 97 -8.00 19.23 18.70
CA LEU B 97 -6.73 19.96 18.52
C LEU B 97 -5.83 19.62 19.75
N THR B 98 -6.51 19.46 20.92
CA THR B 98 -5.92 19.28 22.26
C THR B 98 -5.00 20.47 22.66
N ASP B 99 -3.78 20.50 22.07
CA ASP B 99 -2.74 21.53 22.32
C ASP B 99 -2.18 21.45 23.76
N GLN B 100 -0.84 21.60 23.89
CA GLN B 100 -0.12 21.70 25.20
C GLN B 100 -0.05 20.33 25.97
N THR B 101 -0.92 19.38 25.61
CA THR B 101 -1.09 18.09 26.31
C THR B 101 0.17 17.21 26.19
N ASP B 102 0.53 16.89 24.94
CA ASP B 102 1.69 16.04 24.58
C ASP B 102 1.85 16.07 23.06
N LEU B 103 0.81 15.55 22.39
CA LEU B 103 0.71 15.45 20.93
C LEU B 103 -0.57 16.20 20.51
N PHE B 104 -0.43 17.15 19.57
CA PHE B 104 -1.56 17.99 19.10
C PHE B 104 -2.59 17.11 18.35
N TYR B 105 -2.21 16.67 17.13
CA TYR B 105 -2.92 15.66 16.34
C TYR B 105 -1.99 15.19 15.19
N THR B 106 -2.48 15.18 13.90
CA THR B 106 -1.68 14.82 12.71
C THR B 106 -1.56 13.28 12.58
N MET B 107 -1.40 12.81 11.31
CA MET B 107 -1.39 11.40 10.85
C MET B 107 -2.81 10.80 10.82
N LYS B 108 -3.56 11.01 11.94
CA LYS B 108 -4.94 10.54 12.15
C LYS B 108 -5.05 9.00 12.33
N ALA B 109 -4.13 8.22 11.70
CA ALA B 109 -3.98 6.75 11.91
C ALA B 109 -3.66 6.41 13.38
N ALA B 110 -3.32 7.44 14.18
CA ALA B 110 -3.14 7.34 15.63
C ALA B 110 -4.41 6.87 16.36
N LEU B 111 -5.60 7.00 15.70
CA LEU B 111 -6.91 6.43 16.18
C LEU B 111 -7.89 6.13 15.02
N GLY B 112 -7.53 6.45 13.76
CA GLY B 112 -8.44 6.26 12.61
C GLY B 112 -8.19 7.17 11.41
N LEU B 113 -7.46 6.66 10.40
CA LEU B 113 -7.29 7.35 9.11
C LEU B 113 -8.12 6.62 8.04
N LYS B 114 -8.55 7.36 7.01
CA LYS B 114 -9.31 6.83 5.86
C LYS B 114 -8.52 7.19 4.57
N MET A 12 -15.38 1.33 43.55
CA MET A 12 -15.23 0.18 42.63
C MET A 12 -13.95 -0.59 42.98
N GLN A 13 -14.10 -1.87 43.30
CA GLN A 13 -12.99 -2.76 43.66
C GLN A 13 -12.24 -3.16 42.37
N VAL A 14 -10.96 -2.76 42.25
CA VAL A 14 -10.14 -3.06 41.06
C VAL A 14 -8.80 -3.73 41.46
N SER A 15 -8.17 -4.39 40.48
CA SER A 15 -6.86 -5.03 40.63
C SER A 15 -6.16 -5.06 39.26
N VAL A 16 -5.18 -4.16 39.07
CA VAL A 16 -4.38 -4.08 37.84
C VAL A 16 -3.19 -5.08 37.91
N GLU A 17 -3.30 -6.16 37.14
CA GLU A 17 -2.27 -7.20 37.01
C GLU A 17 -1.58 -7.08 35.64
N THR A 18 -0.39 -6.47 35.60
CA THR A 18 0.40 -6.36 34.36
C THR A 18 0.91 -7.78 33.97
N THR A 19 0.18 -8.42 33.06
CA THR A 19 0.35 -9.84 32.73
C THR A 19 1.60 -10.08 31.86
N GLN A 20 1.65 -9.47 30.66
CA GLN A 20 2.75 -9.66 29.72
C GLN A 20 2.93 -8.39 28.87
N GLY A 21 3.98 -7.61 29.21
CA GLY A 21 4.38 -6.42 28.44
C GLY A 21 3.32 -5.33 28.43
N LEU A 22 2.67 -5.15 27.26
CA LEU A 22 1.61 -4.16 27.05
C LEU A 22 0.29 -4.61 27.73
N GLY A 23 0.11 -5.95 27.81
CA GLY A 23 -1.09 -6.56 28.39
C GLY A 23 -1.24 -6.29 29.88
N ARG A 24 -2.34 -5.63 30.25
CA ARG A 24 -2.67 -5.26 31.64
C ARG A 24 -4.13 -5.62 31.93
N ARG A 25 -4.30 -6.51 32.91
CA ARG A 25 -5.59 -7.02 33.35
C ARG A 25 -6.17 -6.13 34.48
N VAL A 26 -7.04 -5.20 34.13
CA VAL A 26 -7.76 -4.38 35.13
C VAL A 26 -9.05 -5.12 35.52
N THR A 27 -8.94 -5.99 36.54
CA THR A 27 -10.06 -6.78 37.04
C THR A 27 -10.96 -5.91 37.93
N ILE A 28 -12.19 -5.68 37.49
CA ILE A 28 -13.18 -4.88 38.21
C ILE A 28 -14.24 -5.81 38.84
N THR A 29 -14.25 -5.88 40.18
CA THR A 29 -15.26 -6.62 40.93
C THR A 29 -16.41 -5.69 41.34
N ILE A 30 -17.55 -5.81 40.65
CA ILE A 30 -18.78 -5.06 40.96
C ILE A 30 -19.65 -5.87 41.94
N ALA A 31 -19.61 -5.48 43.22
CA ALA A 31 -20.37 -6.17 44.29
C ALA A 31 -21.88 -5.83 44.21
N ALA A 32 -22.66 -6.52 45.07
CA ALA A 32 -24.14 -6.51 45.07
C ALA A 32 -24.75 -5.10 45.12
N ASP A 33 -24.11 -4.21 45.87
CA ASP A 33 -24.55 -2.83 46.06
C ASP A 33 -24.56 -2.03 44.74
N SER A 34 -23.62 -2.35 43.83
CA SER A 34 -23.51 -1.68 42.52
C SER A 34 -24.32 -2.44 41.44
N ILE A 35 -24.45 -3.79 41.60
CA ILE A 35 -25.31 -4.63 40.72
C ILE A 35 -26.76 -4.12 40.82
N GLU A 36 -27.33 -4.19 42.03
CA GLU A 36 -28.63 -3.58 42.34
C GLU A 36 -28.43 -2.06 42.58
N THR A 37 -28.32 -1.35 41.46
CA THR A 37 -28.39 0.11 41.36
C THR A 37 -28.75 0.40 39.91
N ALA A 38 -27.90 -0.14 39.01
CA ALA A 38 -28.07 -0.02 37.56
C ALA A 38 -29.33 -0.76 37.07
N VAL A 39 -29.70 -1.84 37.80
CA VAL A 39 -30.96 -2.58 37.55
C VAL A 39 -32.17 -1.64 37.69
N LYS A 40 -32.33 -1.10 38.91
CA LYS A 40 -33.46 -0.24 39.29
C LYS A 40 -33.49 1.07 38.48
N SER A 41 -32.29 1.64 38.25
CA SER A 41 -32.12 2.89 37.49
C SER A 41 -32.47 2.68 36.00
N GLU A 42 -32.33 1.43 35.51
CA GLU A 42 -32.73 1.08 34.14
C GLU A 42 -34.25 0.86 34.07
N LEU A 43 -34.80 0.15 35.08
CA LEU A 43 -36.21 -0.28 35.09
C LEU A 43 -37.18 0.87 35.38
N VAL A 44 -36.67 1.97 35.96
CA VAL A 44 -37.48 3.21 36.13
C VAL A 44 -37.58 3.95 34.77
N ASN A 45 -36.51 3.83 33.95
CA ASN A 45 -36.48 4.38 32.56
C ASN A 45 -37.47 3.59 31.69
N VAL A 46 -37.36 2.25 31.76
CA VAL A 46 -38.22 1.30 31.03
C VAL A 46 -39.70 1.44 31.48
N ALA A 47 -39.89 1.77 32.79
CA ALA A 47 -41.22 2.02 33.36
C ALA A 47 -41.91 3.20 32.65
N LYS A 48 -41.23 4.35 32.59
CA LYS A 48 -41.77 5.59 31.99
C LYS A 48 -41.98 5.45 30.47
N LYS A 49 -40.99 4.84 29.82
CA LYS A 49 -40.92 4.67 28.35
C LYS A 49 -42.03 3.74 27.84
N VAL A 50 -42.13 2.54 28.44
CA VAL A 50 -43.10 1.50 28.04
C VAL A 50 -44.43 1.65 28.82
N ARG A 51 -44.50 2.71 29.68
CA ARG A 51 -45.73 3.13 30.43
C ARG A 51 -46.10 2.15 31.57
N ILE A 52 -45.12 1.31 31.96
CA ILE A 52 -45.25 0.33 33.06
C ILE A 52 -45.40 1.05 34.43
N ASP A 53 -44.87 2.30 34.49
CA ASP A 53 -44.95 3.16 35.69
C ASP A 53 -46.42 3.47 36.06
N GLY A 54 -47.27 3.57 35.02
CA GLY A 54 -48.71 3.83 35.20
C GLY A 54 -49.44 2.67 35.85
N PHE A 55 -48.95 1.45 35.62
CA PHE A 55 -49.49 0.22 36.23
C PHE A 55 -48.95 0.05 37.66
N ARG A 56 -47.78 0.65 37.91
CA ARG A 56 -47.17 0.71 39.25
C ARG A 56 -47.97 1.68 40.15
N LYS A 57 -48.76 1.10 41.07
CA LYS A 57 -49.54 1.84 42.08
C LYS A 57 -48.80 1.85 43.44
N GLY A 58 -47.56 1.33 43.47
CA GLY A 58 -46.77 1.20 44.70
C GLY A 58 -47.20 0.01 45.54
N LYS A 59 -47.85 -0.96 44.89
CA LYS A 59 -48.32 -2.22 45.51
C LYS A 59 -47.12 -3.09 45.90
N VAL A 60 -46.20 -3.27 44.94
CA VAL A 60 -44.96 -4.03 45.12
C VAL A 60 -43.80 -3.03 45.31
N PRO A 61 -42.97 -3.16 46.40
CA PRO A 61 -41.75 -2.32 46.60
C PRO A 61 -40.78 -2.33 45.38
N MET A 62 -40.13 -1.17 45.13
CA MET A 62 -39.32 -0.92 43.91
C MET A 62 -38.04 -1.80 43.87
N ASN A 63 -37.52 -2.16 45.04
CA ASN A 63 -36.35 -3.06 45.16
C ASN A 63 -36.72 -4.48 44.71
N ILE A 64 -37.94 -4.91 45.07
CA ILE A 64 -38.46 -6.26 44.78
C ILE A 64 -38.80 -6.42 43.29
N VAL A 65 -39.25 -5.35 42.60
CA VAL A 65 -39.51 -5.40 41.14
C VAL A 65 -38.20 -5.38 40.33
N ALA A 66 -37.11 -4.91 40.97
CA ALA A 66 -35.81 -4.74 40.31
C ALA A 66 -34.97 -6.04 40.36
N GLN A 67 -34.63 -6.49 41.57
CA GLN A 67 -33.75 -7.66 41.75
C GLN A 67 -34.50 -9.01 41.59
N ARG A 68 -35.74 -9.09 42.14
CA ARG A 68 -36.52 -10.35 42.16
C ARG A 68 -37.33 -10.52 40.86
N TYR A 69 -38.28 -9.60 40.62
CA TYR A 69 -39.17 -9.65 39.43
C TYR A 69 -38.44 -9.19 38.16
N GLY A 70 -37.35 -8.43 38.34
CA GLY A 70 -36.49 -8.00 37.24
C GLY A 70 -35.37 -8.99 36.96
N ALA A 71 -35.57 -10.27 37.33
CA ALA A 71 -34.55 -11.33 37.15
C ALA A 71 -34.21 -11.60 35.67
N SER A 72 -35.19 -11.34 34.78
CA SER A 72 -35.04 -11.56 33.32
C SER A 72 -34.22 -10.44 32.63
N VAL A 73 -33.89 -9.36 33.37
CA VAL A 73 -33.05 -8.26 32.89
C VAL A 73 -31.77 -8.14 33.78
N ARG A 74 -30.75 -8.93 33.40
CA ARG A 74 -29.41 -8.93 34.03
C ARG A 74 -28.37 -8.45 33.00
N GLN A 75 -28.45 -9.04 31.78
CA GLN A 75 -27.56 -8.74 30.63
C GLN A 75 -27.49 -7.23 30.34
N ASP A 76 -28.67 -6.62 30.23
CA ASP A 76 -28.84 -5.20 29.88
C ASP A 76 -28.17 -4.28 30.91
N VAL A 77 -28.25 -4.72 32.19
CA VAL A 77 -27.68 -4.01 33.34
C VAL A 77 -26.14 -4.00 33.27
N LEU A 78 -25.57 -5.14 32.81
CA LEU A 78 -24.10 -5.32 32.67
C LEU A 78 -23.50 -4.31 31.67
N GLY A 79 -24.32 -3.86 30.70
CA GLY A 79 -23.91 -2.85 29.73
C GLY A 79 -23.55 -1.53 30.39
N ASP A 80 -24.45 -1.07 31.28
CA ASP A 80 -24.25 0.16 32.07
C ASP A 80 -23.02 0.04 33.00
N LEU A 81 -22.97 -1.11 33.70
CA LEU A 81 -21.94 -1.44 34.69
C LEU A 81 -20.52 -1.39 34.06
N MET A 82 -20.32 -2.20 33.01
CA MET A 82 -19.00 -2.37 32.36
C MET A 82 -18.56 -1.12 31.59
N SER A 83 -19.53 -0.34 31.06
CA SER A 83 -19.24 0.87 30.24
C SER A 83 -18.62 1.99 31.10
N ARG A 84 -19.30 2.29 32.23
CA ARG A 84 -18.84 3.32 33.18
C ARG A 84 -17.51 2.89 33.83
N ASN A 85 -17.47 1.64 34.33
CA ASN A 85 -16.35 1.14 35.14
C ASN A 85 -15.07 0.95 34.29
N PHE A 86 -15.23 0.70 32.98
CA PHE A 86 -14.08 0.62 32.04
C PHE A 86 -13.34 1.98 31.98
N ILE A 87 -14.08 3.04 31.57
CA ILE A 87 -13.51 4.39 31.37
C ILE A 87 -13.11 5.03 32.71
N ASP A 88 -13.78 4.60 33.80
CA ASP A 88 -13.41 4.97 35.18
C ASP A 88 -12.01 4.43 35.49
N ALA A 89 -11.86 3.10 35.36
CA ALA A 89 -10.67 2.35 35.79
C ALA A 89 -9.41 2.83 35.07
N ILE A 90 -9.44 2.84 33.72
CA ILE A 90 -8.24 3.12 32.88
C ILE A 90 -7.63 4.52 33.17
N ILE A 91 -8.47 5.51 33.48
CA ILE A 91 -8.04 6.89 33.72
C ILE A 91 -7.53 7.09 35.17
N LYS A 92 -8.24 6.50 36.17
CA LYS A 92 -7.88 6.65 37.60
C LYS A 92 -6.62 5.81 37.95
N GLU A 93 -6.46 4.67 37.26
CA GLU A 93 -5.25 3.82 37.36
C GLU A 93 -4.10 4.39 36.51
N LYS A 94 -4.36 5.54 35.82
CA LYS A 94 -3.36 6.32 35.06
C LYS A 94 -2.84 5.57 33.82
N ILE A 95 -3.53 4.48 33.47
CA ILE A 95 -3.14 3.60 32.36
C ILE A 95 -3.56 4.25 31.04
N ASN A 96 -2.56 4.52 30.18
CA ASN A 96 -2.78 5.11 28.85
C ASN A 96 -3.04 3.98 27.83
N PRO A 97 -4.34 3.65 27.51
CA PRO A 97 -4.71 2.40 26.80
C PRO A 97 -4.66 2.52 25.25
N ALA A 98 -4.29 1.41 24.59
CA ALA A 98 -4.29 1.28 23.13
C ALA A 98 -4.51 -0.20 22.76
N GLY A 99 -5.51 -0.81 23.41
CA GLY A 99 -5.80 -2.24 23.23
C GLY A 99 -7.28 -2.53 23.29
N ALA A 100 -7.69 -3.62 22.62
CA ALA A 100 -9.06 -4.12 22.64
C ALA A 100 -9.40 -4.67 24.05
N PRO A 101 -10.33 -4.01 24.81
CA PRO A 101 -10.66 -4.46 26.19
C PRO A 101 -11.34 -5.84 26.20
N THR A 102 -10.59 -6.86 26.64
CA THR A 102 -11.05 -8.25 26.66
C THR A 102 -11.77 -8.52 27.99
N TYR A 103 -13.10 -8.35 27.99
CA TYR A 103 -13.94 -8.55 29.19
C TYR A 103 -14.10 -10.05 29.46
N VAL A 104 -13.51 -10.52 30.56
CA VAL A 104 -13.54 -11.93 30.98
C VAL A 104 -14.35 -12.04 32.30
N PRO A 105 -15.70 -12.32 32.24
CA PRO A 105 -16.55 -12.40 33.45
C PRO A 105 -16.16 -13.61 34.34
N GLY A 106 -15.27 -13.33 35.31
CA GLY A 106 -14.80 -14.34 36.27
C GLY A 106 -15.92 -14.87 37.17
N GLU A 107 -16.95 -14.03 37.38
CA GLU A 107 -18.18 -14.43 38.09
C GLU A 107 -19.29 -13.39 37.86
N TYR A 108 -20.54 -13.82 38.11
CA TYR A 108 -21.71 -12.93 38.19
C TYR A 108 -22.77 -13.65 39.02
N LYS A 109 -22.99 -13.17 40.26
CA LYS A 109 -24.00 -13.71 41.20
C LYS A 109 -24.92 -12.55 41.64
N LEU A 110 -26.25 -12.77 41.54
CA LEU A 110 -27.25 -11.83 42.05
C LEU A 110 -27.17 -11.77 43.59
N GLY A 111 -26.60 -10.67 44.11
CA GLY A 111 -26.51 -10.45 45.55
C GLY A 111 -25.15 -10.82 46.13
N GLU A 112 -24.14 -11.06 45.27
CA GLU A 112 -22.73 -11.27 45.70
C GLU A 112 -21.79 -10.36 44.88
N ASP A 113 -21.15 -10.88 43.80
CA ASP A 113 -20.14 -10.09 43.02
C ASP A 113 -20.25 -10.34 41.51
N PHE A 114 -19.71 -9.39 40.74
CA PHE A 114 -19.59 -9.43 39.29
C PHE A 114 -18.13 -9.06 38.94
N THR A 115 -17.24 -10.01 39.18
CA THR A 115 -15.82 -9.88 38.89
C THR A 115 -15.58 -10.15 37.40
N TYR A 116 -14.95 -9.20 36.69
CA TYR A 116 -14.59 -9.36 35.26
C TYR A 116 -13.25 -8.66 34.98
N SER A 117 -12.34 -9.41 34.35
CA SER A 117 -11.00 -8.93 33.98
C SER A 117 -11.06 -8.19 32.63
N VAL A 118 -10.67 -6.90 32.62
CA VAL A 118 -10.56 -6.10 31.40
C VAL A 118 -9.09 -6.10 30.94
N GLU A 119 -8.74 -7.03 30.04
CA GLU A 119 -7.34 -7.24 29.58
C GLU A 119 -7.11 -6.55 28.23
N PHE A 120 -6.27 -5.52 28.22
CA PHE A 120 -5.99 -4.70 27.02
C PHE A 120 -4.51 -4.30 26.96
N GLU A 121 -4.08 -3.88 25.76
CA GLU A 121 -2.73 -3.32 25.52
C GLU A 121 -2.71 -1.82 25.83
N VAL A 122 -1.52 -1.24 25.91
CA VAL A 122 -1.32 0.19 26.22
C VAL A 122 -0.41 0.84 25.16
N TYR A 123 -0.33 2.20 25.21
CA TYR A 123 0.71 2.96 24.51
C TYR A 123 2.04 2.80 25.27
N PRO A 124 3.07 2.13 24.68
CA PRO A 124 4.42 2.08 25.28
C PRO A 124 5.21 3.36 24.95
N GLU A 125 6.29 3.62 25.72
CA GLU A 125 7.18 4.76 25.45
C GLU A 125 7.97 4.48 24.17
N VAL A 126 7.67 5.26 23.11
CA VAL A 126 8.31 5.12 21.80
C VAL A 126 9.77 5.60 21.85
N GLU A 127 10.68 4.70 21.44
CA GLU A 127 12.12 4.95 21.47
C GLU A 127 12.63 5.35 20.09
N LEU A 128 13.26 6.53 20.02
CA LEU A 128 14.12 6.92 18.89
C LEU A 128 15.57 6.57 19.23
N GLN A 129 16.27 5.95 18.28
CA GLN A 129 17.68 5.50 18.46
C GLN A 129 18.48 5.82 17.19
N GLY A 130 19.44 6.76 17.30
CA GLY A 130 20.40 7.05 16.23
C GLY A 130 19.77 7.56 14.94
N LEU A 131 19.15 8.75 15.02
CA LEU A 131 18.50 9.40 13.85
C LEU A 131 19.58 9.91 12.87
N GLU A 132 20.73 10.29 13.45
CA GLU A 132 21.90 10.81 12.72
C GLU A 132 22.61 9.69 11.93
N ALA A 133 22.41 8.43 12.35
CA ALA A 133 23.02 7.24 11.68
C ALA A 133 22.25 6.85 10.41
N ILE A 134 20.97 7.24 10.35
CA ILE A 134 20.05 6.91 9.24
C ILE A 134 20.53 7.61 7.95
N GLU A 135 20.77 6.82 6.90
CA GLU A 135 21.22 7.34 5.59
C GLU A 135 20.06 7.29 4.59
N VAL A 136 19.55 8.47 4.24
CA VAL A 136 18.45 8.67 3.27
C VAL A 136 19.04 9.30 2.00
N GLU A 137 18.43 9.10 0.82
CA GLU A 137 18.94 9.70 -0.44
C GLU A 137 18.07 10.91 -0.82
N LYS A 138 18.71 11.96 -1.37
CA LYS A 138 18.03 13.16 -1.88
C LYS A 138 18.43 13.37 -3.36
N PRO A 139 17.71 12.74 -4.32
CA PRO A 139 17.95 12.96 -5.75
C PRO A 139 17.46 14.36 -6.20
N ILE A 140 18.40 15.34 -6.27
CA ILE A 140 18.18 16.63 -6.95
C ILE A 140 18.11 16.36 -8.45
N VAL A 141 16.89 16.17 -8.93
CA VAL A 141 16.63 15.80 -10.32
C VAL A 141 15.85 16.91 -11.03
N GLU A 142 16.20 17.11 -12.28
CA GLU A 142 15.56 18.06 -13.20
C GLU A 142 15.13 17.30 -14.46
N VAL A 143 14.17 17.88 -15.19
CA VAL A 143 13.73 17.33 -16.47
C VAL A 143 14.32 18.22 -17.59
N THR A 144 15.56 17.90 -18.01
CA THR A 144 16.28 18.61 -19.10
C THR A 144 15.53 18.42 -20.44
N ASP A 145 15.99 19.10 -21.51
CA ASP A 145 15.41 18.90 -22.88
C ASP A 145 15.57 17.44 -23.34
N ALA A 146 16.67 16.83 -22.91
CA ALA A 146 16.97 15.40 -23.15
C ALA A 146 15.98 14.50 -22.38
N ASP A 147 15.62 14.90 -21.15
CA ASP A 147 14.71 14.14 -20.30
C ASP A 147 13.25 14.30 -20.77
N VAL A 148 12.87 15.54 -21.17
CA VAL A 148 11.52 15.85 -21.67
C VAL A 148 11.28 15.03 -22.95
N ASP A 149 12.13 15.28 -23.97
CA ASP A 149 11.99 14.64 -25.28
C ASP A 149 12.32 13.15 -25.21
N GLY A 150 13.28 12.76 -24.35
CA GLY A 150 13.69 11.35 -24.20
C GLY A 150 12.64 10.46 -23.55
N MET A 151 11.96 10.99 -22.52
CA MET A 151 10.82 10.31 -21.87
C MET A 151 9.62 10.25 -22.84
N LEU A 152 9.32 11.39 -23.49
CA LEU A 152 8.31 11.48 -24.57
C LEU A 152 8.65 10.52 -25.74
N ASP A 153 9.96 10.31 -25.97
CA ASP A 153 10.48 9.41 -27.02
C ASP A 153 10.20 7.95 -26.65
N THR A 154 10.41 7.64 -25.34
CA THR A 154 10.07 6.33 -24.76
C THR A 154 8.55 6.05 -24.96
N LEU A 155 7.72 7.08 -24.70
CA LEU A 155 6.25 7.03 -24.89
C LEU A 155 5.89 6.83 -26.39
N ARG A 156 6.64 7.52 -27.28
CA ARG A 156 6.49 7.39 -28.75
C ARG A 156 6.87 5.97 -29.19
N LYS A 157 7.83 5.35 -28.47
CA LYS A 157 8.29 3.96 -28.75
C LYS A 157 7.44 2.90 -28.04
N GLN A 158 6.64 3.31 -27.04
CA GLN A 158 5.56 2.46 -26.47
C GLN A 158 4.34 2.46 -27.41
N GLN A 159 4.15 3.58 -28.13
CA GLN A 159 3.08 3.74 -29.16
C GLN A 159 3.71 3.76 -30.57
N ALA A 160 4.76 2.95 -30.78
CA ALA A 160 5.58 2.97 -32.02
C ALA A 160 4.89 2.29 -33.22
N THR A 161 5.28 2.76 -34.42
CA THR A 161 4.81 2.22 -35.69
C THR A 161 5.62 0.96 -36.06
N TRP A 162 4.92 -0.16 -36.26
CA TRP A 162 5.54 -1.41 -36.74
C TRP A 162 5.68 -1.31 -38.28
N LYS A 163 6.91 -1.52 -38.78
CA LYS A 163 7.23 -1.40 -40.21
C LYS A 163 8.52 -2.19 -40.51
N GLU A 164 8.48 -3.08 -41.50
CA GLU A 164 9.67 -3.87 -41.90
C GLU A 164 10.65 -3.03 -42.72
N LYS A 165 11.94 -3.14 -42.37
CA LYS A 165 13.08 -2.60 -43.15
C LYS A 165 14.03 -3.75 -43.55
N ASP A 166 15.11 -3.39 -44.26
CA ASP A 166 16.17 -4.31 -44.61
C ASP A 166 17.52 -3.57 -44.56
N GLY A 167 18.59 -4.33 -44.30
CA GLY A 167 19.96 -3.83 -44.40
C GLY A 167 20.75 -3.97 -43.10
N ALA A 168 20.16 -3.53 -41.97
CA ALA A 168 20.83 -3.61 -40.65
C ALA A 168 19.81 -3.69 -39.51
N VAL A 169 20.26 -4.16 -38.33
CA VAL A 169 19.47 -4.19 -37.08
C VAL A 169 20.15 -3.28 -36.04
N GLU A 170 19.36 -2.45 -35.35
CA GLU A 170 19.79 -1.66 -34.18
C GLU A 170 19.19 -2.25 -32.89
N ALA A 171 19.51 -1.61 -31.76
CA ALA A 171 19.09 -2.07 -30.41
C ALA A 171 17.64 -1.68 -30.07
N GLU A 172 16.94 -1.03 -30.99
CA GLU A 172 15.57 -0.55 -30.76
C GLU A 172 14.66 -0.94 -31.92
N ASP A 173 14.84 -2.18 -32.40
CA ASP A 173 14.01 -2.72 -33.52
C ASP A 173 13.30 -4.02 -33.11
N ARG A 174 12.71 -4.70 -34.11
CA ARG A 174 12.13 -6.04 -33.94
C ARG A 174 12.85 -6.99 -34.92
N VAL A 175 13.43 -8.08 -34.38
CA VAL A 175 14.29 -8.97 -35.16
C VAL A 175 13.60 -10.33 -35.28
N THR A 176 12.95 -10.61 -36.42
CA THR A 176 12.29 -11.89 -36.66
C THR A 176 13.35 -12.89 -37.14
N ILE A 177 13.65 -13.86 -36.27
CA ILE A 177 14.73 -14.82 -36.46
C ILE A 177 14.23 -16.23 -36.17
N ASP A 178 15.01 -17.22 -36.61
CA ASP A 178 14.84 -18.62 -36.25
C ASP A 178 16.03 -19.00 -35.38
N PHE A 179 15.81 -19.55 -34.18
CA PHE A 179 16.92 -19.96 -33.31
C PHE A 179 16.65 -21.33 -32.69
N THR A 180 17.75 -22.05 -32.45
CA THR A 180 17.80 -23.23 -31.61
C THR A 180 19.08 -23.13 -30.78
N GLY A 181 18.92 -23.19 -29.45
CA GLY A 181 20.04 -22.99 -28.53
C GLY A 181 20.38 -24.24 -27.74
N SER A 182 21.56 -24.20 -27.10
CA SER A 182 22.02 -25.28 -26.21
C SER A 182 22.82 -24.69 -25.03
N VAL A 183 22.52 -25.20 -23.83
CA VAL A 183 23.29 -24.90 -22.61
C VAL A 183 23.85 -26.23 -22.09
N ASP A 184 25.14 -26.23 -21.65
CA ASP A 184 25.83 -27.44 -21.12
C ASP A 184 26.09 -28.47 -22.26
N GLY A 185 25.98 -27.98 -23.53
CA GLY A 185 26.23 -28.81 -24.72
C GLY A 185 24.99 -29.53 -25.24
N GLU A 186 23.83 -29.31 -24.60
CA GLU A 186 22.56 -29.97 -24.96
C GLU A 186 21.40 -28.96 -24.95
N GLU A 187 20.28 -29.32 -25.58
CA GLU A 187 19.09 -28.46 -25.70
C GLU A 187 18.36 -28.29 -24.34
N PHE A 188 17.47 -27.29 -24.29
CA PHE A 188 16.75 -26.88 -23.06
C PHE A 188 15.23 -26.85 -23.33
N GLU A 189 14.48 -26.10 -22.47
CA GLU A 189 13.01 -25.95 -22.60
C GLU A 189 12.62 -25.34 -23.96
N GLY A 190 11.86 -26.13 -24.74
CA GLY A 190 11.43 -25.77 -26.08
C GLY A 190 12.47 -26.12 -27.12
N GLY A 191 13.70 -25.58 -26.95
CA GLY A 191 14.82 -25.89 -27.83
C GLY A 191 14.85 -25.00 -29.06
N LYS A 192 13.77 -25.08 -29.88
CA LYS A 192 13.65 -24.35 -31.14
C LYS A 192 12.50 -23.35 -31.11
N ALA A 193 12.66 -22.28 -31.89
CA ALA A 193 11.66 -21.22 -32.07
C ALA A 193 11.87 -20.55 -33.43
N SER A 194 11.15 -21.07 -34.43
CA SER A 194 11.11 -20.53 -35.78
C SER A 194 10.30 -19.22 -35.83
N ASP A 195 10.81 -18.21 -36.56
CA ASP A 195 10.07 -16.94 -36.83
C ASP A 195 9.73 -16.15 -35.54
N PHE A 196 10.57 -16.31 -34.50
CA PHE A 196 10.46 -15.55 -33.24
C PHE A 196 10.73 -14.04 -33.51
N VAL A 197 9.84 -13.19 -32.98
CA VAL A 197 9.95 -11.72 -33.13
C VAL A 197 10.60 -11.14 -31.88
N LEU A 198 11.80 -10.59 -32.03
CA LEU A 198 12.55 -10.00 -30.91
C LEU A 198 12.37 -8.47 -30.87
N ALA A 199 11.32 -8.03 -30.15
CA ALA A 199 11.05 -6.60 -29.90
C ALA A 199 12.08 -6.05 -28.90
N MET A 200 13.23 -5.61 -29.42
CA MET A 200 14.34 -5.06 -28.63
C MET A 200 13.84 -3.95 -27.69
N GLY A 201 14.25 -4.03 -26.42
CA GLY A 201 13.68 -3.21 -25.34
C GLY A 201 12.60 -3.98 -24.57
N GLN A 202 12.93 -5.22 -24.16
CA GLN A 202 12.00 -6.12 -23.43
C GLN A 202 12.70 -6.81 -22.25
N GLY A 203 11.91 -7.11 -21.20
CA GLY A 203 12.42 -7.77 -19.98
C GLY A 203 12.37 -9.29 -20.06
N ARG A 204 13.01 -9.86 -21.09
CA ARG A 204 13.23 -11.32 -21.24
C ARG A 204 14.67 -11.58 -21.70
N MET A 205 15.46 -10.50 -21.84
CA MET A 205 16.82 -10.55 -22.40
C MET A 205 17.86 -10.66 -21.28
N ILE A 206 19.00 -11.23 -21.66
CA ILE A 206 20.20 -11.29 -20.80
C ILE A 206 21.40 -10.72 -21.59
N PRO A 207 22.35 -9.98 -20.91
CA PRO A 207 23.57 -9.44 -21.55
C PRO A 207 24.37 -10.56 -22.22
N GLY A 208 24.39 -10.55 -23.56
CA GLY A 208 25.08 -11.56 -24.36
C GLY A 208 24.20 -12.07 -25.51
N PHE A 209 22.91 -12.35 -25.20
CA PHE A 209 21.95 -12.83 -26.22
C PHE A 209 21.59 -11.68 -27.13
N GLU A 210 20.98 -10.66 -26.52
CA GLU A 210 20.47 -9.47 -27.21
C GLU A 210 21.58 -8.72 -27.96
N ASP A 211 22.81 -8.75 -27.40
CA ASP A 211 23.99 -8.09 -27.97
C ASP A 211 24.45 -8.81 -29.25
N GLY A 212 24.25 -10.13 -29.27
CA GLY A 212 24.60 -10.97 -30.42
C GLY A 212 23.57 -10.89 -31.54
N ILE A 213 22.45 -10.20 -31.29
CA ILE A 213 21.36 -10.03 -32.28
C ILE A 213 21.38 -8.60 -32.89
N LYS A 214 21.41 -7.60 -31.98
CA LYS A 214 21.10 -6.19 -32.29
C LYS A 214 22.22 -5.43 -33.03
N GLY A 215 23.28 -6.15 -33.44
CA GLY A 215 24.43 -5.54 -34.11
C GLY A 215 24.79 -6.32 -35.34
N HIS A 216 23.79 -6.99 -35.92
CA HIS A 216 23.91 -7.76 -37.16
C HIS A 216 22.86 -7.28 -38.19
N LYS A 217 22.57 -8.12 -39.22
CA LYS A 217 21.73 -7.73 -40.37
C LYS A 217 21.08 -8.97 -41.02
N ALA A 218 19.91 -8.79 -41.66
CA ALA A 218 19.13 -9.89 -42.24
C ALA A 218 19.82 -10.49 -43.45
N GLY A 219 20.12 -11.78 -43.36
CA GLY A 219 20.76 -12.54 -44.44
C GLY A 219 21.86 -13.42 -43.90
N GLU A 220 22.58 -12.93 -42.87
CA GLU A 220 23.65 -13.68 -42.23
C GLU A 220 23.06 -14.64 -41.18
N GLU A 221 23.41 -15.93 -41.32
CA GLU A 221 23.05 -16.99 -40.38
C GLU A 221 24.31 -17.37 -39.58
N PHE A 222 24.20 -17.29 -38.25
CA PHE A 222 25.35 -17.37 -37.33
C PHE A 222 24.95 -18.09 -36.01
N THR A 223 25.91 -18.25 -35.13
CA THR A 223 25.71 -18.77 -33.77
C THR A 223 26.42 -17.83 -32.79
N ILE A 224 25.71 -17.42 -31.73
CA ILE A 224 26.25 -16.52 -30.70
C ILE A 224 26.59 -17.32 -29.43
N ASP A 225 27.44 -16.73 -28.58
CA ASP A 225 27.82 -17.31 -27.27
C ASP A 225 27.33 -16.37 -26.15
N VAL A 226 26.28 -16.80 -25.47
CA VAL A 226 25.80 -16.16 -24.24
C VAL A 226 26.38 -16.94 -23.05
N THR A 227 26.30 -16.38 -21.84
CA THR A 227 26.66 -17.07 -20.60
C THR A 227 25.76 -16.54 -19.49
N PHE A 228 25.22 -17.45 -18.67
CA PHE A 228 24.39 -17.10 -17.53
C PHE A 228 25.27 -16.81 -16.31
N PRO A 229 24.90 -15.80 -15.47
CA PRO A 229 25.49 -15.61 -14.13
C PRO A 229 25.27 -16.85 -13.23
N GLU A 230 26.16 -17.04 -12.25
CA GLU A 230 25.96 -18.01 -11.16
C GLU A 230 24.92 -17.45 -10.16
N GLU A 231 24.69 -16.13 -10.22
CA GLU A 231 23.61 -15.41 -9.51
C GLU A 231 22.22 -15.72 -10.13
N TYR A 232 22.21 -16.13 -11.42
CA TYR A 232 20.98 -16.42 -12.19
C TYR A 232 20.19 -17.59 -11.56
N HIS A 233 18.86 -17.53 -11.66
CA HIS A 233 17.92 -18.38 -10.89
C HIS A 233 17.94 -19.86 -11.34
N ALA A 234 17.57 -20.12 -12.62
CA ALA A 234 17.46 -21.49 -13.17
C ALA A 234 18.84 -22.15 -13.19
N GLU A 235 19.01 -23.22 -12.37
CA GLU A 235 20.31 -23.87 -12.12
C GLU A 235 20.91 -24.53 -13.39
N ASN A 236 20.02 -25.11 -14.22
CA ASN A 236 20.44 -25.81 -15.47
C ASN A 236 21.07 -24.84 -16.48
N LEU A 237 20.66 -23.56 -16.39
CA LEU A 237 21.20 -22.47 -17.22
C LEU A 237 22.41 -21.80 -16.50
N LYS A 238 22.24 -21.64 -15.17
CA LYS A 238 23.14 -20.88 -14.26
C LYS A 238 24.63 -21.23 -14.45
N GLY A 239 25.46 -20.18 -14.63
CA GLY A 239 26.92 -20.31 -14.71
C GLY A 239 27.41 -20.65 -16.12
N LYS A 240 26.58 -21.38 -16.88
CA LYS A 240 27.00 -22.02 -18.15
C LYS A 240 26.59 -21.18 -19.36
N ALA A 241 27.21 -21.51 -20.50
CA ALA A 241 27.04 -20.77 -21.75
C ALA A 241 25.87 -21.33 -22.58
N ALA A 242 25.17 -20.41 -23.27
CA ALA A 242 24.04 -20.72 -24.13
C ALA A 242 24.36 -20.32 -25.58
N LYS A 243 24.57 -21.31 -26.44
CA LYS A 243 24.90 -21.11 -27.85
C LYS A 243 23.64 -21.22 -28.72
N PHE A 244 23.10 -20.06 -29.11
CA PHE A 244 21.90 -19.97 -29.97
C PHE A 244 22.33 -19.78 -31.44
N ALA A 245 21.93 -20.71 -32.32
CA ALA A 245 22.16 -20.57 -33.77
C ALA A 245 21.04 -19.70 -34.37
N ILE A 246 21.36 -18.41 -34.57
CA ILE A 246 20.41 -17.40 -35.03
C ILE A 246 20.38 -17.34 -36.57
N ASN A 247 19.16 -17.31 -37.13
CA ASN A 247 18.93 -17.23 -38.59
C ASN A 247 18.16 -15.93 -38.86
N LEU A 248 18.91 -14.86 -39.19
CA LEU A 248 18.33 -13.53 -39.35
C LEU A 248 17.63 -13.44 -40.72
N LYS A 249 16.29 -13.63 -40.71
CA LYS A 249 15.48 -13.61 -41.95
C LYS A 249 14.83 -12.23 -42.18
N LYS A 250 14.37 -11.57 -41.10
CA LYS A 250 13.66 -10.27 -41.17
C LYS A 250 14.24 -9.27 -40.17
N VAL A 251 14.18 -8.00 -40.56
CA VAL A 251 14.39 -6.86 -39.66
C VAL A 251 13.13 -6.00 -39.70
N GLU A 252 12.25 -6.16 -38.72
CA GLU A 252 11.15 -5.22 -38.50
C GLU A 252 11.69 -4.02 -37.68
N GLU A 253 10.90 -2.97 -37.58
CA GLU A 253 11.29 -1.76 -36.85
C GLU A 253 10.10 -1.20 -36.06
N ARG A 254 10.39 -0.73 -34.82
CA ARG A 254 9.46 0.12 -34.08
C ARG A 254 9.91 1.58 -34.25
N GLU A 255 9.46 2.17 -35.36
CA GLU A 255 9.78 3.56 -35.74
C GLU A 255 8.91 4.54 -34.92
N LEU A 256 9.39 5.78 -34.73
CA LEU A 256 8.61 6.85 -34.10
C LEU A 256 7.31 7.11 -34.91
N PRO A 257 6.12 7.21 -34.25
CA PRO A 257 4.84 7.48 -34.94
C PRO A 257 4.71 8.96 -35.30
N GLU A 258 3.57 9.29 -35.91
CA GLU A 258 3.22 10.68 -36.23
C GLU A 258 2.90 11.42 -34.92
N LEU A 259 3.69 12.45 -34.60
CA LEU A 259 3.46 13.32 -33.43
C LEU A 259 2.48 14.46 -33.83
N THR A 260 1.42 14.07 -34.58
CA THR A 260 0.37 14.97 -35.09
C THR A 260 -0.60 15.36 -33.96
N ALA A 261 -1.44 16.39 -34.21
CA ALA A 261 -2.31 17.04 -33.20
C ALA A 261 -3.05 16.04 -32.30
N GLU A 262 -3.64 14.99 -32.93
CA GLU A 262 -4.44 13.97 -32.23
C GLU A 262 -3.58 13.07 -31.30
N PHE A 263 -2.31 12.84 -31.68
CA PHE A 263 -1.38 12.00 -30.90
C PHE A 263 -0.76 12.81 -29.75
N ILE A 264 -0.24 14.00 -30.06
CA ILE A 264 0.40 14.89 -29.08
C ILE A 264 -0.62 15.39 -28.02
N LYS A 265 -1.93 15.51 -28.42
CA LYS A 265 -2.99 15.86 -27.46
C LYS A 265 -3.42 14.64 -26.62
N ARG A 266 -3.08 13.41 -27.08
CA ARG A 266 -3.52 12.15 -26.44
C ARG A 266 -2.82 11.96 -25.07
N PHE A 267 -1.70 12.68 -24.86
CA PHE A 267 -0.98 12.72 -23.57
C PHE A 267 -1.78 13.53 -22.51
N GLY A 268 -2.74 14.35 -22.99
CA GLY A 268 -3.65 15.10 -22.13
C GLY A 268 -4.03 16.47 -22.69
N VAL A 269 -3.16 17.02 -23.58
CA VAL A 269 -3.29 18.40 -24.12
C VAL A 269 -4.68 18.63 -24.77
N GLU A 270 -5.21 19.86 -24.63
CA GLU A 270 -6.57 20.21 -25.06
C GLU A 270 -6.66 20.29 -26.60
N ASP A 271 -5.68 20.99 -27.20
CA ASP A 271 -5.62 21.24 -28.67
C ASP A 271 -4.53 20.37 -29.32
N GLY A 272 -3.35 20.31 -28.67
CA GLY A 272 -2.22 19.53 -29.17
C GLY A 272 -1.03 20.40 -29.62
N SER A 273 -0.93 21.62 -29.06
CA SER A 273 0.25 22.50 -29.29
C SER A 273 1.47 21.95 -28.53
N VAL A 274 2.68 22.09 -29.11
CA VAL A 274 3.94 21.58 -28.51
C VAL A 274 4.17 22.24 -27.13
N GLU A 275 4.03 23.57 -27.12
CA GLU A 275 4.04 24.40 -25.89
C GLU A 275 2.92 23.98 -24.90
N GLY A 276 1.82 23.37 -25.43
CA GLY A 276 0.77 22.80 -24.59
C GLY A 276 1.18 21.45 -24.04
N LEU A 277 2.07 20.74 -24.78
CA LEU A 277 2.62 19.45 -24.34
C LEU A 277 3.70 19.71 -23.29
N ARG A 278 4.36 20.87 -23.38
CA ARG A 278 5.35 21.30 -22.38
C ARG A 278 4.63 21.61 -21.06
N ALA A 279 3.41 22.20 -21.17
CA ALA A 279 2.50 22.41 -20.02
C ALA A 279 2.04 21.06 -19.42
N GLU A 280 1.70 20.13 -20.33
CA GLU A 280 1.18 18.79 -19.95
C GLU A 280 2.28 17.96 -19.24
N VAL A 281 3.52 18.03 -19.76
CA VAL A 281 4.66 17.30 -19.18
C VAL A 281 5.23 18.06 -17.98
N ARG A 282 4.93 19.37 -17.88
CA ARG A 282 5.20 20.14 -16.65
C ARG A 282 4.42 19.51 -15.48
N LYS A 283 3.07 19.57 -15.55
CA LYS A 283 2.19 19.03 -14.49
C LYS A 283 2.40 17.52 -14.27
N ASN A 284 2.51 16.73 -15.37
CA ASN A 284 2.61 15.24 -15.30
C ASN A 284 4.00 14.76 -14.83
N MET A 285 5.10 15.37 -15.31
CA MET A 285 6.46 14.93 -14.93
C MET A 285 6.90 15.52 -13.59
N GLU A 286 6.19 16.54 -13.07
CA GLU A 286 6.31 16.90 -11.62
C GLU A 286 5.59 15.82 -10.78
N ARG A 287 4.37 15.50 -11.24
CA ARG A 287 3.48 14.47 -10.65
C ARG A 287 4.12 13.07 -10.67
N GLU A 288 5.02 12.84 -11.63
CA GLU A 288 5.76 11.59 -11.75
C GLU A 288 7.10 11.69 -10.99
N LEU A 289 7.95 12.66 -11.39
CA LEU A 289 9.33 12.76 -10.88
C LEU A 289 9.38 13.16 -9.40
N LYS A 290 8.77 14.31 -9.05
CA LYS A 290 8.88 14.86 -7.67
C LYS A 290 8.18 13.93 -6.67
N SER A 291 7.15 13.20 -7.17
CA SER A 291 6.46 12.15 -6.41
C SER A 291 7.43 10.98 -6.14
N ALA A 292 8.10 10.50 -7.22
CA ALA A 292 9.06 9.37 -7.14
C ALA A 292 10.25 9.69 -6.22
N ILE A 293 10.73 10.96 -6.28
CA ILE A 293 11.79 11.48 -5.41
C ILE A 293 11.29 11.47 -3.96
N ARG A 294 10.08 12.03 -3.74
CA ARG A 294 9.47 12.15 -2.40
C ARG A 294 9.21 10.74 -1.80
N ASN A 295 8.88 9.77 -2.67
CA ASN A 295 8.64 8.38 -2.29
C ASN A 295 9.94 7.75 -1.84
N ARG A 296 11.02 7.98 -2.62
CA ARG A 296 12.38 7.49 -2.32
C ARG A 296 12.85 7.99 -0.94
N VAL A 297 12.80 9.32 -0.77
CA VAL A 297 13.28 10.01 0.43
C VAL A 297 12.48 9.54 1.69
N LYS A 298 11.13 9.62 1.59
CA LYS A 298 10.23 9.28 2.71
C LYS A 298 10.33 7.79 3.08
N SER A 299 10.43 6.90 2.07
CA SER A 299 10.50 5.44 2.29
C SER A 299 11.77 5.08 3.05
N GLN A 300 12.92 5.69 2.64
CA GLN A 300 14.22 5.47 3.31
C GLN A 300 14.25 6.08 4.72
N ALA A 301 13.54 7.20 4.90
CA ALA A 301 13.44 7.87 6.21
C ALA A 301 12.74 6.95 7.21
N ILE A 302 11.52 6.49 6.83
CA ILE A 302 10.71 5.56 7.64
C ILE A 302 11.42 4.21 7.85
N GLU A 303 12.02 3.67 6.78
CA GLU A 303 12.67 2.34 6.79
C GLU A 303 13.85 2.36 7.78
N GLY A 304 14.67 3.41 7.63
CA GLY A 304 15.81 3.65 8.49
C GLY A 304 15.39 3.89 9.94
N LEU A 305 14.29 4.65 10.14
CA LEU A 305 13.71 4.96 11.47
C LEU A 305 13.38 3.67 12.22
N VAL A 306 12.49 2.83 11.63
CA VAL A 306 12.06 1.56 12.24
C VAL A 306 13.29 0.67 12.54
N LYS A 307 14.14 0.49 11.51
CA LYS A 307 15.33 -0.38 11.59
C LYS A 307 16.37 0.12 12.62
N ALA A 308 16.36 1.44 12.86
CA ALA A 308 17.28 2.09 13.81
C ALA A 308 16.88 1.86 15.28
N ASN A 309 15.57 1.61 15.54
CA ASN A 309 15.04 1.63 16.93
C ASN A 309 14.01 0.52 17.21
N ASP A 310 13.75 0.31 18.51
CA ASP A 310 12.81 -0.71 18.98
C ASP A 310 11.52 -0.05 19.47
N ILE A 311 10.38 -0.61 19.05
CA ILE A 311 9.05 -0.15 19.46
C ILE A 311 8.05 -1.32 19.31
N ASP A 312 7.49 -1.77 20.45
CA ASP A 312 6.50 -2.86 20.50
C ASP A 312 5.10 -2.25 20.38
N VAL A 313 4.62 -2.23 19.14
CA VAL A 313 3.41 -1.50 18.72
C VAL A 313 2.13 -2.30 19.10
N PRO A 314 1.14 -1.68 19.83
CA PRO A 314 -0.12 -2.36 20.25
C PRO A 314 -1.01 -2.77 19.05
N ALA A 315 -1.35 -4.09 18.97
CA ALA A 315 -2.02 -4.73 17.81
C ALA A 315 -3.41 -4.14 17.48
N ALA A 316 -4.04 -3.44 18.45
CA ALA A 316 -5.35 -2.78 18.26
C ALA A 316 -5.29 -1.72 17.14
N LEU A 317 -4.22 -0.89 17.19
CA LEU A 317 -3.98 0.19 16.19
C LEU A 317 -3.71 -0.41 14.79
N ILE A 318 -3.02 -1.58 14.76
CA ILE A 318 -2.70 -2.30 13.52
C ILE A 318 -4.01 -2.79 12.87
N ASP A 319 -4.83 -3.54 13.64
CA ASP A 319 -6.12 -4.10 13.16
C ASP A 319 -7.10 -2.97 12.75
N SER A 320 -7.02 -1.84 13.46
CA SER A 320 -7.77 -0.62 13.14
C SER A 320 -7.44 -0.13 11.71
N GLU A 321 -6.15 0.14 11.44
CA GLU A 321 -5.74 0.69 10.14
C GLU A 321 -5.71 -0.38 9.02
N ILE A 322 -5.67 -1.67 9.43
CA ILE A 322 -5.89 -2.80 8.51
C ILE A 322 -7.36 -2.78 8.06
N ASP A 323 -8.29 -2.51 9.02
CA ASP A 323 -9.74 -2.38 8.74
C ASP A 323 -10.01 -1.25 7.73
N VAL A 324 -9.27 -0.13 7.87
CA VAL A 324 -9.29 0.98 6.88
C VAL A 324 -8.90 0.46 5.47
N LEU A 325 -7.74 -0.23 5.41
CA LEU A 325 -7.20 -0.80 4.15
C LEU A 325 -8.08 -1.97 3.62
N ARG A 326 -8.87 -2.59 4.53
CA ARG A 326 -9.84 -3.65 4.20
C ARG A 326 -11.01 -3.02 3.41
N ARG A 327 -11.48 -1.86 3.91
CA ARG A 327 -12.57 -1.08 3.28
C ARG A 327 -12.11 -0.51 1.92
N GLN A 328 -10.81 -0.12 1.84
CA GLN A 328 -10.17 0.31 0.58
C GLN A 328 -10.16 -0.83 -0.46
N ALA A 329 -9.87 -2.06 0.00
CA ALA A 329 -9.90 -3.26 -0.85
C ALA A 329 -11.33 -3.54 -1.32
N ALA A 330 -12.29 -3.47 -0.37
CA ALA A 330 -13.72 -3.72 -0.60
C ALA A 330 -14.31 -2.73 -1.63
N GLN A 331 -13.76 -1.49 -1.63
CA GLN A 331 -14.09 -0.45 -2.63
C GLN A 331 -13.74 -0.95 -4.05
N ARG A 332 -12.56 -1.59 -4.17
CA ARG A 332 -12.01 -2.07 -5.47
C ARG A 332 -12.62 -3.46 -5.81
N PHE A 333 -13.20 -4.10 -4.78
CA PHE A 333 -14.00 -5.34 -4.90
C PHE A 333 -15.46 -5.01 -5.33
N GLY A 334 -15.69 -3.73 -5.72
CA GLY A 334 -16.96 -3.27 -6.29
C GLY A 334 -17.94 -2.73 -5.25
N GLY A 335 -17.42 -2.39 -4.05
CA GLY A 335 -18.22 -1.85 -2.94
C GLY A 335 -19.24 -2.84 -2.35
N ASN A 336 -19.23 -4.07 -2.88
CA ASN A 336 -20.22 -5.11 -2.59
C ASN A 336 -19.79 -5.89 -1.32
N GLU A 337 -20.78 -6.55 -0.69
CA GLU A 337 -20.62 -7.48 0.46
C GLU A 337 -20.46 -6.73 1.80
N LYS A 338 -19.51 -5.78 1.85
CA LYS A 338 -19.11 -5.05 3.08
C LYS A 338 -18.63 -6.04 4.17
N GLN A 339 -18.09 -7.17 3.69
CA GLN A 339 -17.46 -8.22 4.53
C GLN A 339 -15.97 -7.89 4.75
N ALA A 340 -15.60 -6.64 4.37
CA ALA A 340 -14.26 -6.04 4.49
C ALA A 340 -13.55 -6.39 5.80
N LEU A 341 -14.27 -6.28 6.93
CA LEU A 341 -13.71 -6.46 8.30
C LEU A 341 -13.06 -7.87 8.51
N GLU A 342 -13.41 -8.84 7.64
CA GLU A 342 -12.91 -10.23 7.73
C GLU A 342 -11.71 -10.49 6.77
N LEU A 343 -11.43 -9.54 5.84
CA LEU A 343 -10.30 -9.65 4.87
C LEU A 343 -8.94 -9.86 5.62
N PRO A 344 -8.11 -10.87 5.18
CA PRO A 344 -6.86 -11.30 5.90
C PRO A 344 -5.89 -10.14 6.23
N ARG A 345 -5.54 -10.05 7.53
CA ARG A 345 -4.66 -8.99 8.09
C ARG A 345 -3.34 -8.88 7.33
N GLU A 346 -2.72 -10.03 7.01
CA GLU A 346 -1.40 -10.09 6.35
C GLU A 346 -1.38 -9.42 4.95
N LEU A 347 -2.57 -9.21 4.34
CA LEU A 347 -2.67 -8.51 3.03
C LEU A 347 -2.33 -7.02 3.19
N PHE A 348 -2.67 -6.46 4.36
CA PHE A 348 -2.60 -5.02 4.65
C PHE A 348 -1.54 -4.71 5.74
N GLU A 349 -1.14 -5.77 6.46
CA GLU A 349 -0.27 -5.75 7.66
C GLU A 349 1.02 -4.93 7.44
N GLU A 350 1.67 -5.20 6.29
CA GLU A 350 2.98 -4.64 5.92
C GLU A 350 3.01 -3.11 6.08
N GLN A 351 2.12 -2.43 5.32
CA GLN A 351 2.06 -0.97 5.31
C GLN A 351 1.27 -0.44 6.52
N ALA A 352 0.24 -1.19 6.99
CA ALA A 352 -0.63 -0.76 8.10
C ALA A 352 0.18 -0.53 9.38
N LYS A 353 0.82 -1.62 9.87
CA LYS A 353 1.67 -1.56 11.07
C LYS A 353 2.76 -0.51 10.88
N ARG A 354 3.34 -0.47 9.65
CA ARG A 354 4.40 0.49 9.28
C ARG A 354 3.91 1.95 9.44
N ARG A 355 2.61 2.20 9.13
CA ARG A 355 2.00 3.55 9.24
C ARG A 355 1.72 3.89 10.71
N VAL A 356 1.45 2.86 11.54
CA VAL A 356 1.30 3.04 13.00
C VAL A 356 2.68 3.33 13.63
N VAL A 357 3.75 2.66 13.11
CA VAL A 357 5.14 2.87 13.56
C VAL A 357 5.60 4.29 13.14
N VAL A 358 5.11 4.75 11.96
CA VAL A 358 5.24 6.17 11.53
C VAL A 358 4.59 7.08 12.59
N GLY A 359 3.34 6.73 12.98
CA GLY A 359 2.56 7.50 13.95
C GLY A 359 3.22 7.63 15.32
N LEU A 360 3.95 6.57 15.73
CA LEU A 360 4.66 6.54 17.01
C LEU A 360 6.00 7.30 16.94
N LEU A 361 6.91 6.87 16.02
CA LEU A 361 8.27 7.42 15.87
C LEU A 361 8.22 8.92 15.53
N LEU A 362 7.46 9.26 14.47
CA LEU A 362 7.29 10.65 14.04
C LEU A 362 6.49 11.45 15.06
N GLY A 363 5.56 10.78 15.79
CA GLY A 363 4.83 11.41 16.91
C GLY A 363 5.77 11.90 18.01
N GLU A 364 6.81 11.08 18.27
CA GLU A 364 7.88 11.43 19.20
C GLU A 364 8.71 12.61 18.66
N VAL A 365 9.02 12.58 17.34
CA VAL A 365 9.73 13.69 16.64
C VAL A 365 8.91 15.00 16.70
N ILE A 366 7.57 14.88 16.64
CA ILE A 366 6.63 16.03 16.71
C ILE A 366 6.70 16.68 18.08
N ARG A 367 6.59 15.85 19.14
CA ARG A 367 6.70 16.34 20.53
C ARG A 367 8.07 17.00 20.78
N THR A 368 9.15 16.26 20.49
CA THR A 368 10.55 16.66 20.77
C THR A 368 10.93 17.96 20.03
N ASN A 369 10.55 18.05 18.74
CA ASN A 369 10.83 19.22 17.89
C ASN A 369 9.68 20.25 17.93
N GLU A 370 8.73 20.08 18.91
CA GLU A 370 7.54 20.95 19.16
C GLU A 370 6.73 21.31 17.89
N LEU A 371 6.73 20.37 16.93
CA LEU A 371 6.07 20.51 15.62
C LEU A 371 4.52 20.57 15.73
N LYS A 372 3.93 21.14 14.69
CA LYS A 372 2.48 21.16 14.43
C LYS A 372 2.27 21.20 12.91
N ALA A 373 1.04 20.95 12.44
CA ALA A 373 0.70 21.05 11.01
C ALA A 373 0.85 22.51 10.54
N ASP A 374 2.06 22.82 10.06
CA ASP A 374 2.46 24.18 9.65
C ASP A 374 1.63 24.64 8.45
N GLU A 375 1.08 25.86 8.55
CA GLU A 375 0.16 26.45 7.55
C GLU A 375 0.73 26.38 6.12
N GLU A 376 2.03 26.69 6.01
CA GLU A 376 2.74 26.79 4.72
C GLU A 376 3.10 25.41 4.17
N ARG A 377 3.14 24.37 5.05
CA ARG A 377 3.45 22.99 4.62
C ARG A 377 2.16 22.29 4.15
N VAL A 378 1.02 22.62 4.82
CA VAL A 378 -0.33 22.21 4.36
C VAL A 378 -0.56 22.83 2.95
N LYS A 379 -0.35 24.16 2.87
CA LYS A 379 -0.37 24.95 1.61
C LYS A 379 0.54 24.30 0.54
N GLY A 380 1.76 23.92 1.00
CA GLY A 380 2.74 23.22 0.18
C GLY A 380 2.15 22.01 -0.52
N LEU A 381 1.68 21.03 0.30
CA LEU A 381 1.09 19.78 -0.20
C LEU A 381 -0.08 20.03 -1.16
N ILE A 382 -1.04 20.86 -0.70
CA ILE A 382 -2.26 21.20 -1.47
C ILE A 382 -1.93 21.67 -2.90
N GLU A 383 -1.10 22.72 -3.00
CA GLU A 383 -0.84 23.39 -4.28
C GLU A 383 0.11 22.57 -5.18
N GLU A 384 1.11 21.87 -4.57
CA GLU A 384 2.04 20.97 -5.31
C GLU A 384 1.25 19.83 -5.99
N MET A 385 0.42 19.17 -5.17
CA MET A 385 -0.38 17.98 -5.53
C MET A 385 -1.46 18.35 -6.57
N ALA A 386 -2.14 19.48 -6.33
CA ALA A 386 -3.26 19.93 -7.16
C ALA A 386 -2.79 20.41 -8.55
N SER A 387 -1.68 21.20 -8.58
CA SER A 387 -1.10 21.69 -9.85
C SER A 387 -0.45 20.56 -10.66
N ALA A 388 -0.20 19.43 -9.98
CA ALA A 388 0.25 18.18 -10.62
C ALA A 388 -0.94 17.51 -11.36
N TYR A 389 -2.17 17.74 -10.83
CA TYR A 389 -3.42 17.17 -11.39
C TYR A 389 -4.00 18.08 -12.48
N GLU A 390 -5.25 17.77 -12.88
CA GLU A 390 -5.92 18.40 -14.03
C GLU A 390 -6.29 19.86 -13.73
N ASP A 391 -7.21 20.05 -12.77
CA ASP A 391 -7.63 21.39 -12.30
C ASP A 391 -7.21 21.55 -10.82
N PRO A 392 -6.19 22.41 -10.52
CA PRO A 392 -5.79 22.72 -9.13
C PRO A 392 -6.88 23.43 -8.31
N LYS A 393 -7.58 24.37 -8.96
CA LYS A 393 -8.37 25.43 -8.29
C LYS A 393 -9.45 24.87 -7.34
N GLU A 394 -10.27 23.95 -7.86
CA GLU A 394 -11.37 23.32 -7.10
C GLU A 394 -10.82 22.38 -6.01
N VAL A 395 -9.55 21.92 -6.15
CA VAL A 395 -8.90 21.03 -5.15
C VAL A 395 -8.48 21.86 -3.93
N ILE A 396 -7.86 23.05 -4.19
CA ILE A 396 -7.57 24.06 -3.14
C ILE A 396 -8.86 24.34 -2.35
N GLU A 397 -9.93 24.67 -3.10
CA GLU A 397 -11.25 25.00 -2.54
C GLU A 397 -11.92 23.79 -1.86
N PHE A 398 -11.65 22.57 -2.38
CA PHE A 398 -12.25 21.33 -1.86
C PHE A 398 -11.79 21.08 -0.43
N TYR A 399 -10.46 21.14 -0.22
CA TYR A 399 -9.86 20.92 1.11
C TYR A 399 -10.12 22.09 2.06
N SER A 400 -9.83 23.32 1.60
CA SER A 400 -9.82 24.54 2.46
C SER A 400 -11.21 24.84 3.06
N LYS A 401 -12.28 24.42 2.35
CA LYS A 401 -13.68 24.67 2.75
C LYS A 401 -14.33 23.37 3.27
N ASN A 402 -13.50 22.37 3.61
CA ASN A 402 -13.97 21.05 4.14
C ASN A 402 -13.06 20.66 5.30
N LYS A 403 -13.48 21.03 6.53
CA LYS A 403 -12.68 20.87 7.76
C LYS A 403 -12.28 19.40 8.01
N GLU A 404 -13.18 18.46 7.63
CA GLU A 404 -12.95 17.00 7.69
C GLU A 404 -11.65 16.63 6.94
N LEU A 405 -11.64 16.87 5.62
CA LEU A 405 -10.50 16.48 4.77
C LEU A 405 -9.31 17.46 4.92
N MET A 406 -9.60 18.65 5.48
CA MET A 406 -8.58 19.69 5.76
C MET A 406 -7.66 19.18 6.87
N ASP A 407 -8.29 18.67 7.95
CA ASP A 407 -7.58 18.13 9.13
C ASP A 407 -6.87 16.81 8.78
N ASN A 408 -7.48 16.00 7.88
CA ASN A 408 -6.85 14.76 7.35
C ASN A 408 -5.54 15.11 6.62
N MET A 409 -5.60 16.16 5.78
CA MET A 409 -4.44 16.69 5.06
C MET A 409 -3.42 17.30 6.05
N ARG A 410 -3.91 17.87 7.17
CA ARG A 410 -3.05 18.43 8.23
C ARG A 410 -2.32 17.31 9.01
N ASN A 411 -2.99 16.14 9.15
CA ASN A 411 -2.39 14.95 9.78
C ASN A 411 -1.22 14.45 8.92
N VAL A 412 -1.49 14.26 7.60
CA VAL A 412 -0.44 13.82 6.65
C VAL A 412 0.58 14.97 6.36
N ALA A 413 0.19 16.25 6.62
CA ALA A 413 1.09 17.41 6.46
C ALA A 413 2.15 17.39 7.55
N LEU A 414 1.72 17.10 8.77
CA LEU A 414 2.61 16.98 9.91
C LEU A 414 3.40 15.64 9.85
N GLU A 415 2.82 14.61 9.19
CA GLU A 415 3.54 13.36 8.87
C GLU A 415 4.76 13.67 7.97
N GLU A 416 4.49 14.42 6.87
CA GLU A 416 5.53 14.90 5.92
C GLU A 416 6.60 15.73 6.64
N GLN A 417 6.13 16.68 7.46
CA GLN A 417 6.95 17.64 8.19
C GLN A 417 7.84 16.95 9.24
N ALA A 418 7.29 15.89 9.87
CA ALA A 418 8.01 15.10 10.88
C ALA A 418 9.09 14.22 10.24
N VAL A 419 8.79 13.68 9.02
CA VAL A 419 9.83 13.02 8.17
C VAL A 419 10.99 14.01 7.94
N GLU A 420 10.63 15.20 7.44
CA GLU A 420 11.57 16.27 7.08
C GLU A 420 12.39 16.78 8.30
N ALA A 421 11.78 16.69 9.49
CA ALA A 421 12.45 17.01 10.76
C ALA A 421 13.54 15.96 11.08
N VAL A 422 13.31 14.69 10.68
CA VAL A 422 14.31 13.61 10.83
C VAL A 422 15.38 13.75 9.74
N LEU A 423 14.96 14.25 8.55
CA LEU A 423 15.86 14.45 7.39
C LEU A 423 16.90 15.55 7.67
N ALA A 424 16.47 16.58 8.43
CA ALA A 424 17.36 17.65 8.93
C ALA A 424 18.41 17.10 9.92
N LYS A 425 18.17 15.89 10.45
CA LYS A 425 19.02 15.23 11.48
C LYS A 425 19.79 14.02 10.90
N ALA A 426 19.24 13.41 9.85
CA ALA A 426 19.78 12.18 9.25
C ALA A 426 20.77 12.50 8.11
N LYS A 427 21.64 11.53 7.79
CA LYS A 427 22.59 11.65 6.66
C LYS A 427 21.84 11.49 5.34
N VAL A 428 21.28 12.60 4.85
CA VAL A 428 20.57 12.61 3.58
C VAL A 428 21.59 12.87 2.45
N THR A 429 22.07 11.76 1.85
CA THR A 429 23.05 11.77 0.75
C THR A 429 22.42 12.36 -0.54
N GLU A 430 22.64 13.67 -0.71
CA GLU A 430 22.15 14.44 -1.85
C GLU A 430 23.01 14.16 -3.10
N LYS A 431 22.34 13.87 -4.24
CA LYS A 431 22.99 13.64 -5.54
C LYS A 431 22.23 14.44 -6.62
N GLU A 432 22.97 15.10 -7.52
CA GLU A 432 22.38 15.85 -8.66
C GLU A 432 22.43 14.98 -9.93
N THR A 433 21.29 14.82 -10.61
CA THR A 433 21.17 13.90 -11.76
C THR A 433 19.94 14.23 -12.64
N THR A 434 19.79 13.48 -13.75
CA THR A 434 18.70 13.65 -14.75
C THR A 434 17.50 12.73 -14.43
N PHE A 435 16.34 12.99 -15.08
CA PHE A 435 15.08 12.21 -14.95
C PHE A 435 15.30 10.73 -15.33
N ASN A 436 16.26 10.49 -16.25
CA ASN A 436 16.64 9.15 -16.74
C ASN A 436 17.26 8.24 -15.64
N GLU A 437 17.50 8.81 -14.45
CA GLU A 437 18.05 8.10 -13.28
C GLU A 437 16.99 7.17 -12.62
N LEU A 438 15.74 7.67 -12.50
CA LEU A 438 14.68 7.00 -11.71
C LEU A 438 13.89 6.01 -12.57
N MET A 439 13.10 6.54 -13.53
CA MET A 439 12.19 5.73 -14.37
C MET A 439 13.00 4.94 -15.42
N ASN A 440 13.88 5.65 -16.14
CA ASN A 440 14.59 5.10 -17.32
C ASN A 440 15.79 4.20 -16.94
N GLN A 441 15.71 3.48 -15.80
CA GLN A 441 16.72 2.46 -15.41
C GLN A 441 16.76 1.34 -16.46
N GLN A 442 15.57 0.92 -16.91
CA GLN A 442 15.39 -0.13 -17.94
C GLN A 442 15.12 0.51 -19.33
N ALA A 443 15.83 1.60 -19.64
CA ALA A 443 15.77 2.28 -20.95
C ALA A 443 17.19 2.65 -21.40
N VAL B 8 -5.82 -31.83 -47.18
CA VAL B 8 -5.12 -32.33 -45.97
C VAL B 8 -3.76 -31.61 -45.92
N ASP B 9 -3.74 -30.46 -45.26
CA ASP B 9 -2.57 -29.59 -45.20
C ASP B 9 -2.43 -29.01 -43.78
N LEU B 10 -2.26 -29.94 -42.84
CA LEU B 10 -2.12 -29.69 -41.39
C LEU B 10 -0.64 -29.74 -40.94
N ASP B 11 0.27 -29.69 -41.93
CA ASP B 11 1.70 -30.04 -41.82
C ASP B 11 2.40 -29.41 -40.60
N GLU B 12 2.21 -28.11 -40.41
CA GLU B 12 3.01 -27.32 -39.44
C GLU B 12 2.33 -27.22 -38.06
N ALA B 13 1.48 -26.20 -37.83
CA ALA B 13 0.60 -26.09 -36.66
C ALA B 13 -0.87 -26.18 -37.12
N VAL B 14 -1.37 -25.07 -37.72
CA VAL B 14 -2.79 -24.94 -38.11
C VAL B 14 -2.95 -24.93 -39.65
N GLN B 15 -2.80 -23.74 -40.30
CA GLN B 15 -3.03 -23.58 -41.76
C GLN B 15 -1.72 -23.48 -42.57
N ARG B 16 -1.09 -22.29 -42.55
CA ARG B 16 0.02 -21.96 -43.47
C ARG B 16 1.40 -22.04 -42.80
N ALA B 17 1.70 -21.10 -41.87
CA ALA B 17 3.00 -21.01 -41.19
C ALA B 17 2.87 -21.55 -39.76
N LEU B 18 2.23 -20.77 -38.88
CA LEU B 18 1.75 -21.26 -37.58
C LEU B 18 0.22 -21.32 -37.67
N GLU B 19 -0.42 -20.14 -37.59
CA GLU B 19 -1.88 -20.01 -37.62
C GLU B 19 -2.31 -19.51 -39.01
N PHE B 20 -2.11 -18.20 -39.28
CA PHE B 20 -2.63 -17.54 -40.49
C PHE B 20 -1.55 -17.34 -41.57
N ALA B 21 -0.76 -16.23 -41.48
CA ALA B 21 0.10 -15.78 -42.60
C ALA B 21 1.59 -16.13 -42.41
N LYS B 22 2.33 -15.27 -41.67
CA LYS B 22 3.81 -15.28 -41.68
C LYS B 22 4.38 -15.81 -40.34
N LYS B 23 4.21 -15.02 -39.26
CA LYS B 23 4.64 -15.42 -37.91
C LYS B 23 3.61 -14.94 -36.88
N GLU B 24 2.92 -15.91 -36.29
CA GLU B 24 1.85 -15.70 -35.31
C GLU B 24 2.36 -16.04 -33.91
N GLY B 25 1.84 -15.33 -32.89
CA GLY B 25 2.31 -15.50 -31.51
C GLY B 25 3.69 -14.87 -31.30
N ASN B 26 4.58 -15.57 -30.54
CA ASN B 26 5.93 -15.06 -30.24
C ASN B 26 6.82 -16.21 -29.68
N THR B 27 6.77 -16.43 -28.33
CA THR B 27 7.46 -17.53 -27.61
C THR B 27 9.00 -17.61 -27.88
N LEU B 28 9.82 -17.05 -26.97
CA LEU B 28 11.27 -17.32 -26.93
C LEU B 28 11.45 -18.57 -26.06
N VAL B 29 11.80 -19.71 -26.67
CA VAL B 29 11.94 -20.98 -25.95
C VAL B 29 13.22 -20.97 -25.06
N ILE B 30 13.04 -20.63 -23.79
CA ILE B 30 14.04 -20.85 -22.74
C ILE B 30 13.33 -20.94 -21.38
N VAL B 31 14.00 -21.48 -20.35
CA VAL B 31 13.47 -21.51 -18.97
C VAL B 31 13.17 -20.06 -18.53
N THR B 32 11.87 -19.74 -18.40
CA THR B 32 11.40 -18.38 -18.13
C THR B 32 11.66 -17.99 -16.66
N ALA B 33 12.76 -17.24 -16.43
CA ALA B 33 13.09 -16.68 -15.12
C ALA B 33 12.46 -15.29 -14.95
N ASP B 34 12.53 -14.77 -13.72
CA ASP B 34 12.09 -13.39 -13.42
C ASP B 34 13.12 -12.37 -13.95
N HIS B 35 12.73 -11.09 -13.90
CA HIS B 35 13.45 -9.98 -14.54
C HIS B 35 13.20 -8.68 -13.77
N ALA B 36 13.31 -7.53 -14.46
CA ALA B 36 13.11 -6.19 -13.89
C ALA B 36 11.67 -5.97 -13.35
N HIS B 37 11.45 -4.76 -12.76
CA HIS B 37 10.20 -4.38 -12.07
C HIS B 37 8.97 -4.52 -12.98
N ALA B 38 9.12 -4.14 -14.27
CA ALA B 38 8.05 -4.13 -15.30
C ALA B 38 6.94 -3.09 -14.96
N SER B 39 6.13 -3.40 -13.91
CA SER B 39 5.04 -2.55 -13.39
C SER B 39 3.89 -2.40 -14.41
N GLN B 40 2.84 -1.60 -14.05
CA GLN B 40 1.61 -1.33 -14.85
C GLN B 40 0.95 -2.63 -15.42
N ILE B 41 -0.08 -2.49 -16.29
CA ILE B 41 -0.72 -3.68 -16.94
C ILE B 41 -0.91 -3.44 -18.46
N VAL B 42 -0.26 -4.30 -19.27
CA VAL B 42 -0.46 -4.39 -20.72
C VAL B 42 -0.03 -5.79 -21.21
N ALA B 43 -0.99 -6.55 -21.73
CA ALA B 43 -0.77 -7.90 -22.29
C ALA B 43 -2.03 -8.30 -23.07
N PRO B 44 -2.01 -8.22 -24.46
CA PRO B 44 -3.19 -8.61 -25.29
C PRO B 44 -3.53 -10.12 -25.13
N ASP B 45 -2.62 -11.00 -25.60
CA ASP B 45 -2.69 -12.46 -25.42
C ASP B 45 -1.39 -13.07 -25.98
N THR B 46 -1.26 -12.98 -27.32
CA THR B 46 -0.05 -13.33 -28.09
C THR B 46 0.25 -14.87 -28.08
N LYS B 47 0.77 -15.37 -26.95
CA LYS B 47 1.25 -16.76 -26.81
C LYS B 47 0.06 -17.71 -26.58
N ALA B 48 -0.18 -18.62 -27.56
CA ALA B 48 -1.31 -19.60 -27.55
C ALA B 48 -2.67 -18.85 -27.40
N PRO B 49 -3.24 -18.32 -28.54
CA PRO B 49 -4.42 -17.40 -28.52
C PRO B 49 -5.64 -17.97 -27.73
N GLY B 50 -5.72 -17.56 -26.45
CA GLY B 50 -6.80 -17.96 -25.56
C GLY B 50 -8.00 -17.03 -25.69
N LEU B 51 -7.92 -15.88 -24.97
CA LEU B 51 -8.93 -14.81 -24.96
C LEU B 51 -10.30 -15.35 -24.47
N THR B 52 -11.08 -15.97 -25.41
CA THR B 52 -12.42 -16.54 -25.19
C THR B 52 -13.31 -15.66 -24.28
N GLN B 53 -13.95 -14.64 -24.89
CA GLN B 53 -14.73 -13.63 -24.15
C GLN B 53 -16.00 -14.23 -23.48
N ALA B 54 -16.39 -13.67 -22.32
CA ALA B 54 -17.59 -14.09 -21.59
C ALA B 54 -18.70 -13.05 -21.82
N LEU B 55 -19.93 -13.54 -22.03
CA LEU B 55 -21.11 -12.68 -22.30
C LEU B 55 -21.60 -12.06 -20.98
N ASN B 56 -21.45 -12.84 -19.88
CA ASN B 56 -21.84 -12.46 -18.51
C ASN B 56 -23.37 -12.32 -18.38
N THR B 57 -24.01 -13.33 -17.78
CA THR B 57 -25.47 -13.38 -17.59
C THR B 57 -25.95 -12.39 -16.52
N LYS B 58 -25.06 -12.02 -15.58
CA LYS B 58 -25.38 -11.10 -14.47
C LYS B 58 -25.14 -9.64 -14.94
N ASP B 59 -25.91 -8.69 -14.40
CA ASP B 59 -25.73 -7.25 -14.71
C ASP B 59 -24.43 -6.70 -14.06
N GLY B 60 -23.94 -7.41 -13.00
CA GLY B 60 -22.68 -7.05 -12.31
C GLY B 60 -21.42 -7.42 -13.10
N ALA B 61 -20.29 -7.64 -12.38
CA ALA B 61 -18.94 -7.93 -12.95
C ALA B 61 -18.37 -6.68 -13.66
N VAL B 62 -19.01 -6.30 -14.77
CA VAL B 62 -18.79 -5.02 -15.48
C VAL B 62 -19.20 -3.83 -14.55
N MET B 63 -18.62 -2.63 -14.82
CA MET B 63 -18.86 -1.35 -14.09
C MET B 63 -18.04 -1.25 -12.78
N VAL B 64 -17.79 -2.42 -12.13
CA VAL B 64 -17.14 -2.55 -10.81
C VAL B 64 -17.98 -1.88 -9.71
N MET B 65 -17.87 -0.54 -9.57
CA MET B 65 -18.56 0.23 -8.52
C MET B 65 -19.00 1.58 -9.12
N SER B 66 -20.23 2.01 -8.76
CA SER B 66 -20.85 3.22 -9.31
C SER B 66 -21.96 3.73 -8.35
N TYR B 67 -22.74 4.75 -8.80
CA TYR B 67 -23.81 5.40 -8.02
C TYR B 67 -23.21 6.17 -6.83
N GLY B 68 -22.94 7.47 -7.03
CA GLY B 68 -22.39 8.35 -6.00
C GLY B 68 -20.94 8.72 -6.27
N ASN B 69 -20.63 10.03 -6.20
CA ASN B 69 -19.28 10.56 -6.44
C ASN B 69 -18.51 10.69 -5.10
N SER B 70 -18.68 11.83 -4.39
CA SER B 70 -17.84 12.20 -3.25
C SER B 70 -18.64 12.26 -1.93
N GLU B 71 -19.26 13.43 -1.65
CA GLU B 71 -19.93 13.70 -0.35
C GLU B 71 -21.41 13.23 -0.38
N GLU B 72 -21.56 11.88 -0.47
CA GLU B 72 -22.86 11.23 -0.64
C GLU B 72 -23.46 10.83 0.71
N ASP B 73 -22.74 9.96 1.44
CA ASP B 73 -23.23 9.40 2.72
C ASP B 73 -22.91 10.36 3.87
N SER B 74 -21.67 10.30 4.41
CA SER B 74 -21.18 11.24 5.42
C SER B 74 -20.07 12.14 4.82
N GLN B 75 -18.85 11.59 4.71
CA GLN B 75 -17.64 12.36 4.32
C GLN B 75 -17.23 12.07 2.85
N GLU B 76 -17.19 10.79 2.48
CA GLU B 76 -16.62 10.33 1.18
C GLU B 76 -17.42 9.10 0.67
N HIS B 77 -17.16 8.74 -0.59
CA HIS B 77 -17.77 7.58 -1.26
C HIS B 77 -16.72 6.92 -2.16
N THR B 78 -16.23 7.70 -3.16
CA THR B 78 -15.18 7.25 -4.10
C THR B 78 -14.57 8.46 -4.85
N GLY B 79 -14.99 9.68 -4.46
CA GLY B 79 -14.71 10.93 -5.21
C GLY B 79 -13.27 11.37 -5.20
N SER B 80 -12.44 10.64 -4.43
CA SER B 80 -10.98 10.72 -4.50
C SER B 80 -10.50 10.49 -5.95
N GLN B 81 -10.85 9.30 -6.52
CA GLN B 81 -10.55 8.87 -7.92
C GLN B 81 -9.10 9.17 -8.38
N LEU B 82 -8.87 10.42 -8.84
CA LEU B 82 -7.61 10.86 -9.47
C LEU B 82 -7.17 12.20 -8.86
N ARG B 83 -8.06 13.21 -8.95
CA ARG B 83 -7.71 14.63 -8.71
C ARG B 83 -7.81 15.01 -7.21
N ILE B 84 -8.37 14.11 -6.39
CA ILE B 84 -8.37 14.25 -4.92
C ILE B 84 -7.56 13.10 -4.30
N ALA B 85 -6.56 13.47 -3.48
CA ALA B 85 -5.74 12.52 -2.72
C ALA B 85 -6.17 12.60 -1.23
N ALA B 86 -5.21 12.39 -0.29
CA ALA B 86 -5.45 12.46 1.18
C ALA B 86 -6.29 11.27 1.67
N TYR B 87 -6.32 11.09 2.99
CA TYR B 87 -7.00 9.96 3.64
C TYR B 87 -7.32 10.29 5.09
N GLY B 88 -8.56 9.94 5.50
CA GLY B 88 -9.01 10.11 6.88
C GLY B 88 -8.42 9.07 7.81
N PRO B 89 -8.03 9.45 9.08
CA PRO B 89 -7.59 8.49 10.08
C PRO B 89 -8.76 7.59 10.50
N HIS B 90 -8.84 6.44 9.83
CA HIS B 90 -9.89 5.42 10.00
C HIS B 90 -11.23 5.86 9.39
N ALA B 91 -11.90 6.81 10.04
CA ALA B 91 -13.27 7.24 9.71
C ALA B 91 -13.37 8.78 9.82
N ALA B 92 -14.59 9.28 10.13
CA ALA B 92 -14.84 10.72 10.34
C ALA B 92 -13.92 11.27 11.44
N ASN B 93 -13.02 12.18 11.06
CA ASN B 93 -11.96 12.73 11.93
C ASN B 93 -12.60 13.61 13.04
N VAL B 94 -12.02 13.54 14.25
CA VAL B 94 -12.49 14.29 15.44
C VAL B 94 -12.07 15.78 15.34
N VAL B 95 -10.96 16.02 14.58
CA VAL B 95 -10.38 17.35 14.30
C VAL B 95 -9.79 18.00 15.57
N GLY B 96 -10.66 18.46 16.48
CA GLY B 96 -10.24 19.12 17.71
C GLY B 96 -10.02 18.12 18.85
N LEU B 97 -8.78 18.05 19.38
CA LEU B 97 -8.46 17.27 20.59
C LEU B 97 -7.30 17.96 21.33
N THR B 98 -7.51 18.20 22.63
CA THR B 98 -6.52 18.87 23.51
C THR B 98 -6.49 18.15 24.87
N ASP B 99 -5.39 18.39 25.63
CA ASP B 99 -5.19 17.87 27.01
C ASP B 99 -4.91 16.35 27.03
N GLN B 100 -3.89 15.94 27.84
CA GLN B 100 -3.41 14.53 27.94
C GLN B 100 -2.89 13.99 26.59
N THR B 101 -2.60 14.93 25.66
CA THR B 101 -2.08 14.66 24.31
C THR B 101 -0.99 15.73 24.03
N ASP B 102 0.22 15.43 24.49
CA ASP B 102 1.33 16.40 24.69
C ASP B 102 2.29 16.48 23.48
N LEU B 103 1.79 16.12 22.28
CA LEU B 103 2.52 16.26 21.01
C LEU B 103 1.97 17.45 20.20
N PHE B 104 1.47 18.47 20.93
CA PHE B 104 1.04 19.79 20.39
C PHE B 104 -0.17 19.65 19.44
N TYR B 105 0.07 19.38 18.14
CA TYR B 105 -1.03 19.07 17.20
C TYR B 105 -1.27 17.56 17.20
N THR B 106 -2.47 17.17 17.64
CA THR B 106 -2.92 15.81 17.63
C THR B 106 -3.14 15.32 16.18
N MET B 107 -2.25 14.47 15.68
CA MET B 107 -2.53 13.63 14.51
C MET B 107 -3.16 12.32 15.04
N LYS B 108 -4.28 11.91 14.43
CA LYS B 108 -5.19 10.88 14.98
C LYS B 108 -4.75 9.44 14.59
N ALA B 109 -3.43 9.27 14.31
CA ALA B 109 -2.79 7.93 14.21
C ALA B 109 -2.82 7.25 15.59
N ALA B 110 -2.52 8.05 16.62
CA ALA B 110 -2.72 7.70 18.03
C ALA B 110 -4.11 8.21 18.47
N LEU B 111 -4.99 7.28 18.87
CA LEU B 111 -6.37 7.58 19.26
C LEU B 111 -6.42 8.27 20.65
N GLY B 112 -6.45 7.47 21.73
CA GLY B 112 -6.67 7.99 23.09
C GLY B 112 -8.10 8.47 23.33
N LEU B 113 -8.37 9.74 22.92
CA LEU B 113 -9.68 10.42 23.09
C LEU B 113 -10.11 10.49 24.56
N LYS B 114 -9.52 11.45 25.29
CA LYS B 114 -9.83 11.72 26.70
C LYS B 114 -10.07 13.24 26.86
#